data_7Z2Z
#
_entry.id   7Z2Z
#
_cell.length_a   1.00
_cell.length_b   1.00
_cell.length_c   1.00
_cell.angle_alpha   90.00
_cell.angle_beta   90.00
_cell.angle_gamma   90.00
#
_symmetry.space_group_name_H-M   'P 1'
#
loop_
_entity.id
_entity.type
_entity.pdbx_description
1 polymer 'DNA-directed RNA polymerase III subunit RPC1'
2 polymer 'DNA-directed RNA polymerase III subunit RPC2'
3 polymer 'DNA-directed RNA polymerases I and III subunit RPAC1'
4 polymer 'DNA-directed RNA polymerase III subunit RPC9'
5 polymer 'DNA-directed RNA polymerases I, II, and III subunit RPABC1'
6 polymer 'DNA-directed RNA polymerases I, II, and III subunit RPABC2'
7 polymer 'DNA-directed RNA polymerase III subunit RPC8'
8 polymer 'DNA-directed RNA polymerases I, II, and III subunit RPABC3'
9 polymer 'DNA-directed RNA polymerase III subunit RPC10'
10 polymer 'DNA-directed RNA polymerases I, II, and III subunit RPABC5'
11 polymer 'DNA-directed RNA polymerases I and III subunit RPAC2'
12 polymer 'DNA-directed RNA polymerases I, II, and III subunit RPABC4'
13 polymer 'DNA-directed RNA polymerase III subunit RPC5'
14 polymer 'DNA-directed RNA polymerase III subunit RPC4'
15 polymer 'DNA-directed RNA polymerase III subunit RPC3'
16 polymer 'DNA-directed RNA polymerase III subunit RPC6'
17 polymer 'DNA-directed RNA polymerase III subunit RPC7'
18 polymer RNA
19 polymer 'Non-template DNA'
20 polymer 'Template DNA'
21 polymer Integrase
22 polymer 'Unknown RNA polymerase III chain'
23 non-polymer 'ZINC ION'
24 non-polymer 'MAGNESIUM ION'
25 non-polymer (3R,5S,7R,8R,9S,10S,12S,13R,14S,17R)-10,13-dimethyl-17-[(2R)-pentan-2-yl]-2,3,4,5,6,7,8,9,11,12,14,15,16,17-tetradecahydro-1H-cyclopenta[a]phenanthrene-3,7,12-triol
#
loop_
_entity_poly.entity_id
_entity_poly.type
_entity_poly.pdbx_seq_one_letter_code
_entity_poly.pdbx_strand_id
1 'polypeptide(L)'
;MKEVVVSETPKRIKGLEFSALSAADIVAQSEVEVSTRDLFDLEKDRAPKANGALDPKMGVSSSSLECATCHGNLASCHGH
FGHLKLALPVFHIGYFKATIQILQGICKNCSAILLSETDKRQFLHELRRPGVDNLRRMGILKKILDQCKKQRRCLHCGAL
NGVVKKAAAGAGSAALKIIHDTFRWVGKKSAPEKDIWVGEWKEVLAHNPELERYVKRCMDDLNPLKTLNLFKQIKSADCE
LLGIDATVPSGRPETYIWRYLPAPPVCIRPSVMMQDSPASNEDDLTVKLTEIVWTSSLIKAGLDKGISINNMMEHWDYLQ
LTVAMYINSDSVNPAMLPGSSNGGGKVKPIRGFCQRLKGKQGRFRGNLSGKRVDFSGRTVISPDPNLSIDEVAVPDRVAK
VLTYPEKVTRYNRHKLQELIVNGPNVHPGANYLLKRNEDARRNLRYGDRMKLAKNLQIGDVVERHLEDGDVVLFNRQPSL
HRLSILSHYAKIRPWRTFRLNECVCTPYNADFDGDEMNLHVPQTEEARAEAINLMGVKNNLLTPKSGEPIIAATQDFITG
SYLISHKDSFYDRATLTQLLSMMSDGIEHFDIPPPAIMKPYYLWTGKQVFSLLIKPNHNSPVVINLDAKNKVFVPPKSKS
LPNEMSQNDGFVIIRGSQILSGVMDKSVLGDGKKHSVFYTILRDYGPQEAANAMNRMAKLCARFLGNRGFSIGINDVTPA
DDLKQKKEELVEIAYHKCDELITLFNKGELETQPGCNEEQTLEAKIGGLLSKVREEVGDVCINELDNWNAPLIMATCGSK
GSTLNVSQMVAVVGQQIISGNRVPDGFQDRSLPHFPKNSKTPQSKGFVRNSFFSGLSPPEFLFHAISGREGLVDTAVKTA
ETGYMSRRLMKSLEDLSCQYDNTVRTSANGIVQFTYGGDGLDPLEMEGNAQPVNFNRSWDHAYNITFNNQDKGLLPYAIM
ETANEILGPLEERLVRYDNSGCLVKREDLNKAEYVDQYDAERDFYHSLREYINGKATALANLRKSRGMLGLLEPPAKELQ
GIDPDETVPDNVKTSVSQLYRISEKSVRKFLEIALFKYRKARLEPGTAIGAIGAQSIGEPGTQMTLKTFHFAGVASMNVT
LGVPRIKEIINASKVISTPIINAVLVNDNDERAARVVKGRVEKTLLSDVAFYVQDVYKDNLSFIQVRIDLGTIDKLQLEL
TIEDIAVAITRASKLKIQASDVNIIGKDRIAINVFPEGYKAKSISTSAKEPSENDVFYRMQQLRRALPDVVVKGLPDISR
AVINIRDDGKRELLVEGYGLRDVMCTDGVIGSRTTTNHVLEVFSVLGIEAARYSIIREINYTMSNHGMSVDPRHIQLLGD
VMTYKGEVLGITRFGLSKMRDSVLQLASFEKTTDHLFDAAFYMKKDAVEGVSECIILGQTMSIGTGSFKVVKGTNISEKD
LVPKRCLFESLSNEAALKAN
;
A
2 'polypeptide(L)'
;MVAATKRRKTHIHKHVKDEAFDDLLKPVYKGKKLTDEINTAQDKWHLLPAFLKVKGLVKQHLDSFNYFVDTDLKKIIKAN
QLILSDVDPEFYLKYVDIRVGKKSSSSTKDYLTPPHECRLRDMTYSAPIYVDIEYTRGRNIIMHKDVEIGRMPIMLRSNK
CILYDADESKMAKLNECPLDPGGYFIVNGTEKVILVQEQLSKNRIIVEADEKKGIVQASVTSSTHERKSKTYVITKNGKI
YLKHNSIAEEIPIAIVLKACGILSDLEIMQLVCGNDSSYQDIFAVNLEESSKLDIYTQQQALEYIGAKVKTMRRQKLTIL
QEGIEAIATTVIAHLTVEALDFREKALYIAMMTRRVVMAMYNPKMIDDRDYVGNKRLELAGQLISLLFEDLFKKFNNDFK
LSIDKVLKKPNRAMEYDALLSINVHSNNITSGLNRAISTGNWSLKRFKMERAGVTHVLSRLSYISALGMMTRISSQFEKS
RKVSGPRALQPSQFGMLCTADTPEGEACGLVKNLALMTHITTDDEEEPIKKLCYVLGVEDITLIDSASLHLNYGVYLNGT
LIGSIRFPTKFVTQFRHLRRTGKVSEFISIYSNSHQMAVHIATDGGRICRPLIIVSDGQSRVKDIHLRKLLDGELDFDDF
LKLGLVEYLDVNEENDSYIALYEKDIVPSMTHLEIEPFTILGAVAGLIPYPHHNQSPRNTYQCAMGKQAIGAIAYNQFKR
IDTLLYLMTYPQQPMVKTKTIELIDYDKLPAGQNATVAVMSYSGYDIEDALVLNKSSIDRGFGRCETRRKTTTVLKRYAN
HTQDIIGGMRVDENGDPIWQHQSLGPDGLGEVGMKVQSGQIYINKSVPTNSADAPNPNNVNVQTQYREAPVIYRGPEPSH
IDQVMMSVSDNDQALIKVLLRQNRRPELGDKFSSRHGQKGVCGIIVKQEDMPFNDQGIVPDIIMNPHGFPSRMTVGKMIE
LISGKAGVLNGTLEYGTCFGGSKLEDMSKILVDQGFNYSGKDMLYSGITGECLQAYIFFGPIYYQKLKHMVLDKMHARAR
GPRAVLTRQPTEGRSRDGGLRLGEMERDCVIAYGASQLLLERLMISSDAFEVDVCDKCGLMGYSGWCTTCKSAENIIKMT
IPYAAKLLFQELLSMNIAPRLRLEDIFQQ
;
B
3 'polypeptide(L)'
;MSNIVGIEYNRVTNTTSTDFPGFSKDAENEWNVEKFKKDFEVNISSLDAREANFDLINIDTSIANAFRRIMISEVPSVAA
EYVYFFNNTSVIQDEVLAHRIGLVPLKVDPDMLTWVDSNLPDDEKFTDENTIVLSLNVKCTRNPDAPKGSTDPKELYNNA
HVYARDLKFEPQGRQSTTFADCPVVPADPDILLAKLRPGQEISLKAHCILGIGGDHAKFSPVSTASYRLLPQINILQPIK
GESARRFQKCFPPGVIGIDEGSDEAYVKDARKDTVSREVLRYEEFADKVKLGRVRNHFIFNVESAGAMTPEEIFFKSVRI
LKNKAEYLKNCPITQ
;
C
4 'polypeptide(L)'
;MKVLEERNAFLSDYEVLKFLTDLEKKHLWDQKSLAALKKSRSKGKQNRPYNHPELQGITRNVVNYLSINKNFINQEDEGE
ERESSGAKDAEKSGISKMSDESFAELMTKLNSFKLFKAEKLQIVNQLPANMVHLYSIVEECDARFDEKTIEEMLEIISGY
A
;
D
5 'polypeptide(L)'
;MDQENERNISRLWRAFRTVKEMVKDRGYFITQEEVELPLEDFKAKYCDSMGRPQRKMMSFQANPTEESISKFPDMGSLWV
EFCDEPSVGVKTMKTFVIHIQEKNFQTGIFVYQNNITPSAMKLVPSIPPATIETFNEAALVVNITHHELVPKHIRLSSDE
KRELLKRYRLKESQLPRIQRADPVALYLGLKRGEVVKIIRKSETSGRYASYRICM
;
E
6 'polypeptide(L)'
;MSDYEEAFNDGNENFEDFDVEHFSDEETYEEKPQFKDGETTDANGKTIVTGGNGPEDFQQHEQIRRKTLKEKAIPKDQRA
TTPYMTKYERARILGTRALQISMNAPVFVDLEGETDPLRIAMKELAEKKIPLVIRRYLPDGSFEDWSVEELIVDL
;
F
7 'polypeptide(L)'
;MFILSKIADLVRIPPDQFHRDTISAITHQLNNKFANKIIPNVGLCITIYDLLTVEEGQLKPGDGSSYINVTFRAVVFKPF
LGEIVTGWISKCTAEGIKVSLLGIFDDIFIPQNMLFEGCYYTPEESAWIWPMDEETKLYFDVNEKIRFRIEREVFVDVKP
KSPKERELEERAQLENEIEGKNEETPQNEKPPAYALLGSCQTDGMGLVSWWE
;
G
8 'polypeptide(L)'
;MSNTLFDDIFQVSEVDPGRYNKVCRIEAASTTQDQCKLTLDINVELFPVAAQDSLTVTIASSLNLEDTPANDSSATRSWR
PPQAGDRSLADDYDYVMYGTAYKFEEVSKDLIAVYYSFGGLLMRLEGNYRNLNNLKQENAYLLIRR
;
H
9 'polypeptide(L)'
;MLSFCPSCNNMLLITSGDSGVYTLACRSCPYEFPIEGIEIYDRKKLPRKEVDDVLGGGWDNVDQTKTQCPNYDTCGGESA
YFFQLQIRSADEPMTTFYKCVNCGHRWKEN
;
I
10 'polypeptide(L)' MIVPVRCFSCGKVVGDKWESYLNLLQEDELDEGTALSRLGLKRYCCRRMILTHVDLIEKFLRYNPLEKRD J
11 'polypeptide(L)'
;MTEDIEQKKTATEVTPQEPKHIQEEEEQDVDMTGDEEQEEEPDREKIKLLTQATSEDGTSASFQIVEEDHTLGNALRYVI
MKNPDVEFCGYSIPHPSENLLNIRIQTYGETTAVDALQKGLKDLMDLCDVVESKFTEKIKSM
;
K
12 'polypeptide(L)'
;(UNK)(UNK)(UNK)(UNK)(UNK)(UNK)(UNK)(UNK)(UNK)(UNK)(UNK)(UNK)(UNK)(UNK)(UNK)(UNK)
(UNK)(UNK)(UNK)(UNK)(UNK)(UNK)(UNK)(UNK)(UNK)(UNK)LKYICAECSSKLSLSRTDAVRCKDCGHRIL
LKARTKRLVQFEAR
;
L
13 'polypeptide(L)'
;MSIDNKLFVTEEDEEDRTQDRADVEDESNDIDMIADENGTNSAIANEQEEKSEEVKAEDDTGEEEEDDPVIEEFPLKISG
EEESLHVFQYANRPRLVGRKPAEHPFISAARYKPKSHLWEIDIPLDEQAFYNKDKAESEWNGVNVQTLKGVGVENNGQYA
AFVKDMQVYLVPIERVAQLKPFFKYIDDANVTRKQEDARRNPNPSSQRAQVVTMSVKSVNDPSQNRLTGSLLAHKVADEE
ANIELTWAEGTFEQFKDTIVKEAEDKTLVALEKQEDYIDNLV
;
M
14 'polypeptide(L)'
;(UNK)(UNK)(UNK)(UNK)(UNK)(UNK)(UNK)(UNK)(UNK)(UNK)(UNK)(UNK)(UNK)(UNK)(UNK)(UNK)
(UNK)(UNK)(UNK)(UNK)(UNK)(UNK)(UNK)(UNK)(UNK)(UNK)(UNK)(UNK)(UNK)(UNK)(UNK)(UNK)
(UNK)(UNK)(UNK)(UNK)(UNK)(UNK)(UNK)(UNK)(UNK)(UNK)(UNK)(UNK)(UNK)(UNK)(UNK)(UNK)
(UNK)(UNK)(UNK)(UNK)(UNK)(UNK)(UNK)(UNK)(UNK)(UNK)(UNK)(UNK)(UNK)(UNK)(UNK)(UNK)
(UNK)(UNK)(UNK)(UNK)(UNK)(UNK)(UNK)(UNK)(UNK)(UNK)(UNK)(UNK)(UNK)(UNK)(UNK)(UNK)
(UNK)(UNK)(UNK)(UNK)(UNK)(UNK)(UNK)(UNK)(UNK)(UNK)(UNK)(UNK)(UNK)(UNK)(UNK)(UNK)
(UNK)(UNK)(UNK)(UNK)(UNK)(UNK)(UNK)(UNK)(UNK)(UNK)(UNK)(UNK)(UNK)(UNK)(UNK)(UNK)
(UNK)(UNK)(UNK)(UNK)(UNK)(UNK)(UNK)(UNK)(UNK)(UNK)(UNK)(UNK)(UNK)(UNK)(UNK)(UNK)
(UNK)(UNK)(UNK)(UNK)(UNK)(UNK)(UNK)(UNK)(UNK)(UNK)(UNK)(UNK)(UNK)(UNK)(UNK)(UNK)
(UNK)(UNK)(UNK)(UNK)(UNK)(UNK)(UNK)(UNK)(UNK)(UNK)(UNK)(UNK)(UNK)(UNK)(UNK)(UNK)
(UNK)(UNK)(UNK)(UNK)(UNK)(UNK)(UNK)(UNK)(UNK)(UNK)(UNK)(UNK)(UNK)(UNK)(UNK)(UNK)
(UNK)(UNK)(UNK)(UNK)(UNK)(UNK)(UNK)(UNK)(UNK)(UNK)(UNK)(UNK)(UNK)(UNK)(UNK)(UNK)
(UNK)(UNK)RIEQLFPVRPVRVRHEDVETVKREIQEALSEKPTREPTPSVKTEPVGTGLQSYLEERERQVNEKLADLGL
EKEFQSVDGKEAAAELELLNADHQHILRKLKKMNNKPERFMVFQLPTRLPAFERPAVKEEKEDMETQASDPSKKKKNIKK
KDTKDALSTRELAGKVGSIRVHKSGKLSVKIGNVVMDIGKGAETTFLQDVIALSIADDASSAELLGRVDGKIVVTPQI
;
N
15 'polypeptide(L)'
;MDELLGEALSAENQTGESTVESEKLVTPEDVMTISSLEQRTLNPDLFLYKELVKAHLGERAASVIGMLVALGRLSVRELV
EKIDGMDVDSVKTTLVSLTQLRCVKYLQETAISGKKTTYYYYNEEGIHILLYSGLIIDEIITQMRVNDEEEHKQLVAEIV
QNVISLGSLTVEDYLSSVTSDSMKYTISSLFVQLCEMGYLIQISKLHYTPIEDLWQFLYEKHYKNIPRNSPLSDLKKRSQ
AKMNAKTDFAKIINKPNELSQILTVDPKTSLRIVKPTVSLTINLDRFMKGRRSKQLINLAKTRVGSVTAQVYKIALRLTE
QKSPKIRDPLTQTGLLQDLEEAKSFQDEAELVEEKTPGLTFNAIDLARHLPAELDLRGSLLSRKPSDNKKRSGSNAAASL
PSKKLKTEDGFVIPALPAAVSKSLQESGDTQEEDEEEEDLDADTEDPHSASLINSHLKILASSNFPFLNETKPGVYYVPY
SKLMPVLKSSVYEYVIASTLGPSAMRLSRCIRDNKLVSEKIINSTALMKEKDIRSTLASLIRYNSVEIQEVPRTADRSAS
RAVFLFRCKETHSYNFMRQNLEWNMANLLFKKEKLKQENSTLLKKANRDDVKGRENELLLPSELNQLKMVNERELNVFAR
LSRLLSLWEVFQMA
;
O
16 'polypeptide(L)'
;MSGMIENGLQLSDNAKTLHSQMMSKGIGALFTQQELQKQMGIGSLTDLMSIVQELLDKNLIKLVKQNDELKFQGVLESEA
QKKATMSAEEALVYSYIEASGREGIWSKTIKARTNLHQHVVLKCLKSLESQRYVKSVKSVKFPTRKIYMLYSLQPSVDIT
GGPWFTDGELDIEFINSLLTIVWRFISENTFPNGFKNFENGPKKNVFYAPNVKNYSTTQEILEFITAAQVANVELTPSNI
RSLCEVLVYDDKLEKVTHDCYRVTLESILQMNQGEGEPEAGNKALEDEEEFSIFNYFKMFPASKHDKEVVYFDEWTI
;
P
17 'polypeptide(L)'
;MSSYRGGSRGGGSNYMSNLPFGLGYGDVGKNHITEFPSIPLPINGPITNKERSLAVKYINFGKTVKDGPFYTGSMSLIID
QQENSKSGKRKPNIILDEDDTNDGIERYSDKYLKKRKIGISIDDHPYNLNLFPNELYNVMGINKKKLLAISKFNNADDVF
TGTGLQDENIGLSMLAKLKELAEDVDDASTGDGAAKGSKTGEGEDDDLADDDFEEDEDEEDDDDYNAEKYFNNGDDDDYG
DEEDPNEEAAF
;
Q
18 'polyribonucleotide' AUCGAGAGGA R
19 'polydeoxyribonucleotide'
;(DG)(DC)(DA)(DG)(DC)(DC)(DT)(DA)(DG)(DT)(DT)(DG)(DA)(DT)(DC)(DT)(DC)(DA)(DT)(DA)
(DG)(DC)(DC)(DC)(DA)(DT)(DT)(DC)(DC)(DT)(DA)(DC)(DT)(DC)(DA)(DG)(DG)(DA)(DG)(DA)
(DA)(DG)(DG)(DA)(DG)(DC)(DA)(DG)(DA)(DG)(DC)(DG)
;
S
20 'polydeoxyribonucleotide'
;(DC)(DG)(DC)(DT)(DC)(DT)(DG)(DC)(DT)(DC)(DC)(DT)(DT)(DC)(DT)(DC)(DC)(DT)(DT)(DT)
(DC)(DC)(DT)(DC)(DT)(DC)(DG)(DA)(DT)(DG)(DG)(DC)(DT)(DA)(DT)(DG)(DA)(DG)(DA)(DT)
(DC)(DA)(DA)(DC)(DT)(DA)(DG)(DG)(DC)(DT)(DG)(DC)
;
T
21 'polypeptide(L)'
;NVHTSESTRKYPYPFIHRMLAHANAQTIRYSLKNNTITYFNESDVDWSSAIDYQCPDCLIGKSTKHRHIKGSRLKYQNSY
EPFQYLHTDIFGPVHNLPNSAPSYFISFTDETTKFRWVYPLHDRREDSILDVFTTILAFIKNQFQASVLVIQMDRGSEYT
NRTLHKFLEKNGITPCYTTTADSRAHGVAERLNRTLLDDCRTQLQCSGLPNHLWFSAIEFSTIVRNSLASPKSKKSARQH
AGLAGLDISTLLPFGQPVIVNDHNPNSKIHPRGIPGYALHPSRNSYGYIIYLPSLKKTVDTTNYVILQGKESRLDQFNYD
ALTFDEDLNRLTASYHSFIASNEIQESNDLNIESDHDFQSDIELHPEQPRNVLSKAVSPTDSTPPSTHTEDSKRVSKTNI
RAPREVDPNISESNILPSKKRSSTPQISNIESTGSGGMHKLNVPLLAPMSQSNTHESSHASKSKDFRHSDSYSENETNHT
NVPISSTGGTNNKTVPQISDQETEKRIIHRSPSIDASPPENNSSHNIVPIKTPTTVSEQNTEESIIADLPLPDLPPESPT
EFPDPFKELPPINSRQTNSSLGGIGDSNAYTTINSKKRSLEDNETEIKVSRDTWNTKNMRSLEPPRSKKRIHLIA
;
W
22 'polypeptide(L)' (UNK)(UNK)(UNK)(UNK)(UNK)(UNK)(UNK)(UNK)(UNK)(UNK)(UNK) X
#
loop_
_chem_comp.id
_chem_comp.type
_chem_comp.name
_chem_comp.formula
4QM non-polymer (3R,5S,7R,8R,9S,10S,12S,13R,14S,17R)-10,13-dimethyl-17-[(2R)-pentan-2-yl]-2,3,4,5,6,7,8,9,11,12,14,15,16,17-tetradecahydro-1H-cyclopenta[a]phenanthrene-3,7,12-triol 'C24 H42 O3'
A RNA linking ADENOSINE-5'-MONOPHOSPHATE 'C10 H14 N5 O7 P'
C RNA linking CYTIDINE-5'-MONOPHOSPHATE 'C9 H14 N3 O8 P'
DA DNA linking 2'-DEOXYADENOSINE-5'-MONOPHOSPHATE 'C10 H14 N5 O6 P'
DC DNA linking 2'-DEOXYCYTIDINE-5'-MONOPHOSPHATE 'C9 H14 N3 O7 P'
DG DNA linking 2'-DEOXYGUANOSINE-5'-MONOPHOSPHATE 'C10 H14 N5 O7 P'
DT DNA linking THYMIDINE-5'-MONOPHOSPHATE 'C10 H15 N2 O8 P'
G RNA linking GUANOSINE-5'-MONOPHOSPHATE 'C10 H14 N5 O8 P'
MG non-polymer 'MAGNESIUM ION' 'Mg 2'
U RNA linking URIDINE-5'-MONOPHOSPHATE 'C9 H13 N2 O9 P'
ZN non-polymer 'ZINC ION' 'Zn 2'
#
# COMPACT_ATOMS: atom_id res chain seq x y z
N LYS A 2 21.36 25.81 -50.43
CA LYS A 2 20.25 25.89 -49.49
C LYS A 2 19.38 24.64 -49.56
N GLU A 3 18.48 24.51 -48.58
CA GLU A 3 17.60 23.36 -48.41
C GLU A 3 18.42 22.08 -48.19
N VAL A 4 19.11 22.06 -47.05
CA VAL A 4 19.89 20.89 -46.65
C VAL A 4 18.95 19.72 -46.33
N VAL A 5 19.50 18.51 -46.45
CA VAL A 5 18.76 17.31 -46.08
C VAL A 5 18.58 17.27 -44.56
N VAL A 6 17.44 16.75 -44.12
CA VAL A 6 17.20 16.49 -42.71
C VAL A 6 16.73 15.06 -42.56
N SER A 7 17.00 14.48 -41.40
CA SER A 7 16.66 13.10 -41.10
C SER A 7 15.97 13.02 -39.73
N GLU A 8 15.17 11.97 -39.57
CA GLU A 8 14.50 11.71 -38.30
C GLU A 8 14.45 10.20 -38.12
N THR A 9 15.26 9.68 -37.21
CA THR A 9 15.28 8.25 -36.92
C THR A 9 14.59 7.99 -35.59
N PRO A 10 13.62 7.07 -35.54
CA PRO A 10 12.98 6.73 -34.27
C PRO A 10 14.00 6.21 -33.27
N LYS A 11 13.81 6.58 -32.00
CA LYS A 11 14.74 6.20 -30.94
C LYS A 11 13.96 5.67 -29.75
N ARG A 12 14.58 4.71 -29.06
CA ARG A 12 14.01 4.05 -27.90
C ARG A 12 14.84 4.36 -26.67
N ILE A 13 14.18 4.45 -25.52
CA ILE A 13 14.91 4.56 -24.26
C ILE A 13 15.69 3.28 -24.04
N LYS A 14 16.95 3.42 -23.65
CA LYS A 14 17.84 2.29 -23.43
C LYS A 14 18.15 2.06 -21.96
N GLY A 15 18.32 3.11 -21.17
CA GLY A 15 18.58 2.97 -19.76
C GLY A 15 18.83 4.28 -19.05
N LEU A 16 18.38 4.39 -17.80
CA LEU A 16 18.68 5.53 -16.97
C LEU A 16 20.10 5.41 -16.40
N GLU A 17 20.71 6.56 -16.14
CA GLU A 17 22.04 6.63 -15.54
C GLU A 17 22.03 7.72 -14.48
N PHE A 18 22.26 7.36 -13.24
CA PHE A 18 22.06 8.28 -12.12
C PHE A 18 23.38 8.86 -11.66
N SER A 19 23.35 10.12 -11.25
CA SER A 19 24.52 10.83 -10.74
C SER A 19 24.02 12.02 -9.92
N ALA A 20 24.90 12.99 -9.69
CA ALA A 20 24.53 14.26 -9.11
C ALA A 20 25.14 15.38 -9.95
N LEU A 21 24.57 16.57 -9.83
CA LEU A 21 25.03 17.72 -10.60
C LEU A 21 26.21 18.40 -9.92
N SER A 22 27.19 18.80 -10.73
CA SER A 22 28.51 19.17 -10.25
C SER A 22 28.64 20.64 -9.88
N ALA A 23 27.53 21.37 -9.78
CA ALA A 23 27.47 22.81 -9.52
C ALA A 23 28.00 23.62 -10.70
N ALA A 24 28.53 22.99 -11.73
CA ALA A 24 28.69 23.62 -13.03
C ALA A 24 27.55 23.28 -13.97
N ASP A 25 27.00 22.06 -13.84
CA ASP A 25 25.78 21.70 -14.55
C ASP A 25 24.59 22.48 -14.02
N ILE A 26 24.53 22.71 -12.70
CA ILE A 26 23.44 23.49 -12.13
C ILE A 26 23.44 24.90 -12.70
N VAL A 27 24.62 25.45 -13.00
CA VAL A 27 24.69 26.79 -13.57
C VAL A 27 24.48 26.76 -15.09
N ALA A 28 24.94 25.70 -15.76
CA ALA A 28 24.61 25.54 -17.17
C ALA A 28 23.11 25.34 -17.37
N GLN A 29 22.41 24.94 -16.32
CA GLN A 29 21.01 24.57 -16.34
C GLN A 29 20.08 25.75 -16.14
N SER A 30 20.63 26.94 -15.86
CA SER A 30 19.83 28.06 -15.40
C SER A 30 19.57 29.06 -16.52
N GLU A 31 18.49 29.83 -16.32
CA GLU A 31 18.22 31.01 -17.12
C GLU A 31 18.31 32.29 -16.32
N VAL A 32 18.22 32.20 -14.99
CA VAL A 32 18.31 33.36 -14.12
C VAL A 32 18.84 32.90 -12.78
N GLU A 33 19.28 33.84 -11.96
CA GLU A 33 19.71 33.57 -10.59
C GLU A 33 18.75 34.21 -9.61
N VAL A 34 18.33 33.46 -8.59
CA VAL A 34 17.37 33.93 -7.61
C VAL A 34 18.13 34.69 -6.53
N SER A 35 18.10 36.01 -6.61
CA SER A 35 18.88 36.89 -5.74
C SER A 35 18.07 37.56 -4.65
N THR A 36 16.88 38.07 -4.96
CA THR A 36 16.10 38.84 -4.00
C THR A 36 15.18 37.93 -3.19
N ARG A 37 14.49 38.52 -2.23
CA ARG A 37 13.52 37.82 -1.41
C ARG A 37 12.08 38.23 -1.72
N ASP A 38 11.89 39.32 -2.47
CA ASP A 38 10.55 39.82 -2.76
C ASP A 38 9.97 39.07 -3.96
N LEU A 39 8.83 38.41 -3.74
CA LEU A 39 8.16 37.72 -4.85
C LEU A 39 7.67 38.70 -5.90
N PHE A 40 7.05 39.79 -5.46
CA PHE A 40 6.40 40.75 -6.36
C PHE A 40 6.95 42.15 -6.14
N ASP A 41 7.13 42.88 -7.23
CA ASP A 41 7.67 44.23 -7.16
C ASP A 41 6.61 45.26 -6.79
N LEU A 42 5.33 44.95 -7.02
CA LEU A 42 4.20 45.78 -6.61
C LEU A 42 4.14 47.12 -7.32
N GLU A 43 5.14 47.42 -8.15
CA GLU A 43 5.07 48.61 -8.99
C GLU A 43 4.19 48.41 -10.21
N LYS A 44 3.77 47.18 -10.49
CA LYS A 44 2.94 46.84 -11.64
C LYS A 44 1.83 45.89 -11.24
N ASP A 45 1.26 46.08 -10.06
CA ASP A 45 0.14 45.28 -9.55
C ASP A 45 0.51 43.79 -9.49
N ARG A 46 1.44 43.51 -8.58
CA ARG A 46 1.88 42.14 -8.29
C ARG A 46 2.59 41.48 -9.46
N ALA A 47 3.20 42.26 -10.33
CA ALA A 47 4.05 41.69 -11.36
C ALA A 47 5.27 41.05 -10.69
N PRO A 48 5.67 39.85 -11.10
CA PRO A 48 6.78 39.18 -10.41
C PRO A 48 8.08 39.94 -10.56
N LYS A 49 8.94 39.80 -9.56
CA LYS A 49 10.21 40.51 -9.53
C LYS A 49 11.15 40.00 -10.61
N ALA A 50 12.15 40.83 -10.93
CA ALA A 50 13.07 40.51 -12.01
C ALA A 50 14.02 39.37 -11.65
N ASN A 51 14.36 39.22 -10.37
CA ASN A 51 15.28 38.18 -9.93
C ASN A 51 14.78 37.55 -8.65
N GLY A 52 13.48 37.25 -8.58
CA GLY A 52 12.88 36.67 -7.41
C GLY A 52 12.52 35.20 -7.60
N ALA A 53 11.78 34.68 -6.63
CA ALA A 53 11.42 33.27 -6.64
C ALA A 53 10.43 32.95 -7.75
N LEU A 54 9.56 33.89 -8.11
CA LEU A 54 8.58 33.69 -9.16
C LEU A 54 8.96 34.42 -10.45
N ASP A 55 10.25 34.57 -10.71
CA ASP A 55 10.69 35.31 -11.88
C ASP A 55 10.10 34.68 -13.14
N PRO A 56 9.45 35.47 -14.00
CA PRO A 56 8.82 34.88 -15.20
C PRO A 56 9.77 34.08 -16.07
N LYS A 57 11.08 34.29 -15.96
CA LYS A 57 12.02 33.53 -16.78
C LYS A 57 11.96 32.03 -16.51
N MET A 58 11.42 31.62 -15.37
CA MET A 58 11.31 30.22 -15.02
C MET A 58 9.93 29.65 -15.30
N GLY A 59 9.07 30.38 -15.99
CA GLY A 59 7.75 29.91 -16.35
C GLY A 59 6.66 30.73 -15.71
N VAL A 60 5.42 30.39 -16.06
CA VAL A 60 4.25 31.10 -15.60
C VAL A 60 3.30 30.12 -14.92
N SER A 61 2.45 30.66 -14.05
CA SER A 61 1.54 29.84 -13.27
C SER A 61 0.10 29.84 -13.80
N SER A 62 -0.20 30.68 -14.79
CA SER A 62 -1.55 30.75 -15.37
C SER A 62 -1.41 30.92 -16.87
N SER A 63 -2.54 30.93 -17.57
CA SER A 63 -2.54 30.96 -19.03
C SER A 63 -2.65 32.37 -19.60
N SER A 64 -2.63 33.39 -18.76
CA SER A 64 -2.72 34.78 -19.20
C SER A 64 -1.37 35.47 -19.26
N LEU A 65 -0.27 34.74 -19.15
CA LEU A 65 1.06 35.31 -19.05
C LEU A 65 1.99 34.72 -20.11
N GLU A 66 3.28 35.04 -19.98
CA GLU A 66 4.31 34.69 -20.94
C GLU A 66 5.58 34.39 -20.16
N CYS A 67 6.35 33.39 -20.61
CA CYS A 67 7.43 32.86 -19.77
C CYS A 67 8.78 33.53 -20.04
N ALA A 68 8.89 34.41 -21.02
CA ALA A 68 10.06 35.26 -21.23
C ALA A 68 11.32 34.49 -21.63
N THR A 69 11.29 33.16 -21.63
CA THR A 69 12.37 32.37 -22.22
C THR A 69 11.96 31.83 -23.58
N CYS A 70 10.89 31.06 -23.61
CA CYS A 70 10.25 30.58 -24.84
C CYS A 70 8.80 30.98 -24.70
N HIS A 71 8.42 32.08 -25.35
CA HIS A 71 7.19 32.77 -24.98
C HIS A 71 5.97 31.87 -25.19
N GLY A 72 5.43 31.39 -24.09
CA GLY A 72 4.32 30.46 -24.13
C GLY A 72 3.59 30.46 -22.82
N ASN A 73 2.30 30.17 -22.87
CA ASN A 73 1.47 30.23 -21.69
C ASN A 73 1.64 28.94 -20.89
N LEU A 74 0.75 28.73 -19.91
CA LEU A 74 0.84 27.56 -19.05
C LEU A 74 0.80 26.25 -19.85
N ALA A 75 0.28 26.28 -21.07
CA ALA A 75 0.19 25.06 -21.86
C ALA A 75 1.52 24.73 -22.55
N SER A 76 2.01 25.62 -23.39
CA SER A 76 3.11 25.29 -24.29
C SER A 76 4.49 25.43 -23.66
N CYS A 77 4.59 25.85 -22.40
CA CYS A 77 5.87 26.07 -21.75
C CYS A 77 6.26 24.82 -20.96
N HIS A 78 7.38 24.19 -21.35
CA HIS A 78 7.86 23.02 -20.62
C HIS A 78 8.33 23.37 -19.22
N GLY A 79 9.06 24.48 -19.09
CA GLY A 79 9.58 24.88 -17.79
C GLY A 79 11.08 25.05 -17.84
N HIS A 80 11.60 25.99 -17.04
CA HIS A 80 13.02 26.30 -17.07
C HIS A 80 13.53 26.45 -15.64
N PHE A 81 14.82 26.19 -15.46
CA PHE A 81 15.44 26.17 -14.14
C PHE A 81 16.15 27.48 -13.85
N GLY A 82 16.27 27.79 -12.56
CA GLY A 82 17.20 28.79 -12.08
C GLY A 82 18.19 28.16 -11.13
N HIS A 83 19.08 29.00 -10.60
CA HIS A 83 20.03 28.56 -9.58
C HIS A 83 20.04 29.55 -8.44
N LEU A 84 20.64 29.11 -7.33
CA LEU A 84 20.61 29.86 -6.07
C LEU A 84 21.93 29.57 -5.35
N LYS A 85 22.91 30.45 -5.55
CA LYS A 85 24.20 30.27 -4.89
C LYS A 85 24.06 30.48 -3.39
N LEU A 86 24.87 29.74 -2.62
CA LEU A 86 24.83 29.86 -1.15
C LEU A 86 26.13 30.51 -0.65
N ALA A 87 26.03 31.34 0.40
CA ALA A 87 27.22 32.00 0.97
C ALA A 87 28.13 30.98 1.65
N LEU A 88 27.55 30.04 2.39
CA LEU A 88 28.34 29.03 3.13
C LEU A 88 27.96 27.63 2.66
N PRO A 89 28.92 26.70 2.46
CA PRO A 89 28.60 25.32 2.08
C PRO A 89 27.74 24.64 3.15
N VAL A 90 26.82 23.76 2.74
CA VAL A 90 25.93 23.08 3.72
C VAL A 90 25.74 21.62 3.29
N PHE A 91 25.36 20.74 4.22
CA PHE A 91 25.20 19.33 3.90
C PHE A 91 23.93 19.06 3.09
N HIS A 92 23.94 17.96 2.36
CA HIS A 92 22.76 17.47 1.63
C HIS A 92 22.18 16.29 2.39
N ILE A 93 20.95 16.43 2.87
CA ILE A 93 20.37 15.41 3.74
C ILE A 93 20.15 14.09 3.00
N GLY A 94 20.00 14.13 1.68
CA GLY A 94 19.97 12.89 0.93
C GLY A 94 21.28 12.14 0.99
N TYR A 95 22.39 12.87 1.02
CA TYR A 95 23.72 12.29 1.01
C TYR A 95 24.42 12.40 2.37
N PHE A 96 23.67 12.53 3.46
CA PHE A 96 24.30 12.71 4.76
C PHE A 96 25.05 11.45 5.20
N LYS A 97 24.38 10.30 5.18
CA LYS A 97 25.03 9.06 5.58
C LYS A 97 26.13 8.68 4.61
N ALA A 98 25.99 9.06 3.34
CA ALA A 98 27.08 8.86 2.40
C ALA A 98 28.29 9.72 2.77
N THR A 99 28.05 10.94 3.25
CA THR A 99 29.16 11.78 3.72
C THR A 99 29.84 11.17 4.94
N ILE A 100 29.04 10.63 5.86
CA ILE A 100 29.61 9.89 6.99
C ILE A 100 30.49 8.75 6.50
N GLN A 101 29.97 7.97 5.55
CA GLN A 101 30.72 6.83 5.04
C GLN A 101 31.99 7.23 4.33
N ILE A 102 31.98 8.37 3.62
CA ILE A 102 33.20 8.83 2.99
C ILE A 102 34.22 9.23 4.05
N LEU A 103 33.77 9.92 5.10
CA LEU A 103 34.71 10.36 6.12
C LEU A 103 35.36 9.19 6.84
N GLN A 104 34.58 8.14 7.12
CA GLN A 104 35.09 6.99 7.86
C GLN A 104 36.13 6.19 7.10
N GLY A 105 36.29 6.43 5.81
CA GLY A 105 37.22 5.64 5.03
C GLY A 105 38.51 6.35 4.65
N ILE A 106 38.62 7.63 4.99
CA ILE A 106 39.77 8.42 4.58
C ILE A 106 40.46 9.01 5.80
N CYS A 107 41.71 9.40 5.60
CA CYS A 107 42.44 10.11 6.63
C CYS A 107 41.89 11.52 6.79
N LYS A 108 41.86 12.00 8.03
CA LYS A 108 41.35 13.33 8.31
C LYS A 108 42.46 14.38 8.35
N ASN A 109 43.67 14.01 7.97
CA ASN A 109 44.77 14.96 7.88
C ASN A 109 45.22 15.17 6.44
N CYS A 110 45.51 14.10 5.71
CA CYS A 110 45.93 14.21 4.33
C CYS A 110 44.90 13.69 3.34
N SER A 111 43.79 13.11 3.81
CA SER A 111 42.74 12.58 2.97
C SER A 111 43.28 11.52 2.00
N ALA A 112 43.92 10.51 2.59
CA ALA A 112 44.31 9.30 1.90
C ALA A 112 43.50 8.14 2.46
N ILE A 113 43.17 7.19 1.60
CA ILE A 113 42.28 6.10 2.00
C ILE A 113 43.01 5.15 2.93
N LEU A 114 42.31 4.70 3.97
CA LEU A 114 42.91 3.93 5.05
C LEU A 114 43.05 2.45 4.66
N LEU A 115 43.78 2.21 3.58
CA LEU A 115 43.97 0.87 3.05
C LEU A 115 45.42 0.69 2.65
N SER A 116 45.79 -0.56 2.40
CA SER A 116 47.11 -0.93 1.91
C SER A 116 47.04 -1.16 0.41
N GLU A 117 48.19 -0.99 -0.26
CA GLU A 117 48.20 -1.09 -1.71
C GLU A 117 47.80 -2.48 -2.18
N THR A 118 48.31 -3.53 -1.54
CA THR A 118 47.87 -4.88 -1.88
C THR A 118 46.42 -5.10 -1.48
N ASP A 119 46.01 -4.58 -0.32
CA ASP A 119 44.63 -4.72 0.12
C ASP A 119 43.68 -4.02 -0.84
N LYS A 120 44.00 -2.79 -1.23
CA LYS A 120 43.14 -2.07 -2.15
C LYS A 120 43.18 -2.68 -3.54
N ARG A 121 44.31 -3.27 -3.94
CA ARG A 121 44.36 -3.98 -5.21
C ARG A 121 43.45 -5.20 -5.19
N GLN A 122 43.44 -5.93 -4.08
CA GLN A 122 42.55 -7.09 -3.98
C GLN A 122 41.09 -6.67 -4.01
N PHE A 123 40.75 -5.61 -3.27
CA PHE A 123 39.37 -5.11 -3.28
C PHE A 123 38.97 -4.64 -4.68
N LEU A 124 39.88 -3.97 -5.37
CA LEU A 124 39.61 -3.51 -6.73
C LEU A 124 39.39 -4.68 -7.67
N HIS A 125 40.22 -5.73 -7.54
CA HIS A 125 40.03 -6.92 -8.37
C HIS A 125 38.68 -7.57 -8.09
N GLU A 126 38.26 -7.59 -6.82
CA GLU A 126 36.97 -8.15 -6.48
C GLU A 126 35.81 -7.29 -7.01
N LEU A 127 36.00 -5.98 -7.11
CA LEU A 127 34.92 -5.12 -7.58
C LEU A 127 34.71 -5.23 -9.08
N ARG A 128 35.77 -5.50 -9.86
CA ARG A 128 35.70 -5.49 -11.30
C ARG A 128 35.57 -6.89 -11.90
N ARG A 129 35.09 -7.86 -11.14
CA ARG A 129 34.86 -9.19 -11.66
C ARG A 129 33.76 -9.14 -12.72
N PRO A 130 33.88 -9.92 -13.80
CA PRO A 130 32.93 -9.71 -14.92
C PRO A 130 31.47 -9.95 -14.57
N GLY A 131 31.17 -10.85 -13.64
CA GLY A 131 29.81 -10.92 -13.15
C GLY A 131 29.66 -10.44 -11.72
N VAL A 132 29.20 -9.20 -11.54
CA VAL A 132 29.00 -8.63 -10.21
C VAL A 132 27.74 -7.77 -10.25
N ASP A 133 26.82 -8.05 -9.35
CA ASP A 133 25.57 -7.31 -9.25
C ASP A 133 25.59 -6.45 -7.99
N ASN A 134 24.44 -5.82 -7.70
CA ASN A 134 24.36 -4.88 -6.60
C ASN A 134 24.68 -5.54 -5.26
N LEU A 135 24.22 -6.76 -5.05
CA LEU A 135 24.43 -7.41 -3.76
C LEU A 135 25.91 -7.67 -3.51
N ARG A 136 26.59 -8.23 -4.50
CA ARG A 136 28.03 -8.47 -4.36
C ARG A 136 28.79 -7.16 -4.23
N ARG A 137 28.42 -6.14 -5.00
CA ARG A 137 29.09 -4.85 -4.90
C ARG A 137 28.91 -4.23 -3.52
N MET A 138 27.69 -4.28 -2.98
CA MET A 138 27.45 -3.74 -1.65
C MET A 138 28.24 -4.50 -0.60
N GLY A 139 28.31 -5.82 -0.72
CA GLY A 139 29.13 -6.59 0.23
C GLY A 139 30.59 -6.19 0.19
N ILE A 140 31.14 -6.05 -1.02
CA ILE A 140 32.56 -5.70 -1.14
C ILE A 140 32.81 -4.31 -0.57
N LEU A 141 31.94 -3.35 -0.89
CA LEU A 141 32.13 -2.00 -0.36
C LEU A 141 32.04 -1.98 1.16
N LYS A 142 31.10 -2.73 1.74
CA LYS A 142 31.01 -2.78 3.19
C LYS A 142 32.26 -3.39 3.82
N LYS A 143 32.81 -4.45 3.20
CA LYS A 143 34.05 -5.01 3.70
C LYS A 143 35.18 -4.00 3.66
N ILE A 144 35.25 -3.21 2.57
CA ILE A 144 36.24 -2.14 2.50
C ILE A 144 36.06 -1.18 3.66
N LEU A 145 34.80 -0.86 3.97
CA LEU A 145 34.53 0.07 5.07
C LEU A 145 35.03 -0.49 6.40
N ASP A 146 34.79 -1.78 6.66
CA ASP A 146 35.28 -2.36 7.91
C ASP A 146 36.81 -2.35 7.96
N GLN A 147 37.47 -2.65 6.84
CA GLN A 147 38.93 -2.66 6.85
C GLN A 147 39.50 -1.27 7.15
N CYS A 148 38.97 -0.24 6.50
CA CYS A 148 39.49 1.09 6.78
C CYS A 148 39.11 1.59 8.16
N LYS A 149 37.97 1.14 8.70
CA LYS A 149 37.65 1.44 10.08
C LYS A 149 38.60 0.75 11.04
N LYS A 150 39.15 -0.40 10.62
CA LYS A 150 40.12 -1.10 11.47
C LYS A 150 41.48 -0.44 11.45
N GLN A 151 41.88 0.15 10.31
CA GLN A 151 43.19 0.81 10.26
C GLN A 151 43.26 1.94 11.28
N ARG A 152 44.44 2.09 11.91
CA ARG A 152 44.60 2.99 13.05
C ARG A 152 45.48 4.21 12.77
N ARG A 153 46.34 4.12 11.76
CA ARG A 153 47.28 5.24 11.46
C ARG A 153 47.47 5.34 9.94
N CYS A 154 47.42 6.57 9.41
CA CYS A 154 47.57 6.77 7.95
C CYS A 154 48.91 6.18 7.48
N LEU A 155 48.90 5.39 6.42
CA LEU A 155 50.14 4.79 5.88
C LEU A 155 50.96 5.87 5.18
N HIS A 156 50.34 7.02 4.87
CA HIS A 156 51.03 8.09 4.17
C HIS A 156 51.53 9.18 5.09
N CYS A 157 50.80 9.49 6.17
CA CYS A 157 51.15 10.57 7.06
C CYS A 157 51.22 10.17 8.53
N GLY A 158 50.84 8.93 8.87
CA GLY A 158 51.03 8.45 10.22
C GLY A 158 50.24 9.17 11.28
N ALA A 159 49.13 9.80 10.93
CA ALA A 159 48.32 10.52 11.90
C ALA A 159 47.47 9.53 12.68
N LEU A 160 46.49 10.03 13.43
CA LEU A 160 45.64 9.21 14.27
C LEU A 160 44.18 9.39 13.85
N ASN A 161 43.44 8.28 13.81
CA ASN A 161 42.06 8.29 13.34
C ASN A 161 41.21 7.46 14.28
N GLY A 162 40.17 8.07 14.83
CA GLY A 162 39.25 7.37 15.70
C GLY A 162 37.93 7.08 15.02
N VAL A 163 36.86 6.97 15.79
CA VAL A 163 35.54 6.78 15.21
C VAL A 163 35.04 8.10 14.67
N VAL A 164 34.28 8.02 13.57
CA VAL A 164 33.81 9.20 12.86
C VAL A 164 32.28 9.21 12.85
N LYS A 165 31.67 8.77 13.94
CA LYS A 165 30.23 8.77 14.07
C LYS A 165 29.67 10.19 13.88
N LYS A 166 28.35 10.26 13.76
CA LYS A 166 27.65 11.53 13.70
C LYS A 166 27.09 11.87 15.08
N ALA A 167 27.21 13.14 15.46
CA ALA A 167 26.73 13.57 16.76
C ALA A 167 25.24 13.33 16.87
N ALA A 168 24.85 12.37 17.69
CA ALA A 168 23.45 11.95 17.81
C ALA A 168 22.86 12.61 19.04
N ALA A 169 21.98 13.58 18.82
CA ALA A 169 21.30 14.28 19.89
C ALA A 169 19.79 14.31 19.75
N GLY A 170 19.26 14.24 18.53
CA GLY A 170 17.83 14.26 18.31
C GLY A 170 17.54 14.21 16.83
N ALA A 171 16.24 14.20 16.52
CA ALA A 171 15.82 14.21 15.12
C ALA A 171 16.07 15.58 14.47
N GLY A 172 15.70 16.65 15.17
CA GLY A 172 15.80 17.97 14.59
C GLY A 172 17.02 18.76 15.02
N SER A 173 17.38 18.66 16.29
CA SER A 173 18.41 19.51 16.88
C SER A 173 19.73 18.76 16.96
N ALA A 174 20.78 19.37 16.41
CA ALA A 174 22.13 18.82 16.39
C ALA A 174 22.19 17.46 15.68
N ALA A 175 21.20 17.18 14.84
CA ALA A 175 21.19 15.91 14.11
C ALA A 175 22.29 15.88 13.06
N LEU A 176 22.42 16.95 12.27
CA LEU A 176 23.38 16.97 11.17
C LEU A 176 24.74 17.48 11.61
N LYS A 177 25.28 16.86 12.66
CA LYS A 177 26.59 17.21 13.21
C LYS A 177 27.43 15.95 13.29
N ILE A 178 28.66 16.02 12.79
CA ILE A 178 29.56 14.88 12.73
C ILE A 178 30.73 15.14 13.67
N ILE A 179 31.03 14.16 14.52
CA ILE A 179 32.11 14.28 15.51
C ILE A 179 33.14 13.20 15.22
N HIS A 180 34.41 13.59 15.27
CA HIS A 180 35.52 12.66 15.14
C HIS A 180 36.14 12.46 16.51
N ASP A 181 36.16 11.21 16.98
CA ASP A 181 36.71 10.88 18.30
C ASP A 181 38.10 10.30 18.12
N THR A 182 39.09 11.19 18.02
CA THR A 182 40.43 10.78 17.64
C THR A 182 41.07 9.88 18.68
N PHE A 183 40.88 10.19 19.96
CA PHE A 183 41.60 9.52 21.05
C PHE A 183 40.78 8.43 21.70
N ARG A 184 39.99 7.70 20.92
CA ARG A 184 39.26 6.56 21.47
C ARG A 184 40.07 5.27 21.44
N TRP A 185 40.92 5.08 20.43
CA TRP A 185 41.65 3.83 20.29
C TRP A 185 43.04 3.86 20.91
N VAL A 186 43.45 4.98 21.50
CA VAL A 186 44.72 5.07 22.21
C VAL A 186 44.41 5.06 23.70
N GLY A 187 44.72 3.94 24.34
CA GLY A 187 44.52 3.79 25.77
C GLY A 187 45.75 3.20 26.42
N LYS A 188 46.11 3.76 27.57
CA LYS A 188 47.35 3.41 28.26
C LYS A 188 48.55 3.52 27.33
N LYS A 189 48.57 4.61 26.55
CA LYS A 189 49.66 4.87 25.62
C LYS A 189 49.89 6.37 25.53
N SER A 190 51.10 6.74 25.13
CA SER A 190 51.49 8.14 24.95
C SER A 190 51.77 8.38 23.48
N ALA A 191 51.07 9.35 22.89
CA ALA A 191 51.21 9.67 21.49
C ALA A 191 51.43 11.16 21.31
N PRO A 192 52.14 11.56 20.25
CA PRO A 192 52.32 13.00 19.98
C PRO A 192 51.01 13.74 19.83
N GLU A 193 50.00 13.11 19.26
CA GLU A 193 48.69 13.76 19.13
C GLU A 193 48.10 14.07 20.51
N LYS A 194 48.17 13.12 21.43
CA LYS A 194 47.66 13.36 22.77
C LYS A 194 48.48 14.42 23.51
N ASP A 195 49.81 14.40 23.32
CA ASP A 195 50.64 15.40 23.97
C ASP A 195 50.31 16.79 23.47
N ILE A 196 50.12 16.94 22.15
CA ILE A 196 49.75 18.24 21.60
C ILE A 196 48.38 18.66 22.10
N TRP A 197 47.45 17.70 22.22
CA TRP A 197 46.12 18.02 22.73
C TRP A 197 46.19 18.57 24.15
N VAL A 198 46.96 17.92 25.02
CA VAL A 198 47.06 18.37 26.41
C VAL A 198 47.79 19.70 26.48
N GLY A 199 48.83 19.89 25.65
CA GLY A 199 49.51 21.17 25.63
C GLY A 199 48.60 22.31 25.20
N GLU A 200 47.74 22.05 24.20
CA GLU A 200 46.78 23.06 23.78
C GLU A 200 45.79 23.37 24.89
N TRP A 201 45.26 22.32 25.52
CA TRP A 201 44.21 22.53 26.51
C TRP A 201 44.73 23.08 27.82
N LYS A 202 46.03 23.00 28.08
CA LYS A 202 46.57 23.58 29.30
C LYS A 202 46.43 25.10 29.31
N GLU A 203 46.62 25.74 28.15
CA GLU A 203 46.59 27.20 28.09
C GLU A 203 45.19 27.73 28.36
N VAL A 204 44.17 27.11 27.78
CA VAL A 204 42.81 27.65 27.87
C VAL A 204 42.33 27.63 29.31
N LEU A 205 42.57 26.52 30.02
CA LEU A 205 42.06 26.39 31.37
C LEU A 205 42.67 27.43 32.31
N ALA A 206 43.95 27.75 32.09
CA ALA A 206 44.57 28.79 32.90
C ALA A 206 43.87 30.13 32.73
N HIS A 207 43.52 30.48 31.49
CA HIS A 207 42.79 31.72 31.24
C HIS A 207 41.31 31.60 31.60
N ASN A 208 40.72 30.42 31.37
CA ASN A 208 39.28 30.20 31.57
C ASN A 208 39.08 28.95 32.41
N PRO A 209 39.03 29.11 33.74
CA PRO A 209 38.98 27.94 34.63
C PRO A 209 37.61 27.29 34.75
N GLU A 210 36.65 27.64 33.91
CA GLU A 210 35.32 27.05 33.98
C GLU A 210 35.17 25.84 33.07
N LEU A 211 35.88 25.82 31.94
CA LEU A 211 35.80 24.73 30.98
C LEU A 211 36.41 23.42 31.51
N GLU A 212 36.82 23.39 32.77
CA GLU A 212 37.30 22.15 33.37
C GLU A 212 36.22 21.08 33.34
N ARG A 213 34.97 21.47 33.55
CA ARG A 213 33.88 20.50 33.43
C ARG A 213 33.78 19.98 32.00
N TYR A 214 33.94 20.86 31.01
CA TYR A 214 33.80 20.51 29.61
C TYR A 214 35.12 20.09 28.97
N VAL A 215 36.12 19.70 29.77
CA VAL A 215 37.36 19.18 29.18
C VAL A 215 37.07 17.95 28.34
N LYS A 216 36.18 17.09 28.80
CA LYS A 216 35.74 15.95 28.00
C LYS A 216 34.87 16.46 26.86
N ARG A 217 34.36 15.52 26.07
CA ARG A 217 33.61 15.85 24.84
C ARG A 217 34.56 16.67 23.96
N CYS A 218 34.07 17.72 23.31
CA CYS A 218 34.88 18.53 22.40
C CYS A 218 35.69 17.66 21.45
N MET A 219 34.99 16.77 20.75
CA MET A 219 35.65 15.95 19.74
C MET A 219 36.03 16.83 18.54
N ASP A 220 36.72 16.22 17.59
CA ASP A 220 37.06 16.92 16.34
C ASP A 220 35.80 17.01 15.49
N ASP A 221 35.10 18.14 15.56
CA ASP A 221 33.89 18.32 14.78
C ASP A 221 34.23 18.62 13.33
N LEU A 222 33.42 18.07 12.43
CA LEU A 222 33.57 18.29 10.99
C LEU A 222 32.39 19.15 10.54
N ASN A 223 32.60 20.46 10.46
CA ASN A 223 31.58 21.34 9.90
C ASN A 223 31.57 21.20 8.38
N PRO A 224 30.49 21.62 7.73
CA PRO A 224 30.41 21.44 6.27
C PRO A 224 31.55 22.05 5.49
N LEU A 225 32.07 23.21 5.89
CA LEU A 225 33.15 23.82 5.12
C LEU A 225 34.46 23.06 5.29
N LYS A 226 34.78 22.64 6.51
CA LYS A 226 35.96 21.81 6.73
C LYS A 226 35.84 20.50 5.97
N THR A 227 34.67 19.88 6.00
CA THR A 227 34.46 18.63 5.28
C THR A 227 34.58 18.83 3.79
N LEU A 228 34.09 19.95 3.27
CA LEU A 228 34.21 20.23 1.84
C LEU A 228 35.67 20.42 1.44
N ASN A 229 36.45 21.10 2.28
CA ASN A 229 37.85 21.33 1.95
C ASN A 229 38.66 20.03 1.99
N LEU A 230 38.27 19.09 2.85
CA LEU A 230 38.93 17.78 2.87
C LEU A 230 38.57 16.98 1.63
N PHE A 231 37.31 17.01 1.21
CA PHE A 231 36.87 16.21 0.07
C PHE A 231 37.51 16.67 -1.23
N LYS A 232 37.89 17.95 -1.33
CA LYS A 232 38.53 18.43 -2.55
C LYS A 232 39.93 17.87 -2.74
N GLN A 233 40.50 17.23 -1.72
CA GLN A 233 41.84 16.69 -1.80
C GLN A 233 41.88 15.18 -1.97
N ILE A 234 40.76 14.49 -1.77
CA ILE A 234 40.70 13.06 -2.02
C ILE A 234 41.16 12.79 -3.44
N LYS A 235 42.09 11.86 -3.59
CA LYS A 235 42.60 11.56 -4.92
C LYS A 235 41.53 10.89 -5.77
N SER A 236 41.74 10.90 -7.08
CA SER A 236 40.81 10.25 -7.98
C SER A 236 40.97 8.74 -7.96
N ALA A 237 42.18 8.24 -7.78
CA ALA A 237 42.45 6.81 -7.93
C ALA A 237 41.72 5.97 -6.89
N ASP A 238 41.33 6.54 -5.76
CA ASP A 238 40.65 5.78 -4.72
C ASP A 238 39.17 6.13 -4.63
N CYS A 239 38.60 6.74 -5.67
CA CYS A 239 37.18 7.02 -5.64
C CYS A 239 36.36 5.75 -5.82
N GLU A 240 36.88 4.79 -6.60
CA GLU A 240 36.15 3.56 -6.85
C GLU A 240 35.88 2.78 -5.57
N LEU A 241 36.87 2.71 -4.68
CA LEU A 241 36.70 2.00 -3.42
C LEU A 241 35.63 2.62 -2.53
N LEU A 242 35.24 3.87 -2.79
CA LEU A 242 34.26 4.53 -1.96
C LEU A 242 32.83 4.37 -2.49
N GLY A 243 32.68 4.15 -3.79
CA GLY A 243 31.38 3.98 -4.40
C GLY A 243 31.06 5.04 -5.43
N ILE A 244 32.10 5.61 -6.03
CA ILE A 244 31.96 6.77 -6.90
C ILE A 244 32.77 6.54 -8.17
N ASP A 245 32.17 6.84 -9.33
CA ASP A 245 32.85 6.67 -10.61
C ASP A 245 33.54 7.98 -10.97
N ALA A 246 34.87 8.01 -10.82
CA ALA A 246 35.66 9.20 -11.01
C ALA A 246 36.05 9.43 -12.47
N THR A 247 35.57 8.59 -13.38
CA THR A 247 35.90 8.77 -14.79
C THR A 247 35.23 10.02 -15.37
N VAL A 248 33.99 10.30 -14.96
CA VAL A 248 33.23 11.41 -15.51
C VAL A 248 33.31 12.61 -14.59
N PRO A 249 33.29 13.84 -15.12
CA PRO A 249 33.18 15.00 -14.24
C PRO A 249 31.86 14.94 -13.49
N SER A 250 31.88 15.42 -12.25
CA SER A 250 30.86 15.25 -11.21
C SER A 250 30.96 13.89 -10.56
N GLY A 251 31.89 13.04 -11.01
CA GLY A 251 32.20 11.83 -10.29
C GLY A 251 33.20 12.11 -9.19
N ARG A 252 32.72 12.72 -8.10
CA ARG A 252 33.62 13.28 -7.11
C ARG A 252 32.89 13.40 -5.79
N PRO A 253 33.53 13.09 -4.66
CA PRO A 253 32.82 13.19 -3.38
C PRO A 253 32.44 14.61 -3.00
N GLU A 254 33.07 15.62 -3.60
CA GLU A 254 32.76 17.01 -3.28
C GLU A 254 31.48 17.50 -3.92
N THR A 255 30.91 16.75 -4.86
CA THR A 255 29.68 17.16 -5.52
C THR A 255 28.44 16.70 -4.76
N TYR A 256 28.61 16.13 -3.58
CA TYR A 256 27.48 15.74 -2.73
C TYR A 256 27.32 16.67 -1.55
N ILE A 257 27.85 17.90 -1.64
CA ILE A 257 27.69 18.95 -0.64
C ILE A 257 26.92 20.09 -1.29
N TRP A 258 25.89 20.59 -0.60
CA TRP A 258 25.08 21.69 -1.12
C TRP A 258 25.88 22.98 -1.27
N ARG A 259 26.21 23.36 -2.50
CA ARG A 259 26.83 24.66 -2.77
C ARG A 259 26.05 25.51 -3.75
N TYR A 260 25.24 24.91 -4.62
CA TYR A 260 24.29 25.60 -5.47
C TYR A 260 22.97 24.86 -5.38
N LEU A 261 21.90 25.58 -5.13
CA LEU A 261 20.57 24.98 -5.18
C LEU A 261 19.92 25.31 -6.51
N PRO A 262 19.56 24.33 -7.33
CA PRO A 262 18.80 24.65 -8.55
C PRO A 262 17.41 25.14 -8.19
N ALA A 263 16.96 26.18 -8.88
CA ALA A 263 15.64 26.74 -8.65
C ALA A 263 14.64 26.05 -9.57
N PRO A 264 13.65 25.34 -9.04
CA PRO A 264 12.79 24.51 -9.89
C PRO A 264 11.95 25.37 -10.82
N PRO A 265 11.48 24.81 -11.94
CA PRO A 265 10.56 25.54 -12.79
C PRO A 265 9.27 25.87 -12.05
N VAL A 266 8.61 26.95 -12.49
CA VAL A 266 7.34 27.32 -11.87
C VAL A 266 6.25 26.33 -12.21
N CYS A 267 6.44 25.50 -13.25
CA CYS A 267 5.51 24.41 -13.51
C CYS A 267 5.39 23.49 -12.30
N ILE A 268 6.52 23.15 -11.69
CA ILE A 268 6.53 22.25 -10.54
C ILE A 268 5.86 22.89 -9.34
N ARG A 269 5.94 24.22 -9.19
CA ARG A 269 5.35 24.93 -8.05
C ARG A 269 4.47 26.07 -8.55
N PRO A 270 3.29 25.77 -9.07
CA PRO A 270 2.44 26.83 -9.62
C PRO A 270 1.72 27.61 -8.53
N SER A 271 1.34 28.84 -8.88
CA SER A 271 0.60 29.71 -7.98
C SER A 271 -0.89 29.55 -8.22
N VAL A 272 -1.62 29.14 -7.18
CA VAL A 272 -3.04 28.84 -7.30
C VAL A 272 -3.85 30.12 -7.22
N MET A 273 -5.14 30.03 -7.55
CA MET A 273 -6.05 31.17 -7.47
C MET A 273 -6.64 31.30 -6.08
N SER A 280 -3.63 35.73 -4.62
CA SER A 280 -3.33 34.33 -4.90
C SER A 280 -2.60 33.68 -3.74
N ASN A 281 -2.27 32.40 -3.90
CA ASN A 281 -1.56 31.65 -2.88
C ASN A 281 -0.34 30.97 -3.52
N GLU A 282 0.79 31.05 -2.83
CA GLU A 282 2.01 30.40 -3.26
C GLU A 282 2.04 28.99 -2.68
N ASP A 283 3.17 28.31 -2.78
CA ASP A 283 3.31 26.99 -2.19
C ASP A 283 4.61 26.87 -1.41
N ASP A 284 4.73 25.73 -0.73
CA ASP A 284 5.75 25.56 0.29
C ASP A 284 7.15 25.63 -0.31
N LEU A 285 7.35 25.07 -1.50
CA LEU A 285 8.68 25.11 -2.09
C LEU A 285 9.13 26.55 -2.33
N THR A 286 8.24 27.37 -2.89
CA THR A 286 8.59 28.78 -3.14
C THR A 286 8.84 29.52 -1.84
N VAL A 287 7.98 29.32 -0.84
CA VAL A 287 8.17 29.98 0.45
C VAL A 287 9.52 29.58 1.05
N LYS A 288 9.83 28.30 1.02
CA LYS A 288 11.07 27.80 1.61
C LYS A 288 12.28 28.36 0.88
N LEU A 289 12.21 28.49 -0.44
CA LEU A 289 13.39 29.03 -1.11
C LEU A 289 13.53 30.54 -0.90
N THR A 290 12.42 31.26 -0.68
CA THR A 290 12.57 32.65 -0.26
C THR A 290 13.26 32.73 1.10
N GLU A 291 12.90 31.83 2.03
CA GLU A 291 13.59 31.80 3.32
C GLU A 291 15.07 31.46 3.15
N ILE A 292 15.38 30.59 2.19
CA ILE A 292 16.77 30.24 1.92
C ILE A 292 17.54 31.48 1.47
N VAL A 293 16.98 32.23 0.53
CA VAL A 293 17.63 33.45 0.07
C VAL A 293 17.79 34.43 1.22
N TRP A 294 16.78 34.52 2.09
CA TRP A 294 16.85 35.43 3.23
C TRP A 294 18.02 35.11 4.15
N THR A 295 18.12 33.85 4.60
CA THR A 295 19.19 33.51 5.53
C THR A 295 20.55 33.55 4.86
N SER A 296 20.65 33.18 3.58
CA SER A 296 21.93 33.28 2.89
C SER A 296 22.39 34.73 2.78
N SER A 297 21.47 35.65 2.46
CA SER A 297 21.83 37.06 2.39
C SER A 297 22.24 37.58 3.75
N LEU A 298 21.56 37.14 4.81
CA LEU A 298 21.95 37.53 6.16
C LEU A 298 23.36 37.09 6.47
N ILE A 299 23.70 35.84 6.12
CA ILE A 299 25.04 35.33 6.36
C ILE A 299 26.06 36.15 5.59
N LYS A 300 25.79 36.40 4.31
CA LYS A 300 26.77 37.11 3.48
C LYS A 300 27.00 38.53 3.99
N ALA A 301 25.93 39.24 4.33
CA ALA A 301 26.11 40.61 4.83
C ALA A 301 26.81 40.63 6.18
N GLY A 302 26.47 39.69 7.07
CA GLY A 302 27.07 39.69 8.38
C GLY A 302 28.52 39.27 8.42
N LEU A 303 28.96 38.47 7.43
CA LEU A 303 30.33 37.97 7.44
C LEU A 303 31.34 39.11 7.34
N ASP A 304 31.07 40.10 6.49
CA ASP A 304 31.97 41.22 6.33
C ASP A 304 31.81 42.30 7.40
N LYS A 305 30.73 42.25 8.18
CA LYS A 305 30.52 43.21 9.26
C LYS A 305 31.15 42.76 10.56
N GLY A 306 31.74 41.56 10.59
CA GLY A 306 32.34 41.06 11.81
C GLY A 306 31.35 40.82 12.92
N ILE A 307 30.21 40.21 12.60
CA ILE A 307 29.20 39.89 13.60
C ILE A 307 29.72 38.74 14.46
N SER A 308 29.06 38.51 15.60
CA SER A 308 29.56 37.57 16.59
C SER A 308 29.70 36.16 16.01
N ILE A 309 30.86 35.55 16.21
CA ILE A 309 31.10 34.20 15.73
C ILE A 309 30.12 33.23 16.38
N ASN A 310 29.80 33.45 17.65
CA ASN A 310 28.74 32.69 18.29
C ASN A 310 27.39 32.95 17.61
N ASN A 311 27.14 34.20 17.21
CA ASN A 311 25.88 34.51 16.53
C ASN A 311 25.85 33.95 15.12
N MET A 312 27.00 33.96 14.43
CA MET A 312 27.02 33.58 13.02
C MET A 312 26.88 32.08 12.84
N MET A 313 27.53 31.30 13.70
CA MET A 313 27.36 29.85 13.64
C MET A 313 25.96 29.41 13.97
N GLU A 314 25.22 30.20 14.76
CA GLU A 314 23.83 29.85 15.04
C GLU A 314 22.94 30.05 13.82
N HIS A 315 23.26 31.02 12.97
CA HIS A 315 22.51 31.20 11.72
C HIS A 315 22.90 30.15 10.69
N TRP A 316 24.19 29.79 10.63
CA TRP A 316 24.65 28.79 9.69
C TRP A 316 24.00 27.44 9.97
N ASP A 317 23.85 27.09 11.25
CA ASP A 317 23.11 25.89 11.60
C ASP A 317 21.65 26.01 11.19
N TYR A 318 21.10 27.23 11.19
CA TYR A 318 19.70 27.41 10.83
C TYR A 318 19.49 27.24 9.33
N LEU A 319 20.43 27.71 8.52
CA LEU A 319 20.35 27.50 7.08
C LEU A 319 20.45 26.01 6.74
N GLN A 320 21.15 25.24 7.55
CA GLN A 320 21.23 23.81 7.34
C GLN A 320 19.86 23.16 7.46
N LEU A 321 19.16 23.41 8.56
CA LEU A 321 17.85 22.84 8.78
C LEU A 321 16.81 23.40 7.80
N THR A 322 17.05 24.57 7.23
CA THR A 322 16.11 25.13 6.26
C THR A 322 16.17 24.38 4.94
N VAL A 323 17.37 24.15 4.42
CA VAL A 323 17.49 23.37 3.19
C VAL A 323 17.22 21.91 3.46
N ALA A 324 17.37 21.46 4.70
CA ALA A 324 17.06 20.07 5.04
C ALA A 324 15.56 19.83 5.04
N MET A 325 14.77 20.80 5.46
CA MET A 325 13.32 20.66 5.50
C MET A 325 12.67 20.96 4.15
N TYR A 326 13.42 21.54 3.21
CA TYR A 326 12.93 21.75 1.85
C TYR A 326 13.15 20.53 0.97
N ILE A 327 13.98 19.58 1.41
CA ILE A 327 14.23 18.37 0.66
C ILE A 327 13.42 17.24 1.28
N ASN A 328 13.24 17.27 2.60
CA ASN A 328 12.45 16.26 3.28
C ASN A 328 12.02 16.80 4.63
N SER A 329 10.74 16.70 4.93
CA SER A 329 10.22 17.11 6.24
C SER A 329 10.52 16.01 7.25
N ASP A 330 11.56 16.22 8.05
CA ASP A 330 11.96 15.23 9.05
C ASP A 330 12.39 15.86 10.37
N SER A 331 12.23 17.16 10.55
CA SER A 331 12.56 17.83 11.81
C SER A 331 11.42 17.61 12.79
N VAL A 332 11.48 16.49 13.51
CA VAL A 332 10.36 16.08 14.36
C VAL A 332 10.10 17.13 15.44
N ASN A 333 11.16 17.79 15.89
CA ASN A 333 11.04 18.89 16.84
C ASN A 333 11.24 20.21 16.10
N PRO A 334 10.17 20.82 15.60
CA PRO A 334 10.30 22.11 14.90
C PRO A 334 10.42 23.30 15.84
N ALA A 335 10.44 23.06 17.16
CA ALA A 335 10.55 24.14 18.13
C ALA A 335 11.86 24.91 17.98
N MET A 336 12.87 24.30 17.35
CA MET A 336 14.09 25.03 17.06
C MET A 336 13.82 26.20 16.13
N LEU A 337 12.88 26.04 15.20
CA LEU A 337 12.48 27.15 14.36
C LEU A 337 11.72 28.17 15.19
N PRO A 338 12.18 29.42 15.31
CA PRO A 338 11.43 30.40 16.11
C PRO A 338 10.04 30.67 15.58
N GLY A 339 9.87 30.64 14.25
CA GLY A 339 8.54 30.85 13.69
C GLY A 339 7.56 29.76 14.07
N SER A 340 8.03 28.52 14.18
CA SER A 340 7.17 27.40 14.56
C SER A 340 7.22 27.15 16.07
N LYS A 348 4.48 19.00 11.85
CA LYS A 348 5.29 18.93 10.64
C LYS A 348 4.45 18.47 9.44
N PRO A 349 3.53 19.32 8.99
CA PRO A 349 2.67 18.98 7.84
C PRO A 349 3.13 19.53 6.49
N ILE A 350 4.34 20.09 6.40
CA ILE A 350 4.78 20.75 5.17
C ILE A 350 5.12 19.70 4.11
N ARG A 351 4.91 20.06 2.85
CA ARG A 351 5.06 19.14 1.73
C ARG A 351 6.38 19.43 1.02
N GLY A 352 7.43 18.71 1.42
CA GLY A 352 8.72 18.83 0.79
C GLY A 352 8.81 17.98 -0.46
N PHE A 353 10.01 17.98 -1.05
CA PHE A 353 10.23 17.18 -2.26
C PHE A 353 10.03 15.71 -1.98
N CYS A 354 10.52 15.23 -0.84
CA CYS A 354 10.39 13.83 -0.50
C CYS A 354 8.93 13.44 -0.35
N GLN A 355 8.13 14.33 0.24
CA GLN A 355 6.71 14.07 0.44
C GLN A 355 5.93 14.06 -0.87
N ARG A 356 6.50 14.60 -1.94
CA ARG A 356 5.85 14.60 -3.24
C ARG A 356 6.10 13.32 -4.03
N LEU A 357 6.80 12.35 -3.45
CA LEU A 357 7.10 11.11 -4.13
C LEU A 357 6.69 9.85 -3.37
N LYS A 358 6.28 9.96 -2.11
CA LYS A 358 6.07 8.79 -1.27
C LYS A 358 4.59 8.59 -0.98
N GLY A 359 4.30 7.47 -0.33
CA GLY A 359 2.97 7.19 0.13
C GLY A 359 2.11 6.52 -0.92
N LYS A 360 0.85 6.28 -0.53
CA LYS A 360 -0.09 5.67 -1.45
C LYS A 360 -0.51 6.64 -2.55
N GLN A 361 -0.45 7.95 -2.28
CA GLN A 361 -0.92 8.97 -3.21
C GLN A 361 0.21 9.86 -3.71
N GLY A 362 1.42 9.34 -3.79
CA GLY A 362 2.55 10.06 -4.31
C GLY A 362 2.67 9.94 -5.81
N ARG A 363 3.86 10.26 -6.32
CA ARG A 363 4.07 10.20 -7.76
C ARG A 363 4.04 8.77 -8.26
N PHE A 364 4.79 7.87 -7.63
CA PHE A 364 4.96 6.53 -8.16
C PHE A 364 3.66 5.73 -8.07
N ARG A 365 3.03 5.73 -6.90
CA ARG A 365 1.84 4.94 -6.68
C ARG A 365 0.56 5.70 -6.94
N GLY A 366 0.66 6.94 -7.43
CA GLY A 366 -0.54 7.71 -7.71
C GLY A 366 -0.62 8.25 -9.13
N ASN A 367 0.51 8.44 -9.79
CA ASN A 367 0.52 9.11 -11.08
C ASN A 367 1.39 8.43 -12.12
N LEU A 368 2.23 7.48 -11.77
CA LEU A 368 3.10 6.80 -12.73
C LEU A 368 2.70 5.35 -12.96
N SER A 369 2.58 4.57 -11.90
CA SER A 369 2.07 3.20 -12.00
C SER A 369 0.60 3.18 -11.58
N GLY A 370 -0.25 3.69 -12.47
CA GLY A 370 -1.64 3.88 -12.16
C GLY A 370 -2.04 5.34 -12.30
N LYS A 371 -3.05 5.60 -13.12
CA LYS A 371 -3.39 6.95 -13.52
C LYS A 371 -4.90 7.09 -13.52
N ARG A 372 -5.39 8.15 -14.14
CA ARG A 372 -6.80 8.32 -14.44
C ARG A 372 -6.92 8.52 -15.94
N VAL A 373 -7.91 7.88 -16.54
CA VAL A 373 -7.94 7.72 -17.99
C VAL A 373 -9.17 8.40 -18.56
N ASP A 374 -9.06 8.79 -19.83
CA ASP A 374 -10.17 9.32 -20.59
C ASP A 374 -11.01 8.19 -21.17
N PHE A 375 -12.22 8.55 -21.61
CA PHE A 375 -13.14 7.62 -22.24
C PHE A 375 -13.48 6.45 -21.32
N SER A 376 -14.13 6.79 -20.21
CA SER A 376 -14.52 5.80 -19.23
C SER A 376 -15.79 6.25 -18.54
N GLY A 377 -16.51 5.29 -17.96
CA GLY A 377 -17.75 5.59 -17.28
C GLY A 377 -17.99 4.63 -16.14
N ARG A 378 -19.06 4.88 -15.40
CA ARG A 378 -19.35 4.11 -14.20
C ARG A 378 -20.81 4.28 -13.84
N THR A 379 -21.56 3.18 -13.75
CA THR A 379 -22.94 3.22 -13.29
C THR A 379 -23.32 1.86 -12.73
N VAL A 380 -24.48 1.82 -12.08
CA VAL A 380 -25.00 0.59 -11.49
C VAL A 380 -25.20 -0.48 -12.57
N ILE A 381 -25.18 -1.74 -12.15
CA ILE A 381 -25.34 -2.86 -13.07
C ILE A 381 -26.67 -3.54 -12.81
N SER A 382 -27.22 -4.14 -13.87
CA SER A 382 -28.46 -4.88 -13.84
C SER A 382 -28.31 -6.12 -14.71
N PRO A 383 -29.13 -7.15 -14.49
CA PRO A 383 -29.00 -8.39 -15.27
C PRO A 383 -29.70 -8.32 -16.61
N ASP A 384 -29.33 -9.24 -17.50
CA ASP A 384 -30.01 -9.39 -18.77
C ASP A 384 -29.83 -10.79 -19.36
N PRO A 385 -30.78 -11.69 -19.13
CA PRO A 385 -30.66 -13.05 -19.71
C PRO A 385 -30.56 -13.08 -21.21
N ASN A 386 -31.29 -12.24 -21.92
CA ASN A 386 -31.28 -12.26 -23.38
C ASN A 386 -30.03 -11.65 -23.96
N LEU A 387 -29.29 -10.91 -23.15
CA LEU A 387 -27.94 -10.50 -23.51
C LEU A 387 -27.08 -11.75 -23.59
N SER A 388 -26.49 -12.00 -24.74
CA SER A 388 -25.51 -13.06 -24.84
C SER A 388 -24.39 -12.81 -23.85
N ILE A 389 -23.84 -13.88 -23.28
CA ILE A 389 -22.52 -13.75 -22.69
C ILE A 389 -21.63 -13.25 -23.81
N ASP A 390 -20.53 -12.59 -23.46
CA ASP A 390 -19.60 -11.94 -24.39
C ASP A 390 -20.15 -10.57 -24.76
N GLU A 391 -21.34 -10.20 -24.29
CA GLU A 391 -21.89 -8.89 -24.62
C GLU A 391 -22.25 -8.13 -23.35
N VAL A 392 -22.12 -6.81 -23.43
CA VAL A 392 -22.52 -5.89 -22.38
C VAL A 392 -23.45 -4.86 -22.99
N ALA A 393 -24.43 -4.41 -22.22
CA ALA A 393 -25.41 -3.46 -22.71
C ALA A 393 -25.10 -2.07 -22.16
N VAL A 394 -24.86 -1.13 -23.06
CA VAL A 394 -24.45 0.23 -22.71
C VAL A 394 -25.65 1.16 -22.87
N PRO A 395 -25.89 2.07 -21.92
CA PRO A 395 -26.94 3.06 -22.12
C PRO A 395 -26.66 3.98 -23.30
N ASP A 396 -27.73 4.44 -23.95
CA ASP A 396 -27.59 5.37 -25.05
C ASP A 396 -27.01 6.69 -24.58
N ARG A 397 -27.38 7.13 -23.38
CA ARG A 397 -26.91 8.40 -22.85
C ARG A 397 -25.39 8.40 -22.68
N VAL A 398 -24.81 7.31 -22.19
CA VAL A 398 -23.36 7.24 -22.10
C VAL A 398 -22.72 6.78 -23.40
N ALA A 399 -23.49 6.17 -24.31
CA ALA A 399 -22.95 5.79 -25.61
C ALA A 399 -22.84 6.98 -26.54
N LYS A 400 -23.54 8.07 -26.26
CA LYS A 400 -23.44 9.29 -27.06
C LYS A 400 -22.29 10.19 -26.64
N VAL A 401 -21.63 9.91 -25.52
CA VAL A 401 -20.46 10.70 -25.11
C VAL A 401 -19.16 9.93 -25.24
N LEU A 402 -19.19 8.60 -25.30
CA LEU A 402 -17.98 7.78 -25.32
C LEU A 402 -17.65 7.39 -26.75
N THR A 403 -17.13 8.35 -27.49
CA THR A 403 -16.90 8.13 -28.92
C THR A 403 -15.72 7.19 -29.14
N TYR A 404 -15.63 6.69 -30.38
CA TYR A 404 -14.47 5.95 -30.85
C TYR A 404 -14.02 6.62 -32.14
N PRO A 405 -12.74 6.98 -32.26
CA PRO A 405 -12.27 7.70 -33.45
C PRO A 405 -11.98 6.77 -34.61
N GLU A 406 -12.84 6.82 -35.63
CA GLU A 406 -12.73 5.96 -36.80
C GLU A 406 -12.13 6.76 -37.95
N LYS A 407 -11.02 6.26 -38.49
CA LYS A 407 -10.36 6.92 -39.61
C LYS A 407 -11.04 6.55 -40.92
N VAL A 408 -11.18 7.55 -41.80
CA VAL A 408 -11.80 7.32 -43.11
C VAL A 408 -10.86 6.49 -43.95
N THR A 409 -11.34 5.36 -44.48
CA THR A 409 -10.43 4.39 -45.07
C THR A 409 -11.00 3.67 -46.30
N ARG A 410 -11.83 4.35 -47.10
CA ARG A 410 -12.26 3.83 -48.40
C ARG A 410 -13.25 2.66 -48.26
N TYR A 411 -13.42 2.15 -47.05
CA TYR A 411 -14.39 1.10 -46.79
C TYR A 411 -15.53 1.56 -45.90
N ASN A 412 -15.42 2.74 -45.30
CA ASN A 412 -16.42 3.22 -44.36
C ASN A 412 -16.79 4.68 -44.62
N ARG A 413 -16.45 5.20 -45.80
CA ARG A 413 -16.69 6.61 -46.07
C ARG A 413 -18.18 6.94 -46.05
N HIS A 414 -19.00 6.07 -46.65
CA HIS A 414 -20.44 6.34 -46.70
C HIS A 414 -21.06 6.31 -45.31
N LYS A 415 -20.74 5.29 -44.52
CA LYS A 415 -21.27 5.23 -43.16
C LYS A 415 -20.76 6.40 -42.32
N LEU A 416 -19.54 6.85 -42.57
CA LEU A 416 -19.00 7.94 -41.78
C LEU A 416 -19.68 9.26 -42.12
N GLN A 417 -19.95 9.52 -43.41
CA GLN A 417 -20.67 10.75 -43.72
C GLN A 417 -22.12 10.68 -43.28
N GLU A 418 -22.73 9.49 -43.28
CA GLU A 418 -24.06 9.38 -42.69
C GLU A 418 -24.04 9.70 -41.20
N LEU A 419 -23.00 9.25 -40.50
CA LEU A 419 -22.88 9.60 -39.08
C LEU A 419 -22.67 11.10 -38.90
N ILE A 420 -21.87 11.72 -39.77
CA ILE A 420 -21.66 13.17 -39.70
C ILE A 420 -22.96 13.91 -39.92
N VAL A 421 -23.77 13.47 -40.89
CA VAL A 421 -25.06 14.09 -41.15
C VAL A 421 -25.98 13.93 -39.94
N ASN A 422 -25.99 12.74 -39.35
CA ASN A 422 -26.83 12.53 -38.17
C ASN A 422 -26.45 13.46 -37.03
N GLY A 423 -25.15 13.61 -36.79
CA GLY A 423 -24.67 14.60 -35.84
C GLY A 423 -24.89 14.21 -34.40
N PRO A 424 -24.29 14.92 -33.41
CA PRO A 424 -24.35 14.49 -32.01
C PRO A 424 -25.75 14.32 -31.41
N ASN A 425 -26.77 14.92 -32.02
CA ASN A 425 -28.14 14.85 -31.45
C ASN A 425 -28.66 13.42 -31.45
N VAL A 426 -28.47 12.69 -32.57
CA VAL A 426 -29.01 11.29 -32.68
C VAL A 426 -27.94 10.29 -32.25
N HIS A 427 -28.37 9.11 -31.77
CA HIS A 427 -27.39 8.10 -31.26
C HIS A 427 -26.49 7.57 -32.39
N PRO A 428 -27.00 7.16 -33.57
CA PRO A 428 -26.11 6.75 -34.65
C PRO A 428 -25.50 7.99 -35.31
N GLY A 429 -24.62 8.71 -34.60
CA GLY A 429 -24.02 9.95 -35.14
C GLY A 429 -22.58 10.15 -34.68
N ALA A 430 -22.04 11.35 -34.88
CA ALA A 430 -20.63 11.65 -34.50
C ALA A 430 -20.58 12.95 -33.70
N ASN A 431 -19.43 13.26 -33.08
CA ASN A 431 -19.31 14.44 -32.23
C ASN A 431 -18.24 15.42 -32.67
N TYR A 432 -17.11 14.93 -33.19
CA TYR A 432 -16.02 15.78 -33.59
C TYR A 432 -15.51 15.35 -34.96
N LEU A 433 -14.82 16.26 -35.63
CA LEU A 433 -14.18 15.99 -36.91
C LEU A 433 -12.76 16.54 -36.86
N LEU A 434 -11.83 15.78 -37.41
CA LEU A 434 -10.41 16.16 -37.38
C LEU A 434 -9.82 15.89 -38.75
N LYS A 435 -9.54 16.94 -39.50
CA LYS A 435 -9.03 16.80 -40.85
C LYS A 435 -7.56 16.37 -40.82
N ARG A 436 -7.05 15.99 -41.99
CA ARG A 436 -5.66 15.53 -42.08
C ARG A 436 -4.69 16.67 -41.80
N ASN A 437 -4.74 17.72 -42.63
CA ASN A 437 -3.75 18.80 -42.52
C ASN A 437 -3.99 19.65 -41.29
N GLU A 438 -5.24 19.81 -40.87
CA GLU A 438 -5.53 20.66 -39.73
C GLU A 438 -5.09 19.99 -38.43
N ASP A 439 -5.17 20.76 -37.35
CA ASP A 439 -4.69 20.34 -36.03
C ASP A 439 -5.81 20.18 -35.01
N ALA A 440 -6.62 21.21 -34.82
CA ALA A 440 -7.67 21.15 -33.82
C ALA A 440 -8.86 20.36 -34.35
N ARG A 441 -9.64 19.80 -33.42
CA ARG A 441 -10.85 19.08 -33.78
C ARG A 441 -11.99 20.05 -33.99
N ARG A 442 -12.74 19.85 -35.06
CA ARG A 442 -13.91 20.68 -35.36
C ARG A 442 -15.12 20.10 -34.63
N ASN A 443 -15.64 20.85 -33.67
CA ASN A 443 -16.87 20.45 -32.98
C ASN A 443 -18.01 20.38 -33.98
N LEU A 444 -18.81 19.31 -33.90
CA LEU A 444 -19.90 19.11 -34.83
C LEU A 444 -21.23 19.62 -34.30
N ARG A 445 -21.25 20.26 -33.14
CA ARG A 445 -22.48 20.87 -32.65
C ARG A 445 -22.90 22.08 -33.45
N TYR A 446 -22.03 22.60 -34.33
CA TYR A 446 -22.35 23.76 -35.12
C TYR A 446 -21.51 23.76 -36.39
N GLY A 447 -22.09 24.24 -37.49
CA GLY A 447 -21.31 24.42 -38.70
C GLY A 447 -21.84 23.79 -39.98
N ASP A 448 -23.12 23.45 -40.02
CA ASP A 448 -23.76 22.90 -41.23
C ASP A 448 -23.03 21.63 -41.68
N ARG A 449 -23.16 20.59 -40.86
CA ARG A 449 -22.49 19.32 -41.10
C ARG A 449 -22.85 18.68 -42.43
N MET A 450 -23.83 19.23 -43.15
CA MET A 450 -24.20 18.66 -44.45
C MET A 450 -23.06 18.81 -45.45
N LYS A 451 -22.39 19.96 -45.48
CA LYS A 451 -21.30 20.15 -46.42
C LYS A 451 -20.01 19.50 -45.94
N LEU A 452 -19.81 19.41 -44.61
CA LEU A 452 -18.66 18.68 -44.09
C LEU A 452 -18.70 17.22 -44.52
N ALA A 453 -19.89 16.61 -44.47
CA ALA A 453 -20.03 15.23 -44.90
C ALA A 453 -19.71 15.06 -46.38
N LYS A 454 -19.98 16.08 -47.19
CA LYS A 454 -19.61 16.00 -48.60
C LYS A 454 -18.12 16.17 -48.81
N ASN A 455 -17.49 17.06 -48.05
CA ASN A 455 -16.07 17.35 -48.22
C ASN A 455 -15.18 16.41 -47.42
N LEU A 456 -15.75 15.42 -46.73
CA LEU A 456 -14.97 14.42 -46.03
C LEU A 456 -14.01 13.72 -46.97
N GLN A 457 -12.73 13.69 -46.61
CA GLN A 457 -11.70 13.08 -47.42
C GLN A 457 -11.27 11.75 -46.81
N ILE A 458 -10.32 11.08 -47.46
CA ILE A 458 -10.06 9.67 -47.21
C ILE A 458 -8.96 9.46 -46.18
N GLY A 459 -8.67 10.49 -45.39
CA GLY A 459 -7.68 10.33 -44.34
C GLY A 459 -8.06 10.95 -43.02
N ASP A 460 -9.26 11.51 -42.93
CA ASP A 460 -9.70 12.19 -41.73
C ASP A 460 -10.08 11.18 -40.66
N VAL A 461 -10.32 11.69 -39.45
CA VAL A 461 -10.74 10.89 -38.31
C VAL A 461 -12.06 11.42 -37.79
N VAL A 462 -13.05 10.54 -37.68
CA VAL A 462 -14.37 10.88 -37.19
C VAL A 462 -14.54 10.26 -35.82
N GLU A 463 -14.93 11.06 -34.84
CA GLU A 463 -15.19 10.58 -33.49
C GLU A 463 -16.68 10.30 -33.35
N ARG A 464 -17.06 9.04 -33.52
CA ARG A 464 -18.46 8.64 -33.61
C ARG A 464 -18.92 7.98 -32.33
N HIS A 465 -20.22 8.03 -32.08
CA HIS A 465 -20.78 7.45 -30.87
C HIS A 465 -20.53 5.94 -30.82
N LEU A 466 -20.59 5.40 -29.61
CA LEU A 466 -20.40 3.97 -29.40
C LEU A 466 -21.58 3.19 -29.98
N GLU A 467 -21.28 2.21 -30.82
CA GLU A 467 -22.30 1.48 -31.55
C GLU A 467 -22.31 0.01 -31.11
N ASP A 468 -23.24 -0.76 -31.69
CA ASP A 468 -23.30 -2.19 -31.43
C ASP A 468 -22.08 -2.88 -32.03
N GLY A 469 -21.42 -3.70 -31.23
CA GLY A 469 -20.26 -4.45 -31.67
C GLY A 469 -18.92 -3.85 -31.28
N ASP A 470 -18.90 -2.64 -30.73
CA ASP A 470 -17.64 -2.02 -30.34
C ASP A 470 -17.05 -2.74 -29.14
N VAL A 471 -15.74 -2.95 -29.18
CA VAL A 471 -15.03 -3.65 -28.12
C VAL A 471 -14.82 -2.70 -26.95
N VAL A 472 -15.19 -3.12 -25.75
CA VAL A 472 -14.96 -2.34 -24.55
C VAL A 472 -14.41 -3.25 -23.46
N LEU A 473 -13.78 -2.64 -22.45
CA LEU A 473 -13.38 -3.33 -21.26
C LEU A 473 -14.37 -3.08 -20.15
N PHE A 474 -14.52 -4.07 -19.27
CA PHE A 474 -15.49 -4.02 -18.19
C PHE A 474 -14.80 -4.51 -16.93
N ASN A 475 -15.10 -3.89 -15.80
CA ASN A 475 -14.24 -4.06 -14.63
C ASN A 475 -15.04 -3.90 -13.36
N ARG A 476 -14.69 -4.68 -12.34
CA ARG A 476 -15.21 -4.50 -11.00
C ARG A 476 -14.05 -4.39 -10.01
N GLN A 477 -14.29 -3.67 -8.93
CA GLN A 477 -13.28 -3.48 -7.89
C GLN A 477 -13.71 -4.16 -6.60
N PRO A 478 -12.76 -4.72 -5.82
CA PRO A 478 -11.31 -4.81 -6.05
C PRO A 478 -10.92 -5.89 -7.06
N SER A 479 -9.75 -5.74 -7.68
CA SER A 479 -9.32 -6.60 -8.77
C SER A 479 -8.35 -7.65 -8.22
N LEU A 480 -8.92 -8.75 -7.72
CA LEU A 480 -8.11 -9.76 -7.04
C LEU A 480 -7.34 -10.61 -8.03
N HIS A 481 -8.05 -11.26 -8.94
CA HIS A 481 -7.43 -12.06 -9.99
C HIS A 481 -7.68 -11.42 -11.35
N ARG A 482 -7.05 -11.99 -12.37
CA ARG A 482 -7.07 -11.36 -13.69
C ARG A 482 -8.44 -11.38 -14.34
N LEU A 483 -9.35 -12.24 -13.89
CA LEU A 483 -10.70 -12.26 -14.43
C LEU A 483 -11.60 -11.19 -13.83
N SER A 484 -11.02 -10.21 -13.14
CA SER A 484 -11.77 -9.05 -12.69
C SER A 484 -12.01 -8.03 -13.78
N ILE A 485 -11.32 -8.14 -14.91
CA ILE A 485 -11.51 -7.26 -16.05
C ILE A 485 -11.60 -8.11 -17.31
N LEU A 486 -12.69 -7.98 -18.04
CA LEU A 486 -12.91 -8.76 -19.25
C LEU A 486 -13.38 -7.85 -20.37
N SER A 487 -13.12 -8.26 -21.60
CA SER A 487 -13.49 -7.49 -22.78
C SER A 487 -14.80 -8.03 -23.34
N HIS A 488 -15.76 -7.14 -23.54
CA HIS A 488 -17.10 -7.48 -24.00
C HIS A 488 -17.37 -6.87 -25.37
N TYR A 489 -18.59 -7.05 -25.86
CA TYR A 489 -19.10 -6.39 -27.05
C TYR A 489 -20.24 -5.47 -26.64
N ALA A 490 -20.27 -4.27 -27.22
CA ALA A 490 -21.24 -3.26 -26.82
C ALA A 490 -22.62 -3.55 -27.40
N LYS A 491 -23.64 -3.06 -26.70
CA LYS A 491 -25.03 -3.24 -27.10
C LYS A 491 -25.84 -2.08 -26.54
N ILE A 492 -26.25 -1.16 -27.40
CA ILE A 492 -26.89 0.08 -26.96
C ILE A 492 -28.34 -0.21 -26.57
N ARG A 493 -28.76 0.34 -25.43
CA ARG A 493 -30.03 0.00 -24.83
C ARG A 493 -30.68 1.22 -24.19
N PRO A 494 -32.00 1.21 -24.00
CA PRO A 494 -32.73 2.42 -23.64
C PRO A 494 -32.63 2.89 -22.19
N TRP A 495 -32.12 2.10 -21.26
CA TRP A 495 -32.13 2.49 -19.85
C TRP A 495 -30.79 3.07 -19.43
N ARG A 496 -30.55 3.15 -18.12
CA ARG A 496 -29.37 3.83 -17.59
C ARG A 496 -28.30 2.92 -17.00
N THR A 497 -28.57 1.64 -16.77
CA THR A 497 -27.61 0.78 -16.10
C THR A 497 -26.70 0.08 -17.11
N PHE A 498 -25.68 -0.58 -16.60
CA PHE A 498 -24.89 -1.52 -17.39
C PHE A 498 -25.50 -2.91 -17.20
N ARG A 499 -25.70 -3.62 -18.30
CA ARG A 499 -26.33 -4.92 -18.26
C ARG A 499 -25.33 -5.99 -18.68
N LEU A 500 -25.39 -7.15 -18.02
CA LEU A 500 -24.56 -8.29 -18.38
C LEU A 500 -25.33 -9.56 -18.10
N ASN A 501 -24.97 -10.62 -18.83
CA ASN A 501 -25.58 -11.92 -18.60
C ASN A 501 -25.16 -12.49 -17.26
N GLU A 502 -26.12 -13.08 -16.54
CA GLU A 502 -25.86 -13.53 -15.18
C GLU A 502 -24.84 -14.66 -15.10
N CYS A 503 -24.50 -15.29 -16.22
CA CYS A 503 -23.48 -16.33 -16.22
C CYS A 503 -22.11 -15.76 -15.91
N VAL A 504 -21.81 -14.55 -16.40
CA VAL A 504 -20.48 -13.97 -16.26
C VAL A 504 -20.39 -13.11 -15.01
N CYS A 505 -21.30 -13.31 -14.07
CA CYS A 505 -21.20 -12.62 -12.79
C CYS A 505 -20.14 -13.22 -11.88
N THR A 506 -19.85 -14.51 -12.03
CA THR A 506 -18.90 -15.18 -11.15
C THR A 506 -17.48 -14.62 -11.24
N PRO A 507 -16.91 -14.35 -12.41
CA PRO A 507 -15.54 -13.80 -12.43
C PRO A 507 -15.43 -12.42 -11.79
N TYR A 508 -16.47 -11.60 -11.81
CA TYR A 508 -16.43 -10.28 -11.20
C TYR A 508 -16.79 -10.27 -9.74
N ASN A 509 -17.49 -11.32 -9.27
CA ASN A 509 -18.00 -11.34 -7.87
C ASN A 509 -19.07 -10.25 -7.74
N ALA A 510 -19.97 -10.14 -8.72
CA ALA A 510 -21.04 -9.10 -8.70
C ALA A 510 -22.36 -9.72 -8.22
N ASP A 511 -23.26 -8.92 -7.65
CA ASP A 511 -24.52 -9.49 -7.08
C ASP A 511 -25.71 -8.56 -7.26
N PHE A 512 -25.66 -7.60 -8.19
CA PHE A 512 -26.83 -6.73 -8.49
C PHE A 512 -27.56 -6.28 -7.21
N ASP A 513 -26.82 -5.83 -6.19
CA ASP A 513 -27.46 -5.29 -4.97
C ASP A 513 -27.08 -3.81 -4.83
N GLY A 514 -26.69 -3.19 -5.95
CA GLY A 514 -26.21 -1.78 -5.90
C GLY A 514 -24.78 -1.75 -6.41
N ASP A 515 -24.25 -2.90 -6.82
CA ASP A 515 -22.86 -2.99 -7.33
C ASP A 515 -22.67 -2.03 -8.51
N GLU A 516 -21.52 -1.38 -8.58
CA GLU A 516 -21.20 -0.48 -9.72
C GLU A 516 -19.96 -1.02 -10.43
N MET A 517 -19.85 -0.79 -11.74
CA MET A 517 -18.72 -1.27 -12.49
C MET A 517 -18.23 -0.17 -13.43
N ASN A 518 -16.99 -0.31 -13.88
CA ASN A 518 -16.33 0.70 -14.70
C ASN A 518 -16.19 0.19 -16.12
N LEU A 519 -16.30 1.10 -17.08
CA LEU A 519 -16.21 0.77 -18.49
C LEU A 519 -15.10 1.57 -19.12
N HIS A 520 -14.34 0.94 -20.01
CA HIS A 520 -13.23 1.59 -20.70
C HIS A 520 -13.36 1.32 -22.19
N VAL A 521 -13.11 2.34 -22.99
CA VAL A 521 -13.21 2.19 -24.45
C VAL A 521 -11.83 2.36 -25.07
N PRO A 522 -11.15 1.29 -25.44
CA PRO A 522 -9.83 1.42 -26.07
C PRO A 522 -9.90 2.23 -27.34
N GLN A 523 -8.89 3.08 -27.55
CA GLN A 523 -8.95 4.10 -28.58
C GLN A 523 -8.06 3.81 -29.78
N THR A 524 -7.47 2.62 -29.86
CA THR A 524 -6.60 2.28 -30.99
C THR A 524 -6.93 0.89 -31.50
N GLU A 525 -6.55 0.64 -32.76
CA GLU A 525 -6.81 -0.65 -33.37
C GLU A 525 -6.08 -1.77 -32.63
N GLU A 526 -4.82 -1.53 -32.26
CA GLU A 526 -4.03 -2.56 -31.59
C GLU A 526 -4.57 -2.84 -30.19
N ALA A 527 -4.91 -1.81 -29.44
CA ALA A 527 -5.48 -2.01 -28.12
C ALA A 527 -6.81 -2.75 -28.21
N ARG A 528 -7.64 -2.38 -29.20
CA ARG A 528 -8.92 -3.05 -29.42
C ARG A 528 -8.72 -4.54 -29.71
N ALA A 529 -7.81 -4.86 -30.63
CA ALA A 529 -7.63 -6.24 -31.03
C ALA A 529 -7.06 -7.08 -29.91
N GLU A 530 -6.07 -6.57 -29.18
CA GLU A 530 -5.55 -7.31 -28.04
C GLU A 530 -6.61 -7.51 -26.97
N ALA A 531 -7.40 -6.46 -26.70
CA ALA A 531 -8.46 -6.60 -25.71
C ALA A 531 -9.40 -7.74 -26.07
N ILE A 532 -9.91 -7.73 -27.30
CA ILE A 532 -10.93 -8.72 -27.65
C ILE A 532 -10.33 -10.11 -27.78
N ASN A 533 -9.08 -10.22 -28.25
CA ASN A 533 -8.51 -11.53 -28.53
C ASN A 533 -7.86 -12.17 -27.31
N LEU A 534 -7.55 -11.41 -26.27
CA LEU A 534 -6.93 -11.99 -25.08
C LEU A 534 -7.79 -11.92 -23.84
N MET A 535 -8.63 -10.90 -23.69
CA MET A 535 -9.47 -10.77 -22.51
C MET A 535 -10.94 -11.03 -22.81
N GLY A 536 -11.25 -11.53 -24.00
CA GLY A 536 -12.64 -11.78 -24.33
C GLY A 536 -13.24 -12.89 -23.49
N VAL A 537 -14.54 -12.78 -23.23
CA VAL A 537 -15.20 -13.71 -22.32
C VAL A 537 -15.10 -15.13 -22.83
N LYS A 538 -15.31 -15.34 -24.13
CA LYS A 538 -15.27 -16.68 -24.69
C LYS A 538 -13.89 -17.32 -24.51
N ASN A 539 -12.84 -16.50 -24.46
CA ASN A 539 -11.48 -17.00 -24.31
C ASN A 539 -11.03 -17.08 -22.85
N ASN A 540 -11.91 -16.78 -21.91
CA ASN A 540 -11.59 -16.81 -20.49
C ASN A 540 -12.69 -17.50 -19.71
N LEU A 541 -13.18 -18.62 -20.25
CA LEU A 541 -14.16 -19.42 -19.54
C LEU A 541 -13.56 -20.23 -18.40
N LEU A 542 -12.24 -20.41 -18.40
CA LEU A 542 -11.55 -21.24 -17.42
C LEU A 542 -10.61 -20.38 -16.59
N THR A 543 -10.69 -20.53 -15.27
CA THR A 543 -9.75 -19.85 -14.40
C THR A 543 -8.36 -20.47 -14.54
N PRO A 544 -7.30 -19.67 -14.47
CA PRO A 544 -5.95 -20.21 -14.62
C PRO A 544 -5.28 -20.66 -13.33
N LYS A 545 -5.94 -20.49 -12.18
CA LYS A 545 -5.40 -21.02 -10.93
C LYS A 545 -5.61 -22.52 -10.81
N SER A 546 -6.62 -23.08 -11.46
CA SER A 546 -6.85 -24.51 -11.41
C SER A 546 -7.12 -25.09 -12.78
N GLY A 547 -7.69 -24.29 -13.68
CA GLY A 547 -8.10 -24.77 -14.98
C GLY A 547 -9.54 -25.18 -15.08
N GLU A 548 -10.34 -24.95 -14.06
CA GLU A 548 -11.74 -25.29 -13.90
C GLU A 548 -12.64 -24.21 -14.46
N PRO A 549 -13.84 -24.59 -14.94
CA PRO A 549 -14.76 -23.58 -15.46
C PRO A 549 -15.15 -22.57 -14.38
N ILE A 550 -15.31 -21.32 -14.80
CA ILE A 550 -15.62 -20.23 -13.89
C ILE A 550 -16.86 -19.51 -14.38
N ILE A 551 -17.11 -19.56 -15.68
CA ILE A 551 -18.29 -18.97 -16.30
C ILE A 551 -19.25 -20.12 -16.62
N ALA A 552 -20.39 -20.14 -15.96
CA ALA A 552 -21.35 -21.23 -16.10
C ALA A 552 -22.69 -20.77 -15.55
N ALA A 553 -23.59 -21.74 -15.33
CA ALA A 553 -24.93 -21.43 -14.88
C ALA A 553 -24.92 -20.92 -13.43
N THR A 554 -26.04 -20.31 -13.05
CA THR A 554 -26.21 -19.72 -11.73
C THR A 554 -27.52 -20.25 -11.17
N GLN A 555 -27.93 -19.76 -10.00
CA GLN A 555 -28.99 -20.38 -9.20
C GLN A 555 -30.25 -20.75 -9.98
N ASP A 556 -30.93 -19.78 -10.60
CA ASP A 556 -32.14 -20.12 -11.33
C ASP A 556 -31.85 -20.85 -12.62
N PHE A 557 -30.74 -20.53 -13.28
CA PHE A 557 -30.38 -21.23 -14.50
C PHE A 557 -30.06 -22.69 -14.23
N ILE A 558 -29.88 -23.06 -12.97
CA ILE A 558 -29.62 -24.43 -12.58
C ILE A 558 -30.88 -25.11 -12.07
N THR A 559 -31.67 -24.42 -11.23
CA THR A 559 -32.90 -25.03 -10.75
C THR A 559 -33.91 -25.24 -11.88
N GLY A 560 -33.95 -24.35 -12.87
CA GLY A 560 -34.83 -24.57 -13.99
C GLY A 560 -34.42 -25.77 -14.83
N SER A 561 -33.12 -25.92 -15.07
CA SER A 561 -32.63 -27.08 -15.80
C SER A 561 -32.96 -28.38 -15.06
N TYR A 562 -32.77 -28.38 -13.75
CA TYR A 562 -33.09 -29.56 -12.97
C TYR A 562 -34.57 -29.88 -13.03
N LEU A 563 -35.44 -28.87 -12.91
CA LEU A 563 -36.88 -29.12 -12.98
C LEU A 563 -37.30 -29.60 -14.37
N ILE A 564 -36.63 -29.14 -15.41
CA ILE A 564 -36.94 -29.61 -16.76
C ILE A 564 -36.56 -31.09 -16.90
N SER A 565 -35.33 -31.44 -16.53
CA SER A 565 -34.80 -32.76 -16.80
C SER A 565 -35.11 -33.76 -15.70
N HIS A 566 -35.88 -33.36 -14.69
CA HIS A 566 -36.42 -34.30 -13.71
C HIS A 566 -37.08 -35.47 -14.43
N LYS A 567 -37.15 -36.62 -13.75
CA LYS A 567 -37.70 -37.82 -14.36
C LYS A 567 -39.21 -37.78 -14.49
N ASP A 568 -39.89 -36.84 -13.83
CA ASP A 568 -41.35 -36.77 -13.83
C ASP A 568 -41.90 -35.90 -14.96
N SER A 569 -41.05 -35.37 -15.83
CA SER A 569 -41.45 -34.34 -16.78
C SER A 569 -41.66 -34.96 -18.17
N PHE A 570 -42.89 -34.89 -18.67
CA PHE A 570 -43.25 -35.39 -19.99
C PHE A 570 -43.93 -34.29 -20.78
N TYR A 571 -43.57 -34.15 -22.05
CA TYR A 571 -44.04 -33.05 -22.87
C TYR A 571 -44.61 -33.56 -24.17
N ASP A 572 -45.78 -33.04 -24.55
CA ASP A 572 -46.34 -33.34 -25.86
C ASP A 572 -45.63 -32.47 -26.90
N ARG A 573 -46.14 -32.49 -28.14
CA ARG A 573 -45.42 -31.84 -29.22
C ARG A 573 -45.57 -30.32 -29.16
N ALA A 574 -46.74 -29.83 -28.76
CA ALA A 574 -46.95 -28.39 -28.67
C ALA A 574 -46.05 -27.78 -27.60
N THR A 575 -46.04 -28.38 -26.42
CA THR A 575 -45.15 -27.91 -25.35
C THR A 575 -43.69 -28.05 -25.75
N LEU A 576 -43.33 -29.18 -26.37
CA LEU A 576 -41.95 -29.37 -26.80
C LEU A 576 -41.50 -28.27 -27.74
N THR A 577 -42.30 -27.98 -28.76
CA THR A 577 -41.90 -27.00 -29.77
C THR A 577 -41.90 -25.58 -29.22
N GLN A 578 -42.82 -25.26 -28.31
CA GLN A 578 -42.76 -23.96 -27.65
C GLN A 578 -41.50 -23.83 -26.80
N LEU A 579 -41.11 -24.89 -26.08
CA LEU A 579 -39.88 -24.83 -25.30
C LEU A 579 -38.67 -24.62 -26.20
N LEU A 580 -38.63 -25.30 -27.34
CA LEU A 580 -37.50 -25.14 -28.24
C LEU A 580 -37.44 -23.73 -28.80
N SER A 581 -38.59 -23.15 -29.15
CA SER A 581 -38.61 -21.78 -29.66
C SER A 581 -38.19 -20.79 -28.58
N MET A 582 -38.62 -21.01 -27.34
CA MET A 582 -38.16 -20.18 -26.24
C MET A 582 -36.65 -20.28 -26.07
N MET A 583 -36.10 -21.49 -26.20
CA MET A 583 -34.66 -21.68 -26.08
C MET A 583 -33.91 -20.91 -27.14
N SER A 584 -34.34 -21.01 -28.39
CA SER A 584 -33.75 -20.16 -29.43
C SER A 584 -34.42 -18.79 -29.36
N ASP A 585 -34.25 -17.98 -30.40
CA ASP A 585 -35.02 -16.76 -30.54
C ASP A 585 -36.19 -16.93 -31.49
N GLY A 586 -36.63 -18.17 -31.72
CA GLY A 586 -37.55 -18.44 -32.78
C GLY A 586 -36.91 -18.51 -34.15
N ILE A 587 -35.60 -18.66 -34.20
CA ILE A 587 -34.84 -18.65 -35.45
C ILE A 587 -34.13 -19.96 -35.73
N GLU A 588 -34.08 -20.87 -34.77
CA GLU A 588 -33.27 -22.08 -34.90
C GLU A 588 -34.11 -23.22 -35.47
N HIS A 589 -33.56 -23.89 -36.49
CA HIS A 589 -34.17 -25.10 -36.99
C HIS A 589 -33.99 -26.24 -36.00
N PHE A 590 -34.98 -27.10 -35.91
CA PHE A 590 -34.90 -28.33 -35.12
C PHE A 590 -35.48 -29.48 -35.92
N ASP A 591 -34.90 -30.66 -35.75
CA ASP A 591 -35.52 -31.89 -36.24
C ASP A 591 -35.88 -32.77 -35.04
N ILE A 592 -37.17 -32.97 -34.85
CA ILE A 592 -37.70 -33.57 -33.62
C ILE A 592 -37.37 -35.06 -33.60
N PRO A 593 -36.94 -35.62 -32.47
CA PRO A 593 -36.66 -37.04 -32.40
C PRO A 593 -37.91 -37.82 -32.07
N PRO A 594 -37.91 -39.13 -32.27
CA PRO A 594 -39.05 -39.94 -31.87
C PRO A 594 -39.28 -39.86 -30.37
N PRO A 595 -40.52 -39.84 -29.92
CA PRO A 595 -40.80 -39.70 -28.49
C PRO A 595 -40.43 -40.96 -27.71
N ALA A 596 -40.16 -40.77 -26.42
CA ALA A 596 -39.83 -41.90 -25.57
C ALA A 596 -41.06 -42.72 -25.21
N ILE A 597 -42.26 -42.18 -25.40
CA ILE A 597 -43.50 -42.89 -25.15
C ILE A 597 -44.35 -42.80 -26.40
N MET A 598 -44.66 -43.95 -26.99
CA MET A 598 -45.48 -43.99 -28.20
C MET A 598 -46.88 -44.56 -27.95
N LYS A 599 -47.26 -44.76 -26.70
CA LYS A 599 -48.58 -45.29 -26.38
C LYS A 599 -48.86 -45.10 -24.90
N PRO A 600 -50.04 -44.61 -24.53
CA PRO A 600 -51.17 -44.23 -25.38
C PRO A 600 -51.00 -42.89 -26.10
N TYR A 601 -50.08 -42.03 -25.68
CA TYR A 601 -49.82 -40.76 -26.35
C TYR A 601 -48.37 -40.70 -26.78
N TYR A 602 -48.03 -39.61 -27.46
CA TYR A 602 -46.65 -39.30 -27.82
C TYR A 602 -46.13 -38.27 -26.83
N LEU A 603 -45.11 -38.65 -26.05
CA LEU A 603 -44.63 -37.82 -24.96
C LEU A 603 -43.11 -37.86 -24.91
N TRP A 604 -42.48 -36.72 -25.12
CA TRP A 604 -41.05 -36.57 -24.94
C TRP A 604 -40.71 -36.35 -23.47
N THR A 605 -39.47 -36.66 -23.10
CA THR A 605 -38.99 -36.44 -21.75
C THR A 605 -38.07 -35.22 -21.71
N GLY A 606 -37.85 -34.71 -20.49
CA GLY A 606 -36.99 -33.54 -20.33
C GLY A 606 -35.56 -33.79 -20.77
N LYS A 607 -35.06 -34.99 -20.55
CA LYS A 607 -33.71 -35.29 -21.00
C LYS A 607 -33.60 -35.18 -22.51
N GLN A 608 -34.70 -35.44 -23.23
CA GLN A 608 -34.69 -35.28 -24.68
C GLN A 608 -34.66 -33.81 -25.08
N VAL A 609 -35.38 -32.95 -24.36
CA VAL A 609 -35.33 -31.53 -24.71
C VAL A 609 -33.94 -30.97 -24.42
N PHE A 610 -33.29 -31.45 -23.35
CA PHE A 610 -31.93 -30.98 -23.09
C PHE A 610 -30.92 -31.56 -24.07
N SER A 611 -31.15 -32.77 -24.55
CA SER A 611 -30.31 -33.29 -25.63
C SER A 611 -30.43 -32.44 -26.88
N LEU A 612 -31.65 -31.99 -27.19
CA LEU A 612 -31.84 -31.07 -28.31
C LEU A 612 -31.16 -29.73 -28.06
N LEU A 613 -31.19 -29.26 -26.81
CA LEU A 613 -30.46 -28.04 -26.46
C LEU A 613 -28.98 -28.20 -26.76
N ILE A 614 -28.40 -29.35 -26.40
CA ILE A 614 -26.98 -29.58 -26.68
C ILE A 614 -26.75 -29.64 -28.18
N LYS A 615 -27.59 -30.36 -28.92
CA LYS A 615 -27.41 -30.54 -30.36
C LYS A 615 -28.77 -30.52 -31.05
N PRO A 616 -29.12 -29.43 -31.74
CA PRO A 616 -30.48 -29.30 -32.26
C PRO A 616 -30.68 -29.81 -33.68
N ASN A 617 -29.62 -29.93 -34.46
CA ASN A 617 -29.74 -30.26 -35.87
C ASN A 617 -28.63 -31.22 -36.28
N HIS A 618 -28.87 -31.90 -37.39
CA HIS A 618 -27.84 -32.71 -38.03
C HIS A 618 -26.74 -31.86 -38.65
N ASN A 619 -26.80 -30.54 -38.52
CA ASN A 619 -25.79 -29.64 -39.04
C ASN A 619 -24.81 -29.18 -37.98
N SER A 620 -25.23 -29.09 -36.73
CA SER A 620 -24.32 -28.74 -35.65
C SER A 620 -23.36 -29.90 -35.40
N PRO A 621 -22.05 -29.65 -35.40
CA PRO A 621 -21.07 -30.73 -35.22
C PRO A 621 -20.68 -30.98 -33.77
N VAL A 622 -21.67 -31.07 -32.89
CA VAL A 622 -21.44 -31.21 -31.46
C VAL A 622 -21.91 -32.59 -31.05
N VAL A 623 -20.95 -33.50 -30.85
CA VAL A 623 -21.22 -34.82 -30.28
C VAL A 623 -20.46 -34.88 -28.96
N ILE A 624 -21.19 -35.13 -27.87
CA ILE A 624 -20.66 -35.01 -26.52
C ILE A 624 -20.84 -36.32 -25.80
N ASN A 625 -19.75 -36.86 -25.26
CA ASN A 625 -19.76 -38.07 -24.45
C ASN A 625 -19.19 -37.75 -23.08
N LEU A 626 -19.90 -38.17 -22.04
CA LEU A 626 -19.62 -37.67 -20.71
C LEU A 626 -20.17 -38.63 -19.66
N ASP A 627 -19.37 -38.92 -18.64
CA ASP A 627 -19.83 -39.59 -17.43
C ASP A 627 -19.57 -38.65 -16.26
N ALA A 628 -20.59 -38.44 -15.44
CA ALA A 628 -20.46 -37.50 -14.35
C ALA A 628 -21.44 -37.90 -13.24
N LYS A 629 -21.11 -37.49 -12.03
CA LYS A 629 -21.87 -37.85 -10.85
C LYS A 629 -22.48 -36.59 -10.27
N ASN A 630 -23.79 -36.59 -10.09
CA ASN A 630 -24.47 -35.45 -9.51
C ASN A 630 -24.10 -35.31 -8.04
N LYS A 631 -24.15 -34.07 -7.53
CA LYS A 631 -23.64 -33.82 -6.19
C LYS A 631 -24.40 -34.58 -5.11
N VAL A 632 -25.60 -35.07 -5.42
CA VAL A 632 -26.29 -36.04 -4.57
C VAL A 632 -26.40 -37.33 -5.37
N PHE A 633 -25.90 -38.43 -4.80
CA PHE A 633 -25.86 -39.72 -5.50
C PHE A 633 -26.11 -40.81 -4.48
N VAL A 634 -27.28 -41.44 -4.55
CA VAL A 634 -27.60 -42.60 -3.74
C VAL A 634 -27.19 -43.85 -4.52
N PRO A 635 -26.34 -44.71 -3.96
CA PRO A 635 -25.87 -45.87 -4.71
C PRO A 635 -27.00 -46.87 -4.95
N PRO A 636 -26.85 -47.75 -5.95
CA PRO A 636 -27.90 -48.75 -6.21
C PRO A 636 -28.07 -49.76 -5.08
N LYS A 637 -29.05 -50.66 -5.23
CA LYS A 637 -29.29 -51.66 -4.20
C LYS A 637 -28.09 -52.58 -4.00
N SER A 638 -27.48 -53.03 -5.07
CA SER A 638 -26.37 -53.97 -5.01
C SER A 638 -25.08 -53.32 -5.50
N LYS A 639 -23.97 -53.66 -4.86
CA LYS A 639 -22.69 -53.08 -5.23
C LYS A 639 -22.23 -53.53 -6.61
N SER A 640 -22.77 -54.63 -7.13
CA SER A 640 -22.38 -55.12 -8.44
C SER A 640 -23.01 -54.31 -9.58
N LEU A 641 -24.10 -53.59 -9.32
CA LEU A 641 -24.76 -52.83 -10.36
C LEU A 641 -23.91 -51.63 -10.77
N PRO A 642 -24.01 -51.22 -12.03
CA PRO A 642 -23.31 -50.00 -12.47
C PRO A 642 -23.82 -48.74 -11.79
N ASN A 643 -23.20 -47.60 -12.10
CA ASN A 643 -23.55 -46.36 -11.40
C ASN A 643 -24.90 -45.82 -11.83
N GLU A 644 -25.32 -46.09 -13.07
CA GLU A 644 -26.58 -45.54 -13.58
C GLU A 644 -27.78 -46.03 -12.78
N MET A 645 -27.65 -47.16 -12.08
CA MET A 645 -28.77 -47.78 -11.37
C MET A 645 -29.06 -47.11 -10.04
N SER A 646 -28.57 -45.89 -9.84
CA SER A 646 -28.73 -45.20 -8.57
C SER A 646 -30.20 -45.02 -8.23
N GLN A 647 -30.49 -44.92 -6.93
CA GLN A 647 -31.87 -44.74 -6.48
C GLN A 647 -32.43 -43.43 -7.01
N ASN A 648 -31.88 -42.31 -6.55
CA ASN A 648 -32.12 -41.06 -7.24
C ASN A 648 -31.49 -41.13 -8.63
N ASP A 649 -31.71 -40.10 -9.44
CA ASP A 649 -31.21 -40.16 -10.80
C ASP A 649 -29.68 -40.24 -10.82
N GLY A 650 -29.02 -39.48 -9.94
CA GLY A 650 -27.62 -39.68 -9.62
C GLY A 650 -26.64 -39.55 -10.76
N PHE A 651 -26.08 -40.67 -11.20
CA PHE A 651 -25.07 -40.65 -12.25
C PHE A 651 -25.66 -40.15 -13.56
N VAL A 652 -24.88 -39.36 -14.29
CA VAL A 652 -25.30 -38.75 -15.55
C VAL A 652 -24.51 -39.40 -16.66
N ILE A 653 -25.22 -39.98 -17.63
CA ILE A 653 -24.62 -40.61 -18.80
C ILE A 653 -25.06 -39.84 -20.03
N ILE A 654 -24.11 -39.43 -20.85
CA ILE A 654 -24.39 -38.75 -22.10
C ILE A 654 -23.58 -39.44 -23.19
N ARG A 655 -24.27 -40.05 -24.15
CA ARG A 655 -23.64 -40.77 -25.24
C ARG A 655 -24.10 -40.19 -26.56
N GLY A 656 -23.17 -39.64 -27.32
CA GLY A 656 -23.51 -39.05 -28.60
C GLY A 656 -24.44 -37.86 -28.52
N SER A 657 -24.23 -36.99 -27.53
CA SER A 657 -25.04 -35.80 -27.26
C SER A 657 -26.46 -36.13 -26.82
N GLN A 658 -26.71 -37.36 -26.39
CA GLN A 658 -28.01 -37.76 -25.86
C GLN A 658 -27.89 -38.05 -24.39
N ILE A 659 -28.73 -37.42 -23.59
CA ILE A 659 -28.74 -37.67 -22.15
C ILE A 659 -29.48 -38.97 -21.91
N LEU A 660 -28.81 -39.92 -21.25
CA LEU A 660 -29.40 -41.22 -20.99
C LEU A 660 -29.90 -41.37 -19.56
N SER A 661 -29.29 -40.73 -18.59
CA SER A 661 -29.77 -40.77 -17.22
C SER A 661 -29.23 -39.56 -16.47
N GLY A 662 -29.79 -39.33 -15.30
CA GLY A 662 -29.25 -38.29 -14.42
C GLY A 662 -29.84 -36.93 -14.70
N VAL A 663 -29.89 -36.11 -13.66
CA VAL A 663 -30.48 -34.79 -13.76
C VAL A 663 -29.38 -33.77 -14.07
N MET A 664 -29.80 -32.62 -14.61
CA MET A 664 -28.88 -31.52 -14.85
C MET A 664 -28.70 -30.73 -13.56
N ASP A 665 -27.44 -30.53 -13.16
CA ASP A 665 -27.13 -30.16 -11.80
C ASP A 665 -26.08 -29.05 -11.83
N LYS A 666 -25.63 -28.66 -10.65
CA LYS A 666 -24.47 -27.78 -10.57
C LYS A 666 -23.20 -28.53 -10.94
N SER A 667 -23.17 -29.84 -10.72
CA SER A 667 -22.00 -30.61 -11.09
C SER A 667 -21.86 -30.71 -12.61
N VAL A 668 -22.97 -30.67 -13.33
CA VAL A 668 -22.95 -30.90 -14.76
C VAL A 668 -22.98 -29.57 -15.51
N LEU A 669 -23.69 -28.58 -14.99
CA LEU A 669 -23.77 -27.28 -15.64
C LEU A 669 -23.01 -26.19 -14.92
N GLY A 670 -22.81 -26.30 -13.62
CA GLY A 670 -22.16 -25.24 -12.87
C GLY A 670 -20.66 -25.15 -13.10
N ASP A 671 -19.94 -24.67 -12.10
CA ASP A 671 -18.50 -24.45 -12.19
C ASP A 671 -17.77 -25.26 -11.13
N GLY A 672 -16.44 -25.32 -11.28
CA GLY A 672 -15.61 -25.98 -10.31
C GLY A 672 -15.35 -27.45 -10.56
N LYS A 673 -15.95 -28.04 -11.59
CA LYS A 673 -15.73 -29.43 -11.93
C LYS A 673 -15.35 -29.54 -13.39
N LYS A 674 -14.42 -30.42 -13.70
CA LYS A 674 -13.97 -30.61 -15.07
C LYS A 674 -14.82 -31.59 -15.87
N HIS A 675 -15.76 -32.27 -15.22
CA HIS A 675 -16.63 -33.24 -15.91
C HIS A 675 -17.96 -32.61 -16.30
N SER A 676 -17.94 -31.45 -16.97
CA SER A 676 -19.15 -30.68 -17.20
C SER A 676 -19.52 -30.71 -18.68
N VAL A 677 -20.78 -30.35 -18.95
CA VAL A 677 -21.23 -30.27 -20.33
C VAL A 677 -20.55 -29.12 -21.06
N PHE A 678 -20.54 -27.94 -20.45
CA PHE A 678 -19.93 -26.79 -21.10
C PHE A 678 -18.43 -26.96 -21.22
N TYR A 679 -17.79 -27.53 -20.19
CA TYR A 679 -16.36 -27.81 -20.27
C TYR A 679 -16.04 -28.78 -21.40
N THR A 680 -16.85 -29.83 -21.54
CA THR A 680 -16.62 -30.81 -22.60
C THR A 680 -16.82 -30.18 -23.98
N ILE A 681 -17.90 -29.41 -24.15
CA ILE A 681 -18.13 -28.76 -25.43
C ILE A 681 -16.98 -27.81 -25.75
N LEU A 682 -16.53 -27.03 -24.76
CA LEU A 682 -15.39 -26.15 -24.95
C LEU A 682 -14.18 -26.94 -25.43
N ARG A 683 -13.70 -27.87 -24.61
CA ARG A 683 -12.47 -28.60 -24.88
C ARG A 683 -12.54 -29.42 -26.16
N ASP A 684 -13.73 -29.78 -26.63
CA ASP A 684 -13.81 -30.60 -27.83
C ASP A 684 -14.13 -29.83 -29.10
N TYR A 685 -14.84 -28.70 -29.01
CA TYR A 685 -15.31 -28.06 -30.24
C TYR A 685 -15.14 -26.55 -30.23
N GLY A 686 -14.33 -25.97 -29.35
CA GLY A 686 -14.08 -24.55 -29.40
C GLY A 686 -14.99 -23.76 -28.49
N PRO A 687 -14.64 -22.50 -28.23
CA PRO A 687 -15.42 -21.69 -27.29
C PRO A 687 -16.70 -21.11 -27.87
N GLN A 688 -16.81 -20.98 -29.20
CA GLN A 688 -18.04 -20.45 -29.77
C GLN A 688 -19.22 -21.37 -29.50
N GLU A 689 -19.04 -22.68 -29.65
CA GLU A 689 -20.13 -23.62 -29.41
C GLU A 689 -20.51 -23.66 -27.94
N ALA A 690 -19.53 -23.57 -27.05
CA ALA A 690 -19.82 -23.51 -25.63
C ALA A 690 -20.64 -22.28 -25.31
N ALA A 691 -20.28 -21.14 -25.91
CA ALA A 691 -21.07 -19.92 -25.74
C ALA A 691 -22.48 -20.11 -26.27
N ASN A 692 -22.62 -20.76 -27.42
CA ASN A 692 -23.95 -20.96 -28.01
C ASN A 692 -24.83 -21.80 -27.11
N ALA A 693 -24.30 -22.90 -26.57
CA ALA A 693 -25.08 -23.75 -25.68
C ALA A 693 -25.43 -23.01 -24.40
N MET A 694 -24.50 -22.25 -23.84
CA MET A 694 -24.79 -21.50 -22.62
C MET A 694 -25.86 -20.45 -22.86
N ASN A 695 -25.81 -19.77 -24.01
CA ASN A 695 -26.84 -18.80 -24.36
C ASN A 695 -28.20 -19.47 -24.51
N ARG A 696 -28.24 -20.63 -25.16
CA ARG A 696 -29.49 -21.38 -25.30
C ARG A 696 -30.08 -21.70 -23.94
N MET A 697 -29.25 -22.20 -23.03
CA MET A 697 -29.75 -22.56 -21.71
C MET A 697 -30.26 -21.33 -20.95
N ALA A 698 -29.53 -20.22 -21.05
CA ALA A 698 -29.97 -19.01 -20.37
C ALA A 698 -31.31 -18.53 -20.89
N LYS A 699 -31.47 -18.51 -22.21
CA LYS A 699 -32.71 -18.03 -22.80
C LYS A 699 -33.88 -18.97 -22.52
N LEU A 700 -33.62 -20.28 -22.45
CA LEU A 700 -34.71 -21.21 -22.16
C LEU A 700 -35.14 -21.12 -20.70
N CYS A 701 -34.18 -21.05 -19.78
CA CYS A 701 -34.51 -21.00 -18.36
C CYS A 701 -35.08 -19.65 -17.95
N ALA A 702 -34.79 -18.59 -18.70
CA ALA A 702 -35.42 -17.31 -18.42
C ALA A 702 -36.93 -17.38 -18.60
N ARG A 703 -37.39 -18.04 -19.67
CA ARG A 703 -38.80 -18.08 -20.01
C ARG A 703 -39.53 -19.28 -19.43
N PHE A 704 -38.85 -20.36 -19.10
CA PHE A 704 -39.52 -21.57 -18.65
C PHE A 704 -40.06 -21.44 -17.24
N LEU A 705 -39.24 -20.90 -16.31
CA LEU A 705 -39.59 -20.98 -14.90
C LEU A 705 -40.79 -20.11 -14.56
N GLY A 706 -40.93 -18.96 -15.23
CA GLY A 706 -42.07 -18.10 -14.94
C GLY A 706 -43.39 -18.73 -15.32
N ASN A 707 -43.41 -19.46 -16.43
CA ASN A 707 -44.61 -20.16 -16.86
C ASN A 707 -44.79 -21.49 -16.14
N ARG A 708 -43.74 -22.03 -15.53
CA ARG A 708 -43.85 -23.31 -14.85
C ARG A 708 -44.24 -23.17 -13.39
N GLY A 709 -43.55 -22.33 -12.63
CA GLY A 709 -43.89 -22.11 -11.23
C GLY A 709 -42.89 -22.66 -10.23
N PHE A 710 -42.46 -21.82 -9.28
CA PHE A 710 -41.48 -22.21 -8.28
C PHE A 710 -41.46 -21.20 -7.13
N SER A 711 -41.68 -21.64 -5.90
CA SER A 711 -41.78 -20.73 -4.77
C SER A 711 -41.40 -21.42 -3.48
N ILE A 712 -41.14 -20.62 -2.46
CA ILE A 712 -40.86 -21.09 -1.10
C ILE A 712 -41.77 -20.33 -0.15
N GLY A 713 -42.27 -21.03 0.86
CA GLY A 713 -43.18 -20.43 1.82
C GLY A 713 -43.00 -20.93 3.23
N ILE A 714 -43.94 -20.64 4.12
CA ILE A 714 -43.82 -21.07 5.51
C ILE A 714 -43.99 -22.58 5.63
N ASN A 715 -44.78 -23.20 4.76
CA ASN A 715 -44.97 -24.64 4.87
C ASN A 715 -43.77 -25.43 4.36
N ASP A 716 -42.83 -24.77 3.68
CA ASP A 716 -41.60 -25.46 3.28
C ASP A 716 -40.66 -25.68 4.46
N VAL A 717 -40.69 -24.78 5.44
CA VAL A 717 -39.85 -24.89 6.62
C VAL A 717 -40.66 -25.18 7.87
N THR A 718 -41.95 -25.48 7.73
CA THR A 718 -42.74 -25.88 8.90
C THR A 718 -42.49 -27.36 9.22
N PRO A 719 -42.10 -27.69 10.44
CA PRO A 719 -41.95 -29.10 10.83
C PRO A 719 -43.25 -29.72 11.28
N ALA A 720 -43.38 -31.02 10.99
CA ALA A 720 -44.58 -31.76 11.32
C ALA A 720 -44.67 -32.01 12.83
N ASP A 721 -45.88 -32.36 13.28
CA ASP A 721 -46.14 -32.52 14.71
C ASP A 721 -45.33 -33.65 15.34
N ASP A 722 -44.89 -34.64 14.54
CA ASP A 722 -44.06 -35.70 15.08
C ASP A 722 -42.73 -35.17 15.60
N LEU A 723 -42.26 -34.04 15.03
CA LEU A 723 -41.00 -33.48 15.49
C LEU A 723 -41.13 -32.85 16.86
N LYS A 724 -42.27 -32.24 17.17
CA LYS A 724 -42.49 -31.67 18.50
C LYS A 724 -42.28 -32.72 19.58
N GLN A 725 -42.57 -33.98 19.29
CA GLN A 725 -42.30 -35.08 20.21
C GLN A 725 -40.87 -35.58 20.10
N LYS A 726 -40.42 -35.88 18.88
CA LYS A 726 -39.13 -36.53 18.69
C LYS A 726 -37.98 -35.64 19.15
N LYS A 727 -37.93 -34.40 18.67
CA LYS A 727 -36.85 -33.50 19.04
C LYS A 727 -36.84 -33.25 20.54
N GLU A 728 -38.02 -33.05 21.13
CA GLU A 728 -38.08 -32.79 22.56
C GLU A 728 -37.53 -33.96 23.36
N GLU A 729 -37.97 -35.17 23.04
CA GLU A 729 -37.48 -36.34 23.77
C GLU A 729 -35.98 -36.51 23.58
N LEU A 730 -35.52 -36.51 22.32
CA LEU A 730 -34.10 -36.75 22.06
C LEU A 730 -33.21 -35.64 22.59
N VAL A 731 -33.73 -34.44 22.79
CA VAL A 731 -32.93 -33.38 23.38
C VAL A 731 -32.90 -33.52 24.89
N GLU A 732 -34.04 -33.83 25.50
CA GLU A 732 -34.05 -34.04 26.94
C GLU A 732 -33.16 -35.21 27.33
N ILE A 733 -33.00 -36.19 26.43
CA ILE A 733 -32.08 -37.29 26.70
C ILE A 733 -30.65 -36.77 26.83
N ALA A 734 -30.22 -35.91 25.91
CA ALA A 734 -28.85 -35.41 25.93
C ALA A 734 -28.62 -34.35 27.01
N TYR A 735 -29.68 -33.81 27.60
CA TYR A 735 -29.48 -32.87 28.71
C TYR A 735 -29.33 -33.59 30.04
N HIS A 736 -29.95 -34.76 30.18
CA HIS A 736 -29.76 -35.56 31.38
C HIS A 736 -28.33 -36.08 31.46
N LYS A 737 -27.77 -36.53 30.35
CA LYS A 737 -26.38 -36.99 30.35
C LYS A 737 -25.43 -35.84 30.66
N CYS A 738 -25.71 -34.65 30.15
CA CYS A 738 -24.89 -33.49 30.50
C CYS A 738 -25.03 -33.16 31.97
N ASP A 739 -26.23 -33.30 32.54
CA ASP A 739 -26.41 -33.10 33.97
C ASP A 739 -25.57 -34.09 34.77
N GLU A 740 -25.55 -35.36 34.33
CA GLU A 740 -24.72 -36.36 35.00
C GLU A 740 -23.24 -35.99 34.94
N LEU A 741 -22.77 -35.57 33.77
CA LEU A 741 -21.37 -35.20 33.65
C LEU A 741 -21.03 -34.01 34.53
N ILE A 742 -21.92 -33.02 34.58
CA ILE A 742 -21.66 -31.84 35.40
C ILE A 742 -21.60 -32.23 36.87
N THR A 743 -22.57 -33.04 37.33
CA THR A 743 -22.58 -33.39 38.75
C THR A 743 -21.39 -34.26 39.12
N LEU A 744 -20.92 -35.10 38.20
CA LEU A 744 -19.70 -35.88 38.46
C LEU A 744 -18.50 -34.97 38.58
N PHE A 745 -18.29 -34.10 37.59
CA PHE A 745 -17.16 -33.18 37.62
C PHE A 745 -17.20 -32.26 38.83
N ASN A 746 -18.39 -32.00 39.38
CA ASN A 746 -18.49 -31.14 40.56
C ASN A 746 -18.17 -31.90 41.83
N LYS A 747 -18.94 -32.96 42.12
CA LYS A 747 -18.74 -33.66 43.39
C LYS A 747 -17.37 -34.33 43.46
N GLY A 748 -16.92 -34.94 42.37
CA GLY A 748 -15.67 -35.66 42.42
C GLY A 748 -14.66 -35.18 41.41
N GLU A 749 -13.81 -36.10 40.96
CA GLU A 749 -12.82 -35.84 39.91
C GLU A 749 -13.17 -36.72 38.72
N LEU A 750 -13.77 -36.12 37.69
CA LEU A 750 -14.11 -36.85 36.49
C LEU A 750 -12.86 -37.35 35.78
N GLU A 751 -12.98 -38.49 35.10
CA GLU A 751 -11.87 -39.06 34.37
C GLU A 751 -11.41 -38.09 33.28
N THR A 752 -10.10 -37.92 33.17
CA THR A 752 -9.52 -36.86 32.36
C THR A 752 -9.01 -37.41 31.03
N GLN A 753 -9.45 -36.79 29.94
CA GLN A 753 -9.02 -37.17 28.62
C GLN A 753 -7.54 -36.84 28.43
N PRO A 754 -6.87 -37.52 27.49
CA PRO A 754 -5.39 -37.41 27.42
C PRO A 754 -4.86 -36.01 27.20
N GLY A 755 -5.24 -35.37 26.09
CA GLY A 755 -4.68 -34.07 25.77
C GLY A 755 -5.10 -32.97 26.72
N CYS A 756 -6.35 -32.99 27.16
CA CYS A 756 -6.94 -31.88 27.90
C CYS A 756 -6.96 -32.14 29.40
N ASN A 757 -7.21 -31.08 30.15
CA ASN A 757 -7.24 -31.13 31.61
C ASN A 757 -8.66 -31.46 32.09
N GLU A 758 -8.84 -31.48 33.42
CA GLU A 758 -10.14 -31.81 33.98
C GLU A 758 -11.19 -30.78 33.60
N GLU A 759 -10.81 -29.50 33.58
CA GLU A 759 -11.74 -28.45 33.16
C GLU A 759 -12.04 -28.53 31.67
N GLN A 760 -11.09 -28.99 30.86
CA GLN A 760 -11.30 -29.10 29.43
C GLN A 760 -11.89 -30.43 29.01
N THR A 761 -11.70 -31.48 29.80
CA THR A 761 -12.28 -32.78 29.47
C THR A 761 -13.80 -32.69 29.43
N LEU A 762 -14.40 -32.04 30.42
CA LEU A 762 -15.85 -31.90 30.46
C LEU A 762 -16.36 -31.14 29.24
N GLU A 763 -15.71 -30.04 28.91
CA GLU A 763 -16.14 -29.23 27.77
C GLU A 763 -16.03 -30.03 26.48
N ALA A 764 -14.89 -30.69 26.27
CA ALA A 764 -14.69 -31.46 25.04
C ALA A 764 -15.61 -32.69 24.97
N LYS A 765 -16.11 -33.16 26.11
CA LYS A 765 -17.10 -34.24 26.07
C LYS A 765 -18.48 -33.72 25.68
N ILE A 766 -18.95 -32.68 26.37
CA ILE A 766 -20.31 -32.21 26.07
C ILE A 766 -20.37 -31.53 24.70
N GLY A 767 -19.23 -31.05 24.20
CA GLY A 767 -19.18 -30.44 22.89
C GLY A 767 -19.23 -31.45 21.77
N GLY A 768 -19.43 -32.72 22.13
CA GLY A 768 -19.77 -33.75 21.16
C GLY A 768 -21.06 -34.42 21.54
N LEU A 769 -21.35 -34.44 22.84
CA LEU A 769 -22.63 -34.98 23.29
C LEU A 769 -23.79 -34.15 22.74
N LEU A 770 -23.59 -32.85 22.54
CA LEU A 770 -24.61 -32.03 21.89
C LEU A 770 -24.52 -32.11 20.37
N SER A 771 -23.31 -32.24 19.83
CA SER A 771 -23.14 -32.31 18.38
C SER A 771 -23.84 -33.54 17.79
N LYS A 772 -23.73 -34.67 18.49
CA LYS A 772 -24.38 -35.88 18.00
C LYS A 772 -25.89 -35.73 17.91
N VAL A 773 -26.51 -35.13 18.95
CA VAL A 773 -27.96 -34.96 18.93
C VAL A 773 -28.37 -33.96 17.86
N ARG A 774 -27.58 -32.91 17.67
CA ARG A 774 -27.89 -31.96 16.61
C ARG A 774 -27.89 -32.66 15.25
N GLU A 775 -26.86 -33.48 15.00
CA GLU A 775 -26.79 -34.16 13.72
C GLU A 775 -27.93 -35.15 13.53
N GLU A 776 -28.30 -35.88 14.59
CA GLU A 776 -29.35 -36.88 14.42
C GLU A 776 -30.71 -36.22 14.19
N VAL A 777 -31.00 -35.12 14.92
CA VAL A 777 -32.26 -34.42 14.69
C VAL A 777 -32.31 -33.84 13.27
N GLY A 778 -31.19 -33.27 12.82
CA GLY A 778 -31.14 -32.78 11.45
C GLY A 778 -31.39 -33.86 10.43
N ASP A 779 -30.77 -35.03 10.62
CA ASP A 779 -30.98 -36.15 9.69
C ASP A 779 -32.43 -36.61 9.70
N VAL A 780 -33.05 -36.66 10.88
CA VAL A 780 -34.46 -37.06 10.95
C VAL A 780 -35.33 -36.10 10.16
N CYS A 781 -35.12 -34.79 10.34
CA CYS A 781 -35.94 -33.82 9.63
C CYS A 781 -35.70 -33.87 8.12
N ILE A 782 -34.45 -34.07 7.69
CA ILE A 782 -34.21 -34.20 6.26
C ILE A 782 -34.89 -35.43 5.70
N ASN A 783 -34.86 -36.54 6.43
CA ASN A 783 -35.53 -37.75 5.96
C ASN A 783 -37.04 -37.56 5.87
N GLU A 784 -37.63 -36.84 6.82
CA GLU A 784 -39.06 -36.60 6.80
C GLU A 784 -39.47 -35.51 5.82
N LEU A 785 -38.51 -34.85 5.18
CA LEU A 785 -38.81 -33.76 4.27
C LEU A 785 -39.63 -34.25 3.09
N ASP A 786 -40.51 -33.37 2.60
CA ASP A 786 -41.46 -33.77 1.57
C ASP A 786 -40.87 -33.68 0.18
N ASN A 787 -41.41 -34.48 -0.72
CA ASN A 787 -41.23 -34.27 -2.14
C ASN A 787 -41.83 -32.93 -2.52
N TRP A 788 -41.19 -32.26 -3.49
CA TRP A 788 -41.58 -30.91 -3.89
C TRP A 788 -41.48 -29.92 -2.74
N ASN A 789 -40.40 -30.02 -1.98
CA ASN A 789 -40.04 -29.04 -0.96
C ASN A 789 -38.94 -28.17 -1.55
N ALA A 790 -39.21 -26.87 -1.68
CA ALA A 790 -38.29 -26.00 -2.42
C ALA A 790 -36.90 -25.88 -1.78
N PRO A 791 -36.75 -25.69 -0.47
CA PRO A 791 -35.38 -25.72 0.10
C PRO A 791 -34.64 -27.01 -0.20
N LEU A 792 -35.34 -28.16 -0.12
CA LEU A 792 -34.70 -29.43 -0.44
C LEU A 792 -34.30 -29.50 -1.90
N ILE A 793 -35.16 -29.03 -2.81
CA ILE A 793 -34.82 -29.05 -4.22
C ILE A 793 -33.63 -28.16 -4.50
N MET A 794 -33.58 -26.99 -3.86
CA MET A 794 -32.45 -26.09 -4.07
C MET A 794 -31.15 -26.70 -3.54
N ALA A 795 -31.21 -27.33 -2.36
CA ALA A 795 -30.02 -27.94 -1.78
C ALA A 795 -29.56 -29.14 -2.59
N THR A 796 -30.50 -29.99 -3.04
CA THR A 796 -30.16 -31.12 -3.88
C THR A 796 -29.61 -30.67 -5.23
N CYS A 797 -30.15 -29.56 -5.75
CA CYS A 797 -29.71 -29.02 -7.01
C CYS A 797 -28.31 -28.41 -6.91
N GLY A 798 -27.94 -27.92 -5.74
CA GLY A 798 -26.73 -27.17 -5.61
C GLY A 798 -26.83 -25.73 -6.07
N SER A 799 -28.05 -25.25 -6.36
CA SER A 799 -28.20 -23.87 -6.80
C SER A 799 -28.14 -22.90 -5.62
N LYS A 800 -28.69 -23.28 -4.48
CA LYS A 800 -28.69 -22.41 -3.31
C LYS A 800 -28.84 -23.23 -2.05
N GLY A 801 -28.03 -22.93 -1.04
CA GLY A 801 -28.22 -23.48 0.28
C GLY A 801 -27.68 -24.88 0.47
N SER A 802 -28.07 -25.48 1.58
CA SER A 802 -27.66 -26.84 1.90
C SER A 802 -28.59 -27.44 2.94
N THR A 803 -28.49 -28.76 3.08
CA THR A 803 -29.29 -29.46 4.08
C THR A 803 -28.96 -28.98 5.48
N LEU A 804 -27.74 -28.49 5.71
CA LEU A 804 -27.42 -27.86 6.97
C LEU A 804 -28.26 -26.61 7.20
N ASN A 805 -28.39 -25.76 6.16
CA ASN A 805 -29.21 -24.57 6.28
C ASN A 805 -30.65 -24.92 6.57
N VAL A 806 -31.20 -25.89 5.82
CA VAL A 806 -32.60 -26.20 6.04
C VAL A 806 -32.81 -26.90 7.39
N SER A 807 -31.81 -27.62 7.89
CA SER A 807 -31.93 -28.19 9.22
C SER A 807 -31.95 -27.10 10.28
N GLN A 808 -31.13 -26.06 10.11
CA GLN A 808 -31.19 -24.93 11.03
C GLN A 808 -32.55 -24.24 10.97
N MET A 809 -33.10 -24.10 9.76
CA MET A 809 -34.40 -23.45 9.63
C MET A 809 -35.52 -24.25 10.27
N VAL A 810 -35.53 -25.57 10.07
CA VAL A 810 -36.67 -26.39 10.48
C VAL A 810 -36.49 -26.95 11.88
N ALA A 811 -35.40 -27.67 12.11
CA ALA A 811 -35.26 -28.49 13.32
C ALA A 811 -34.54 -27.78 14.46
N VAL A 812 -33.26 -27.44 14.26
CA VAL A 812 -32.46 -26.85 15.33
C VAL A 812 -31.18 -26.25 14.76
N VAL A 813 -30.81 -25.07 15.24
CA VAL A 813 -29.49 -24.51 15.03
C VAL A 813 -28.74 -24.68 16.36
N GLY A 814 -27.82 -25.63 16.40
CA GLY A 814 -27.41 -26.12 17.69
C GLY A 814 -26.56 -25.21 18.55
N GLN A 815 -25.27 -25.06 18.21
CA GLN A 815 -24.29 -24.57 19.16
C GLN A 815 -23.53 -23.40 18.57
N GLN A 816 -23.49 -22.29 19.33
CA GLN A 816 -22.80 -21.08 18.90
C GLN A 816 -21.44 -21.06 19.57
N ILE A 817 -20.38 -21.09 18.77
CA ILE A 817 -19.01 -21.13 19.26
C ILE A 817 -18.27 -19.93 18.70
N ILE A 818 -17.42 -19.32 19.53
CA ILE A 818 -16.62 -18.18 19.12
C ILE A 818 -15.18 -18.43 19.51
N SER A 819 -14.26 -18.03 18.62
CA SER A 819 -12.82 -18.15 18.78
C SER A 819 -12.34 -19.59 18.86
N GLY A 820 -13.22 -20.56 18.63
CA GLY A 820 -12.79 -21.95 18.61
C GLY A 820 -13.64 -22.88 19.45
N ASN A 821 -14.30 -22.36 20.48
CA ASN A 821 -15.11 -23.19 21.36
C ASN A 821 -16.27 -22.36 21.88
N ARG A 822 -16.95 -22.88 22.92
CA ARG A 822 -18.15 -22.24 23.45
C ARG A 822 -17.85 -20.82 23.92
N VAL A 823 -18.90 -20.08 24.20
CA VAL A 823 -18.77 -18.64 24.45
C VAL A 823 -18.10 -18.40 25.80
N PRO A 824 -17.01 -17.65 25.85
CA PRO A 824 -16.37 -17.35 27.13
C PRO A 824 -17.24 -16.47 28.01
N ASP A 825 -16.93 -16.51 29.29
CA ASP A 825 -17.66 -15.72 30.27
C ASP A 825 -17.52 -14.23 29.99
N GLY A 826 -18.60 -13.49 30.22
CA GLY A 826 -18.56 -12.05 30.15
C GLY A 826 -18.74 -11.45 31.53
N PHE A 827 -19.06 -12.31 32.50
CA PHE A 827 -19.24 -11.88 33.88
C PHE A 827 -18.37 -12.72 34.80
N GLN A 828 -18.56 -12.58 36.11
CA GLN A 828 -17.83 -13.39 37.08
C GLN A 828 -18.42 -14.79 37.07
N ASP A 829 -17.72 -15.72 36.43
CA ASP A 829 -18.10 -17.14 36.41
C ASP A 829 -19.47 -17.36 35.76
N ARG A 830 -19.80 -16.55 34.76
CA ARG A 830 -21.10 -16.60 34.11
C ARG A 830 -20.99 -16.03 32.70
N SER A 831 -21.98 -16.36 31.88
CA SER A 831 -22.11 -15.75 30.56
C SER A 831 -23.13 -14.62 30.53
N LEU A 832 -24.14 -14.70 31.38
CA LEU A 832 -25.20 -13.69 31.48
C LEU A 832 -25.77 -13.76 32.88
N PRO A 833 -26.34 -12.68 33.38
CA PRO A 833 -26.87 -12.69 34.76
C PRO A 833 -28.17 -13.46 34.93
N HIS A 834 -28.70 -14.07 33.89
CA HIS A 834 -29.92 -14.86 34.01
C HIS A 834 -29.66 -16.32 34.32
N PHE A 835 -28.43 -16.75 34.29
CA PHE A 835 -28.03 -18.11 34.60
C PHE A 835 -27.39 -18.16 35.98
N PRO A 836 -27.45 -19.30 36.67
CA PRO A 836 -26.80 -19.39 37.97
C PRO A 836 -25.28 -19.33 37.84
N LYS A 837 -24.63 -18.88 38.91
CA LYS A 837 -23.18 -18.81 38.94
C LYS A 837 -22.58 -20.20 38.81
N ASN A 838 -21.41 -20.26 38.17
CA ASN A 838 -20.73 -21.52 37.89
C ASN A 838 -21.61 -22.42 37.02
N SER A 839 -21.90 -21.95 35.82
CA SER A 839 -22.79 -22.63 34.89
C SER A 839 -21.99 -23.17 33.72
N LYS A 840 -22.18 -24.46 33.42
CA LYS A 840 -21.60 -25.06 32.24
C LYS A 840 -22.61 -25.90 31.47
N THR A 841 -23.87 -25.91 31.88
CA THR A 841 -24.89 -26.69 31.22
C THR A 841 -25.15 -26.13 29.82
N PRO A 842 -25.56 -26.97 28.88
CA PRO A 842 -26.06 -26.45 27.60
C PRO A 842 -27.31 -25.62 27.85
N GLN A 843 -27.50 -24.61 27.00
CA GLN A 843 -28.45 -23.51 27.11
C GLN A 843 -27.89 -22.41 28.01
N SER A 844 -26.68 -22.57 28.53
CA SER A 844 -26.00 -21.49 29.22
C SER A 844 -24.72 -21.04 28.55
N LYS A 845 -24.16 -21.83 27.63
CA LYS A 845 -23.00 -21.42 26.83
C LYS A 845 -23.30 -21.69 25.37
N GLY A 846 -24.08 -20.81 24.76
CA GLY A 846 -24.24 -20.77 23.32
C GLY A 846 -24.76 -22.00 22.62
N PHE A 847 -25.71 -22.72 23.24
CA PHE A 847 -26.42 -23.79 22.54
C PHE A 847 -27.89 -23.40 22.39
N VAL A 848 -28.34 -23.39 21.15
CA VAL A 848 -29.73 -23.07 20.80
C VAL A 848 -30.41 -24.37 20.42
N ARG A 849 -31.48 -24.72 21.13
CA ARG A 849 -32.31 -25.85 20.75
C ARG A 849 -33.52 -25.41 19.95
N ASN A 850 -33.71 -24.11 19.75
CA ASN A 850 -34.78 -23.59 18.92
C ASN A 850 -34.36 -23.61 17.46
N SER A 851 -35.36 -23.51 16.60
CA SER A 851 -35.16 -23.32 15.18
C SER A 851 -35.54 -21.89 14.81
N PHE A 852 -35.08 -21.44 13.64
CA PHE A 852 -35.51 -20.14 13.18
C PHE A 852 -37.02 -20.09 12.98
N PHE A 853 -37.63 -21.22 12.61
CA PHE A 853 -39.08 -21.28 12.53
C PHE A 853 -39.72 -21.09 13.89
N SER A 854 -39.07 -21.54 14.96
CA SER A 854 -39.67 -21.49 16.29
C SER A 854 -39.46 -20.14 16.96
N GLY A 855 -38.27 -19.57 16.82
CA GLY A 855 -37.99 -18.28 17.41
C GLY A 855 -37.04 -18.37 18.58
N LEU A 856 -35.90 -17.69 18.47
CA LEU A 856 -34.88 -17.72 19.50
C LEU A 856 -35.34 -16.99 20.75
N SER A 857 -34.87 -17.46 21.90
CA SER A 857 -35.09 -16.79 23.17
C SER A 857 -34.12 -15.61 23.29
N PRO A 858 -34.23 -14.79 24.33
CA PRO A 858 -33.31 -13.64 24.47
C PRO A 858 -31.85 -14.06 24.56
N PRO A 859 -31.49 -15.06 25.40
CA PRO A 859 -30.06 -15.43 25.46
C PRO A 859 -29.56 -16.11 24.21
N GLU A 860 -30.36 -16.99 23.60
CA GLU A 860 -29.96 -17.59 22.33
C GLU A 860 -29.81 -16.53 21.26
N PHE A 861 -30.70 -15.54 21.26
CA PHE A 861 -30.60 -14.39 20.39
C PHE A 861 -29.25 -13.69 20.55
N LEU A 862 -28.86 -13.42 21.80
CA LEU A 862 -27.60 -12.71 22.03
C LEU A 862 -26.39 -13.57 21.64
N PHE A 863 -26.40 -14.85 21.98
CA PHE A 863 -25.28 -15.72 21.62
C PHE A 863 -25.10 -15.79 20.11
N HIS A 864 -26.22 -15.96 19.39
CA HIS A 864 -26.16 -15.99 17.93
C HIS A 864 -25.69 -14.66 17.37
N ALA A 865 -26.06 -13.56 18.03
CA ALA A 865 -25.58 -12.24 17.61
C ALA A 865 -24.06 -12.14 17.71
N ILE A 866 -23.50 -12.60 18.84
CA ILE A 866 -22.05 -12.56 19.01
C ILE A 866 -21.36 -13.40 17.95
N SER A 867 -21.87 -14.62 17.74
CA SER A 867 -21.25 -15.51 16.76
C SER A 867 -21.32 -14.92 15.36
N GLY A 868 -22.42 -14.28 15.00
CA GLY A 868 -22.51 -13.63 13.71
C GLY A 868 -21.56 -12.46 13.57
N ARG A 869 -21.41 -11.66 14.64
CA ARG A 869 -20.54 -10.49 14.58
C ARG A 869 -19.07 -10.87 14.43
N GLU A 870 -18.70 -12.07 14.89
CA GLU A 870 -17.30 -12.49 14.81
C GLU A 870 -16.76 -12.39 13.38
N GLY A 871 -17.46 -13.00 12.42
CA GLY A 871 -16.97 -12.98 11.05
C GLY A 871 -16.91 -11.58 10.46
N LEU A 872 -17.92 -10.75 10.78
CA LEU A 872 -17.95 -9.38 10.28
C LEU A 872 -16.73 -8.60 10.75
N VAL A 873 -16.40 -8.72 12.05
CA VAL A 873 -15.23 -8.00 12.55
C VAL A 873 -13.93 -8.65 12.14
N ASP A 874 -13.97 -9.89 11.64
CA ASP A 874 -12.74 -10.53 11.19
C ASP A 874 -12.36 -10.14 9.76
N THR A 875 -13.33 -10.18 8.85
CA THR A 875 -13.00 -10.04 7.43
C THR A 875 -12.45 -8.66 7.11
N ALA A 876 -13.07 -7.61 7.68
CA ALA A 876 -12.59 -6.26 7.42
C ALA A 876 -11.16 -6.09 7.92
N VAL A 877 -10.85 -6.67 9.08
CA VAL A 877 -9.49 -6.60 9.60
C VAL A 877 -8.52 -7.29 8.66
N LYS A 878 -8.89 -8.47 8.14
CA LYS A 878 -7.95 -9.22 7.32
C LYS A 878 -7.79 -8.67 5.91
N THR A 879 -8.72 -7.81 5.47
CA THR A 879 -8.67 -7.28 4.10
C THR A 879 -7.35 -6.56 3.82
N ALA A 880 -6.92 -5.69 4.73
CA ALA A 880 -5.72 -4.88 4.48
C ALA A 880 -4.48 -5.77 4.34
N GLU A 881 -4.34 -6.74 5.25
CA GLU A 881 -3.19 -7.63 5.19
C GLU A 881 -3.19 -8.44 3.90
N THR A 882 -4.37 -8.93 3.48
CA THR A 882 -4.43 -9.71 2.25
C THR A 882 -4.07 -8.87 1.03
N GLY A 883 -4.55 -7.61 0.98
CA GLY A 883 -4.21 -6.76 -0.13
C GLY A 883 -2.74 -6.43 -0.21
N TYR A 884 -2.13 -6.11 0.94
CA TYR A 884 -0.69 -5.87 0.98
C TYR A 884 0.09 -7.11 0.54
N MET A 885 -0.35 -8.29 0.99
CA MET A 885 0.32 -9.53 0.60
C MET A 885 0.27 -9.73 -0.91
N SER A 886 -0.91 -9.49 -1.51
CA SER A 886 -1.03 -9.66 -2.95
C SER A 886 -0.14 -8.67 -3.69
N ARG A 887 -0.07 -7.43 -3.20
CA ARG A 887 0.77 -6.43 -3.87
C ARG A 887 2.24 -6.81 -3.83
N ARG A 888 2.74 -7.26 -2.68
CA ARG A 888 4.16 -7.61 -2.64
C ARG A 888 4.45 -8.90 -3.38
N LEU A 889 3.51 -9.85 -3.39
CA LEU A 889 3.66 -11.04 -4.22
C LEU A 889 3.82 -10.66 -5.68
N MET A 890 2.99 -9.71 -6.15
CA MET A 890 3.10 -9.26 -7.53
C MET A 890 4.42 -8.55 -7.78
N LYS A 891 4.87 -7.74 -6.82
CA LYS A 891 6.15 -7.05 -7.00
C LYS A 891 7.29 -8.04 -7.15
N SER A 892 7.28 -9.11 -6.36
CA SER A 892 8.34 -10.11 -6.47
C SER A 892 8.24 -10.90 -7.78
N LEU A 893 7.02 -11.25 -8.21
CA LEU A 893 6.87 -12.23 -9.29
C LEU A 893 6.52 -11.61 -10.64
N GLU A 894 6.49 -10.29 -10.75
CA GLU A 894 5.76 -9.65 -11.84
C GLU A 894 6.42 -9.88 -13.19
N ASP A 895 7.74 -10.03 -13.25
CA ASP A 895 8.43 -10.13 -14.53
C ASP A 895 9.13 -11.48 -14.62
N LEU A 896 8.36 -12.51 -14.96
CA LEU A 896 8.87 -13.83 -15.27
C LEU A 896 8.06 -14.35 -16.44
N SER A 897 8.76 -14.84 -17.46
CA SER A 897 8.12 -15.13 -18.72
C SER A 897 8.70 -16.40 -19.30
N CYS A 898 7.84 -17.26 -19.82
CA CYS A 898 8.31 -18.37 -20.64
C CYS A 898 8.88 -17.84 -21.93
N GLN A 899 10.03 -18.39 -22.34
CA GLN A 899 10.73 -17.94 -23.53
C GLN A 899 10.59 -18.97 -24.64
N TYR A 900 11.14 -18.64 -25.80
CA TYR A 900 11.05 -19.53 -26.95
C TYR A 900 12.00 -20.72 -26.87
N ASP A 901 12.92 -20.74 -25.91
CA ASP A 901 13.70 -21.92 -25.61
C ASP A 901 13.10 -22.75 -24.48
N ASN A 902 11.92 -22.36 -24.00
CA ASN A 902 11.07 -23.00 -23.00
C ASN A 902 11.48 -22.71 -21.57
N THR A 903 12.56 -21.97 -21.34
CA THR A 903 13.00 -21.69 -19.98
C THR A 903 12.26 -20.50 -19.40
N VAL A 904 12.04 -20.54 -18.09
CA VAL A 904 11.47 -19.40 -17.37
C VAL A 904 12.62 -18.53 -16.88
N ARG A 905 12.61 -17.26 -17.28
CA ARG A 905 13.73 -16.37 -17.00
C ARG A 905 13.19 -15.07 -16.40
N THR A 906 14.12 -14.16 -16.09
CA THR A 906 13.80 -12.86 -15.53
C THR A 906 13.95 -11.78 -16.60
N SER A 907 13.76 -10.53 -16.18
CA SER A 907 14.02 -9.40 -17.06
C SER A 907 15.51 -9.27 -17.36
N ALA A 908 16.35 -9.56 -16.36
CA ALA A 908 17.79 -9.52 -16.52
C ALA A 908 18.35 -10.76 -17.22
N ASN A 909 17.49 -11.61 -17.77
CA ASN A 909 17.87 -12.83 -18.48
C ASN A 909 18.45 -13.89 -17.56
N GLY A 910 18.08 -13.86 -16.28
CA GLY A 910 18.54 -14.86 -15.35
C GLY A 910 17.60 -16.05 -15.27
N ILE A 911 18.11 -17.23 -15.58
CA ILE A 911 17.28 -18.40 -15.81
C ILE A 911 16.93 -19.06 -14.47
N VAL A 912 15.69 -18.87 -14.03
CA VAL A 912 15.27 -19.36 -12.72
C VAL A 912 14.74 -20.79 -12.78
N GLN A 913 14.00 -21.15 -13.83
CA GLN A 913 13.54 -22.51 -14.01
C GLN A 913 13.90 -22.98 -15.41
N PHE A 914 14.33 -24.22 -15.53
CA PHE A 914 14.71 -24.75 -16.84
C PHE A 914 13.51 -25.25 -17.62
N THR A 915 12.45 -25.65 -16.94
CA THR A 915 11.18 -26.00 -17.56
C THR A 915 10.10 -25.71 -16.55
N TYR A 916 8.97 -25.21 -17.01
CA TYR A 916 7.92 -24.81 -16.08
C TYR A 916 7.42 -26.02 -15.30
N GLY A 917 7.54 -25.96 -13.98
CA GLY A 917 7.09 -27.05 -13.14
C GLY A 917 7.78 -28.36 -13.39
N GLY A 918 8.95 -28.34 -14.02
CA GLY A 918 9.61 -29.56 -14.42
C GLY A 918 8.89 -30.34 -15.49
N ASP A 919 7.87 -29.76 -16.08
CA ASP A 919 6.99 -30.41 -17.03
C ASP A 919 6.82 -29.62 -18.31
N GLY A 920 6.72 -28.30 -18.21
CA GLY A 920 6.38 -27.49 -19.37
C GLY A 920 4.92 -27.48 -19.75
N LEU A 921 4.02 -27.78 -18.81
CA LEU A 921 2.60 -27.90 -19.09
C LEU A 921 1.82 -26.76 -18.44
N ASP A 922 1.01 -26.09 -19.24
CA ASP A 922 0.18 -25.00 -18.76
C ASP A 922 -0.92 -25.55 -17.85
N PRO A 923 -1.01 -25.11 -16.60
CA PRO A 923 -2.04 -25.66 -15.71
C PRO A 923 -3.46 -25.33 -16.14
N LEU A 924 -3.65 -24.28 -16.94
CA LEU A 924 -5.00 -23.86 -17.32
C LEU A 924 -5.67 -24.90 -18.22
N GLU A 925 -4.98 -25.33 -19.27
CA GLU A 925 -5.56 -26.29 -20.21
C GLU A 925 -5.04 -27.71 -19.96
N MET A 926 -5.38 -28.23 -18.79
CA MET A 926 -5.04 -29.58 -18.38
C MET A 926 -6.26 -30.23 -17.75
N GLU A 927 -6.50 -31.48 -18.10
CA GLU A 927 -7.64 -32.22 -17.55
C GLU A 927 -7.31 -32.74 -16.15
N GLY A 928 -8.16 -33.62 -15.63
CA GLY A 928 -8.12 -33.95 -14.22
C GLY A 928 -6.98 -34.89 -13.86
N ASN A 929 -6.95 -35.23 -12.58
CA ASN A 929 -6.00 -36.19 -12.02
C ASN A 929 -4.55 -35.79 -12.27
N ALA A 930 -4.27 -34.49 -12.26
CA ALA A 930 -2.92 -33.97 -12.44
C ALA A 930 -2.27 -34.51 -13.72
N GLN A 931 -3.09 -34.70 -14.74
CA GLN A 931 -2.68 -35.24 -16.03
C GLN A 931 -3.40 -34.44 -17.11
N PRO A 932 -2.79 -34.27 -18.27
CA PRO A 932 -3.42 -33.44 -19.31
C PRO A 932 -4.35 -34.15 -20.29
N VAL A 933 -4.74 -35.39 -19.99
CA VAL A 933 -5.65 -36.18 -20.89
C VAL A 933 -6.50 -37.11 -20.02
N ASN A 934 -7.83 -37.05 -20.16
CA ASN A 934 -8.71 -38.00 -19.43
C ASN A 934 -8.84 -39.28 -20.28
N PHE A 935 -7.83 -40.14 -20.25
CA PHE A 935 -7.84 -41.36 -21.10
C PHE A 935 -9.22 -42.00 -21.09
N ASN A 936 -9.90 -41.99 -19.95
CA ASN A 936 -11.22 -42.66 -19.84
C ASN A 936 -12.22 -41.98 -20.77
N ARG A 937 -12.45 -40.68 -20.61
CA ARG A 937 -13.40 -39.94 -21.48
C ARG A 937 -12.94 -40.07 -22.94
N SER A 938 -11.64 -39.88 -23.20
CA SER A 938 -11.13 -39.93 -24.59
C SER A 938 -11.49 -41.29 -25.22
N TRP A 939 -11.33 -42.38 -24.48
CA TRP A 939 -11.65 -43.73 -25.01
C TRP A 939 -13.14 -43.81 -25.34
N ASP A 940 -14.00 -43.40 -24.40
CA ASP A 940 -15.48 -43.47 -24.62
C ASP A 940 -15.84 -42.60 -25.83
N HIS A 941 -15.26 -41.39 -25.91
CA HIS A 941 -15.56 -40.47 -27.03
C HIS A 941 -15.10 -41.10 -28.34
N ALA A 942 -13.84 -41.55 -28.39
CA ALA A 942 -13.29 -42.15 -29.63
C ALA A 942 -14.17 -43.33 -30.05
N TYR A 943 -14.49 -44.21 -29.11
CA TYR A 943 -15.33 -45.39 -29.42
C TYR A 943 -16.67 -44.90 -30.00
N ASN A 944 -17.33 -43.97 -29.30
CA ASN A 944 -18.63 -43.51 -29.77
C ASN A 944 -18.53 -42.85 -31.14
N ILE A 945 -17.49 -42.04 -31.36
CA ILE A 945 -17.36 -41.33 -32.63
C ILE A 945 -17.17 -42.31 -33.77
N THR A 946 -16.48 -43.42 -33.51
CA THR A 946 -16.13 -44.38 -34.56
C THR A 946 -16.92 -45.68 -34.45
N PHE A 947 -18.20 -45.60 -34.10
CA PHE A 947 -19.01 -46.81 -33.94
C PHE A 947 -19.60 -47.22 -35.28
N ASN A 948 -19.27 -48.42 -35.73
CA ASN A 948 -19.93 -49.04 -36.87
C ASN A 948 -20.28 -50.47 -36.50
N ASN A 949 -21.49 -50.89 -36.90
CA ASN A 949 -21.91 -52.27 -36.63
C ASN A 949 -21.05 -53.28 -37.38
N GLN A 950 -20.76 -53.00 -38.65
CA GLN A 950 -20.00 -53.94 -39.48
C GLN A 950 -18.54 -53.55 -39.56
N ASP A 951 -17.88 -53.59 -38.41
CA ASP A 951 -16.43 -53.38 -38.33
C ASP A 951 -15.83 -54.52 -37.52
N LYS A 952 -14.98 -55.31 -38.17
CA LYS A 952 -14.44 -56.50 -37.54
C LYS A 952 -13.62 -56.13 -36.31
N GLY A 953 -13.70 -56.96 -35.28
CA GLY A 953 -13.00 -56.70 -34.04
C GLY A 953 -11.59 -57.25 -34.03
N LEU A 954 -10.61 -56.39 -33.75
CA LEU A 954 -9.22 -56.81 -33.70
C LEU A 954 -8.98 -57.78 -32.55
N LEU A 955 -8.04 -58.69 -32.73
CA LEU A 955 -7.61 -59.56 -31.65
C LEU A 955 -6.79 -58.77 -30.65
N PRO A 956 -6.71 -59.24 -29.40
CA PRO A 956 -6.04 -58.45 -28.37
C PRO A 956 -4.60 -58.10 -28.70
N TYR A 957 -3.91 -58.92 -29.48
CA TYR A 957 -2.54 -58.56 -29.84
C TYR A 957 -2.50 -57.47 -30.91
N ALA A 958 -3.49 -57.42 -31.80
CA ALA A 958 -3.48 -56.44 -32.88
C ALA A 958 -3.69 -55.02 -32.37
N ILE A 959 -4.45 -54.88 -31.28
CA ILE A 959 -4.62 -53.58 -30.64
C ILE A 959 -3.25 -53.00 -30.28
N MET A 960 -2.43 -53.81 -29.61
CA MET A 960 -1.09 -53.36 -29.24
C MET A 960 -0.21 -53.17 -30.47
N GLU A 961 -0.43 -53.95 -31.52
CA GLU A 961 0.37 -53.77 -32.73
C GLU A 961 0.15 -52.40 -33.33
N THR A 962 -1.12 -51.97 -33.42
CA THR A 962 -1.38 -50.62 -33.93
C THR A 962 -0.90 -49.55 -32.97
N ALA A 963 -1.13 -49.75 -31.67
CA ALA A 963 -0.71 -48.75 -30.69
C ALA A 963 0.80 -48.54 -30.72
N ASN A 964 1.58 -49.61 -30.84
CA ASN A 964 3.03 -49.53 -30.94
C ASN A 964 3.51 -49.20 -32.35
N GLU A 965 2.65 -49.31 -33.36
CA GLU A 965 3.01 -48.78 -34.66
C GLU A 965 2.93 -47.28 -34.68
N ILE A 966 2.01 -46.71 -33.91
CA ILE A 966 1.93 -45.25 -33.79
C ILE A 966 2.95 -44.74 -32.77
N LEU A 967 2.80 -45.15 -31.52
CA LEU A 967 3.76 -44.80 -30.48
C LEU A 967 5.05 -45.56 -30.71
N GLY A 968 6.18 -44.88 -30.53
CA GLY A 968 7.46 -45.51 -30.65
C GLY A 968 8.42 -44.77 -31.55
N PRO A 969 7.94 -44.29 -32.70
CA PRO A 969 8.69 -43.23 -33.38
C PRO A 969 8.80 -41.98 -32.54
N LEU A 970 7.73 -41.65 -31.81
CA LEU A 970 7.77 -40.52 -30.89
C LEU A 970 8.75 -40.76 -29.74
N GLU A 971 9.12 -42.02 -29.49
CA GLU A 971 10.11 -42.33 -28.46
C GLU A 971 11.53 -42.36 -29.01
N GLU A 972 11.72 -42.89 -30.23
CA GLU A 972 13.02 -42.75 -30.88
C GLU A 972 13.35 -41.29 -31.14
N ARG A 973 12.35 -40.42 -31.20
CA ARG A 973 12.64 -39.00 -31.35
C ARG A 973 13.41 -38.46 -30.15
N LEU A 974 13.19 -39.02 -28.96
CA LEU A 974 13.87 -38.59 -27.75
C LEU A 974 15.03 -39.54 -27.48
N VAL A 975 16.26 -38.99 -27.50
CA VAL A 975 17.45 -39.84 -27.62
C VAL A 975 18.15 -40.06 -26.27
N ARG A 976 18.08 -39.07 -25.38
CA ARG A 976 18.74 -39.15 -24.07
C ARG A 976 20.25 -39.32 -24.23
N TYR A 977 20.88 -38.24 -24.69
CA TYR A 977 22.32 -38.17 -24.78
C TYR A 977 22.93 -38.16 -23.37
N ASP A 978 24.26 -38.13 -23.33
CA ASP A 978 25.00 -38.15 -22.08
C ASP A 978 25.21 -36.73 -21.56
N ASN A 979 25.68 -36.64 -20.31
CA ASN A 979 25.94 -35.35 -19.68
C ASN A 979 27.04 -34.58 -20.40
N SER A 980 27.86 -35.25 -21.22
CA SER A 980 28.87 -34.60 -22.02
C SER A 980 28.55 -34.59 -23.51
N GLY A 981 27.49 -35.27 -23.94
CA GLY A 981 27.10 -35.28 -25.34
C GLY A 981 27.19 -36.62 -26.02
N CYS A 982 27.56 -37.68 -25.32
CA CYS A 982 27.66 -39.01 -25.90
C CYS A 982 26.26 -39.63 -25.99
N LEU A 983 26.19 -40.93 -26.24
CA LEU A 983 24.92 -41.66 -26.28
C LEU A 983 24.94 -42.75 -25.22
N VAL A 984 23.87 -42.82 -24.44
CA VAL A 984 23.77 -43.82 -23.38
C VAL A 984 23.72 -45.23 -24.00
N LYS A 985 24.33 -46.19 -23.31
CA LYS A 985 24.55 -47.53 -23.85
C LYS A 985 23.38 -48.48 -23.60
N ARG A 986 22.19 -47.96 -23.33
CA ARG A 986 20.95 -48.74 -23.30
C ARG A 986 20.86 -49.65 -22.08
N GLU A 987 21.93 -49.77 -21.31
CA GLU A 987 21.86 -50.37 -19.99
C GLU A 987 21.93 -49.34 -18.88
N ASP A 988 22.31 -48.10 -19.19
CA ASP A 988 22.37 -47.01 -18.24
C ASP A 988 21.24 -46.01 -18.47
N LEU A 989 20.06 -46.49 -18.88
CA LEU A 989 19.00 -45.58 -19.27
C LEU A 989 18.28 -44.97 -18.08
N ASN A 990 18.16 -45.69 -16.98
CA ASN A 990 17.43 -45.23 -15.80
C ASN A 990 18.37 -45.01 -14.62
N LYS A 991 19.53 -44.41 -14.89
CA LYS A 991 20.58 -44.33 -13.87
C LYS A 991 20.40 -43.16 -12.91
N ALA A 992 19.35 -42.35 -13.08
CA ALA A 992 19.09 -41.18 -12.24
C ALA A 992 20.20 -40.14 -12.32
N GLU A 993 21.05 -40.24 -13.33
CA GLU A 993 22.06 -39.23 -13.61
C GLU A 993 22.00 -38.71 -15.03
N TYR A 994 21.38 -39.44 -15.95
CA TYR A 994 21.18 -38.99 -17.31
C TYR A 994 19.78 -38.45 -17.54
N VAL A 995 19.03 -38.17 -16.48
CA VAL A 995 17.71 -37.60 -16.67
C VAL A 995 17.86 -36.22 -17.31
N ASP A 996 16.82 -35.81 -18.01
CA ASP A 996 16.84 -34.54 -18.72
C ASP A 996 15.40 -34.10 -18.93
N GLN A 997 15.21 -33.13 -19.81
CA GLN A 997 13.86 -32.92 -20.34
C GLN A 997 13.55 -34.05 -21.32
N TYR A 998 12.29 -34.09 -21.77
CA TYR A 998 11.68 -35.19 -22.50
C TYR A 998 11.39 -36.37 -21.60
N ASP A 999 11.76 -36.33 -20.33
CA ASP A 999 11.44 -37.44 -19.43
C ASP A 999 9.95 -37.49 -19.12
N ALA A 1000 9.33 -36.32 -18.93
CA ALA A 1000 7.89 -36.28 -18.71
C ALA A 1000 7.13 -36.74 -19.96
N GLU A 1001 7.63 -36.39 -21.14
CA GLU A 1001 7.04 -36.89 -22.38
C GLU A 1001 7.16 -38.40 -22.50
N ARG A 1002 8.31 -38.95 -22.12
CA ARG A 1002 8.47 -40.40 -22.12
C ARG A 1002 7.48 -41.05 -21.16
N ASP A 1003 7.31 -40.47 -19.98
CA ASP A 1003 6.37 -41.03 -19.02
C ASP A 1003 4.95 -40.98 -19.57
N PHE A 1004 4.59 -39.90 -20.28
CA PHE A 1004 3.27 -39.82 -20.87
C PHE A 1004 3.06 -40.94 -21.90
N TYR A 1005 4.04 -41.17 -22.77
CA TYR A 1005 3.91 -42.25 -23.75
C TYR A 1005 3.76 -43.60 -23.06
N HIS A 1006 4.53 -43.82 -22.00
CA HIS A 1006 4.44 -45.10 -21.28
C HIS A 1006 3.07 -45.30 -20.67
N SER A 1007 2.49 -44.26 -20.08
CA SER A 1007 1.15 -44.38 -19.50
C SER A 1007 0.10 -44.62 -20.58
N LEU A 1008 0.25 -43.99 -21.74
CA LEU A 1008 -0.64 -44.26 -22.88
C LEU A 1008 -0.62 -45.73 -23.24
N ARG A 1009 0.58 -46.29 -23.44
CA ARG A 1009 0.71 -47.68 -23.82
C ARG A 1009 0.18 -48.59 -22.72
N GLU A 1010 0.35 -48.21 -21.47
CA GLU A 1010 -0.15 -49.02 -20.36
C GLU A 1010 -1.67 -49.07 -20.35
N TYR A 1011 -2.33 -47.93 -20.57
CA TYR A 1011 -3.80 -47.92 -20.61
C TYR A 1011 -4.33 -48.79 -21.75
N ILE A 1012 -3.73 -48.65 -22.94
CA ILE A 1012 -4.16 -49.47 -24.06
C ILE A 1012 -3.94 -50.95 -23.74
N ASN A 1013 -2.84 -51.28 -23.08
CA ASN A 1013 -2.57 -52.67 -22.73
C ASN A 1013 -3.58 -53.19 -21.72
N GLY A 1014 -4.03 -52.33 -20.80
CA GLY A 1014 -5.08 -52.75 -19.88
C GLY A 1014 -6.33 -53.15 -20.62
N LYS A 1015 -6.76 -52.33 -21.59
CA LYS A 1015 -7.93 -52.68 -22.38
C LYS A 1015 -7.73 -53.98 -23.15
N ALA A 1016 -6.56 -54.14 -23.77
CA ALA A 1016 -6.29 -55.35 -24.55
C ALA A 1016 -6.27 -56.59 -23.68
N THR A 1017 -5.68 -56.50 -22.51
CA THR A 1017 -5.63 -57.64 -21.59
C THR A 1017 -7.03 -58.02 -21.12
N ALA A 1018 -7.87 -57.01 -20.84
CA ALA A 1018 -9.25 -57.33 -20.46
C ALA A 1018 -9.97 -58.07 -21.58
N LEU A 1019 -9.78 -57.64 -22.83
CA LEU A 1019 -10.43 -58.33 -23.95
C LEU A 1019 -9.94 -59.77 -24.05
N ALA A 1020 -8.62 -59.97 -23.98
CA ALA A 1020 -8.06 -61.31 -24.09
C ALA A 1020 -8.56 -62.21 -22.97
N ASN A 1021 -8.65 -61.67 -21.75
CA ASN A 1021 -9.15 -62.46 -20.62
C ASN A 1021 -10.61 -62.85 -20.82
N LEU A 1022 -11.43 -61.93 -21.32
CA LEU A 1022 -12.82 -62.28 -21.59
C LEU A 1022 -12.91 -63.38 -22.64
N ARG A 1023 -12.08 -63.28 -23.69
CA ARG A 1023 -12.12 -64.28 -24.75
C ARG A 1023 -11.71 -65.66 -24.21
N LYS A 1024 -10.68 -65.71 -23.38
CA LYS A 1024 -10.20 -66.99 -22.87
C LYS A 1024 -11.01 -67.52 -21.70
N SER A 1025 -11.86 -66.71 -21.09
CA SER A 1025 -12.65 -67.16 -19.94
C SER A 1025 -14.04 -67.64 -20.32
N ARG A 1026 -14.36 -67.70 -21.60
CA ARG A 1026 -15.67 -68.18 -22.05
C ARG A 1026 -15.51 -69.11 -23.25
N GLY A 1027 -14.61 -70.07 -23.14
CA GLY A 1027 -14.49 -71.13 -24.12
C GLY A 1027 -13.43 -70.91 -25.18
N MET A 1028 -13.32 -69.69 -25.69
CA MET A 1028 -12.35 -69.36 -26.71
C MET A 1028 -10.98 -69.20 -26.04
N LEU A 1029 -9.95 -68.88 -26.83
CA LEU A 1029 -8.62 -68.64 -26.30
C LEU A 1029 -8.23 -67.18 -26.52
N GLY A 1030 -7.51 -66.62 -25.56
CA GLY A 1030 -7.14 -65.21 -25.61
C GLY A 1030 -5.76 -64.96 -26.17
N LEU A 1031 -5.69 -64.45 -27.40
CA LEU A 1031 -4.43 -64.24 -28.10
C LEU A 1031 -3.80 -62.93 -27.61
N LEU A 1032 -3.26 -62.96 -26.41
CA LEU A 1032 -2.63 -61.77 -25.85
C LEU A 1032 -1.25 -61.50 -26.42
N GLU A 1033 -0.62 -62.49 -27.04
CA GLU A 1033 0.69 -62.35 -27.62
C GLU A 1033 0.65 -62.82 -29.07
N PRO A 1034 1.49 -62.24 -29.94
CA PRO A 1034 1.43 -62.58 -31.36
C PRO A 1034 1.63 -64.07 -31.56
N PRO A 1035 0.87 -64.68 -32.47
CA PRO A 1035 1.08 -66.09 -32.75
C PRO A 1035 2.40 -66.33 -33.46
N ALA A 1036 3.00 -67.49 -33.19
CA ALA A 1036 4.31 -67.79 -33.76
C ALA A 1036 4.23 -67.92 -35.27
N LYS A 1037 3.16 -68.54 -35.78
CA LYS A 1037 3.02 -68.81 -37.20
C LYS A 1037 2.01 -67.86 -37.82
N GLU A 1038 1.70 -68.09 -39.09
CA GLU A 1038 0.82 -67.20 -39.85
C GLU A 1038 -0.61 -67.33 -39.34
N LEU A 1039 -1.12 -66.26 -38.72
CA LEU A 1039 -2.51 -66.20 -38.30
C LEU A 1039 -3.22 -64.96 -38.83
N GLN A 1040 -2.60 -64.22 -39.76
CA GLN A 1040 -3.27 -63.07 -40.37
C GLN A 1040 -4.29 -63.52 -41.41
N GLY A 1041 -4.00 -64.61 -42.11
CA GLY A 1041 -4.95 -65.19 -43.05
C GLY A 1041 -5.60 -66.43 -42.50
N ILE A 1042 -4.81 -67.26 -41.81
CA ILE A 1042 -5.37 -68.39 -41.07
C ILE A 1042 -6.15 -67.85 -39.87
N ASP A 1043 -7.44 -68.10 -39.85
CA ASP A 1043 -8.26 -67.62 -38.76
C ASP A 1043 -7.89 -68.34 -37.46
N PRO A 1044 -7.83 -67.63 -36.34
CA PRO A 1044 -7.58 -68.30 -35.05
C PRO A 1044 -8.83 -68.77 -34.33
N ASP A 1045 -10.02 -68.40 -34.80
CA ASP A 1045 -11.27 -68.77 -34.14
C ASP A 1045 -12.32 -69.17 -35.17
N GLU A 1046 -11.89 -69.80 -36.26
CA GLU A 1046 -12.83 -70.31 -37.26
C GLU A 1046 -13.54 -71.56 -36.78
N THR A 1047 -12.98 -72.29 -35.83
CA THR A 1047 -13.59 -73.49 -35.29
C THR A 1047 -14.59 -73.20 -34.18
N VAL A 1048 -14.69 -71.95 -33.75
CA VAL A 1048 -15.71 -71.57 -32.75
C VAL A 1048 -17.09 -71.67 -33.40
N PRO A 1049 -18.06 -72.32 -32.76
CA PRO A 1049 -19.32 -72.63 -33.46
C PRO A 1049 -20.25 -71.42 -33.65
N ASP A 1050 -19.70 -70.32 -34.15
CA ASP A 1050 -20.46 -69.18 -34.68
C ASP A 1050 -21.43 -68.58 -33.67
N ASN A 1051 -21.38 -69.00 -32.42
CA ASN A 1051 -22.24 -68.44 -31.38
C ASN A 1051 -21.43 -67.77 -30.28
N VAL A 1052 -20.40 -68.45 -29.77
CA VAL A 1052 -19.49 -67.80 -28.84
C VAL A 1052 -18.79 -66.62 -29.52
N LYS A 1053 -18.50 -66.76 -30.81
CA LYS A 1053 -17.92 -65.66 -31.57
C LYS A 1053 -18.83 -64.44 -31.55
N THR A 1054 -20.12 -64.64 -31.83
CA THR A 1054 -21.05 -63.51 -31.84
C THR A 1054 -21.23 -62.93 -30.44
N SER A 1055 -21.32 -63.77 -29.41
CA SER A 1055 -21.48 -63.24 -28.06
C SER A 1055 -20.26 -62.43 -27.63
N VAL A 1056 -19.06 -62.91 -27.97
CA VAL A 1056 -17.85 -62.15 -27.67
C VAL A 1056 -17.85 -60.83 -28.42
N SER A 1057 -18.19 -60.87 -29.71
CA SER A 1057 -18.16 -59.64 -30.50
C SER A 1057 -19.25 -58.66 -30.11
N GLN A 1058 -20.29 -59.12 -29.40
CA GLN A 1058 -21.26 -58.17 -28.89
C GLN A 1058 -20.90 -57.66 -27.50
N LEU A 1059 -20.09 -58.42 -26.76
CA LEU A 1059 -19.63 -57.91 -25.46
C LEU A 1059 -18.48 -56.92 -25.62
N TYR A 1060 -17.44 -57.31 -26.34
CA TYR A 1060 -16.27 -56.45 -26.59
C TYR A 1060 -15.99 -56.41 -28.08
N ARG A 1061 -15.85 -55.22 -28.64
CA ARG A 1061 -15.48 -55.09 -30.04
C ARG A 1061 -14.65 -53.81 -30.17
N ILE A 1062 -13.34 -53.95 -30.16
CA ILE A 1062 -12.41 -52.84 -30.27
C ILE A 1062 -11.90 -52.81 -31.70
N SER A 1063 -12.38 -51.86 -32.49
CA SER A 1063 -12.00 -51.74 -33.89
C SER A 1063 -10.69 -50.97 -34.01
N GLU A 1064 -10.10 -51.03 -35.20
CA GLU A 1064 -8.88 -50.27 -35.44
C GLU A 1064 -9.15 -48.77 -35.42
N LYS A 1065 -10.30 -48.37 -35.95
CA LYS A 1065 -10.64 -46.95 -35.99
C LYS A 1065 -10.70 -46.35 -34.59
N SER A 1066 -11.24 -47.12 -33.63
CA SER A 1066 -11.30 -46.64 -32.26
C SER A 1066 -9.91 -46.40 -31.69
N VAL A 1067 -9.00 -47.34 -31.90
CA VAL A 1067 -7.65 -47.20 -31.36
C VAL A 1067 -6.94 -46.01 -31.98
N ARG A 1068 -7.02 -45.88 -33.31
CA ARG A 1068 -6.35 -44.78 -33.97
C ARG A 1068 -6.94 -43.43 -33.57
N LYS A 1069 -8.27 -43.36 -33.43
CA LYS A 1069 -8.89 -42.11 -33.01
C LYS A 1069 -8.52 -41.75 -31.57
N PHE A 1070 -8.46 -42.74 -30.69
CA PHE A 1070 -8.07 -42.46 -29.30
C PHE A 1070 -6.64 -41.96 -29.24
N LEU A 1071 -5.73 -42.56 -30.02
CA LEU A 1071 -4.36 -42.09 -30.04
C LEU A 1071 -4.29 -40.67 -30.60
N GLU A 1072 -5.05 -40.37 -31.64
CA GLU A 1072 -5.05 -39.01 -32.17
C GLU A 1072 -5.57 -38.00 -31.16
N ILE A 1073 -6.64 -38.35 -30.45
CA ILE A 1073 -7.20 -37.47 -29.42
C ILE A 1073 -6.16 -37.18 -28.35
N ALA A 1074 -5.53 -38.24 -27.82
CA ALA A 1074 -4.57 -38.05 -26.74
C ALA A 1074 -3.35 -37.26 -27.20
N LEU A 1075 -2.84 -37.55 -28.39
CA LEU A 1075 -1.68 -36.82 -28.88
C LEU A 1075 -2.01 -35.35 -29.11
N PHE A 1076 -3.19 -35.06 -29.67
CA PHE A 1076 -3.57 -33.67 -29.88
C PHE A 1076 -3.67 -32.93 -28.55
N LYS A 1077 -4.31 -33.54 -27.55
CA LYS A 1077 -4.46 -32.87 -26.27
C LYS A 1077 -3.10 -32.65 -25.60
N TYR A 1078 -2.19 -33.61 -25.72
CA TYR A 1078 -0.89 -33.43 -25.09
C TYR A 1078 -0.06 -32.37 -25.79
N ARG A 1079 -0.04 -32.40 -27.13
CA ARG A 1079 0.67 -31.36 -27.85
C ARG A 1079 0.07 -29.99 -27.59
N LYS A 1080 -1.22 -29.94 -27.24
CA LYS A 1080 -1.84 -28.66 -26.94
C LYS A 1080 -1.42 -28.16 -25.58
N ALA A 1081 -1.51 -29.01 -24.55
CA ALA A 1081 -1.21 -28.55 -23.20
C ALA A 1081 0.28 -28.33 -23.00
N ARG A 1082 0.76 -27.14 -23.37
CA ARG A 1082 2.15 -26.74 -23.14
C ARG A 1082 2.14 -25.24 -22.91
N LEU A 1083 2.99 -24.78 -22.00
CA LEU A 1083 3.06 -23.35 -21.70
C LEU A 1083 3.61 -22.62 -22.90
N GLU A 1084 2.80 -21.71 -23.46
CA GLU A 1084 3.17 -21.03 -24.70
C GLU A 1084 4.21 -19.94 -24.41
N PRO A 1085 5.18 -19.76 -25.30
CA PRO A 1085 6.15 -18.69 -25.13
C PRO A 1085 5.49 -17.32 -25.11
N GLY A 1086 5.93 -16.47 -24.20
CA GLY A 1086 5.35 -15.17 -24.01
C GLY A 1086 4.40 -15.08 -22.84
N THR A 1087 4.01 -16.21 -22.27
CA THR A 1087 3.09 -16.20 -21.14
C THR A 1087 3.64 -15.38 -19.99
N ALA A 1088 2.78 -14.60 -19.35
CA ALA A 1088 3.16 -13.88 -18.14
C ALA A 1088 2.92 -14.77 -16.92
N ILE A 1089 3.70 -15.84 -16.87
CA ILE A 1089 3.47 -16.89 -15.89
C ILE A 1089 3.74 -16.41 -14.48
N GLY A 1090 4.71 -15.51 -14.31
CA GLY A 1090 4.96 -14.98 -12.98
C GLY A 1090 3.77 -14.27 -12.39
N ALA A 1091 3.16 -13.36 -13.16
CA ALA A 1091 1.99 -12.63 -12.68
C ALA A 1091 0.79 -13.55 -12.54
N ILE A 1092 0.64 -14.52 -13.45
CA ILE A 1092 -0.45 -15.49 -13.32
C ILE A 1092 -0.34 -16.24 -12.00
N GLY A 1093 0.86 -16.74 -11.68
CA GLY A 1093 1.05 -17.46 -10.43
C GLY A 1093 0.92 -16.57 -9.21
N ALA A 1094 1.41 -15.33 -9.31
CA ALA A 1094 1.29 -14.41 -8.19
C ALA A 1094 -0.17 -14.15 -7.85
N GLN A 1095 -1.00 -13.96 -8.87
CA GLN A 1095 -2.41 -13.74 -8.62
C GLN A 1095 -3.13 -15.02 -8.22
N SER A 1096 -2.69 -16.17 -8.74
CA SER A 1096 -3.28 -17.45 -8.34
C SER A 1096 -2.94 -17.83 -6.90
N ILE A 1097 -1.88 -17.28 -6.34
CA ILE A 1097 -1.61 -17.48 -4.92
C ILE A 1097 -2.27 -16.41 -4.07
N GLY A 1098 -2.19 -15.14 -4.48
CA GLY A 1098 -2.76 -14.07 -3.69
C GLY A 1098 -4.27 -14.11 -3.62
N GLU A 1099 -4.93 -14.44 -4.72
CA GLU A 1099 -6.38 -14.41 -4.76
C GLU A 1099 -7.05 -15.38 -3.78
N PRO A 1100 -6.66 -16.66 -3.71
CA PRO A 1100 -7.17 -17.49 -2.62
C PRO A 1100 -6.76 -16.98 -1.25
N GLY A 1101 -5.63 -16.27 -1.17
CA GLY A 1101 -5.15 -15.77 0.11
C GLY A 1101 -6.04 -14.72 0.74
N THR A 1102 -6.91 -14.09 -0.05
CA THR A 1102 -7.80 -13.07 0.48
C THR A 1102 -9.03 -13.64 1.17
N GLN A 1103 -9.25 -14.95 1.10
CA GLN A 1103 -10.41 -15.58 1.70
C GLN A 1103 -10.11 -16.29 3.01
N MET A 1104 -8.86 -16.71 3.22
CA MET A 1104 -8.50 -17.38 4.47
C MET A 1104 -8.51 -16.40 5.63
N THR A 1105 -9.06 -16.84 6.75
CA THR A 1105 -9.19 -15.98 7.93
C THR A 1105 -7.83 -15.70 8.56
N LEU A 1106 -7.73 -14.55 9.22
CA LEU A 1106 -6.52 -14.20 9.97
C LEU A 1106 -6.61 -14.87 11.34
N LYS A 1107 -6.87 -16.16 11.33
CA LYS A 1107 -7.13 -16.91 12.55
C LYS A 1107 -7.00 -18.39 12.21
N THR A 1108 -6.66 -19.19 13.21
CA THR A 1108 -6.55 -20.63 13.05
C THR A 1108 -7.86 -21.26 13.49
N PHE A 1109 -8.86 -21.12 12.63
CA PHE A 1109 -10.14 -21.76 12.88
C PHE A 1109 -10.01 -23.27 12.75
N HIS A 1110 -10.72 -24.00 13.61
CA HIS A 1110 -10.67 -25.45 13.62
C HIS A 1110 -11.93 -25.98 14.28
N PHE A 1111 -12.19 -27.26 14.06
CA PHE A 1111 -13.39 -27.88 14.59
C PHE A 1111 -13.24 -28.12 16.09
N ALA A 1112 -14.19 -27.62 16.86
CA ALA A 1112 -14.15 -27.78 18.31
C ALA A 1112 -14.28 -29.24 18.71
N GLY A 1113 -13.65 -29.60 19.82
CA GLY A 1113 -13.72 -30.94 20.35
C GLY A 1113 -12.50 -31.81 20.15
N VAL A 1114 -11.41 -31.27 19.61
CA VAL A 1114 -10.19 -32.03 19.36
C VAL A 1114 -9.07 -31.62 20.31
N ALA A 1115 -8.81 -30.31 20.42
CA ALA A 1115 -7.75 -29.78 21.28
C ALA A 1115 -6.40 -30.45 21.00
N SER A 1116 -6.00 -30.42 19.73
CA SER A 1116 -4.71 -30.96 19.33
C SER A 1116 -3.61 -29.95 19.65
N MET A 1117 -2.41 -30.19 19.12
CA MET A 1117 -1.33 -29.25 19.29
C MET A 1117 -1.63 -27.95 18.54
N ASN A 1118 -1.17 -26.84 19.10
CA ASN A 1118 -1.46 -25.52 18.55
C ASN A 1118 -0.44 -25.17 17.47
N VAL A 1119 -0.93 -25.04 16.23
CA VAL A 1119 -0.12 -24.62 15.11
C VAL A 1119 -0.91 -23.61 14.29
N THR A 1120 -0.24 -22.56 13.84
CA THR A 1120 -0.89 -21.51 13.06
C THR A 1120 -0.80 -21.84 11.58
N LEU A 1121 -1.95 -21.86 10.90
CA LEU A 1121 -2.02 -22.32 9.52
C LEU A 1121 -2.90 -21.43 8.65
N GLY A 1122 -3.00 -20.15 8.99
CA GLY A 1122 -3.75 -19.23 8.15
C GLY A 1122 -2.90 -18.30 7.32
N VAL A 1123 -3.44 -17.11 7.03
CA VAL A 1123 -2.65 -16.08 6.36
C VAL A 1123 -1.47 -15.63 7.22
N PRO A 1124 -1.51 -15.68 8.56
CA PRO A 1124 -0.25 -15.46 9.29
C PRO A 1124 0.83 -16.48 8.96
N ARG A 1125 0.46 -17.75 8.76
CA ARG A 1125 1.45 -18.75 8.37
C ARG A 1125 1.96 -18.49 6.96
N ILE A 1126 1.06 -18.17 6.03
CA ILE A 1126 1.51 -17.81 4.68
C ILE A 1126 2.43 -16.60 4.73
N LYS A 1127 2.11 -15.63 5.59
CA LYS A 1127 2.91 -14.43 5.73
C LYS A 1127 4.30 -14.75 6.27
N GLU A 1128 4.39 -15.64 7.26
CA GLU A 1128 5.70 -16.05 7.78
C GLU A 1128 6.53 -16.72 6.69
N ILE A 1129 5.92 -17.66 5.96
CA ILE A 1129 6.67 -18.37 4.94
C ILE A 1129 7.14 -17.42 3.86
N ILE A 1130 6.26 -16.48 3.47
CA ILE A 1130 6.54 -15.54 2.40
C ILE A 1130 7.60 -14.54 2.83
N ASN A 1131 7.54 -14.09 4.09
CA ASN A 1131 8.49 -13.12 4.61
C ASN A 1131 9.84 -13.73 4.93
N ALA A 1132 9.92 -15.06 5.07
CA ALA A 1132 11.16 -15.72 5.47
C ALA A 1132 11.64 -15.20 6.82
N SER A 1133 10.71 -15.08 7.76
CA SER A 1133 11.05 -14.59 9.09
C SER A 1133 11.94 -15.59 9.82
N LYS A 1134 12.97 -15.07 10.48
CA LYS A 1134 13.91 -15.93 11.21
C LYS A 1134 13.31 -16.53 12.46
N VAL A 1135 12.26 -15.91 13.02
CA VAL A 1135 11.59 -16.42 14.20
C VAL A 1135 10.10 -16.51 13.89
N ILE A 1136 9.53 -17.70 14.07
CA ILE A 1136 8.11 -17.91 13.84
C ILE A 1136 7.46 -18.30 15.15
N SER A 1137 6.14 -18.44 15.15
CA SER A 1137 5.40 -18.90 16.31
C SER A 1137 4.97 -20.35 16.10
N THR A 1138 5.09 -21.15 17.15
CA THR A 1138 4.80 -22.57 17.11
C THR A 1138 5.64 -23.29 16.06
N PRO A 1139 6.94 -23.46 16.27
CA PRO A 1139 7.74 -24.33 15.40
C PRO A 1139 7.71 -25.76 15.91
N ILE A 1140 7.54 -26.70 14.98
CA ILE A 1140 7.30 -28.10 15.33
C ILE A 1140 8.29 -28.98 14.59
N ILE A 1141 8.91 -29.91 15.31
CA ILE A 1141 9.83 -30.88 14.75
C ILE A 1141 9.13 -32.24 14.71
N ASN A 1142 9.22 -32.92 13.59
CA ASN A 1142 8.60 -34.23 13.40
C ASN A 1142 9.70 -35.29 13.41
N ALA A 1143 9.81 -36.01 14.52
CA ALA A 1143 10.84 -37.03 14.69
C ALA A 1143 10.23 -38.42 14.50
N VAL A 1144 10.78 -39.18 13.56
CA VAL A 1144 10.31 -40.53 13.26
C VAL A 1144 11.08 -41.52 14.10
N LEU A 1145 10.36 -42.35 14.85
CA LEU A 1145 10.98 -43.29 15.77
C LEU A 1145 11.39 -44.57 15.05
N VAL A 1146 11.91 -45.52 15.83
CA VAL A 1146 12.32 -46.81 15.30
C VAL A 1146 11.42 -47.95 15.77
N ASN A 1147 10.91 -47.89 17.00
CA ASN A 1147 10.10 -48.95 17.57
C ASN A 1147 8.65 -48.50 17.68
N ASP A 1148 7.81 -49.43 18.16
CA ASP A 1148 6.38 -49.17 18.41
C ASP A 1148 5.98 -49.88 19.70
N ASN A 1149 6.07 -49.15 20.81
CA ASN A 1149 5.66 -49.68 22.11
C ASN A 1149 5.54 -48.48 23.04
N ASP A 1150 4.38 -48.33 23.68
CA ASP A 1150 4.18 -47.17 24.55
C ASP A 1150 5.14 -47.16 25.72
N GLU A 1151 5.33 -48.31 26.36
CA GLU A 1151 6.14 -48.40 27.57
C GLU A 1151 7.59 -48.70 27.22
N ARG A 1152 8.48 -47.76 27.55
CA ARG A 1152 9.92 -47.96 27.41
C ARG A 1152 10.34 -48.18 25.97
N ALA A 1153 9.61 -47.62 25.04
CA ALA A 1153 10.13 -47.49 23.69
C ALA A 1153 9.99 -46.07 23.15
N ALA A 1154 8.91 -45.38 23.51
CA ALA A 1154 8.74 -43.98 23.12
C ALA A 1154 9.19 -43.03 24.22
N ARG A 1155 8.96 -43.39 25.48
CA ARG A 1155 9.35 -42.53 26.59
C ARG A 1155 10.86 -42.46 26.75
N VAL A 1156 11.58 -43.56 26.48
CA VAL A 1156 13.03 -43.55 26.62
C VAL A 1156 13.69 -42.61 25.63
N VAL A 1157 13.04 -42.31 24.50
CA VAL A 1157 13.57 -41.36 23.54
C VAL A 1157 12.90 -40.00 23.65
N LYS A 1158 11.73 -39.91 24.29
CA LYS A 1158 11.19 -38.59 24.62
C LYS A 1158 11.96 -37.96 25.77
N GLY A 1159 12.46 -38.76 26.70
CA GLY A 1159 13.18 -38.23 27.84
C GLY A 1159 14.49 -37.56 27.49
N ARG A 1160 14.98 -37.73 26.28
CA ARG A 1160 16.25 -37.16 25.85
C ARG A 1160 16.11 -35.81 25.15
N VAL A 1161 14.90 -35.26 25.03
CA VAL A 1161 14.70 -34.03 24.27
C VAL A 1161 13.90 -32.99 25.04
N GLU A 1162 14.00 -32.96 26.37
CA GLU A 1162 13.10 -32.14 27.18
C GLU A 1162 13.84 -31.00 27.89
N LYS A 1163 13.08 -30.25 28.67
CA LYS A 1163 13.46 -28.94 29.20
C LYS A 1163 14.11 -29.10 30.58
N THR A 1164 14.23 -28.01 31.34
CA THR A 1164 14.91 -27.97 32.63
C THR A 1164 14.22 -28.88 33.64
N LEU A 1165 14.84 -30.01 33.94
CA LEU A 1165 14.26 -30.97 34.85
C LEU A 1165 14.88 -30.93 36.23
N LEU A 1166 15.68 -29.91 36.55
CA LEU A 1166 16.32 -29.88 37.86
C LEU A 1166 15.27 -29.74 38.96
N SER A 1167 14.35 -28.81 38.81
CA SER A 1167 13.26 -28.71 39.78
C SER A 1167 12.23 -29.80 39.57
N ASP A 1168 12.25 -30.46 38.42
CA ASP A 1168 11.36 -31.59 38.17
C ASP A 1168 11.83 -32.87 38.84
N VAL A 1169 13.10 -32.94 39.23
CA VAL A 1169 13.64 -34.10 39.92
C VAL A 1169 14.23 -33.75 41.27
N ALA A 1170 14.21 -32.48 41.68
CA ALA A 1170 14.90 -32.06 42.89
C ALA A 1170 14.15 -32.48 44.14
N PHE A 1171 12.83 -32.26 44.16
CA PHE A 1171 11.94 -32.77 45.21
C PHE A 1171 12.10 -32.01 46.52
N TYR A 1172 13.14 -31.19 46.63
CA TYR A 1172 13.22 -30.02 47.52
C TYR A 1172 14.61 -29.41 47.35
N VAL A 1173 14.78 -28.21 47.90
CA VAL A 1173 16.05 -27.51 47.90
C VAL A 1173 16.20 -26.82 49.25
N GLN A 1174 17.40 -26.88 49.82
CA GLN A 1174 17.65 -26.41 51.17
C GLN A 1174 18.74 -25.33 51.18
N ASP A 1175 18.58 -24.38 52.08
CA ASP A 1175 19.57 -23.35 52.35
C ASP A 1175 20.08 -23.54 53.78
N VAL A 1176 21.36 -23.86 53.93
CA VAL A 1176 21.92 -24.27 55.21
C VAL A 1176 23.12 -23.39 55.54
N TYR A 1177 23.17 -22.88 56.76
CA TYR A 1177 24.30 -22.11 57.27
C TYR A 1177 24.91 -22.84 58.47
N LYS A 1178 26.16 -22.52 58.78
CA LYS A 1178 26.89 -23.14 59.87
C LYS A 1178 27.84 -22.11 60.47
N ASP A 1179 28.79 -22.60 61.28
CA ASP A 1179 29.71 -21.71 61.99
C ASP A 1179 30.58 -20.91 61.02
N ASN A 1180 31.09 -21.57 59.98
CA ASN A 1180 31.94 -20.92 59.01
C ASN A 1180 31.58 -21.24 57.56
N LEU A 1181 30.71 -22.22 57.33
CA LEU A 1181 30.35 -22.63 55.98
C LEU A 1181 28.88 -22.33 55.69
N SER A 1182 28.62 -21.93 54.45
CA SER A 1182 27.28 -21.65 53.96
C SER A 1182 26.94 -22.66 52.87
N PHE A 1183 25.87 -23.42 53.07
CA PHE A 1183 25.49 -24.53 52.23
C PHE A 1183 24.23 -24.24 51.42
N ILE A 1184 24.14 -24.89 50.27
CA ILE A 1184 22.89 -25.06 49.52
C ILE A 1184 22.77 -26.54 49.20
N GLN A 1185 21.70 -27.17 49.69
CA GLN A 1185 21.53 -28.61 49.58
C GLN A 1185 20.29 -28.94 48.76
N VAL A 1186 20.43 -29.89 47.84
CA VAL A 1186 19.33 -30.40 47.03
C VAL A 1186 19.27 -31.91 47.19
N ARG A 1187 18.08 -32.44 47.45
CA ARG A 1187 17.89 -33.86 47.70
C ARG A 1187 17.16 -34.48 46.50
N ILE A 1188 17.94 -34.80 45.47
CA ILE A 1188 17.42 -35.30 44.21
C ILE A 1188 16.93 -36.74 44.37
N ASP A 1189 15.61 -36.90 44.54
CA ASP A 1189 15.06 -38.23 44.73
C ASP A 1189 15.17 -39.05 43.45
N LEU A 1190 15.40 -40.35 43.61
CA LEU A 1190 15.65 -41.24 42.48
C LEU A 1190 14.41 -41.99 42.02
N GLY A 1191 13.33 -41.99 42.80
CA GLY A 1191 12.12 -42.68 42.36
C GLY A 1191 11.50 -42.06 41.14
N THR A 1192 11.51 -40.73 41.06
CA THR A 1192 10.95 -40.05 39.89
C THR A 1192 11.74 -40.37 38.63
N ILE A 1193 13.07 -40.44 38.74
CA ILE A 1193 13.88 -40.87 37.60
C ILE A 1193 13.61 -42.33 37.27
N ASP A 1194 13.37 -43.15 38.29
CA ASP A 1194 13.03 -44.56 38.05
C ASP A 1194 11.70 -44.68 37.31
N LYS A 1195 10.79 -43.72 37.51
CA LYS A 1195 9.52 -43.76 36.81
C LYS A 1195 9.64 -43.17 35.39
N LEU A 1196 10.00 -41.90 35.29
CA LEU A 1196 10.29 -41.28 34.00
C LEU A 1196 11.66 -41.76 33.55
N GLN A 1197 11.69 -42.64 32.54
CA GLN A 1197 12.91 -43.38 32.24
C GLN A 1197 13.98 -42.45 31.68
N LEU A 1198 14.86 -41.97 32.56
CA LEU A 1198 15.86 -40.97 32.24
C LEU A 1198 17.26 -41.55 32.46
N GLU A 1199 18.21 -41.07 31.66
CA GLU A 1199 19.60 -41.52 31.73
C GLU A 1199 20.44 -40.47 32.46
N LEU A 1200 20.30 -40.45 33.79
CA LEU A 1200 21.13 -39.57 34.62
C LEU A 1200 20.98 -40.01 36.07
N THR A 1201 22.11 -40.19 36.76
CA THR A 1201 22.06 -40.66 38.14
C THR A 1201 22.62 -39.66 39.14
N ILE A 1202 23.91 -39.36 39.10
CA ILE A 1202 24.50 -38.45 40.09
C ILE A 1202 25.39 -37.43 39.40
N GLU A 1203 26.39 -37.94 38.67
CA GLU A 1203 27.45 -37.12 38.13
C GLU A 1203 26.98 -36.30 36.94
N ASP A 1204 25.97 -36.79 36.21
CA ASP A 1204 25.38 -35.95 35.17
C ASP A 1204 24.75 -34.70 35.77
N ILE A 1205 24.01 -34.86 36.87
CA ILE A 1205 23.44 -33.70 37.56
C ILE A 1205 24.56 -32.80 38.08
N ALA A 1206 25.61 -33.39 38.66
CA ALA A 1206 26.69 -32.58 39.20
C ALA A 1206 27.41 -31.80 38.11
N VAL A 1207 27.65 -32.44 36.96
CA VAL A 1207 28.30 -31.76 35.84
C VAL A 1207 27.42 -30.65 35.29
N ALA A 1208 26.11 -30.89 35.22
CA ALA A 1208 25.20 -29.85 34.78
C ALA A 1208 25.20 -28.67 35.74
N ILE A 1209 25.23 -28.95 37.04
CA ILE A 1209 25.23 -27.87 38.03
C ILE A 1209 26.53 -27.07 37.93
N THR A 1210 27.65 -27.75 37.73
CA THR A 1210 28.92 -27.03 37.57
C THR A 1210 28.95 -26.20 36.30
N ARG A 1211 28.37 -26.72 35.21
CA ARG A 1211 28.25 -25.92 33.99
C ARG A 1211 27.37 -24.69 34.22
N ALA A 1212 26.27 -24.86 34.97
CA ALA A 1212 25.42 -23.72 35.30
C ALA A 1212 26.15 -22.71 36.17
N SER A 1213 26.97 -23.20 37.10
CA SER A 1213 27.75 -22.30 37.96
C SER A 1213 28.76 -21.52 37.14
N LYS A 1214 29.41 -22.16 36.18
CA LYS A 1214 30.27 -21.45 35.24
C LYS A 1214 29.47 -20.45 34.43
N LEU A 1215 28.22 -20.79 34.09
CA LEU A 1215 27.38 -19.91 33.29
C LEU A 1215 26.92 -18.69 34.06
N LYS A 1216 26.72 -18.83 35.37
CA LYS A 1216 26.05 -17.81 36.16
C LYS A 1216 26.95 -17.13 37.19
N ILE A 1217 27.58 -17.89 38.09
CA ILE A 1217 28.33 -17.25 39.16
C ILE A 1217 29.80 -17.70 39.20
N GLN A 1218 30.04 -18.97 39.55
CA GLN A 1218 31.40 -19.43 39.80
C GLN A 1218 31.40 -20.93 40.05
N ALA A 1219 32.49 -21.58 39.67
CA ALA A 1219 32.68 -23.01 39.85
C ALA A 1219 33.80 -23.21 40.87
N SER A 1220 33.45 -23.71 42.06
CA SER A 1220 34.44 -23.95 43.09
C SER A 1220 34.49 -25.42 43.51
N ASP A 1221 33.36 -25.99 43.93
CA ASP A 1221 33.32 -27.37 44.37
C ASP A 1221 31.86 -27.77 44.58
N VAL A 1222 31.58 -29.04 44.32
CA VAL A 1222 30.26 -29.62 44.54
C VAL A 1222 30.44 -30.94 45.29
N ASN A 1223 29.81 -31.06 46.45
CA ASN A 1223 29.93 -32.26 47.27
C ASN A 1223 28.71 -33.16 47.06
N ILE A 1224 28.96 -34.46 46.99
CA ILE A 1224 27.91 -35.47 46.86
C ILE A 1224 28.11 -36.47 47.99
N ILE A 1225 27.05 -36.75 48.74
CA ILE A 1225 27.20 -37.62 49.90
C ILE A 1225 26.39 -38.90 49.75
N GLY A 1226 25.07 -38.79 49.70
CA GLY A 1226 24.24 -39.96 49.64
C GLY A 1226 22.81 -39.65 49.23
N LYS A 1227 22.23 -40.51 48.37
CA LYS A 1227 20.94 -40.24 47.75
C LYS A 1227 20.92 -38.90 47.03
N ASP A 1228 22.06 -38.54 46.44
CA ASP A 1228 22.23 -37.31 45.67
C ASP A 1228 21.99 -36.07 46.53
N ARG A 1229 22.27 -36.15 47.82
CA ARG A 1229 22.12 -35.00 48.71
C ARG A 1229 23.29 -34.03 48.47
N ILE A 1230 23.24 -33.39 47.30
CA ILE A 1230 24.32 -32.49 46.91
C ILE A 1230 24.40 -31.30 47.86
N ALA A 1231 25.62 -30.79 48.07
CA ALA A 1231 25.86 -29.55 48.78
C ALA A 1231 26.71 -28.65 47.92
N ILE A 1232 26.58 -27.34 48.13
CA ILE A 1232 27.36 -26.35 47.39
C ILE A 1232 27.94 -25.35 48.39
N ASN A 1233 29.23 -25.04 48.22
CA ASN A 1233 29.94 -24.14 49.12
C ASN A 1233 30.04 -22.76 48.50
N VAL A 1234 30.02 -21.74 49.37
CA VAL A 1234 30.07 -20.34 48.94
C VAL A 1234 31.08 -19.60 49.81
N PHE A 1235 31.89 -18.74 49.17
CA PHE A 1235 32.67 -17.70 49.84
C PHE A 1235 33.29 -16.77 48.79
N PRO A 1236 33.37 -15.45 49.07
CA PRO A 1236 34.08 -14.49 48.21
C PRO A 1236 35.59 -14.64 48.27
N SER A 1252 32.08 -4.90 50.03
CA SER A 1252 32.05 -6.36 49.91
C SER A 1252 31.19 -6.98 51.02
N GLU A 1253 30.53 -6.14 51.81
CA GLU A 1253 29.74 -6.65 52.91
C GLU A 1253 28.44 -7.29 52.42
N ASN A 1254 28.04 -8.36 53.08
CA ASN A 1254 26.82 -9.13 52.79
C ASN A 1254 26.85 -9.77 51.41
N ASP A 1255 28.01 -9.79 50.75
CA ASP A 1255 28.11 -10.41 49.44
C ASP A 1255 27.80 -11.90 49.51
N VAL A 1256 28.25 -12.57 50.57
CA VAL A 1256 27.97 -13.99 50.71
C VAL A 1256 26.47 -14.22 50.85
N PHE A 1257 25.77 -13.40 51.63
CA PHE A 1257 24.33 -13.55 51.78
C PHE A 1257 23.61 -13.28 50.46
N TYR A 1258 24.01 -12.23 49.74
CA TYR A 1258 23.38 -11.93 48.47
C TYR A 1258 23.58 -13.07 47.47
N ARG A 1259 24.80 -13.59 47.38
CA ARG A 1259 25.08 -14.68 46.45
C ARG A 1259 24.36 -15.95 46.85
N MET A 1260 24.24 -16.21 48.15
CA MET A 1260 23.49 -17.37 48.61
C MET A 1260 22.02 -17.26 48.23
N GLN A 1261 21.44 -16.07 48.39
CA GLN A 1261 20.05 -15.87 48.00
C GLN A 1261 19.87 -16.04 46.49
N GLN A 1262 20.79 -15.48 45.71
CA GLN A 1262 20.69 -15.64 44.25
C GLN A 1262 20.80 -17.09 43.84
N LEU A 1263 21.74 -17.83 44.45
CA LEU A 1263 21.89 -19.24 44.12
C LEU A 1263 20.65 -20.03 44.50
N ARG A 1264 20.08 -19.75 45.67
CA ARG A 1264 18.89 -20.47 46.09
C ARG A 1264 17.72 -20.21 45.15
N ARG A 1265 17.57 -18.96 44.69
CA ARG A 1265 16.45 -18.66 43.79
C ARG A 1265 16.68 -19.24 42.40
N ALA A 1266 17.91 -19.17 41.89
CA ALA A 1266 18.16 -19.49 40.49
C ALA A 1266 18.70 -20.90 40.27
N LEU A 1267 18.77 -21.72 41.33
CA LEU A 1267 19.32 -23.07 41.15
C LEU A 1267 18.36 -23.99 40.40
N PRO A 1268 17.09 -24.20 40.84
CA PRO A 1268 16.23 -25.21 40.21
C PRO A 1268 15.69 -24.79 38.86
N ASP A 1269 16.56 -24.22 38.02
CA ASP A 1269 16.17 -23.73 36.72
C ASP A 1269 17.23 -23.97 35.66
N VAL A 1270 18.00 -25.04 35.80
CA VAL A 1270 19.04 -25.38 34.84
C VAL A 1270 18.77 -26.78 34.31
N VAL A 1271 18.89 -26.93 32.98
CA VAL A 1271 18.64 -28.21 32.33
C VAL A 1271 19.63 -29.25 32.85
N VAL A 1272 19.11 -30.41 33.23
CA VAL A 1272 19.95 -31.53 33.64
C VAL A 1272 19.99 -32.64 32.61
N LYS A 1273 19.10 -32.61 31.62
CA LYS A 1273 19.15 -33.55 30.50
C LYS A 1273 18.35 -32.97 29.36
N GLY A 1274 18.70 -33.39 28.15
CA GLY A 1274 17.94 -32.99 26.98
C GLY A 1274 18.50 -31.77 26.29
N LEU A 1275 17.63 -30.99 25.68
CA LEU A 1275 18.03 -29.88 24.83
C LEU A 1275 17.52 -28.57 25.42
N PRO A 1276 18.39 -27.62 25.74
CA PRO A 1276 17.91 -26.35 26.29
C PRO A 1276 17.48 -25.38 25.19
N ASP A 1277 16.75 -25.90 24.21
CA ASP A 1277 16.22 -25.08 23.14
C ASP A 1277 14.85 -25.58 22.69
N ILE A 1278 14.23 -26.47 23.45
CA ILE A 1278 12.99 -27.14 23.06
C ILE A 1278 11.99 -27.04 24.20
N SER A 1279 10.77 -26.61 23.88
CA SER A 1279 9.76 -26.41 24.90
C SER A 1279 9.28 -27.74 25.48
N ARG A 1280 8.68 -28.60 24.65
CA ARG A 1280 8.14 -29.86 25.13
C ARG A 1280 7.93 -30.81 23.95
N ALA A 1281 7.78 -32.09 24.28
CA ALA A 1281 7.49 -33.12 23.30
C ALA A 1281 6.32 -33.96 23.78
N VAL A 1282 5.50 -34.40 22.83
CA VAL A 1282 4.35 -35.25 23.12
C VAL A 1282 4.31 -36.40 22.12
N ILE A 1283 4.01 -37.59 22.62
CA ILE A 1283 3.90 -38.77 21.76
C ILE A 1283 2.53 -38.80 21.12
N ASN A 1284 2.50 -39.01 19.81
CA ASN A 1284 1.27 -38.95 19.03
C ASN A 1284 0.97 -40.34 18.48
N ILE A 1285 -0.32 -40.69 18.47
CA ILE A 1285 -0.78 -41.98 17.96
C ILE A 1285 -1.20 -41.79 16.51
N ARG A 1286 -0.47 -42.40 15.59
CA ARG A 1286 -0.71 -42.14 14.18
C ARG A 1286 -1.92 -42.92 13.67
N ASP A 1287 -2.42 -42.48 12.52
CA ASP A 1287 -3.56 -43.14 11.90
C ASP A 1287 -3.23 -44.58 11.52
N ASP A 1288 -1.96 -44.86 11.27
CA ASP A 1288 -1.51 -46.22 10.96
C ASP A 1288 -1.29 -47.06 12.20
N GLY A 1289 -1.45 -46.47 13.39
CA GLY A 1289 -1.17 -47.15 14.63
C GLY A 1289 0.21 -46.92 15.19
N LYS A 1290 1.11 -46.31 14.41
CA LYS A 1290 2.46 -46.06 14.89
C LYS A 1290 2.44 -45.04 16.02
N ARG A 1291 3.48 -45.07 16.85
CA ARG A 1291 3.59 -44.24 18.04
C ARG A 1291 4.81 -43.34 17.86
N GLU A 1292 4.60 -42.14 17.35
CA GLU A 1292 5.68 -41.19 17.12
C GLU A 1292 5.44 -39.92 17.92
N LEU A 1293 6.53 -39.25 18.28
CA LEU A 1293 6.47 -38.01 19.03
C LEU A 1293 7.02 -36.87 18.19
N LEU A 1294 6.39 -35.71 18.28
CA LEU A 1294 6.78 -34.53 17.53
C LEU A 1294 7.08 -33.37 18.47
N VAL A 1295 8.20 -32.69 18.21
CA VAL A 1295 8.85 -31.80 19.16
C VAL A 1295 8.52 -30.35 18.81
N GLU A 1296 8.36 -29.51 19.84
CA GLU A 1296 7.95 -28.11 19.70
C GLU A 1296 9.11 -27.20 20.12
N GLY A 1297 9.93 -26.81 19.15
CA GLY A 1297 11.06 -25.95 19.46
C GLY A 1297 11.97 -25.78 18.26
N TYR A 1298 13.22 -25.43 18.55
CA TYR A 1298 14.19 -25.09 17.53
C TYR A 1298 15.38 -26.05 17.47
N GLY A 1299 15.36 -27.12 18.25
CA GLY A 1299 16.48 -28.04 18.26
C GLY A 1299 16.41 -29.10 17.18
N LEU A 1300 16.71 -28.75 15.92
CA LEU A 1300 16.56 -29.73 14.86
C LEU A 1300 17.74 -30.69 14.78
N ARG A 1301 18.96 -30.15 14.67
CA ARG A 1301 20.13 -31.01 14.47
C ARG A 1301 20.33 -31.94 15.65
N ASP A 1302 20.11 -31.44 16.86
CA ASP A 1302 20.22 -32.29 18.05
C ASP A 1302 19.21 -33.43 18.00
N VAL A 1303 17.98 -33.15 17.58
CA VAL A 1303 16.97 -34.19 17.49
C VAL A 1303 17.34 -35.21 16.42
N MET A 1304 17.82 -34.75 15.27
CA MET A 1304 18.27 -35.67 14.24
C MET A 1304 19.43 -36.53 14.73
N CYS A 1305 20.22 -36.02 15.67
CA CYS A 1305 21.36 -36.76 16.17
C CYS A 1305 21.04 -37.65 17.38
N THR A 1306 19.91 -37.44 18.04
CA THR A 1306 19.61 -38.21 19.24
C THR A 1306 19.42 -39.68 18.90
N ASP A 1307 19.75 -40.55 19.86
CA ASP A 1307 19.64 -41.98 19.63
C ASP A 1307 18.21 -42.45 19.81
N GLY A 1308 17.78 -43.35 18.93
CA GLY A 1308 16.42 -43.83 18.95
C GLY A 1308 15.50 -43.24 17.90
N VAL A 1309 15.98 -42.28 17.11
CA VAL A 1309 15.17 -41.67 16.05
C VAL A 1309 15.87 -41.89 14.73
N ILE A 1310 15.08 -41.84 13.66
CA ILE A 1310 15.59 -41.95 12.30
C ILE A 1310 15.99 -40.56 11.85
N GLY A 1311 17.29 -40.33 11.65
CA GLY A 1311 17.77 -39.03 11.27
C GLY A 1311 17.51 -38.65 9.83
N SER A 1312 17.33 -39.64 8.95
CA SER A 1312 17.04 -39.36 7.56
C SER A 1312 15.58 -39.04 7.32
N ARG A 1313 14.72 -39.29 8.29
CA ARG A 1313 13.30 -38.94 8.22
C ARG A 1313 13.00 -38.09 9.45
N THR A 1314 13.28 -36.79 9.35
CA THR A 1314 12.99 -35.86 10.44
C THR A 1314 12.91 -34.47 9.83
N THR A 1315 11.77 -33.80 10.04
CA THR A 1315 11.51 -32.53 9.40
C THR A 1315 10.99 -31.55 10.43
N THR A 1316 11.05 -30.26 10.09
CA THR A 1316 10.57 -29.21 10.97
C THR A 1316 9.73 -28.22 10.17
N ASN A 1317 8.99 -27.39 10.91
CA ASN A 1317 8.20 -26.33 10.30
C ASN A 1317 9.10 -25.29 9.63
N HIS A 1318 10.22 -24.96 10.27
CA HIS A 1318 11.02 -23.81 9.88
C HIS A 1318 11.79 -24.09 8.60
N VAL A 1319 11.43 -23.39 7.53
CA VAL A 1319 12.19 -23.49 6.29
C VAL A 1319 13.59 -22.93 6.47
N LEU A 1320 13.74 -21.90 7.28
CA LEU A 1320 15.07 -21.36 7.52
C LEU A 1320 15.94 -22.33 8.31
N GLU A 1321 15.34 -23.07 9.25
CA GLU A 1321 16.07 -24.12 9.93
C GLU A 1321 16.50 -25.21 8.96
N VAL A 1322 15.59 -25.65 8.10
CA VAL A 1322 15.95 -26.64 7.10
C VAL A 1322 17.08 -26.12 6.21
N PHE A 1323 17.09 -24.82 5.94
CA PHE A 1323 18.14 -24.24 5.09
C PHE A 1323 19.50 -24.29 5.76
N SER A 1324 19.56 -24.06 7.07
CA SER A 1324 20.86 -23.98 7.73
C SER A 1324 21.52 -25.34 7.86
N VAL A 1325 20.74 -26.38 8.13
CA VAL A 1325 21.28 -27.71 8.38
C VAL A 1325 21.29 -28.59 7.14
N LEU A 1326 20.27 -28.49 6.29
CA LEU A 1326 20.12 -29.43 5.19
C LEU A 1326 20.47 -28.87 3.82
N GLY A 1327 20.37 -27.56 3.61
CA GLY A 1327 20.76 -26.96 2.35
C GLY A 1327 19.63 -26.15 1.73
N ILE A 1328 19.88 -25.69 0.52
CA ILE A 1328 18.93 -24.80 -0.16
C ILE A 1328 17.87 -25.59 -0.92
N GLU A 1329 18.23 -26.71 -1.55
CA GLU A 1329 17.22 -27.53 -2.23
C GLU A 1329 16.23 -28.11 -1.23
N ALA A 1330 16.72 -28.52 -0.07
CA ALA A 1330 15.82 -28.99 0.98
C ALA A 1330 14.89 -27.88 1.43
N ALA A 1331 15.40 -26.65 1.50
CA ALA A 1331 14.56 -25.52 1.88
C ALA A 1331 13.51 -25.22 0.81
N ARG A 1332 13.87 -25.38 -0.46
CA ARG A 1332 12.89 -25.21 -1.53
C ARG A 1332 11.78 -26.24 -1.43
N TYR A 1333 12.15 -27.51 -1.21
CA TYR A 1333 11.14 -28.55 -0.98
C TYR A 1333 10.27 -28.22 0.21
N SER A 1334 10.88 -27.71 1.29
CA SER A 1334 10.13 -27.37 2.48
C SER A 1334 9.15 -26.25 2.21
N ILE A 1335 9.57 -25.24 1.45
CA ILE A 1335 8.68 -24.13 1.11
C ILE A 1335 7.48 -24.64 0.32
N ILE A 1336 7.75 -25.47 -0.69
CA ILE A 1336 6.68 -25.96 -1.54
C ILE A 1336 5.69 -26.78 -0.71
N ARG A 1337 6.20 -27.69 0.13
CA ARG A 1337 5.31 -28.53 0.93
C ARG A 1337 4.51 -27.70 1.94
N GLU A 1338 5.14 -26.73 2.59
CA GLU A 1338 4.46 -25.93 3.58
C GLU A 1338 3.36 -25.09 2.95
N ILE A 1339 3.62 -24.50 1.78
CA ILE A 1339 2.58 -23.75 1.09
C ILE A 1339 1.44 -24.67 0.69
N ASN A 1340 1.77 -25.84 0.13
CA ASN A 1340 0.72 -26.77 -0.29
C ASN A 1340 -0.13 -27.22 0.89
N TYR A 1341 0.48 -27.38 2.06
CA TYR A 1341 -0.28 -27.77 3.24
C TYR A 1341 -1.16 -26.63 3.73
N THR A 1342 -0.60 -25.42 3.83
CA THR A 1342 -1.35 -24.29 4.37
C THR A 1342 -2.52 -23.92 3.47
N MET A 1343 -2.37 -24.09 2.15
CA MET A 1343 -3.45 -23.80 1.23
C MET A 1343 -4.28 -25.02 0.88
N SER A 1344 -3.91 -26.20 1.35
CA SER A 1344 -4.73 -27.39 1.14
C SER A 1344 -5.65 -27.67 2.32
N ASN A 1345 -5.26 -27.24 3.52
CA ASN A 1345 -6.08 -27.42 4.69
C ASN A 1345 -7.23 -26.43 4.75
N HIS A 1346 -7.16 -25.34 3.99
CA HIS A 1346 -8.23 -24.35 3.94
C HIS A 1346 -9.24 -24.62 2.84
N GLY A 1347 -9.04 -25.64 2.03
CA GLY A 1347 -9.96 -25.91 0.95
C GLY A 1347 -9.68 -25.17 -0.34
N MET A 1348 -8.56 -24.47 -0.43
CA MET A 1348 -8.20 -23.76 -1.65
C MET A 1348 -7.48 -24.71 -2.61
N SER A 1349 -7.97 -24.78 -3.84
CA SER A 1349 -7.45 -25.71 -4.84
C SER A 1349 -6.57 -24.94 -5.82
N VAL A 1350 -5.26 -24.97 -5.59
CA VAL A 1350 -4.29 -24.25 -6.39
C VAL A 1350 -3.37 -25.27 -7.07
N ASP A 1351 -3.06 -25.02 -8.34
CA ASP A 1351 -2.18 -25.92 -9.07
C ASP A 1351 -0.80 -25.95 -8.40
N PRO A 1352 -0.17 -27.12 -8.29
CA PRO A 1352 1.14 -27.19 -7.66
C PRO A 1352 2.23 -26.41 -8.39
N ARG A 1353 2.08 -26.15 -9.68
CA ARG A 1353 3.16 -25.50 -10.43
C ARG A 1353 3.30 -24.02 -10.06
N HIS A 1354 2.21 -23.36 -9.69
CA HIS A 1354 2.31 -21.99 -9.19
C HIS A 1354 3.18 -21.93 -7.94
N ILE A 1355 2.94 -22.86 -7.02
CA ILE A 1355 3.71 -22.92 -5.77
C ILE A 1355 5.16 -23.32 -6.06
N GLN A 1356 5.36 -24.19 -7.05
CA GLN A 1356 6.72 -24.55 -7.45
C GLN A 1356 7.49 -23.32 -7.92
N LEU A 1357 6.86 -22.49 -8.76
CA LEU A 1357 7.51 -21.27 -9.23
C LEU A 1357 7.77 -20.30 -8.08
N LEU A 1358 6.83 -20.20 -7.14
CA LEU A 1358 7.05 -19.35 -5.99
C LEU A 1358 8.29 -19.79 -5.21
N GLY A 1359 8.41 -21.10 -4.96
CA GLY A 1359 9.58 -21.58 -4.25
C GLY A 1359 10.88 -21.36 -5.00
N ASP A 1360 10.86 -21.62 -6.31
CA ASP A 1360 12.07 -21.43 -7.10
C ASP A 1360 12.52 -19.98 -7.09
N VAL A 1361 11.57 -19.05 -7.17
CA VAL A 1361 11.93 -17.64 -7.11
C VAL A 1361 12.44 -17.26 -5.73
N MET A 1362 11.78 -17.74 -4.68
CA MET A 1362 12.21 -17.40 -3.33
C MET A 1362 13.60 -17.90 -3.03
N THR A 1363 14.04 -18.99 -3.66
CA THR A 1363 15.35 -19.56 -3.32
C THR A 1363 16.25 -19.75 -4.53
N TYR A 1364 16.13 -18.93 -5.56
CA TYR A 1364 16.89 -19.19 -6.78
C TYR A 1364 18.27 -18.54 -6.81
N LYS A 1365 18.65 -17.77 -5.80
CA LYS A 1365 19.97 -17.13 -5.77
C LYS A 1365 20.86 -17.70 -4.68
N GLY A 1366 20.64 -18.94 -4.28
CA GLY A 1366 21.49 -19.61 -3.33
C GLY A 1366 21.10 -19.41 -1.87
N GLU A 1367 20.14 -18.55 -1.58
CA GLU A 1367 19.73 -18.33 -0.21
C GLU A 1367 18.25 -17.94 -0.19
N VAL A 1368 17.65 -18.09 0.99
CA VAL A 1368 16.22 -17.88 1.16
C VAL A 1368 15.98 -16.37 1.24
N LEU A 1369 15.55 -15.77 0.13
CA LEU A 1369 15.21 -14.34 0.09
C LEU A 1369 13.70 -14.21 0.11
N GLY A 1370 13.19 -13.43 1.07
CA GLY A 1370 11.76 -13.31 1.25
C GLY A 1370 11.10 -12.40 0.22
N ILE A 1371 9.86 -12.05 0.51
CA ILE A 1371 9.05 -11.22 -0.37
C ILE A 1371 8.77 -9.90 0.36
N THR A 1372 9.74 -9.44 1.12
CA THR A 1372 9.69 -8.14 1.77
C THR A 1372 10.50 -7.14 0.95
N ARG A 1373 10.56 -5.90 1.44
CA ARG A 1373 11.38 -4.90 0.74
C ARG A 1373 12.86 -5.20 0.88
N PHE A 1374 13.29 -5.76 2.00
CA PHE A 1374 14.68 -6.11 2.17
C PHE A 1374 15.05 -7.31 1.30
N GLY A 1375 14.17 -8.29 1.22
CA GLY A 1375 14.42 -9.41 0.31
C GLY A 1375 14.37 -9.00 -1.14
N LEU A 1376 13.50 -8.04 -1.49
CA LEU A 1376 13.33 -7.66 -2.88
C LEU A 1376 14.58 -7.03 -3.48
N SER A 1377 15.54 -6.63 -2.65
CA SER A 1377 16.87 -6.30 -3.12
C SER A 1377 17.66 -7.58 -3.32
N LYS A 1378 17.07 -8.52 -4.05
CA LYS A 1378 17.71 -9.82 -4.31
C LYS A 1378 18.47 -9.77 -5.65
N MET A 1379 17.72 -9.66 -6.74
CA MET A 1379 18.30 -9.57 -8.07
C MET A 1379 17.55 -8.55 -8.91
N ARG A 1380 16.68 -7.75 -8.31
CA ARG A 1380 15.93 -6.78 -9.09
C ARG A 1380 16.86 -5.75 -9.72
N ASP A 1381 17.83 -5.24 -8.95
CA ASP A 1381 18.85 -4.32 -9.45
C ASP A 1381 18.26 -3.13 -10.20
N SER A 1382 16.97 -2.87 -9.99
CA SER A 1382 16.25 -1.84 -10.73
C SER A 1382 15.81 -0.77 -9.73
N VAL A 1383 16.47 0.39 -9.80
CA VAL A 1383 16.16 1.47 -8.88
C VAL A 1383 14.75 1.97 -9.10
N LEU A 1384 14.28 1.97 -10.36
CA LEU A 1384 12.95 2.50 -10.65
C LEU A 1384 11.87 1.65 -10.01
N GLN A 1385 11.94 0.34 -10.17
CA GLN A 1385 10.91 -0.51 -9.59
C GLN A 1385 11.06 -0.66 -8.07
N LEU A 1386 12.28 -0.59 -7.55
CA LEU A 1386 12.43 -0.58 -6.10
C LEU A 1386 11.84 0.69 -5.49
N ALA A 1387 12.04 1.83 -6.15
CA ALA A 1387 11.42 3.07 -5.71
C ALA A 1387 9.91 3.02 -5.87
N SER A 1388 9.42 2.41 -6.95
CA SER A 1388 8.00 2.24 -7.14
C SER A 1388 7.39 1.41 -6.01
N PHE A 1389 8.15 0.44 -5.50
CA PHE A 1389 7.63 -0.43 -4.46
C PHE A 1389 7.67 0.25 -3.09
N GLU A 1390 8.87 0.53 -2.58
CA GLU A 1390 8.98 1.03 -1.21
C GLU A 1390 10.33 1.69 -1.00
N LYS A 1391 10.41 2.51 0.05
CA LYS A 1391 11.59 3.26 0.41
C LYS A 1391 12.15 4.02 -0.81
N THR A 1392 11.27 4.85 -1.38
CA THR A 1392 11.54 5.46 -2.67
C THR A 1392 12.76 6.37 -2.64
N THR A 1393 12.78 7.30 -1.69
CA THR A 1393 13.83 8.32 -1.66
C THR A 1393 15.17 7.71 -1.31
N ASP A 1394 15.18 6.75 -0.38
CA ASP A 1394 16.43 6.08 -0.04
C ASP A 1394 17.03 5.41 -1.27
N HIS A 1395 16.19 4.72 -2.06
CA HIS A 1395 16.68 4.05 -3.25
C HIS A 1395 17.19 5.05 -4.28
N LEU A 1396 16.47 6.14 -4.48
CA LEU A 1396 16.88 7.10 -5.51
C LEU A 1396 18.17 7.81 -5.10
N PHE A 1397 18.32 8.15 -3.82
CA PHE A 1397 19.54 8.80 -3.37
C PHE A 1397 20.73 7.83 -3.41
N ASP A 1398 20.50 6.55 -3.08
CA ASP A 1398 21.57 5.56 -3.20
C ASP A 1398 21.98 5.39 -4.67
N ALA A 1399 21.01 5.36 -5.57
CA ALA A 1399 21.34 5.27 -6.99
C ALA A 1399 22.10 6.49 -7.46
N ALA A 1400 21.79 7.66 -6.90
CA ALA A 1400 22.53 8.87 -7.27
C ALA A 1400 23.95 8.83 -6.75
N PHE A 1401 24.15 8.38 -5.50
CA PHE A 1401 25.49 8.32 -4.93
C PHE A 1401 26.34 7.29 -5.66
N TYR A 1402 25.93 6.03 -5.63
CA TYR A 1402 26.72 4.97 -6.23
C TYR A 1402 26.70 4.98 -7.75
N MET A 1403 25.95 5.91 -8.36
CA MET A 1403 25.80 5.98 -9.83
C MET A 1403 25.21 4.70 -10.39
N LYS A 1404 24.18 4.18 -9.73
CA LYS A 1404 23.51 2.98 -10.23
C LYS A 1404 22.96 3.24 -11.62
N LYS A 1405 23.21 2.30 -12.53
CA LYS A 1405 23.07 2.53 -13.96
C LYS A 1405 22.12 1.52 -14.57
N ASP A 1406 20.93 1.38 -14.00
CA ASP A 1406 20.03 0.31 -14.39
C ASP A 1406 19.62 0.41 -15.85
N ALA A 1407 19.18 -0.72 -16.40
CA ALA A 1407 18.60 -0.79 -17.73
C ALA A 1407 17.10 -0.90 -17.62
N VAL A 1408 16.41 -0.39 -18.63
CA VAL A 1408 14.95 -0.33 -18.62
C VAL A 1408 14.46 -1.56 -19.39
N GLU A 1409 14.24 -2.64 -18.64
CA GLU A 1409 13.77 -3.90 -19.24
C GLU A 1409 12.58 -4.45 -18.47
N GLY A 1410 12.49 -4.11 -17.18
CA GLY A 1410 11.39 -4.58 -16.38
C GLY A 1410 10.09 -3.90 -16.72
N VAL A 1411 8.98 -4.57 -16.39
CA VAL A 1411 7.68 -4.07 -16.79
C VAL A 1411 7.35 -2.77 -16.09
N SER A 1412 7.80 -2.58 -14.85
CA SER A 1412 7.54 -1.34 -14.13
C SER A 1412 8.21 -0.15 -14.79
N GLU A 1413 9.49 -0.30 -15.16
CA GLU A 1413 10.18 0.77 -15.88
C GLU A 1413 9.56 1.01 -17.24
N CYS A 1414 9.13 -0.06 -17.91
CA CYS A 1414 8.47 0.09 -19.20
C CYS A 1414 7.21 0.95 -19.06
N ILE A 1415 6.40 0.67 -18.04
CA ILE A 1415 5.20 1.47 -17.81
C ILE A 1415 5.56 2.91 -17.47
N ILE A 1416 6.55 3.10 -16.59
CA ILE A 1416 6.89 4.45 -16.14
C ILE A 1416 7.33 5.31 -17.31
N LEU A 1417 8.15 4.78 -18.19
CA LEU A 1417 8.61 5.53 -19.35
C LEU A 1417 7.68 5.42 -20.54
N GLY A 1418 6.57 4.71 -20.41
CA GLY A 1418 5.66 4.58 -21.53
C GLY A 1418 6.24 3.83 -22.70
N GLN A 1419 6.95 2.74 -22.43
CA GLN A 1419 7.54 1.90 -23.46
C GLN A 1419 6.77 0.59 -23.57
N THR A 1420 7.10 -0.18 -24.60
CA THR A 1420 6.46 -1.46 -24.84
C THR A 1420 7.13 -2.55 -24.02
N MET A 1421 6.32 -3.29 -23.25
CA MET A 1421 6.82 -4.40 -22.46
C MET A 1421 7.51 -5.45 -23.34
N SER A 1422 8.18 -6.39 -22.67
CA SER A 1422 8.90 -7.44 -23.36
C SER A 1422 8.28 -8.81 -23.15
N ILE A 1423 7.08 -8.88 -22.58
CA ILE A 1423 6.40 -10.14 -22.33
C ILE A 1423 5.04 -10.08 -23.02
N GLY A 1424 4.44 -11.24 -23.20
CA GLY A 1424 3.12 -11.30 -23.80
C GLY A 1424 3.19 -10.99 -25.28
N THR A 1425 2.40 -10.01 -25.70
CA THR A 1425 2.38 -9.56 -27.09
C THR A 1425 3.59 -8.73 -27.46
N GLY A 1426 4.47 -8.44 -26.51
CA GLY A 1426 5.67 -7.68 -26.79
C GLY A 1426 6.92 -8.51 -26.71
N SER A 1427 6.80 -9.81 -26.98
CA SER A 1427 7.94 -10.73 -26.89
C SER A 1427 8.37 -11.25 -28.24
N PHE A 1428 7.89 -10.65 -29.33
CA PHE A 1428 8.26 -11.06 -30.68
C PHE A 1428 8.18 -9.81 -31.55
N LYS A 1429 8.74 -9.93 -32.75
CA LYS A 1429 8.74 -8.82 -33.70
C LYS A 1429 7.93 -9.18 -34.92
N VAL A 1430 7.11 -8.25 -35.38
CA VAL A 1430 6.37 -8.40 -36.62
C VAL A 1430 7.18 -7.79 -37.74
N VAL A 1431 7.29 -8.51 -38.85
CA VAL A 1431 8.07 -8.08 -40.01
C VAL A 1431 7.23 -8.32 -41.26
N LYS A 1432 7.29 -7.38 -42.19
CA LYS A 1432 6.52 -7.48 -43.44
C LYS A 1432 7.48 -7.77 -44.58
N GLY A 1433 7.32 -8.93 -45.22
CA GLY A 1433 8.17 -9.30 -46.32
C GLY A 1433 8.09 -8.30 -47.46
N THR A 1434 9.24 -7.80 -47.91
CA THR A 1434 9.24 -6.76 -48.92
C THR A 1434 8.83 -7.27 -50.29
N ASN A 1435 8.84 -8.59 -50.51
CA ASN A 1435 8.36 -9.19 -51.76
C ASN A 1435 9.06 -8.58 -52.97
N ILE A 1436 10.38 -8.41 -52.84
CA ILE A 1436 11.19 -7.75 -53.85
C ILE A 1436 12.14 -8.77 -54.46
N SER A 1437 12.16 -8.84 -55.78
CA SER A 1437 13.04 -9.79 -56.48
C SER A 1437 14.49 -9.44 -56.22
N GLU A 1438 15.42 -10.27 -56.70
CA GLU A 1438 16.84 -10.07 -56.44
C GLU A 1438 17.65 -9.73 -57.67
N LYS A 1439 17.21 -10.14 -58.86
CA LYS A 1439 17.97 -9.90 -60.08
C LYS A 1439 17.85 -8.46 -60.57
N ASP A 1440 16.85 -7.73 -60.09
CA ASP A 1440 16.69 -6.32 -60.40
C ASP A 1440 17.33 -5.41 -59.36
N LEU A 1441 18.44 -5.86 -58.76
CA LEU A 1441 19.20 -5.06 -57.82
C LEU A 1441 20.67 -4.95 -58.20
N VAL A 1442 21.03 -5.37 -59.41
CA VAL A 1442 22.43 -5.36 -59.85
C VAL A 1442 22.84 -3.94 -60.20
N PRO A 1443 24.10 -3.56 -59.96
CA PRO A 1443 24.56 -2.25 -60.40
C PRO A 1443 24.60 -2.16 -61.91
N LYS A 1444 24.42 -0.94 -62.42
CA LYS A 1444 24.31 -0.75 -63.85
C LYS A 1444 24.98 0.55 -64.27
N ARG A 1445 25.66 0.51 -65.42
CA ARG A 1445 26.05 1.71 -66.14
C ARG A 1445 26.38 1.29 -67.57
N CYS A 1446 25.67 1.87 -68.53
CA CYS A 1446 25.68 1.35 -69.90
C CYS A 1446 26.76 2.02 -70.74
N LEU A 1447 27.61 1.18 -71.37
CA LEU A 1447 28.65 1.62 -72.29
C LEU A 1447 29.56 2.68 -71.66
N PHE A 1448 29.98 2.40 -70.42
CA PHE A 1448 30.68 3.38 -69.59
C PHE A 1448 32.16 3.11 -69.47
N GLU A 1449 32.56 1.91 -69.05
CA GLU A 1449 33.89 1.63 -68.52
C GLU A 1449 34.93 1.43 -69.62
N SER A 1450 34.71 1.95 -70.82
CA SER A 1450 35.68 1.81 -71.89
C SER A 1450 36.85 2.76 -71.77
N LEU A 1451 36.73 3.84 -70.99
CA LEU A 1451 37.65 4.96 -71.04
C LEU A 1451 38.53 5.09 -69.81
N SER A 1452 37.92 5.17 -68.62
CA SER A 1452 38.63 5.66 -67.44
C SER A 1452 39.82 4.76 -67.09
N ASN A 1453 39.55 3.50 -66.74
CA ASN A 1453 40.61 2.61 -66.29
C ASN A 1453 41.61 2.34 -67.42
N GLU A 1454 41.11 2.18 -68.64
CA GLU A 1454 41.95 1.78 -69.76
C GLU A 1454 42.74 2.93 -70.36
N ALA A 1455 42.52 4.17 -69.91
CA ALA A 1455 43.25 5.30 -70.48
C ALA A 1455 44.76 5.14 -70.32
N ALA A 1456 45.21 4.45 -69.28
CA ALA A 1456 46.64 4.27 -69.02
C ALA A 1456 46.95 2.81 -68.69
N LEU A 1457 46.27 1.88 -69.36
CA LEU A 1457 46.52 0.46 -69.16
C LEU A 1457 47.63 -0.08 -70.07
N LYS A 1458 48.44 0.81 -70.64
CA LYS A 1458 49.63 0.41 -71.39
C LYS A 1458 50.65 1.52 -71.28
N ALA A 1459 51.91 1.15 -71.52
CA ALA A 1459 53.08 2.04 -71.42
C ALA A 1459 53.36 2.44 -69.98
N ASN A 1460 52.50 2.06 -69.05
CA ASN A 1460 52.69 2.32 -67.63
C ASN A 1460 51.76 1.48 -66.78
N ASP B 36 -62.28 -8.31 32.44
CA ASP B 36 -60.97 -8.95 32.46
C ASP B 36 -60.08 -8.27 33.51
N GLU B 37 -59.20 -9.05 34.12
CA GLU B 37 -58.33 -8.56 35.17
C GLU B 37 -56.96 -8.20 34.62
N ILE B 38 -56.16 -7.55 35.44
CA ILE B 38 -54.82 -7.13 35.06
C ILE B 38 -53.88 -8.31 35.26
N ASN B 39 -53.32 -8.82 34.17
CA ASN B 39 -52.39 -9.94 34.23
C ASN B 39 -50.97 -9.38 34.21
N THR B 40 -50.27 -9.55 35.32
CA THR B 40 -48.90 -9.03 35.44
C THR B 40 -47.99 -9.60 34.37
N ALA B 41 -48.22 -10.84 33.95
CA ALA B 41 -47.33 -11.47 32.96
C ALA B 41 -47.30 -10.67 31.67
N GLN B 42 -48.44 -10.17 31.21
CA GLN B 42 -48.51 -9.41 29.97
C GLN B 42 -48.61 -7.90 30.17
N ASP B 43 -49.13 -7.45 31.32
CA ASP B 43 -49.26 -6.03 31.61
C ASP B 43 -48.02 -5.45 32.28
N LYS B 44 -46.95 -6.24 32.43
CA LYS B 44 -45.72 -5.75 33.02
C LYS B 44 -45.01 -4.77 32.09
N TRP B 45 -45.12 -4.98 30.78
CA TRP B 45 -44.39 -4.17 29.81
C TRP B 45 -44.87 -2.73 29.76
N HIS B 46 -46.00 -2.40 30.39
CA HIS B 46 -46.50 -1.03 30.36
C HIS B 46 -45.60 -0.06 31.12
N LEU B 47 -44.64 -0.56 31.90
CA LEU B 47 -43.69 0.32 32.56
C LEU B 47 -42.74 0.98 31.56
N LEU B 48 -42.50 0.33 30.41
CA LEU B 48 -41.61 0.93 29.41
C LEU B 48 -42.17 2.22 28.83
N PRO B 49 -43.43 2.31 28.39
CA PRO B 49 -43.95 3.61 27.96
C PRO B 49 -43.94 4.65 29.08
N ALA B 50 -44.20 4.25 30.32
CA ALA B 50 -44.15 5.19 31.43
C ALA B 50 -42.75 5.75 31.59
N PHE B 51 -41.73 4.89 31.50
CA PHE B 51 -40.35 5.34 31.56
C PHE B 51 -40.05 6.31 30.42
N LEU B 52 -40.40 5.93 29.19
CA LEU B 52 -40.05 6.74 28.03
C LEU B 52 -40.81 8.06 27.98
N LYS B 53 -41.94 8.18 28.66
CA LYS B 53 -42.68 9.43 28.65
C LYS B 53 -41.88 10.55 29.31
N VAL B 54 -41.28 10.27 30.47
CA VAL B 54 -40.56 11.28 31.23
C VAL B 54 -39.05 11.18 31.05
N LYS B 55 -38.57 10.18 30.32
CA LYS B 55 -37.14 10.05 30.03
C LYS B 55 -37.00 9.74 28.54
N GLY B 56 -36.97 10.78 27.71
CA GLY B 56 -37.00 10.59 26.28
C GLY B 56 -35.75 9.90 25.77
N LEU B 57 -35.83 9.47 24.51
CA LEU B 57 -34.68 8.83 23.89
C LEU B 57 -33.51 9.79 23.79
N VAL B 58 -33.80 11.06 23.52
CA VAL B 58 -32.80 12.12 23.58
C VAL B 58 -32.94 12.75 24.95
N LYS B 59 -32.21 12.21 25.92
CA LYS B 59 -32.18 12.78 27.26
C LYS B 59 -30.80 12.86 27.86
N GLN B 60 -29.82 12.13 27.33
CA GLN B 60 -28.44 12.35 27.75
C GLN B 60 -28.01 13.77 27.44
N HIS B 61 -28.18 14.18 26.18
CA HIS B 61 -27.81 15.53 25.77
C HIS B 61 -28.57 16.57 26.57
N LEU B 62 -29.89 16.42 26.66
CA LEU B 62 -30.73 17.42 27.33
C LEU B 62 -30.36 17.54 28.80
N ASP B 63 -30.26 16.40 29.50
CA ASP B 63 -29.97 16.45 30.93
C ASP B 63 -28.60 17.05 31.20
N SER B 64 -27.58 16.64 30.43
CA SER B 64 -26.25 17.18 30.65
C SER B 64 -26.21 18.68 30.43
N PHE B 65 -26.80 19.16 29.33
CA PHE B 65 -26.76 20.58 29.06
C PHE B 65 -27.57 21.38 30.09
N ASN B 66 -28.73 20.85 30.50
CA ASN B 66 -29.50 21.48 31.56
C ASN B 66 -28.65 21.65 32.82
N TYR B 67 -28.01 20.55 33.26
CA TYR B 67 -27.20 20.63 34.47
C TYR B 67 -26.05 21.60 34.31
N PHE B 68 -25.42 21.62 33.13
CA PHE B 68 -24.37 22.60 32.89
C PHE B 68 -24.88 24.01 33.12
N VAL B 69 -25.86 24.46 32.32
CA VAL B 69 -26.33 25.83 32.41
C VAL B 69 -26.97 26.16 33.73
N ASP B 70 -27.31 25.16 34.54
CA ASP B 70 -27.85 25.44 35.86
C ASP B 70 -26.80 25.51 36.97
N THR B 71 -25.72 24.74 36.87
CA THR B 71 -24.80 24.63 37.99
C THR B 71 -23.33 24.89 37.63
N ASP B 72 -22.88 24.40 36.48
CA ASP B 72 -21.46 24.44 36.18
C ASP B 72 -21.00 25.84 35.83
N LEU B 73 -21.86 26.65 35.23
CA LEU B 73 -21.51 28.05 34.98
C LEU B 73 -21.14 28.75 36.29
N LYS B 74 -22.01 28.60 37.30
CA LYS B 74 -21.74 29.22 38.59
C LYS B 74 -20.50 28.64 39.25
N LYS B 75 -20.28 27.34 39.10
CA LYS B 75 -19.06 26.75 39.66
C LYS B 75 -17.81 27.35 39.02
N ILE B 76 -17.80 27.50 37.70
CA ILE B 76 -16.64 28.06 37.02
C ILE B 76 -16.44 29.52 37.43
N ILE B 77 -17.55 30.25 37.58
CA ILE B 77 -17.47 31.63 38.03
C ILE B 77 -16.84 31.69 39.41
N LYS B 78 -17.28 30.82 40.32
CA LYS B 78 -16.70 30.80 41.66
C LYS B 78 -15.22 30.42 41.62
N ALA B 79 -14.82 29.59 40.67
CA ALA B 79 -13.41 29.23 40.55
C ALA B 79 -12.57 30.44 40.14
N ASN B 80 -12.84 30.99 38.96
CA ASN B 80 -12.07 32.13 38.46
C ASN B 80 -12.83 33.44 38.71
N GLN B 81 -12.84 33.83 39.98
CA GLN B 81 -13.71 34.92 40.41
C GLN B 81 -13.03 36.28 40.39
N LEU B 82 -11.95 36.45 41.15
CA LEU B 82 -11.36 37.75 41.43
C LEU B 82 -10.10 37.96 40.59
N ILE B 83 -10.12 38.98 39.74
CA ILE B 83 -8.96 39.37 38.95
C ILE B 83 -8.39 40.65 39.53
N LEU B 84 -7.10 40.62 39.86
CA LEU B 84 -6.44 41.68 40.62
C LEU B 84 -5.43 42.42 39.75
N SER B 85 -4.78 43.40 40.36
CA SER B 85 -3.64 44.07 39.76
C SER B 85 -2.61 44.31 40.84
N ASP B 86 -1.33 44.22 40.46
CA ASP B 86 -0.26 44.50 41.41
C ASP B 86 -0.30 45.96 41.86
N VAL B 87 -0.51 46.87 40.92
CA VAL B 87 -0.62 48.29 41.23
C VAL B 87 -2.03 48.57 41.72
N ASP B 88 -2.26 49.78 42.25
CA ASP B 88 -3.55 50.18 42.78
C ASP B 88 -4.04 49.17 43.80
N PRO B 89 -3.44 49.14 45.00
CA PRO B 89 -3.79 48.08 45.97
C PRO B 89 -5.24 48.11 46.40
N GLU B 90 -5.92 49.25 46.27
CA GLU B 90 -7.35 49.34 46.56
C GLU B 90 -8.13 49.25 45.25
N PHE B 91 -8.05 48.08 44.63
CA PHE B 91 -8.76 47.82 43.39
C PHE B 91 -8.90 46.32 43.19
N TYR B 92 -10.10 45.90 42.78
CA TYR B 92 -10.39 44.48 42.58
C TYR B 92 -11.65 44.35 41.74
N LEU B 93 -11.75 43.24 41.01
CA LEU B 93 -12.91 42.94 40.19
C LEU B 93 -13.45 41.57 40.58
N LYS B 94 -14.76 41.50 40.82
CA LYS B 94 -15.40 40.28 41.31
C LYS B 94 -16.67 40.00 40.51
N TYR B 95 -16.83 38.74 40.11
CA TYR B 95 -18.07 38.26 39.51
C TYR B 95 -18.95 37.68 40.60
N VAL B 96 -20.10 38.29 40.83
CA VAL B 96 -21.00 37.84 41.90
C VAL B 96 -21.92 36.72 41.41
N ASP B 97 -22.53 36.90 40.25
CA ASP B 97 -23.56 35.97 39.77
C ASP B 97 -23.52 35.94 38.25
N ILE B 98 -24.01 34.83 37.69
CA ILE B 98 -24.11 34.66 36.25
C ILE B 98 -25.52 34.16 35.90
N ARG B 99 -25.89 34.33 34.64
CA ARG B 99 -27.20 33.96 34.13
C ARG B 99 -27.08 33.66 32.65
N VAL B 100 -28.17 33.20 32.06
CA VAL B 100 -28.27 33.01 30.62
C VAL B 100 -29.67 33.43 30.18
N GLY B 101 -29.75 34.43 29.31
CA GLY B 101 -31.02 34.84 28.74
C GLY B 101 -32.02 35.37 29.73
N LYS B 102 -31.55 36.09 30.76
CA LYS B 102 -32.45 36.60 31.80
C LYS B 102 -31.74 37.70 32.56
N LYS B 103 -32.39 38.86 32.69
CA LYS B 103 -31.82 40.00 33.39
C LYS B 103 -32.37 40.14 34.81
N SER B 104 -33.68 40.24 34.92
CA SER B 104 -34.37 40.35 36.22
C SER B 104 -35.31 39.15 36.36
N SER B 105 -36.15 39.20 37.39
CA SER B 105 -36.98 38.07 37.78
C SER B 105 -38.35 38.05 37.10
N SER B 106 -38.48 38.63 35.90
CA SER B 106 -39.80 38.78 35.31
C SER B 106 -39.74 38.67 33.80
N SER B 107 -40.91 38.36 33.23
CA SER B 107 -41.23 38.46 31.81
C SER B 107 -40.45 37.52 30.91
N THR B 108 -39.59 36.66 31.46
CA THR B 108 -38.80 35.71 30.66
C THR B 108 -38.07 36.45 29.53
N LYS B 109 -37.15 37.31 29.96
CA LYS B 109 -36.60 38.34 29.10
C LYS B 109 -35.79 37.73 27.95
N ASP B 110 -35.26 38.62 27.11
CA ASP B 110 -34.41 38.27 25.99
C ASP B 110 -35.13 37.35 25.00
N TYR B 111 -36.14 37.94 24.37
CA TYR B 111 -36.75 37.36 23.18
C TYR B 111 -35.68 36.82 22.26
N LEU B 112 -35.74 35.53 21.96
CA LEU B 112 -34.74 34.89 21.13
C LEU B 112 -35.29 34.71 19.71
N THR B 113 -34.38 34.79 18.74
CA THR B 113 -34.75 34.46 17.37
C THR B 113 -35.11 32.98 17.30
N PRO B 114 -36.23 32.61 16.67
CA PRO B 114 -36.65 31.22 16.69
C PRO B 114 -35.65 30.34 15.96
N PRO B 115 -35.54 29.07 16.35
CA PRO B 115 -34.53 28.19 15.72
C PRO B 115 -34.70 28.04 14.23
N HIS B 116 -35.92 28.01 13.69
CA HIS B 116 -36.06 27.91 12.25
C HIS B 116 -35.62 29.19 11.55
N GLU B 117 -35.88 30.34 12.16
CA GLU B 117 -35.38 31.59 11.61
C GLU B 117 -33.86 31.60 11.57
N CYS B 118 -33.22 31.11 12.64
CA CYS B 118 -31.76 30.98 12.61
C CYS B 118 -31.32 30.01 11.52
N ARG B 119 -32.04 28.91 11.37
CA ARG B 119 -31.70 27.91 10.36
C ARG B 119 -31.79 28.50 8.95
N LEU B 120 -32.79 29.35 8.71
CA LEU B 120 -32.97 29.97 7.40
C LEU B 120 -31.97 31.08 7.14
N ARG B 121 -31.67 31.89 8.16
CA ARG B 121 -30.86 33.09 7.99
C ARG B 121 -29.38 32.83 8.18
N ASP B 122 -28.97 31.59 8.38
CA ASP B 122 -27.56 31.22 8.57
C ASP B 122 -26.96 31.83 9.82
N MET B 123 -27.81 32.10 10.82
CA MET B 123 -27.36 32.65 12.07
C MET B 123 -27.05 31.51 13.03
N THR B 124 -26.93 31.83 14.33
CA THR B 124 -26.66 30.83 15.36
C THR B 124 -27.67 31.01 16.49
N TYR B 125 -28.36 29.92 16.83
CA TYR B 125 -29.31 29.94 17.94
C TYR B 125 -28.53 30.08 19.25
N SER B 126 -28.57 31.27 19.85
CA SER B 126 -27.81 31.53 21.06
C SER B 126 -28.57 32.52 21.93
N ALA B 127 -28.11 32.64 23.18
CA ALA B 127 -28.66 33.52 24.18
C ALA B 127 -27.54 34.27 24.88
N PRO B 128 -27.82 35.44 25.43
CA PRO B 128 -26.76 36.24 26.06
C PRO B 128 -26.41 35.76 27.47
N ILE B 129 -25.14 35.91 27.81
CA ILE B 129 -24.64 35.64 29.16
C ILE B 129 -24.52 36.97 29.90
N TYR B 130 -25.06 37.02 31.11
CA TYR B 130 -24.99 38.20 31.95
C TYR B 130 -24.20 37.91 33.21
N VAL B 131 -23.51 38.94 33.71
CA VAL B 131 -22.80 38.85 34.98
C VAL B 131 -23.07 40.11 35.79
N ASP B 132 -22.85 39.99 37.10
CA ASP B 132 -22.86 41.13 38.01
C ASP B 132 -21.42 41.46 38.38
N ILE B 133 -21.01 42.70 38.10
CA ILE B 133 -19.62 43.11 38.24
C ILE B 133 -19.45 43.89 39.53
N GLU B 134 -18.40 43.56 40.28
CA GLU B 134 -18.03 44.26 41.51
C GLU B 134 -16.72 45.00 41.28
N TYR B 135 -16.81 46.31 41.09
CA TYR B 135 -15.66 47.15 40.78
C TYR B 135 -15.67 48.37 41.69
N THR B 136 -14.52 49.03 41.80
CA THR B 136 -14.35 50.08 42.80
C THR B 136 -13.76 51.36 42.22
N ARG B 137 -13.42 52.31 43.10
CA ARG B 137 -12.84 53.58 42.71
C ARG B 137 -11.86 54.02 43.78
N GLY B 138 -11.13 55.10 43.50
CA GLY B 138 -10.27 55.70 44.50
C GLY B 138 -11.01 56.25 45.69
N ARG B 139 -12.34 56.38 45.59
CA ARG B 139 -13.19 56.73 46.71
C ARG B 139 -13.75 55.51 47.43
N ASN B 140 -13.38 54.31 46.99
CA ASN B 140 -13.77 53.06 47.66
C ASN B 140 -15.29 52.92 47.74
N ILE B 141 -15.91 52.85 46.56
CA ILE B 141 -17.36 52.69 46.46
C ILE B 141 -17.64 51.31 45.85
N ILE B 142 -18.79 50.75 46.20
CA ILE B 142 -19.22 49.45 45.71
C ILE B 142 -20.38 49.67 44.74
N MET B 143 -20.14 49.38 43.46
CA MET B 143 -21.16 49.49 42.43
C MET B 143 -21.34 48.16 41.72
N HIS B 144 -22.53 48.00 41.13
CA HIS B 144 -22.92 46.75 40.49
C HIS B 144 -23.56 47.06 39.15
N LYS B 145 -23.90 46.02 38.40
CA LYS B 145 -24.55 46.17 37.10
C LYS B 145 -25.05 44.79 36.67
N ASP B 146 -25.57 44.72 35.43
CA ASP B 146 -26.00 43.47 34.80
C ASP B 146 -25.35 43.43 33.42
N VAL B 147 -24.09 43.01 33.38
CA VAL B 147 -23.21 43.21 32.21
C VAL B 147 -23.28 41.97 31.33
N GLU B 148 -23.44 42.20 30.02
CA GLU B 148 -23.48 41.12 29.04
C GLU B 148 -22.07 40.80 28.56
N ILE B 149 -21.73 39.52 28.51
CA ILE B 149 -20.39 39.10 28.13
C ILE B 149 -20.39 38.07 27.03
N GLY B 150 -21.39 38.09 26.15
CA GLY B 150 -21.35 37.27 24.96
C GLY B 150 -22.62 36.48 24.76
N ARG B 151 -22.60 35.63 23.73
CA ARG B 151 -23.73 34.78 23.36
C ARG B 151 -23.37 33.32 23.55
N MET B 152 -24.31 32.55 24.12
CA MET B 152 -24.10 31.13 24.39
C MET B 152 -25.04 30.30 23.52
N PRO B 153 -24.54 29.45 22.62
CA PRO B 153 -25.43 28.61 21.81
C PRO B 153 -26.30 27.71 22.68
N ILE B 154 -27.60 27.76 22.45
CA ILE B 154 -28.59 27.08 23.27
C ILE B 154 -29.00 25.77 22.60
N MET B 155 -29.04 24.70 23.38
CA MET B 155 -29.37 23.38 22.86
C MET B 155 -30.88 23.26 22.67
N LEU B 156 -31.27 22.66 21.54
CA LEU B 156 -32.68 22.56 21.19
C LEU B 156 -33.44 21.75 22.23
N ARG B 157 -34.56 22.32 22.69
CA ARG B 157 -35.43 21.71 23.71
C ARG B 157 -34.71 21.53 25.04
N SER B 158 -34.27 22.65 25.61
CA SER B 158 -33.78 22.68 26.98
C SER B 158 -34.54 23.72 27.78
N ASN B 159 -34.12 24.02 29.02
CA ASN B 159 -34.84 25.02 29.81
C ASN B 159 -34.75 26.39 29.17
N LYS B 160 -33.68 26.64 28.42
CA LYS B 160 -33.46 27.94 27.81
C LYS B 160 -34.07 28.06 26.43
N CYS B 161 -34.18 26.95 25.70
CA CYS B 161 -34.76 26.98 24.37
C CYS B 161 -36.23 27.35 24.42
N ILE B 162 -36.68 28.06 23.38
CA ILE B 162 -38.07 28.52 23.34
C ILE B 162 -39.03 27.36 23.19
N LEU B 163 -38.61 26.28 22.54
CA LEU B 163 -39.47 25.14 22.26
C LEU B 163 -39.74 24.27 23.48
N TYR B 164 -39.36 24.71 24.67
CA TYR B 164 -39.56 23.93 25.88
C TYR B 164 -41.04 23.88 26.21
N ASP B 165 -41.63 22.68 26.14
CA ASP B 165 -43.07 22.49 26.48
C ASP B 165 -43.93 23.32 25.52
N ALA B 166 -43.69 23.19 24.20
CA ALA B 166 -44.53 23.90 23.21
C ALA B 166 -45.88 23.18 23.13
N ASP B 167 -46.85 23.80 22.45
CA ASP B 167 -48.14 23.12 22.17
C ASP B 167 -48.11 22.81 20.68
N GLU B 168 -49.11 22.08 20.16
CA GLU B 168 -49.15 21.84 18.70
C GLU B 168 -49.17 23.18 17.96
N SER B 169 -49.93 24.16 18.49
CA SER B 169 -50.06 25.48 17.83
C SER B 169 -48.73 26.25 17.87
N LYS B 170 -48.10 26.35 19.05
CA LYS B 170 -46.85 27.14 19.19
C LYS B 170 -45.81 26.63 18.19
N MET B 171 -45.53 25.32 18.22
CA MET B 171 -44.54 24.72 17.28
C MET B 171 -44.87 25.18 15.87
N ALA B 172 -46.15 25.14 15.49
CA ALA B 172 -46.56 25.54 14.15
C ALA B 172 -46.26 27.02 13.90
N LYS B 173 -46.53 27.87 14.89
CA LYS B 173 -46.27 29.30 14.76
C LYS B 173 -44.79 29.57 14.53
N LEU B 174 -43.93 28.88 15.27
CA LEU B 174 -42.49 29.03 15.11
C LEU B 174 -41.93 28.15 14.00
N ASN B 175 -42.80 27.44 13.27
CA ASN B 175 -42.41 26.62 12.13
C ASN B 175 -41.49 25.48 12.55
N GLU B 176 -41.86 24.81 13.64
CA GLU B 176 -41.09 23.71 14.19
C GLU B 176 -41.94 22.44 14.20
N CYS B 177 -41.37 21.36 13.70
CA CYS B 177 -42.06 20.07 13.66
C CYS B 177 -42.07 19.45 15.05
N PRO B 178 -43.24 19.12 15.60
CA PRO B 178 -43.29 18.64 16.99
C PRO B 178 -42.54 17.36 17.23
N LEU B 179 -42.28 16.58 16.19
CA LEU B 179 -41.69 15.25 16.32
C LEU B 179 -40.19 15.27 16.21
N ASP B 180 -39.58 16.45 16.13
CA ASP B 180 -38.13 16.58 16.11
C ASP B 180 -37.54 16.11 17.43
N PRO B 181 -36.39 15.44 17.41
CA PRO B 181 -35.83 14.92 18.67
C PRO B 181 -35.33 16.02 19.59
N GLY B 182 -34.50 16.91 19.06
CA GLY B 182 -33.83 17.90 19.86
C GLY B 182 -32.40 17.50 20.14
N GLY B 183 -31.85 18.12 21.17
CA GLY B 183 -30.50 17.77 21.60
C GLY B 183 -29.40 18.09 20.61
N TYR B 184 -29.55 19.17 19.86
CA TYR B 184 -28.51 19.58 18.93
C TYR B 184 -28.47 21.11 18.86
N PHE B 185 -27.40 21.63 18.28
CA PHE B 185 -27.18 23.06 18.14
C PHE B 185 -27.30 23.47 16.69
N ILE B 186 -27.78 24.69 16.48
CA ILE B 186 -27.73 25.35 15.18
C ILE B 186 -26.63 26.39 15.26
N VAL B 187 -25.57 26.21 14.48
CA VAL B 187 -24.44 27.12 14.46
C VAL B 187 -24.14 27.49 13.02
N ASN B 188 -24.28 28.78 12.70
CA ASN B 188 -24.04 29.30 11.35
C ASN B 188 -24.94 28.63 10.34
N GLY B 189 -26.17 28.31 10.76
CA GLY B 189 -27.14 27.72 9.86
C GLY B 189 -27.01 26.24 9.64
N THR B 190 -26.22 25.55 10.46
CA THR B 190 -26.03 24.11 10.34
C THR B 190 -26.36 23.46 11.67
N GLU B 191 -26.98 22.28 11.61
CA GLU B 191 -27.34 21.52 12.80
C GLU B 191 -26.18 20.61 13.17
N LYS B 192 -25.58 20.86 14.33
CA LYS B 192 -24.47 20.05 14.82
C LYS B 192 -24.87 19.40 16.14
N VAL B 193 -24.34 18.22 16.38
CA VAL B 193 -24.61 17.46 17.60
C VAL B 193 -23.29 16.95 18.15
N ILE B 194 -23.17 16.95 19.48
CA ILE B 194 -22.02 16.36 20.15
C ILE B 194 -22.35 14.89 20.44
N LEU B 195 -21.61 13.98 19.83
CA LEU B 195 -21.83 12.56 20.06
C LEU B 195 -21.34 12.17 21.45
N VAL B 196 -21.97 11.13 22.01
CA VAL B 196 -21.52 10.58 23.27
C VAL B 196 -20.20 9.87 23.06
N GLN B 197 -19.23 10.11 23.94
CA GLN B 197 -17.87 9.64 23.76
C GLN B 197 -17.57 8.52 24.74
N GLU B 198 -17.12 7.38 24.21
CA GLU B 198 -16.66 6.28 25.03
C GLU B 198 -15.31 6.59 25.65
N GLN B 199 -15.15 6.25 26.94
CA GLN B 199 -13.89 6.45 27.63
C GLN B 199 -13.63 5.25 28.53
N LEU B 200 -12.35 5.00 28.79
CA LEU B 200 -11.95 4.09 29.86
C LEU B 200 -12.02 4.82 31.19
N SER B 201 -12.54 4.13 32.20
CA SER B 201 -12.82 4.79 33.46
C SER B 201 -11.56 5.33 34.12
N LYS B 202 -11.70 6.48 34.76
CA LYS B 202 -10.59 7.16 35.42
C LYS B 202 -10.57 6.82 36.91
N ASN B 203 -9.38 6.92 37.50
CA ASN B 203 -9.15 6.66 38.92
C ASN B 203 -9.42 5.21 39.31
N ARG B 204 -9.29 4.28 38.37
CA ARG B 204 -9.53 2.87 38.63
C ARG B 204 -8.29 2.07 38.25
N ILE B 205 -7.87 1.20 39.16
CA ILE B 205 -6.71 0.34 38.90
C ILE B 205 -7.07 -0.68 37.82
N ILE B 206 -6.22 -0.80 36.81
CA ILE B 206 -6.43 -1.74 35.71
C ILE B 206 -5.18 -2.58 35.58
N VAL B 207 -5.27 -3.85 35.97
CA VAL B 207 -4.15 -4.78 35.90
C VAL B 207 -4.25 -5.59 34.62
N GLU B 208 -3.28 -5.43 33.74
CA GLU B 208 -3.24 -6.14 32.48
C GLU B 208 -1.90 -6.86 32.37
N ALA B 209 -1.95 -8.15 32.05
CA ALA B 209 -0.73 -8.94 31.93
C ALA B 209 -0.17 -8.80 30.52
N ASP B 210 0.89 -9.56 30.26
CA ASP B 210 1.51 -9.58 28.95
C ASP B 210 2.42 -10.80 28.89
N GLU B 211 2.66 -11.28 27.68
CA GLU B 211 3.42 -12.51 27.48
C GLU B 211 4.85 -12.20 27.05
N LYS B 212 5.78 -13.00 27.57
CA LYS B 212 7.23 -12.87 27.38
C LYS B 212 7.81 -11.70 28.17
N LYS B 213 6.96 -10.92 28.82
CA LYS B 213 7.43 -9.78 29.60
C LYS B 213 7.07 -9.91 31.08
N GLY B 214 5.78 -10.02 31.40
CA GLY B 214 5.35 -9.96 32.78
C GLY B 214 4.04 -9.22 32.94
N ILE B 215 3.96 -8.33 33.92
CA ILE B 215 2.72 -7.66 34.28
C ILE B 215 2.99 -6.16 34.39
N VAL B 216 2.17 -5.36 33.71
CA VAL B 216 2.22 -3.91 33.80
C VAL B 216 0.81 -3.41 34.09
N GLN B 217 0.65 -2.69 35.21
CA GLN B 217 -0.64 -2.20 35.61
C GLN B 217 -0.60 -0.68 35.81
N ALA B 218 -1.70 -0.02 35.47
CA ALA B 218 -1.73 1.43 35.35
C ALA B 218 -2.95 2.00 36.05
N SER B 219 -2.94 3.32 36.22
CA SER B 219 -4.08 4.03 36.80
C SER B 219 -3.99 5.49 36.37
N VAL B 220 -4.75 5.86 35.34
CA VAL B 220 -4.77 7.24 34.87
C VAL B 220 -5.65 8.05 35.82
N THR B 221 -5.04 8.97 36.54
CA THR B 221 -5.74 9.79 37.52
C THR B 221 -5.86 11.20 36.96
N SER B 222 -7.08 11.60 36.63
CA SER B 222 -7.34 12.92 36.07
C SER B 222 -8.03 13.77 37.14
N SER B 223 -7.32 14.77 37.64
CA SER B 223 -7.88 15.74 38.56
C SER B 223 -8.49 16.89 37.77
N THR B 224 -8.83 17.99 38.45
CA THR B 224 -9.48 19.10 37.76
C THR B 224 -8.56 19.77 36.75
N HIS B 225 -7.26 19.82 37.02
CA HIS B 225 -6.34 20.55 36.16
C HIS B 225 -5.15 19.74 35.66
N GLU B 226 -4.75 18.67 36.36
CA GLU B 226 -3.66 17.83 35.89
C GLU B 226 -4.11 16.37 35.86
N ARG B 227 -3.65 15.66 34.83
CA ARG B 227 -3.92 14.23 34.67
C ARG B 227 -2.60 13.51 34.48
N LYS B 228 -2.51 12.30 35.01
CA LYS B 228 -1.23 11.60 35.08
C LYS B 228 -1.46 10.11 35.26
N SER B 229 -0.66 9.32 34.57
CA SER B 229 -0.74 7.86 34.63
C SER B 229 0.43 7.32 35.44
N LYS B 230 0.14 6.72 36.57
CA LYS B 230 1.16 6.10 37.43
C LYS B 230 1.28 4.64 37.03
N THR B 231 2.08 4.39 36.00
CA THR B 231 2.32 3.03 35.55
C THR B 231 3.10 2.26 36.61
N TYR B 232 2.73 0.99 36.80
CA TYR B 232 3.30 0.11 37.82
C TYR B 232 3.77 -1.16 37.11
N VAL B 233 5.04 -1.18 36.72
CA VAL B 233 5.54 -2.16 35.76
C VAL B 233 6.45 -3.16 36.45
N ILE B 234 6.89 -4.17 35.70
CA ILE B 234 7.81 -5.20 36.15
C ILE B 234 8.98 -5.23 35.17
N THR B 235 10.17 -4.85 35.65
CA THR B 235 11.32 -4.77 34.74
C THR B 235 11.95 -6.14 34.51
N LYS B 236 12.44 -6.76 35.58
CA LYS B 236 13.13 -8.05 35.44
C LYS B 236 13.17 -8.73 36.80
N ASN B 237 13.77 -9.92 36.81
CA ASN B 237 14.18 -10.63 38.03
C ASN B 237 13.01 -10.94 38.95
N GLY B 238 11.79 -10.59 38.55
CA GLY B 238 10.65 -10.78 39.42
C GLY B 238 10.47 -9.70 40.45
N LYS B 239 11.15 -8.57 40.31
CA LYS B 239 10.96 -7.41 41.16
C LYS B 239 10.10 -6.38 40.44
N ILE B 240 9.36 -5.60 41.22
CA ILE B 240 8.36 -4.69 40.68
C ILE B 240 8.77 -3.26 41.01
N TYR B 241 8.67 -2.38 40.03
CA TYR B 241 9.07 -0.99 40.14
C TYR B 241 7.85 -0.08 40.09
N LEU B 242 8.11 1.22 40.09
CA LEU B 242 7.08 2.22 39.87
C LEU B 242 7.55 3.17 38.78
N LYS B 243 6.61 3.70 38.01
CA LYS B 243 6.92 4.54 36.88
C LYS B 243 6.07 5.81 36.89
N HIS B 244 6.59 6.83 36.23
CA HIS B 244 5.89 8.08 36.01
C HIS B 244 6.68 8.89 35.00
N ASN B 245 6.05 9.90 34.42
CA ASN B 245 6.74 10.79 33.52
C ASN B 245 7.50 11.90 34.24
N SER B 246 7.26 12.07 35.55
CA SER B 246 7.93 13.09 36.34
C SER B 246 8.95 12.50 37.32
N ILE B 247 9.22 11.19 37.22
CA ILE B 247 10.30 10.57 37.96
C ILE B 247 11.27 9.98 36.96
N ALA B 248 12.53 9.82 37.38
CA ALA B 248 13.59 9.53 36.43
C ALA B 248 13.60 8.06 36.01
N GLU B 249 13.80 7.14 36.94
CA GLU B 249 14.04 5.75 36.53
C GLU B 249 13.76 4.78 37.67
N GLU B 250 12.71 3.96 37.50
CA GLU B 250 12.60 2.64 38.10
C GLU B 250 12.73 2.68 39.64
N ILE B 251 11.73 3.30 40.27
CA ILE B 251 11.69 3.35 41.72
C ILE B 251 11.22 2.00 42.26
N PRO B 252 12.01 1.33 43.10
CA PRO B 252 11.54 0.10 43.73
C PRO B 252 10.34 0.35 44.64
N ILE B 253 9.46 -0.65 44.72
CA ILE B 253 8.22 -0.47 45.46
C ILE B 253 8.47 -0.45 46.96
N ALA B 254 9.47 -1.20 47.44
CA ALA B 254 9.79 -1.14 48.85
C ALA B 254 10.21 0.26 49.27
N ILE B 255 10.93 0.97 48.40
CA ILE B 255 11.40 2.31 48.73
C ILE B 255 10.24 3.28 48.82
N VAL B 256 9.30 3.24 47.87
CA VAL B 256 8.15 4.15 47.94
C VAL B 256 7.26 3.80 49.12
N LEU B 257 7.15 2.51 49.44
CA LEU B 257 6.36 2.15 50.62
C LEU B 257 7.02 2.65 51.89
N LYS B 258 8.35 2.68 51.95
CA LYS B 258 9.03 3.28 53.10
C LYS B 258 8.87 4.79 53.10
N ALA B 259 8.88 5.41 51.92
CA ALA B 259 8.65 6.84 51.81
C ALA B 259 7.24 7.24 52.22
N CYS B 260 6.30 6.32 52.15
CA CYS B 260 4.91 6.59 52.50
C CYS B 260 4.57 6.22 53.94
N GLY B 261 5.57 5.89 54.75
CA GLY B 261 5.34 5.59 56.15
C GLY B 261 5.38 4.13 56.50
N ILE B 262 5.35 3.24 55.51
CA ILE B 262 5.49 1.79 55.77
C ILE B 262 6.98 1.49 55.68
N LEU B 263 7.67 1.73 56.78
CA LEU B 263 9.11 1.52 56.86
C LEU B 263 9.50 0.28 57.65
N SER B 264 8.53 -0.47 58.18
CA SER B 264 8.87 -1.62 59.01
C SER B 264 9.61 -2.69 58.25
N ASP B 265 9.46 -2.75 56.93
CA ASP B 265 10.08 -3.72 56.03
C ASP B 265 9.57 -5.15 56.29
N LEU B 266 8.72 -5.34 57.29
CA LEU B 266 7.86 -6.50 57.41
C LEU B 266 6.40 -6.15 57.26
N GLU B 267 6.03 -4.91 57.63
CA GLU B 267 4.71 -4.38 57.32
C GLU B 267 4.43 -4.43 55.83
N ILE B 268 5.47 -4.30 55.00
CA ILE B 268 5.30 -4.49 53.56
C ILE B 268 4.82 -5.90 53.26
N MET B 269 5.44 -6.90 53.89
CA MET B 269 5.11 -8.29 53.60
C MET B 269 3.67 -8.61 53.94
N GLN B 270 3.25 -8.30 55.17
CA GLN B 270 1.88 -8.58 55.58
C GLN B 270 0.86 -7.76 54.80
N LEU B 271 1.31 -6.71 54.13
CA LEU B 271 0.44 -5.85 53.33
C LEU B 271 0.21 -6.42 51.93
N VAL B 272 1.29 -6.72 51.22
CA VAL B 272 1.20 -7.09 49.82
C VAL B 272 1.28 -8.60 49.63
N CYS B 273 1.30 -9.38 50.70
CA CYS B 273 1.27 -10.84 50.57
C CYS B 273 0.34 -11.52 51.55
N GLY B 274 -0.13 -10.85 52.59
CA GLY B 274 -0.98 -11.53 53.56
C GLY B 274 -0.21 -12.59 54.30
N ASN B 275 -0.73 -13.82 54.30
CA ASN B 275 -0.07 -14.96 54.91
C ASN B 275 0.28 -16.04 53.90
N ASP B 276 0.15 -15.74 52.61
CA ASP B 276 0.30 -16.74 51.57
C ASP B 276 1.77 -16.99 51.28
N SER B 277 2.19 -18.26 51.29
CA SER B 277 3.59 -18.57 51.03
C SER B 277 3.93 -18.41 49.55
N SER B 278 3.00 -18.76 48.66
CA SER B 278 3.26 -18.63 47.23
C SER B 278 3.44 -17.19 46.81
N TYR B 279 2.91 -16.24 47.58
CA TYR B 279 3.11 -14.82 47.29
C TYR B 279 4.35 -14.26 47.95
N GLN B 280 4.65 -14.71 49.17
CA GLN B 280 5.78 -14.14 49.90
C GLN B 280 7.09 -14.40 49.19
N ASP B 281 7.30 -15.62 48.69
CA ASP B 281 8.58 -15.93 48.06
C ASP B 281 8.70 -15.25 46.70
N ILE B 282 7.60 -15.11 45.98
CA ILE B 282 7.66 -14.44 44.68
C ILE B 282 7.80 -12.92 44.85
N PHE B 283 7.40 -12.37 45.99
CA PHE B 283 7.55 -10.94 46.21
C PHE B 283 8.87 -10.56 46.86
N ALA B 284 9.39 -11.39 47.77
CA ALA B 284 10.49 -11.00 48.63
C ALA B 284 11.82 -10.81 47.91
N VAL B 285 11.86 -10.98 46.59
CA VAL B 285 13.07 -10.65 45.84
C VAL B 285 13.45 -9.20 46.09
N ASN B 286 12.47 -8.31 46.00
CA ASN B 286 12.70 -6.87 46.10
C ASN B 286 12.53 -6.33 47.51
N LEU B 287 12.24 -7.20 48.49
CA LEU B 287 12.27 -6.77 49.88
C LEU B 287 13.69 -6.48 50.35
N GLU B 288 14.69 -6.95 49.62
CA GLU B 288 16.09 -6.69 49.95
C GLU B 288 16.73 -5.65 49.05
N GLU B 289 16.04 -5.19 48.00
CA GLU B 289 16.57 -4.09 47.21
C GLU B 289 16.52 -2.76 47.97
N SER B 290 15.71 -2.68 49.02
CA SER B 290 15.69 -1.51 49.88
C SER B 290 16.79 -1.55 50.94
N SER B 291 17.53 -2.64 51.04
CA SER B 291 18.70 -2.71 51.91
C SER B 291 20.01 -2.87 51.14
N LYS B 292 19.96 -3.32 49.90
CA LYS B 292 21.17 -3.49 49.12
C LYS B 292 21.89 -2.16 48.89
N LEU B 293 21.13 -1.10 48.57
CA LEU B 293 21.76 0.20 48.41
C LEU B 293 22.28 0.71 49.74
N ASP B 294 21.44 0.68 50.77
CA ASP B 294 21.78 0.97 52.15
C ASP B 294 20.51 0.74 52.95
N ILE B 295 20.63 0.76 54.28
CA ILE B 295 19.44 0.76 55.10
C ILE B 295 18.71 2.08 54.92
N TYR B 296 17.39 2.05 55.08
CA TYR B 296 16.58 3.22 54.79
C TYR B 296 15.76 3.64 56.01
N THR B 297 15.58 4.94 56.13
CA THR B 297 14.53 5.58 56.88
C THR B 297 13.64 6.34 55.90
N GLN B 298 12.64 7.04 56.43
CA GLN B 298 11.71 7.76 55.56
C GLN B 298 12.42 8.89 54.81
N GLN B 299 13.23 9.67 55.52
CA GLN B 299 13.86 10.84 54.93
C GLN B 299 14.84 10.44 53.84
N GLN B 300 15.58 9.36 54.05
CA GLN B 300 16.51 8.89 53.03
C GLN B 300 15.78 8.45 51.77
N ALA B 301 14.67 7.72 51.91
CA ALA B 301 13.90 7.30 50.75
C ALA B 301 13.34 8.50 50.00
N LEU B 302 12.83 9.49 50.74
CA LEU B 302 12.35 10.71 50.10
C LEU B 302 13.49 11.40 49.34
N GLU B 303 14.69 11.43 49.93
CA GLU B 303 15.83 12.03 49.23
C GLU B 303 16.15 11.26 47.96
N TYR B 304 16.10 9.93 48.01
CA TYR B 304 16.38 9.13 46.82
C TYR B 304 15.39 9.44 45.71
N ILE B 305 14.11 9.53 46.06
CA ILE B 305 13.11 9.87 45.04
C ILE B 305 13.35 11.28 44.50
N GLY B 306 13.57 12.23 45.41
CA GLY B 306 13.65 13.63 45.04
C GLY B 306 14.87 14.01 44.26
N ALA B 307 15.94 13.22 44.35
CA ALA B 307 17.07 13.44 43.47
C ALA B 307 16.73 13.15 42.02
N LYS B 308 15.62 12.46 41.76
CA LYS B 308 15.31 11.95 40.43
C LYS B 308 14.17 12.71 39.74
N VAL B 309 13.41 13.54 40.47
CA VAL B 309 12.35 14.30 39.82
C VAL B 309 12.96 15.26 38.80
N LYS B 310 12.13 15.74 37.89
CA LYS B 310 12.65 16.42 36.71
C LYS B 310 13.01 17.88 37.00
N THR B 311 12.01 18.70 37.33
CA THR B 311 12.20 20.14 37.49
C THR B 311 10.91 20.74 38.05
N MET B 312 10.88 22.07 38.14
CA MET B 312 9.67 22.82 38.45
C MET B 312 9.40 23.85 37.34
N ARG B 313 9.78 23.52 36.11
CA ARG B 313 9.66 24.41 34.95
C ARG B 313 10.36 25.75 35.21
N ARG B 314 11.51 25.69 35.87
CA ARG B 314 12.31 26.87 36.24
C ARG B 314 11.48 27.84 37.11
N GLN B 315 11.13 27.34 38.29
CA GLN B 315 10.48 28.18 39.30
C GLN B 315 10.83 27.67 40.68
N LYS B 316 11.20 28.59 41.57
CA LYS B 316 11.50 28.33 42.98
C LYS B 316 12.27 27.03 43.16
N LEU B 317 13.46 26.99 42.57
CA LEU B 317 14.31 25.81 42.72
C LEU B 317 14.93 25.69 44.11
N THR B 318 14.62 26.61 45.03
CA THR B 318 15.11 26.53 46.40
C THR B 318 14.46 25.41 47.20
N ILE B 319 13.43 24.77 46.66
CA ILE B 319 12.82 23.60 47.31
C ILE B 319 13.56 22.30 46.99
N LEU B 320 14.59 22.36 46.16
CA LEU B 320 15.21 21.15 45.58
C LEU B 320 16.00 20.42 46.66
N GLN B 321 15.28 19.70 47.51
CA GLN B 321 15.88 18.86 48.53
C GLN B 321 14.90 17.73 48.85
N GLU B 322 15.08 17.09 50.01
CA GLU B 322 14.12 16.10 50.49
C GLU B 322 12.72 16.68 50.56
N GLY B 323 12.60 17.97 50.86
CA GLY B 323 11.30 18.60 50.96
C GLY B 323 10.53 18.68 49.66
N ILE B 324 11.16 18.43 48.51
CA ILE B 324 10.41 18.42 47.26
C ILE B 324 9.59 17.14 47.11
N GLU B 325 9.88 16.10 47.89
CA GLU B 325 9.01 14.93 47.93
C GLU B 325 7.74 15.15 48.72
N ALA B 326 7.75 16.05 49.69
CA ALA B 326 6.49 16.41 50.33
C ALA B 326 5.45 16.88 49.31
N ILE B 327 5.87 17.20 48.09
CA ILE B 327 4.93 17.50 47.02
C ILE B 327 4.98 16.47 45.89
N ALA B 328 6.12 15.80 45.68
CA ALA B 328 6.17 14.81 44.60
C ALA B 328 5.41 13.54 44.96
N THR B 329 5.34 13.18 46.24
CA THR B 329 4.44 12.11 46.65
C THR B 329 2.99 12.56 46.66
N THR B 330 2.75 13.86 46.81
CA THR B 330 1.40 14.39 46.65
C THR B 330 0.94 14.35 45.19
N VAL B 331 1.87 14.50 44.24
CA VAL B 331 1.50 14.58 42.84
C VAL B 331 1.73 13.26 42.12
N ILE B 332 1.68 12.14 42.85
CA ILE B 332 1.86 10.84 42.23
C ILE B 332 0.53 10.12 41.96
N ALA B 333 -0.57 10.58 42.57
CA ALA B 333 -1.89 10.01 42.29
C ALA B 333 -2.95 11.04 42.65
N HIS B 334 -4.18 10.77 42.20
CA HIS B 334 -5.31 11.66 42.45
C HIS B 334 -5.66 11.71 43.92
N LEU B 335 -5.07 10.82 44.71
CA LEU B 335 -5.23 10.83 46.15
C LEU B 335 -4.40 11.98 46.73
N THR B 336 -5.05 12.87 47.46
CA THR B 336 -4.40 14.07 47.96
C THR B 336 -4.04 13.89 49.42
N VAL B 337 -2.76 14.07 49.74
CA VAL B 337 -2.26 14.07 51.11
C VAL B 337 -1.83 15.48 51.46
N GLU B 338 -2.40 16.03 52.53
CA GLU B 338 -2.21 17.43 52.89
C GLU B 338 -1.79 17.59 54.35
N ALA B 339 -1.36 16.50 54.98
CA ALA B 339 -0.96 16.51 56.37
C ALA B 339 0.25 15.61 56.50
N LEU B 340 0.55 15.16 57.71
CA LEU B 340 1.73 14.33 57.92
C LEU B 340 1.52 12.90 57.42
N ASP B 341 0.35 12.31 57.68
CA ASP B 341 0.18 10.87 57.44
C ASP B 341 -0.03 10.56 55.97
N PHE B 342 0.59 9.46 55.52
CA PHE B 342 0.50 9.00 54.13
C PHE B 342 -0.18 7.64 54.01
N ARG B 343 -1.02 7.28 54.99
CA ARG B 343 -1.53 5.91 55.07
C ARG B 343 -2.36 5.54 53.86
N GLU B 344 -3.24 6.45 53.42
CA GLU B 344 -4.17 6.10 52.34
C GLU B 344 -3.44 5.84 51.03
N LYS B 345 -2.55 6.75 50.62
CA LYS B 345 -1.81 6.54 49.39
C LYS B 345 -0.85 5.36 49.51
N ALA B 346 -0.28 5.17 50.71
CA ALA B 346 0.58 4.03 50.93
C ALA B 346 -0.16 2.73 50.68
N LEU B 347 -1.36 2.59 51.25
CA LEU B 347 -2.10 1.36 51.09
C LEU B 347 -2.70 1.24 49.69
N TYR B 348 -2.93 2.36 49.02
CA TYR B 348 -3.29 2.31 47.61
C TYR B 348 -2.18 1.64 46.80
N ILE B 349 -0.94 2.08 46.99
CA ILE B 349 0.15 1.47 46.24
C ILE B 349 0.39 0.04 46.69
N ALA B 350 0.14 -0.27 47.95
CA ALA B 350 0.25 -1.66 48.42
C ALA B 350 -0.78 -2.56 47.75
N MET B 351 -2.00 -2.07 47.56
CA MET B 351 -3.01 -2.87 46.86
C MET B 351 -2.68 -3.02 45.39
N MET B 352 -2.12 -1.98 44.78
CA MET B 352 -1.65 -2.11 43.40
C MET B 352 -0.57 -3.18 43.31
N THR B 353 0.33 -3.21 44.31
CA THR B 353 1.34 -4.25 44.41
C THR B 353 0.72 -5.64 44.55
N ARG B 354 -0.31 -5.75 45.37
CA ARG B 354 -0.97 -7.04 45.55
C ARG B 354 -1.57 -7.54 44.25
N ARG B 355 -2.20 -6.65 43.49
CA ARG B 355 -2.77 -7.06 42.20
C ARG B 355 -1.67 -7.52 41.24
N VAL B 356 -0.54 -6.81 41.21
CA VAL B 356 0.55 -7.23 40.33
C VAL B 356 1.13 -8.56 40.79
N VAL B 357 1.18 -8.79 42.10
CA VAL B 357 1.70 -10.06 42.63
C VAL B 357 0.76 -11.21 42.27
N MET B 358 -0.55 -11.00 42.36
CA MET B 358 -1.51 -12.02 41.95
C MET B 358 -1.36 -12.35 40.47
N ALA B 359 -1.28 -11.31 39.63
CA ALA B 359 -1.11 -11.55 38.20
C ALA B 359 0.22 -12.21 37.89
N MET B 360 1.23 -11.98 38.73
CA MET B 360 2.48 -12.72 38.60
C MET B 360 2.29 -14.19 38.95
N TYR B 361 1.52 -14.47 39.99
CA TYR B 361 1.28 -15.84 40.39
C TYR B 361 0.58 -16.62 39.28
N ASN B 362 -0.45 -16.03 38.68
CA ASN B 362 -1.06 -16.65 37.51
C ASN B 362 -1.77 -15.58 36.70
N PRO B 363 -1.77 -15.70 35.39
CA PRO B 363 -2.65 -14.84 34.58
C PRO B 363 -4.10 -15.22 34.84
N LYS B 364 -5.03 -14.62 34.12
CA LYS B 364 -6.46 -14.79 34.32
C LYS B 364 -6.94 -14.21 35.65
N MET B 365 -6.05 -13.63 36.45
CA MET B 365 -6.46 -12.74 37.53
C MET B 365 -6.56 -11.30 37.06
N ILE B 366 -6.09 -11.00 35.85
CA ILE B 366 -6.18 -9.68 35.24
C ILE B 366 -7.62 -9.38 34.87
N ASP B 367 -7.91 -8.14 34.50
CA ASP B 367 -9.24 -7.74 34.07
C ASP B 367 -9.20 -7.32 32.60
N ASP B 368 -10.38 -7.34 31.98
CA ASP B 368 -10.52 -7.03 30.56
C ASP B 368 -10.93 -5.58 30.39
N ARG B 369 -10.22 -4.88 29.52
CA ARG B 369 -10.50 -3.48 29.26
C ARG B 369 -11.69 -3.27 28.33
N ASP B 370 -12.19 -4.33 27.70
CA ASP B 370 -13.40 -4.25 26.89
C ASP B 370 -14.65 -4.55 27.68
N TYR B 371 -14.52 -4.95 28.93
CA TYR B 371 -15.67 -5.13 29.80
C TYR B 371 -16.45 -3.84 29.92
N VAL B 372 -17.77 -3.92 29.75
CA VAL B 372 -18.60 -2.72 29.71
C VAL B 372 -18.58 -1.97 31.03
N GLY B 373 -18.32 -2.65 32.13
CA GLY B 373 -18.22 -2.01 33.42
C GLY B 373 -16.92 -1.29 33.69
N ASN B 374 -15.98 -1.31 32.76
CA ASN B 374 -14.72 -0.58 32.88
C ASN B 374 -14.70 0.67 32.02
N LYS B 375 -15.87 1.16 31.59
CA LYS B 375 -15.91 2.27 30.65
C LYS B 375 -16.94 3.29 31.12
N ARG B 376 -16.67 4.55 30.80
CA ARG B 376 -17.48 5.68 31.23
C ARG B 376 -17.96 6.48 30.02
N LEU B 377 -19.05 7.20 30.20
CA LEU B 377 -19.67 7.98 29.13
C LEU B 377 -19.67 9.46 29.49
N GLU B 378 -19.20 10.30 28.56
CA GLU B 378 -19.15 11.74 28.76
C GLU B 378 -20.04 12.42 27.74
N LEU B 379 -20.85 13.36 28.20
CA LEU B 379 -21.92 13.95 27.42
C LEU B 379 -21.52 15.33 26.90
N ALA B 380 -22.48 16.05 26.33
CA ALA B 380 -22.20 17.33 25.69
C ALA B 380 -21.93 18.42 26.72
N GLY B 381 -22.70 18.45 27.80
CA GLY B 381 -22.51 19.48 28.81
C GLY B 381 -21.15 19.38 29.48
N GLN B 382 -20.65 18.17 29.67
CA GLN B 382 -19.34 17.99 30.30
C GLN B 382 -18.23 18.58 29.45
N LEU B 383 -18.33 18.43 28.13
CA LEU B 383 -17.32 19.03 27.26
C LEU B 383 -17.50 20.55 27.17
N ILE B 384 -18.75 21.01 27.08
CA ILE B 384 -18.99 22.44 27.01
C ILE B 384 -18.48 23.13 28.26
N SER B 385 -18.51 22.44 29.41
CA SER B 385 -17.95 23.03 30.63
C SER B 385 -16.47 23.32 30.47
N LEU B 386 -15.70 22.36 29.95
CA LEU B 386 -14.28 22.57 29.73
C LEU B 386 -14.03 23.69 28.75
N LEU B 387 -14.77 23.70 27.64
CA LEU B 387 -14.57 24.72 26.62
C LEU B 387 -14.83 26.12 27.19
N PHE B 388 -15.92 26.26 27.93
CA PHE B 388 -16.23 27.57 28.51
C PHE B 388 -15.22 27.97 29.57
N GLU B 389 -14.72 27.02 30.35
CA GLU B 389 -13.70 27.36 31.34
C GLU B 389 -12.44 27.90 30.67
N ASP B 390 -11.99 27.21 29.62
CA ASP B 390 -10.79 27.67 28.92
C ASP B 390 -10.99 29.04 28.31
N LEU B 391 -12.13 29.26 27.66
CA LEU B 391 -12.38 30.56 27.04
C LEU B 391 -12.50 31.67 28.08
N PHE B 392 -13.15 31.37 29.21
CA PHE B 392 -13.26 32.35 30.28
C PHE B 392 -11.90 32.74 30.83
N LYS B 393 -11.02 31.76 31.01
CA LYS B 393 -9.69 32.08 31.53
C LYS B 393 -8.88 32.93 30.57
N LYS B 394 -8.93 32.60 29.26
CA LYS B 394 -8.24 33.44 28.30
C LYS B 394 -8.79 34.85 28.28
N PHE B 395 -10.12 34.98 28.36
CA PHE B 395 -10.75 36.29 28.41
C PHE B 395 -10.30 37.08 29.63
N ASN B 396 -10.27 36.44 30.79
CA ASN B 396 -9.84 37.12 32.02
C ASN B 396 -8.39 37.57 31.91
N ASN B 397 -7.53 36.73 31.34
CA ASN B 397 -6.13 37.12 31.18
C ASN B 397 -6.00 38.35 30.29
N ASP B 398 -6.71 38.38 29.17
CA ASP B 398 -6.60 39.54 28.28
C ASP B 398 -7.24 40.78 28.88
N PHE B 399 -8.32 40.61 29.64
CA PHE B 399 -8.91 41.75 30.34
C PHE B 399 -7.94 42.33 31.36
N LYS B 400 -7.24 41.47 32.09
CA LYS B 400 -6.27 41.95 33.07
C LYS B 400 -5.11 42.67 32.41
N LEU B 401 -4.60 42.13 31.31
CA LEU B 401 -3.53 42.84 30.59
C LEU B 401 -4.02 44.18 30.06
N SER B 402 -5.26 44.26 29.57
CA SER B 402 -5.78 45.54 29.10
C SER B 402 -5.85 46.56 30.25
N ILE B 403 -6.33 46.12 31.42
CA ILE B 403 -6.40 47.02 32.57
C ILE B 403 -5.01 47.47 32.97
N ASP B 404 -4.05 46.55 33.00
CA ASP B 404 -2.68 46.91 33.40
C ASP B 404 -2.07 47.88 32.40
N LYS B 405 -2.29 47.67 31.10
CA LYS B 405 -1.77 48.59 30.10
C LYS B 405 -2.38 49.97 30.26
N VAL B 406 -3.69 50.05 30.53
CA VAL B 406 -4.32 51.34 30.75
C VAL B 406 -3.72 52.01 31.99
N LEU B 407 -3.40 51.22 33.01
CA LEU B 407 -2.81 51.76 34.23
C LEU B 407 -1.31 52.04 34.11
N LYS B 408 -0.68 51.64 33.00
CA LYS B 408 0.74 51.95 32.82
C LYS B 408 0.97 53.44 32.74
N LYS B 409 -0.02 54.20 32.29
CA LYS B 409 0.07 55.65 32.36
C LYS B 409 0.14 56.06 33.82
N PRO B 410 0.96 57.06 34.17
CA PRO B 410 1.17 57.39 35.58
C PRO B 410 0.18 58.41 36.12
N ASN B 411 -0.92 58.63 35.40
CA ASN B 411 -1.85 59.69 35.78
C ASN B 411 -3.28 59.28 35.48
N ARG B 412 -4.20 59.97 36.16
CA ARG B 412 -5.66 59.88 35.96
C ARG B 412 -6.13 58.45 35.73
N ALA B 413 -5.90 57.62 36.75
CA ALA B 413 -6.42 56.25 36.75
C ALA B 413 -7.91 56.32 37.08
N MET B 414 -8.73 56.38 36.04
CA MET B 414 -10.18 56.51 36.20
C MET B 414 -10.83 55.15 35.92
N GLU B 415 -11.17 54.44 37.00
CA GLU B 415 -11.76 53.12 36.86
C GLU B 415 -13.15 53.16 36.25
N TYR B 416 -13.78 54.34 36.17
CA TYR B 416 -15.04 54.48 35.49
C TYR B 416 -14.91 54.10 34.02
N ASP B 417 -15.97 53.50 33.47
CA ASP B 417 -16.03 53.07 32.09
C ASP B 417 -15.03 51.96 31.76
N ALA B 418 -14.48 51.30 32.77
CA ALA B 418 -13.69 50.10 32.52
C ALA B 418 -14.55 48.98 31.97
N LEU B 419 -15.85 49.00 32.23
CA LEU B 419 -16.76 48.01 31.67
C LEU B 419 -16.95 48.19 30.17
N LEU B 420 -16.61 49.36 29.64
CA LEU B 420 -16.65 49.55 28.19
C LEU B 420 -15.64 48.63 27.51
N SER B 421 -14.46 48.47 28.12
CA SER B 421 -13.47 47.54 27.59
C SER B 421 -13.99 46.10 27.60
N ILE B 422 -14.69 45.71 28.67
CA ILE B 422 -15.23 44.35 28.72
C ILE B 422 -16.32 44.19 27.66
N ASN B 423 -17.10 45.23 27.42
CA ASN B 423 -18.18 45.12 26.43
C ASN B 423 -17.63 45.04 25.02
N VAL B 424 -16.53 45.74 24.74
CA VAL B 424 -15.90 45.61 23.42
C VAL B 424 -15.17 44.28 23.30
N HIS B 425 -14.43 43.89 24.33
CA HIS B 425 -13.50 42.77 24.21
C HIS B 425 -14.17 41.40 24.31
N SER B 426 -15.41 41.34 24.81
CA SER B 426 -16.02 40.05 25.15
C SER B 426 -16.39 39.21 23.95
N ASN B 427 -16.33 39.74 22.73
CA ASN B 427 -16.79 38.98 21.57
C ASN B 427 -15.88 37.80 21.25
N ASN B 428 -14.67 37.77 21.80
CA ASN B 428 -13.75 36.66 21.53
C ASN B 428 -14.29 35.35 22.10
N ILE B 429 -14.90 35.39 23.28
CA ILE B 429 -15.42 34.16 23.88
C ILE B 429 -16.54 33.58 23.03
N THR B 430 -17.45 34.42 22.55
CA THR B 430 -18.53 33.93 21.69
C THR B 430 -17.98 33.40 20.37
N SER B 431 -17.05 34.12 19.75
CA SER B 431 -16.49 33.67 18.50
C SER B 431 -15.79 32.32 18.65
N GLY B 432 -15.02 32.15 19.74
CA GLY B 432 -14.35 30.88 19.96
C GLY B 432 -15.31 29.75 20.27
N LEU B 433 -16.36 30.04 21.05
CA LEU B 433 -17.37 29.02 21.33
C LEU B 433 -18.00 28.53 20.04
N ASN B 434 -18.41 29.46 19.16
CA ASN B 434 -18.98 29.07 17.88
C ASN B 434 -17.99 28.29 17.03
N ARG B 435 -16.74 28.75 16.97
CA ARG B 435 -15.75 28.08 16.13
C ARG B 435 -15.52 26.65 16.60
N ALA B 436 -15.38 26.45 17.91
CA ALA B 436 -15.18 25.10 18.42
C ALA B 436 -16.39 24.23 18.19
N ILE B 437 -17.59 24.75 18.49
CA ILE B 437 -18.79 23.92 18.42
C ILE B 437 -19.33 23.74 17.02
N SER B 438 -18.74 24.43 16.03
CA SER B 438 -19.08 24.19 14.63
C SER B 438 -17.95 23.55 13.84
N THR B 439 -16.74 23.47 14.38
CA THR B 439 -15.70 22.70 13.72
C THR B 439 -15.50 21.34 14.32
N GLY B 440 -15.83 21.16 15.60
CA GLY B 440 -15.58 19.92 16.27
C GLY B 440 -14.15 19.70 16.70
N ASN B 441 -13.26 20.62 16.34
CA ASN B 441 -11.86 20.54 16.75
C ASN B 441 -11.72 21.24 18.09
N TRP B 442 -11.59 20.44 19.15
CA TRP B 442 -11.47 20.94 20.50
C TRP B 442 -10.00 20.88 20.90
N SER B 443 -9.36 22.05 20.88
CA SER B 443 -7.96 22.21 21.29
C SER B 443 -7.94 23.13 22.50
N LEU B 444 -7.59 22.57 23.65
CA LEU B 444 -7.58 23.31 24.91
C LEU B 444 -6.15 23.51 25.38
N LYS B 445 -6.00 24.31 26.44
CA LYS B 445 -4.70 24.62 26.99
C LYS B 445 -4.57 24.30 28.48
N ARG B 446 -5.68 24.33 29.23
CA ARG B 446 -5.61 23.96 30.64
C ARG B 446 -5.17 22.51 30.80
N PHE B 447 -5.71 21.61 29.98
CA PHE B 447 -5.27 20.22 29.98
C PHE B 447 -4.38 19.88 28.81
N LYS B 448 -4.19 20.79 27.86
CA LYS B 448 -3.44 20.53 26.64
C LYS B 448 -3.98 19.30 25.93
N MET B 449 -5.30 19.21 25.88
CA MET B 449 -6.00 18.13 25.17
C MET B 449 -6.49 18.66 23.83
N GLU B 450 -6.24 17.88 22.78
CA GLU B 450 -6.56 18.28 21.42
C GLU B 450 -7.26 17.12 20.71
N ARG B 451 -8.53 17.31 20.38
CA ARG B 451 -9.34 16.28 19.76
C ARG B 451 -9.97 16.84 18.49
N ALA B 452 -10.06 16.00 17.46
CA ALA B 452 -10.63 16.37 16.17
C ALA B 452 -11.87 15.52 15.90
N GLY B 453 -12.97 16.18 15.58
CA GLY B 453 -14.20 15.49 15.23
C GLY B 453 -15.12 15.22 16.40
N VAL B 454 -15.33 16.23 17.25
CA VAL B 454 -16.22 16.06 18.39
C VAL B 454 -17.67 16.11 17.94
N THR B 455 -18.04 17.15 17.20
CA THR B 455 -19.40 17.33 16.73
C THR B 455 -19.57 16.80 15.31
N HIS B 456 -20.78 16.40 14.99
CA HIS B 456 -21.13 15.90 13.67
C HIS B 456 -22.40 16.59 13.20
N VAL B 457 -22.54 16.73 11.89
CA VAL B 457 -23.70 17.40 11.32
C VAL B 457 -24.88 16.44 11.32
N LEU B 458 -26.02 16.90 11.84
CA LEU B 458 -27.18 16.04 11.99
C LEU B 458 -27.66 15.54 10.64
N SER B 459 -27.97 14.24 10.56
CA SER B 459 -28.36 13.61 9.30
C SER B 459 -29.86 13.72 9.14
N ARG B 460 -30.29 14.34 8.04
CA ARG B 460 -31.71 14.44 7.70
C ARG B 460 -31.89 13.69 6.38
N LEU B 461 -32.01 12.38 6.49
CA LEU B 461 -32.33 11.53 5.35
C LEU B 461 -33.63 10.78 5.56
N SER B 462 -34.14 10.76 6.77
CA SER B 462 -35.39 10.10 7.14
C SER B 462 -35.69 10.47 8.57
N TYR B 463 -36.86 10.07 9.04
CA TYR B 463 -37.20 10.29 10.43
C TYR B 463 -36.29 9.48 11.35
N ILE B 464 -35.93 8.26 10.95
CA ILE B 464 -35.13 7.38 11.79
C ILE B 464 -33.65 7.74 11.75
N SER B 465 -33.19 8.43 10.71
CA SER B 465 -31.79 8.78 10.60
C SER B 465 -31.35 9.76 11.70
N ALA B 466 -32.15 10.80 11.95
CA ALA B 466 -31.83 11.73 13.02
C ALA B 466 -31.90 11.05 14.38
N LEU B 467 -32.94 10.26 14.61
CA LEU B 467 -33.08 9.56 15.89
C LEU B 467 -31.93 8.58 16.12
N GLY B 468 -31.38 8.01 15.04
CA GLY B 468 -30.21 7.18 15.19
C GLY B 468 -28.93 7.96 15.38
N MET B 469 -28.87 9.18 14.85
CA MET B 469 -27.73 10.05 15.13
C MET B 469 -27.68 10.39 16.61
N MET B 470 -28.83 10.67 17.20
CA MET B 470 -28.90 10.66 18.66
C MET B 470 -28.74 9.24 19.17
N THR B 471 -28.43 9.11 20.45
CA THR B 471 -28.25 7.80 21.11
C THR B 471 -27.11 6.98 20.50
N ARG B 472 -26.25 7.61 19.72
CA ARG B 472 -25.12 6.92 19.09
C ARG B 472 -23.83 7.25 19.83
N ILE B 473 -22.97 6.25 20.02
CA ILE B 473 -21.77 6.36 20.84
C ILE B 473 -20.56 6.06 19.98
N SER B 474 -19.57 6.95 20.03
CA SER B 474 -18.31 6.74 19.34
C SER B 474 -17.28 6.15 20.30
N SER B 475 -16.37 5.35 19.74
CA SER B 475 -15.46 4.56 20.54
C SER B 475 -14.41 5.44 21.22
N GLN B 476 -13.68 4.83 22.15
CA GLN B 476 -12.62 5.51 22.89
C GLN B 476 -11.34 5.51 22.06
N PHE B 477 -10.24 5.90 22.70
CA PHE B 477 -8.94 5.93 22.04
C PHE B 477 -8.32 4.53 22.08
N GLU B 478 -7.08 4.42 21.60
CA GLU B 478 -6.41 3.14 21.37
C GLU B 478 -7.29 2.22 20.52
N LYS B 479 -7.63 2.72 19.33
CA LYS B 479 -8.59 2.04 18.47
C LYS B 479 -8.13 0.62 18.16
N SER B 480 -6.86 0.46 17.79
CA SER B 480 -6.23 -0.84 17.55
C SER B 480 -7.09 -1.71 16.63
N ARG B 481 -7.32 -1.21 15.43
CA ARG B 481 -8.22 -1.86 14.49
C ARG B 481 -7.75 -3.27 14.15
N LYS B 482 -6.44 -3.51 14.19
CA LYS B 482 -5.91 -4.82 13.84
C LYS B 482 -6.32 -5.91 14.83
N VAL B 483 -6.71 -5.53 16.05
CA VAL B 483 -7.10 -6.49 17.07
C VAL B 483 -8.62 -6.45 17.23
N SER B 484 -9.18 -7.59 17.62
CA SER B 484 -10.63 -7.73 17.75
C SER B 484 -11.11 -7.47 19.17
N GLY B 485 -10.23 -7.07 20.08
CA GLY B 485 -10.60 -6.83 21.45
C GLY B 485 -11.77 -5.88 21.60
N PRO B 486 -11.58 -4.62 21.19
CA PRO B 486 -12.67 -3.66 21.26
C PRO B 486 -13.58 -3.68 20.04
N ARG B 487 -13.86 -4.88 19.53
CA ARG B 487 -14.68 -5.01 18.32
C ARG B 487 -15.79 -6.02 18.54
N ALA B 488 -15.52 -7.01 19.38
CA ALA B 488 -16.48 -8.09 19.58
C ALA B 488 -17.67 -7.60 20.38
N LEU B 489 -18.81 -8.25 20.15
CA LEU B 489 -19.94 -8.04 21.03
C LEU B 489 -19.60 -8.58 22.41
N GLN B 490 -20.17 -7.95 23.43
CA GLN B 490 -19.92 -8.36 24.79
C GLN B 490 -21.18 -8.90 25.41
N PRO B 491 -21.13 -10.03 26.11
CA PRO B 491 -22.33 -10.47 26.85
C PRO B 491 -22.80 -9.45 27.88
N SER B 492 -21.89 -8.63 28.41
CA SER B 492 -22.23 -7.69 29.46
C SER B 492 -23.05 -6.49 28.98
N GLN B 493 -23.12 -6.26 27.67
CA GLN B 493 -23.90 -5.16 27.13
C GLN B 493 -25.36 -5.55 26.89
N PHE B 494 -25.83 -6.61 27.54
CA PHE B 494 -27.22 -7.00 27.44
C PHE B 494 -28.12 -5.91 28.02
N GLY B 495 -28.97 -5.34 27.18
CA GLY B 495 -29.92 -4.37 27.64
C GLY B 495 -29.34 -2.99 27.94
N MET B 496 -28.14 -2.73 27.47
CA MET B 496 -27.50 -1.44 27.67
C MET B 496 -27.02 -0.82 26.37
N LEU B 497 -26.54 -1.65 25.44
CA LEU B 497 -26.23 -1.21 24.09
C LEU B 497 -26.91 -2.16 23.10
N CYS B 498 -27.42 -1.59 22.01
CA CYS B 498 -28.16 -2.39 21.04
C CYS B 498 -27.26 -3.45 20.42
N THR B 499 -27.79 -4.66 20.31
CA THR B 499 -27.01 -5.81 19.86
C THR B 499 -26.91 -5.92 18.35
N ALA B 500 -27.63 -5.10 17.60
CA ALA B 500 -27.60 -5.14 16.14
C ALA B 500 -27.05 -3.88 15.50
N ASP B 501 -27.34 -2.71 16.07
CA ASP B 501 -26.93 -1.44 15.47
C ASP B 501 -25.42 -1.32 15.48
N THR B 502 -24.81 -1.39 14.30
CA THR B 502 -23.37 -1.41 14.11
C THR B 502 -23.12 -1.19 12.64
N PRO B 503 -22.17 -0.33 12.24
CA PRO B 503 -22.13 0.14 10.86
C PRO B 503 -21.32 -0.71 9.90
N GLU B 504 -20.94 -1.93 10.28
CA GLU B 504 -20.11 -2.79 9.42
C GLU B 504 -18.91 -2.02 8.90
N GLY B 505 -18.58 -2.23 7.63
CA GLY B 505 -17.51 -1.44 7.00
C GLY B 505 -16.21 -1.61 7.74
N GLU B 506 -15.66 -0.49 8.22
CA GLU B 506 -14.42 -0.48 8.98
C GLU B 506 -14.59 -0.01 10.41
N ALA B 507 -15.78 0.47 10.80
CA ALA B 507 -16.03 0.92 12.16
C ALA B 507 -16.88 -0.08 12.93
N CYS B 508 -16.91 -1.33 12.50
CA CYS B 508 -17.73 -2.34 13.13
C CYS B 508 -17.27 -2.59 14.57
N GLY B 509 -18.19 -2.47 15.52
CA GLY B 509 -17.88 -2.65 16.91
C GLY B 509 -17.29 -1.45 17.60
N LEU B 510 -16.92 -0.41 16.85
CA LEU B 510 -16.39 0.82 17.42
C LEU B 510 -17.51 1.82 17.68
N VAL B 511 -18.38 2.03 16.70
CA VAL B 511 -19.61 2.78 16.91
C VAL B 511 -20.63 1.86 17.57
N LYS B 512 -21.32 2.37 18.57
CA LYS B 512 -22.38 1.64 19.27
C LYS B 512 -23.60 2.54 19.38
N ASN B 513 -24.70 1.96 19.80
CA ASN B 513 -25.93 2.68 20.02
C ASN B 513 -26.53 2.25 21.34
N LEU B 514 -27.30 3.13 21.95
CA LEU B 514 -27.94 2.81 23.21
C LEU B 514 -29.12 1.87 23.00
N ALA B 515 -29.48 1.16 24.05
CA ALA B 515 -30.70 0.37 24.08
C ALA B 515 -31.89 1.27 24.42
N LEU B 516 -33.08 0.67 24.44
CA LEU B 516 -34.29 1.46 24.61
C LEU B 516 -34.47 1.93 26.06
N MET B 517 -34.20 1.05 27.02
CA MET B 517 -34.32 1.38 28.44
C MET B 517 -32.92 1.46 29.04
N THR B 518 -32.30 2.64 28.94
CA THR B 518 -31.03 2.90 29.57
C THR B 518 -31.12 4.19 30.38
N HIS B 519 -30.08 4.46 31.15
CA HIS B 519 -29.97 5.70 31.91
C HIS B 519 -28.53 5.86 32.36
N ILE B 520 -27.90 6.95 31.97
CA ILE B 520 -26.52 7.24 32.35
C ILE B 520 -26.52 8.01 33.65
N THR B 521 -25.57 7.69 34.52
CA THR B 521 -25.51 8.26 35.85
C THR B 521 -24.93 9.68 35.83
N THR B 522 -25.16 10.38 36.93
CA THR B 522 -24.56 11.68 37.18
C THR B 522 -23.70 11.59 38.43
N ASP B 523 -22.53 12.22 38.39
CA ASP B 523 -21.63 12.23 39.53
C ASP B 523 -22.34 12.83 40.74
N ASP B 524 -22.59 12.03 41.76
CA ASP B 524 -23.43 12.51 42.86
C ASP B 524 -22.61 13.12 43.98
N GLU B 525 -21.78 12.32 44.64
CA GLU B 525 -21.03 12.75 45.82
C GLU B 525 -19.89 11.78 46.01
N GLU B 526 -19.05 12.07 47.00
CA GLU B 526 -18.11 11.06 47.49
C GLU B 526 -18.11 11.03 49.01
N GLU B 527 -18.31 12.20 49.63
CA GLU B 527 -18.14 12.36 51.07
C GLU B 527 -19.34 11.95 51.93
N PRO B 528 -20.57 12.40 51.64
CA PRO B 528 -21.66 12.15 52.59
C PRO B 528 -21.94 10.68 52.85
N ILE B 529 -21.68 9.79 51.87
CA ILE B 529 -21.94 8.37 52.07
C ILE B 529 -20.80 7.65 52.77
N LYS B 530 -19.61 8.25 52.82
CA LYS B 530 -18.51 7.66 53.58
C LYS B 530 -18.83 7.63 55.06
N LYS B 531 -19.46 8.68 55.58
CA LYS B 531 -19.92 8.67 56.96
C LYS B 531 -20.94 7.57 57.20
N LEU B 532 -21.82 7.34 56.22
CA LEU B 532 -22.76 6.23 56.33
C LEU B 532 -22.03 4.90 56.34
N CYS B 533 -20.97 4.76 55.53
CA CYS B 533 -20.16 3.55 55.59
C CYS B 533 -19.63 3.33 56.99
N TYR B 534 -18.98 4.36 57.56
CA TYR B 534 -18.38 4.20 58.89
C TYR B 534 -19.44 3.93 59.96
N VAL B 535 -20.64 4.48 59.78
CA VAL B 535 -21.73 4.19 60.71
C VAL B 535 -22.16 2.73 60.59
N LEU B 536 -22.16 2.19 59.37
CA LEU B 536 -22.70 0.85 59.16
C LEU B 536 -21.83 -0.23 59.79
N GLY B 537 -20.55 0.01 60.00
CA GLY B 537 -19.73 -1.00 60.65
C GLY B 537 -18.29 -1.11 60.20
N VAL B 538 -17.93 -0.49 59.06
CA VAL B 538 -16.55 -0.53 58.62
C VAL B 538 -15.69 0.30 59.57
N GLU B 539 -14.44 -0.13 59.75
CA GLU B 539 -13.46 0.58 60.57
C GLU B 539 -12.57 1.45 59.70
N ASP B 540 -12.17 2.59 60.24
CA ASP B 540 -11.31 3.50 59.49
C ASP B 540 -10.00 2.81 59.12
N ILE B 541 -9.41 3.25 58.01
CA ILE B 541 -8.17 2.64 57.55
C ILE B 541 -7.02 2.95 58.51
N THR B 542 -7.19 3.96 59.37
CA THR B 542 -6.16 4.38 60.31
C THR B 542 -6.32 3.72 61.67
N LEU B 543 -6.89 2.52 61.73
CA LEU B 543 -7.06 1.82 63.00
C LEU B 543 -6.58 0.38 62.90
N ILE B 544 -6.64 -0.18 61.70
CA ILE B 544 -6.35 -1.59 61.48
C ILE B 544 -4.85 -1.79 61.27
N ASP B 545 -4.42 -3.03 61.36
CA ASP B 545 -3.02 -3.41 61.22
C ASP B 545 -2.78 -4.10 59.89
N SER B 546 -1.55 -3.99 59.40
CA SER B 546 -1.19 -4.69 58.17
C SER B 546 -1.16 -6.19 58.36
N ALA B 547 -1.05 -6.67 59.60
CA ALA B 547 -1.03 -8.11 59.86
C ALA B 547 -2.34 -8.75 59.45
N SER B 548 -3.45 -8.35 60.09
CA SER B 548 -4.75 -8.95 59.83
C SER B 548 -5.58 -8.15 58.84
N LEU B 549 -4.94 -7.48 57.89
CA LEU B 549 -5.67 -6.72 56.89
C LEU B 549 -6.41 -7.63 55.94
N HIS B 550 -5.76 -8.70 55.48
CA HIS B 550 -6.30 -9.57 54.44
C HIS B 550 -7.14 -10.71 54.97
N LEU B 551 -7.41 -10.75 56.27
CA LEU B 551 -8.27 -11.75 56.86
C LEU B 551 -9.72 -11.31 56.89
N ASN B 552 -10.03 -10.13 56.34
CA ASN B 552 -11.37 -9.56 56.37
C ASN B 552 -11.70 -9.02 54.98
N TYR B 553 -12.98 -8.69 54.81
CA TYR B 553 -13.45 -8.05 53.58
C TYR B 553 -13.25 -6.54 53.69
N GLY B 554 -12.66 -5.94 52.67
CA GLY B 554 -12.33 -4.52 52.68
C GLY B 554 -13.21 -3.74 51.72
N VAL B 555 -13.81 -2.67 52.24
CA VAL B 555 -14.75 -1.84 51.47
C VAL B 555 -13.96 -0.82 50.66
N TYR B 556 -14.50 -0.45 49.52
CA TYR B 556 -13.86 0.52 48.63
C TYR B 556 -14.88 1.61 48.31
N LEU B 557 -14.39 2.84 48.18
CA LEU B 557 -15.22 3.97 47.76
C LEU B 557 -14.56 4.57 46.53
N ASN B 558 -15.16 4.31 45.36
CA ASN B 558 -14.66 4.80 44.08
C ASN B 558 -13.25 4.29 43.78
N GLY B 559 -12.90 3.13 44.31
CA GLY B 559 -11.62 2.52 44.04
C GLY B 559 -10.53 2.82 45.05
N THR B 560 -10.86 3.54 46.13
CA THR B 560 -9.90 3.88 47.17
C THR B 560 -10.30 3.15 48.44
N LEU B 561 -9.35 2.41 49.02
CA LEU B 561 -9.65 1.59 50.19
C LEU B 561 -10.07 2.46 51.36
N ILE B 562 -11.18 2.09 52.00
CA ILE B 562 -11.74 2.88 53.08
C ILE B 562 -11.63 2.17 54.43
N GLY B 563 -11.57 0.84 54.43
CA GLY B 563 -11.51 0.11 55.69
C GLY B 563 -11.73 -1.37 55.45
N SER B 564 -12.22 -2.05 56.47
CA SER B 564 -12.62 -3.44 56.35
C SER B 564 -13.83 -3.68 57.23
N ILE B 565 -14.59 -4.70 56.88
CA ILE B 565 -15.84 -5.01 57.58
C ILE B 565 -15.99 -6.51 57.67
N ARG B 566 -16.52 -6.98 58.80
CA ARG B 566 -17.02 -8.33 58.92
C ARG B 566 -18.50 -8.34 58.54
N PHE B 567 -18.94 -9.47 58.02
CA PHE B 567 -20.27 -9.61 57.42
C PHE B 567 -20.45 -8.65 56.26
N PRO B 568 -19.67 -8.81 55.18
CA PRO B 568 -19.91 -7.99 53.98
C PRO B 568 -21.30 -8.19 53.40
N THR B 569 -21.86 -9.38 53.52
CA THR B 569 -23.22 -9.62 53.04
C THR B 569 -24.22 -8.77 53.79
N LYS B 570 -24.10 -8.71 55.11
CA LYS B 570 -24.98 -7.87 55.91
C LYS B 570 -24.79 -6.39 55.57
N PHE B 571 -23.54 -5.98 55.38
CA PHE B 571 -23.26 -4.59 54.99
C PHE B 571 -23.95 -4.25 53.67
N VAL B 572 -23.80 -5.10 52.66
CA VAL B 572 -24.37 -4.83 51.34
C VAL B 572 -25.89 -4.89 51.38
N THR B 573 -26.46 -5.80 52.15
CA THR B 573 -27.91 -5.87 52.28
C THR B 573 -28.47 -4.59 52.91
N GLN B 574 -27.85 -4.13 53.99
CA GLN B 574 -28.31 -2.90 54.61
C GLN B 574 -28.15 -1.71 53.67
N PHE B 575 -27.04 -1.68 52.91
CA PHE B 575 -26.81 -0.58 51.99
C PHE B 575 -27.86 -0.56 50.89
N ARG B 576 -28.14 -1.72 50.31
CA ARG B 576 -29.12 -1.78 49.24
C ARG B 576 -30.51 -1.43 49.74
N HIS B 577 -30.84 -1.83 50.97
CA HIS B 577 -32.12 -1.43 51.55
C HIS B 577 -32.18 0.08 51.72
N LEU B 578 -31.10 0.70 52.22
CA LEU B 578 -31.10 2.14 52.41
C LEU B 578 -31.22 2.88 51.08
N ARG B 579 -30.65 2.32 50.02
CA ARG B 579 -30.76 2.95 48.70
C ARG B 579 -32.14 2.73 48.10
N ARG B 580 -32.75 1.57 48.34
CA ARG B 580 -34.07 1.29 47.79
C ARG B 580 -35.16 2.08 48.50
N THR B 581 -34.95 2.42 49.77
CA THR B 581 -35.91 3.23 50.50
C THR B 581 -35.69 4.73 50.29
N GLY B 582 -34.71 5.11 49.49
CA GLY B 582 -34.49 6.50 49.13
C GLY B 582 -33.63 7.30 50.08
N LYS B 583 -33.00 6.68 51.07
CA LYS B 583 -32.16 7.43 51.98
C LYS B 583 -30.87 7.90 51.30
N VAL B 584 -30.39 7.17 50.30
CA VAL B 584 -29.24 7.64 49.53
C VAL B 584 -29.61 7.71 48.06
N SER B 585 -28.65 8.10 47.23
CA SER B 585 -28.91 8.34 45.82
C SER B 585 -29.37 7.07 45.13
N GLU B 586 -30.19 7.24 44.09
CA GLU B 586 -30.72 6.10 43.35
C GLU B 586 -29.75 5.55 42.31
N PHE B 587 -28.60 6.20 42.11
CA PHE B 587 -27.65 5.76 41.10
C PHE B 587 -26.32 5.33 41.71
N ILE B 588 -26.31 5.04 43.01
CA ILE B 588 -25.12 4.60 43.73
C ILE B 588 -25.15 3.08 43.80
N SER B 589 -24.13 2.44 43.25
CA SER B 589 -24.12 0.99 43.08
C SER B 589 -23.12 0.35 44.04
N ILE B 590 -23.53 -0.76 44.66
CA ILE B 590 -22.72 -1.49 45.62
C ILE B 590 -22.79 -2.97 45.28
N TYR B 591 -21.65 -3.65 45.33
CA TYR B 591 -21.61 -5.09 45.07
C TYR B 591 -20.41 -5.69 45.81
N SER B 592 -20.07 -6.93 45.46
CA SER B 592 -19.00 -7.67 46.11
C SER B 592 -18.16 -8.38 45.07
N ASN B 593 -17.03 -8.93 45.51
CA ASN B 593 -16.13 -9.65 44.62
C ASN B 593 -15.35 -10.64 45.46
N SER B 594 -15.68 -11.92 45.33
CA SER B 594 -15.07 -12.94 46.18
C SER B 594 -13.64 -13.28 45.79
N HIS B 595 -13.19 -12.88 44.61
CA HIS B 595 -11.80 -13.18 44.22
C HIS B 595 -10.84 -12.25 44.95
N GLN B 596 -10.92 -10.96 44.69
CA GLN B 596 -10.23 -9.96 45.51
C GLN B 596 -11.21 -9.52 46.57
N MET B 597 -11.14 -10.15 47.75
CA MET B 597 -12.20 -10.05 48.74
C MET B 597 -12.48 -8.60 49.09
N ALA B 598 -13.62 -8.09 48.64
CA ALA B 598 -13.91 -6.66 48.73
C ALA B 598 -15.38 -6.43 48.44
N VAL B 599 -15.89 -5.29 48.90
CA VAL B 599 -17.17 -4.77 48.45
C VAL B 599 -16.90 -3.39 47.84
N HIS B 600 -17.42 -3.17 46.64
CA HIS B 600 -17.15 -1.94 45.90
C HIS B 600 -18.37 -1.04 45.91
N ILE B 601 -18.13 0.26 46.06
CA ILE B 601 -19.18 1.27 45.99
C ILE B 601 -18.75 2.31 44.98
N ALA B 602 -19.59 2.57 43.99
CA ALA B 602 -19.31 3.55 42.96
C ALA B 602 -20.33 4.67 43.03
N THR B 603 -19.86 5.91 42.85
CA THR B 603 -20.70 7.09 42.93
C THR B 603 -20.44 8.08 41.81
N ASP B 604 -19.59 7.75 40.85
CA ASP B 604 -19.22 8.69 39.80
C ASP B 604 -20.28 8.70 38.70
N GLY B 605 -20.02 9.50 37.66
CA GLY B 605 -20.95 9.68 36.57
C GLY B 605 -20.42 9.08 35.29
N GLY B 606 -21.33 8.62 34.44
CA GLY B 606 -20.98 7.96 33.21
C GLY B 606 -21.22 6.48 33.19
N ARG B 607 -22.03 5.95 34.10
CA ARG B 607 -22.27 4.52 34.21
C ARG B 607 -23.65 4.20 33.67
N ILE B 608 -23.72 3.26 32.71
CA ILE B 608 -24.99 2.89 32.10
C ILE B 608 -25.78 2.03 33.07
N CYS B 609 -27.04 2.40 33.29
CA CYS B 609 -27.95 1.65 34.13
C CYS B 609 -29.09 1.11 33.27
N ARG B 610 -30.05 0.44 33.91
CA ARG B 610 -31.31 0.06 33.31
C ARG B 610 -32.25 -0.44 34.39
N PRO B 611 -33.54 -0.09 34.33
CA PRO B 611 -34.47 -0.50 35.39
C PRO B 611 -34.75 -1.99 35.36
N LEU B 612 -35.01 -2.53 36.53
CA LEU B 612 -35.36 -3.94 36.70
C LEU B 612 -36.35 -4.05 37.83
N ILE B 613 -37.13 -5.11 37.83
CA ILE B 613 -38.12 -5.36 38.87
C ILE B 613 -37.50 -6.23 39.95
N ILE B 614 -37.60 -5.79 41.19
CA ILE B 614 -37.09 -6.56 42.32
C ILE B 614 -38.04 -7.71 42.62
N VAL B 615 -37.48 -8.91 42.85
CA VAL B 615 -38.32 -10.07 43.25
C VAL B 615 -37.90 -10.49 44.65
N SER B 616 -38.84 -10.56 45.59
CA SER B 616 -38.49 -10.89 47.00
C SER B 616 -39.18 -12.20 47.42
N ASP B 617 -38.41 -13.11 48.02
CA ASP B 617 -38.99 -14.40 48.51
C ASP B 617 -39.79 -15.07 47.38
N GLY B 618 -39.21 -15.13 46.17
CA GLY B 618 -39.89 -15.78 45.03
C GLY B 618 -41.19 -15.09 44.67
N GLN B 619 -41.31 -13.80 44.98
CA GLN B 619 -42.55 -13.04 44.64
C GLN B 619 -42.15 -11.68 44.02
N SER B 620 -42.70 -11.36 42.85
CA SER B 620 -42.42 -10.04 42.23
C SER B 620 -43.04 -8.93 43.09
N ARG B 621 -42.41 -7.76 43.12
CA ARG B 621 -42.89 -6.65 43.95
C ARG B 621 -43.91 -5.78 43.26
N VAL B 622 -44.42 -6.17 42.10
CA VAL B 622 -45.44 -5.37 41.40
C VAL B 622 -46.84 -5.62 41.95
N LYS B 623 -47.17 -6.89 42.17
CA LYS B 623 -48.48 -7.27 42.78
C LYS B 623 -49.67 -6.94 41.87
N ASP B 624 -49.43 -6.61 40.60
CA ASP B 624 -50.54 -6.38 39.62
C ASP B 624 -51.31 -5.09 39.94
N ILE B 625 -51.69 -4.88 41.21
CA ILE B 625 -52.50 -3.68 41.57
C ILE B 625 -51.72 -2.43 41.14
N HIS B 626 -50.42 -2.40 41.40
CA HIS B 626 -49.57 -1.25 41.01
C HIS B 626 -49.71 -1.01 39.50
N LEU B 627 -49.80 -2.09 38.72
CA LEU B 627 -49.91 -1.93 37.27
C LEU B 627 -51.26 -1.33 36.88
N ARG B 628 -52.33 -1.78 37.51
CA ARG B 628 -53.63 -1.16 37.28
C ARG B 628 -53.62 0.31 37.69
N LYS B 629 -52.97 0.63 38.81
CA LYS B 629 -52.86 2.02 39.24
C LYS B 629 -52.07 2.84 38.22
N LEU B 630 -50.99 2.28 37.69
CA LEU B 630 -50.21 2.95 36.66
C LEU B 630 -51.07 3.23 35.44
N LEU B 631 -51.86 2.24 35.02
CA LEU B 631 -52.71 2.42 33.85
C LEU B 631 -53.77 3.50 34.11
N ASP B 632 -54.33 3.53 35.31
CA ASP B 632 -55.39 4.48 35.62
C ASP B 632 -54.91 5.92 35.55
N GLY B 633 -53.63 6.16 35.83
CA GLY B 633 -53.10 7.52 35.74
C GLY B 633 -52.08 7.88 36.80
N GLU B 634 -52.13 7.21 37.95
CA GLU B 634 -51.16 7.46 39.00
C GLU B 634 -49.83 6.76 38.69
N LEU B 635 -48.84 6.98 39.54
CA LEU B 635 -47.59 6.23 39.52
C LEU B 635 -46.88 6.34 38.17
N ASP B 636 -46.40 7.55 37.90
CA ASP B 636 -45.73 7.82 36.62
C ASP B 636 -44.28 7.35 36.64
N PHE B 637 -44.05 6.10 37.05
CA PHE B 637 -42.75 5.44 37.07
C PHE B 637 -41.81 6.04 38.11
N ASP B 638 -42.16 7.18 38.69
CA ASP B 638 -41.34 7.72 39.75
C ASP B 638 -41.72 7.11 41.09
N ASP B 639 -43.01 6.82 41.26
CA ASP B 639 -43.47 6.19 42.49
C ASP B 639 -43.03 4.73 42.57
N PHE B 640 -42.70 4.11 41.45
CA PHE B 640 -42.17 2.75 41.50
C PHE B 640 -40.79 2.72 42.14
N LEU B 641 -39.93 3.67 41.79
CA LEU B 641 -38.66 3.80 42.48
C LEU B 641 -38.86 4.28 43.91
N LYS B 642 -39.81 5.19 44.12
CA LYS B 642 -40.04 5.74 45.46
C LYS B 642 -40.49 4.65 46.43
N LEU B 643 -41.38 3.77 45.99
CA LEU B 643 -41.85 2.66 46.81
C LEU B 643 -40.91 1.46 46.77
N GLY B 644 -39.85 1.52 45.97
CA GLY B 644 -38.89 0.44 45.90
C GLY B 644 -39.40 -0.84 45.27
N LEU B 645 -40.19 -0.73 44.21
CA LEU B 645 -40.62 -1.90 43.45
C LEU B 645 -39.67 -2.22 42.30
N VAL B 646 -39.05 -1.20 41.71
CA VAL B 646 -38.07 -1.37 40.65
C VAL B 646 -36.85 -0.54 41.00
N GLU B 647 -35.73 -0.85 40.36
CA GLU B 647 -34.49 -0.14 40.66
C GLU B 647 -33.53 -0.25 39.49
N TYR B 648 -32.51 0.60 39.51
CA TYR B 648 -31.49 0.65 38.47
C TYR B 648 -30.33 -0.27 38.80
N LEU B 649 -29.64 -0.74 37.76
CA LEU B 649 -28.46 -1.57 37.92
C LEU B 649 -27.46 -1.24 36.83
N ASP B 650 -26.18 -1.14 37.21
CA ASP B 650 -25.12 -1.00 36.23
C ASP B 650 -24.61 -2.39 35.85
N VAL B 651 -23.52 -2.45 35.10
CA VAL B 651 -22.96 -3.74 34.72
C VAL B 651 -22.42 -4.46 35.94
N ASN B 652 -21.83 -3.73 36.88
CA ASN B 652 -21.14 -4.37 37.99
C ASN B 652 -22.11 -4.98 38.98
N GLU B 653 -23.18 -4.29 39.35
CA GLU B 653 -24.15 -4.87 40.25
C GLU B 653 -24.92 -6.02 39.61
N GLU B 654 -24.96 -6.08 38.28
CA GLU B 654 -25.54 -7.23 37.62
C GLU B 654 -24.80 -8.51 37.91
N ASN B 655 -23.52 -8.41 38.31
CA ASN B 655 -22.79 -9.59 38.75
C ASN B 655 -23.38 -10.17 40.02
N ASP B 656 -23.75 -9.31 40.97
CA ASP B 656 -24.47 -9.81 42.14
C ASP B 656 -25.88 -10.22 41.80
N SER B 657 -26.46 -9.64 40.75
CA SER B 657 -27.84 -9.94 40.38
C SER B 657 -27.98 -11.34 39.80
N TYR B 658 -29.22 -11.84 39.84
CA TYR B 658 -29.58 -13.11 39.22
C TYR B 658 -31.03 -12.94 38.77
N ILE B 659 -31.23 -12.64 37.48
CA ILE B 659 -32.48 -12.08 36.97
C ILE B 659 -33.26 -13.12 36.18
N ALA B 660 -34.58 -13.05 36.29
CA ALA B 660 -35.48 -13.89 35.52
C ALA B 660 -35.87 -13.20 34.21
N LEU B 661 -35.90 -13.97 33.13
CA LEU B 661 -36.30 -13.43 31.83
C LEU B 661 -37.79 -13.13 31.81
N TYR B 662 -38.62 -14.17 31.95
CA TYR B 662 -40.06 -14.04 32.07
C TYR B 662 -40.49 -14.41 33.47
N GLU B 663 -41.71 -14.00 33.83
CA GLU B 663 -42.19 -14.20 35.19
C GLU B 663 -42.29 -15.68 35.56
N LYS B 664 -42.45 -16.56 34.57
CA LYS B 664 -42.60 -17.98 34.84
C LYS B 664 -41.26 -18.68 35.11
N ASP B 665 -40.15 -17.94 35.09
CA ASP B 665 -38.83 -18.50 35.36
C ASP B 665 -38.35 -18.20 36.77
N ILE B 666 -39.22 -17.68 37.64
CA ILE B 666 -38.80 -17.19 38.96
C ILE B 666 -38.63 -18.38 39.89
N VAL B 667 -37.40 -18.81 40.09
CA VAL B 667 -37.04 -19.76 41.14
C VAL B 667 -36.95 -18.98 42.44
N PRO B 668 -37.01 -19.61 43.61
CA PRO B 668 -36.89 -18.85 44.86
C PRO B 668 -35.44 -18.60 45.25
N SER B 669 -34.60 -18.28 44.27
CA SER B 669 -33.24 -17.85 44.52
C SER B 669 -32.84 -16.70 43.61
N MET B 670 -33.81 -16.01 43.02
CA MET B 670 -33.56 -14.93 42.09
C MET B 670 -33.59 -13.59 42.79
N THR B 671 -32.95 -12.61 42.16
CA THR B 671 -32.82 -11.26 42.71
C THR B 671 -33.65 -10.23 41.99
N HIS B 672 -33.86 -10.37 40.68
CA HIS B 672 -34.55 -9.36 39.90
C HIS B 672 -35.34 -10.05 38.78
N LEU B 673 -36.22 -9.25 38.15
CA LEU B 673 -36.96 -9.64 36.97
C LEU B 673 -36.97 -8.45 36.02
N GLU B 674 -36.74 -8.70 34.73
CA GLU B 674 -36.65 -7.55 33.82
C GLU B 674 -38.02 -7.13 33.34
N ILE B 675 -38.16 -5.82 33.12
CA ILE B 675 -39.47 -5.24 32.84
C ILE B 675 -40.01 -5.72 31.50
N GLU B 676 -39.17 -5.72 30.47
CA GLU B 676 -39.60 -6.30 29.21
C GLU B 676 -38.42 -6.62 28.32
N PRO B 677 -38.28 -7.88 27.89
CA PRO B 677 -37.02 -8.32 27.27
C PRO B 677 -36.85 -8.04 25.79
N PHE B 678 -37.63 -7.16 25.18
CA PHE B 678 -37.35 -6.76 23.81
C PHE B 678 -36.59 -5.45 23.71
N THR B 679 -36.28 -4.81 24.84
CA THR B 679 -35.42 -3.64 24.84
C THR B 679 -33.95 -4.00 24.70
N ILE B 680 -33.64 -5.25 24.42
CA ILE B 680 -32.28 -5.63 24.03
C ILE B 680 -31.85 -4.86 22.81
N LEU B 681 -32.80 -4.46 21.97
CA LEU B 681 -32.57 -3.71 20.76
C LEU B 681 -32.85 -2.23 20.99
N GLY B 682 -32.24 -1.38 20.17
CA GLY B 682 -32.40 0.06 20.31
C GLY B 682 -33.61 0.63 19.62
N ALA B 683 -33.44 1.78 18.97
CA ALA B 683 -34.52 2.46 18.28
C ALA B 683 -34.54 2.14 16.79
N VAL B 684 -33.39 2.20 16.12
CA VAL B 684 -33.32 1.84 14.71
C VAL B 684 -33.61 0.36 14.52
N ALA B 685 -33.23 -0.48 15.49
CA ALA B 685 -33.48 -1.90 15.42
C ALA B 685 -34.93 -2.27 15.68
N GLY B 686 -35.73 -1.34 16.19
CA GLY B 686 -37.11 -1.59 16.53
C GLY B 686 -38.05 -1.61 15.35
N LEU B 687 -37.51 -1.51 14.14
CA LEU B 687 -38.31 -1.52 12.93
C LEU B 687 -38.47 -2.91 12.32
N ILE B 688 -37.58 -3.84 12.65
CA ILE B 688 -37.64 -5.18 12.05
C ILE B 688 -38.83 -5.94 12.63
N PRO B 689 -39.65 -6.60 11.81
CA PRO B 689 -40.68 -7.49 12.34
C PRO B 689 -40.15 -8.91 12.44
N TYR B 690 -40.44 -9.54 13.58
CA TYR B 690 -39.95 -10.88 13.89
C TYR B 690 -38.43 -10.95 13.73
N PRO B 691 -37.67 -10.16 14.50
CA PRO B 691 -36.21 -10.20 14.36
C PRO B 691 -35.60 -11.47 14.89
N HIS B 692 -36.31 -12.24 15.70
CA HIS B 692 -35.79 -13.46 16.30
C HIS B 692 -35.98 -14.67 15.40
N HIS B 693 -36.42 -14.47 14.17
CA HIS B 693 -36.54 -15.53 13.19
C HIS B 693 -35.55 -15.40 12.04
N ASN B 694 -34.78 -14.32 11.99
CA ASN B 694 -33.74 -14.16 10.99
C ASN B 694 -32.38 -14.46 11.58
N GLN B 695 -31.40 -14.63 10.70
CA GLN B 695 -30.01 -14.63 11.12
C GLN B 695 -29.60 -13.22 11.57
N SER B 696 -28.61 -13.17 12.46
CA SER B 696 -28.18 -11.87 13.00
C SER B 696 -27.61 -10.91 11.95
N PRO B 697 -26.79 -11.33 10.98
CA PRO B 697 -26.30 -10.35 10.00
C PRO B 697 -27.42 -9.67 9.24
N ARG B 698 -28.56 -10.33 9.05
CA ARG B 698 -29.69 -9.68 8.40
C ARG B 698 -30.25 -8.56 9.26
N ASN B 699 -30.35 -8.79 10.56
CA ASN B 699 -30.80 -7.72 11.47
C ASN B 699 -29.82 -6.55 11.46
N THR B 700 -28.51 -6.84 11.41
CA THR B 700 -27.53 -5.76 11.32
C THR B 700 -27.64 -4.99 10.01
N TYR B 701 -27.85 -5.69 8.90
CA TYR B 701 -27.98 -5.01 7.61
C TYR B 701 -29.22 -4.12 7.59
N GLN B 702 -30.33 -4.59 8.17
CA GLN B 702 -31.50 -3.74 8.26
C GLN B 702 -31.24 -2.53 9.15
N CYS B 703 -30.54 -2.71 10.26
CA CYS B 703 -30.19 -1.56 11.09
C CYS B 703 -29.39 -0.54 10.29
N ALA B 704 -28.47 -1.02 9.44
CA ALA B 704 -27.64 -0.11 8.67
C ALA B 704 -28.46 0.66 7.64
N MET B 705 -29.32 -0.02 6.89
CA MET B 705 -29.96 0.61 5.75
C MET B 705 -31.40 1.03 5.99
N GLY B 706 -31.89 0.97 7.22
CA GLY B 706 -33.16 1.61 7.48
C GLY B 706 -33.09 3.10 7.55
N LYS B 707 -31.88 3.65 7.55
CA LYS B 707 -31.64 5.08 7.60
C LYS B 707 -31.44 5.69 6.22
N GLN B 708 -31.33 4.88 5.18
CA GLN B 708 -31.30 5.36 3.81
C GLN B 708 -32.65 5.26 3.12
N ALA B 709 -33.69 4.91 3.87
CA ALA B 709 -35.04 4.84 3.32
C ALA B 709 -35.61 6.24 3.20
N ILE B 710 -36.27 6.52 2.08
CA ILE B 710 -36.79 7.85 1.80
C ILE B 710 -38.29 7.86 2.05
N GLY B 711 -38.75 8.88 2.77
CA GLY B 711 -40.15 9.01 3.10
C GLY B 711 -40.41 10.36 3.72
N ALA B 712 -41.41 10.45 4.59
CA ALA B 712 -41.63 11.69 5.32
C ALA B 712 -40.46 11.96 6.25
N ILE B 713 -40.19 13.25 6.49
CA ILE B 713 -39.08 13.69 7.31
C ILE B 713 -39.56 14.51 8.50
N ALA B 714 -40.40 15.50 8.25
CA ALA B 714 -40.94 16.34 9.32
C ALA B 714 -42.22 16.98 8.81
N TYR B 715 -43.00 17.52 9.76
CA TYR B 715 -44.23 18.20 9.40
C TYR B 715 -43.97 19.53 8.70
N ASN B 716 -42.75 20.06 8.78
CA ASN B 716 -42.41 21.33 8.15
C ASN B 716 -41.34 21.15 7.08
N GLN B 717 -41.35 20.00 6.41
CA GLN B 717 -40.37 19.73 5.38
C GLN B 717 -40.50 20.65 4.18
N PHE B 718 -41.66 21.30 4.02
CA PHE B 718 -41.86 22.22 2.90
C PHE B 718 -41.54 23.66 3.27
N LYS B 719 -41.57 23.99 4.55
CA LYS B 719 -41.01 25.25 5.03
C LYS B 719 -39.50 25.19 5.14
N ARG B 720 -38.92 24.00 5.24
CA ARG B 720 -37.49 23.85 5.35
C ARG B 720 -36.78 24.17 4.03
N ILE B 721 -35.50 24.49 4.12
CA ILE B 721 -34.60 24.61 2.98
C ILE B 721 -33.27 23.99 3.38
N ASP B 722 -32.95 22.82 2.84
CA ASP B 722 -31.75 22.08 3.20
C ASP B 722 -30.84 21.87 2.00
N THR B 723 -29.67 21.30 2.28
CA THR B 723 -28.72 21.00 1.22
C THR B 723 -29.26 19.93 0.28
N LEU B 724 -29.95 18.93 0.83
CA LEU B 724 -30.48 17.82 0.04
C LEU B 724 -31.55 17.10 0.83
N LEU B 725 -32.73 16.95 0.23
CA LEU B 725 -33.83 16.24 0.86
C LEU B 725 -34.38 15.19 -0.09
N TYR B 726 -34.93 14.12 0.47
CA TYR B 726 -35.58 13.06 -0.28
C TYR B 726 -36.95 12.83 0.33
N LEU B 727 -37.99 12.95 -0.47
CA LEU B 727 -39.36 12.84 0.02
C LEU B 727 -40.13 11.83 -0.79
N MET B 728 -41.11 11.20 -0.15
CA MET B 728 -42.00 10.24 -0.79
C MET B 728 -43.38 10.87 -0.94
N THR B 729 -43.99 10.66 -2.11
CA THR B 729 -45.30 11.27 -2.35
C THR B 729 -46.38 10.60 -1.49
N TYR B 730 -46.41 9.27 -1.49
CA TYR B 730 -47.48 8.52 -0.83
C TYR B 730 -46.89 7.49 0.12
N PRO B 731 -46.37 7.93 1.26
CA PRO B 731 -45.89 6.97 2.26
C PRO B 731 -47.04 6.22 2.89
N GLN B 732 -46.76 4.99 3.31
CA GLN B 732 -47.77 4.14 3.91
C GLN B 732 -47.27 3.57 5.23
N GLN B 733 -48.21 3.41 6.14
CA GLN B 733 -47.96 2.71 7.39
C GLN B 733 -47.66 1.23 7.13
N PRO B 734 -46.71 0.63 7.85
CA PRO B 734 -46.49 -0.81 7.68
C PRO B 734 -47.66 -1.63 8.21
N MET B 735 -47.90 -2.77 7.57
CA MET B 735 -48.99 -3.63 8.01
C MET B 735 -48.61 -4.41 9.26
N VAL B 736 -47.36 -4.83 9.37
CA VAL B 736 -46.86 -5.55 10.53
C VAL B 736 -46.03 -4.57 11.34
N LYS B 737 -46.59 -4.10 12.44
CA LYS B 737 -45.95 -3.12 13.30
C LYS B 737 -45.02 -3.82 14.28
N THR B 738 -44.39 -3.00 15.11
CA THR B 738 -43.60 -3.45 16.24
C THR B 738 -43.99 -2.57 17.42
N LYS B 739 -43.80 -3.06 18.63
CA LYS B 739 -44.14 -2.23 19.77
C LYS B 739 -43.25 -1.01 19.90
N THR B 740 -42.13 -0.98 19.17
CA THR B 740 -41.18 0.13 19.24
C THR B 740 -41.56 1.29 18.33
N ILE B 741 -42.04 1.01 17.12
CA ILE B 741 -42.38 2.08 16.19
C ILE B 741 -43.51 2.94 16.74
N GLU B 742 -44.37 2.35 17.57
CA GLU B 742 -45.37 3.16 18.25
C GLU B 742 -44.73 4.08 19.29
N LEU B 743 -43.69 3.60 19.96
CA LEU B 743 -43.03 4.41 20.99
C LEU B 743 -42.20 5.52 20.38
N ILE B 744 -41.67 5.34 19.17
CA ILE B 744 -40.86 6.36 18.53
C ILE B 744 -41.61 7.06 17.41
N ASP B 745 -42.92 6.87 17.30
CA ASP B 745 -43.77 7.59 16.35
C ASP B 745 -43.30 7.43 14.91
N TYR B 746 -42.88 6.22 14.55
CA TYR B 746 -42.55 5.93 13.16
C TYR B 746 -43.80 5.74 12.30
N ASP B 747 -44.93 5.38 12.91
CA ASP B 747 -46.17 5.22 12.17
C ASP B 747 -46.81 6.56 11.82
N LYS B 748 -46.23 7.67 12.27
CA LYS B 748 -46.67 9.00 11.89
C LYS B 748 -45.80 9.63 10.80
N LEU B 749 -44.56 9.18 10.66
CA LEU B 749 -43.66 9.67 9.61
C LEU B 749 -42.96 8.49 8.97
N PRO B 750 -43.69 7.66 8.23
CA PRO B 750 -43.13 6.41 7.72
C PRO B 750 -42.50 6.57 6.34
N ALA B 751 -41.59 5.66 6.02
CA ALA B 751 -40.85 5.71 4.77
C ALA B 751 -40.95 4.34 4.09
N GLY B 752 -42.06 4.08 3.43
CA GLY B 752 -42.22 2.82 2.73
C GLY B 752 -43.64 2.61 2.29
N GLN B 753 -43.83 1.53 1.53
CA GLN B 753 -45.12 1.16 0.96
C GLN B 753 -45.28 -0.36 1.03
N ASN B 754 -46.51 -0.80 1.26
CA ASN B 754 -46.81 -2.23 1.35
C ASN B 754 -47.10 -2.76 -0.05
N ALA B 755 -46.11 -3.42 -0.66
CA ALA B 755 -46.29 -3.97 -1.98
C ALA B 755 -46.97 -5.34 -1.90
N THR B 756 -47.75 -5.65 -2.92
CA THR B 756 -48.22 -7.02 -3.11
C THR B 756 -47.11 -7.81 -3.79
N VAL B 757 -46.64 -8.86 -3.14
CA VAL B 757 -45.45 -9.58 -3.54
C VAL B 757 -45.82 -11.02 -3.87
N ALA B 758 -45.22 -11.56 -4.92
CA ALA B 758 -45.30 -12.97 -5.26
C ALA B 758 -43.88 -13.52 -5.27
N VAL B 759 -43.55 -14.38 -4.31
CA VAL B 759 -42.24 -15.00 -4.26
C VAL B 759 -42.19 -16.09 -5.32
N MET B 760 -41.41 -15.86 -6.38
CA MET B 760 -41.48 -16.70 -7.57
C MET B 760 -40.29 -16.35 -8.44
N SER B 761 -39.95 -17.25 -9.34
CA SER B 761 -38.96 -16.99 -10.38
C SER B 761 -39.70 -16.52 -11.63
N TYR B 762 -39.39 -15.33 -12.10
CA TYR B 762 -40.12 -14.74 -13.21
C TYR B 762 -39.19 -13.97 -14.13
N SER B 763 -39.20 -14.32 -15.41
CA SER B 763 -38.58 -13.57 -16.49
C SER B 763 -37.06 -13.66 -16.50
N GLY B 764 -36.47 -14.27 -15.46
CA GLY B 764 -35.04 -14.40 -15.41
C GLY B 764 -34.27 -13.13 -15.14
N TYR B 765 -34.96 -12.03 -14.87
CA TYR B 765 -34.31 -10.75 -14.59
C TYR B 765 -34.22 -10.48 -13.10
N ASP B 766 -34.42 -11.50 -12.27
CA ASP B 766 -34.42 -11.38 -10.81
C ASP B 766 -33.40 -12.31 -10.19
N ILE B 767 -32.27 -12.53 -10.85
CA ILE B 767 -31.43 -13.69 -10.57
C ILE B 767 -30.81 -13.61 -9.19
N GLU B 768 -30.17 -12.50 -8.85
CA GLU B 768 -29.49 -12.41 -7.55
C GLU B 768 -29.70 -11.02 -6.97
N ASP B 769 -30.66 -10.92 -6.05
CA ASP B 769 -31.04 -9.66 -5.43
C ASP B 769 -31.48 -8.63 -6.46
N ALA B 770 -32.10 -9.07 -7.54
CA ALA B 770 -32.69 -8.17 -8.53
C ALA B 770 -34.20 -8.35 -8.48
N LEU B 771 -34.93 -7.24 -8.58
CA LEU B 771 -36.37 -7.27 -8.42
C LEU B 771 -37.07 -7.06 -9.75
N VAL B 772 -38.35 -7.42 -9.76
CA VAL B 772 -39.23 -7.20 -10.91
C VAL B 772 -40.34 -6.27 -10.46
N LEU B 773 -40.40 -5.10 -11.06
CA LEU B 773 -41.38 -4.08 -10.70
C LEU B 773 -42.51 -4.06 -11.74
N ASN B 774 -43.71 -3.83 -11.27
CA ASN B 774 -44.89 -3.80 -12.13
C ASN B 774 -45.04 -2.40 -12.72
N LYS B 775 -44.83 -2.26 -14.02
CA LYS B 775 -45.34 -1.08 -14.69
C LYS B 775 -46.86 -1.12 -14.61
N SER B 776 -47.45 0.06 -14.54
CA SER B 776 -48.83 0.32 -14.16
C SER B 776 -49.03 0.29 -12.65
N SER B 777 -48.07 -0.20 -11.88
CA SER B 777 -48.03 0.17 -10.47
C SER B 777 -47.25 1.44 -10.28
N ILE B 778 -46.19 1.60 -11.09
CA ILE B 778 -45.47 2.85 -11.17
C ILE B 778 -46.35 3.96 -11.72
N ASP B 779 -47.14 3.64 -12.77
CA ASP B 779 -48.03 4.62 -13.37
C ASP B 779 -49.03 5.16 -12.36
N ARG B 780 -49.65 4.25 -11.61
CA ARG B 780 -50.60 4.67 -10.59
C ARG B 780 -49.93 5.41 -9.44
N GLY B 781 -48.61 5.39 -9.38
CA GLY B 781 -47.82 6.12 -8.42
C GLY B 781 -47.39 5.24 -7.27
N PHE B 782 -46.20 4.65 -7.38
CA PHE B 782 -45.73 3.67 -6.40
C PHE B 782 -44.22 3.74 -6.44
N GLY B 783 -43.61 4.05 -5.30
CA GLY B 783 -42.20 4.37 -5.29
C GLY B 783 -41.88 5.66 -6.01
N ARG B 784 -42.72 6.68 -5.87
CA ARG B 784 -42.55 7.97 -6.50
C ARG B 784 -42.00 8.96 -5.49
N CYS B 785 -40.89 9.59 -5.82
CA CYS B 785 -40.14 10.39 -4.86
C CYS B 785 -39.83 11.77 -5.46
N GLU B 786 -39.23 12.61 -4.63
CA GLU B 786 -38.89 13.98 -4.98
C GLU B 786 -37.57 14.35 -4.36
N THR B 787 -36.73 15.05 -5.11
CA THR B 787 -35.45 15.57 -4.64
C THR B 787 -35.54 17.07 -4.45
N ARG B 788 -34.78 17.59 -3.49
CA ARG B 788 -34.80 19.03 -3.18
C ARG B 788 -33.41 19.46 -2.77
N ARG B 789 -32.76 20.28 -3.59
CA ARG B 789 -31.48 20.88 -3.28
C ARG B 789 -31.64 22.37 -3.13
N LYS B 790 -30.62 23.02 -2.57
CA LYS B 790 -30.61 24.46 -2.43
C LYS B 790 -29.26 25.03 -2.87
N THR B 791 -29.29 26.30 -3.28
CA THR B 791 -28.11 27.06 -3.62
C THR B 791 -28.10 28.35 -2.82
N THR B 792 -26.95 28.67 -2.23
CA THR B 792 -26.80 29.84 -1.38
C THR B 792 -25.86 30.82 -2.08
N THR B 793 -26.26 32.09 -2.12
CA THR B 793 -25.39 33.16 -2.59
C THR B 793 -25.38 34.28 -1.56
N VAL B 794 -24.24 34.95 -1.46
CA VAL B 794 -24.02 36.04 -0.52
C VAL B 794 -23.53 37.25 -1.31
N LEU B 795 -24.13 38.40 -1.04
CA LEU B 795 -23.66 39.68 -1.58
C LEU B 795 -22.98 40.43 -0.45
N LYS B 796 -21.66 40.33 -0.37
CA LYS B 796 -20.91 40.91 0.73
C LYS B 796 -20.38 42.30 0.34
N ARG B 797 -19.99 43.05 1.36
CA ARG B 797 -19.45 44.40 1.21
C ARG B 797 -17.93 44.35 1.27
N TYR B 798 -17.29 45.23 0.51
CA TYR B 798 -15.83 45.32 0.50
C TYR B 798 -15.39 46.58 1.26
N ALA B 799 -14.08 46.64 1.52
CA ALA B 799 -13.52 47.80 2.21
C ALA B 799 -13.72 49.08 1.41
N ASN B 800 -13.83 48.97 0.08
CA ASN B 800 -14.10 50.13 -0.78
C ASN B 800 -15.53 50.59 -0.69
N HIS B 801 -16.30 50.01 0.23
CA HIS B 801 -17.73 50.27 0.39
C HIS B 801 -18.54 49.81 -0.82
N THR B 802 -17.94 49.00 -1.68
CA THR B 802 -18.54 48.56 -2.93
C THR B 802 -19.37 47.31 -2.68
N GLN B 803 -20.59 47.29 -3.22
CA GLN B 803 -21.50 46.16 -3.08
C GLN B 803 -21.44 45.31 -4.34
N ASP B 804 -22.16 44.19 -4.33
CA ASP B 804 -22.40 43.39 -5.53
C ASP B 804 -23.87 43.49 -5.91
N ILE B 805 -24.14 43.44 -7.20
CA ILE B 805 -25.48 43.69 -7.72
C ILE B 805 -26.07 42.39 -8.24
N ILE B 806 -27.40 42.32 -8.24
CA ILE B 806 -28.12 41.13 -8.69
C ILE B 806 -29.07 41.48 -9.83
N GLY B 807 -28.70 42.48 -10.62
CA GLY B 807 -29.54 42.87 -11.74
C GLY B 807 -29.24 42.09 -13.01
N GLY B 808 -30.18 42.13 -13.96
CA GLY B 808 -29.98 41.45 -15.21
C GLY B 808 -31.21 41.36 -16.11
N MET B 809 -31.51 40.15 -16.58
CA MET B 809 -32.62 39.87 -17.49
C MET B 809 -32.44 40.62 -18.82
N ARG B 810 -31.38 40.21 -19.53
CA ARG B 810 -31.12 40.74 -20.86
C ARG B 810 -32.22 40.38 -21.83
N VAL B 811 -32.92 41.36 -22.38
CA VAL B 811 -34.05 41.13 -23.26
C VAL B 811 -33.58 41.18 -24.70
N ASP B 812 -34.26 40.43 -25.57
CA ASP B 812 -33.90 40.34 -26.97
C ASP B 812 -34.61 41.43 -27.77
N GLU B 813 -34.56 41.33 -29.10
CA GLU B 813 -35.12 42.37 -29.96
C GLU B 813 -36.64 42.32 -29.99
N ASN B 814 -37.22 41.13 -30.08
CA ASN B 814 -38.67 41.03 -30.15
C ASN B 814 -39.33 41.37 -28.81
N GLY B 815 -38.58 41.30 -27.72
CA GLY B 815 -39.12 41.70 -26.43
C GLY B 815 -39.19 40.58 -25.42
N ASP B 816 -38.40 39.53 -25.61
CA ASP B 816 -38.41 38.39 -24.72
C ASP B 816 -36.99 38.06 -24.27
N PRO B 817 -36.83 37.50 -23.08
CA PRO B 817 -35.48 37.24 -22.56
C PRO B 817 -34.72 36.23 -23.41
N ILE B 818 -33.39 36.35 -23.38
CA ILE B 818 -32.55 35.37 -24.07
C ILE B 818 -32.74 34.01 -23.42
N TRP B 819 -32.27 32.97 -24.12
CA TRP B 819 -32.53 31.61 -23.68
C TRP B 819 -31.95 31.36 -22.29
N GLN B 820 -30.71 31.79 -22.05
CA GLN B 820 -30.10 31.59 -20.75
C GLN B 820 -30.85 32.33 -19.65
N HIS B 821 -31.70 33.29 -20.01
CA HIS B 821 -32.48 34.07 -19.05
C HIS B 821 -33.97 33.79 -19.17
N GLN B 822 -34.35 32.67 -19.80
CA GLN B 822 -35.74 32.41 -20.13
C GLN B 822 -36.61 32.24 -18.88
N SER B 823 -36.03 31.79 -17.77
CA SER B 823 -36.77 31.57 -16.54
C SER B 823 -36.24 32.46 -15.43
N LEU B 824 -35.95 33.72 -15.75
CA LEU B 824 -35.23 34.60 -14.84
C LEU B 824 -36.09 35.66 -14.19
N GLY B 825 -36.93 36.37 -14.92
CA GLY B 825 -37.70 37.45 -14.35
C GLY B 825 -36.86 38.71 -14.18
N PRO B 826 -37.52 39.86 -13.98
CA PRO B 826 -36.80 41.14 -13.98
C PRO B 826 -35.80 41.29 -12.85
N ASP B 827 -36.00 40.63 -11.71
CA ASP B 827 -35.18 40.87 -10.54
C ASP B 827 -33.80 40.23 -10.63
N GLY B 828 -33.57 39.37 -11.61
CA GLY B 828 -32.37 38.57 -11.64
C GLY B 828 -32.43 37.31 -10.81
N LEU B 829 -33.57 37.01 -10.20
CA LEU B 829 -33.79 35.78 -9.45
C LEU B 829 -34.90 34.98 -10.13
N GLY B 830 -34.62 33.69 -10.37
CA GLY B 830 -35.54 32.83 -11.10
C GLY B 830 -36.95 32.79 -10.55
N GLU B 831 -37.94 32.65 -11.43
CA GLU B 831 -39.34 32.72 -11.04
C GLU B 831 -39.77 31.46 -10.30
N VAL B 832 -40.50 31.66 -9.20
CA VAL B 832 -40.96 30.54 -8.37
C VAL B 832 -42.02 29.78 -9.15
N GLY B 833 -41.66 28.61 -9.66
CA GLY B 833 -42.56 27.76 -10.42
C GLY B 833 -42.05 27.37 -11.80
N MET B 834 -41.06 28.07 -12.32
CA MET B 834 -40.58 27.84 -13.67
C MET B 834 -39.56 26.71 -13.70
N LYS B 835 -39.26 26.23 -14.90
CA LYS B 835 -38.40 25.07 -15.11
C LYS B 835 -37.04 25.51 -15.62
N VAL B 836 -35.99 25.01 -14.99
CA VAL B 836 -34.62 25.31 -15.38
C VAL B 836 -34.00 24.09 -16.05
N GLN B 837 -33.01 24.33 -16.89
CA GLN B 837 -32.35 23.28 -17.65
C GLN B 837 -30.84 23.53 -17.62
N SER B 838 -30.09 22.69 -18.33
CA SER B 838 -28.61 22.81 -18.31
C SER B 838 -28.18 24.07 -19.07
N GLY B 839 -27.48 24.99 -18.39
CA GLY B 839 -27.02 26.23 -19.03
C GLY B 839 -27.87 27.42 -18.63
N GLN B 840 -29.10 27.17 -18.18
CA GLN B 840 -30.02 28.27 -17.79
C GLN B 840 -29.51 28.90 -16.49
N ILE B 841 -29.60 30.23 -16.39
CA ILE B 841 -29.12 30.95 -15.17
C ILE B 841 -30.34 31.27 -14.30
N TYR B 842 -30.26 30.97 -13.00
CA TYR B 842 -31.36 31.32 -12.10
C TYR B 842 -30.98 32.26 -10.98
N ILE B 843 -29.70 32.59 -10.80
CA ILE B 843 -29.25 33.66 -9.91
C ILE B 843 -28.20 34.46 -10.66
N ASN B 844 -28.42 35.76 -10.81
CA ASN B 844 -27.59 36.61 -11.65
C ASN B 844 -26.79 37.57 -10.78
N LYS B 845 -25.59 37.15 -10.39
CA LYS B 845 -24.72 37.94 -9.53
C LYS B 845 -23.62 38.58 -10.36
N SER B 846 -23.31 39.84 -10.05
CA SER B 846 -22.23 40.59 -10.67
C SER B 846 -21.22 40.98 -9.59
N VAL B 847 -19.94 40.87 -9.91
CA VAL B 847 -18.90 41.22 -8.95
C VAL B 847 -18.16 42.46 -9.46
N PRO B 848 -17.87 43.44 -8.60
CA PRO B 848 -17.08 44.58 -9.05
C PRO B 848 -15.70 44.17 -9.53
N THR B 849 -15.26 44.79 -10.62
CA THR B 849 -13.91 44.53 -11.11
C THR B 849 -12.86 45.18 -10.24
N ASN B 850 -13.24 46.20 -9.47
CA ASN B 850 -12.32 46.92 -8.57
C ASN B 850 -12.53 46.52 -7.12
N SER B 851 -12.77 45.23 -6.86
CA SER B 851 -12.93 44.77 -5.49
C SER B 851 -11.62 44.83 -4.73
N ALA B 852 -10.50 44.60 -5.40
CA ALA B 852 -9.19 44.67 -4.76
C ALA B 852 -8.55 46.03 -4.98
N GLN B 863 -19.16 52.75 -8.65
CA GLN B 863 -19.40 51.35 -9.02
C GLN B 863 -19.83 51.24 -10.48
N THR B 864 -18.94 51.59 -11.40
CA THR B 864 -19.21 51.49 -12.82
C THR B 864 -18.58 50.26 -13.46
N GLN B 865 -17.94 49.41 -12.68
CA GLN B 865 -17.22 48.24 -13.18
C GLN B 865 -17.80 46.99 -12.53
N TYR B 866 -18.15 46.00 -13.35
CA TYR B 866 -18.77 44.78 -12.86
C TYR B 866 -18.42 43.61 -13.75
N ARG B 867 -18.19 42.46 -13.13
CA ARG B 867 -17.96 41.21 -13.84
C ARG B 867 -19.06 40.22 -13.45
N GLU B 868 -19.64 39.56 -14.45
CA GLU B 868 -20.80 38.70 -14.25
C GLU B 868 -20.33 37.29 -13.88
N ALA B 869 -20.71 36.85 -12.68
CA ALA B 869 -20.39 35.50 -12.20
C ALA B 869 -21.65 34.87 -11.64
N PRO B 870 -22.58 34.47 -12.52
CA PRO B 870 -23.89 33.99 -12.07
C PRO B 870 -23.84 32.51 -11.72
N VAL B 871 -24.97 31.99 -11.29
CA VAL B 871 -25.12 30.59 -10.92
C VAL B 871 -25.85 29.89 -12.06
N ILE B 872 -25.15 28.99 -12.73
CA ILE B 872 -25.68 28.26 -13.88
C ILE B 872 -26.07 26.86 -13.44
N TYR B 873 -27.30 26.47 -13.72
CA TYR B 873 -27.80 25.14 -13.35
C TYR B 873 -27.28 24.12 -14.36
N ARG B 874 -26.44 23.21 -13.89
CA ARG B 874 -26.04 22.04 -14.66
C ARG B 874 -26.61 20.80 -13.99
N GLY B 875 -27.31 19.98 -14.77
CA GLY B 875 -27.96 18.80 -14.25
C GLY B 875 -28.36 17.87 -15.38
N PRO B 876 -28.67 16.63 -15.06
CA PRO B 876 -29.02 15.67 -16.11
C PRO B 876 -30.47 15.78 -16.54
N GLU B 877 -31.34 16.18 -15.63
CA GLU B 877 -32.76 16.32 -15.90
C GLU B 877 -33.23 17.70 -15.44
N PRO B 878 -34.21 18.27 -16.14
CA PRO B 878 -34.74 19.58 -15.72
C PRO B 878 -35.41 19.51 -14.36
N SER B 879 -35.31 20.61 -13.62
CA SER B 879 -35.91 20.72 -12.30
C SER B 879 -36.67 22.04 -12.20
N HIS B 880 -37.46 22.18 -11.14
CA HIS B 880 -38.37 23.30 -10.98
C HIS B 880 -37.96 24.15 -9.79
N ILE B 881 -37.87 25.47 -10.02
CA ILE B 881 -37.67 26.42 -8.93
C ILE B 881 -38.94 26.48 -8.12
N ASP B 882 -38.85 26.17 -6.83
CA ASP B 882 -40.04 26.12 -6.00
C ASP B 882 -40.03 27.07 -4.81
N GLN B 883 -38.89 27.66 -4.46
CA GLN B 883 -38.83 28.60 -3.35
C GLN B 883 -37.63 29.49 -3.57
N VAL B 884 -37.85 30.80 -3.48
CA VAL B 884 -36.77 31.79 -3.53
C VAL B 884 -36.87 32.66 -2.28
N MET B 885 -35.78 32.72 -1.50
CA MET B 885 -35.84 33.49 -0.22
C MET B 885 -34.75 34.56 -0.21
N MET B 886 -35.10 35.77 0.25
CA MET B 886 -34.08 36.85 0.39
C MET B 886 -34.07 37.33 1.85
N SER B 887 -32.88 37.48 2.43
CA SER B 887 -32.78 37.99 3.82
C SER B 887 -31.45 38.74 3.99
N VAL B 888 -31.16 39.20 5.21
CA VAL B 888 -29.90 39.95 5.47
C VAL B 888 -29.26 39.39 6.75
N SER B 889 -27.93 39.39 6.81
CA SER B 889 -27.21 38.87 8.01
C SER B 889 -27.16 39.96 9.09
N ASP B 890 -26.53 39.66 10.22
CA ASP B 890 -26.38 40.67 11.32
C ASP B 890 -25.77 41.94 10.71
N ASN B 891 -24.73 41.79 9.89
CA ASN B 891 -24.05 42.96 9.27
C ASN B 891 -24.95 43.55 8.19
N ASP B 892 -26.08 42.90 7.89
CA ASP B 892 -27.06 43.41 6.89
C ASP B 892 -26.53 43.22 5.46
N GLN B 893 -25.83 42.11 5.21
CA GLN B 893 -25.42 41.81 3.80
C GLN B 893 -26.48 40.87 3.21
N ALA B 894 -26.95 41.14 2.00
CA ALA B 894 -28.03 40.32 1.46
C ALA B 894 -27.62 38.86 1.34
N LEU B 895 -28.54 37.97 1.69
CA LEU B 895 -28.37 36.54 1.54
C LEU B 895 -29.57 35.99 0.79
N ILE B 896 -29.31 35.22 -0.27
CA ILE B 896 -30.36 34.75 -1.17
C ILE B 896 -30.28 33.23 -1.26
N LYS B 897 -31.43 32.57 -1.10
CA LYS B 897 -31.53 31.11 -1.16
C LYS B 897 -32.57 30.72 -2.19
N VAL B 898 -32.26 29.70 -2.98
CA VAL B 898 -33.16 29.18 -4.01
C VAL B 898 -33.25 27.68 -3.86
N LEU B 899 -34.48 27.16 -3.76
CA LEU B 899 -34.75 25.75 -3.54
C LEU B 899 -35.28 25.14 -4.84
N LEU B 900 -34.60 24.11 -5.34
CA LEU B 900 -34.97 23.43 -6.57
C LEU B 900 -35.54 22.05 -6.25
N ARG B 901 -36.68 21.73 -6.83
CA ARG B 901 -37.27 20.41 -6.65
C ARG B 901 -37.21 19.63 -7.95
N GLN B 902 -37.17 18.31 -7.83
CA GLN B 902 -37.12 17.40 -8.96
C GLN B 902 -37.94 16.16 -8.63
N ASN B 903 -38.85 15.79 -9.53
CA ASN B 903 -39.73 14.66 -9.33
C ASN B 903 -39.18 13.44 -10.06
N ARG B 904 -39.10 12.30 -9.37
CA ARG B 904 -38.42 11.13 -9.86
C ARG B 904 -39.33 9.91 -9.80
N ARG B 905 -39.44 9.22 -10.93
CA ARG B 905 -40.10 7.95 -11.26
C ARG B 905 -39.14 6.80 -11.02
N PRO B 906 -39.60 5.69 -10.44
CA PRO B 906 -38.68 4.60 -10.10
C PRO B 906 -38.12 3.90 -11.32
N GLU B 907 -37.07 4.49 -11.86
CA GLU B 907 -36.38 4.00 -13.04
C GLU B 907 -35.77 2.62 -12.77
N LEU B 908 -35.29 2.00 -13.84
CA LEU B 908 -34.64 0.71 -13.77
C LEU B 908 -33.21 0.89 -13.26
N GLY B 909 -32.95 0.42 -12.05
CA GLY B 909 -31.66 0.60 -11.42
C GLY B 909 -31.76 1.17 -10.02
N ASP B 910 -32.97 1.54 -9.62
CA ASP B 910 -33.22 2.06 -8.29
C ASP B 910 -33.28 0.92 -7.27
N LYS B 911 -32.85 1.20 -6.05
CA LYS B 911 -32.61 0.18 -5.05
C LYS B 911 -33.74 0.15 -4.02
N PHE B 912 -34.13 -1.07 -3.62
CA PHE B 912 -35.21 -1.29 -2.67
C PHE B 912 -34.74 -2.23 -1.57
N SER B 913 -35.54 -2.34 -0.52
CA SER B 913 -35.23 -3.23 0.61
C SER B 913 -36.52 -3.51 1.36
N SER B 914 -36.48 -4.51 2.23
CA SER B 914 -37.72 -5.04 2.81
C SER B 914 -37.67 -5.23 4.31
N ARG B 915 -36.80 -4.51 5.03
CA ARG B 915 -36.62 -4.58 6.47
C ARG B 915 -36.05 -5.90 6.96
N HIS B 916 -35.57 -6.76 6.06
CA HIS B 916 -34.92 -8.00 6.47
C HIS B 916 -33.56 -8.14 5.80
N GLY B 917 -32.96 -7.05 5.35
CA GLY B 917 -31.65 -7.09 4.75
C GLY B 917 -31.62 -7.55 3.31
N GLN B 918 -32.77 -7.82 2.70
CA GLN B 918 -32.82 -8.28 1.32
C GLN B 918 -32.92 -7.09 0.38
N LYS B 919 -31.84 -6.33 0.33
CA LYS B 919 -31.75 -5.18 -0.57
C LYS B 919 -31.53 -5.66 -2.00
N GLY B 920 -32.07 -4.89 -2.94
CA GLY B 920 -31.96 -5.28 -4.34
C GLY B 920 -32.20 -4.10 -5.26
N VAL B 921 -31.73 -4.26 -6.48
CA VAL B 921 -31.87 -3.28 -7.55
C VAL B 921 -32.98 -3.72 -8.48
N CYS B 922 -33.87 -2.81 -8.84
CA CYS B 922 -34.91 -3.10 -9.81
C CYS B 922 -34.28 -3.56 -11.12
N GLY B 923 -34.64 -4.76 -11.56
CA GLY B 923 -34.03 -5.37 -12.73
C GLY B 923 -34.83 -5.26 -14.00
N ILE B 924 -36.16 -5.29 -13.91
CA ILE B 924 -37.02 -5.14 -15.09
C ILE B 924 -38.37 -4.59 -14.65
N ILE B 925 -39.01 -3.87 -15.56
CA ILE B 925 -40.36 -3.32 -15.37
C ILE B 925 -41.25 -3.90 -16.45
N VAL B 926 -42.28 -4.64 -16.05
CA VAL B 926 -43.12 -5.38 -16.99
C VAL B 926 -44.55 -4.87 -16.90
N LYS B 927 -45.27 -5.00 -18.02
CA LYS B 927 -46.65 -4.53 -18.10
C LYS B 927 -47.55 -5.38 -17.21
N GLN B 928 -48.70 -4.81 -16.86
CA GLN B 928 -49.60 -5.48 -15.92
C GLN B 928 -50.10 -6.81 -16.47
N GLU B 929 -50.39 -6.87 -17.78
CA GLU B 929 -50.98 -8.08 -18.32
C GLU B 929 -50.01 -9.25 -18.32
N ASP B 930 -48.70 -9.00 -18.33
CA ASP B 930 -47.71 -10.07 -18.27
C ASP B 930 -47.35 -10.40 -16.84
N MET B 931 -48.35 -10.54 -15.97
CA MET B 931 -48.11 -10.78 -14.58
C MET B 931 -49.06 -11.88 -14.13
N PRO B 932 -48.60 -12.81 -13.30
CA PRO B 932 -49.50 -13.83 -12.78
C PRO B 932 -50.64 -13.20 -12.00
N PHE B 933 -51.82 -13.81 -12.09
CA PHE B 933 -52.98 -13.30 -11.41
C PHE B 933 -53.73 -14.45 -10.75
N ASN B 934 -54.41 -14.13 -9.66
CA ASN B 934 -55.22 -15.09 -8.94
C ASN B 934 -56.67 -15.05 -9.46
N ASP B 935 -57.58 -15.66 -8.71
CA ASP B 935 -58.97 -15.75 -9.14
C ASP B 935 -59.62 -14.37 -9.23
N GLN B 936 -59.26 -13.46 -8.33
CA GLN B 936 -59.80 -12.10 -8.36
C GLN B 936 -59.06 -11.18 -9.32
N GLY B 937 -57.94 -11.62 -9.88
CA GLY B 937 -57.19 -10.78 -10.78
C GLY B 937 -56.20 -9.85 -10.12
N ILE B 938 -55.89 -10.06 -8.83
CA ILE B 938 -54.84 -9.28 -8.18
C ILE B 938 -53.52 -9.59 -8.83
N VAL B 939 -52.76 -8.55 -9.16
CA VAL B 939 -51.46 -8.67 -9.80
C VAL B 939 -50.44 -8.11 -8.82
N PRO B 940 -49.32 -8.79 -8.59
CA PRO B 940 -48.34 -8.28 -7.64
C PRO B 940 -47.63 -7.03 -8.15
N ASP B 941 -47.20 -6.19 -7.21
CA ASP B 941 -46.37 -5.04 -7.56
C ASP B 941 -44.91 -5.42 -7.69
N ILE B 942 -44.42 -6.27 -6.79
CA ILE B 942 -43.05 -6.74 -6.79
C ILE B 942 -43.06 -8.26 -6.82
N ILE B 943 -42.14 -8.84 -7.59
CA ILE B 943 -41.84 -10.26 -7.56
C ILE B 943 -40.40 -10.43 -7.11
N MET B 944 -40.16 -11.30 -6.14
CA MET B 944 -38.80 -11.56 -5.66
C MET B 944 -38.45 -13.04 -5.82
N ASN B 945 -37.19 -13.27 -6.18
CA ASN B 945 -36.69 -14.63 -6.36
C ASN B 945 -36.77 -15.40 -5.05
N PRO B 946 -37.28 -16.63 -5.05
CA PRO B 946 -37.29 -17.43 -3.81
C PRO B 946 -35.92 -17.89 -3.37
N HIS B 947 -34.90 -17.73 -4.21
CA HIS B 947 -33.55 -18.17 -3.89
C HIS B 947 -32.84 -17.28 -2.88
N GLY B 948 -33.42 -16.14 -2.51
CA GLY B 948 -32.81 -15.34 -1.47
C GLY B 948 -33.12 -15.78 -0.06
N PHE B 949 -34.10 -16.65 0.12
CA PHE B 949 -34.58 -17.07 1.43
C PHE B 949 -33.78 -18.18 2.10
N PRO B 950 -33.47 -19.30 1.44
CA PRO B 950 -32.95 -20.45 2.19
C PRO B 950 -31.53 -20.26 2.70
N SER B 951 -30.65 -19.68 1.90
CA SER B 951 -29.27 -19.49 2.34
C SER B 951 -29.12 -18.32 3.31
N ARG B 952 -29.97 -17.30 3.21
CA ARG B 952 -29.92 -16.18 4.13
C ARG B 952 -30.72 -16.41 5.40
N MET B 953 -31.60 -17.41 5.40
CA MET B 953 -32.36 -17.82 6.58
C MET B 953 -33.16 -16.66 7.16
N THR B 954 -34.03 -16.09 6.34
CA THR B 954 -34.96 -15.05 6.76
C THR B 954 -36.38 -15.62 6.70
N VAL B 955 -36.82 -16.21 7.82
CA VAL B 955 -38.20 -16.67 7.92
C VAL B 955 -39.08 -15.67 8.64
N GLY B 956 -38.49 -14.65 9.28
CA GLY B 956 -39.27 -13.52 9.72
C GLY B 956 -39.95 -12.81 8.57
N LYS B 957 -39.34 -12.83 7.39
CA LYS B 957 -39.99 -12.32 6.19
C LYS B 957 -41.24 -13.13 5.87
N MET B 958 -41.17 -14.45 5.94
CA MET B 958 -42.32 -15.29 5.64
C MET B 958 -43.45 -15.06 6.64
N ILE B 959 -43.11 -15.00 7.93
CA ILE B 959 -44.14 -14.75 8.92
C ILE B 959 -44.73 -13.36 8.74
N GLU B 960 -43.91 -12.39 8.31
CA GLU B 960 -44.42 -11.06 8.05
C GLU B 960 -45.42 -11.07 6.90
N LEU B 961 -45.11 -11.80 5.83
CA LEU B 961 -46.05 -11.89 4.71
C LEU B 961 -47.39 -12.48 5.15
N ILE B 962 -47.33 -13.59 5.91
CA ILE B 962 -48.58 -14.22 6.34
C ILE B 962 -49.36 -13.30 7.27
N SER B 963 -48.68 -12.70 8.24
CA SER B 963 -49.35 -11.82 9.19
C SER B 963 -49.95 -10.62 8.50
N GLY B 964 -49.24 -10.05 7.53
CA GLY B 964 -49.77 -8.93 6.79
C GLY B 964 -50.99 -9.29 5.98
N LYS B 965 -50.97 -10.45 5.32
CA LYS B 965 -52.13 -10.89 4.56
C LYS B 965 -53.35 -11.05 5.47
N ALA B 966 -53.17 -11.77 6.59
CA ALA B 966 -54.27 -11.98 7.52
C ALA B 966 -54.75 -10.66 8.11
N GLY B 967 -53.84 -9.74 8.41
CA GLY B 967 -54.24 -8.47 8.97
C GLY B 967 -54.99 -7.60 7.98
N VAL B 968 -54.56 -7.60 6.72
CA VAL B 968 -55.31 -6.86 5.70
C VAL B 968 -56.71 -7.41 5.59
N LEU B 969 -56.84 -8.73 5.53
CA LEU B 969 -58.17 -9.32 5.42
C LEU B 969 -59.03 -9.01 6.63
N ASN B 970 -58.47 -9.12 7.83
CA ASN B 970 -59.21 -8.94 9.06
C ASN B 970 -59.49 -7.48 9.38
N GLY B 971 -58.77 -6.55 8.76
CA GLY B 971 -58.97 -5.14 9.04
C GLY B 971 -58.19 -4.57 10.20
N THR B 972 -57.15 -5.28 10.66
CA THR B 972 -56.34 -4.83 11.78
C THR B 972 -54.86 -4.98 11.44
N LEU B 973 -54.06 -4.06 11.96
CA LEU B 973 -52.61 -4.13 11.82
C LEU B 973 -52.05 -5.12 12.84
N GLU B 974 -51.00 -5.85 12.45
CA GLU B 974 -50.46 -6.91 13.26
C GLU B 974 -49.10 -6.51 13.82
N TYR B 975 -48.73 -7.15 14.93
CA TYR B 975 -47.52 -6.83 15.67
C TYR B 975 -46.48 -7.91 15.45
N GLY B 976 -45.37 -7.58 14.78
CA GLY B 976 -44.22 -8.45 14.87
C GLY B 976 -43.11 -7.85 15.72
N THR B 977 -43.03 -8.23 16.98
CA THR B 977 -42.03 -7.70 17.89
C THR B 977 -41.10 -8.82 18.31
N CYS B 978 -39.93 -8.44 18.84
CA CYS B 978 -38.97 -9.43 19.28
C CYS B 978 -39.56 -10.24 20.42
N PHE B 979 -39.37 -11.56 20.36
CA PHE B 979 -39.81 -12.48 21.41
C PHE B 979 -41.31 -12.32 21.69
N GLY B 980 -42.10 -12.20 20.63
CA GLY B 980 -43.54 -12.03 20.81
C GLY B 980 -44.20 -11.59 19.51
N GLY B 981 -45.42 -11.10 19.65
CA GLY B 981 -46.19 -10.66 18.52
C GLY B 981 -47.27 -11.66 18.13
N SER B 982 -47.97 -11.32 17.04
CA SER B 982 -49.09 -12.13 16.58
C SER B 982 -48.64 -13.53 16.23
N LYS B 983 -49.35 -14.53 16.75
CA LYS B 983 -48.98 -15.92 16.56
C LYS B 983 -49.37 -16.39 15.16
N LEU B 984 -48.60 -17.35 14.64
CA LEU B 984 -48.83 -17.84 13.29
C LEU B 984 -50.11 -18.65 13.18
N GLU B 985 -50.49 -19.39 14.23
CA GLU B 985 -51.71 -20.19 14.19
C GLU B 985 -52.95 -19.29 14.09
N ASP B 986 -52.95 -18.17 14.82
CA ASP B 986 -54.08 -17.25 14.73
C ASP B 986 -54.20 -16.68 13.32
N MET B 987 -53.09 -16.26 12.73
CA MET B 987 -53.12 -15.73 11.37
C MET B 987 -53.59 -16.80 10.40
N SER B 988 -53.17 -18.05 10.60
CA SER B 988 -53.61 -19.11 9.71
C SER B 988 -55.10 -19.35 9.82
N LYS B 989 -55.64 -19.31 11.04
CA LYS B 989 -57.08 -19.46 11.21
C LYS B 989 -57.84 -18.32 10.53
N ILE B 990 -57.36 -17.09 10.68
CA ILE B 990 -58.02 -15.94 10.07
C ILE B 990 -57.95 -16.05 8.55
N LEU B 991 -56.85 -16.58 8.02
CA LEU B 991 -56.67 -16.72 6.59
C LEU B 991 -57.50 -17.86 6.02
N VAL B 992 -57.79 -18.89 6.82
CA VAL B 992 -58.63 -19.98 6.35
C VAL B 992 -60.11 -19.69 6.51
N ASP B 993 -60.48 -18.79 7.43
CA ASP B 993 -61.87 -18.41 7.56
C ASP B 993 -62.36 -17.57 6.37
N GLN B 994 -61.45 -17.11 5.51
CA GLN B 994 -61.80 -16.30 4.37
C GLN B 994 -61.46 -16.98 3.05
N GLY B 995 -61.36 -18.31 3.06
CA GLY B 995 -61.20 -19.04 1.82
C GLY B 995 -59.81 -18.98 1.21
N PHE B 996 -58.79 -18.70 2.00
CA PHE B 996 -57.42 -18.71 1.52
C PHE B 996 -56.67 -19.87 2.17
N ASN B 997 -55.65 -20.36 1.47
CA ASN B 997 -54.81 -21.41 2.01
C ASN B 997 -54.17 -20.96 3.31
N TYR B 998 -54.08 -21.87 4.28
CA TYR B 998 -53.54 -21.52 5.58
C TYR B 998 -52.08 -21.09 5.52
N SER B 999 -51.35 -21.51 4.49
CA SER B 999 -49.92 -21.25 4.39
C SER B 999 -49.60 -20.09 3.46
N GLY B 1000 -50.61 -19.36 3.01
CA GLY B 1000 -50.37 -18.22 2.16
C GLY B 1000 -49.94 -18.53 0.75
N LYS B 1001 -50.15 -19.76 0.29
CA LYS B 1001 -49.80 -20.15 -1.07
C LYS B 1001 -51.08 -20.28 -1.89
N ASP B 1002 -51.11 -19.60 -3.03
CA ASP B 1002 -52.32 -19.45 -3.82
C ASP B 1002 -52.10 -19.96 -5.24
N MET B 1003 -53.17 -20.44 -5.85
CA MET B 1003 -53.12 -20.98 -7.21
C MET B 1003 -53.31 -19.82 -8.17
N LEU B 1004 -52.23 -19.41 -8.81
CA LEU B 1004 -52.26 -18.29 -9.74
C LEU B 1004 -52.15 -18.79 -11.18
N TYR B 1005 -52.52 -17.94 -12.11
CA TYR B 1005 -52.43 -18.24 -13.53
C TYR B 1005 -51.28 -17.47 -14.15
N SER B 1006 -50.69 -18.03 -15.19
CA SER B 1006 -49.72 -17.28 -15.95
C SER B 1006 -50.42 -16.18 -16.72
N GLY B 1007 -49.74 -15.05 -16.86
CA GLY B 1007 -50.25 -13.98 -17.70
C GLY B 1007 -49.78 -14.02 -19.12
N ILE B 1008 -48.82 -14.89 -19.44
CA ILE B 1008 -48.26 -14.99 -20.77
C ILE B 1008 -48.93 -16.12 -21.56
N THR B 1009 -49.24 -17.21 -20.87
CA THR B 1009 -49.93 -18.34 -21.49
C THR B 1009 -51.34 -18.55 -20.98
N GLY B 1010 -51.68 -18.03 -19.81
CA GLY B 1010 -53.03 -18.09 -19.31
C GLY B 1010 -53.34 -19.26 -18.41
N GLU B 1011 -52.54 -20.32 -18.44
CA GLU B 1011 -52.90 -21.55 -17.76
C GLU B 1011 -52.34 -21.58 -16.34
N CYS B 1012 -52.85 -22.50 -15.53
CA CYS B 1012 -52.45 -22.58 -14.14
C CYS B 1012 -50.96 -22.88 -14.03
N LEU B 1013 -50.34 -22.33 -12.98
CA LEU B 1013 -48.96 -22.66 -12.67
C LEU B 1013 -48.90 -23.96 -11.89
N GLN B 1014 -47.91 -24.79 -12.20
CA GLN B 1014 -47.81 -26.11 -11.62
C GLN B 1014 -47.34 -26.11 -10.16
N ALA B 1015 -46.97 -24.96 -9.62
CA ALA B 1015 -46.59 -24.83 -8.23
C ALA B 1015 -47.41 -23.72 -7.59
N TYR B 1016 -47.86 -23.93 -6.37
CA TYR B 1016 -48.54 -22.88 -5.63
C TYR B 1016 -47.56 -21.78 -5.25
N ILE B 1017 -48.05 -20.54 -5.24
CA ILE B 1017 -47.20 -19.37 -5.11
C ILE B 1017 -47.50 -18.62 -3.82
N PHE B 1018 -46.43 -18.24 -3.11
CA PHE B 1018 -46.52 -17.46 -1.88
C PHE B 1018 -46.90 -16.03 -2.21
N PHE B 1019 -48.07 -15.60 -1.74
CA PHE B 1019 -48.73 -14.38 -2.21
C PHE B 1019 -49.17 -13.54 -1.03
N GLY B 1020 -48.77 -12.28 -0.99
CA GLY B 1020 -49.18 -11.41 0.09
C GLY B 1020 -48.42 -10.10 0.15
N PRO B 1021 -48.78 -9.25 1.11
CA PRO B 1021 -48.14 -7.93 1.22
C PRO B 1021 -46.90 -7.89 2.09
N ILE B 1022 -45.81 -7.34 1.55
CA ILE B 1022 -44.56 -7.13 2.27
C ILE B 1022 -44.23 -5.65 2.21
N TYR B 1023 -43.90 -5.06 3.36
CA TYR B 1023 -43.58 -3.64 3.44
C TYR B 1023 -42.18 -3.39 2.91
N TYR B 1024 -42.08 -2.59 1.86
CA TYR B 1024 -40.80 -2.30 1.23
C TYR B 1024 -40.37 -0.88 1.56
N GLN B 1025 -39.21 -0.51 1.05
CA GLN B 1025 -38.72 0.84 1.22
C GLN B 1025 -37.75 1.17 0.10
N LYS B 1026 -37.86 2.39 -0.42
CA LYS B 1026 -37.01 2.86 -1.49
C LYS B 1026 -35.80 3.55 -0.88
N LEU B 1027 -34.62 3.20 -1.38
CA LEU B 1027 -33.38 3.70 -0.80
C LEU B 1027 -32.84 4.86 -1.64
N LYS B 1028 -32.03 5.70 -0.99
CA LYS B 1028 -31.61 6.96 -1.57
C LYS B 1028 -30.66 6.80 -2.74
N HIS B 1029 -30.16 5.59 -2.99
CA HIS B 1029 -29.22 5.36 -4.07
C HIS B 1029 -30.00 5.20 -5.37
N MET B 1030 -29.80 6.14 -6.30
CA MET B 1030 -30.49 6.13 -7.58
C MET B 1030 -29.47 6.19 -8.70
N VAL B 1031 -29.74 5.45 -9.77
CA VAL B 1031 -28.84 5.40 -10.92
C VAL B 1031 -28.69 6.75 -11.58
N LEU B 1032 -29.66 7.65 -11.40
CA LEU B 1032 -29.55 8.99 -11.96
C LEU B 1032 -28.36 9.74 -11.37
N ASP B 1033 -28.14 9.59 -10.07
CA ASP B 1033 -27.04 10.28 -9.39
C ASP B 1033 -25.70 9.59 -9.58
N LYS B 1034 -25.67 8.42 -10.22
CA LYS B 1034 -24.43 7.65 -10.35
C LYS B 1034 -23.90 7.58 -11.76
N MET B 1035 -24.76 7.67 -12.77
CA MET B 1035 -24.32 7.51 -14.14
C MET B 1035 -23.37 8.61 -14.53
N HIS B 1036 -22.09 8.29 -14.68
CA HIS B 1036 -21.07 9.24 -15.06
C HIS B 1036 -20.31 8.72 -16.26
N ALA B 1037 -19.86 9.64 -17.11
CA ALA B 1037 -19.06 9.27 -18.27
C ALA B 1037 -18.23 10.46 -18.68
N ARG B 1038 -17.01 10.20 -19.12
CA ARG B 1038 -16.07 11.23 -19.54
C ARG B 1038 -15.45 10.84 -20.86
N ALA B 1039 -15.35 11.80 -21.78
CA ALA B 1039 -14.60 11.61 -23.01
C ALA B 1039 -13.27 12.36 -22.97
N ARG B 1040 -13.32 13.68 -22.75
CA ARG B 1040 -12.15 14.51 -22.49
C ARG B 1040 -12.57 15.59 -21.51
N GLY B 1041 -11.69 16.55 -21.26
CA GLY B 1041 -12.07 17.70 -20.47
C GLY B 1041 -11.04 18.17 -19.46
N PRO B 1042 -11.52 18.58 -18.28
CA PRO B 1042 -10.64 19.23 -17.31
C PRO B 1042 -9.52 18.33 -16.83
N ARG B 1043 -8.34 18.90 -16.68
CA ARG B 1043 -7.15 18.18 -16.26
C ARG B 1043 -6.47 18.92 -15.12
N ALA B 1044 -5.79 18.16 -14.27
CA ALA B 1044 -5.02 18.74 -13.19
C ALA B 1044 -3.91 19.63 -13.73
N VAL B 1045 -3.70 20.76 -13.07
CA VAL B 1045 -2.72 21.74 -13.55
C VAL B 1045 -1.30 21.20 -13.41
N LEU B 1046 -1.04 20.38 -12.39
CA LEU B 1046 0.31 19.91 -12.13
C LEU B 1046 0.70 18.73 -13.01
N THR B 1047 -0.12 17.68 -13.01
CA THR B 1047 0.21 16.44 -13.69
C THR B 1047 -0.38 16.34 -15.09
N ARG B 1048 -1.30 17.23 -15.47
CA ARG B 1048 -1.98 17.20 -16.75
C ARG B 1048 -2.66 15.86 -16.99
N GLN B 1049 -3.23 15.30 -15.95
CA GLN B 1049 -4.03 14.09 -16.01
C GLN B 1049 -5.48 14.43 -15.70
N PRO B 1050 -6.42 13.62 -16.19
CA PRO B 1050 -7.85 13.89 -15.90
C PRO B 1050 -8.11 14.19 -14.44
N THR B 1051 -9.06 15.08 -14.20
CA THR B 1051 -9.42 15.44 -12.84
C THR B 1051 -10.10 14.25 -12.16
N GLU B 1052 -10.41 14.42 -10.88
CA GLU B 1052 -10.94 13.32 -10.08
C GLU B 1052 -12.21 13.71 -9.33
N GLY B 1053 -12.81 14.84 -9.66
CA GLY B 1053 -13.98 15.29 -8.93
C GLY B 1053 -15.21 14.50 -9.28
N ARG B 1054 -16.08 14.32 -8.29
CA ARG B 1054 -17.38 13.71 -8.54
C ARG B 1054 -18.23 14.59 -9.43
N SER B 1055 -17.98 15.90 -9.42
CA SER B 1055 -18.74 16.88 -10.19
C SER B 1055 -18.14 17.16 -11.56
N ARG B 1056 -16.83 17.32 -11.65
CA ARG B 1056 -16.19 17.58 -12.93
C ARG B 1056 -16.20 16.32 -13.79
N ASP B 1057 -15.64 16.43 -14.99
CA ASP B 1057 -15.45 15.26 -15.81
C ASP B 1057 -14.34 14.43 -15.20
N GLY B 1058 -14.63 13.78 -14.08
CA GLY B 1058 -13.62 13.01 -13.39
C GLY B 1058 -13.37 11.68 -14.05
N GLY B 1059 -12.20 11.51 -14.67
CA GLY B 1059 -11.86 10.24 -15.25
C GLY B 1059 -11.84 9.13 -14.23
N LEU B 1060 -12.00 7.90 -14.72
CA LEU B 1060 -12.00 6.73 -13.87
C LEU B 1060 -10.59 6.19 -13.74
N ARG B 1061 -10.24 5.77 -12.53
CA ARG B 1061 -8.87 5.39 -12.21
C ARG B 1061 -8.60 3.93 -12.58
N LEU B 1062 -7.48 3.70 -13.26
CA LEU B 1062 -6.99 2.37 -13.60
C LEU B 1062 -5.76 2.12 -12.72
N GLY B 1063 -5.98 1.50 -11.57
CA GLY B 1063 -4.98 1.44 -10.52
C GLY B 1063 -3.95 0.35 -10.67
N GLU B 1064 -3.23 0.11 -9.57
CA GLU B 1064 -2.15 -0.87 -9.57
C GLU B 1064 -2.68 -2.28 -9.78
N MET B 1065 -3.75 -2.64 -9.07
CA MET B 1065 -4.33 -3.97 -9.24
C MET B 1065 -4.79 -4.19 -10.67
N GLU B 1066 -5.40 -3.16 -11.27
CA GLU B 1066 -5.90 -3.28 -12.62
C GLU B 1066 -4.77 -3.43 -13.64
N ARG B 1067 -3.69 -2.65 -13.49
CA ARG B 1067 -2.57 -2.84 -14.40
C ARG B 1067 -1.91 -4.19 -14.17
N ASP B 1068 -1.98 -4.73 -12.95
CA ASP B 1068 -1.47 -6.07 -12.72
C ASP B 1068 -2.28 -7.12 -13.48
N CYS B 1069 -3.60 -6.98 -13.45
CA CYS B 1069 -4.46 -7.88 -14.23
C CYS B 1069 -4.13 -7.78 -15.71
N VAL B 1070 -3.96 -6.56 -16.21
CA VAL B 1070 -3.70 -6.37 -17.64
C VAL B 1070 -2.33 -6.94 -18.02
N ILE B 1071 -1.34 -6.83 -17.12
CA ILE B 1071 -0.06 -7.47 -17.37
C ILE B 1071 -0.23 -8.99 -17.43
N ALA B 1072 -1.02 -9.54 -16.50
CA ALA B 1072 -1.23 -10.98 -16.45
C ALA B 1072 -1.86 -11.49 -17.73
N TYR B 1073 -2.71 -10.69 -18.39
CA TYR B 1073 -3.23 -11.11 -19.69
C TYR B 1073 -2.18 -11.06 -20.79
N GLY B 1074 -1.05 -10.41 -20.57
CA GLY B 1074 -0.02 -10.31 -21.60
C GLY B 1074 -0.30 -9.30 -22.68
N ALA B 1075 -1.01 -8.22 -22.37
CA ALA B 1075 -1.43 -7.23 -23.35
C ALA B 1075 -0.58 -5.96 -23.22
N SER B 1076 0.37 -5.79 -24.14
CA SER B 1076 1.29 -4.67 -24.08
C SER B 1076 0.68 -3.40 -24.66
N GLN B 1077 0.10 -3.48 -25.85
CA GLN B 1077 -0.44 -2.29 -26.49
C GLN B 1077 -1.62 -1.72 -25.72
N LEU B 1078 -2.39 -2.57 -25.03
CA LEU B 1078 -3.47 -2.04 -24.21
C LEU B 1078 -2.93 -1.27 -23.02
N LEU B 1079 -1.84 -1.75 -22.42
CA LEU B 1079 -1.19 -0.98 -21.36
C LEU B 1079 -0.70 0.37 -21.89
N LEU B 1080 -0.11 0.37 -23.09
CA LEU B 1080 0.34 1.61 -23.70
C LEU B 1080 -0.82 2.58 -23.90
N GLU B 1081 -1.94 2.09 -24.42
CA GLU B 1081 -3.08 2.96 -24.67
C GLU B 1081 -3.68 3.48 -23.37
N ARG B 1082 -3.95 2.59 -22.43
CA ARG B 1082 -4.68 2.99 -21.24
C ARG B 1082 -3.82 3.78 -20.25
N LEU B 1083 -2.51 3.63 -20.28
CA LEU B 1083 -1.68 4.24 -19.26
C LEU B 1083 -0.79 5.36 -19.76
N MET B 1084 -0.66 5.54 -21.07
CA MET B 1084 0.00 6.73 -21.59
C MET B 1084 -0.90 7.54 -22.50
N ILE B 1085 -1.44 6.92 -23.56
CA ILE B 1085 -2.08 7.67 -24.62
C ILE B 1085 -3.32 8.40 -24.12
N SER B 1086 -4.17 7.69 -23.38
CA SER B 1086 -5.46 8.22 -22.96
C SER B 1086 -5.44 8.82 -21.57
N SER B 1087 -4.27 8.91 -20.94
CA SER B 1087 -4.18 9.58 -19.64
C SER B 1087 -3.33 10.84 -19.70
N ASP B 1088 -2.06 10.74 -20.12
CA ASP B 1088 -1.22 11.93 -20.27
C ASP B 1088 -0.07 11.57 -21.20
N ALA B 1089 -0.19 11.92 -22.47
CA ALA B 1089 0.88 11.70 -23.44
C ALA B 1089 1.46 13.05 -23.80
N PHE B 1090 2.76 13.19 -23.63
CA PHE B 1090 3.44 14.46 -23.80
C PHE B 1090 4.65 14.27 -24.70
N GLU B 1091 4.83 15.18 -25.64
CA GLU B 1091 6.05 15.21 -26.44
C GLU B 1091 7.12 15.99 -25.72
N VAL B 1092 8.35 15.47 -25.73
CA VAL B 1092 9.48 16.12 -25.11
C VAL B 1092 10.67 16.04 -26.05
N ASP B 1093 11.64 16.93 -25.83
CA ASP B 1093 12.90 16.93 -26.55
C ASP B 1093 14.01 16.61 -25.56
N VAL B 1094 14.79 15.56 -25.86
CA VAL B 1094 15.86 15.13 -24.98
C VAL B 1094 17.17 15.17 -25.75
N CYS B 1095 18.22 15.65 -25.09
CA CYS B 1095 19.54 15.67 -25.70
C CYS B 1095 20.08 14.26 -25.82
N ASP B 1096 20.91 14.04 -26.82
CA ASP B 1096 21.48 12.71 -27.05
C ASP B 1096 22.85 12.53 -26.43
N LYS B 1097 23.62 13.60 -26.26
CA LYS B 1097 24.92 13.44 -25.60
C LYS B 1097 24.79 13.52 -24.08
N CYS B 1098 23.90 14.36 -23.59
CA CYS B 1098 23.54 14.39 -22.18
C CYS B 1098 22.09 13.95 -22.06
N GLY B 1099 21.76 13.28 -20.97
CA GLY B 1099 20.44 12.70 -20.89
C GLY B 1099 19.39 13.64 -20.36
N LEU B 1100 19.44 14.90 -20.78
CA LEU B 1100 18.60 15.94 -20.18
C LEU B 1100 17.60 16.47 -21.21
N MET B 1101 16.37 16.65 -20.76
CA MET B 1101 15.32 17.22 -21.59
C MET B 1101 15.60 18.68 -21.89
N GLY B 1102 15.37 19.07 -23.14
CA GLY B 1102 15.55 20.44 -23.58
C GLY B 1102 14.23 21.17 -23.72
N TYR B 1103 14.16 22.06 -24.69
CA TYR B 1103 12.92 22.76 -25.01
C TYR B 1103 13.04 23.29 -26.44
N SER B 1104 11.96 23.12 -27.21
CA SER B 1104 11.83 23.74 -28.53
C SER B 1104 13.02 23.44 -29.42
N GLY B 1105 13.54 22.21 -29.33
CA GLY B 1105 14.70 21.84 -30.10
C GLY B 1105 16.01 22.39 -29.60
N TRP B 1106 16.06 22.87 -28.35
CA TRP B 1106 17.23 23.53 -27.79
C TRP B 1106 17.68 22.77 -26.56
N CYS B 1107 19.00 22.58 -26.43
CA CYS B 1107 19.54 21.74 -25.36
C CYS B 1107 19.55 22.42 -24.01
N THR B 1108 19.76 23.74 -23.97
CA THR B 1108 19.82 24.62 -22.80
C THR B 1108 20.81 24.17 -21.73
N THR B 1109 21.62 23.18 -22.01
CA THR B 1109 22.76 22.82 -21.17
C THR B 1109 24.05 22.77 -21.95
N CYS B 1110 24.01 22.24 -23.17
CA CYS B 1110 25.11 22.34 -24.14
C CYS B 1110 24.52 23.04 -25.35
N LYS B 1111 24.76 24.35 -25.44
CA LYS B 1111 23.96 25.24 -26.29
C LYS B 1111 24.25 24.95 -27.77
N SER B 1112 23.67 23.86 -28.26
CA SER B 1112 23.96 23.38 -29.61
C SER B 1112 22.73 23.28 -30.50
N ALA B 1113 21.64 22.66 -30.03
CA ALA B 1113 20.48 22.32 -30.85
C ALA B 1113 20.87 21.41 -32.02
N GLU B 1114 21.87 20.56 -31.83
CA GLU B 1114 22.31 19.64 -32.87
C GLU B 1114 22.16 18.18 -32.48
N ASN B 1115 21.88 17.88 -31.23
CA ASN B 1115 21.74 16.52 -30.72
C ASN B 1115 20.43 16.38 -29.95
N ILE B 1116 19.34 16.84 -30.55
CA ILE B 1116 18.02 16.84 -29.93
C ILE B 1116 17.14 15.82 -30.64
N ILE B 1117 16.45 15.00 -29.86
CA ILE B 1117 15.60 13.93 -30.35
C ILE B 1117 14.21 14.10 -29.72
N LYS B 1118 13.17 13.95 -30.53
CA LYS B 1118 11.79 14.06 -30.06
C LYS B 1118 11.22 12.69 -29.74
N MET B 1119 10.50 12.60 -28.62
CA MET B 1119 9.82 11.36 -28.28
C MET B 1119 8.70 11.65 -27.29
N THR B 1120 7.78 10.71 -27.19
CA THR B 1120 6.60 10.84 -26.36
C THR B 1120 6.79 10.05 -25.06
N ILE B 1121 6.57 10.72 -23.94
CA ILE B 1121 6.63 10.10 -22.62
C ILE B 1121 5.46 10.59 -21.79
N PRO B 1122 5.11 9.87 -20.73
CA PRO B 1122 4.07 10.38 -19.83
C PRO B 1122 4.46 11.72 -19.22
N TYR B 1123 3.48 12.60 -19.08
CA TYR B 1123 3.74 13.88 -18.44
C TYR B 1123 4.14 13.69 -16.99
N ALA B 1124 3.63 12.65 -16.34
CA ALA B 1124 4.10 12.34 -14.99
C ALA B 1124 5.59 11.98 -14.99
N ALA B 1125 6.06 11.31 -16.05
CA ALA B 1125 7.49 11.03 -16.15
C ALA B 1125 8.30 12.30 -16.35
N LYS B 1126 7.80 13.22 -17.18
CA LYS B 1126 8.47 14.51 -17.35
C LYS B 1126 8.56 15.25 -16.02
N LEU B 1127 7.44 15.27 -15.28
CA LEU B 1127 7.41 15.97 -14.00
C LEU B 1127 8.33 15.32 -12.98
N LEU B 1128 8.39 13.99 -12.96
CA LEU B 1128 9.30 13.29 -12.07
C LEU B 1128 10.75 13.59 -12.39
N PHE B 1129 11.10 13.62 -13.68
CA PHE B 1129 12.48 13.94 -14.04
C PHE B 1129 12.84 15.35 -13.62
N GLN B 1130 11.94 16.30 -13.84
CA GLN B 1130 12.24 17.67 -13.43
C GLN B 1130 12.34 17.80 -11.92
N GLU B 1131 11.53 17.05 -11.17
CA GLU B 1131 11.66 17.08 -9.71
C GLU B 1131 12.97 16.43 -9.26
N LEU B 1132 13.37 15.34 -9.91
CA LEU B 1132 14.63 14.70 -9.55
C LEU B 1132 15.80 15.63 -9.80
N LEU B 1133 15.79 16.36 -10.92
CA LEU B 1133 16.82 17.35 -11.14
C LEU B 1133 16.78 18.47 -10.11
N SER B 1134 15.63 18.67 -9.44
CA SER B 1134 15.51 19.73 -8.46
C SER B 1134 16.18 19.39 -7.14
N MET B 1135 16.24 18.12 -6.78
CA MET B 1135 17.25 17.69 -5.82
C MET B 1135 18.56 17.54 -6.58
N ASN B 1136 19.57 16.95 -5.97
CA ASN B 1136 20.83 16.76 -6.68
C ASN B 1136 20.91 15.35 -7.26
N ILE B 1137 19.92 15.02 -8.09
CA ILE B 1137 19.87 13.77 -8.83
C ILE B 1137 19.75 14.11 -10.30
N ALA B 1138 20.54 13.46 -11.14
CA ALA B 1138 20.59 13.76 -12.57
C ALA B 1138 20.28 12.48 -13.35
N PRO B 1139 19.01 12.17 -13.57
CA PRO B 1139 18.66 10.93 -14.28
C PRO B 1139 18.91 11.05 -15.77
N ARG B 1140 20.14 10.82 -16.21
CA ARG B 1140 20.45 10.91 -17.63
C ARG B 1140 19.76 9.77 -18.38
N LEU B 1141 19.10 10.11 -19.48
CA LEU B 1141 18.40 9.14 -20.32
C LEU B 1141 19.31 8.74 -21.48
N ARG B 1142 19.47 7.44 -21.68
CA ARG B 1142 20.23 6.92 -22.81
C ARG B 1142 19.27 6.40 -23.87
N LEU B 1143 19.52 6.78 -25.11
CA LEU B 1143 18.64 6.44 -26.22
C LEU B 1143 19.33 5.45 -27.16
N GLU B 1144 18.53 4.57 -27.75
CA GLU B 1144 19.00 3.61 -28.72
C GLU B 1144 18.05 3.60 -29.90
N ASP B 1145 18.55 3.20 -31.06
CA ASP B 1145 17.71 3.12 -32.25
C ASP B 1145 16.74 1.96 -32.12
N ILE B 1146 15.49 2.19 -32.54
CA ILE B 1146 14.48 1.13 -32.52
C ILE B 1146 14.78 0.10 -33.60
N PHE B 1147 15.16 0.56 -34.77
CA PHE B 1147 15.43 -0.27 -35.93
C PHE B 1147 16.92 -0.57 -35.98
N GLN B 1148 17.42 -0.98 -37.16
CA GLN B 1148 18.79 -1.46 -37.37
C GLN B 1148 19.00 -2.83 -36.76
N GLN B 1149 17.95 -3.65 -36.81
CA GLN B 1149 18.02 -5.06 -36.40
C GLN B 1149 18.51 -5.22 -34.97
N MET C 1 -56.02 -35.93 -17.43
CA MET C 1 -57.25 -36.67 -17.20
C MET C 1 -58.44 -35.99 -17.87
N SER C 2 -58.34 -35.78 -19.18
CA SER C 2 -59.47 -35.35 -20.01
C SER C 2 -60.05 -34.03 -19.52
N ASN C 3 -59.22 -32.99 -19.68
CA ASN C 3 -59.58 -31.57 -19.50
C ASN C 3 -59.97 -31.23 -18.07
N ILE C 4 -59.61 -32.08 -17.11
CA ILE C 4 -59.75 -31.75 -15.70
C ILE C 4 -58.35 -31.52 -15.14
N VAL C 5 -58.14 -30.33 -14.58
CA VAL C 5 -56.85 -29.98 -13.98
C VAL C 5 -56.84 -30.51 -12.55
N GLY C 6 -55.90 -31.41 -12.26
CA GLY C 6 -55.84 -32.04 -10.96
C GLY C 6 -55.19 -31.18 -9.89
N ILE C 7 -55.94 -30.94 -8.81
CA ILE C 7 -55.47 -30.12 -7.70
C ILE C 7 -55.00 -31.07 -6.61
N GLU C 8 -53.68 -31.24 -6.50
CA GLU C 8 -53.08 -32.08 -5.47
C GLU C 8 -52.76 -31.24 -4.24
N TYR C 9 -51.99 -31.79 -3.31
CA TYR C 9 -51.62 -31.07 -2.10
C TYR C 9 -50.23 -30.43 -2.18
N ASN C 10 -49.44 -30.74 -3.19
CA ASN C 10 -48.15 -30.10 -3.35
C ASN C 10 -47.83 -29.72 -4.79
N ARG C 11 -48.75 -29.92 -5.72
CA ARG C 11 -48.51 -29.59 -7.12
C ARG C 11 -49.85 -29.49 -7.82
N VAL C 12 -49.83 -29.01 -9.05
CA VAL C 12 -51.01 -28.92 -9.89
C VAL C 12 -50.68 -29.60 -11.21
N THR C 13 -51.48 -30.59 -11.60
CA THR C 13 -51.19 -31.42 -12.75
C THR C 13 -52.22 -31.20 -13.86
N ASN C 14 -51.84 -31.59 -15.07
CA ASN C 14 -52.70 -31.53 -16.25
C ASN C 14 -53.16 -30.11 -16.54
N THR C 15 -52.19 -29.25 -16.88
CA THR C 15 -52.45 -27.85 -17.14
C THR C 15 -52.42 -27.47 -18.61
N THR C 16 -52.09 -28.39 -19.50
CA THR C 16 -51.94 -28.10 -20.93
C THR C 16 -53.10 -28.71 -21.71
N SER C 17 -53.45 -28.08 -22.83
CA SER C 17 -54.69 -28.41 -23.54
C SER C 17 -54.70 -29.84 -24.06
N THR C 18 -53.67 -30.22 -24.82
CA THR C 18 -53.56 -31.57 -25.41
C THR C 18 -54.79 -31.93 -26.25
N ASP C 19 -55.06 -31.12 -27.28
CA ASP C 19 -56.08 -31.45 -28.29
C ASP C 19 -55.58 -30.96 -29.64
N PHE C 20 -54.91 -31.83 -30.38
CA PHE C 20 -54.41 -31.52 -31.71
C PHE C 20 -53.95 -32.83 -32.36
N PRO C 21 -53.88 -32.86 -33.67
CA PRO C 21 -53.32 -34.05 -34.34
C PRO C 21 -51.82 -34.15 -34.15
N GLY C 22 -51.39 -35.06 -33.27
CA GLY C 22 -49.99 -35.14 -32.91
C GLY C 22 -49.84 -35.51 -31.45
N PHE C 23 -50.96 -35.43 -30.73
CA PHE C 23 -50.99 -35.88 -29.34
C PHE C 23 -51.10 -37.40 -29.22
N SER C 24 -51.70 -38.07 -30.20
CA SER C 24 -51.86 -39.51 -30.15
C SER C 24 -51.93 -40.07 -31.57
N LYS C 25 -52.07 -41.39 -31.68
CA LYS C 25 -52.09 -42.04 -33.03
C LYS C 25 -53.18 -41.41 -33.89
N ASP C 26 -54.43 -41.48 -33.44
CA ASP C 26 -55.55 -40.84 -34.19
C ASP C 26 -55.23 -39.34 -34.31
N ALA C 27 -55.10 -38.85 -35.55
CA ALA C 27 -54.86 -37.40 -35.76
C ALA C 27 -56.17 -36.65 -35.57
N GLU C 28 -56.72 -36.67 -34.36
CA GLU C 28 -58.04 -36.04 -34.11
C GLU C 28 -57.84 -34.59 -33.64
N ASN C 29 -58.92 -33.94 -33.21
CA ASN C 29 -58.84 -32.55 -32.69
C ASN C 29 -58.19 -31.62 -33.73
N GLU C 30 -58.57 -31.74 -35.00
CA GLU C 30 -58.07 -30.79 -36.03
C GLU C 30 -59.03 -29.60 -36.05
N TRP C 31 -58.58 -28.42 -36.45
CA TRP C 31 -59.48 -27.27 -36.37
C TRP C 31 -60.46 -27.32 -37.53
N ASN C 32 -61.73 -27.21 -37.21
CA ASN C 32 -62.74 -26.98 -38.22
C ASN C 32 -63.86 -26.19 -37.57
N VAL C 33 -64.28 -25.11 -38.23
CA VAL C 33 -65.49 -24.46 -37.80
C VAL C 33 -66.67 -25.36 -38.14
N GLU C 34 -67.81 -25.07 -37.52
CA GLU C 34 -69.06 -25.83 -37.53
C GLU C 34 -68.98 -27.00 -36.56
N LYS C 35 -67.84 -27.23 -35.91
CA LYS C 35 -67.77 -28.03 -34.70
C LYS C 35 -67.44 -27.19 -33.48
N PHE C 36 -66.50 -26.25 -33.63
CA PHE C 36 -66.33 -25.19 -32.65
C PHE C 36 -67.61 -24.41 -32.46
N LYS C 37 -68.38 -24.23 -33.53
CA LYS C 37 -69.64 -23.48 -33.45
C LYS C 37 -70.62 -24.14 -32.51
N LYS C 38 -70.76 -25.46 -32.62
CA LYS C 38 -71.69 -26.17 -31.73
C LYS C 38 -71.12 -26.28 -30.33
N ASP C 39 -69.82 -26.55 -30.21
CA ASP C 39 -69.22 -26.73 -28.89
C ASP C 39 -69.29 -25.44 -28.07
N PHE C 40 -68.99 -24.31 -28.68
CA PHE C 40 -68.85 -23.06 -27.95
C PHE C 40 -70.19 -22.60 -27.39
N GLU C 41 -70.18 -22.15 -26.13
CA GLU C 41 -71.39 -21.70 -25.45
C GLU C 41 -71.07 -20.54 -24.53
N VAL C 42 -71.94 -19.55 -24.50
CA VAL C 42 -71.81 -18.39 -23.63
C VAL C 42 -73.00 -18.35 -22.69
N ASN C 43 -72.73 -18.40 -21.39
CA ASN C 43 -73.75 -18.21 -20.36
C ASN C 43 -73.48 -16.90 -19.64
N ILE C 44 -74.50 -16.03 -19.57
CA ILE C 44 -74.34 -14.73 -18.85
C ILE C 44 -74.99 -14.88 -17.47
N SER C 45 -74.18 -15.01 -16.42
CA SER C 45 -74.73 -15.24 -15.05
C SER C 45 -75.41 -13.98 -14.51
N SER C 46 -74.76 -12.82 -14.61
CA SER C 46 -75.33 -11.58 -14.04
C SER C 46 -74.95 -10.36 -14.90
N LEU C 47 -75.65 -9.24 -14.71
CA LEU C 47 -75.36 -8.03 -15.52
C LEU C 47 -75.66 -6.76 -14.72
N ASP C 48 -74.88 -5.70 -14.95
CA ASP C 48 -75.06 -4.42 -14.28
C ASP C 48 -74.38 -3.35 -15.11
N ALA C 49 -74.48 -2.10 -14.66
CA ALA C 49 -73.88 -0.99 -15.39
C ALA C 49 -72.36 -1.14 -15.48
N ARG C 50 -71.69 -1.12 -14.33
CA ARG C 50 -70.25 -1.38 -14.29
C ARG C 50 -69.95 -2.81 -13.80
N GLU C 51 -70.51 -3.81 -14.47
CA GLU C 51 -70.30 -5.18 -14.02
C GLU C 51 -70.78 -6.16 -15.08
N ALA C 52 -70.07 -7.29 -15.20
CA ALA C 52 -70.47 -8.36 -16.13
C ALA C 52 -69.85 -9.65 -15.66
N ASN C 53 -70.67 -10.58 -15.19
CA ASN C 53 -70.21 -11.92 -14.82
C ASN C 53 -70.77 -12.91 -15.83
N PHE C 54 -70.06 -13.09 -16.93
CA PHE C 54 -70.43 -14.06 -17.95
C PHE C 54 -69.47 -15.24 -17.91
N ASP C 55 -69.66 -16.19 -18.80
CA ASP C 55 -69.05 -17.51 -18.65
C ASP C 55 -68.88 -18.16 -20.00
N LEU C 56 -67.64 -18.40 -20.40
CA LEU C 56 -67.33 -18.99 -21.69
C LEU C 56 -66.98 -20.46 -21.54
N ILE C 57 -67.36 -21.26 -22.53
CA ILE C 57 -67.19 -22.71 -22.48
C ILE C 57 -66.64 -23.19 -23.81
N ASN C 58 -65.72 -24.16 -23.75
CA ASN C 58 -65.19 -24.86 -24.93
C ASN C 58 -64.35 -23.94 -25.81
N ILE C 59 -63.43 -23.19 -25.17
CA ILE C 59 -62.38 -22.49 -25.88
C ILE C 59 -61.05 -22.81 -25.20
N ASP C 60 -59.98 -22.30 -25.80
CA ASP C 60 -58.66 -22.50 -25.25
C ASP C 60 -58.26 -21.35 -24.32
N THR C 61 -57.41 -21.67 -23.36
CA THR C 61 -56.82 -20.63 -22.54
C THR C 61 -56.03 -19.65 -23.39
N SER C 62 -55.46 -20.11 -24.49
CA SER C 62 -54.73 -19.24 -25.40
C SER C 62 -55.62 -18.22 -26.10
N ILE C 63 -56.94 -18.38 -26.04
CA ILE C 63 -57.87 -17.40 -26.59
C ILE C 63 -58.51 -16.57 -25.49
N ALA C 64 -58.90 -17.21 -24.39
CA ALA C 64 -59.45 -16.47 -23.26
C ALA C 64 -58.41 -15.49 -22.71
N ASN C 65 -57.15 -15.90 -22.66
CA ASN C 65 -56.09 -15.01 -22.19
C ASN C 65 -55.86 -13.86 -23.16
N ALA C 66 -56.00 -14.10 -24.46
CA ALA C 66 -55.89 -13.00 -25.41
C ALA C 66 -57.00 -11.98 -25.19
N PHE C 67 -58.22 -12.45 -24.93
CA PHE C 67 -59.30 -11.53 -24.62
C PHE C 67 -58.99 -10.73 -23.36
N ARG C 68 -58.50 -11.40 -22.31
CA ARG C 68 -58.18 -10.72 -21.06
C ARG C 68 -57.08 -9.68 -21.25
N ARG C 69 -56.04 -10.03 -22.01
CA ARG C 69 -54.93 -9.11 -22.23
C ARG C 69 -55.37 -7.89 -23.02
N ILE C 70 -56.16 -8.10 -24.09
CA ILE C 70 -56.64 -6.96 -24.87
C ILE C 70 -57.54 -6.08 -24.01
N MET C 71 -58.42 -6.67 -23.22
CA MET C 71 -59.30 -5.88 -22.36
C MET C 71 -58.50 -5.04 -21.39
N ILE C 72 -57.43 -5.59 -20.82
CA ILE C 72 -56.66 -4.84 -19.84
C ILE C 72 -55.87 -3.73 -20.51
N SER C 73 -55.21 -4.01 -21.65
CA SER C 73 -54.18 -3.11 -22.14
C SER C 73 -54.31 -2.68 -23.59
N GLU C 74 -55.45 -2.89 -24.24
CA GLU C 74 -55.55 -2.52 -25.65
C GLU C 74 -56.84 -1.83 -26.06
N VAL C 75 -57.82 -1.71 -25.19
CA VAL C 75 -59.09 -1.05 -25.50
C VAL C 75 -58.93 0.43 -25.13
N PRO C 76 -59.01 1.35 -26.09
CA PRO C 76 -58.70 2.75 -25.79
C PRO C 76 -59.75 3.44 -24.94
N SER C 77 -59.31 4.47 -24.23
CA SER C 77 -60.18 5.26 -23.35
C SER C 77 -59.70 6.71 -23.38
N VAL C 78 -60.32 7.55 -22.56
CA VAL C 78 -60.06 9.00 -22.56
C VAL C 78 -59.64 9.42 -21.17
N ALA C 79 -58.53 10.17 -21.07
CA ALA C 79 -58.09 10.74 -19.82
C ALA C 79 -57.18 11.93 -20.10
N ALA C 80 -57.04 12.80 -19.11
CA ALA C 80 -56.30 14.04 -19.30
C ALA C 80 -54.81 13.77 -19.44
N GLU C 81 -54.19 14.37 -20.46
CA GLU C 81 -52.77 14.17 -20.72
C GLU C 81 -51.92 15.36 -20.34
N TYR C 82 -52.32 16.58 -20.72
CA TYR C 82 -51.57 17.78 -20.37
C TYR C 82 -52.40 18.66 -19.45
N VAL C 83 -51.75 19.23 -18.45
CA VAL C 83 -52.37 20.17 -17.53
C VAL C 83 -51.61 21.49 -17.63
N TYR C 84 -52.34 22.58 -17.81
CA TYR C 84 -51.77 23.92 -17.92
C TYR C 84 -52.15 24.69 -16.67
N PHE C 85 -51.14 25.15 -15.94
CA PHE C 85 -51.34 25.78 -14.65
C PHE C 85 -51.25 27.29 -14.80
N PHE C 86 -52.28 27.99 -14.33
CA PHE C 86 -52.22 29.44 -14.22
C PHE C 86 -51.76 29.87 -12.84
N ASN C 87 -52.23 29.18 -11.81
CA ASN C 87 -51.92 29.54 -10.43
C ASN C 87 -52.08 28.30 -9.56
N ASN C 88 -51.10 28.04 -8.71
CA ASN C 88 -51.18 26.92 -7.76
C ASN C 88 -50.49 27.35 -6.48
N THR C 89 -51.27 27.55 -5.42
CA THR C 89 -50.75 27.96 -4.14
C THR C 89 -51.15 26.98 -3.04
N SER C 90 -51.17 25.70 -3.38
CA SER C 90 -51.41 24.62 -2.43
C SER C 90 -50.08 23.96 -2.07
N VAL C 91 -50.13 23.13 -1.01
CA VAL C 91 -48.95 22.38 -0.62
C VAL C 91 -48.61 21.32 -1.67
N ILE C 92 -49.61 20.81 -2.36
CA ILE C 92 -49.37 19.76 -3.35
C ILE C 92 -48.64 20.34 -4.55
N GLN C 93 -47.58 19.67 -4.97
CA GLN C 93 -46.82 20.13 -6.11
C GLN C 93 -47.65 20.08 -7.37
N ASP C 94 -47.23 20.85 -8.38
CA ASP C 94 -47.96 20.91 -9.62
C ASP C 94 -47.95 19.57 -10.35
N GLU C 95 -46.80 18.90 -10.38
CA GLU C 95 -46.74 17.61 -11.05
C GLU C 95 -47.55 16.54 -10.32
N VAL C 96 -47.58 16.60 -8.99
CA VAL C 96 -48.43 15.68 -8.23
C VAL C 96 -49.90 15.91 -8.56
N LEU C 97 -50.31 17.18 -8.62
CA LEU C 97 -51.69 17.49 -8.99
C LEU C 97 -52.00 17.03 -10.42
N ALA C 98 -51.06 17.24 -11.34
CA ALA C 98 -51.27 16.81 -12.72
C ALA C 98 -51.42 15.30 -12.81
N HIS C 99 -50.61 14.57 -12.04
CA HIS C 99 -50.70 13.11 -12.03
C HIS C 99 -52.06 12.66 -11.50
N ARG C 100 -52.53 13.26 -10.41
CA ARG C 100 -53.84 12.88 -9.88
C ARG C 100 -54.96 13.17 -10.88
N ILE C 101 -54.91 14.35 -11.53
CA ILE C 101 -55.93 14.68 -12.52
C ILE C 101 -55.90 13.68 -13.66
N GLY C 102 -54.72 13.33 -14.16
CA GLY C 102 -54.63 12.32 -15.21
C GLY C 102 -55.15 10.97 -14.77
N LEU C 103 -55.06 10.66 -13.48
CA LEU C 103 -55.63 9.43 -12.96
C LEU C 103 -57.15 9.48 -12.82
N VAL C 104 -57.74 10.66 -12.76
CA VAL C 104 -59.21 10.74 -12.65
C VAL C 104 -59.85 10.21 -13.93
N PRO C 105 -60.80 9.28 -13.83
CA PRO C 105 -61.49 8.76 -15.03
C PRO C 105 -62.70 9.60 -15.41
N LEU C 106 -63.00 9.59 -16.71
CA LEU C 106 -63.97 10.51 -17.29
C LEU C 106 -65.08 9.73 -18.01
N LYS C 107 -66.33 10.08 -17.71
CA LYS C 107 -67.49 9.45 -18.33
C LYS C 107 -67.74 10.09 -19.70
N VAL C 108 -66.86 9.75 -20.63
CA VAL C 108 -66.97 10.15 -22.02
C VAL C 108 -66.88 8.91 -22.88
N ASP C 109 -67.86 8.70 -23.74
CA ASP C 109 -67.84 7.56 -24.62
C ASP C 109 -66.83 7.78 -25.73
N PRO C 110 -65.86 6.88 -25.92
CA PRO C 110 -64.97 7.03 -27.07
C PRO C 110 -65.71 6.73 -28.36
N ASP C 111 -64.99 6.74 -29.49
CA ASP C 111 -65.57 6.64 -30.82
C ASP C 111 -66.29 7.94 -31.17
N MET C 112 -66.42 8.82 -30.19
CA MET C 112 -66.84 10.19 -30.42
C MET C 112 -65.65 11.12 -30.54
N LEU C 113 -64.44 10.59 -30.40
CA LEU C 113 -63.19 11.30 -30.54
C LEU C 113 -62.33 10.62 -31.60
N THR C 114 -61.17 11.20 -31.86
CA THR C 114 -60.24 10.68 -32.86
C THR C 114 -58.84 10.70 -32.27
N TRP C 115 -57.90 10.07 -32.97
CA TRP C 115 -56.55 9.92 -32.47
C TRP C 115 -55.71 11.15 -32.80
N VAL C 116 -55.07 11.71 -31.79
CA VAL C 116 -54.16 12.84 -31.99
C VAL C 116 -52.93 12.37 -32.75
N ASP C 117 -52.61 13.07 -33.83
CA ASP C 117 -51.39 12.79 -34.58
C ASP C 117 -50.21 13.47 -33.88
N SER C 118 -49.20 12.68 -33.55
CA SER C 118 -48.03 13.21 -32.85
C SER C 118 -47.01 13.84 -33.78
N ASN C 119 -47.19 13.71 -35.10
CA ASN C 119 -46.30 14.29 -36.09
C ASN C 119 -46.64 15.74 -36.41
N LEU C 120 -47.35 16.42 -35.51
CA LEU C 120 -47.77 17.80 -35.75
C LEU C 120 -47.35 18.69 -34.60
N PRO C 121 -47.09 19.97 -34.88
CA PRO C 121 -46.76 20.91 -33.80
C PRO C 121 -47.95 21.17 -32.90
N ASP C 122 -47.67 21.86 -31.79
CA ASP C 122 -48.65 22.03 -30.73
C ASP C 122 -49.86 22.84 -31.21
N ASP C 123 -49.62 23.88 -32.01
CA ASP C 123 -50.69 24.82 -32.31
C ASP C 123 -51.78 24.24 -33.21
N GLU C 124 -51.49 23.19 -33.98
CA GLU C 124 -52.54 22.49 -34.72
C GLU C 124 -52.71 21.03 -34.31
N LYS C 125 -52.00 20.58 -33.27
CA LYS C 125 -52.14 19.19 -32.83
C LYS C 125 -53.57 18.89 -32.40
N PHE C 126 -54.18 19.78 -31.64
CA PHE C 126 -55.49 19.55 -31.06
C PHE C 126 -56.58 20.23 -31.88
N THR C 127 -57.72 19.55 -32.00
CA THR C 127 -58.87 20.08 -32.71
C THR C 127 -60.10 19.88 -31.85
N ASP C 128 -61.26 20.24 -32.39
CA ASP C 128 -62.53 20.05 -31.70
C ASP C 128 -63.00 18.60 -31.72
N GLU C 129 -62.38 17.74 -32.51
CA GLU C 129 -62.66 16.31 -32.43
C GLU C 129 -61.59 15.51 -31.71
N ASN C 130 -60.35 15.99 -31.66
CA ASN C 130 -59.28 15.26 -30.98
C ASN C 130 -59.40 15.35 -29.47
N THR C 131 -59.76 16.52 -28.97
CA THR C 131 -59.47 16.89 -27.59
C THR C 131 -60.75 17.29 -26.87
N ILE C 132 -60.76 17.08 -25.56
CA ILE C 132 -61.77 17.61 -24.66
C ILE C 132 -61.06 18.49 -23.65
N VAL C 133 -61.62 19.66 -23.37
CA VAL C 133 -61.00 20.64 -22.48
C VAL C 133 -61.77 20.65 -21.17
N LEU C 134 -61.05 20.46 -20.06
CA LEU C 134 -61.61 20.58 -18.74
C LEU C 134 -60.94 21.75 -18.02
N SER C 135 -61.69 22.41 -17.15
CA SER C 135 -61.19 23.57 -16.43
C SER C 135 -61.47 23.42 -14.95
N LEU C 136 -60.70 24.15 -14.15
CA LEU C 136 -60.83 24.11 -12.71
C LEU C 136 -60.32 25.41 -12.14
N ASN C 137 -61.08 25.95 -11.18
CA ASN C 137 -60.58 27.09 -10.39
C ASN C 137 -61.34 27.12 -9.08
N VAL C 138 -60.60 27.09 -7.97
CA VAL C 138 -61.17 27.15 -6.63
C VAL C 138 -60.35 28.13 -5.82
N LYS C 139 -61.01 28.90 -4.96
CA LYS C 139 -60.35 29.87 -4.09
C LYS C 139 -60.85 29.65 -2.66
N CYS C 140 -60.03 29.01 -1.83
CA CYS C 140 -60.40 28.81 -0.44
C CYS C 140 -60.29 30.13 0.33
N THR C 141 -61.33 30.47 1.07
CA THR C 141 -61.36 31.66 1.91
C THR C 141 -61.81 31.27 3.31
N ARG C 142 -61.75 32.23 4.23
CA ARG C 142 -62.26 32.01 5.57
C ARG C 142 -63.79 31.99 5.55
N ASN C 143 -64.36 31.50 6.65
CA ASN C 143 -65.80 31.32 6.72
C ASN C 143 -66.45 32.56 7.33
N PRO C 144 -67.32 33.26 6.62
CA PRO C 144 -67.95 34.48 7.13
C PRO C 144 -69.18 34.22 7.99
N ASP C 145 -69.07 33.28 8.91
CA ASP C 145 -70.11 32.97 9.88
C ASP C 145 -69.46 32.87 11.26
N ALA C 146 -70.26 32.52 12.27
CA ALA C 146 -69.81 32.46 13.65
C ALA C 146 -70.18 31.11 14.26
N PRO C 147 -69.46 30.05 13.91
CA PRO C 147 -69.61 28.79 14.64
C PRO C 147 -68.56 28.68 15.73
N LYS C 148 -68.69 27.63 16.54
CA LYS C 148 -67.66 27.31 17.52
C LYS C 148 -66.36 26.95 16.79
N GLY C 149 -65.25 27.41 17.34
CA GLY C 149 -63.95 27.21 16.71
C GLY C 149 -63.46 25.78 16.85
N SER C 150 -62.19 25.59 16.48
CA SER C 150 -61.49 24.31 16.62
C SER C 150 -62.26 23.17 15.97
N THR C 151 -62.98 23.47 14.90
CA THR C 151 -63.81 22.51 14.22
C THR C 151 -63.07 21.99 12.99
N ASP C 152 -63.76 21.18 12.19
CA ASP C 152 -63.18 20.59 10.99
C ASP C 152 -63.02 21.64 9.90
N PRO C 153 -62.09 21.43 8.98
CA PRO C 153 -61.97 22.28 7.80
C PRO C 153 -63.04 22.01 6.73
N LYS C 154 -64.29 21.90 7.17
CA LYS C 154 -65.43 21.79 6.27
C LYS C 154 -66.39 22.96 6.44
N GLU C 155 -66.81 23.24 7.67
CA GLU C 155 -67.62 24.41 7.98
C GLU C 155 -66.79 25.59 8.45
N LEU C 156 -65.51 25.37 8.74
CA LEU C 156 -64.60 26.43 9.17
C LEU C 156 -63.97 27.19 8.01
N TYR C 157 -64.10 26.68 6.78
CA TYR C 157 -63.50 27.32 5.61
C TYR C 157 -64.48 27.24 4.45
N ASN C 158 -64.16 27.96 3.39
CA ASN C 158 -64.96 27.99 2.18
C ASN C 158 -64.27 27.17 1.10
N ASN C 159 -65.00 26.22 0.53
CA ASN C 159 -64.51 25.30 -0.49
C ASN C 159 -63.08 24.86 -0.21
N ALA C 160 -62.89 24.27 0.98
CA ALA C 160 -61.59 23.80 1.42
C ALA C 160 -61.20 22.47 0.80
N HIS C 161 -62.14 21.74 0.22
CA HIS C 161 -61.89 20.46 -0.43
C HIS C 161 -62.10 20.60 -1.93
N VAL C 162 -61.20 20.02 -2.71
CA VAL C 162 -61.29 20.06 -4.16
C VAL C 162 -61.61 18.64 -4.63
N TYR C 163 -62.75 18.49 -5.31
CA TYR C 163 -63.22 17.19 -5.75
C TYR C 163 -63.04 17.06 -7.26
N ALA C 164 -63.56 15.95 -7.80
CA ALA C 164 -63.54 15.75 -9.23
C ALA C 164 -64.72 16.44 -9.91
N ARG C 165 -65.83 16.59 -9.21
CA ARG C 165 -67.00 17.29 -9.72
C ARG C 165 -66.77 18.77 -9.81
N ASP C 166 -65.56 19.22 -9.56
CA ASP C 166 -65.17 20.61 -9.75
C ASP C 166 -64.53 20.88 -11.09
N LEU C 167 -64.35 19.85 -11.91
CA LEU C 167 -63.83 20.02 -13.26
C LEU C 167 -64.99 20.26 -14.21
N LYS C 168 -64.93 21.35 -14.96
CA LYS C 168 -66.03 21.79 -15.81
C LYS C 168 -65.69 21.54 -17.27
N PHE C 169 -66.70 21.12 -18.02
CA PHE C 169 -66.55 20.91 -19.45
C PHE C 169 -66.67 22.22 -20.19
N GLU C 170 -65.71 22.49 -21.08
CA GLU C 170 -65.69 23.70 -21.90
C GLU C 170 -65.76 23.30 -23.37
N PRO C 171 -66.96 23.19 -23.95
CA PRO C 171 -67.06 22.79 -25.35
C PRO C 171 -66.39 23.80 -26.26
N GLN C 172 -65.80 23.30 -27.34
CA GLN C 172 -65.12 24.14 -28.31
C GLN C 172 -65.52 23.72 -29.71
N GLY C 173 -65.74 24.71 -30.58
CA GLY C 173 -66.05 24.41 -31.97
C GLY C 173 -67.35 23.68 -32.12
N ARG C 174 -67.32 22.57 -32.86
CA ARG C 174 -68.51 21.77 -33.09
C ARG C 174 -69.03 21.07 -31.84
N GLN C 175 -68.24 21.04 -30.76
CA GLN C 175 -68.64 20.31 -29.57
C GLN C 175 -69.85 20.89 -28.87
N SER C 176 -70.27 22.11 -29.23
CA SER C 176 -71.46 22.68 -28.62
C SER C 176 -72.72 21.89 -28.97
N THR C 177 -72.74 21.26 -30.14
CA THR C 177 -73.90 20.49 -30.60
C THR C 177 -73.74 18.99 -30.35
N THR C 178 -72.61 18.41 -30.74
CA THR C 178 -72.45 16.96 -30.63
C THR C 178 -72.52 16.49 -29.19
N PHE C 179 -71.90 17.23 -28.27
CA PHE C 179 -71.89 16.87 -26.87
C PHE C 179 -73.04 17.50 -26.08
N ALA C 180 -74.01 18.11 -26.76
CA ALA C 180 -75.07 18.82 -26.05
C ALA C 180 -75.93 17.88 -25.22
N ASP C 181 -76.20 16.68 -25.74
CA ASP C 181 -76.99 15.70 -25.02
C ASP C 181 -76.14 14.72 -24.22
N CYS C 182 -74.84 14.92 -24.17
CA CYS C 182 -73.95 14.11 -23.33
C CYS C 182 -72.73 14.93 -22.96
N PRO C 183 -72.86 15.81 -21.95
CA PRO C 183 -71.68 16.53 -21.45
C PRO C 183 -70.75 15.60 -20.69
N VAL C 184 -69.45 15.83 -20.84
CA VAL C 184 -68.45 15.01 -20.16
C VAL C 184 -68.46 15.33 -18.67
N VAL C 185 -68.16 14.31 -17.87
CA VAL C 185 -68.24 14.43 -16.42
C VAL C 185 -67.41 13.29 -15.83
N PRO C 186 -66.71 13.49 -14.72
CA PRO C 186 -66.01 12.37 -14.08
C PRO C 186 -66.98 11.26 -13.70
N ALA C 187 -66.54 10.02 -13.89
CA ALA C 187 -67.35 8.87 -13.52
C ALA C 187 -67.42 8.69 -12.02
N ASP C 188 -66.45 9.23 -11.28
CA ASP C 188 -66.44 9.18 -9.82
C ASP C 188 -66.26 10.60 -9.32
N PRO C 189 -67.36 11.33 -9.10
CA PRO C 189 -67.26 12.76 -8.80
C PRO C 189 -66.82 13.09 -7.38
N ASP C 190 -66.61 12.11 -6.51
CA ASP C 190 -66.23 12.38 -5.13
C ASP C 190 -64.73 12.18 -4.90
N ILE C 191 -63.94 12.01 -5.95
CA ILE C 191 -62.50 11.83 -5.81
C ILE C 191 -61.89 13.11 -5.26
N LEU C 192 -61.24 13.01 -4.10
CA LEU C 192 -60.52 14.14 -3.55
C LEU C 192 -59.30 14.46 -4.41
N LEU C 193 -59.30 15.64 -5.02
CA LEU C 193 -58.20 16.02 -5.89
C LEU C 193 -57.11 16.78 -5.14
N ALA C 194 -57.48 17.57 -4.15
CA ALA C 194 -56.52 18.36 -3.39
C ALA C 194 -57.22 18.90 -2.16
N LYS C 195 -56.42 19.41 -1.22
CA LYS C 195 -56.92 20.11 -0.05
C LYS C 195 -56.18 21.44 0.06
N LEU C 196 -56.85 22.46 0.54
CA LEU C 196 -56.24 23.78 0.58
C LEU C 196 -56.85 24.61 1.70
N ARG C 197 -56.08 25.57 2.17
CA ARG C 197 -56.42 26.48 3.26
C ARG C 197 -56.71 27.87 2.72
N PRO C 198 -57.27 28.76 3.54
CA PRO C 198 -57.61 30.10 3.03
C PRO C 198 -56.40 30.86 2.51
N GLY C 199 -56.65 31.64 1.47
CA GLY C 199 -55.59 32.36 0.78
C GLY C 199 -54.92 31.58 -0.33
N GLN C 200 -55.36 30.36 -0.59
CA GLN C 200 -54.74 29.49 -1.58
C GLN C 200 -55.72 29.20 -2.71
N GLU C 201 -55.20 29.22 -3.94
CA GLU C 201 -56.04 29.09 -5.13
C GLU C 201 -55.41 28.12 -6.11
N ILE C 202 -56.25 27.40 -6.83
CA ILE C 202 -55.84 26.55 -7.94
C ILE C 202 -56.61 26.96 -9.18
N SER C 203 -55.93 27.05 -10.31
CA SER C 203 -56.57 27.41 -11.58
C SER C 203 -55.81 26.75 -12.71
N LEU C 204 -56.50 25.94 -13.51
CA LEU C 204 -55.82 25.17 -14.54
C LEU C 204 -56.79 24.81 -15.65
N LYS C 205 -56.23 24.33 -16.75
CA LYS C 205 -56.97 23.76 -17.87
C LYS C 205 -56.34 22.44 -18.25
N ALA C 206 -57.16 21.42 -18.48
CA ALA C 206 -56.70 20.09 -18.85
C ALA C 206 -57.14 19.77 -20.27
N HIS C 207 -56.29 19.06 -21.00
CA HIS C 207 -56.55 18.66 -22.38
C HIS C 207 -56.63 17.13 -22.44
N CYS C 208 -57.84 16.60 -22.23
CA CYS C 208 -58.07 15.17 -22.30
C CYS C 208 -57.93 14.67 -23.74
N ILE C 209 -57.78 13.35 -23.89
CA ILE C 209 -57.31 12.77 -25.13
C ILE C 209 -57.60 11.28 -25.13
N LEU C 210 -57.59 10.66 -26.31
CA LEU C 210 -57.71 9.22 -26.45
C LEU C 210 -56.37 8.55 -26.15
N GLY C 211 -56.41 7.44 -25.42
CA GLY C 211 -55.18 6.76 -25.07
C GLY C 211 -55.36 5.29 -24.80
N ILE C 212 -54.23 4.59 -24.78
CA ILE C 212 -54.18 3.13 -24.64
C ILE C 212 -53.60 2.79 -23.28
N GLY C 213 -54.09 1.69 -22.70
CA GLY C 213 -53.63 1.30 -21.38
C GLY C 213 -52.27 0.66 -21.33
N GLY C 214 -51.71 0.28 -22.47
CA GLY C 214 -50.35 -0.22 -22.51
C GLY C 214 -49.29 0.84 -22.44
N ASP C 215 -49.68 2.10 -22.63
CA ASP C 215 -48.80 3.25 -22.51
C ASP C 215 -48.90 3.91 -21.15
N HIS C 216 -50.07 3.90 -20.53
CA HIS C 216 -50.23 4.40 -19.17
C HIS C 216 -51.47 3.76 -18.58
N ALA C 217 -51.37 3.37 -17.32
CA ALA C 217 -52.46 2.69 -16.64
C ALA C 217 -53.67 3.58 -16.41
N LYS C 218 -53.54 4.89 -16.63
CA LYS C 218 -54.69 5.79 -16.52
C LYS C 218 -55.66 5.62 -17.68
N PHE C 219 -55.20 5.09 -18.80
CA PHE C 219 -56.02 4.90 -19.99
C PHE C 219 -56.77 3.59 -20.01
N SER C 220 -56.57 2.71 -19.04
CA SER C 220 -57.17 1.39 -19.04
C SER C 220 -58.63 1.48 -18.60
N PRO C 221 -59.57 0.91 -19.35
CA PRO C 221 -60.99 1.09 -19.04
C PRO C 221 -61.56 0.16 -17.98
N VAL C 222 -60.82 -0.83 -17.52
CA VAL C 222 -61.32 -1.81 -16.57
C VAL C 222 -60.58 -1.64 -15.25
N SER C 223 -61.31 -1.64 -14.14
CA SER C 223 -60.65 -1.72 -12.84
C SER C 223 -59.87 -3.00 -12.73
N THR C 224 -60.54 -4.13 -12.98
CA THR C 224 -59.85 -5.36 -13.31
C THR C 224 -60.76 -6.20 -14.17
N ALA C 225 -60.15 -6.91 -15.13
CA ALA C 225 -60.84 -7.88 -15.97
C ALA C 225 -60.08 -9.19 -15.87
N SER C 226 -60.77 -10.25 -15.48
CA SER C 226 -60.08 -11.51 -15.18
C SER C 226 -61.06 -12.66 -15.31
N TYR C 227 -60.50 -13.87 -15.38
CA TYR C 227 -61.28 -15.09 -15.43
C TYR C 227 -60.76 -16.08 -14.41
N ARG C 228 -61.60 -17.04 -14.06
CA ARG C 228 -61.21 -18.15 -13.21
C ARG C 228 -61.81 -19.44 -13.74
N LEU C 229 -61.04 -20.52 -13.71
CA LEU C 229 -61.54 -21.80 -14.17
C LEU C 229 -62.59 -22.34 -13.21
N LEU C 230 -63.49 -23.15 -13.75
CA LEU C 230 -64.59 -23.66 -12.95
C LEU C 230 -64.10 -24.78 -12.02
N PRO C 231 -64.33 -24.66 -10.72
CA PRO C 231 -63.90 -25.72 -9.79
C PRO C 231 -64.78 -26.96 -9.89
N GLN C 232 -64.18 -28.10 -9.54
CA GLN C 232 -64.87 -29.38 -9.54
C GLN C 232 -64.48 -30.18 -8.30
N ILE C 233 -65.47 -30.80 -7.67
CA ILE C 233 -65.26 -31.65 -6.51
C ILE C 233 -65.92 -33.00 -6.80
N ASN C 234 -65.11 -34.05 -6.82
CA ASN C 234 -65.61 -35.42 -7.00
C ASN C 234 -65.67 -36.09 -5.63
N ILE C 235 -66.85 -36.56 -5.25
CA ILE C 235 -67.04 -37.26 -3.98
C ILE C 235 -67.27 -38.74 -4.28
N LEU C 236 -66.49 -39.59 -3.64
CA LEU C 236 -66.70 -41.02 -3.57
C LEU C 236 -66.62 -41.44 -2.12
N GLN C 237 -66.96 -42.69 -1.83
CA GLN C 237 -66.96 -43.20 -0.45
C GLN C 237 -67.80 -42.31 0.46
N PRO C 238 -69.14 -42.44 0.41
CA PRO C 238 -70.02 -41.56 1.20
C PRO C 238 -69.51 -41.25 2.60
N ILE C 239 -69.68 -39.99 3.02
CA ILE C 239 -69.03 -39.48 4.22
C ILE C 239 -70.10 -39.15 5.26
N LYS C 240 -71.17 -39.94 5.27
CA LYS C 240 -72.27 -39.72 6.20
C LYS C 240 -71.79 -39.78 7.64
N GLY C 241 -72.31 -38.90 8.48
CA GLY C 241 -72.06 -38.95 9.91
C GLY C 241 -71.62 -37.63 10.51
N GLU C 242 -70.89 -37.70 11.62
CA GLU C 242 -70.30 -36.51 12.22
C GLU C 242 -69.03 -36.06 11.51
N SER C 243 -68.47 -36.91 10.64
CA SER C 243 -67.41 -36.48 9.75
C SER C 243 -67.93 -35.66 8.58
N ALA C 244 -69.22 -35.79 8.26
CA ALA C 244 -69.78 -35.01 7.16
C ALA C 244 -69.76 -33.52 7.47
N ARG C 245 -70.08 -33.15 8.71
CA ARG C 245 -70.04 -31.74 9.09
C ARG C 245 -68.63 -31.19 9.03
N ARG C 246 -67.64 -31.99 9.44
CA ARG C 246 -66.26 -31.52 9.38
C ARG C 246 -65.77 -31.41 7.94
N PHE C 247 -66.19 -32.33 7.07
CA PHE C 247 -65.87 -32.18 5.65
C PHE C 247 -66.56 -30.97 5.05
N GLN C 248 -67.75 -30.63 5.53
CA GLN C 248 -68.46 -29.46 5.04
C GLN C 248 -67.77 -28.18 5.50
N LYS C 249 -67.21 -28.19 6.71
CA LYS C 249 -66.51 -27.03 7.25
C LYS C 249 -65.22 -26.71 6.52
N CYS C 250 -64.74 -27.59 5.65
CA CYS C 250 -63.49 -27.39 4.94
C CYS C 250 -63.65 -26.55 3.68
N PHE C 251 -64.85 -26.08 3.38
CA PHE C 251 -65.17 -25.34 2.18
C PHE C 251 -65.92 -24.07 2.55
N PRO C 252 -66.03 -23.11 1.63
CA PRO C 252 -66.86 -21.95 1.90
C PRO C 252 -68.29 -22.38 2.17
N PRO C 253 -69.04 -21.58 2.95
CA PRO C 253 -70.27 -22.10 3.58
C PRO C 253 -71.32 -22.67 2.64
N GLY C 254 -71.48 -22.10 1.45
CA GLY C 254 -72.55 -22.54 0.58
C GLY C 254 -72.15 -23.52 -0.50
N VAL C 255 -70.98 -24.14 -0.36
CA VAL C 255 -70.40 -24.93 -1.44
C VAL C 255 -70.94 -26.36 -1.44
N ILE C 256 -70.91 -27.03 -0.30
CA ILE C 256 -71.43 -28.39 -0.22
C ILE C 256 -72.47 -28.45 0.88
N GLY C 257 -73.40 -29.39 0.73
CA GLY C 257 -74.50 -29.50 1.66
C GLY C 257 -74.64 -30.88 2.24
N ILE C 258 -75.39 -30.99 3.34
CA ILE C 258 -75.59 -32.25 4.05
C ILE C 258 -77.06 -32.63 3.95
N ASP C 259 -77.33 -33.83 3.45
CA ASP C 259 -78.68 -34.35 3.45
C ASP C 259 -79.09 -34.68 4.88
N GLU C 260 -80.32 -34.27 5.25
CA GLU C 260 -80.77 -34.48 6.61
C GLU C 260 -81.03 -35.96 6.88
N GLY C 261 -82.01 -36.52 6.17
CA GLY C 261 -82.34 -37.93 6.38
C GLY C 261 -81.24 -38.87 5.97
N SER C 262 -80.64 -38.63 4.80
CA SER C 262 -79.60 -39.53 4.31
C SER C 262 -78.31 -39.43 5.11
N ASP C 263 -78.12 -38.34 5.87
CA ASP C 263 -76.96 -38.06 6.70
C ASP C 263 -75.68 -37.89 5.90
N GLU C 264 -75.73 -37.98 4.58
CA GLU C 264 -74.53 -37.95 3.74
C GLU C 264 -74.16 -36.50 3.42
N ALA C 265 -73.22 -36.33 2.50
CA ALA C 265 -72.82 -35.02 2.01
C ALA C 265 -72.68 -35.08 0.49
N TYR C 266 -72.89 -33.94 -0.15
CA TYR C 266 -72.87 -33.85 -1.61
C TYR C 266 -72.40 -32.47 -2.02
N VAL C 267 -72.03 -32.35 -3.29
CA VAL C 267 -71.54 -31.08 -3.84
C VAL C 267 -72.76 -30.21 -4.14
N LYS C 268 -73.08 -29.29 -3.22
CA LYS C 268 -74.25 -28.44 -3.39
C LYS C 268 -74.02 -27.41 -4.50
N ASP C 269 -72.89 -26.72 -4.47
CA ASP C 269 -72.66 -25.64 -5.44
C ASP C 269 -71.16 -25.40 -5.57
N ALA C 270 -70.61 -25.70 -6.75
CA ALA C 270 -69.32 -25.14 -7.12
C ALA C 270 -69.58 -23.68 -7.54
N ARG C 271 -68.57 -23.05 -8.13
CA ARG C 271 -68.62 -21.62 -8.44
C ARG C 271 -68.70 -20.80 -7.16
N LYS C 272 -68.67 -21.47 -6.01
CA LYS C 272 -68.54 -20.81 -4.73
C LYS C 272 -67.29 -21.25 -3.99
N ASP C 273 -66.51 -22.15 -4.57
CA ASP C 273 -65.33 -22.70 -3.91
C ASP C 273 -64.09 -21.99 -4.42
N THR C 274 -63.40 -21.31 -3.52
CA THR C 274 -62.04 -20.87 -3.75
C THR C 274 -61.10 -22.02 -3.41
N VAL C 275 -60.26 -22.42 -4.35
CA VAL C 275 -59.52 -23.67 -4.19
C VAL C 275 -58.36 -23.46 -3.23
N SER C 276 -58.62 -23.66 -1.95
CA SER C 276 -57.60 -23.61 -0.91
C SER C 276 -57.07 -24.98 -0.53
N ARG C 277 -57.64 -26.05 -1.10
CA ARG C 277 -57.30 -27.44 -0.81
C ARG C 277 -57.01 -27.65 0.68
N GLU C 278 -57.99 -27.26 1.50
CA GLU C 278 -57.90 -27.54 2.93
C GLU C 278 -58.22 -29.00 3.26
N VAL C 279 -59.11 -29.64 2.50
CA VAL C 279 -59.45 -31.03 2.74
C VAL C 279 -58.22 -31.92 2.70
N LEU C 280 -57.16 -31.47 2.04
CA LEU C 280 -55.94 -32.26 1.91
C LEU C 280 -55.04 -32.16 3.13
N ARG C 281 -55.44 -31.41 4.16
CA ARG C 281 -54.67 -31.29 5.38
C ARG C 281 -54.96 -32.39 6.40
N TYR C 282 -55.91 -33.28 6.12
CA TYR C 282 -56.48 -34.12 7.17
C TYR C 282 -56.34 -35.62 6.95
N GLU C 283 -56.05 -36.08 5.74
CA GLU C 283 -55.65 -37.47 5.48
C GLU C 283 -56.75 -38.48 5.80
N GLU C 284 -57.87 -38.02 6.34
CA GLU C 284 -59.02 -38.89 6.50
C GLU C 284 -59.97 -38.78 5.32
N PHE C 285 -59.93 -37.64 4.61
CA PHE C 285 -60.49 -37.50 3.28
C PHE C 285 -59.43 -37.69 2.21
N ALA C 286 -58.37 -38.43 2.51
CA ALA C 286 -57.27 -38.59 1.57
C ALA C 286 -57.72 -39.36 0.32
N ASP C 287 -58.59 -40.34 0.50
CA ASP C 287 -59.10 -41.16 -0.60
C ASP C 287 -60.61 -41.09 -0.71
N LYS C 288 -61.20 -39.97 -0.26
CA LYS C 288 -62.65 -39.77 -0.35
C LYS C 288 -63.00 -38.49 -1.11
N VAL C 289 -62.05 -37.92 -1.85
CA VAL C 289 -62.27 -36.67 -2.56
C VAL C 289 -61.14 -36.50 -3.58
N LYS C 290 -61.42 -35.76 -4.66
CA LYS C 290 -60.38 -35.47 -5.65
C LYS C 290 -60.73 -34.15 -6.32
N LEU C 291 -60.08 -33.08 -5.88
CA LEU C 291 -60.38 -31.74 -6.37
C LEU C 291 -59.85 -31.54 -7.78
N GLY C 292 -60.51 -30.65 -8.51
CA GLY C 292 -60.12 -30.37 -9.89
C GLY C 292 -60.71 -29.07 -10.36
N ARG C 293 -60.31 -28.67 -11.56
CA ARG C 293 -60.87 -27.52 -12.23
C ARG C 293 -60.99 -27.82 -13.72
N VAL C 294 -62.06 -27.35 -14.33
CA VAL C 294 -62.30 -27.63 -15.74
C VAL C 294 -61.45 -26.69 -16.59
N ARG C 295 -60.58 -27.25 -17.41
CA ARG C 295 -59.65 -26.48 -18.21
C ARG C 295 -60.31 -25.75 -19.37
N ASN C 296 -61.56 -26.07 -19.70
CA ASN C 296 -62.24 -25.50 -20.85
C ASN C 296 -63.30 -24.47 -20.47
N HIS C 297 -63.62 -24.34 -19.20
CA HIS C 297 -64.78 -23.58 -18.74
C HIS C 297 -64.27 -22.39 -17.93
N PHE C 298 -64.33 -21.20 -18.52
CA PHE C 298 -63.85 -19.98 -17.90
C PHE C 298 -65.00 -19.17 -17.34
N ILE C 299 -64.81 -18.61 -16.15
CA ILE C 299 -65.79 -17.75 -15.51
C ILE C 299 -65.22 -16.34 -15.50
N PHE C 300 -65.77 -15.47 -16.35
CA PHE C 300 -65.26 -14.12 -16.52
C PHE C 300 -65.93 -13.14 -15.58
N ASN C 301 -65.16 -12.20 -15.07
CA ASN C 301 -65.67 -11.07 -14.30
C ASN C 301 -65.04 -9.81 -14.86
N VAL C 302 -65.87 -8.80 -15.13
CA VAL C 302 -65.41 -7.55 -15.72
C VAL C 302 -66.01 -6.39 -14.93
N GLU C 303 -65.14 -5.52 -14.43
CA GLU C 303 -65.56 -4.30 -13.75
C GLU C 303 -65.07 -3.11 -14.56
N SER C 304 -65.99 -2.21 -14.90
CA SER C 304 -65.65 -1.06 -15.73
C SER C 304 -65.24 0.12 -14.87
N ALA C 305 -64.37 0.96 -15.43
CA ALA C 305 -63.97 2.18 -14.75
C ALA C 305 -65.07 3.22 -14.74
N GLY C 306 -65.90 3.26 -15.78
CA GLY C 306 -67.06 4.13 -15.79
C GLY C 306 -67.43 4.71 -17.14
N ALA C 307 -66.48 4.74 -18.06
CA ALA C 307 -66.76 5.32 -19.37
C ALA C 307 -67.67 4.42 -20.20
N MET C 308 -67.21 3.21 -20.50
CA MET C 308 -67.97 2.28 -21.33
C MET C 308 -68.82 1.37 -20.47
N THR C 309 -69.42 0.38 -21.08
CA THR C 309 -70.08 -0.73 -20.42
C THR C 309 -69.22 -1.98 -20.54
N PRO C 310 -69.32 -2.92 -19.60
CA PRO C 310 -68.43 -4.08 -19.63
C PRO C 310 -68.64 -4.98 -20.84
N GLU C 311 -69.89 -5.17 -21.27
CA GLU C 311 -70.14 -6.01 -22.44
C GLU C 311 -69.60 -5.35 -23.70
N GLU C 312 -69.69 -4.03 -23.80
CA GLU C 312 -69.07 -3.32 -24.90
C GLU C 312 -67.56 -3.47 -24.86
N ILE C 313 -66.97 -3.43 -23.66
CA ILE C 313 -65.52 -3.62 -23.52
C ILE C 313 -65.12 -5.01 -24.01
N PHE C 314 -65.86 -6.04 -23.59
CA PHE C 314 -65.53 -7.40 -24.00
C PHE C 314 -65.66 -7.56 -25.51
N PHE C 315 -66.75 -7.04 -26.09
CA PHE C 315 -66.91 -7.14 -27.53
C PHE C 315 -65.80 -6.39 -28.27
N LYS C 316 -65.39 -5.24 -27.74
CA LYS C 316 -64.30 -4.50 -28.36
C LYS C 316 -63.01 -5.31 -28.32
N SER C 317 -62.78 -6.04 -27.23
CA SER C 317 -61.61 -6.90 -27.17
C SER C 317 -61.65 -7.97 -28.24
N VAL C 318 -62.80 -8.63 -28.40
CA VAL C 318 -62.90 -9.69 -29.41
C VAL C 318 -62.68 -9.12 -30.81
N ARG C 319 -63.34 -7.98 -31.10
CA ARG C 319 -63.21 -7.38 -32.41
C ARG C 319 -61.80 -6.86 -32.65
N ILE C 320 -61.10 -6.41 -31.61
CA ILE C 320 -59.71 -5.98 -31.75
C ILE C 320 -58.82 -7.15 -32.11
N LEU C 321 -59.01 -8.29 -31.45
CA LEU C 321 -58.24 -9.48 -31.81
C LEU C 321 -58.50 -9.88 -33.26
N LYS C 322 -59.77 -9.88 -33.66
CA LYS C 322 -60.10 -10.22 -35.04
C LYS C 322 -59.50 -9.22 -36.02
N ASN C 323 -59.50 -7.94 -35.67
CA ASN C 323 -59.01 -6.92 -36.57
C ASN C 323 -57.50 -7.01 -36.76
N LYS C 324 -56.76 -7.32 -35.69
CA LYS C 324 -55.32 -7.47 -35.87
C LYS C 324 -55.00 -8.74 -36.65
N ALA C 325 -55.77 -9.81 -36.44
CA ALA C 325 -55.60 -11.00 -37.29
C ALA C 325 -55.85 -10.67 -38.76
N GLU C 326 -56.91 -9.91 -39.03
CA GLU C 326 -57.25 -9.54 -40.40
C GLU C 326 -56.20 -8.64 -41.03
N TYR C 327 -55.72 -7.64 -40.27
CA TYR C 327 -54.69 -6.74 -40.80
C TYR C 327 -53.41 -7.49 -41.11
N LEU C 328 -53.00 -8.40 -40.22
CA LEU C 328 -51.82 -9.20 -40.49
C LEU C 328 -52.02 -10.09 -41.70
N LYS C 329 -53.22 -10.66 -41.86
CA LYS C 329 -53.49 -11.47 -43.04
C LYS C 329 -53.37 -10.65 -44.32
N ASN C 330 -53.87 -9.43 -44.29
CA ASN C 330 -53.86 -8.59 -45.49
C ASN C 330 -52.52 -7.94 -45.78
N CYS C 331 -51.61 -7.86 -44.81
CA CYS C 331 -50.29 -7.29 -45.07
C CYS C 331 -49.51 -8.19 -46.04
N PRO C 332 -48.69 -7.60 -46.92
CA PRO C 332 -47.82 -8.41 -47.77
C PRO C 332 -46.59 -8.88 -47.01
N ILE C 333 -46.17 -10.11 -47.29
CA ILE C 333 -45.04 -10.71 -46.59
C ILE C 333 -43.76 -10.27 -47.31
N THR C 334 -43.11 -9.25 -46.76
CA THR C 334 -41.86 -8.77 -47.31
C THR C 334 -40.73 -9.74 -46.99
N GLN C 335 -39.93 -10.10 -47.99
CA GLN C 335 -38.84 -11.03 -47.77
C GLN C 335 -37.71 -10.39 -46.96
N MET D 1 21.35 6.37 -42.43
CA MET D 1 21.55 7.76 -42.79
C MET D 1 23.04 8.00 -43.09
N LYS D 2 23.86 7.04 -42.68
CA LYS D 2 25.30 7.16 -42.89
C LYS D 2 25.64 7.09 -44.37
N VAL D 3 26.55 7.97 -44.80
CA VAL D 3 27.08 7.90 -46.15
C VAL D 3 28.20 6.88 -46.16
N LEU D 4 28.04 5.83 -46.97
CA LEU D 4 29.02 4.76 -46.98
C LEU D 4 30.25 5.14 -47.80
N GLU D 5 30.06 5.35 -49.10
CA GLU D 5 31.14 5.63 -50.02
C GLU D 5 31.00 7.04 -50.55
N GLU D 6 32.07 7.83 -50.45
CA GLU D 6 31.99 9.22 -50.87
C GLU D 6 31.76 9.33 -52.37
N ARG D 7 32.43 8.50 -53.16
CA ARG D 7 32.38 8.64 -54.60
C ARG D 7 32.59 7.28 -55.25
N ASN D 8 31.63 6.87 -56.06
CA ASN D 8 31.75 5.70 -56.92
C ASN D 8 32.30 6.13 -58.27
N ALA D 9 32.21 5.27 -59.28
CA ALA D 9 32.73 5.61 -60.61
C ALA D 9 32.13 6.93 -61.10
N PHE D 10 32.97 7.74 -61.74
CA PHE D 10 32.61 9.10 -62.13
C PHE D 10 31.49 9.09 -63.17
N LEU D 11 30.30 9.51 -62.76
CA LEU D 11 29.12 9.52 -63.63
C LEU D 11 29.26 10.69 -64.60
N SER D 12 30.02 10.44 -65.67
CA SER D 12 30.35 11.47 -66.65
C SER D 12 29.09 12.02 -67.30
N ASP D 13 29.25 13.18 -67.95
CA ASP D 13 28.09 13.86 -68.52
C ASP D 13 27.68 13.24 -69.84
N TYR D 14 27.52 11.91 -69.85
CA TYR D 14 26.92 11.20 -70.97
C TYR D 14 25.68 10.44 -70.53
N GLU D 15 25.77 9.69 -69.43
CA GLU D 15 24.62 8.99 -68.89
C GLU D 15 23.73 9.90 -68.06
N VAL D 16 24.28 10.99 -67.52
CA VAL D 16 23.47 11.95 -66.78
C VAL D 16 22.45 12.64 -67.67
N LEU D 17 22.55 12.47 -68.99
CA LEU D 17 21.49 12.91 -69.89
C LEU D 17 20.54 11.77 -70.25
N LYS D 18 21.07 10.59 -70.53
CA LYS D 18 20.21 9.47 -70.92
C LYS D 18 19.26 9.09 -69.79
N PHE D 19 19.75 9.02 -68.56
CA PHE D 19 18.88 8.63 -67.45
C PHE D 19 17.77 9.64 -67.24
N LEU D 20 18.10 10.94 -67.30
CA LEU D 20 17.07 11.95 -67.10
C LEU D 20 16.08 11.99 -68.24
N THR D 21 16.56 11.82 -69.48
CA THR D 21 15.67 11.77 -70.63
C THR D 21 14.73 10.58 -70.53
N ASP D 22 15.24 9.42 -70.10
CA ASP D 22 14.38 8.25 -69.92
C ASP D 22 13.37 8.46 -68.80
N LEU D 23 13.79 9.12 -67.72
CA LEU D 23 12.85 9.43 -66.65
C LEU D 23 11.71 10.33 -67.15
N GLU D 24 12.06 11.34 -67.96
CA GLU D 24 11.03 12.21 -68.51
C GLU D 24 10.15 11.48 -69.51
N LYS D 25 10.73 10.55 -70.27
CA LYS D 25 9.95 9.74 -71.19
C LYS D 25 8.96 8.86 -70.44
N LYS D 26 9.38 8.32 -69.29
CA LYS D 26 8.51 7.45 -68.51
C LYS D 26 7.40 8.24 -67.83
N HIS D 27 7.73 9.38 -67.23
CA HIS D 27 6.70 10.21 -66.63
C HIS D 27 6.95 11.68 -66.91
N LEU D 28 5.88 12.38 -67.26
CA LEU D 28 5.88 13.83 -67.46
C LEU D 28 6.81 14.23 -68.61
N TRP D 29 6.54 13.68 -69.78
CA TRP D 29 7.16 14.13 -71.01
C TRP D 29 6.39 15.34 -71.53
N ASP D 30 7.08 16.48 -71.62
CA ASP D 30 6.44 17.72 -72.03
C ASP D 30 6.60 18.01 -73.52
N GLN D 31 7.21 17.09 -74.27
CA GLN D 31 7.39 17.32 -75.70
C GLN D 31 6.08 17.15 -76.47
N LYS D 32 5.16 16.33 -75.95
CA LYS D 32 3.85 16.18 -76.57
C LYS D 32 2.68 16.41 -75.62
N SER D 33 2.89 16.39 -74.30
CA SER D 33 1.81 16.66 -73.38
C SER D 33 1.39 18.13 -73.37
N LEU D 34 2.19 19.01 -73.97
CA LEU D 34 1.80 20.42 -74.10
C LEU D 34 0.67 20.62 -75.10
N ALA D 35 0.28 19.57 -75.83
CA ALA D 35 -0.84 19.64 -76.76
C ALA D 35 -2.20 19.45 -76.07
N ALA D 36 -2.27 19.64 -74.76
CA ALA D 36 -3.53 19.54 -74.02
C ALA D 36 -4.03 18.10 -73.91
N LEU D 37 -3.11 17.16 -73.71
CA LEU D 37 -3.48 15.78 -73.48
C LEU D 37 -4.23 15.65 -72.16
N LYS D 38 -5.30 14.84 -72.17
CA LYS D 38 -6.17 14.68 -71.02
C LYS D 38 -6.42 13.21 -70.73
N LYS D 39 -5.34 12.42 -70.70
CA LYS D 39 -5.46 10.99 -70.45
C LYS D 39 -5.81 10.77 -68.97
N SER D 40 -6.86 10.00 -68.73
CA SER D 40 -7.35 9.73 -67.39
C SER D 40 -6.82 8.37 -66.94
N ARG D 41 -6.07 8.37 -65.84
CA ARG D 41 -5.52 7.15 -65.27
C ARG D 41 -5.77 7.13 -63.77
N SER D 42 -6.34 6.03 -63.28
CA SER D 42 -6.70 5.84 -61.87
C SER D 42 -7.96 6.58 -61.48
N LYS D 43 -8.66 7.20 -62.44
CA LYS D 43 -9.93 7.88 -62.28
C LYS D 43 -9.86 9.22 -61.54
N GLY D 44 -8.66 9.78 -61.33
CA GLY D 44 -8.57 11.04 -60.62
C GLY D 44 -8.37 12.27 -61.47
N LYS D 45 -8.20 12.10 -62.78
CA LYS D 45 -7.88 13.16 -63.73
C LYS D 45 -6.40 13.56 -63.68
N GLN D 46 -5.60 12.98 -62.79
CA GLN D 46 -4.18 13.30 -62.73
C GLN D 46 -3.46 12.75 -63.95
N ASN D 47 -3.76 11.51 -64.34
CA ASN D 47 -3.29 10.88 -65.57
C ASN D 47 -1.78 10.78 -65.69
N ARG D 48 -1.04 10.96 -64.60
CA ARG D 48 0.40 10.88 -64.63
C ARG D 48 0.93 10.25 -63.35
N PRO D 49 1.93 9.37 -63.45
CA PRO D 49 2.66 8.94 -62.26
C PRO D 49 3.71 9.96 -61.86
N TYR D 50 3.92 10.07 -60.55
CA TYR D 50 4.97 10.90 -59.98
C TYR D 50 4.82 12.36 -60.40
N ASN D 51 3.73 12.95 -59.89
CA ASN D 51 3.47 14.38 -60.02
C ASN D 51 4.52 15.20 -59.27
N HIS D 52 5.50 14.53 -58.68
CA HIS D 52 6.54 15.12 -57.84
C HIS D 52 7.10 16.39 -58.44
N PRO D 53 6.90 17.54 -57.79
CA PRO D 53 7.32 18.81 -58.39
C PRO D 53 8.82 19.03 -58.36
N GLU D 54 9.48 18.72 -57.24
CA GLU D 54 10.89 19.06 -57.07
C GLU D 54 11.76 18.30 -58.06
N LEU D 55 11.56 16.99 -58.18
CA LEU D 55 12.37 16.20 -59.09
C LEU D 55 12.14 16.64 -60.53
N GLN D 56 10.89 16.92 -60.89
CA GLN D 56 10.61 17.35 -62.25
C GLN D 56 11.32 18.66 -62.60
N GLY D 57 11.29 19.62 -61.68
CA GLY D 57 11.97 20.89 -61.94
C GLY D 57 13.45 20.71 -62.15
N ILE D 58 14.10 19.98 -61.23
CA ILE D 58 15.55 19.84 -61.34
C ILE D 58 15.92 19.04 -62.58
N THR D 59 15.15 18.00 -62.91
CA THR D 59 15.48 17.22 -64.10
C THR D 59 15.26 18.04 -65.37
N ARG D 60 14.26 18.92 -65.37
CA ARG D 60 14.08 19.80 -66.51
C ARG D 60 15.24 20.78 -66.64
N ASN D 61 15.73 21.32 -65.52
CA ASN D 61 16.87 22.22 -65.60
C ASN D 61 18.13 21.51 -66.07
N VAL D 62 18.39 20.29 -65.60
CA VAL D 62 19.57 19.57 -66.08
C VAL D 62 19.43 19.24 -67.56
N VAL D 63 18.26 18.77 -67.99
CA VAL D 63 18.10 18.41 -69.40
C VAL D 63 18.17 19.67 -70.28
N ASN D 64 17.67 20.79 -69.78
CA ASN D 64 17.76 22.05 -70.51
C ASN D 64 19.21 22.51 -70.62
N TYR D 65 19.96 22.41 -69.53
CA TYR D 65 21.37 22.82 -69.55
C TYR D 65 22.17 21.96 -70.51
N LEU D 66 21.93 20.65 -70.52
CA LEU D 66 22.67 19.77 -71.41
C LEU D 66 22.11 19.76 -72.82
N SER D 67 20.94 20.36 -73.03
CA SER D 67 20.41 20.55 -74.38
C SER D 67 20.89 21.87 -74.99
N ILE D 68 21.14 22.88 -74.16
CA ILE D 68 21.71 24.12 -74.66
C ILE D 68 23.11 23.81 -75.20
N ASN D 69 23.53 24.60 -76.18
CA ASN D 69 24.77 24.30 -76.89
C ASN D 69 25.95 24.25 -75.93
N LYS D 70 26.73 23.17 -76.00
CA LYS D 70 27.95 23.11 -75.22
C LYS D 70 28.87 24.25 -75.60
N ASN D 71 29.30 25.00 -74.61
CA ASN D 71 29.71 26.38 -74.83
C ASN D 71 31.20 26.50 -75.11
N PHE D 72 31.67 25.67 -76.04
CA PHE D 72 32.94 25.90 -76.71
C PHE D 72 32.77 26.80 -77.91
N ILE D 73 31.53 27.01 -78.35
CA ILE D 73 31.19 27.85 -79.48
C ILE D 73 30.02 28.74 -79.08
N ASN D 74 29.84 29.81 -79.83
CA ASN D 74 28.72 30.70 -79.63
C ASN D 74 27.60 30.36 -80.62
N GLU D 91 22.27 24.02 -83.36
CA GLU D 91 22.49 24.76 -82.13
C GLU D 91 22.34 23.86 -80.91
N LYS D 92 22.57 22.56 -81.10
CA LYS D 92 22.53 21.61 -80.02
C LYS D 92 23.83 21.62 -79.23
N SER D 93 23.91 20.75 -78.22
CA SER D 93 25.09 20.71 -77.37
C SER D 93 26.21 19.88 -77.96
N GLY D 94 25.89 18.81 -78.68
CA GLY D 94 26.87 17.82 -79.06
C GLY D 94 26.99 16.68 -78.09
N ILE D 95 26.25 16.70 -76.99
CA ILE D 95 26.12 15.54 -76.12
C ILE D 95 24.66 15.15 -75.91
N SER D 96 23.71 16.06 -76.09
CA SER D 96 22.31 15.73 -75.91
C SER D 96 21.83 14.71 -76.93
N LYS D 97 22.33 14.80 -78.16
CA LYS D 97 21.95 13.90 -79.23
C LYS D 97 23.08 12.92 -79.56
N MET D 98 23.85 12.53 -78.54
CA MET D 98 25.00 11.67 -78.76
C MET D 98 24.58 10.21 -78.86
N SER D 99 24.93 9.58 -79.98
CA SER D 99 24.62 8.17 -80.17
C SER D 99 25.44 7.33 -79.21
N ASP D 100 24.81 6.26 -78.69
CA ASP D 100 25.46 5.44 -77.68
C ASP D 100 26.72 4.77 -78.24
N GLU D 101 26.64 4.28 -79.47
CA GLU D 101 27.81 3.67 -80.09
C GLU D 101 28.95 4.67 -80.26
N SER D 102 28.62 5.96 -80.42
CA SER D 102 29.68 6.96 -80.59
C SER D 102 30.53 7.07 -79.34
N PHE D 103 29.91 7.05 -78.16
CA PHE D 103 30.66 7.14 -76.92
C PHE D 103 31.58 5.95 -76.72
N ALA D 104 31.18 4.78 -77.23
CA ALA D 104 31.98 3.58 -77.06
C ALA D 104 32.98 3.37 -78.19
N GLU D 105 32.86 4.08 -79.30
CA GLU D 105 33.76 3.89 -80.44
C GLU D 105 34.67 5.06 -80.73
N LEU D 106 34.42 6.25 -80.16
CA LEU D 106 35.37 7.35 -80.22
C LEU D 106 36.37 7.29 -79.07
N MET D 107 36.22 6.31 -78.18
CA MET D 107 37.17 6.05 -77.11
C MET D 107 38.56 5.67 -77.60
N THR D 108 38.66 5.15 -78.84
CA THR D 108 39.92 4.60 -79.32
C THR D 108 41.01 5.68 -79.39
N LYS D 109 40.69 6.81 -80.03
CA LYS D 109 41.68 7.87 -80.17
C LYS D 109 42.02 8.50 -78.82
N LEU D 110 41.02 8.69 -77.96
CA LEU D 110 41.28 9.25 -76.64
C LEU D 110 42.25 8.35 -75.86
N ASN D 111 42.05 7.05 -75.92
CA ASN D 111 42.93 6.12 -75.22
C ASN D 111 44.30 6.05 -75.86
N SER D 112 44.37 6.13 -77.19
CA SER D 112 45.66 6.08 -77.87
C SER D 112 46.51 7.30 -77.55
N PHE D 113 45.90 8.49 -77.53
CA PHE D 113 46.61 9.66 -77.05
C PHE D 113 46.69 9.60 -75.54
N LYS D 114 47.76 9.02 -75.01
CA LYS D 114 47.85 8.78 -73.58
C LYS D 114 48.07 10.09 -72.84
N LEU D 115 46.97 10.70 -72.38
CA LEU D 115 47.08 11.92 -71.59
C LEU D 115 47.64 11.65 -70.21
N PHE D 116 47.53 10.41 -69.72
CA PHE D 116 47.98 10.01 -68.39
C PHE D 116 47.15 10.67 -67.28
N LYS D 117 45.84 10.69 -67.46
CA LYS D 117 44.93 11.23 -66.45
C LYS D 117 43.61 10.47 -66.55
N ALA D 118 42.58 11.00 -65.89
CA ALA D 118 41.20 10.55 -66.05
C ALA D 118 40.31 11.67 -66.59
N GLU D 119 40.85 12.50 -67.48
CA GLU D 119 40.13 13.61 -68.07
C GLU D 119 39.38 13.23 -69.34
N LYS D 120 39.15 11.93 -69.56
CA LYS D 120 38.36 11.51 -70.71
C LYS D 120 36.96 12.10 -70.67
N LEU D 121 36.41 12.24 -69.46
CA LEU D 121 35.08 12.84 -69.32
C LEU D 121 35.11 14.34 -69.58
N GLN D 122 36.27 14.99 -69.39
CA GLN D 122 36.32 16.44 -69.53
C GLN D 122 36.17 16.86 -70.98
N ILE D 123 36.70 16.07 -71.91
CA ILE D 123 36.71 16.46 -73.31
C ILE D 123 35.43 16.07 -74.04
N VAL D 124 34.79 14.96 -73.65
CA VAL D 124 33.64 14.45 -74.38
C VAL D 124 32.47 15.41 -74.41
N ASN D 125 32.51 16.49 -73.63
CA ASN D 125 31.42 17.43 -73.58
C ASN D 125 31.85 18.89 -73.65
N GLN D 126 33.08 19.24 -73.32
CA GLN D 126 33.46 20.63 -73.17
C GLN D 126 34.75 20.96 -73.92
N LEU D 127 34.68 22.05 -74.68
CA LEU D 127 35.84 22.65 -75.34
C LEU D 127 36.58 21.79 -76.37
N PRO D 128 35.87 21.09 -77.28
CA PRO D 128 36.50 20.73 -78.55
C PRO D 128 36.69 21.94 -79.46
N ALA D 129 37.21 21.69 -80.66
CA ALA D 129 37.15 22.61 -81.80
C ALA D 129 37.87 23.93 -81.55
N ASN D 130 38.80 23.98 -80.61
CA ASN D 130 39.61 25.19 -80.40
C ASN D 130 41.00 24.77 -79.94
N MET D 131 41.95 25.67 -80.18
CA MET D 131 43.32 25.47 -79.71
C MET D 131 43.50 25.95 -78.28
N VAL D 132 43.02 27.15 -77.99
CA VAL D 132 43.13 27.69 -76.63
C VAL D 132 42.28 26.88 -75.68
N HIS D 133 41.12 26.43 -76.14
CA HIS D 133 40.25 25.59 -75.32
C HIS D 133 40.92 24.26 -75.00
N LEU D 134 41.50 23.62 -76.02
CA LEU D 134 42.22 22.37 -75.77
C LEU D 134 43.45 22.61 -74.90
N TYR D 135 44.11 23.76 -75.07
CA TYR D 135 45.27 24.07 -74.26
C TYR D 135 44.90 24.24 -72.79
N SER D 136 43.79 24.93 -72.51
CA SER D 136 43.35 25.14 -71.14
C SER D 136 42.58 23.96 -70.58
N ILE D 137 42.26 22.96 -71.41
CA ILE D 137 41.62 21.75 -70.90
C ILE D 137 42.51 21.08 -69.85
N VAL D 138 43.82 21.05 -70.08
CA VAL D 138 44.76 20.43 -69.17
C VAL D 138 45.95 21.35 -68.95
N GLU D 139 46.70 21.07 -67.89
CA GLU D 139 47.84 21.90 -67.54
C GLU D 139 49.01 21.64 -68.49
N GLU D 140 49.80 22.70 -68.73
CA GLU D 140 50.98 22.67 -69.59
C GLU D 140 50.76 21.87 -70.87
N CYS D 141 49.54 21.94 -71.42
CA CYS D 141 49.18 21.09 -72.55
C CYS D 141 50.16 21.24 -73.71
N ASP D 142 50.70 22.44 -73.90
CA ASP D 142 51.74 22.62 -74.90
C ASP D 142 53.01 21.83 -74.54
N ALA D 143 53.41 21.89 -73.27
CA ALA D 143 54.67 21.27 -72.87
C ALA D 143 54.61 19.74 -72.97
N ARG D 144 53.49 19.15 -72.57
CA ARG D 144 53.38 17.69 -72.59
C ARG D 144 53.43 17.14 -74.02
N PHE D 145 52.77 17.82 -74.95
CA PHE D 145 52.69 17.38 -76.34
C PHE D 145 52.25 18.53 -77.23
N ASP D 146 53.03 18.81 -78.29
CA ASP D 146 52.66 19.90 -79.21
C ASP D 146 52.95 19.56 -80.67
N GLU D 147 53.19 18.30 -80.99
CA GLU D 147 53.70 17.92 -82.31
C GLU D 147 52.60 17.48 -83.27
N LYS D 148 51.86 16.43 -82.91
CA LYS D 148 50.80 15.91 -83.77
C LYS D 148 49.51 15.62 -83.02
N THR D 149 49.55 15.40 -81.71
CA THR D 149 48.40 14.97 -80.94
C THR D 149 47.67 16.13 -80.26
N ILE D 150 47.59 17.28 -80.92
CA ILE D 150 46.62 18.32 -80.60
C ILE D 150 45.57 18.45 -81.70
N GLU D 151 46.01 18.58 -82.96
CA GLU D 151 45.08 18.63 -84.07
C GLU D 151 44.33 17.31 -84.24
N GLU D 152 44.98 16.19 -83.93
CA GLU D 152 44.30 14.90 -84.02
C GLU D 152 43.13 14.81 -83.05
N MET D 153 43.36 15.20 -81.80
CA MET D 153 42.26 15.21 -80.83
C MET D 153 41.19 16.21 -81.25
N LEU D 154 41.58 17.38 -81.73
CA LEU D 154 40.58 18.36 -82.16
C LEU D 154 39.71 17.78 -83.27
N GLU D 155 40.32 17.18 -84.29
CA GLU D 155 39.58 16.68 -85.43
C GLU D 155 38.78 15.42 -85.10
N ILE D 156 39.18 14.67 -84.07
CA ILE D 156 38.39 13.51 -83.66
C ILE D 156 37.20 13.93 -82.80
N ILE D 157 37.47 14.60 -81.67
CA ILE D 157 36.40 14.94 -80.74
C ILE D 157 35.48 16.02 -81.30
N SER D 158 35.94 16.79 -82.30
CA SER D 158 35.08 17.76 -82.96
C SER D 158 34.39 17.19 -84.18
N GLY D 159 34.75 15.98 -84.61
CA GLY D 159 34.14 15.40 -85.79
C GLY D 159 32.73 14.91 -85.57
N TYR D 160 32.32 14.74 -84.30
CA TYR D 160 30.97 14.30 -84.02
C TYR D 160 29.94 15.31 -84.49
N ALA D 161 30.17 16.59 -84.23
CA ALA D 161 29.24 17.63 -84.64
C ALA D 161 29.85 18.53 -85.73
N MET E 1 31.27 -40.58 33.13
CA MET E 1 30.29 -41.63 33.38
C MET E 1 30.43 -42.75 32.36
N ASP E 2 29.95 -43.95 32.72
CA ASP E 2 30.09 -45.10 31.82
C ASP E 2 29.17 -44.97 30.61
N GLN E 3 27.91 -44.60 30.84
CA GLN E 3 27.00 -44.40 29.71
C GLN E 3 27.36 -43.16 28.92
N GLU E 4 27.92 -42.14 29.58
CA GLU E 4 28.41 -40.99 28.83
C GLU E 4 29.58 -41.38 27.93
N ASN E 5 30.48 -42.22 28.43
CA ASN E 5 31.57 -42.72 27.61
C ASN E 5 31.04 -43.54 26.44
N GLU E 6 30.04 -44.39 26.69
CA GLU E 6 29.44 -45.18 25.62
C GLU E 6 28.81 -44.28 24.57
N ARG E 7 28.11 -43.24 24.99
CA ARG E 7 27.49 -42.31 24.04
C ARG E 7 28.53 -41.55 23.24
N ASN E 8 29.61 -41.10 23.89
CA ASN E 8 30.68 -40.44 23.16
C ASN E 8 31.29 -41.36 22.12
N ILE E 9 31.52 -42.62 22.47
CA ILE E 9 32.10 -43.56 21.53
C ILE E 9 31.15 -43.83 20.37
N SER E 10 29.85 -43.98 20.66
CA SER E 10 28.89 -44.22 19.59
C SER E 10 28.85 -43.05 18.62
N ARG E 11 28.80 -41.82 19.16
CA ARG E 11 28.79 -40.64 18.29
C ARG E 11 30.06 -40.55 17.47
N LEU E 12 31.20 -40.86 18.08
CA LEU E 12 32.47 -40.83 17.35
C LEU E 12 32.48 -41.85 16.23
N TRP E 13 31.96 -43.04 16.49
CA TRP E 13 31.91 -44.08 15.45
C TRP E 13 31.01 -43.67 14.30
N ARG E 14 29.84 -43.09 14.61
CA ARG E 14 28.94 -42.63 13.56
C ARG E 14 29.57 -41.51 12.74
N ALA E 15 30.27 -40.59 13.41
CA ALA E 15 30.96 -39.53 12.70
C ALA E 15 32.05 -40.09 11.80
N PHE E 16 32.78 -41.10 12.28
CA PHE E 16 33.79 -41.76 11.47
C PHE E 16 33.18 -42.37 10.22
N ARG E 17 32.03 -43.02 10.37
CA ARG E 17 31.37 -43.60 9.20
C ARG E 17 30.92 -42.53 8.22
N THR E 18 30.35 -41.43 8.73
CA THR E 18 29.92 -40.35 7.86
C THR E 18 31.10 -39.77 7.09
N VAL E 19 32.24 -39.57 7.76
CA VAL E 19 33.42 -39.05 7.06
C VAL E 19 33.89 -40.06 6.03
N LYS E 20 33.82 -41.36 6.36
CA LYS E 20 34.26 -42.38 5.41
C LYS E 20 33.45 -42.34 4.14
N GLU E 21 32.12 -42.31 4.25
CA GLU E 21 31.30 -42.28 3.04
C GLU E 21 31.36 -40.93 2.33
N MET E 22 31.57 -39.85 3.08
CA MET E 22 31.76 -38.54 2.45
C MET E 22 33.01 -38.53 1.58
N VAL E 23 34.10 -39.13 2.08
CA VAL E 23 35.31 -39.28 1.28
C VAL E 23 35.06 -40.24 0.12
N LYS E 24 34.24 -41.26 0.32
CA LYS E 24 33.95 -42.21 -0.75
C LYS E 24 33.26 -41.51 -1.93
N ASP E 25 32.07 -40.97 -1.69
CA ASP E 25 31.30 -40.41 -2.80
C ASP E 25 31.92 -39.17 -3.39
N ARG E 26 32.90 -38.57 -2.71
CA ARG E 26 33.63 -37.45 -3.29
C ARG E 26 34.53 -37.88 -4.44
N GLY E 27 34.88 -39.17 -4.50
CA GLY E 27 35.69 -39.67 -5.59
C GLY E 27 37.02 -40.24 -5.16
N TYR E 28 37.15 -40.58 -3.88
CA TYR E 28 38.34 -41.20 -3.33
C TYR E 28 38.04 -42.64 -2.96
N PHE E 29 39.06 -43.49 -3.08
CA PHE E 29 38.87 -44.94 -2.96
C PHE E 29 38.78 -45.34 -1.50
N ILE E 30 37.57 -45.73 -1.06
CA ILE E 30 37.37 -46.52 0.13
C ILE E 30 36.44 -47.67 -0.24
N THR E 31 36.46 -48.71 0.58
CA THR E 31 35.76 -49.94 0.26
C THR E 31 34.54 -50.12 1.17
N GLN E 32 33.60 -50.94 0.69
CA GLN E 32 32.33 -51.09 1.38
C GLN E 32 32.52 -51.72 2.75
N GLU E 33 33.44 -52.66 2.88
CA GLU E 33 33.73 -53.22 4.20
C GLU E 33 34.49 -52.23 5.06
N GLU E 34 35.27 -51.34 4.44
CA GLU E 34 35.95 -50.31 5.22
C GLU E 34 34.97 -49.32 5.83
N VAL E 35 33.88 -49.00 5.09
CA VAL E 35 32.91 -48.05 5.63
C VAL E 35 31.91 -48.74 6.54
N GLU E 36 31.50 -49.97 6.20
CA GLU E 36 30.48 -50.69 6.97
C GLU E 36 31.11 -51.43 8.15
N LEU E 37 31.85 -50.67 8.95
CA LEU E 37 32.52 -51.23 10.12
C LEU E 37 31.54 -51.37 11.27
N PRO E 38 31.62 -52.45 12.03
CA PRO E 38 30.76 -52.62 13.21
C PRO E 38 31.28 -51.82 14.41
N LEU E 39 30.37 -51.60 15.35
CA LEU E 39 30.71 -50.82 16.54
C LEU E 39 31.75 -51.53 17.39
N GLU E 40 31.64 -52.85 17.51
CA GLU E 40 32.63 -53.62 18.27
C GLU E 40 34.00 -53.52 17.63
N ASP E 41 34.06 -53.60 16.30
CA ASP E 41 35.33 -53.44 15.60
C ASP E 41 35.91 -52.05 15.83
N PHE E 42 35.05 -51.03 15.77
CA PHE E 42 35.53 -49.67 16.02
C PHE E 42 36.14 -49.55 17.41
N LYS E 43 35.45 -50.06 18.42
CA LYS E 43 35.95 -49.99 19.78
C LYS E 43 37.26 -50.76 19.93
N ALA E 44 37.34 -51.95 19.34
CA ALA E 44 38.51 -52.79 19.51
C ALA E 44 39.71 -52.31 18.70
N LYS E 45 39.50 -51.48 17.69
CA LYS E 45 40.60 -51.08 16.81
C LYS E 45 41.02 -49.62 16.95
N TYR E 46 40.17 -48.74 17.48
CA TYR E 46 40.53 -47.33 17.58
C TYR E 46 40.50 -46.82 19.01
N CYS E 47 40.56 -47.71 20.01
CA CYS E 47 40.51 -47.29 21.39
C CYS E 47 41.61 -48.00 22.17
N ASP E 48 42.11 -47.32 23.21
CA ASP E 48 43.15 -47.87 24.06
C ASP E 48 42.58 -48.94 24.97
N SER E 49 43.45 -49.50 25.81
CA SER E 49 43.07 -50.54 26.76
C SER E 49 42.56 -49.98 28.09
N MET E 50 42.64 -48.67 28.29
CA MET E 50 42.13 -48.08 29.52
C MET E 50 40.60 -48.00 29.51
N GLY E 51 40.00 -47.74 28.35
CA GLY E 51 38.56 -47.66 28.26
C GLY E 51 38.04 -46.36 27.69
N ARG E 52 38.84 -45.70 26.88
CA ARG E 52 38.52 -44.40 26.30
C ARG E 52 38.78 -44.46 24.80
N PRO E 53 38.19 -43.54 24.04
CA PRO E 53 38.58 -43.39 22.63
C PRO E 53 39.93 -42.71 22.47
N GLN E 54 40.48 -42.82 21.26
CA GLN E 54 41.71 -42.13 20.90
C GLN E 54 41.57 -41.67 19.46
N ARG E 55 41.51 -40.34 19.27
CA ARG E 55 41.25 -39.80 17.94
C ARG E 55 42.43 -39.98 16.99
N LYS E 56 43.63 -40.23 17.51
CA LYS E 56 44.85 -40.23 16.69
C LYS E 56 45.08 -41.54 15.94
N MET E 57 44.40 -42.62 16.30
CA MET E 57 44.45 -43.84 15.49
C MET E 57 43.58 -43.76 14.24
N MET E 58 42.80 -42.69 14.07
CA MET E 58 41.83 -42.61 12.98
C MET E 58 42.25 -41.72 11.85
N SER E 59 43.13 -40.76 12.08
CA SER E 59 43.62 -39.89 11.02
C SER E 59 44.19 -40.72 9.88
N PHE E 60 43.53 -40.69 8.73
CA PHE E 60 43.87 -41.56 7.62
C PHE E 60 44.07 -40.73 6.36
N GLN E 61 44.36 -41.43 5.26
CA GLN E 61 44.65 -40.83 3.98
C GLN E 61 43.85 -41.55 2.91
N ALA E 62 43.43 -40.82 1.89
CA ALA E 62 42.69 -41.38 0.76
C ALA E 62 43.39 -41.02 -0.54
N ASN E 63 43.14 -41.82 -1.58
CA ASN E 63 43.77 -41.64 -2.87
C ASN E 63 42.73 -41.59 -3.98
N PRO E 64 43.00 -40.86 -5.05
CA PRO E 64 42.02 -40.77 -6.15
C PRO E 64 41.87 -42.10 -6.87
N THR E 65 40.63 -42.43 -7.22
CA THR E 65 40.35 -43.66 -7.93
C THR E 65 40.72 -43.48 -9.40
N GLU E 66 40.64 -44.57 -10.16
CA GLU E 66 41.04 -44.53 -11.56
C GLU E 66 40.08 -43.67 -12.38
N GLU E 67 38.78 -43.93 -12.27
CA GLU E 67 37.81 -43.16 -13.03
C GLU E 67 37.75 -41.71 -12.57
N SER E 68 37.90 -41.49 -11.26
CA SER E 68 37.88 -40.13 -10.75
C SER E 68 39.04 -39.31 -11.29
N ILE E 69 40.23 -39.90 -11.34
CA ILE E 69 41.37 -39.17 -11.89
C ILE E 69 41.27 -39.06 -13.41
N SER E 70 40.58 -40.00 -14.06
CA SER E 70 40.32 -39.85 -15.49
C SER E 70 39.43 -38.64 -15.76
N LYS E 71 38.38 -38.47 -14.95
CA LYS E 71 37.47 -37.36 -15.16
C LYS E 71 38.10 -36.04 -14.74
N PHE E 72 38.51 -35.92 -13.46
CA PHE E 72 39.17 -34.74 -12.93
C PHE E 72 40.65 -35.04 -12.78
N PRO E 73 41.47 -34.76 -13.79
CA PRO E 73 42.90 -35.11 -13.69
C PRO E 73 43.62 -34.41 -12.55
N ASP E 74 43.25 -33.18 -12.22
CA ASP E 74 43.95 -32.41 -11.19
C ASP E 74 43.24 -32.56 -9.85
N MET E 75 43.35 -33.77 -9.30
CA MET E 75 42.82 -34.06 -7.96
C MET E 75 43.85 -34.85 -7.19
N GLY E 76 44.27 -34.31 -6.05
CA GLY E 76 45.27 -34.95 -5.22
C GLY E 76 44.67 -35.65 -4.01
N SER E 77 45.56 -36.26 -3.24
CA SER E 77 45.13 -37.00 -2.07
C SER E 77 44.79 -36.07 -0.91
N LEU E 78 43.95 -36.54 -0.01
CA LEU E 78 43.57 -35.76 1.16
C LEU E 78 44.06 -36.45 2.42
N TRP E 79 43.76 -35.85 3.56
CA TRP E 79 44.27 -36.34 4.84
C TRP E 79 43.27 -35.95 5.93
N VAL E 80 42.38 -36.86 6.28
CA VAL E 80 41.44 -36.60 7.38
C VAL E 80 42.21 -36.66 8.70
N GLU E 81 42.01 -35.66 9.54
CA GLU E 81 42.79 -35.46 10.75
C GLU E 81 41.85 -35.12 11.90
N PHE E 82 41.40 -36.13 12.64
CA PHE E 82 40.62 -35.88 13.83
C PHE E 82 41.49 -35.23 14.89
N CYS E 83 40.85 -34.50 15.81
CA CYS E 83 41.55 -33.79 16.86
C CYS E 83 41.00 -34.17 18.21
N ASP E 84 41.85 -34.08 19.24
CA ASP E 84 41.51 -34.48 20.59
C ASP E 84 41.26 -33.31 21.53
N GLU E 85 41.91 -32.19 21.32
CA GLU E 85 41.73 -31.02 22.17
C GLU E 85 40.41 -30.33 21.83
N PRO E 86 39.53 -30.08 22.80
CA PRO E 86 38.18 -29.59 22.48
C PRO E 86 38.14 -28.28 21.72
N SER E 87 38.69 -27.21 22.31
CA SER E 87 38.68 -25.89 21.70
C SER E 87 39.97 -25.71 20.92
N VAL E 88 39.89 -25.77 19.60
CA VAL E 88 41.08 -25.67 18.75
C VAL E 88 41.56 -24.23 18.72
N GLY E 89 42.84 -24.02 19.00
CA GLY E 89 43.46 -22.73 18.94
C GLY E 89 44.50 -22.62 17.84
N VAL E 90 45.26 -21.53 17.88
CA VAL E 90 46.22 -21.25 16.82
C VAL E 90 47.38 -22.25 16.84
N LYS E 91 47.73 -22.78 18.01
CA LYS E 91 48.83 -23.73 18.09
C LYS E 91 48.53 -25.00 17.30
N THR E 92 47.38 -25.62 17.58
CA THR E 92 47.02 -26.86 16.89
C THR E 92 46.81 -26.62 15.40
N MET E 93 46.17 -25.51 15.05
CA MET E 93 45.92 -25.22 13.64
C MET E 93 47.24 -24.95 12.90
N LYS E 94 48.17 -24.22 13.54
CA LYS E 94 49.45 -23.98 12.91
C LYS E 94 50.21 -25.29 12.70
N THR E 95 50.19 -26.16 13.71
CA THR E 95 50.83 -27.47 13.54
C THR E 95 50.20 -28.25 12.41
N PHE E 96 48.86 -28.19 12.29
CA PHE E 96 48.18 -28.91 11.23
C PHE E 96 48.59 -28.38 9.86
N VAL E 97 48.65 -27.06 9.72
CA VAL E 97 49.03 -26.46 8.44
C VAL E 97 50.46 -26.86 8.07
N ILE E 98 51.37 -26.84 9.05
CA ILE E 98 52.75 -27.25 8.77
C ILE E 98 52.80 -28.72 8.34
N HIS E 99 52.02 -29.58 9.01
CA HIS E 99 52.01 -30.98 8.59
C HIS E 99 51.47 -31.13 7.17
N ILE E 100 50.42 -30.39 6.84
CA ILE E 100 49.85 -30.46 5.50
C ILE E 100 50.89 -30.06 4.46
N GLN E 101 51.60 -28.96 4.73
CA GLN E 101 52.58 -28.47 3.76
C GLN E 101 53.79 -29.38 3.65
N GLU E 102 54.21 -29.99 4.76
CA GLU E 102 55.36 -30.89 4.71
C GLU E 102 55.01 -32.24 4.08
N LYS E 103 53.77 -32.68 4.21
CA LYS E 103 53.31 -33.88 3.52
C LYS E 103 52.83 -33.59 2.11
N ASN E 104 52.86 -32.31 1.70
CA ASN E 104 52.64 -31.89 0.32
C ASN E 104 51.32 -32.43 -0.27
N PHE E 105 50.31 -32.54 0.58
CA PHE E 105 48.98 -32.90 0.11
C PHE E 105 48.40 -31.75 -0.72
N GLN E 106 47.35 -32.07 -1.47
CA GLN E 106 46.61 -31.04 -2.21
C GLN E 106 45.36 -30.57 -1.46
N THR E 107 44.86 -31.37 -0.53
CA THR E 107 43.70 -31.00 0.28
C THR E 107 43.76 -31.80 1.58
N GLY E 108 43.05 -31.31 2.59
CA GLY E 108 42.99 -32.02 3.85
C GLY E 108 41.99 -31.44 4.81
N ILE E 109 41.09 -32.27 5.33
CA ILE E 109 40.02 -31.82 6.19
C ILE E 109 40.46 -31.97 7.64
N PHE E 110 39.77 -31.27 8.54
CA PHE E 110 40.14 -31.21 9.95
C PHE E 110 38.84 -31.31 10.76
N VAL E 111 38.60 -32.48 11.35
CA VAL E 111 37.36 -32.73 12.09
C VAL E 111 37.62 -32.36 13.54
N TYR E 112 37.37 -31.10 13.90
CA TYR E 112 37.51 -30.71 15.28
C TYR E 112 36.31 -31.20 16.08
N GLN E 113 36.33 -30.95 17.39
CA GLN E 113 35.42 -31.60 18.31
C GLN E 113 34.40 -30.66 18.94
N ASN E 114 34.86 -29.57 19.57
CA ASN E 114 33.96 -28.71 20.33
C ASN E 114 33.83 -27.32 19.74
N ASN E 115 34.93 -26.61 19.53
CA ASN E 115 34.86 -25.22 19.11
C ASN E 115 36.11 -24.85 18.34
N ILE E 116 35.98 -23.90 17.43
CA ILE E 116 37.09 -23.38 16.65
C ILE E 116 37.15 -21.87 16.85
N THR E 117 38.35 -21.36 17.14
CA THR E 117 38.50 -19.95 17.47
C THR E 117 38.49 -19.08 16.21
N PRO E 118 38.12 -17.80 16.34
CA PRO E 118 38.21 -16.90 15.20
C PRO E 118 39.63 -16.69 14.71
N SER E 119 40.64 -16.86 15.56
CA SER E 119 42.01 -16.69 15.12
C SER E 119 42.50 -17.88 14.30
N ALA E 120 42.08 -19.08 14.68
CA ALA E 120 42.45 -20.26 13.91
C ALA E 120 41.81 -20.24 12.53
N MET E 121 40.57 -19.75 12.44
CA MET E 121 39.90 -19.67 11.16
C MET E 121 40.66 -18.80 10.16
N LYS E 122 41.51 -17.89 10.65
CA LYS E 122 42.28 -17.01 9.78
C LYS E 122 43.48 -17.70 9.15
N LEU E 123 43.90 -18.85 9.67
CA LEU E 123 44.97 -19.62 9.03
C LEU E 123 44.44 -20.65 8.06
N VAL E 124 43.13 -20.89 8.05
CA VAL E 124 42.56 -21.83 7.09
C VAL E 124 42.80 -21.39 5.64
N PRO E 125 42.47 -20.14 5.23
CA PRO E 125 42.71 -19.73 3.85
C PRO E 125 44.07 -19.08 3.64
N SER E 126 45.14 -19.72 4.13
CA SER E 126 46.50 -19.27 3.86
C SER E 126 47.36 -20.46 3.47
N ILE E 127 47.28 -20.85 2.20
CA ILE E 127 48.19 -21.79 1.54
C ILE E 127 48.00 -21.59 0.05
N PRO E 128 49.04 -21.25 -0.71
CA PRO E 128 48.85 -20.94 -2.13
C PRO E 128 48.34 -22.14 -2.92
N PRO E 129 49.01 -23.30 -2.89
CA PRO E 129 48.55 -24.37 -3.80
C PRO E 129 47.33 -25.11 -3.29
N ALA E 130 47.19 -25.29 -1.98
CA ALA E 130 46.24 -26.23 -1.40
C ALA E 130 45.20 -25.50 -0.55
N THR E 131 44.38 -26.29 0.14
CA THR E 131 43.27 -25.77 0.93
C THR E 131 42.88 -26.79 1.99
N ILE E 132 42.36 -26.31 3.11
CA ILE E 132 41.89 -27.20 4.16
C ILE E 132 40.41 -26.93 4.39
N GLU E 133 39.70 -27.95 4.87
CA GLU E 133 38.24 -27.93 5.00
C GLU E 133 37.86 -28.29 6.43
N THR E 134 37.70 -27.27 7.25
CA THR E 134 37.37 -27.49 8.65
C THR E 134 35.96 -28.03 8.79
N PHE E 135 35.80 -29.10 9.56
CA PHE E 135 34.52 -29.76 9.76
C PHE E 135 34.25 -29.94 11.24
N ASN E 136 33.03 -29.67 11.66
CA ASN E 136 32.64 -29.97 13.03
C ASN E 136 32.37 -31.45 13.20
N GLU E 137 32.29 -31.89 14.45
CA GLU E 137 31.99 -33.28 14.75
C GLU E 137 30.52 -33.51 15.09
N ALA E 138 29.88 -32.57 15.79
CA ALA E 138 28.46 -32.69 16.05
C ALA E 138 27.64 -32.60 14.76
N ALA E 139 28.18 -31.92 13.74
CA ALA E 139 27.52 -31.91 12.45
C ALA E 139 27.48 -33.31 11.84
N LEU E 140 28.62 -33.98 11.80
CA LEU E 140 28.73 -35.32 11.20
C LEU E 140 28.27 -36.34 12.21
N VAL E 141 26.97 -36.60 12.25
CA VAL E 141 26.45 -37.78 12.93
C VAL E 141 25.55 -38.49 11.93
N VAL E 142 24.64 -37.73 11.33
CA VAL E 142 23.85 -38.15 10.19
C VAL E 142 24.33 -37.38 8.98
N ASN E 143 24.67 -38.09 7.91
CA ASN E 143 25.08 -37.39 6.71
C ASN E 143 23.87 -36.76 6.03
N ILE E 144 24.05 -35.56 5.51
CA ILE E 144 22.96 -34.83 4.88
C ILE E 144 22.47 -35.57 3.64
N THR E 145 23.39 -36.19 2.90
CA THR E 145 23.06 -36.76 1.59
C THR E 145 22.00 -37.85 1.69
N HIS E 146 21.89 -38.53 2.83
CA HIS E 146 20.96 -39.63 2.95
C HIS E 146 19.57 -39.20 3.44
N HIS E 147 19.40 -37.95 3.84
CA HIS E 147 18.10 -37.45 4.26
C HIS E 147 17.12 -37.47 3.09
N GLU E 148 15.84 -37.61 3.40
CA GLU E 148 14.82 -37.74 2.36
C GLU E 148 14.60 -36.41 1.63
N LEU E 149 14.81 -35.28 2.30
CA LEU E 149 14.53 -33.97 1.72
C LEU E 149 15.65 -33.48 0.81
N VAL E 150 16.76 -34.21 0.73
CA VAL E 150 17.94 -33.74 0.00
C VAL E 150 17.98 -34.48 -1.34
N PRO E 151 17.74 -33.82 -2.46
CA PRO E 151 17.88 -34.48 -3.75
C PRO E 151 19.33 -34.84 -4.03
N LYS E 152 19.51 -35.77 -4.94
CA LYS E 152 20.84 -36.26 -5.31
C LYS E 152 21.59 -35.16 -6.07
N HIS E 153 22.52 -34.49 -5.40
CA HIS E 153 23.41 -33.56 -6.07
C HIS E 153 24.53 -34.31 -6.76
N ILE E 154 24.89 -33.88 -7.96
CA ILE E 154 25.96 -34.49 -8.74
C ILE E 154 26.89 -33.40 -9.23
N ARG E 155 28.19 -33.62 -9.09
CA ARG E 155 29.20 -32.66 -9.50
C ARG E 155 29.54 -32.83 -10.98
N LEU E 156 29.67 -31.70 -11.68
CA LEU E 156 29.99 -31.71 -13.10
C LEU E 156 31.44 -31.37 -13.31
N SER E 157 32.06 -32.02 -14.29
CA SER E 157 33.43 -31.73 -14.66
C SER E 157 33.48 -30.47 -15.53
N SER E 158 34.69 -30.07 -15.92
CA SER E 158 34.84 -28.92 -16.79
C SER E 158 34.21 -29.18 -18.16
N ASP E 159 34.43 -30.37 -18.72
CA ASP E 159 33.83 -30.71 -20.00
C ASP E 159 32.31 -30.70 -19.92
N GLU E 160 31.76 -31.26 -18.85
CA GLU E 160 30.32 -31.32 -18.71
C GLU E 160 29.72 -29.94 -18.47
N LYS E 161 30.39 -29.09 -17.71
CA LYS E 161 29.90 -27.72 -17.53
C LYS E 161 29.91 -26.95 -18.85
N ARG E 162 30.99 -27.10 -19.63
CA ARG E 162 31.04 -26.48 -20.95
C ARG E 162 29.92 -27.01 -21.84
N GLU E 163 29.63 -28.31 -21.75
CA GLU E 163 28.54 -28.88 -22.54
C GLU E 163 27.19 -28.29 -22.13
N LEU E 164 26.97 -28.12 -20.83
CA LEU E 164 25.72 -27.53 -20.37
C LEU E 164 25.59 -26.11 -20.88
N LEU E 165 26.65 -25.31 -20.81
CA LEU E 165 26.55 -23.92 -21.25
C LEU E 165 26.29 -23.83 -22.75
N LYS E 166 27.00 -24.65 -23.54
CA LYS E 166 26.83 -24.61 -24.99
C LYS E 166 25.43 -25.00 -25.42
N ARG E 167 24.76 -25.83 -24.62
CA ARG E 167 23.44 -26.33 -25.00
C ARG E 167 22.37 -25.25 -24.87
N TYR E 168 22.41 -24.47 -23.80
CA TYR E 168 21.43 -23.42 -23.54
C TYR E 168 21.89 -22.06 -24.02
N ARG E 169 23.09 -21.97 -24.61
CA ARG E 169 23.68 -20.71 -25.03
C ARG E 169 23.72 -19.71 -23.87
N LEU E 170 24.11 -20.21 -22.70
CA LEU E 170 24.07 -19.45 -21.46
C LEU E 170 25.44 -18.88 -21.12
N LYS E 171 25.49 -18.13 -20.02
CA LYS E 171 26.71 -17.69 -19.37
C LYS E 171 26.63 -18.08 -17.90
N GLU E 172 27.78 -18.39 -17.30
CA GLU E 172 27.76 -18.93 -15.94
C GLU E 172 27.17 -17.95 -14.94
N SER E 173 27.15 -16.65 -15.25
CA SER E 173 26.56 -15.68 -14.34
C SER E 173 25.04 -15.78 -14.29
N GLN E 174 24.42 -16.58 -15.17
CA GLN E 174 22.98 -16.64 -15.28
C GLN E 174 22.36 -17.87 -14.65
N LEU E 175 23.12 -18.95 -14.45
CA LEU E 175 22.57 -20.14 -13.83
C LEU E 175 22.17 -19.83 -12.38
N PRO E 176 21.21 -20.55 -11.83
CA PRO E 176 20.92 -20.42 -10.40
C PRO E 176 22.14 -20.81 -9.58
N ARG E 177 22.27 -20.20 -8.42
CA ARG E 177 23.51 -20.26 -7.66
C ARG E 177 23.33 -21.11 -6.41
N ILE E 178 24.42 -21.76 -6.01
CA ILE E 178 24.50 -22.45 -4.73
C ILE E 178 25.59 -21.78 -3.92
N GLN E 179 25.25 -21.39 -2.69
CA GLN E 179 26.20 -20.70 -1.85
C GLN E 179 27.40 -21.60 -1.55
N ARG E 180 28.59 -21.04 -1.58
CA ARG E 180 29.70 -21.70 -0.92
C ARG E 180 29.40 -21.72 0.58
N ALA E 181 29.93 -22.73 1.26
CA ALA E 181 29.61 -22.96 2.67
C ALA E 181 28.12 -23.24 2.86
N ASP E 182 27.60 -24.08 1.96
CA ASP E 182 26.27 -24.68 2.03
C ASP E 182 26.41 -26.13 2.45
N PRO E 183 25.55 -26.64 3.34
CA PRO E 183 25.76 -27.98 3.91
C PRO E 183 26.05 -29.08 2.90
N VAL E 184 25.39 -29.03 1.74
CA VAL E 184 25.66 -30.01 0.71
C VAL E 184 26.81 -29.58 -0.20
N ALA E 185 27.10 -28.29 -0.29
CA ALA E 185 28.20 -27.83 -1.13
C ALA E 185 29.55 -28.12 -0.50
N LEU E 186 29.68 -27.95 0.80
CA LEU E 186 30.94 -28.29 1.46
C LEU E 186 31.08 -29.79 1.67
N TYR E 187 29.98 -30.53 1.71
CA TYR E 187 30.06 -31.99 1.74
C TYR E 187 30.80 -32.51 0.51
N LEU E 188 30.45 -31.98 -0.67
CA LEU E 188 31.15 -32.38 -1.88
C LEU E 188 32.42 -31.58 -2.11
N GLY E 189 32.67 -30.54 -1.31
CA GLY E 189 33.84 -29.72 -1.51
C GLY E 189 33.78 -28.98 -2.82
N LEU E 190 32.88 -28.01 -2.91
CA LEU E 190 32.66 -27.27 -4.14
C LEU E 190 33.51 -26.00 -4.15
N LYS E 191 34.25 -25.79 -5.23
CA LYS E 191 34.99 -24.56 -5.44
C LYS E 191 34.14 -23.59 -6.25
N ARG E 192 34.55 -22.32 -6.25
CA ARG E 192 33.81 -21.31 -7.00
C ARG E 192 33.84 -21.62 -8.48
N GLY E 193 32.68 -21.49 -9.12
CA GLY E 193 32.57 -21.77 -10.54
C GLY E 193 32.33 -23.22 -10.90
N GLU E 194 32.02 -24.07 -9.93
CA GLU E 194 31.72 -25.47 -10.18
C GLU E 194 30.22 -25.65 -10.33
N VAL E 195 29.81 -26.40 -11.36
CA VAL E 195 28.41 -26.63 -11.66
C VAL E 195 28.00 -27.97 -11.06
N VAL E 196 26.89 -27.96 -10.34
CA VAL E 196 26.36 -29.16 -9.68
C VAL E 196 25.00 -29.48 -10.28
N LYS E 197 24.85 -30.71 -10.79
CA LYS E 197 23.60 -31.17 -11.36
C LYS E 197 22.75 -31.80 -10.27
N ILE E 198 21.47 -31.47 -10.23
CA ILE E 198 20.56 -31.93 -9.21
C ILE E 198 19.45 -32.74 -9.87
N ILE E 199 19.09 -33.86 -9.25
CA ILE E 199 17.97 -34.66 -9.73
C ILE E 199 16.87 -34.57 -8.69
N ARG E 200 15.95 -33.64 -8.87
CA ARG E 200 14.85 -33.42 -7.95
C ARG E 200 13.58 -34.07 -8.51
N LYS E 201 12.82 -34.70 -7.63
CA LYS E 201 11.64 -35.45 -8.02
C LYS E 201 10.39 -34.82 -7.43
N SER E 202 9.42 -34.53 -8.28
CA SER E 202 8.13 -34.01 -7.86
C SER E 202 7.04 -35.01 -8.23
N GLU E 203 6.07 -35.17 -7.33
CA GLU E 203 4.99 -36.11 -7.57
C GLU E 203 4.15 -35.73 -8.78
N THR E 204 4.13 -34.46 -9.15
CA THR E 204 3.36 -34.00 -10.29
C THR E 204 4.14 -34.01 -11.59
N SER E 205 5.45 -34.30 -11.55
CA SER E 205 6.24 -34.32 -12.78
C SER E 205 7.27 -35.44 -12.82
N GLY E 206 7.31 -36.35 -11.85
CA GLY E 206 8.32 -37.39 -11.86
C GLY E 206 9.70 -36.84 -11.55
N ARG E 207 10.69 -37.27 -12.33
CA ARG E 207 12.06 -36.84 -12.16
C ARG E 207 12.45 -35.89 -13.28
N TYR E 208 13.07 -34.76 -12.90
CA TYR E 208 13.61 -33.81 -13.86
C TYR E 208 14.90 -33.25 -13.31
N ALA E 209 15.74 -32.76 -14.21
CA ALA E 209 17.09 -32.33 -13.88
C ALA E 209 17.16 -30.81 -13.81
N SER E 210 17.78 -30.30 -12.76
CA SER E 210 18.08 -28.89 -12.63
C SER E 210 19.57 -28.72 -12.32
N TYR E 211 20.04 -27.48 -12.37
CA TYR E 211 21.46 -27.20 -12.26
C TYR E 211 21.68 -25.98 -11.38
N ARG E 212 22.89 -25.89 -10.82
CA ARG E 212 23.30 -24.76 -10.00
C ARG E 212 24.79 -24.54 -10.20
N ILE E 213 25.24 -23.34 -9.82
CA ILE E 213 26.65 -22.97 -9.91
C ILE E 213 27.10 -22.46 -8.55
N CYS E 214 28.34 -22.81 -8.16
CA CYS E 214 28.85 -22.43 -6.85
C CYS E 214 29.25 -20.96 -6.84
N MET E 215 28.76 -20.23 -5.84
CA MET E 215 28.98 -18.79 -5.76
C MET E 215 29.51 -18.38 -4.39
N GLU F 71 22.87 -12.27 -32.91
CA GLU F 71 22.18 -11.37 -33.81
C GLU F 71 21.71 -12.08 -35.07
N LYS F 72 22.49 -13.06 -35.52
CA LYS F 72 22.23 -13.68 -36.81
C LYS F 72 20.93 -14.46 -36.78
N ALA F 73 20.53 -14.95 -37.95
CA ALA F 73 19.23 -15.57 -38.16
C ALA F 73 19.38 -17.08 -38.23
N ILE F 74 18.58 -17.79 -37.44
CA ILE F 74 18.57 -19.25 -37.50
C ILE F 74 18.04 -19.69 -38.86
N PRO F 75 18.75 -20.53 -39.60
CA PRO F 75 18.37 -20.79 -41.00
C PRO F 75 17.06 -21.56 -41.09
N LYS F 76 16.50 -21.54 -42.30
CA LYS F 76 15.19 -22.14 -42.53
C LYS F 76 15.21 -23.65 -42.33
N ASP F 77 16.30 -24.31 -42.73
CA ASP F 77 16.38 -25.76 -42.64
C ASP F 77 16.33 -26.24 -41.19
N GLN F 78 16.99 -25.54 -40.28
CA GLN F 78 17.00 -25.91 -38.86
C GLN F 78 16.32 -24.82 -38.04
N ARG F 79 15.08 -25.09 -37.62
CA ARG F 79 14.35 -24.21 -36.72
C ARG F 79 13.80 -25.04 -35.58
N ALA F 80 14.02 -24.59 -34.35
CA ALA F 80 13.71 -25.38 -33.17
C ALA F 80 12.48 -24.90 -32.40
N THR F 81 11.77 -23.91 -32.91
CA THR F 81 10.63 -23.36 -32.19
C THR F 81 9.36 -24.09 -32.61
N THR F 82 8.31 -23.94 -31.80
CA THR F 82 7.04 -24.60 -32.10
C THR F 82 6.47 -24.11 -33.42
N PRO F 83 5.80 -24.98 -34.17
CA PRO F 83 5.08 -24.54 -35.37
C PRO F 83 3.62 -24.17 -35.16
N TYR F 84 3.17 -24.07 -33.91
CA TYR F 84 1.80 -23.68 -33.60
C TYR F 84 1.77 -22.22 -33.19
N MET F 85 0.95 -21.43 -33.88
CA MET F 85 0.81 -20.03 -33.54
C MET F 85 0.23 -19.88 -32.14
N THR F 86 0.67 -18.86 -31.42
CA THR F 86 0.27 -18.62 -30.05
C THR F 86 -0.86 -17.59 -30.00
N LYS F 87 -1.49 -17.50 -28.82
CA LYS F 87 -2.55 -16.51 -28.65
C LYS F 87 -2.00 -15.10 -28.78
N TYR F 88 -0.81 -14.86 -28.22
CA TYR F 88 -0.20 -13.53 -28.30
C TYR F 88 0.16 -13.19 -29.74
N GLU F 89 0.69 -14.14 -30.49
CA GLU F 89 1.01 -13.89 -31.88
C GLU F 89 -0.25 -13.61 -32.68
N ARG F 90 -1.34 -14.33 -32.39
CA ARG F 90 -2.59 -14.11 -33.10
C ARG F 90 -3.16 -12.72 -32.82
N ALA F 91 -3.20 -12.32 -31.55
CA ALA F 91 -3.75 -11.01 -31.20
C ALA F 91 -2.90 -9.89 -31.79
N ARG F 92 -1.57 -10.03 -31.75
CA ARG F 92 -0.72 -9.00 -32.33
C ARG F 92 -0.89 -8.91 -33.84
N ILE F 93 -1.00 -10.05 -34.52
CA ILE F 93 -1.17 -10.04 -35.96
C ILE F 93 -2.48 -9.35 -36.33
N LEU F 94 -3.56 -9.68 -35.61
CA LEU F 94 -4.84 -9.06 -35.91
C LEU F 94 -4.80 -7.56 -35.65
N GLY F 95 -4.18 -7.13 -34.55
CA GLY F 95 -4.11 -5.70 -34.26
C GLY F 95 -3.32 -4.93 -35.29
N THR F 96 -2.15 -5.46 -35.67
CA THR F 96 -1.34 -4.79 -36.67
C THR F 96 -2.06 -4.71 -38.01
N ARG F 97 -2.70 -5.80 -38.44
CA ARG F 97 -3.41 -5.74 -39.72
C ARG F 97 -4.59 -4.80 -39.66
N ALA F 98 -5.31 -4.76 -38.53
CA ALA F 98 -6.41 -3.81 -38.39
C ALA F 98 -5.90 -2.38 -38.52
N LEU F 99 -4.77 -2.07 -37.90
CA LEU F 99 -4.18 -0.75 -38.06
C LEU F 99 -3.85 -0.46 -39.52
N GLN F 100 -3.22 -1.42 -40.19
CA GLN F 100 -2.83 -1.22 -41.58
C GLN F 100 -4.05 -0.97 -42.46
N ILE F 101 -5.13 -1.71 -42.24
CA ILE F 101 -6.34 -1.53 -43.03
C ILE F 101 -7.02 -0.20 -42.71
N SER F 102 -7.10 0.16 -41.43
CA SER F 102 -7.74 1.40 -41.04
C SER F 102 -6.99 2.61 -41.57
N MET F 103 -5.70 2.47 -41.87
CA MET F 103 -4.99 3.53 -42.57
C MET F 103 -4.94 3.30 -44.07
N ASN F 104 -6.01 2.72 -44.63
CA ASN F 104 -6.27 2.65 -46.06
C ASN F 104 -5.23 1.81 -46.80
N ALA F 105 -5.15 0.54 -46.44
CA ALA F 105 -4.32 -0.41 -47.15
C ALA F 105 -5.18 -1.35 -47.99
N PRO F 106 -4.66 -1.82 -49.12
CA PRO F 106 -5.43 -2.77 -49.93
C PRO F 106 -5.60 -4.11 -49.22
N VAL F 107 -6.78 -4.71 -49.41
CA VAL F 107 -7.09 -5.98 -48.79
C VAL F 107 -7.05 -7.08 -49.84
N PHE F 108 -7.18 -8.33 -49.40
CA PHE F 108 -7.00 -9.48 -50.29
C PHE F 108 -8.10 -10.51 -50.13
N VAL F 109 -9.26 -10.13 -49.59
CA VAL F 109 -10.40 -11.02 -49.52
C VAL F 109 -11.63 -10.30 -50.05
N ASP F 110 -12.58 -11.07 -50.53
CA ASP F 110 -13.87 -10.51 -50.93
C ASP F 110 -14.56 -9.92 -49.71
N LEU F 111 -14.90 -8.64 -49.80
CA LEU F 111 -15.33 -7.91 -48.62
C LEU F 111 -16.73 -8.31 -48.17
N GLU F 112 -17.62 -8.58 -49.12
CA GLU F 112 -19.07 -8.65 -48.87
C GLU F 112 -19.46 -7.28 -48.29
N GLY F 113 -20.34 -7.21 -47.31
CA GLY F 113 -20.65 -5.92 -46.72
C GLY F 113 -20.04 -5.75 -45.35
N GLU F 114 -18.94 -5.00 -45.27
CA GLU F 114 -18.22 -4.84 -44.01
C GLU F 114 -17.36 -3.61 -44.07
N THR F 115 -17.30 -2.87 -42.97
CA THR F 115 -16.52 -1.65 -42.88
C THR F 115 -15.42 -1.69 -41.83
N ASP F 116 -15.46 -2.63 -40.89
CA ASP F 116 -14.54 -2.61 -39.77
C ASP F 116 -13.19 -3.21 -40.17
N PRO F 117 -12.09 -2.49 -39.96
CA PRO F 117 -10.78 -3.08 -40.25
C PRO F 117 -10.48 -4.31 -39.42
N LEU F 118 -10.95 -4.36 -38.18
CA LEU F 118 -10.72 -5.54 -37.34
C LEU F 118 -11.38 -6.77 -37.94
N ARG F 119 -12.64 -6.65 -38.36
CA ARG F 119 -13.34 -7.80 -38.92
C ARG F 119 -12.81 -8.17 -40.29
N ILE F 120 -12.39 -7.19 -41.08
CA ILE F 120 -11.73 -7.52 -42.34
C ILE F 120 -10.45 -8.32 -42.08
N ALA F 121 -9.68 -7.92 -41.06
CA ALA F 121 -8.46 -8.64 -40.73
C ALA F 121 -8.76 -10.06 -40.24
N MET F 122 -9.82 -10.21 -39.45
CA MET F 122 -10.21 -11.54 -38.98
C MET F 122 -10.59 -12.43 -40.15
N LYS F 123 -11.34 -11.88 -41.10
CA LYS F 123 -11.67 -12.63 -42.31
C LYS F 123 -10.42 -13.02 -43.09
N GLU F 124 -9.47 -12.10 -43.23
CA GLU F 124 -8.24 -12.40 -43.95
C GLU F 124 -7.45 -13.49 -43.24
N LEU F 125 -7.41 -13.46 -41.91
CA LEU F 125 -6.72 -14.50 -41.15
C LEU F 125 -7.39 -15.85 -41.34
N ALA F 126 -8.73 -15.88 -41.31
CA ALA F 126 -9.45 -17.13 -41.53
C ALA F 126 -9.18 -17.68 -42.92
N GLU F 127 -9.08 -16.80 -43.91
CA GLU F 127 -8.74 -17.23 -45.26
C GLU F 127 -7.23 -17.36 -45.49
N LYS F 128 -6.41 -17.03 -44.48
CA LYS F 128 -4.96 -17.21 -44.54
C LYS F 128 -4.34 -16.39 -45.68
N LYS F 129 -4.53 -15.06 -45.60
CA LYS F 129 -4.06 -14.16 -46.64
C LYS F 129 -3.40 -12.91 -46.09
N ILE F 130 -2.85 -12.95 -44.88
CA ILE F 130 -2.24 -11.78 -44.26
C ILE F 130 -0.76 -11.77 -44.63
N PRO F 131 -0.26 -10.70 -45.25
CA PRO F 131 1.16 -10.63 -45.65
C PRO F 131 2.09 -10.10 -44.57
N LEU F 132 2.29 -10.91 -43.53
CA LEU F 132 3.19 -10.57 -42.45
C LEU F 132 3.96 -11.82 -42.05
N VAL F 133 5.12 -11.63 -41.41
CA VAL F 133 5.90 -12.72 -40.86
C VAL F 133 6.24 -12.38 -39.43
N ILE F 134 6.56 -13.40 -38.65
CA ILE F 134 6.81 -13.25 -37.21
C ILE F 134 8.29 -13.51 -36.95
N ARG F 135 8.93 -12.60 -36.23
CA ARG F 135 10.32 -12.75 -35.82
C ARG F 135 10.35 -13.15 -34.35
N ARG F 136 10.84 -14.37 -34.09
CA ARG F 136 10.88 -14.91 -32.74
C ARG F 136 12.29 -14.75 -32.18
N TYR F 137 12.40 -14.11 -31.03
CA TYR F 137 13.69 -13.75 -30.45
C TYR F 137 14.03 -14.70 -29.31
N LEU F 138 15.12 -15.41 -29.46
CA LEU F 138 15.60 -16.25 -28.38
C LEU F 138 16.36 -15.42 -27.36
N PRO F 139 16.49 -15.91 -26.13
CA PRO F 139 17.16 -15.10 -25.10
C PRO F 139 18.60 -14.73 -25.43
N ASP F 140 19.33 -15.57 -26.17
CA ASP F 140 20.71 -15.21 -26.49
C ASP F 140 20.76 -14.01 -27.44
N GLY F 141 19.87 -13.96 -28.42
CA GLY F 141 19.86 -12.82 -29.33
C GLY F 141 19.74 -13.16 -30.81
N SER F 142 19.70 -14.44 -31.15
CA SER F 142 19.40 -14.84 -32.51
C SER F 142 17.88 -14.90 -32.68
N PHE F 143 17.43 -15.20 -33.90
CA PHE F 143 15.99 -15.18 -34.18
C PHE F 143 15.65 -16.09 -35.35
N GLU F 144 14.36 -16.42 -35.43
CA GLU F 144 13.81 -17.21 -36.51
C GLU F 144 12.61 -16.49 -37.12
N ASP F 145 12.37 -16.75 -38.41
CA ASP F 145 11.32 -16.08 -39.17
C ASP F 145 10.23 -17.08 -39.53
N TRP F 146 9.03 -16.87 -38.98
CA TRP F 146 7.87 -17.69 -39.30
C TRP F 146 6.77 -16.80 -39.87
N SER F 147 6.17 -17.24 -40.97
CA SER F 147 5.10 -16.50 -41.60
C SER F 147 3.75 -16.90 -41.02
N VAL F 148 2.69 -16.24 -41.47
CA VAL F 148 1.34 -16.58 -41.01
C VAL F 148 0.73 -17.72 -41.81
N GLU F 149 1.22 -17.98 -43.02
CA GLU F 149 0.78 -19.13 -43.80
C GLU F 149 1.52 -20.41 -43.43
N GLU F 150 2.49 -20.32 -42.53
CA GLU F 150 3.17 -21.50 -41.99
C GLU F 150 2.65 -21.88 -40.61
N LEU F 151 2.53 -20.90 -39.72
CA LEU F 151 2.02 -21.17 -38.39
C LEU F 151 0.57 -21.60 -38.46
N ILE F 152 0.19 -22.55 -37.63
CA ILE F 152 -1.11 -23.21 -37.72
C ILE F 152 -1.83 -23.11 -36.39
N VAL F 153 -3.14 -23.16 -36.45
CA VAL F 153 -3.98 -23.14 -35.25
C VAL F 153 -5.28 -23.88 -35.49
N PHE G 2 29.39 15.44 -62.27
CA PHE G 2 28.50 14.48 -61.63
C PHE G 2 29.28 13.25 -61.19
N ILE G 3 28.90 12.71 -60.03
CA ILE G 3 29.51 11.51 -59.47
C ILE G 3 28.40 10.60 -58.95
N LEU G 4 28.79 9.40 -58.55
CA LEU G 4 27.88 8.44 -57.92
C LEU G 4 28.32 8.17 -56.50
N SER G 5 27.36 8.14 -55.57
CA SER G 5 27.64 7.95 -54.16
C SER G 5 27.17 6.55 -53.73
N LYS G 6 27.21 6.31 -52.42
CA LYS G 6 26.64 5.09 -51.85
C LYS G 6 26.20 5.41 -50.45
N ILE G 7 24.89 5.40 -50.21
CA ILE G 7 24.30 5.89 -48.97
C ILE G 7 23.36 4.82 -48.41
N ALA G 8 23.50 4.54 -47.13
CA ALA G 8 22.52 3.74 -46.40
C ALA G 8 21.57 4.67 -45.67
N ASP G 9 20.37 4.17 -45.38
CA ASP G 9 19.32 5.03 -44.87
C ASP G 9 18.22 4.19 -44.24
N LEU G 10 17.22 4.88 -43.70
CA LEU G 10 15.96 4.29 -43.26
C LEU G 10 14.82 4.94 -44.01
N VAL G 11 13.98 4.14 -44.63
CA VAL G 11 12.86 4.61 -45.45
C VAL G 11 11.56 4.04 -44.88
N ARG G 12 10.59 4.91 -44.66
CA ARG G 12 9.29 4.52 -44.12
C ARG G 12 8.25 4.54 -45.24
N ILE G 13 7.53 3.44 -45.41
CA ILE G 13 6.57 3.26 -46.48
C ILE G 13 5.17 3.24 -45.88
N PRO G 14 4.29 4.18 -46.20
CA PRO G 14 2.98 4.22 -45.56
C PRO G 14 2.09 3.12 -46.10
N PRO G 15 1.10 2.67 -45.34
CA PRO G 15 0.20 1.61 -45.83
C PRO G 15 -0.61 2.01 -47.05
N ASP G 16 -0.75 3.31 -47.32
CA ASP G 16 -1.46 3.73 -48.52
C ASP G 16 -0.79 3.18 -49.77
N GLN G 17 0.54 3.14 -49.79
CA GLN G 17 1.32 2.79 -50.97
C GLN G 17 1.67 1.32 -51.03
N PHE G 18 1.08 0.48 -50.17
CA PHE G 18 1.38 -0.94 -50.21
C PHE G 18 1.01 -1.56 -51.55
N HIS G 19 0.03 -0.99 -52.25
CA HIS G 19 -0.38 -1.53 -53.55
C HIS G 19 0.71 -1.36 -54.60
N ARG G 20 1.59 -0.39 -54.42
CA ARG G 20 2.63 -0.14 -55.41
C ARG G 20 3.76 -1.17 -55.26
N ASP G 21 4.65 -1.18 -56.24
CA ASP G 21 5.83 -2.02 -56.16
C ASP G 21 6.77 -1.53 -55.08
N THR G 22 7.50 -2.47 -54.47
CA THR G 22 8.39 -2.13 -53.37
C THR G 22 9.46 -1.14 -53.82
N ILE G 23 10.09 -1.40 -54.97
CA ILE G 23 11.09 -0.48 -55.47
C ILE G 23 10.45 0.84 -55.89
N SER G 24 9.23 0.78 -56.43
CA SER G 24 8.55 2.00 -56.88
C SER G 24 8.13 2.89 -55.72
N ALA G 25 8.03 2.34 -54.50
CA ALA G 25 7.76 3.18 -53.34
C ALA G 25 9.05 3.60 -52.63
N ILE G 26 10.04 2.71 -52.61
CA ILE G 26 11.36 3.06 -52.07
C ILE G 26 11.93 4.25 -52.81
N THR G 27 11.90 4.19 -54.14
CA THR G 27 12.43 5.29 -54.94
C THR G 27 11.65 6.58 -54.70
N HIS G 28 10.34 6.47 -54.44
CA HIS G 28 9.54 7.67 -54.21
C HIS G 28 9.94 8.35 -52.90
N GLN G 29 10.03 7.60 -51.81
CA GLN G 29 10.44 8.22 -50.55
C GLN G 29 11.87 8.72 -50.62
N LEU G 30 12.75 8.00 -51.34
CA LEU G 30 14.12 8.47 -51.53
C LEU G 30 14.16 9.77 -52.30
N ASN G 31 13.35 9.89 -53.35
CA ASN G 31 13.32 11.13 -54.11
C ASN G 31 12.73 12.27 -53.29
N ASN G 32 11.76 11.97 -52.43
CA ASN G 32 11.28 12.99 -51.50
C ASN G 32 12.41 13.49 -50.60
N LYS G 33 13.24 12.57 -50.11
CA LYS G 33 14.29 12.96 -49.17
C LYS G 33 15.44 13.69 -49.86
N PHE G 34 15.80 13.27 -51.07
CA PHE G 34 17.02 13.74 -51.74
C PHE G 34 16.70 14.35 -53.11
N ALA G 35 15.72 15.23 -53.16
CA ALA G 35 15.26 15.72 -54.46
C ALA G 35 16.25 16.72 -55.06
N ASN G 36 16.43 17.85 -54.40
CA ASN G 36 17.25 18.95 -54.91
C ASN G 36 18.14 19.51 -53.81
N LYS G 37 18.47 18.67 -52.83
CA LYS G 37 19.06 19.11 -51.57
C LYS G 37 20.55 18.80 -51.53
N ILE G 38 21.26 19.55 -50.70
CA ILE G 38 22.67 19.31 -50.44
C ILE G 38 22.80 18.30 -49.31
N ILE G 39 23.53 17.22 -49.57
CA ILE G 39 23.92 16.32 -48.49
C ILE G 39 25.24 16.85 -47.92
N PRO G 40 25.32 17.12 -46.63
CA PRO G 40 26.52 17.79 -46.08
C PRO G 40 27.81 17.06 -46.42
N ASN G 41 28.79 17.83 -46.87
CA ASN G 41 30.16 17.39 -47.07
C ASN G 41 30.31 16.38 -48.20
N VAL G 42 29.33 16.29 -49.11
CA VAL G 42 29.46 15.41 -50.26
C VAL G 42 28.97 16.11 -51.52
N GLY G 43 28.25 17.22 -51.36
CA GLY G 43 27.74 17.94 -52.51
C GLY G 43 26.24 18.07 -52.55
N LEU G 44 25.68 18.29 -53.76
CA LEU G 44 24.26 18.48 -53.96
C LEU G 44 23.71 17.30 -54.77
N CYS G 45 22.85 16.50 -54.15
CA CYS G 45 22.28 15.34 -54.82
C CYS G 45 21.24 15.77 -55.83
N ILE G 46 21.14 15.01 -56.91
CA ILE G 46 20.17 15.28 -57.96
C ILE G 46 19.09 14.20 -57.96
N THR G 47 19.49 12.96 -58.20
CA THR G 47 18.52 11.92 -58.52
C THR G 47 19.06 10.56 -58.12
N ILE G 48 18.18 9.74 -57.53
CA ILE G 48 18.55 8.36 -57.25
C ILE G 48 18.78 7.62 -58.55
N TYR G 49 19.92 6.93 -58.65
CA TYR G 49 20.29 6.23 -59.88
C TYR G 49 19.96 4.75 -59.83
N ASP G 50 20.37 4.05 -58.77
CA ASP G 50 20.15 2.61 -58.65
C ASP G 50 19.80 2.27 -57.21
N LEU G 51 19.58 0.98 -56.96
CA LEU G 51 19.18 0.48 -55.66
C LEU G 51 19.79 -0.90 -55.49
N LEU G 52 20.61 -1.08 -54.45
CA LEU G 52 21.44 -2.29 -54.35
C LEU G 52 21.07 -3.20 -53.19
N THR G 53 20.66 -2.66 -52.04
CA THR G 53 20.36 -3.47 -50.87
C THR G 53 19.05 -2.99 -50.27
N VAL G 54 18.15 -3.93 -49.97
CA VAL G 54 16.88 -3.62 -49.34
C VAL G 54 16.60 -4.69 -48.30
N GLU G 55 16.51 -4.28 -47.03
CA GLU G 55 16.24 -5.23 -45.97
C GLU G 55 14.75 -5.56 -45.93
N GLU G 56 14.36 -6.39 -44.97
CA GLU G 56 12.96 -6.73 -44.80
C GLU G 56 12.29 -5.73 -43.88
N GLY G 57 11.10 -5.28 -44.28
CA GLY G 57 10.44 -4.21 -43.55
C GLY G 57 10.06 -4.65 -42.14
N GLN G 58 10.37 -3.80 -41.18
CA GLN G 58 10.08 -4.06 -39.78
C GLN G 58 9.08 -3.03 -39.27
N LEU G 59 8.20 -3.47 -38.37
CA LEU G 59 7.11 -2.66 -37.88
C LEU G 59 7.27 -2.38 -36.40
N LYS G 60 6.99 -1.16 -35.98
CA LYS G 60 7.03 -0.76 -34.59
C LYS G 60 5.62 -0.78 -33.99
N PRO G 61 5.50 -0.80 -32.66
CA PRO G 61 4.21 -1.12 -32.04
C PRO G 61 3.10 -0.07 -32.17
N GLY G 62 3.26 0.95 -32.99
CA GLY G 62 2.15 1.88 -33.13
C GLY G 62 1.93 2.55 -34.47
N ASP G 63 2.67 2.17 -35.50
CA ASP G 63 2.63 2.89 -36.77
C ASP G 63 2.01 2.10 -37.91
N GLY G 64 2.26 0.81 -38.00
CA GLY G 64 1.67 0.05 -39.07
C GLY G 64 2.31 0.23 -40.43
N SER G 65 3.42 0.94 -40.52
CA SER G 65 4.14 1.10 -41.76
C SER G 65 5.37 0.21 -41.77
N SER G 66 5.88 -0.04 -42.97
CA SER G 66 7.06 -0.86 -43.15
C SER G 66 8.30 0.04 -43.16
N TYR G 67 9.18 -0.15 -42.18
CA TYR G 67 10.43 0.59 -42.08
C TYR G 67 11.55 -0.28 -42.63
N ILE G 68 12.25 0.20 -43.65
CA ILE G 68 13.19 -0.62 -44.41
C ILE G 68 14.55 0.07 -44.45
N ASN G 69 15.60 -0.68 -44.17
CA ASN G 69 16.96 -0.24 -44.42
C ASN G 69 17.29 -0.44 -45.89
N VAL G 70 17.89 0.56 -46.53
CA VAL G 70 18.15 0.50 -47.96
C VAL G 70 19.45 1.24 -48.26
N THR G 71 20.24 0.69 -49.18
CA THR G 71 21.44 1.33 -49.70
C THR G 71 21.30 1.56 -51.19
N PHE G 72 21.84 2.68 -51.67
CA PHE G 72 21.61 3.10 -53.04
C PHE G 72 22.77 3.96 -53.51
N ARG G 73 22.81 4.23 -54.82
CA ARG G 73 23.82 5.08 -55.44
C ARG G 73 23.12 6.25 -56.12
N ALA G 74 23.32 7.45 -55.62
CA ALA G 74 22.63 8.63 -56.12
C ALA G 74 23.50 9.41 -57.10
N VAL G 75 22.88 10.34 -57.81
CA VAL G 75 23.57 11.23 -58.73
C VAL G 75 23.74 12.58 -58.04
N VAL G 76 24.99 13.00 -57.88
CA VAL G 76 25.34 14.20 -57.13
C VAL G 76 26.23 15.08 -58.00
N PHE G 77 26.08 16.39 -57.88
CA PHE G 77 26.85 17.37 -58.64
C PHE G 77 27.94 17.93 -57.74
N LYS G 78 29.20 17.64 -58.05
CA LYS G 78 30.32 18.12 -57.25
C LYS G 78 31.63 18.06 -58.01
N PRO G 79 31.99 19.09 -58.77
CA PRO G 79 33.33 19.12 -59.39
C PRO G 79 34.38 19.57 -58.38
N PHE G 80 35.63 19.12 -58.61
CA PHE G 80 36.66 19.43 -57.62
C PHE G 80 37.66 20.51 -58.02
N LEU G 81 38.54 20.22 -58.98
CA LEU G 81 39.52 21.23 -59.37
C LEU G 81 39.73 21.31 -60.88
N GLY G 82 39.77 20.16 -61.54
CA GLY G 82 40.13 20.09 -62.94
C GLY G 82 38.91 20.15 -63.82
N GLU G 83 38.03 21.11 -63.51
CA GLU G 83 36.74 21.22 -64.15
C GLU G 83 36.66 22.53 -64.91
N ILE G 84 35.64 22.63 -65.76
CA ILE G 84 35.39 23.82 -66.55
C ILE G 84 33.87 23.93 -66.74
N VAL G 85 33.29 25.02 -66.27
CA VAL G 85 31.84 25.20 -66.31
C VAL G 85 31.52 26.55 -66.95
N THR G 86 30.57 26.52 -67.88
CA THR G 86 30.14 27.70 -68.62
C THR G 86 28.97 28.37 -67.89
N GLY G 87 28.30 29.29 -68.57
CA GLY G 87 27.11 29.91 -68.05
C GLY G 87 27.09 31.38 -68.37
N TRP G 88 26.14 32.09 -67.75
CA TRP G 88 25.98 33.52 -67.96
C TRP G 88 25.78 34.18 -66.60
N ILE G 89 26.19 35.45 -66.53
CA ILE G 89 26.16 36.21 -65.29
C ILE G 89 24.91 37.06 -65.25
N SER G 90 24.27 37.13 -64.08
CA SER G 90 23.05 37.90 -63.92
C SER G 90 23.24 39.08 -62.96
N LYS G 91 23.65 38.83 -61.73
CA LYS G 91 23.70 39.86 -60.69
C LYS G 91 25.15 40.10 -60.28
N CYS G 92 25.57 41.36 -60.33
CA CYS G 92 26.91 41.76 -59.96
C CYS G 92 26.87 42.79 -58.84
N THR G 93 27.89 42.76 -57.98
CA THR G 93 27.99 43.66 -56.85
C THR G 93 29.45 44.02 -56.64
N ALA G 94 29.68 45.12 -55.94
CA ALA G 94 31.05 45.59 -55.71
C ALA G 94 31.70 44.86 -54.55
N GLU G 95 31.62 43.53 -54.58
CA GLU G 95 32.34 42.68 -53.65
C GLU G 95 32.89 41.45 -54.34
N GLY G 96 32.83 41.39 -55.67
CA GLY G 96 33.06 40.19 -56.43
C GLY G 96 31.93 39.94 -57.41
N ILE G 97 32.15 38.96 -58.27
CA ILE G 97 31.25 38.68 -59.38
C ILE G 97 30.60 37.33 -59.19
N LYS G 98 29.27 37.29 -59.30
CA LYS G 98 28.48 36.08 -59.11
C LYS G 98 27.89 35.65 -60.45
N VAL G 99 28.38 34.54 -60.97
CA VAL G 99 27.91 33.96 -62.22
C VAL G 99 26.90 32.87 -61.91
N SER G 100 25.87 32.75 -62.74
CA SER G 100 24.76 31.84 -62.48
C SER G 100 24.84 30.61 -63.36
N LEU G 101 24.26 29.52 -62.87
CA LEU G 101 24.00 28.33 -63.66
C LEU G 101 22.65 28.49 -64.35
N LEU G 102 22.13 27.41 -64.91
CA LEU G 102 20.80 27.42 -65.52
C LEU G 102 19.81 26.76 -64.55
N GLY G 103 19.35 27.54 -63.58
CA GLY G 103 18.29 27.10 -62.69
C GLY G 103 18.61 25.88 -61.84
N ILE G 104 19.88 25.67 -61.51
CA ILE G 104 20.30 24.62 -60.60
C ILE G 104 20.73 25.21 -59.26
N PHE G 105 21.79 26.02 -59.25
CA PHE G 105 22.10 26.89 -58.14
C PHE G 105 22.95 28.04 -58.67
N ASP G 106 22.88 29.18 -58.00
CA ASP G 106 23.69 30.34 -58.32
C ASP G 106 24.54 30.76 -57.13
N ASP G 107 24.87 29.79 -56.26
CA ASP G 107 25.61 30.04 -55.03
C ASP G 107 27.12 29.91 -55.23
N ILE G 108 27.60 30.16 -56.44
CA ILE G 108 29.04 30.13 -56.72
C ILE G 108 29.55 31.55 -56.81
N PHE G 109 30.66 31.82 -56.13
CA PHE G 109 31.23 33.15 -56.01
C PHE G 109 32.68 33.10 -56.49
N ILE G 110 32.93 33.67 -57.66
CA ILE G 110 34.27 33.73 -58.24
C ILE G 110 34.82 35.13 -58.01
N PRO G 111 35.95 35.28 -57.34
CA PRO G 111 36.41 36.61 -56.94
C PRO G 111 36.95 37.40 -58.11
N GLN G 112 36.96 38.73 -57.94
CA GLN G 112 37.56 39.61 -58.93
C GLN G 112 39.09 39.56 -58.86
N ASN G 113 39.65 39.32 -57.68
CA ASN G 113 41.10 39.40 -57.52
C ASN G 113 41.82 38.30 -58.30
N MET G 114 41.17 37.15 -58.43
CA MET G 114 41.77 36.02 -59.19
C MET G 114 41.21 36.03 -60.63
N LEU G 115 40.47 37.08 -61.00
CA LEU G 115 39.91 37.19 -62.37
C LEU G 115 40.99 37.77 -63.29
N PHE G 116 41.64 36.91 -64.08
CA PHE G 116 42.70 37.38 -65.03
C PHE G 116 43.70 38.25 -64.28
N GLU G 117 44.01 39.43 -64.83
CA GLU G 117 45.01 40.34 -64.19
C GLU G 117 44.51 41.78 -64.30
N GLY G 118 44.33 42.28 -65.53
CA GLY G 118 43.92 43.67 -65.70
C GLY G 118 42.43 43.88 -65.60
N CYS G 119 41.86 43.74 -64.41
CA CYS G 119 40.46 43.98 -64.16
C CYS G 119 40.28 44.74 -62.87
N TYR G 120 39.22 45.55 -62.80
CA TYR G 120 38.91 46.34 -61.61
C TYR G 120 37.43 46.72 -61.67
N TYR G 121 36.88 47.14 -60.53
CA TYR G 121 35.44 47.46 -60.48
C TYR G 121 35.22 48.94 -60.82
N THR G 122 34.33 49.21 -61.77
CA THR G 122 34.04 50.60 -62.19
C THR G 122 32.69 51.02 -61.60
N PRO G 123 32.66 51.89 -60.55
CA PRO G 123 31.41 52.37 -59.97
C PRO G 123 30.72 53.39 -60.87
N GLU G 124 31.31 53.70 -62.03
CA GLU G 124 30.72 54.68 -62.97
C GLU G 124 29.70 53.96 -63.85
N GLU G 125 29.11 52.87 -63.35
CA GLU G 125 28.07 52.10 -64.12
C GLU G 125 28.74 51.36 -65.28
N SER G 126 30.06 51.53 -65.45
CA SER G 126 30.79 50.78 -66.50
C SER G 126 30.89 49.32 -66.04
N ALA G 127 30.66 48.37 -66.96
CA ALA G 127 30.66 46.94 -66.56
C ALA G 127 32.00 46.59 -65.90
N TRP G 128 33.11 46.76 -66.63
CA TRP G 128 34.45 46.42 -66.08
C TRP G 128 35.50 47.35 -66.70
N ILE G 129 36.77 47.18 -66.31
CA ILE G 129 37.85 47.98 -66.87
C ILE G 129 39.04 47.07 -67.15
N TRP G 130 39.64 47.26 -68.32
CA TRP G 130 40.87 46.59 -68.72
C TRP G 130 41.86 47.63 -69.19
N PRO G 131 43.17 47.38 -69.03
CA PRO G 131 44.15 48.43 -69.30
C PRO G 131 44.26 48.79 -70.78
N LYS G 137 42.10 44.83 -72.68
CA LYS G 137 41.41 45.98 -73.25
C LYS G 137 40.04 45.57 -73.78
N LEU G 138 39.26 44.90 -72.93
CA LEU G 138 37.93 44.42 -73.27
C LEU G 138 37.26 43.93 -72.00
N TYR G 139 35.95 44.14 -71.90
CA TYR G 139 35.20 43.78 -70.71
C TYR G 139 33.91 43.05 -71.11
N PHE G 140 33.40 42.26 -70.16
CA PHE G 140 32.13 41.57 -70.29
C PHE G 140 31.07 42.34 -69.50
N ASP G 141 29.85 41.78 -69.48
CA ASP G 141 28.73 42.44 -68.80
C ASP G 141 27.66 41.38 -68.49
N VAL G 142 26.47 41.85 -68.13
CA VAL G 142 25.40 40.98 -67.66
C VAL G 142 24.84 40.16 -68.82
N ASN G 143 24.44 38.92 -68.52
CA ASN G 143 23.74 38.05 -69.48
C ASN G 143 24.60 37.76 -70.71
N GLU G 144 25.86 37.43 -70.49
CA GLU G 144 26.75 37.00 -71.57
C GLU G 144 27.49 35.74 -71.16
N LYS G 145 27.87 34.94 -72.15
CA LYS G 145 28.55 33.68 -71.90
C LYS G 145 29.89 33.92 -71.19
N ILE G 146 30.24 33.01 -70.30
CA ILE G 146 31.47 33.10 -69.52
C ILE G 146 31.99 31.70 -69.30
N ARG G 147 33.26 31.60 -68.92
CA ARG G 147 33.85 30.37 -68.47
C ARG G 147 34.79 30.66 -67.30
N PHE G 148 35.02 29.64 -66.48
CA PHE G 148 35.74 29.81 -65.22
C PHE G 148 36.17 28.43 -64.72
N ARG G 149 36.60 28.39 -63.47
CA ARG G 149 36.96 27.15 -62.78
C ARG G 149 36.50 27.28 -61.33
N ILE G 150 36.86 26.29 -60.51
CA ILE G 150 36.75 26.38 -59.07
C ILE G 150 38.09 26.03 -58.47
N GLU G 151 38.56 26.84 -57.51
CA GLU G 151 39.79 26.54 -56.81
C GLU G 151 39.52 25.68 -55.58
N ARG G 152 38.72 26.20 -54.65
CA ARG G 152 38.39 25.47 -53.43
C ARG G 152 36.90 25.57 -53.18
N GLU G 153 36.32 24.46 -52.74
CA GLU G 153 34.90 24.36 -52.43
C GLU G 153 34.71 24.36 -50.93
N VAL G 154 33.85 25.24 -50.43
CA VAL G 154 33.63 25.40 -49.00
C VAL G 154 32.18 25.02 -48.68
N PHE G 155 31.97 24.64 -47.43
CA PHE G 155 30.65 24.31 -46.91
C PHE G 155 30.38 25.12 -45.66
N VAL G 156 29.11 25.40 -45.40
CA VAL G 156 28.67 26.05 -44.17
C VAL G 156 27.38 25.39 -43.71
N ASP G 157 27.31 25.01 -42.43
CA ASP G 157 26.16 24.29 -41.90
C ASP G 157 25.77 24.84 -40.53
N VAL G 158 25.88 26.15 -40.35
CA VAL G 158 25.71 26.77 -39.04
C VAL G 158 24.24 27.17 -38.85
N LYS G 159 23.68 26.84 -37.68
CA LYS G 159 22.33 27.26 -37.32
C LYS G 159 22.09 27.17 -35.82
N PRO G 160 22.87 27.88 -34.99
CA PRO G 160 22.73 27.80 -33.52
C PRO G 160 21.74 28.82 -32.96
N LYS G 161 20.57 28.91 -33.58
CA LYS G 161 19.61 29.95 -33.22
C LYS G 161 18.83 29.50 -31.99
N SER G 162 19.11 30.14 -30.86
CA SER G 162 18.31 29.91 -29.67
C SER G 162 16.89 30.43 -29.92
N PRO G 163 15.89 29.90 -29.22
CA PRO G 163 14.53 30.40 -29.43
C PRO G 163 14.38 31.90 -29.19
N LYS G 164 15.09 32.46 -28.21
CA LYS G 164 15.05 33.92 -28.03
C LYS G 164 15.67 34.63 -29.22
N GLU G 165 16.75 34.07 -29.79
CA GLU G 165 17.31 34.63 -31.01
C GLU G 165 16.29 34.57 -32.15
N ARG G 166 15.55 33.47 -32.27
CA ARG G 166 14.52 33.36 -33.30
C ARG G 166 13.46 34.43 -33.11
N GLU G 167 13.00 34.61 -31.86
CA GLU G 167 11.96 35.60 -31.60
C GLU G 167 12.44 37.01 -31.91
N LEU G 168 13.67 37.35 -31.50
CA LEU G 168 14.20 38.68 -31.78
C LEU G 168 14.39 38.92 -33.27
N GLU G 169 14.86 37.89 -33.99
CA GLU G 169 15.00 38.02 -35.43
C GLU G 169 13.65 38.23 -36.11
N GLU G 170 12.63 37.49 -35.68
CA GLU G 170 11.29 37.68 -36.23
C GLU G 170 10.75 39.07 -35.92
N ARG G 171 10.99 39.56 -34.71
CA ARG G 171 10.55 40.91 -34.35
C ARG G 171 11.24 41.97 -35.20
N ALA G 172 12.53 41.79 -35.46
CA ALA G 172 13.28 42.78 -36.24
C ALA G 172 13.14 42.59 -37.74
N GLN G 173 12.49 41.50 -38.18
CA GLN G 173 12.34 41.24 -39.61
C GLN G 173 10.94 40.73 -39.93
N GLU G 189 23.55 36.22 -43.18
CA GLU G 189 22.22 35.79 -43.63
C GLU G 189 22.27 34.33 -44.09
N LYS G 190 23.40 33.94 -44.67
CA LYS G 190 23.68 32.59 -45.16
C LYS G 190 22.57 32.00 -46.01
N PRO G 191 22.35 32.49 -47.23
CA PRO G 191 21.61 31.70 -48.22
C PRO G 191 22.36 30.42 -48.61
N PRO G 192 23.69 30.49 -48.94
CA PRO G 192 24.32 29.30 -49.53
C PRO G 192 24.89 28.33 -48.52
N ALA G 193 24.38 27.11 -48.50
CA ALA G 193 25.02 26.02 -47.78
C ALA G 193 26.05 25.28 -48.63
N TYR G 194 26.11 25.59 -49.92
CA TYR G 194 27.05 24.97 -50.86
C TYR G 194 27.68 26.11 -51.66
N ALA G 195 28.88 26.52 -51.27
CA ALA G 195 29.55 27.66 -51.87
C ALA G 195 30.84 27.20 -52.53
N LEU G 196 31.05 27.66 -53.77
CA LEU G 196 32.25 27.37 -54.53
C LEU G 196 32.96 28.66 -54.89
N LEU G 197 34.28 28.58 -55.04
CA LEU G 197 35.11 29.72 -55.40
C LEU G 197 36.08 29.29 -56.49
N GLY G 198 36.26 30.14 -57.49
CA GLY G 198 37.09 29.84 -58.63
C GLY G 198 38.03 30.98 -58.97
N SER G 199 38.45 30.99 -60.24
CA SER G 199 39.38 32.00 -60.74
C SER G 199 39.26 32.06 -62.27
N CYS G 200 39.87 33.10 -62.85
CA CYS G 200 39.84 33.30 -64.30
C CYS G 200 41.21 33.74 -64.81
N GLN G 201 42.26 33.05 -64.38
CA GLN G 201 43.62 33.48 -64.70
C GLN G 201 43.95 33.23 -66.17
N THR G 202 43.96 31.96 -66.59
CA THR G 202 44.45 31.61 -67.91
C THR G 202 43.49 32.08 -69.01
N ASP G 203 44.07 32.38 -70.18
CA ASP G 203 43.27 32.78 -71.32
C ASP G 203 42.44 31.60 -71.82
N GLY G 204 41.23 31.91 -72.29
CA GLY G 204 40.28 30.88 -72.66
C GLY G 204 38.98 31.04 -71.89
N MET G 205 39.10 31.40 -70.62
CA MET G 205 37.93 31.68 -69.78
C MET G 205 37.47 33.11 -70.05
N GLY G 206 36.56 33.61 -69.23
CA GLY G 206 36.02 34.94 -69.42
C GLY G 206 34.86 34.95 -70.39
N LEU G 207 35.09 34.47 -71.60
CA LEU G 207 34.05 34.29 -72.61
C LEU G 207 34.65 33.52 -73.78
N VAL G 208 33.91 32.55 -74.29
CA VAL G 208 34.43 31.77 -75.40
C VAL G 208 34.29 32.52 -76.72
N SER G 209 33.30 33.40 -76.82
CA SER G 209 33.13 34.22 -78.02
C SER G 209 34.09 35.40 -78.06
N TRP G 210 35.14 35.37 -77.24
CA TRP G 210 36.20 36.35 -77.37
C TRP G 210 36.91 36.21 -78.71
N TRP G 211 36.96 35.01 -79.25
CA TRP G 211 37.75 34.68 -80.42
C TRP G 211 36.86 34.10 -81.51
N GLU G 212 37.49 33.75 -82.64
CA GLU G 212 36.82 33.20 -83.80
C GLU G 212 35.74 34.14 -84.32
N MET H 1 -41.93 -60.15 -38.50
CA MET H 1 -41.46 -61.47 -38.88
C MET H 1 -40.22 -61.78 -38.01
N SER H 2 -39.04 -61.41 -38.49
CA SER H 2 -37.83 -61.48 -37.71
C SER H 2 -37.56 -60.17 -36.99
N ASN H 3 -38.49 -59.22 -37.08
CA ASN H 3 -38.33 -57.93 -36.40
C ASN H 3 -38.30 -58.12 -34.89
N THR H 4 -39.16 -58.97 -34.36
CA THR H 4 -39.18 -59.22 -32.93
C THR H 4 -37.92 -59.97 -32.50
N LEU H 5 -37.26 -59.47 -31.45
CA LEU H 5 -35.99 -60.02 -31.01
C LEU H 5 -36.03 -60.60 -29.60
N PHE H 6 -37.11 -60.40 -28.85
CA PHE H 6 -37.21 -60.93 -27.51
C PHE H 6 -38.67 -60.96 -27.13
N ASP H 7 -39.07 -62.00 -26.43
CA ASP H 7 -40.45 -62.10 -25.97
C ASP H 7 -40.48 -63.03 -24.77
N ASP H 8 -41.16 -62.61 -23.71
CA ASP H 8 -41.25 -63.42 -22.50
C ASP H 8 -42.42 -62.94 -21.67
N ILE H 9 -42.81 -63.75 -20.71
CA ILE H 9 -43.84 -63.41 -19.73
C ILE H 9 -43.16 -63.25 -18.38
N PHE H 10 -43.44 -62.15 -17.70
CA PHE H 10 -42.76 -61.80 -16.47
C PHE H 10 -43.75 -61.63 -15.33
N GLN H 11 -43.35 -62.09 -14.15
CA GLN H 11 -44.16 -62.00 -12.94
C GLN H 11 -43.57 -60.93 -12.05
N VAL H 12 -44.37 -59.90 -11.74
CA VAL H 12 -43.86 -58.74 -11.03
C VAL H 12 -43.61 -59.07 -9.57
N SER H 13 -42.49 -58.59 -9.03
CA SER H 13 -42.03 -58.92 -7.69
C SER H 13 -42.12 -57.76 -6.70
N GLU H 14 -41.91 -56.52 -7.15
CA GLU H 14 -41.98 -55.37 -6.25
C GLU H 14 -42.25 -54.12 -7.07
N VAL H 15 -42.91 -53.15 -6.44
CA VAL H 15 -43.30 -51.90 -7.07
C VAL H 15 -43.11 -50.78 -6.05
N ASP H 16 -42.09 -49.94 -6.25
CA ASP H 16 -41.85 -48.85 -5.32
C ASP H 16 -41.70 -47.50 -6.02
N PRO H 17 -42.38 -46.46 -5.55
CA PRO H 17 -42.25 -45.08 -6.07
C PRO H 17 -41.25 -44.19 -5.32
N GLY H 18 -39.96 -44.40 -5.55
CA GLY H 18 -38.99 -43.69 -4.76
C GLY H 18 -38.83 -42.23 -5.13
N ARG H 19 -39.40 -41.35 -4.30
CA ARG H 19 -39.28 -39.90 -4.47
C ARG H 19 -39.81 -39.43 -5.83
N TYR H 20 -40.82 -40.11 -6.35
CA TYR H 20 -41.44 -39.75 -7.62
C TYR H 20 -42.95 -39.83 -7.48
N ASN H 21 -43.65 -39.37 -8.51
CA ASN H 21 -45.11 -39.31 -8.47
C ASN H 21 -45.81 -39.88 -9.69
N LYS H 22 -45.11 -40.12 -10.79
CA LYS H 22 -45.72 -40.77 -11.94
C LYS H 22 -44.83 -41.80 -12.61
N VAL H 23 -43.65 -42.09 -12.09
CA VAL H 23 -42.78 -43.13 -12.61
C VAL H 23 -42.38 -44.04 -11.46
N CYS H 24 -42.54 -45.34 -11.65
CA CYS H 24 -42.10 -46.35 -10.69
C CYS H 24 -41.02 -47.22 -11.32
N ARG H 25 -40.32 -47.96 -10.47
CA ARG H 25 -39.32 -48.93 -10.91
C ARG H 25 -39.79 -50.32 -10.53
N ILE H 26 -39.71 -51.25 -11.48
CA ILE H 26 -40.32 -52.57 -11.36
C ILE H 26 -39.24 -53.63 -11.40
N GLU H 27 -39.34 -54.62 -10.53
CA GLU H 27 -38.53 -55.83 -10.59
C GLU H 27 -39.46 -57.01 -10.92
N ALA H 28 -39.15 -57.73 -11.99
CA ALA H 28 -39.97 -58.85 -12.40
C ALA H 28 -39.10 -60.03 -12.76
N ALA H 29 -39.62 -61.23 -12.55
CA ALA H 29 -38.93 -62.48 -12.86
C ALA H 29 -39.69 -63.22 -13.94
N SER H 30 -38.94 -63.92 -14.79
CA SER H 30 -39.54 -64.62 -15.91
C SER H 30 -40.23 -65.90 -15.46
N THR H 31 -41.39 -66.18 -16.04
CA THR H 31 -42.10 -67.42 -15.79
C THR H 31 -41.60 -68.49 -16.76
N THR H 32 -41.45 -69.71 -16.25
CA THR H 32 -40.81 -70.80 -16.98
C THR H 32 -39.43 -70.38 -17.49
N GLN H 33 -38.66 -69.80 -16.59
CA GLN H 33 -37.27 -69.44 -16.82
C GLN H 33 -36.68 -69.00 -15.49
N ASP H 34 -35.42 -69.36 -15.24
CA ASP H 34 -34.79 -69.09 -13.95
C ASP H 34 -33.70 -68.04 -13.99
N GLN H 35 -32.99 -67.90 -15.12
CA GLN H 35 -31.89 -66.95 -15.20
C GLN H 35 -32.30 -65.58 -15.72
N CYS H 36 -33.58 -65.38 -16.04
CA CYS H 36 -34.04 -64.16 -16.68
C CYS H 36 -34.73 -63.26 -15.68
N LYS H 37 -34.29 -62.00 -15.59
CA LYS H 37 -34.83 -61.03 -14.66
C LYS H 37 -35.04 -59.71 -15.39
N LEU H 38 -35.74 -58.79 -14.74
CA LEU H 38 -36.10 -57.53 -15.37
C LEU H 38 -36.24 -56.43 -14.33
N THR H 39 -35.60 -55.29 -14.60
CA THR H 39 -35.81 -54.06 -13.84
C THR H 39 -36.19 -52.98 -14.84
N LEU H 40 -37.25 -52.23 -14.54
CA LEU H 40 -37.85 -51.39 -15.56
C LEU H 40 -38.44 -50.12 -14.95
N ASP H 41 -38.31 -49.00 -15.66
CA ASP H 41 -38.94 -47.73 -15.30
C ASP H 41 -40.21 -47.55 -16.12
N ILE H 42 -41.34 -47.39 -15.44
CA ILE H 42 -42.65 -47.37 -16.09
C ILE H 42 -43.43 -46.16 -15.65
N ASN H 43 -44.05 -45.49 -16.62
CA ASN H 43 -44.93 -44.35 -16.36
C ASN H 43 -46.24 -44.84 -15.77
N VAL H 44 -46.28 -45.02 -14.45
CA VAL H 44 -47.42 -45.70 -13.82
C VAL H 44 -48.68 -44.86 -13.78
N GLU H 45 -48.66 -43.65 -14.33
CA GLU H 45 -49.90 -42.89 -14.52
C GLU H 45 -50.54 -43.19 -15.86
N LEU H 46 -49.83 -43.88 -16.75
CA LEU H 46 -50.34 -44.35 -18.03
C LEU H 46 -50.63 -45.84 -18.02
N PHE H 47 -49.78 -46.62 -17.35
CA PHE H 47 -49.90 -48.08 -17.27
C PHE H 47 -49.73 -48.51 -15.83
N PRO H 48 -50.78 -48.41 -15.01
CA PRO H 48 -50.64 -48.73 -13.58
C PRO H 48 -50.40 -50.22 -13.35
N VAL H 49 -49.32 -50.53 -12.63
CA VAL H 49 -48.91 -51.90 -12.35
C VAL H 49 -48.85 -52.09 -10.84
N ALA H 50 -49.49 -53.16 -10.36
CA ALA H 50 -49.52 -53.49 -8.94
C ALA H 50 -48.64 -54.71 -8.68
N ALA H 51 -48.60 -55.12 -7.42
CA ALA H 51 -47.75 -56.25 -7.03
C ALA H 51 -48.35 -57.57 -7.49
N GLN H 52 -47.47 -58.50 -7.82
CA GLN H 52 -47.83 -59.84 -8.30
C GLN H 52 -48.78 -59.78 -9.49
N ASP H 53 -48.28 -59.17 -10.57
CA ASP H 53 -48.98 -59.12 -11.84
C ASP H 53 -48.12 -59.76 -12.91
N SER H 54 -48.78 -60.22 -13.98
CA SER H 54 -48.10 -60.88 -15.10
C SER H 54 -48.22 -59.99 -16.33
N LEU H 55 -47.08 -59.66 -16.94
CA LEU H 55 -47.05 -58.77 -18.08
C LEU H 55 -46.23 -59.40 -19.20
N THR H 56 -46.79 -59.41 -20.41
CA THR H 56 -46.04 -59.78 -21.59
C THR H 56 -45.11 -58.64 -21.97
N VAL H 57 -43.83 -58.95 -22.18
CA VAL H 57 -42.82 -57.95 -22.50
C VAL H 57 -42.13 -58.36 -23.78
N THR H 58 -42.12 -57.46 -24.76
CA THR H 58 -41.57 -57.73 -26.08
C THR H 58 -40.61 -56.63 -26.48
N ILE H 59 -39.50 -57.00 -27.09
CA ILE H 59 -38.56 -56.07 -27.68
C ILE H 59 -38.53 -56.32 -29.18
N ALA H 60 -38.60 -55.24 -29.96
CA ALA H 60 -38.65 -55.37 -31.40
C ALA H 60 -38.04 -54.14 -32.03
N SER H 61 -37.68 -54.27 -33.30
CA SER H 61 -37.28 -53.15 -34.14
C SER H 61 -38.19 -53.10 -35.35
N SER H 62 -38.35 -51.90 -35.92
CA SER H 62 -39.20 -51.69 -37.09
C SER H 62 -40.64 -52.15 -36.82
N LEU H 63 -41.27 -51.40 -35.90
CA LEU H 63 -42.64 -51.69 -35.46
C LEU H 63 -43.59 -51.95 -36.61
N ASN H 64 -43.40 -51.28 -37.76
CA ASN H 64 -44.35 -51.40 -38.86
C ASN H 64 -44.32 -52.77 -39.52
N LEU H 65 -43.28 -53.57 -39.28
CA LEU H 65 -43.20 -54.91 -39.83
C LEU H 65 -43.19 -54.89 -41.36
N SER H 74 -39.45 -38.71 -48.49
CA SER H 74 -39.43 -37.25 -48.45
C SER H 74 -38.12 -36.74 -47.86
N ALA H 75 -37.62 -37.46 -46.86
CA ALA H 75 -36.45 -37.06 -46.07
C ALA H 75 -36.70 -35.70 -45.40
N THR H 76 -37.69 -35.69 -44.50
CA THR H 76 -37.99 -34.51 -43.71
C THR H 76 -37.19 -34.44 -42.41
N ARG H 77 -36.49 -35.52 -42.04
CA ARG H 77 -35.56 -35.57 -40.92
C ARG H 77 -36.22 -35.46 -39.55
N SER H 78 -37.53 -35.27 -39.51
CA SER H 78 -38.28 -35.24 -38.26
C SER H 78 -39.24 -36.43 -38.21
N TRP H 79 -39.39 -37.02 -37.04
CA TRP H 79 -40.22 -38.20 -36.91
C TRP H 79 -41.67 -37.85 -37.14
N ARG H 80 -42.29 -38.49 -38.13
CA ARG H 80 -43.69 -38.31 -38.42
C ARG H 80 -44.48 -39.52 -37.97
N PRO H 81 -45.50 -39.36 -37.14
CA PRO H 81 -46.25 -40.51 -36.67
C PRO H 81 -47.05 -41.16 -37.79
N PRO H 82 -47.37 -42.45 -37.68
CA PRO H 82 -48.14 -43.11 -38.73
C PRO H 82 -49.59 -42.67 -38.77
N GLN H 83 -50.34 -43.15 -39.77
CA GLN H 83 -51.71 -42.72 -39.99
C GLN H 83 -52.64 -43.27 -38.90
N ALA H 84 -53.79 -42.62 -38.76
CA ALA H 84 -54.71 -42.98 -37.68
C ALA H 84 -55.19 -44.41 -37.80
N GLY H 85 -55.28 -44.94 -39.01
CA GLY H 85 -55.65 -46.33 -39.19
C GLY H 85 -54.72 -47.09 -40.11
N ASP H 86 -54.02 -48.09 -39.55
CA ASP H 86 -53.23 -49.03 -40.32
C ASP H 86 -52.76 -50.12 -39.37
N ARG H 87 -52.74 -51.36 -39.86
CA ARG H 87 -52.57 -52.53 -38.98
C ARG H 87 -51.09 -52.79 -38.74
N SER H 88 -50.47 -51.86 -38.01
CA SER H 88 -49.09 -52.04 -37.58
C SER H 88 -49.07 -52.81 -36.27
N LEU H 89 -47.86 -53.13 -35.80
CA LEU H 89 -47.71 -53.72 -34.48
C LEU H 89 -48.13 -52.70 -33.42
N ALA H 90 -48.08 -53.12 -32.16
CA ALA H 90 -48.47 -52.34 -30.99
C ALA H 90 -49.97 -52.09 -30.93
N ASP H 91 -50.74 -52.58 -31.90
CA ASP H 91 -52.19 -52.53 -31.80
C ASP H 91 -52.75 -53.56 -30.82
N ASP H 92 -51.91 -54.47 -30.32
CA ASP H 92 -52.30 -55.45 -29.33
C ASP H 92 -51.44 -55.31 -28.08
N TYR H 93 -51.21 -54.07 -27.65
CA TYR H 93 -50.41 -53.79 -26.47
C TYR H 93 -50.94 -52.53 -25.82
N ASP H 94 -50.59 -52.33 -24.55
CA ASP H 94 -51.12 -51.22 -23.78
C ASP H 94 -50.11 -50.12 -23.50
N TYR H 95 -48.84 -50.34 -23.78
CA TYR H 95 -47.79 -49.41 -23.36
C TYR H 95 -46.55 -49.68 -24.19
N VAL H 96 -46.13 -48.71 -24.99
CA VAL H 96 -44.97 -48.84 -25.87
C VAL H 96 -44.00 -47.71 -25.56
N MET H 97 -42.70 -48.02 -25.61
CA MET H 97 -41.65 -47.05 -25.42
C MET H 97 -40.60 -47.24 -26.52
N TYR H 98 -39.86 -46.17 -26.80
CA TYR H 98 -38.80 -46.20 -27.80
C TYR H 98 -37.50 -45.73 -27.17
N GLY H 99 -36.41 -46.42 -27.47
CA GLY H 99 -35.15 -46.08 -26.86
C GLY H 99 -34.00 -46.77 -27.55
N THR H 100 -32.84 -46.72 -26.89
CA THR H 100 -31.61 -47.28 -27.42
C THR H 100 -30.96 -48.17 -26.36
N ALA H 101 -30.22 -49.17 -26.82
CA ALA H 101 -29.39 -49.99 -25.95
C ALA H 101 -27.98 -49.44 -25.96
N TYR H 102 -27.40 -49.23 -24.78
CA TYR H 102 -26.09 -48.61 -24.71
C TYR H 102 -25.03 -49.46 -24.02
N LYS H 103 -25.39 -50.54 -23.33
CA LYS H 103 -24.40 -51.26 -22.55
C LYS H 103 -24.77 -52.73 -22.42
N PHE H 104 -23.84 -53.61 -22.81
CA PHE H 104 -23.87 -55.02 -22.48
C PHE H 104 -22.74 -55.30 -21.49
N GLU H 105 -23.06 -56.02 -20.42
CA GLU H 105 -22.06 -56.36 -19.42
C GLU H 105 -22.08 -57.86 -19.14
N GLU H 106 -20.96 -58.37 -18.63
CA GLU H 106 -20.77 -59.79 -18.38
C GLU H 106 -20.99 -60.05 -16.89
N VAL H 107 -22.22 -60.40 -16.53
CA VAL H 107 -22.57 -60.54 -15.11
C VAL H 107 -21.92 -61.77 -14.51
N SER H 108 -21.83 -62.86 -15.26
CA SER H 108 -21.22 -64.10 -14.76
C SER H 108 -20.94 -65.01 -15.95
N LYS H 109 -20.57 -66.26 -15.66
CA LYS H 109 -20.44 -67.26 -16.71
C LYS H 109 -21.79 -67.46 -17.38
N ASP H 110 -21.75 -67.67 -18.70
CA ASP H 110 -22.93 -67.84 -19.57
C ASP H 110 -24.11 -67.00 -19.10
N LEU H 111 -23.85 -65.72 -18.86
CA LEU H 111 -24.87 -64.80 -18.38
C LEU H 111 -24.44 -63.39 -18.73
N ILE H 112 -25.36 -62.58 -19.25
CA ILE H 112 -25.09 -61.20 -19.62
C ILE H 112 -26.22 -60.32 -19.11
N ALA H 113 -26.00 -59.01 -19.19
CA ALA H 113 -27.01 -58.01 -18.87
C ALA H 113 -27.07 -56.99 -19.98
N VAL H 114 -28.27 -56.45 -20.21
CA VAL H 114 -28.50 -55.44 -21.24
C VAL H 114 -29.13 -54.22 -20.59
N TYR H 115 -28.70 -53.04 -21.03
CA TYR H 115 -29.18 -51.77 -20.49
C TYR H 115 -29.82 -50.96 -21.60
N TYR H 116 -31.07 -50.55 -21.40
CA TYR H 116 -31.82 -49.77 -22.37
C TYR H 116 -32.25 -48.45 -21.73
N SER H 117 -32.26 -47.40 -22.54
CA SER H 117 -32.66 -46.07 -22.07
C SER H 117 -33.74 -45.55 -22.99
N PHE H 118 -34.95 -45.39 -22.45
CA PHE H 118 -36.09 -44.88 -23.19
C PHE H 118 -36.27 -43.41 -22.83
N GLY H 119 -35.40 -42.58 -23.41
CA GLY H 119 -35.44 -41.16 -23.12
C GLY H 119 -35.24 -40.83 -21.66
N GLY H 120 -34.28 -41.48 -21.01
CA GLY H 120 -34.03 -41.28 -19.61
C GLY H 120 -34.62 -42.33 -18.70
N LEU H 121 -35.61 -43.08 -19.18
CA LEU H 121 -36.13 -44.22 -18.45
C LEU H 121 -35.29 -45.44 -18.81
N LEU H 122 -34.83 -46.15 -17.79
CA LEU H 122 -33.89 -47.26 -17.97
C LEU H 122 -34.59 -48.58 -17.76
N MET H 123 -34.07 -49.63 -18.38
CA MET H 123 -34.50 -50.98 -18.03
C MET H 123 -33.30 -51.91 -18.12
N ARG H 124 -33.25 -52.86 -17.18
CA ARG H 124 -32.18 -53.85 -17.11
C ARG H 124 -32.77 -55.23 -17.36
N LEU H 125 -32.13 -55.98 -18.24
CA LEU H 125 -32.60 -57.31 -18.61
C LEU H 125 -31.41 -58.26 -18.64
N GLU H 126 -31.45 -59.29 -17.80
CA GLU H 126 -30.37 -60.26 -17.75
C GLU H 126 -30.93 -61.66 -17.92
N GLY H 127 -30.06 -62.55 -18.41
CA GLY H 127 -30.48 -63.89 -18.77
C GLY H 127 -29.33 -64.64 -19.43
N ASN H 128 -29.68 -65.73 -20.12
CA ASN H 128 -28.67 -66.60 -20.71
C ASN H 128 -28.40 -66.31 -22.18
N TYR H 129 -29.39 -66.50 -23.04
CA TYR H 129 -29.18 -66.62 -24.49
C TYR H 129 -30.05 -65.63 -25.24
N ARG H 130 -29.43 -64.50 -25.63
CA ARG H 130 -30.05 -63.52 -26.51
C ARG H 130 -29.06 -62.93 -27.49
N ASN H 131 -27.88 -63.55 -27.66
CA ASN H 131 -26.79 -62.91 -28.40
C ASN H 131 -27.16 -62.73 -29.87
N LEU H 132 -27.90 -63.67 -30.45
CA LEU H 132 -28.23 -63.58 -31.86
C LEU H 132 -29.27 -62.50 -32.16
N ASN H 133 -29.88 -61.90 -31.14
CA ASN H 133 -30.97 -60.97 -31.37
C ASN H 133 -30.69 -59.57 -30.84
N ASN H 134 -30.36 -59.43 -29.55
CA ASN H 134 -30.18 -58.11 -28.95
C ASN H 134 -28.85 -57.53 -29.40
N LEU H 135 -28.90 -56.37 -30.06
CA LEU H 135 -27.72 -55.66 -30.51
C LEU H 135 -27.72 -54.24 -29.96
N LYS H 136 -26.73 -53.45 -30.38
CA LYS H 136 -26.58 -52.05 -29.97
C LYS H 136 -27.15 -51.10 -31.01
N GLN H 137 -28.25 -51.48 -31.64
CA GLN H 137 -28.88 -50.67 -32.66
C GLN H 137 -29.52 -49.43 -32.06
N GLU H 138 -29.66 -48.40 -32.89
CA GLU H 138 -30.23 -47.13 -32.47
C GLU H 138 -31.72 -47.19 -32.17
N ASN H 139 -32.38 -48.28 -32.52
CA ASN H 139 -33.83 -48.37 -32.34
C ASN H 139 -34.19 -49.69 -31.69
N ALA H 140 -35.13 -49.62 -30.75
CA ALA H 140 -35.77 -50.79 -30.17
C ALA H 140 -37.00 -50.35 -29.40
N TYR H 141 -38.16 -50.91 -29.72
CA TYR H 141 -39.41 -50.57 -29.06
C TYR H 141 -39.71 -51.60 -27.99
N LEU H 142 -40.04 -51.15 -26.80
CA LEU H 142 -40.44 -52.03 -25.70
C LEU H 142 -41.95 -52.01 -25.60
N LEU H 143 -42.58 -53.14 -25.93
CA LEU H 143 -44.03 -53.27 -25.94
C LEU H 143 -44.47 -54.10 -24.74
N ILE H 144 -45.50 -53.63 -24.04
CA ILE H 144 -46.01 -54.30 -22.86
C ILE H 144 -47.52 -54.47 -23.00
N ARG H 145 -48.07 -55.49 -22.34
CA ARG H 145 -49.50 -55.62 -22.19
C ARG H 145 -49.81 -56.36 -20.90
N ARG H 146 -51.03 -56.16 -20.40
CA ARG H 146 -51.43 -56.72 -19.13
C ARG H 146 -52.16 -58.05 -19.30
N MET I 1 16.46 -16.10 52.92
CA MET I 1 16.36 -16.56 54.30
C MET I 1 15.05 -16.04 54.93
N LEU I 2 14.78 -14.76 54.73
CA LEU I 2 13.50 -14.15 55.09
C LEU I 2 13.21 -14.30 56.59
N SER I 3 14.03 -13.60 57.38
CA SER I 3 13.79 -13.42 58.79
C SER I 3 13.96 -11.94 59.13
N PHE I 4 13.27 -11.49 60.17
CA PHE I 4 13.17 -10.07 60.46
C PHE I 4 13.69 -9.76 61.86
N CYS I 5 14.26 -8.58 62.00
CA CYS I 5 14.89 -8.14 63.23
C CYS I 5 13.85 -7.88 64.31
N PRO I 6 13.91 -8.54 65.45
CA PRO I 6 13.02 -8.16 66.54
C PRO I 6 13.22 -6.70 66.93
N SER I 7 12.13 -6.04 67.30
CA SER I 7 12.06 -4.65 67.74
C SER I 7 12.33 -3.64 66.62
N CYS I 8 12.70 -4.08 65.42
CA CYS I 8 12.63 -3.19 64.26
C CYS I 8 12.08 -3.87 63.01
N ASN I 9 11.96 -5.20 62.97
CA ASN I 9 11.26 -5.96 61.93
C ASN I 9 11.79 -5.67 60.53
N ASN I 10 13.02 -5.19 60.40
CA ASN I 10 13.47 -4.75 59.08
C ASN I 10 13.91 -5.92 58.20
N MET I 11 15.04 -6.56 58.55
CA MET I 11 15.55 -7.71 57.83
C MET I 11 16.81 -8.25 58.48
N LEU I 12 17.03 -9.55 58.42
CA LEU I 12 18.23 -10.18 58.94
C LEU I 12 19.11 -10.61 57.77
N LEU I 13 20.41 -10.39 57.90
CA LEU I 13 21.36 -10.72 56.87
C LEU I 13 22.53 -11.48 57.48
N ILE I 14 23.30 -12.15 56.62
CA ILE I 14 24.52 -12.82 57.00
C ILE I 14 25.69 -11.96 56.54
N THR I 15 26.58 -11.62 57.47
CA THR I 15 27.57 -10.58 57.28
C THR I 15 28.97 -11.17 57.20
N SER I 16 29.75 -10.67 56.25
CA SER I 16 31.17 -11.02 56.14
C SER I 16 32.00 -10.06 56.98
N GLY I 17 31.69 -10.03 58.28
CA GLY I 17 32.32 -9.10 59.19
C GLY I 17 33.71 -9.52 59.60
N ASP I 18 34.05 -9.31 60.87
CA ASP I 18 35.38 -9.58 61.38
C ASP I 18 35.48 -11.00 61.92
N SER I 19 36.71 -11.53 61.91
CA SER I 19 37.04 -12.81 62.54
C SER I 19 36.20 -13.96 61.99
N GLY I 20 35.82 -13.89 60.72
CA GLY I 20 35.18 -15.00 60.04
C GLY I 20 33.90 -15.50 60.68
N VAL I 21 32.98 -14.58 60.99
CA VAL I 21 31.72 -14.92 61.62
C VAL I 21 30.59 -14.64 60.64
N TYR I 22 29.77 -15.64 60.39
CA TYR I 22 28.56 -15.51 59.57
C TYR I 22 27.33 -15.31 60.44
N THR I 23 27.39 -14.34 61.34
CA THR I 23 26.29 -14.10 62.26
C THR I 23 25.14 -13.38 61.56
N LEU I 24 23.99 -13.33 62.24
CA LEU I 24 22.74 -12.83 61.65
C LEU I 24 22.64 -11.33 61.90
N ALA I 25 23.21 -10.55 60.99
CA ALA I 25 23.26 -9.10 61.12
C ALA I 25 21.91 -8.47 60.79
N CYS I 26 21.77 -7.19 61.15
CA CYS I 26 20.52 -6.46 60.96
C CYS I 26 20.66 -5.27 60.01
N ARG I 27 21.66 -4.43 60.22
CA ARG I 27 21.98 -3.24 59.44
C ARG I 27 21.03 -2.08 59.69
N SER I 28 19.99 -2.26 60.50
CA SER I 28 19.08 -1.18 60.85
C SER I 28 19.17 -0.77 62.31
N CYS I 29 19.29 -1.74 63.21
CA CYS I 29 19.42 -1.51 64.63
C CYS I 29 20.52 -2.40 65.17
N PRO I 30 21.08 -2.09 66.33
CA PRO I 30 22.09 -2.98 66.92
C PRO I 30 21.52 -4.28 67.46
N TYR I 31 21.28 -5.26 66.58
CA TYR I 31 20.82 -6.58 66.98
C TYR I 31 21.67 -7.63 66.30
N GLU I 32 22.15 -8.60 67.09
CA GLU I 32 23.03 -9.66 66.59
C GLU I 32 22.51 -11.01 67.06
N PHE I 33 22.92 -12.05 66.33
CA PHE I 33 22.56 -13.41 66.70
C PHE I 33 23.75 -14.34 66.43
N PRO I 34 24.23 -15.05 67.45
CA PRO I 34 25.32 -16.01 67.23
C PRO I 34 24.76 -17.29 66.62
N ILE I 35 25.35 -17.70 65.49
CA ILE I 35 24.91 -18.92 64.83
C ILE I 35 25.40 -20.17 65.55
N GLU I 36 26.43 -20.05 66.38
CA GLU I 36 27.09 -21.21 66.96
C GLU I 36 26.10 -22.09 67.70
N GLY I 37 26.23 -23.41 67.48
CA GLY I 37 25.19 -24.33 67.89
C GLY I 37 24.03 -24.24 66.92
N ILE I 38 24.30 -24.65 65.67
CA ILE I 38 23.47 -24.28 64.54
C ILE I 38 22.32 -25.25 64.39
N GLU I 39 21.15 -24.73 64.06
CA GLU I 39 20.05 -25.53 63.56
C GLU I 39 19.27 -24.84 62.45
N ILE I 40 19.72 -23.69 61.96
CA ILE I 40 18.95 -22.93 60.99
C ILE I 40 19.04 -23.59 59.62
N TYR I 41 17.93 -23.55 58.88
CA TYR I 41 17.89 -24.00 57.49
C TYR I 41 16.57 -23.52 56.90
N ASP I 42 16.52 -23.52 55.57
CA ASP I 42 15.35 -23.05 54.82
C ASP I 42 14.87 -24.17 53.91
N ARG I 43 13.70 -24.70 54.19
CA ARG I 43 13.13 -25.81 53.43
C ARG I 43 12.13 -25.27 52.42
N LYS I 44 12.36 -25.57 51.14
CA LYS I 44 11.45 -25.18 50.07
C LYS I 44 10.98 -26.45 49.37
N LYS I 45 9.70 -26.79 49.53
CA LYS I 45 9.15 -27.95 48.84
C LYS I 45 9.03 -27.70 47.34
N LEU I 46 9.16 -28.77 46.57
CA LEU I 46 9.17 -28.68 45.12
C LEU I 46 8.34 -29.80 44.49
N PRO I 47 7.21 -29.47 43.87
CA PRO I 47 6.50 -30.47 43.07
C PRO I 47 7.37 -30.95 41.92
N ARG I 48 7.46 -32.27 41.75
CA ARG I 48 8.45 -32.82 40.83
C ARG I 48 7.95 -32.82 39.39
N LYS I 49 7.00 -33.68 39.07
CA LYS I 49 6.46 -33.80 37.72
C LYS I 49 5.44 -34.93 37.73
N GLU I 50 4.69 -35.03 36.63
CA GLU I 50 3.78 -36.13 36.39
C GLU I 50 4.11 -36.80 35.07
N VAL I 51 3.67 -38.04 34.93
CA VAL I 51 3.84 -38.78 33.67
C VAL I 51 2.82 -38.23 32.67
N ASP I 52 3.29 -37.56 31.63
CA ASP I 52 2.39 -36.96 30.67
C ASP I 52 1.83 -38.01 29.72
N ASP I 53 0.72 -37.66 29.08
CA ASP I 53 -0.04 -38.59 28.25
C ASP I 53 -0.03 -38.15 26.80
N VAL I 54 -0.54 -39.02 25.92
CA VAL I 54 -0.45 -38.76 24.45
C VAL I 54 -1.49 -37.74 23.98
N LEU I 55 -1.43 -37.39 22.69
CA LEU I 55 -2.38 -36.41 22.11
C LEU I 55 -2.84 -36.96 20.75
N GLY I 56 -3.46 -38.15 20.75
CA GLY I 56 -3.88 -38.78 19.47
C GLY I 56 -4.90 -37.94 18.73
N GLY I 57 -5.85 -37.32 19.44
CA GLY I 57 -6.91 -36.53 18.80
C GLY I 57 -8.26 -37.21 18.95
N GLY I 58 -9.35 -36.42 18.98
CA GLY I 58 -10.68 -37.01 19.21
C GLY I 58 -11.68 -36.58 18.14
N TRP I 59 -11.48 -37.04 16.90
CA TRP I 59 -12.42 -36.71 15.81
C TRP I 59 -13.83 -37.17 16.20
N ASP I 60 -13.94 -37.95 17.27
CA ASP I 60 -15.28 -38.34 17.78
C ASP I 60 -15.81 -37.18 18.64
N ASN I 61 -17.12 -36.94 18.64
CA ASN I 61 -17.70 -35.78 19.38
C ASN I 61 -17.39 -34.49 18.59
N VAL I 62 -17.23 -34.60 17.27
CA VAL I 62 -17.01 -33.41 16.41
C VAL I 62 -18.21 -33.28 15.47
N ASP I 63 -18.57 -32.05 15.06
CA ASP I 63 -19.76 -31.87 14.25
C ASP I 63 -19.69 -32.70 12.98
N GLN I 64 -20.80 -33.33 12.63
CA GLN I 64 -20.86 -34.16 11.43
C GLN I 64 -22.10 -33.81 10.63
N THR I 65 -21.95 -33.88 9.30
CA THR I 65 -23.06 -33.66 8.38
C THR I 65 -23.10 -34.81 7.38
N LYS I 66 -23.93 -34.69 6.34
CA LYS I 66 -24.09 -35.75 5.33
C LYS I 66 -23.87 -35.14 3.96
N THR I 67 -22.62 -35.23 3.47
CA THR I 67 -22.26 -34.70 2.16
C THR I 67 -21.42 -35.72 1.41
N GLN I 68 -20.95 -35.33 0.23
CA GLN I 68 -20.18 -36.20 -0.65
C GLN I 68 -18.83 -35.56 -0.93
N CYS I 69 -17.76 -36.33 -0.74
CA CYS I 69 -16.42 -35.84 -1.01
C CYS I 69 -16.28 -35.53 -2.50
N PRO I 70 -15.50 -34.50 -2.86
CA PRO I 70 -15.22 -34.28 -4.28
C PRO I 70 -14.60 -35.47 -4.98
N ASN I 71 -13.70 -36.18 -4.32
CA ASN I 71 -13.03 -37.34 -4.91
C ASN I 71 -13.72 -38.62 -4.48
N TYR I 72 -15.03 -38.69 -4.78
CA TYR I 72 -15.83 -39.84 -4.39
C TYR I 72 -15.32 -41.12 -5.06
N ASP I 73 -14.88 -41.03 -6.31
CA ASP I 73 -14.42 -42.20 -7.05
C ASP I 73 -13.22 -42.87 -6.40
N THR I 74 -12.50 -42.14 -5.54
CA THR I 74 -11.38 -42.72 -4.79
C THR I 74 -11.84 -43.22 -3.42
N CYS I 75 -12.39 -42.33 -2.60
CA CYS I 75 -12.88 -42.66 -1.28
C CYS I 75 -14.37 -42.37 -1.19
N GLY I 76 -15.11 -43.26 -0.55
CA GLY I 76 -16.56 -43.07 -0.45
C GLY I 76 -17.00 -42.37 0.82
N GLY I 77 -17.14 -41.05 0.74
CA GLY I 77 -17.46 -40.26 1.91
C GLY I 77 -18.88 -39.76 1.97
N GLU I 78 -19.68 -40.33 2.88
CA GLU I 78 -21.06 -39.92 3.07
C GLU I 78 -21.25 -39.02 4.28
N SER I 79 -20.18 -38.68 4.99
CA SER I 79 -20.25 -37.77 6.12
C SER I 79 -19.02 -36.87 6.11
N ALA I 80 -19.09 -35.80 6.89
CA ALA I 80 -18.01 -34.83 6.95
C ALA I 80 -18.17 -33.97 8.19
N TYR I 81 -17.04 -33.54 8.74
CA TYR I 81 -17.04 -32.55 9.81
C TYR I 81 -17.19 -31.16 9.22
N PHE I 82 -17.74 -30.24 10.01
CA PHE I 82 -18.00 -28.89 9.50
C PHE I 82 -17.98 -27.89 10.64
N PHE I 83 -17.80 -26.62 10.26
CA PHE I 83 -18.12 -25.49 11.13
C PHE I 83 -18.62 -24.33 10.28
N GLN I 84 -19.64 -23.64 10.79
CA GLN I 84 -20.17 -22.43 10.15
C GLN I 84 -19.57 -21.19 10.83
N LEU I 85 -18.26 -21.02 10.62
CA LEU I 85 -17.52 -19.96 11.31
C LEU I 85 -16.76 -19.07 10.33
N GLN I 86 -17.27 -18.93 9.11
CA GLN I 86 -16.72 -18.00 8.13
C GLN I 86 -17.85 -17.21 7.53
N ILE I 87 -17.82 -15.89 7.72
CA ILE I 87 -18.85 -14.98 7.22
C ILE I 87 -18.11 -13.81 6.57
N ARG I 88 -18.04 -13.84 5.23
CA ARG I 88 -17.36 -12.75 4.48
C ARG I 88 -18.09 -11.42 4.72
N SER I 89 -19.33 -11.29 4.23
CA SER I 89 -20.09 -10.02 4.36
C SER I 89 -21.46 -10.32 4.98
N ALA I 90 -22.16 -9.28 5.46
CA ALA I 90 -23.47 -9.48 6.12
C ALA I 90 -24.54 -9.80 5.09
N ASP I 91 -24.62 -9.02 4.01
CA ASP I 91 -25.61 -9.27 2.93
C ASP I 91 -25.35 -10.66 2.33
N GLU I 92 -24.08 -10.99 2.05
CA GLU I 92 -23.74 -12.32 1.50
C GLU I 92 -24.01 -13.37 2.60
N PRO I 93 -24.38 -14.62 2.24
CA PRO I 93 -24.70 -15.64 3.23
C PRO I 93 -23.45 -16.19 3.93
N MET I 94 -23.62 -17.09 4.90
CA MET I 94 -22.50 -17.67 5.61
C MET I 94 -21.74 -18.64 4.70
N THR I 95 -20.62 -19.15 5.21
CA THR I 95 -19.81 -20.13 4.51
C THR I 95 -19.53 -21.29 5.44
N THR I 96 -19.57 -22.50 4.91
CA THR I 96 -19.38 -23.71 5.69
C THR I 96 -18.17 -24.48 5.17
N PHE I 97 -17.22 -24.76 6.06
CA PHE I 97 -16.05 -25.57 5.75
C PHE I 97 -16.32 -27.02 6.12
N TYR I 98 -15.83 -27.94 5.29
CA TYR I 98 -16.01 -29.37 5.52
C TYR I 98 -14.66 -30.05 5.57
N LYS I 99 -14.69 -31.31 6.02
CA LYS I 99 -13.55 -32.21 5.85
C LYS I 99 -14.09 -33.64 5.79
N CYS I 100 -13.55 -34.42 4.85
CA CYS I 100 -14.05 -35.76 4.61
C CYS I 100 -13.73 -36.66 5.79
N VAL I 101 -14.77 -37.18 6.44
CA VAL I 101 -14.57 -38.10 7.57
C VAL I 101 -13.87 -39.37 7.13
N ASN I 102 -13.95 -39.72 5.85
CA ASN I 102 -13.30 -40.93 5.36
C ASN I 102 -11.82 -40.69 5.08
N CYS I 103 -11.52 -39.76 4.17
CA CYS I 103 -10.17 -39.52 3.73
C CYS I 103 -9.49 -38.33 4.42
N GLY I 104 -10.24 -37.26 4.70
CA GLY I 104 -9.66 -36.08 5.29
C GLY I 104 -9.35 -34.98 4.30
N HIS I 105 -10.32 -34.64 3.46
CA HIS I 105 -10.19 -33.59 2.47
C HIS I 105 -10.97 -32.38 2.93
N ARG I 106 -10.28 -31.27 3.17
CA ARG I 106 -10.94 -30.02 3.58
C ARG I 106 -11.37 -29.24 2.35
N TRP I 107 -12.59 -28.71 2.40
CA TRP I 107 -13.09 -27.78 1.40
C TRP I 107 -14.20 -26.95 2.01
N LYS I 108 -14.58 -25.88 1.32
CA LYS I 108 -15.59 -24.96 1.79
C LYS I 108 -16.66 -24.77 0.73
N GLU I 109 -17.82 -24.31 1.17
CA GLU I 109 -18.94 -24.04 0.28
C GLU I 109 -19.40 -22.60 0.40
N MET J 1 -49.38 11.88 1.12
CA MET J 1 -50.00 13.08 1.65
C MET J 1 -51.52 12.90 1.71
N ILE J 2 -52.18 12.96 0.56
CA ILE J 2 -53.59 12.68 0.44
C ILE J 2 -53.78 11.28 -0.14
N VAL J 3 -54.99 10.76 0.03
CA VAL J 3 -55.29 9.39 -0.40
C VAL J 3 -55.05 9.28 -1.90
N PRO J 4 -54.38 8.23 -2.37
CA PRO J 4 -54.18 8.10 -3.82
C PRO J 4 -55.50 7.83 -4.51
N VAL J 5 -55.61 8.31 -5.75
CA VAL J 5 -56.89 8.22 -6.46
C VAL J 5 -57.26 6.77 -6.71
N ARG J 6 -56.33 5.99 -7.28
CA ARG J 6 -56.55 4.61 -7.65
C ARG J 6 -55.79 3.69 -6.72
N CYS J 7 -55.84 2.40 -7.01
CA CYS J 7 -55.11 1.38 -6.27
C CYS J 7 -53.92 0.90 -7.09
N PHE J 8 -52.78 0.71 -6.43
CA PHE J 8 -51.55 0.41 -7.17
C PHE J 8 -51.64 -0.91 -7.93
N SER J 9 -52.40 -1.88 -7.41
CA SER J 9 -52.46 -3.20 -8.02
C SER J 9 -53.60 -3.32 -9.02
N CYS J 10 -54.83 -3.12 -8.55
CA CYS J 10 -55.99 -3.31 -9.42
C CYS J 10 -56.14 -2.17 -10.42
N GLY J 11 -56.11 -0.94 -9.93
CA GLY J 11 -56.61 0.20 -10.66
C GLY J 11 -57.99 0.65 -10.24
N LYS J 12 -58.58 -0.01 -9.25
CA LYS J 12 -59.90 0.38 -8.78
C LYS J 12 -59.82 1.72 -8.07
N VAL J 13 -60.77 2.60 -8.37
CA VAL J 13 -60.73 3.96 -7.85
C VAL J 13 -61.13 3.92 -6.38
N VAL J 14 -60.19 4.26 -5.49
CA VAL J 14 -60.44 4.38 -4.07
C VAL J 14 -60.34 5.81 -3.58
N GLY J 15 -60.12 6.77 -4.48
CA GLY J 15 -60.00 8.15 -4.07
C GLY J 15 -61.27 8.76 -3.51
N ASP J 16 -62.42 8.16 -3.78
CA ASP J 16 -63.70 8.67 -3.33
C ASP J 16 -64.23 7.96 -2.09
N LYS J 17 -63.40 7.16 -1.42
CA LYS J 17 -63.85 6.41 -0.27
C LYS J 17 -63.12 6.75 1.02
N TRP J 18 -62.11 7.61 0.98
CA TRP J 18 -61.41 7.99 2.21
C TRP J 18 -62.34 8.71 3.17
N GLU J 19 -63.09 9.68 2.67
CA GLU J 19 -64.00 10.43 3.52
C GLU J 19 -65.14 9.56 4.02
N SER J 20 -65.65 8.66 3.17
CA SER J 20 -66.68 7.73 3.61
C SER J 20 -66.16 6.81 4.70
N TYR J 21 -64.93 6.35 4.56
CA TYR J 21 -64.32 5.48 5.57
C TYR J 21 -64.20 6.21 6.90
N LEU J 22 -63.73 7.45 6.86
CA LEU J 22 -63.59 8.22 8.09
C LEU J 22 -64.95 8.47 8.73
N ASN J 23 -65.96 8.79 7.93
CA ASN J 23 -67.30 9.03 8.47
C ASN J 23 -67.88 7.76 9.08
N LEU J 24 -67.67 6.62 8.43
CA LEU J 24 -68.17 5.35 8.98
C LEU J 24 -67.47 5.02 10.29
N LEU J 25 -66.16 5.29 10.38
CA LEU J 25 -65.44 5.06 11.63
C LEU J 25 -65.95 5.96 12.74
N GLN J 26 -66.20 7.24 12.43
CA GLN J 26 -66.55 8.19 13.49
C GLN J 26 -68.03 8.11 13.86
N GLU J 27 -68.91 8.40 12.91
CA GLU J 27 -70.34 8.21 13.12
C GLU J 27 -70.71 6.79 12.71
N ASP J 28 -71.66 6.19 13.44
CA ASP J 28 -72.04 4.79 13.23
C ASP J 28 -70.82 3.88 13.39
N GLU J 29 -70.32 3.86 14.63
CA GLU J 29 -69.07 3.18 14.96
C GLU J 29 -69.04 1.77 14.42
N LEU J 30 -67.98 1.44 13.70
CA LEU J 30 -67.87 0.15 13.05
C LEU J 30 -66.45 -0.37 13.15
N ASP J 31 -66.32 -1.69 13.05
CA ASP J 31 -65.02 -2.30 12.90
C ASP J 31 -64.37 -1.80 11.61
N GLU J 32 -63.04 -1.79 11.60
CA GLU J 32 -62.33 -1.34 10.40
C GLU J 32 -62.60 -2.29 9.24
N GLY J 33 -62.59 -3.60 9.49
CA GLY J 33 -62.85 -4.55 8.42
C GLY J 33 -64.25 -4.45 7.87
N THR J 34 -65.25 -4.35 8.76
CA THR J 34 -66.62 -4.20 8.29
C THR J 34 -66.85 -2.87 7.59
N ALA J 35 -66.16 -1.82 8.04
CA ALA J 35 -66.22 -0.54 7.32
C ALA J 35 -65.64 -0.67 5.92
N LEU J 36 -64.51 -1.36 5.78
CA LEU J 36 -63.93 -1.56 4.46
C LEU J 36 -64.83 -2.41 3.58
N SER J 37 -65.51 -3.40 4.15
CA SER J 37 -66.38 -4.25 3.36
C SER J 37 -67.70 -3.57 3.00
N ARG J 38 -68.17 -2.64 3.82
CA ARG J 38 -69.35 -1.87 3.47
C ARG J 38 -69.05 -0.84 2.39
N LEU J 39 -67.78 -0.50 2.22
CA LEU J 39 -67.36 0.46 1.21
C LEU J 39 -67.06 -0.20 -0.13
N GLY J 40 -67.32 -1.50 -0.25
CA GLY J 40 -67.07 -2.20 -1.50
C GLY J 40 -65.64 -2.60 -1.75
N LEU J 41 -64.79 -2.57 -0.73
CA LEU J 41 -63.39 -2.93 -0.86
C LEU J 41 -63.23 -4.39 -0.46
N LYS J 42 -63.10 -5.27 -1.44
CA LYS J 42 -63.03 -6.70 -1.23
C LYS J 42 -61.65 -7.29 -1.44
N ARG J 43 -60.91 -6.82 -2.44
CA ARG J 43 -59.57 -7.33 -2.66
C ARG J 43 -58.61 -6.79 -1.61
N TYR J 44 -57.64 -7.61 -1.21
CA TYR J 44 -56.80 -7.20 -0.10
C TYR J 44 -55.89 -6.03 -0.49
N CYS J 45 -55.53 -5.92 -1.77
CA CYS J 45 -54.74 -4.77 -2.22
C CYS J 45 -55.53 -3.47 -2.04
N CYS J 46 -56.79 -3.46 -2.47
CA CYS J 46 -57.61 -2.28 -2.28
C CYS J 46 -57.87 -2.00 -0.82
N ARG J 47 -58.01 -3.04 0.00
CA ARG J 47 -58.20 -2.83 1.43
C ARG J 47 -56.98 -2.19 2.07
N ARG J 48 -55.78 -2.62 1.67
CA ARG J 48 -54.58 -2.05 2.26
C ARG J 48 -54.36 -0.62 1.81
N MET J 49 -54.76 -0.28 0.58
CA MET J 49 -54.61 1.09 0.11
C MET J 49 -55.30 2.11 1.02
N ILE J 50 -56.33 1.70 1.75
CA ILE J 50 -57.02 2.60 2.66
C ILE J 50 -56.68 2.33 4.13
N LEU J 51 -56.34 1.08 4.49
CA LEU J 51 -55.98 0.80 5.86
C LEU J 51 -54.61 1.38 6.20
N THR J 52 -53.65 1.25 5.31
CA THR J 52 -52.27 1.68 5.59
C THR J 52 -52.01 3.09 5.09
N HIS J 53 -52.88 4.04 5.46
CA HIS J 53 -52.77 5.41 4.96
C HIS J 53 -52.53 6.36 6.11
N VAL J 54 -51.55 7.25 5.93
CA VAL J 54 -51.29 8.34 6.85
C VAL J 54 -51.65 9.65 6.13
N ASP J 55 -52.58 10.40 6.72
CA ASP J 55 -52.99 11.68 6.15
C ASP J 55 -52.04 12.77 6.63
N LEU J 56 -50.95 12.95 5.89
CA LEU J 56 -49.94 13.95 6.25
C LEU J 56 -50.33 15.37 5.88
N ILE J 57 -51.28 15.54 4.96
CA ILE J 57 -51.59 16.87 4.47
C ILE J 57 -52.22 17.72 5.56
N GLU J 58 -53.02 17.12 6.44
CA GLU J 58 -53.61 17.89 7.53
C GLU J 58 -52.54 18.44 8.47
N LYS J 59 -51.38 17.78 8.52
CA LYS J 59 -50.27 18.26 9.33
C LYS J 59 -49.36 19.22 8.57
N PHE J 60 -49.30 19.09 7.24
CA PHE J 60 -48.56 20.08 6.46
C PHE J 60 -49.31 21.40 6.35
N LEU J 61 -50.63 21.38 6.48
CA LEU J 61 -51.45 22.58 6.27
C LEU J 61 -51.45 23.51 7.47
N ARG J 62 -50.96 23.09 8.62
CA ARG J 62 -50.84 23.99 9.75
C ARG J 62 -49.72 25.01 9.56
N TYR J 63 -48.90 24.84 8.52
CA TYR J 63 -47.73 25.67 8.29
C TYR J 63 -47.87 26.48 7.01
N ASN J 64 -49.10 26.85 6.65
CA ASN J 64 -49.31 27.57 5.39
C ASN J 64 -48.72 28.97 5.49
N PRO J 65 -47.99 29.43 4.48
CA PRO J 65 -47.33 30.72 4.56
C PRO J 65 -48.25 31.93 4.41
N LEU J 66 -49.53 31.73 4.09
CA LEU J 66 -50.45 32.82 3.80
C LEU J 66 -51.50 33.00 4.89
N GLU J 67 -51.10 32.79 6.14
CA GLU J 67 -51.99 32.91 7.29
C GLU J 67 -52.30 34.36 7.61
N PRO K 42 -50.61 -0.49 -48.77
CA PRO K 42 -49.66 -1.56 -48.50
C PRO K 42 -48.66 -1.21 -47.41
N ASP K 43 -48.71 -1.94 -46.29
CA ASP K 43 -47.78 -1.75 -45.18
C ASP K 43 -46.75 -2.87 -45.25
N ARG K 44 -45.73 -2.66 -46.06
CA ARG K 44 -44.70 -3.67 -46.26
C ARG K 44 -43.58 -3.54 -45.23
N GLU K 45 -43.97 -3.42 -43.98
CA GLU K 45 -43.03 -3.47 -42.86
C GLU K 45 -43.50 -4.32 -41.70
N LYS K 46 -44.78 -4.69 -41.64
CA LYS K 46 -45.29 -5.41 -40.48
C LYS K 46 -44.83 -6.87 -40.47
N ILE K 47 -44.59 -7.46 -41.63
CA ILE K 47 -44.15 -8.85 -41.74
C ILE K 47 -42.85 -8.88 -42.52
N LYS K 48 -41.84 -9.54 -41.96
CA LYS K 48 -40.61 -9.83 -42.67
C LYS K 48 -40.40 -11.34 -42.62
N LEU K 49 -39.94 -11.90 -43.73
CA LEU K 49 -39.54 -13.31 -43.73
C LEU K 49 -38.04 -13.36 -43.47
N LEU K 50 -37.67 -13.86 -42.29
CA LEU K 50 -36.27 -14.05 -41.95
C LEU K 50 -35.69 -15.12 -42.87
N THR K 51 -34.81 -14.70 -43.79
CA THR K 51 -34.36 -15.62 -44.82
C THR K 51 -33.31 -16.60 -44.32
N GLN K 52 -32.49 -16.21 -43.35
CA GLN K 52 -31.48 -17.12 -42.83
C GLN K 52 -32.12 -18.34 -42.17
N ALA K 53 -33.19 -18.12 -41.42
CA ALA K 53 -33.92 -19.23 -40.83
C ALA K 53 -34.68 -20.03 -41.89
N THR K 54 -35.11 -19.38 -42.96
CA THR K 54 -35.91 -20.04 -43.99
C THR K 54 -35.09 -21.08 -44.73
N SER K 55 -35.68 -22.25 -44.95
CA SER K 55 -35.07 -23.33 -45.71
C SER K 55 -35.57 -23.31 -47.15
N GLU K 56 -34.82 -23.99 -48.01
CA GLU K 56 -35.25 -24.17 -49.39
C GLU K 56 -36.45 -25.10 -49.44
N ASP K 57 -37.35 -24.83 -50.39
CA ASP K 57 -38.68 -25.42 -50.57
C ASP K 57 -39.68 -24.85 -49.56
N GLY K 58 -39.24 -24.03 -48.61
CA GLY K 58 -40.18 -23.31 -47.78
C GLY K 58 -41.03 -24.14 -46.86
N THR K 59 -40.62 -25.38 -46.56
CA THR K 59 -41.37 -26.18 -45.61
C THR K 59 -41.12 -25.72 -44.18
N SER K 60 -40.09 -24.94 -43.94
CA SER K 60 -39.75 -24.43 -42.62
C SER K 60 -39.27 -22.99 -42.76
N ALA K 61 -39.89 -22.09 -42.00
CA ALA K 61 -39.62 -20.67 -42.14
C ALA K 61 -39.91 -19.96 -40.83
N SER K 62 -39.33 -18.77 -40.69
CA SER K 62 -39.51 -17.95 -39.51
C SER K 62 -39.88 -16.53 -39.93
N PHE K 63 -40.86 -15.95 -39.24
CA PHE K 63 -41.41 -14.65 -39.58
C PHE K 63 -41.22 -13.67 -38.44
N GLN K 64 -40.95 -12.41 -38.78
CA GLN K 64 -40.81 -11.34 -37.80
C GLN K 64 -41.99 -10.39 -37.93
N ILE K 65 -42.71 -10.20 -36.83
CA ILE K 65 -43.90 -9.36 -36.80
C ILE K 65 -43.67 -8.22 -35.83
N VAL K 66 -43.92 -7.00 -36.28
CA VAL K 66 -43.66 -5.80 -35.50
C VAL K 66 -44.93 -5.41 -34.76
N GLU K 67 -44.75 -4.89 -33.54
CA GLU K 67 -45.85 -4.38 -32.72
C GLU K 67 -46.81 -5.48 -32.31
N GLU K 68 -46.28 -6.67 -32.09
CA GLU K 68 -47.06 -7.80 -31.60
C GLU K 68 -46.34 -8.44 -30.42
N ASP K 69 -47.09 -9.18 -29.63
CA ASP K 69 -46.61 -9.71 -28.36
C ASP K 69 -47.29 -11.05 -28.09
N HIS K 70 -47.25 -11.48 -26.82
CA HIS K 70 -47.83 -12.77 -26.45
C HIS K 70 -49.29 -12.86 -26.84
N THR K 71 -50.02 -11.73 -26.77
CA THR K 71 -51.46 -11.74 -27.03
C THR K 71 -51.80 -12.42 -28.35
N LEU K 72 -51.10 -12.03 -29.41
CA LEU K 72 -51.33 -12.67 -30.70
C LEU K 72 -50.45 -13.90 -30.90
N GLY K 73 -49.24 -13.91 -30.34
CA GLY K 73 -48.35 -15.05 -30.57
C GLY K 73 -48.94 -16.34 -30.06
N ASN K 74 -49.47 -16.34 -28.84
CA ASN K 74 -50.04 -17.54 -28.24
C ASN K 74 -51.25 -18.02 -29.03
N ALA K 75 -52.17 -17.11 -29.37
CA ALA K 75 -53.39 -17.50 -30.07
C ALA K 75 -53.07 -18.04 -31.46
N LEU K 76 -52.17 -17.37 -32.18
CA LEU K 76 -51.79 -17.84 -33.51
C LEU K 76 -51.09 -19.19 -33.44
N ARG K 77 -50.20 -19.37 -32.45
CA ARG K 77 -49.50 -20.65 -32.32
C ARG K 77 -50.49 -21.77 -32.02
N TYR K 78 -51.45 -21.53 -31.13
CA TYR K 78 -52.44 -22.55 -30.81
C TYR K 78 -53.25 -22.92 -32.04
N VAL K 79 -53.70 -21.92 -32.79
CA VAL K 79 -54.50 -22.21 -33.98
C VAL K 79 -53.69 -22.97 -35.02
N ILE K 80 -52.42 -22.60 -35.20
CA ILE K 80 -51.61 -23.24 -36.23
C ILE K 80 -51.29 -24.68 -35.84
N MET K 81 -51.12 -24.96 -34.55
CA MET K 81 -50.75 -26.31 -34.15
C MET K 81 -51.85 -27.33 -34.42
N LYS K 82 -53.07 -26.89 -34.69
CA LYS K 82 -54.15 -27.80 -35.05
C LYS K 82 -54.19 -28.11 -36.54
N ASN K 83 -53.35 -27.47 -37.34
CA ASN K 83 -53.17 -27.88 -38.72
C ASN K 83 -52.62 -29.30 -38.74
N PRO K 84 -53.23 -30.23 -39.48
CA PRO K 84 -52.71 -31.60 -39.52
C PRO K 84 -51.39 -31.74 -40.26
N ASP K 85 -50.84 -30.65 -40.80
CA ASP K 85 -49.57 -30.72 -41.52
C ASP K 85 -48.42 -30.03 -40.80
N VAL K 86 -48.66 -29.42 -39.66
CA VAL K 86 -47.63 -28.67 -38.95
C VAL K 86 -46.95 -29.59 -37.94
N GLU K 87 -45.62 -29.63 -37.99
CA GLU K 87 -44.85 -30.38 -37.02
C GLU K 87 -44.26 -29.53 -35.91
N PHE K 88 -43.91 -28.28 -36.20
CA PHE K 88 -43.26 -27.39 -35.25
C PHE K 88 -43.91 -26.02 -35.34
N CYS K 89 -44.38 -25.52 -34.21
CA CYS K 89 -44.85 -24.13 -34.13
C CYS K 89 -44.55 -23.56 -32.76
N GLY K 90 -43.90 -22.40 -32.75
CA GLY K 90 -43.68 -21.67 -31.52
C GLY K 90 -43.14 -20.28 -31.82
N TYR K 91 -43.28 -19.41 -30.83
CA TYR K 91 -42.90 -18.01 -30.96
C TYR K 91 -42.00 -17.62 -29.79
N SER K 92 -41.35 -16.46 -29.92
CA SER K 92 -40.61 -15.88 -28.81
C SER K 92 -40.47 -14.39 -29.02
N ILE K 93 -40.31 -13.66 -27.91
CA ILE K 93 -40.06 -12.23 -27.92
C ILE K 93 -38.59 -12.02 -27.56
N PRO K 94 -37.73 -11.74 -28.52
CA PRO K 94 -36.29 -11.74 -28.25
C PRO K 94 -35.83 -10.76 -27.18
N HIS K 95 -36.50 -9.62 -27.03
CA HIS K 95 -36.11 -8.67 -25.99
C HIS K 95 -37.31 -7.87 -25.54
N PRO K 96 -37.50 -7.69 -24.23
CA PRO K 96 -38.61 -6.87 -23.76
C PRO K 96 -38.54 -5.41 -24.18
N SER K 97 -37.35 -4.88 -24.47
CA SER K 97 -37.25 -3.49 -24.91
C SER K 97 -37.90 -3.30 -26.28
N GLU K 98 -37.55 -4.15 -27.24
CA GLU K 98 -38.04 -4.00 -28.59
C GLU K 98 -39.48 -4.49 -28.71
N ASN K 99 -40.13 -4.08 -29.79
CA ASN K 99 -41.50 -4.47 -30.12
C ASN K 99 -41.42 -5.42 -31.30
N LEU K 100 -41.19 -6.69 -31.03
CA LEU K 100 -41.00 -7.69 -32.05
C LEU K 100 -41.61 -9.00 -31.59
N LEU K 101 -41.70 -9.94 -32.52
CA LEU K 101 -42.19 -11.27 -32.21
C LEU K 101 -41.76 -12.19 -33.34
N ASN K 102 -40.82 -13.09 -33.06
CA ASN K 102 -40.44 -14.12 -34.01
C ASN K 102 -41.33 -15.34 -33.82
N ILE K 103 -41.76 -15.93 -34.92
CA ILE K 103 -42.58 -17.13 -34.88
C ILE K 103 -42.01 -18.13 -35.88
N ARG K 104 -41.86 -19.37 -35.45
CA ARG K 104 -41.28 -20.43 -36.25
C ARG K 104 -42.37 -21.41 -36.66
N ILE K 105 -42.35 -21.80 -37.92
CA ILE K 105 -43.26 -22.83 -38.43
C ILE K 105 -42.43 -23.83 -39.23
N GLN K 106 -42.57 -25.10 -38.89
CA GLN K 106 -42.04 -26.20 -39.69
C GLN K 106 -43.19 -27.12 -40.05
N THR K 107 -43.29 -27.50 -41.31
CA THR K 107 -44.32 -28.42 -41.76
C THR K 107 -43.66 -29.68 -42.32
N TYR K 108 -44.48 -30.69 -42.55
CA TYR K 108 -44.08 -31.82 -43.36
C TYR K 108 -44.13 -31.37 -44.82
N GLY K 109 -44.01 -32.31 -45.77
CA GLY K 109 -43.85 -31.91 -47.15
C GLY K 109 -45.09 -31.32 -47.79
N GLU K 110 -46.27 -31.63 -47.27
CA GLU K 110 -47.51 -31.34 -47.98
C GLU K 110 -47.70 -29.84 -48.20
N THR K 111 -47.61 -29.05 -47.13
CA THR K 111 -47.88 -27.62 -47.16
C THR K 111 -46.60 -26.87 -46.81
N THR K 112 -46.54 -25.60 -47.20
CA THR K 112 -45.44 -24.73 -46.83
C THR K 112 -45.79 -23.89 -45.61
N ALA K 113 -44.75 -23.29 -45.04
CA ALA K 113 -44.92 -22.50 -43.82
C ALA K 113 -45.77 -21.26 -44.07
N VAL K 114 -45.58 -20.61 -45.23
CA VAL K 114 -46.36 -19.41 -45.54
C VAL K 114 -47.85 -19.74 -45.59
N ASP K 115 -48.20 -20.83 -46.29
CA ASP K 115 -49.59 -21.23 -46.40
C ASP K 115 -50.15 -21.67 -45.06
N ALA K 116 -49.32 -22.32 -44.23
CA ALA K 116 -49.78 -22.67 -42.89
C ALA K 116 -50.10 -21.42 -42.07
N LEU K 117 -49.27 -20.39 -42.19
CA LEU K 117 -49.53 -19.14 -41.47
C LEU K 117 -50.81 -18.47 -41.96
N GLN K 118 -51.02 -18.43 -43.29
CA GLN K 118 -52.25 -17.83 -43.81
C GLN K 118 -53.48 -18.58 -43.34
N LYS K 119 -53.42 -19.91 -43.38
CA LYS K 119 -54.53 -20.72 -42.88
C LYS K 119 -54.78 -20.46 -41.41
N GLY K 120 -53.72 -20.34 -40.61
CA GLY K 120 -53.90 -20.05 -39.20
C GLY K 120 -54.56 -18.71 -38.95
N LEU K 121 -54.14 -17.69 -39.71
CA LEU K 121 -54.75 -16.38 -39.54
C LEU K 121 -56.23 -16.39 -39.89
N LYS K 122 -56.58 -17.00 -41.03
CA LYS K 122 -57.99 -17.09 -41.40
C LYS K 122 -58.79 -17.89 -40.38
N ASP K 123 -58.18 -18.95 -39.85
CA ASP K 123 -58.81 -19.79 -38.86
C ASP K 123 -59.12 -19.01 -37.59
N LEU K 124 -58.15 -18.20 -37.14
CA LEU K 124 -58.37 -17.33 -35.98
C LEU K 124 -59.47 -16.32 -36.26
N MET K 125 -59.50 -15.75 -37.46
CA MET K 125 -60.58 -14.83 -37.80
C MET K 125 -61.94 -15.49 -37.66
N ASP K 126 -62.09 -16.70 -38.20
CA ASP K 126 -63.37 -17.41 -38.12
C ASP K 126 -63.75 -17.72 -36.67
N LEU K 127 -62.78 -18.16 -35.87
CA LEU K 127 -63.03 -18.36 -34.44
C LEU K 127 -63.59 -17.08 -33.82
N CYS K 128 -62.99 -15.94 -34.17
CA CYS K 128 -63.44 -14.68 -33.60
C CYS K 128 -64.86 -14.34 -34.03
N ASP K 129 -65.20 -14.59 -35.31
CA ASP K 129 -66.58 -14.36 -35.73
C ASP K 129 -67.56 -15.24 -34.96
N VAL K 130 -67.20 -16.49 -34.72
CA VAL K 130 -68.09 -17.37 -33.96
C VAL K 130 -68.34 -16.81 -32.56
N VAL K 131 -67.26 -16.42 -31.88
CA VAL K 131 -67.40 -15.88 -30.53
C VAL K 131 -68.22 -14.59 -30.55
N GLU K 132 -67.96 -13.73 -31.53
CA GLU K 132 -68.69 -12.48 -31.64
C GLU K 132 -70.18 -12.73 -31.80
N SER K 133 -70.54 -13.62 -32.74
CA SER K 133 -71.95 -13.88 -33.00
C SER K 133 -72.64 -14.50 -31.80
N LYS K 134 -72.00 -15.47 -31.15
CA LYS K 134 -72.63 -16.12 -30.00
C LYS K 134 -72.83 -15.14 -28.85
N PHE K 135 -71.80 -14.34 -28.55
CA PHE K 135 -71.93 -13.36 -27.47
C PHE K 135 -72.98 -12.31 -27.80
N THR K 136 -73.01 -11.84 -29.05
CA THR K 136 -73.98 -10.84 -29.46
C THR K 136 -75.40 -11.36 -29.31
N GLU K 137 -75.67 -12.57 -29.81
CA GLU K 137 -77.04 -13.09 -29.73
C GLU K 137 -77.43 -13.41 -28.29
N LYS K 138 -76.48 -13.87 -27.47
CA LYS K 138 -76.80 -14.10 -26.07
C LYS K 138 -77.14 -12.81 -25.34
N ILE K 139 -76.39 -11.73 -25.61
CA ILE K 139 -76.68 -10.46 -24.96
C ILE K 139 -78.00 -9.88 -25.49
N LYS K 140 -78.29 -10.11 -26.78
CA LYS K 140 -79.54 -9.61 -27.35
C LYS K 140 -80.74 -10.29 -26.70
N SER K 141 -80.66 -11.61 -26.53
CA SER K 141 -81.73 -12.33 -25.86
C SER K 141 -81.85 -11.91 -24.40
N MET K 142 -80.72 -11.93 -23.68
CA MET K 142 -80.68 -11.63 -22.25
C MET K 142 -81.67 -12.46 -21.45
N UNK L 14 -62.11 23.49 -37.02
CA UNK L 14 -61.62 24.31 -35.90
C UNK L 14 -60.48 23.57 -35.18
N UNK L 15 -59.65 24.31 -34.42
CA UNK L 15 -58.50 23.69 -33.72
C UNK L 15 -58.31 24.36 -32.35
N UNK L 16 -58.56 23.63 -31.27
CA UNK L 16 -58.42 24.19 -29.90
C UNK L 16 -57.07 24.92 -29.77
N UNK L 17 -55.98 24.30 -30.24
CA UNK L 17 -54.63 24.92 -30.21
C UNK L 17 -54.08 24.97 -28.76
N UNK L 18 -52.96 24.29 -28.51
CA UNK L 18 -52.35 24.29 -27.17
C UNK L 18 -52.29 25.72 -26.64
N UNK L 19 -52.89 25.98 -25.46
CA UNK L 19 -52.89 27.34 -24.88
C UNK L 19 -51.49 27.95 -25.00
N LEU L 27 -43.65 41.77 -10.16
CA LEU L 27 -42.88 41.30 -9.02
C LEU L 27 -43.63 41.55 -7.72
N LYS L 28 -43.56 40.57 -6.82
CA LYS L 28 -44.21 40.66 -5.52
C LYS L 28 -43.42 39.82 -4.54
N TYR L 29 -43.67 40.05 -3.26
CA TYR L 29 -43.05 39.27 -2.19
C TYR L 29 -44.05 39.11 -1.07
N ILE L 30 -43.85 38.07 -0.27
CA ILE L 30 -44.74 37.75 0.84
C ILE L 30 -43.89 37.73 2.11
N CYS L 31 -44.35 38.41 3.14
CA CYS L 31 -43.68 38.33 4.42
C CYS L 31 -43.82 36.93 5.00
N ALA L 32 -42.71 36.39 5.52
CA ALA L 32 -42.72 35.04 6.04
C ALA L 32 -43.49 34.91 7.34
N GLU L 33 -43.90 36.02 7.96
CA GLU L 33 -44.56 35.99 9.26
C GLU L 33 -46.00 36.46 9.20
N CYS L 34 -46.25 37.67 8.70
CA CYS L 34 -47.59 38.24 8.68
C CYS L 34 -48.32 37.99 7.38
N SER L 35 -47.67 37.36 6.39
CA SER L 35 -48.30 36.95 5.14
C SER L 35 -48.90 38.14 4.40
N SER L 36 -48.12 39.21 4.32
CA SER L 36 -48.55 40.43 3.65
C SER L 36 -47.76 40.63 2.37
N LYS L 37 -48.42 41.18 1.35
CA LYS L 37 -47.81 41.37 0.05
C LYS L 37 -47.01 42.67 0.02
N LEU L 38 -45.80 42.58 -0.51
CA LEU L 38 -44.89 43.72 -0.56
C LEU L 38 -44.41 43.93 -1.99
N SER L 39 -43.86 45.11 -2.22
CA SER L 39 -43.12 45.43 -3.43
C SER L 39 -41.81 46.08 -3.03
N LEU L 40 -40.74 45.69 -3.69
CA LEU L 40 -39.39 46.11 -3.31
C LEU L 40 -38.89 47.17 -4.27
N SER L 41 -38.99 48.43 -3.86
CA SER L 41 -38.32 49.50 -4.57
C SER L 41 -36.82 49.37 -4.37
N ARG L 42 -36.06 49.95 -5.29
CA ARG L 42 -34.62 49.75 -5.27
C ARG L 42 -33.99 50.54 -4.14
N THR L 43 -33.20 49.85 -3.31
CA THR L 43 -32.43 50.47 -2.23
C THR L 43 -33.33 51.19 -1.24
N ASP L 44 -34.25 50.43 -0.65
CA ASP L 44 -35.06 50.92 0.45
C ASP L 44 -34.83 50.13 1.74
N ALA L 45 -35.06 48.82 1.73
CA ALA L 45 -34.90 47.92 2.85
C ALA L 45 -35.31 46.52 2.39
N VAL L 46 -34.86 45.51 3.13
CA VAL L 46 -35.16 44.12 2.81
C VAL L 46 -35.89 43.52 4.01
N ARG L 47 -36.78 44.31 4.60
CA ARG L 47 -37.60 43.87 5.72
C ARG L 47 -39.08 44.00 5.33
N CYS L 48 -39.94 43.60 6.26
CA CYS L 48 -41.37 43.77 6.06
C CYS L 48 -41.81 45.14 6.60
N LYS L 49 -43.10 45.43 6.47
CA LYS L 49 -43.64 46.74 6.82
C LYS L 49 -44.63 46.68 7.97
N ASP L 50 -45.69 45.87 7.87
CA ASP L 50 -46.65 45.76 8.95
C ASP L 50 -46.02 45.20 10.21
N CYS L 51 -45.21 44.16 10.05
CA CYS L 51 -44.29 43.73 11.09
C CYS L 51 -42.87 43.95 10.58
N GLY L 52 -41.89 43.73 11.45
CA GLY L 52 -40.52 44.02 11.09
C GLY L 52 -39.73 42.81 10.66
N HIS L 53 -40.41 41.79 10.12
CA HIS L 53 -39.75 40.54 9.78
C HIS L 53 -38.72 40.76 8.68
N ARG L 54 -37.70 39.91 8.68
CA ARG L 54 -36.52 40.12 7.85
C ARG L 54 -36.33 39.05 6.78
N ILE L 55 -37.30 38.17 6.57
CA ILE L 55 -37.22 37.14 5.54
C ILE L 55 -38.39 37.32 4.59
N LEU L 56 -38.09 37.35 3.30
CA LEU L 56 -39.11 37.53 2.27
C LEU L 56 -38.95 36.48 1.18
N LEU L 57 -40.08 36.04 0.63
CA LEU L 57 -40.12 35.01 -0.39
C LEU L 57 -40.83 35.52 -1.64
N LYS L 58 -40.30 35.18 -2.81
CA LYS L 58 -40.93 35.60 -4.04
C LYS L 58 -42.29 34.95 -4.20
N ALA L 59 -43.20 35.67 -4.85
CA ALA L 59 -44.49 35.09 -5.17
C ALA L 59 -44.37 34.14 -6.36
N ARG L 60 -45.38 33.31 -6.52
CA ARG L 60 -45.40 32.39 -7.66
C ARG L 60 -45.43 33.18 -8.96
N THR L 61 -44.76 32.66 -9.98
CA THR L 61 -44.68 33.34 -11.26
C THR L 61 -46.06 33.55 -11.86
N LYS L 62 -46.14 34.52 -12.78
CA LYS L 62 -47.37 34.78 -13.49
C LYS L 62 -47.46 34.02 -14.80
N ARG L 63 -46.37 33.43 -15.25
CA ARG L 63 -46.36 32.77 -16.55
C ARG L 63 -47.12 31.45 -16.49
N LEU L 64 -47.62 31.03 -17.65
CA LEU L 64 -48.22 29.72 -17.79
C LEU L 64 -47.15 28.64 -17.72
N VAL L 65 -47.39 27.62 -16.91
CA VAL L 65 -46.45 26.51 -16.75
C VAL L 65 -47.21 25.23 -17.04
N GLN L 66 -46.78 24.49 -18.07
CA GLN L 66 -47.47 23.27 -18.47
C GLN L 66 -46.77 22.04 -17.91
N PHE L 67 -47.55 20.99 -17.69
CA PHE L 67 -47.03 19.72 -17.23
C PHE L 67 -47.55 18.58 -18.08
N GLU L 68 -47.33 17.36 -17.63
CA GLU L 68 -47.81 16.17 -18.32
C GLU L 68 -48.40 15.25 -17.26
N ALA L 69 -49.62 14.77 -17.50
CA ALA L 69 -50.29 13.99 -16.47
C ALA L 69 -49.66 12.61 -16.27
N ARG L 70 -48.57 12.30 -16.94
CA ARG L 70 -47.85 11.06 -16.68
C ARG L 70 -47.11 11.17 -15.35
N ILE M 71 -32.11 -10.45 78.92
CA ILE M 71 -32.63 -10.49 80.27
C ILE M 71 -31.80 -9.59 81.15
N GLU M 72 -30.56 -10.04 81.39
CA GLU M 72 -29.64 -9.27 82.21
C GLU M 72 -29.23 -7.99 81.50
N GLU M 73 -29.22 -6.88 82.23
CA GLU M 73 -29.12 -5.54 81.68
C GLU M 73 -27.87 -4.87 82.21
N PHE M 74 -27.00 -4.39 81.31
CA PHE M 74 -25.78 -3.70 81.67
C PHE M 74 -25.97 -2.22 81.33
N PRO M 75 -26.32 -1.37 82.27
CA PRO M 75 -26.49 0.04 81.92
C PRO M 75 -25.15 0.67 81.56
N LEU M 76 -24.88 0.90 80.28
CA LEU M 76 -23.63 1.54 79.90
C LEU M 76 -23.84 3.05 79.91
N LYS M 77 -22.99 3.75 80.64
CA LYS M 77 -23.10 5.18 80.83
C LYS M 77 -22.08 5.89 79.94
N ILE M 78 -22.11 7.22 79.99
CA ILE M 78 -21.16 8.06 79.26
C ILE M 78 -20.54 9.03 80.25
N SER M 79 -19.26 9.32 80.09
CA SER M 79 -18.49 10.04 81.07
C SER M 79 -17.83 11.26 80.45
N GLY M 80 -16.95 11.91 81.23
CA GLY M 80 -16.36 13.17 80.85
C GLY M 80 -15.62 13.19 79.53
N GLU M 81 -15.94 14.17 78.69
CA GLU M 81 -15.32 14.32 77.38
C GLU M 81 -14.20 15.36 77.36
N GLU M 82 -13.89 15.97 78.50
CA GLU M 82 -12.83 16.98 78.58
C GLU M 82 -11.47 16.35 78.88
N GLU M 83 -11.15 15.31 78.13
CA GLU M 83 -9.94 14.52 78.32
C GLU M 83 -9.24 14.35 76.98
N SER M 84 -7.92 14.45 76.99
CA SER M 84 -7.14 14.24 75.78
C SER M 84 -6.60 12.82 75.77
N LEU M 85 -7.52 11.86 75.62
CA LEU M 85 -7.14 10.47 75.52
C LEU M 85 -6.44 10.21 74.18
N HIS M 86 -5.39 9.41 74.23
CA HIS M 86 -4.68 9.00 73.03
C HIS M 86 -4.47 7.49 73.11
N VAL M 87 -4.55 6.82 71.97
CA VAL M 87 -4.38 5.37 71.90
C VAL M 87 -3.14 5.07 71.08
N PHE M 88 -2.17 4.40 71.71
CA PHE M 88 -0.92 4.05 71.06
C PHE M 88 -1.02 2.69 70.37
N GLN M 89 -0.35 2.57 69.24
CA GLN M 89 -0.29 1.31 68.49
C GLN M 89 1.15 1.09 68.05
N TYR M 90 1.68 -0.09 68.33
CA TYR M 90 3.08 -0.41 68.06
C TYR M 90 3.14 -1.38 66.89
N ALA M 91 3.76 -0.95 65.79
CA ALA M 91 3.83 -1.78 64.60
C ALA M 91 4.86 -2.89 64.71
N ASN M 92 5.58 -2.99 65.83
CA ASN M 92 6.61 -3.99 66.00
C ASN M 92 6.21 -5.04 67.04
N ARG M 93 5.88 -4.61 68.26
CA ARG M 93 5.72 -5.52 69.37
C ARG M 93 4.38 -6.25 69.28
N PRO M 94 4.37 -7.57 69.19
CA PRO M 94 3.11 -8.30 69.10
C PRO M 94 2.51 -8.50 70.48
N ARG M 95 1.34 -9.13 70.49
CA ARG M 95 0.62 -9.45 71.71
C ARG M 95 0.36 -10.95 71.74
N LEU M 96 0.31 -11.52 72.95
CA LEU M 96 0.01 -12.94 73.16
C LEU M 96 1.01 -13.84 72.44
N VAL M 97 2.25 -13.82 72.94
CA VAL M 97 3.24 -14.79 72.47
C VAL M 97 2.77 -16.21 72.78
N GLY M 98 1.96 -16.38 73.82
CA GLY M 98 1.34 -17.65 74.12
C GLY M 98 -0.10 -17.47 74.59
N ARG M 99 -0.54 -18.33 75.51
CA ARG M 99 -1.82 -18.07 76.18
C ARG M 99 -1.73 -16.80 77.02
N LYS M 100 -0.53 -16.45 77.47
CA LYS M 100 -0.35 -15.27 78.29
C LYS M 100 -0.51 -14.01 77.44
N PRO M 101 -1.19 -12.99 77.96
CA PRO M 101 -1.40 -11.74 77.22
C PRO M 101 -0.18 -10.83 77.17
N ALA M 102 0.96 -11.40 76.73
CA ALA M 102 2.21 -10.67 76.54
C ALA M 102 2.61 -9.86 77.78
N GLU M 103 3.11 -8.65 77.56
CA GLU M 103 3.66 -7.81 78.61
C GLU M 103 3.58 -6.36 78.15
N HIS M 104 3.73 -5.45 79.11
CA HIS M 104 3.87 -4.04 78.75
C HIS M 104 5.32 -3.62 78.93
N PRO M 105 6.00 -3.15 77.88
CA PRO M 105 7.44 -2.88 77.99
C PRO M 105 7.74 -1.71 78.91
N PHE M 106 8.94 -1.73 79.50
CA PHE M 106 9.44 -0.57 80.22
C PHE M 106 9.82 0.53 79.23
N ILE M 107 9.31 1.74 79.46
CA ILE M 107 9.60 2.89 78.62
C ILE M 107 10.02 4.06 79.51
N SER M 108 10.64 5.05 78.88
CA SER M 108 10.96 6.31 79.54
C SER M 108 11.15 7.37 78.45
N ALA M 109 11.13 8.63 78.88
CA ALA M 109 11.43 9.77 78.00
C ALA M 109 10.48 9.81 76.79
N ALA M 110 9.21 10.03 77.09
CA ALA M 110 8.23 10.29 76.04
C ALA M 110 8.39 11.70 75.49
N ARG M 111 7.89 11.89 74.28
CA ARG M 111 7.93 13.20 73.63
C ARG M 111 6.64 13.41 72.85
N TYR M 112 6.29 14.68 72.67
CA TYR M 112 5.06 15.06 71.99
C TYR M 112 5.35 16.33 71.20
N LYS M 113 4.40 16.71 70.34
CA LYS M 113 4.55 17.92 69.53
C LYS M 113 3.16 18.49 69.28
N PRO M 114 2.71 19.44 70.10
CA PRO M 114 1.43 20.09 69.81
C PRO M 114 1.50 20.83 68.48
N LYS M 115 0.33 20.98 67.85
CA LYS M 115 0.09 21.54 66.54
C LYS M 115 0.50 20.57 65.44
N SER M 116 1.10 19.43 65.77
CA SER M 116 1.31 18.34 64.82
C SER M 116 1.02 16.98 65.41
N HIS M 117 0.83 16.87 66.72
CA HIS M 117 0.47 15.63 67.41
C HIS M 117 1.51 14.52 67.20
N LEU M 118 2.74 14.90 66.85
CA LEU M 118 3.81 13.94 66.61
C LEU M 118 4.28 13.36 67.93
N TRP M 119 3.91 12.12 68.21
CA TRP M 119 4.40 11.43 69.39
C TRP M 119 5.80 10.90 69.15
N GLU M 120 6.56 10.75 70.24
CA GLU M 120 7.84 10.07 70.21
C GLU M 120 8.04 9.37 71.54
N ILE M 121 8.38 8.08 71.50
CA ILE M 121 8.51 7.25 72.69
C ILE M 121 9.88 6.59 72.66
N ASP M 122 10.50 6.47 73.83
CA ASP M 122 11.83 5.87 73.96
C ASP M 122 11.73 4.58 74.77
N ILE M 123 12.28 3.50 74.22
CA ILE M 123 12.32 2.20 74.88
C ILE M 123 13.77 1.79 75.01
N PRO M 124 14.29 1.57 76.22
CA PRO M 124 15.73 1.29 76.38
C PRO M 124 16.05 -0.16 76.04
N LEU M 125 17.12 -0.34 75.25
CA LEU M 125 17.52 -1.66 74.80
C LEU M 125 18.30 -2.39 75.88
N ASP M 126 18.64 -3.65 75.61
CA ASP M 126 19.38 -4.51 76.53
C ASP M 126 20.73 -4.84 75.92
N GLU M 127 21.79 -4.70 76.73
CA GLU M 127 23.15 -4.92 76.27
C GLU M 127 23.64 -6.34 76.52
N GLN M 128 23.15 -6.99 77.57
CA GLN M 128 23.61 -8.33 77.92
C GLN M 128 23.19 -9.39 76.91
N ALA M 129 22.29 -9.07 75.99
CA ALA M 129 21.83 -10.02 74.99
C ALA M 129 21.64 -9.30 73.66
N PHE M 130 22.42 -9.69 72.65
CA PHE M 130 22.22 -9.26 71.27
C PHE M 130 22.29 -7.75 71.13
N TYR M 131 23.50 -7.21 71.35
CA TYR M 131 23.66 -5.76 71.32
C TYR M 131 24.62 -5.26 70.26
N ASN M 132 25.70 -5.97 69.96
CA ASN M 132 26.69 -5.56 68.96
C ASN M 132 27.25 -4.16 69.26
N LYS M 133 27.89 -4.08 70.43
CA LYS M 133 28.42 -2.80 70.90
C LYS M 133 29.42 -2.20 69.93
N ASP M 134 30.20 -3.04 69.25
CA ASP M 134 31.27 -2.55 68.38
C ASP M 134 30.74 -1.64 67.28
N LYS M 135 29.93 -2.18 66.37
CA LYS M 135 29.39 -1.36 65.29
C LYS M 135 28.38 -0.35 65.84
N ALA M 136 27.65 -0.72 66.90
CA ALA M 136 26.78 0.25 67.56
C ALA M 136 27.51 1.56 67.81
N GLU M 137 28.58 1.51 68.60
CA GLU M 137 29.33 2.71 68.95
C GLU M 137 30.12 3.25 67.77
N SER M 138 30.64 2.38 66.90
CA SER M 138 31.47 2.82 65.79
C SER M 138 30.69 3.70 64.83
N GLU M 139 29.44 3.35 64.56
CA GLU M 139 28.65 4.14 63.62
C GLU M 139 27.87 5.24 64.35
N TRP M 140 27.12 4.87 65.39
CA TRP M 140 26.29 5.82 66.12
C TRP M 140 26.84 5.99 67.52
N ASN M 141 26.94 7.24 67.97
CA ASN M 141 27.63 7.55 69.21
C ASN M 141 27.12 6.70 70.37
N GLY M 142 25.81 6.64 70.55
CA GLY M 142 25.24 5.76 71.54
C GLY M 142 23.83 5.33 71.19
N VAL M 143 23.58 4.03 71.16
CA VAL M 143 22.24 3.52 70.87
C VAL M 143 21.87 2.46 71.90
N ASN M 144 21.20 2.88 72.96
CA ASN M 144 20.68 1.96 73.97
C ASN M 144 19.18 2.12 74.15
N VAL M 145 18.54 3.00 73.38
CA VAL M 145 17.11 3.26 73.48
C VAL M 145 16.50 3.10 72.09
N GLN M 146 15.27 2.60 72.06
CA GLN M 146 14.49 2.53 70.83
C GLN M 146 13.56 3.73 70.76
N THR M 147 13.52 4.39 69.60
CA THR M 147 12.70 5.57 69.41
C THR M 147 11.59 5.27 68.41
N LEU M 148 10.35 5.55 68.82
CA LEU M 148 9.16 5.31 68.01
C LEU M 148 8.46 6.63 67.74
N LYS M 149 8.27 6.95 66.47
CA LYS M 149 7.55 8.15 66.06
C LYS M 149 6.08 7.81 65.83
N GLY M 150 5.33 8.71 65.21
CA GLY M 150 3.98 8.42 64.81
C GLY M 150 3.01 9.57 64.93
N VAL M 151 2.24 9.83 63.88
CA VAL M 151 1.29 10.94 63.86
C VAL M 151 -0.03 10.47 64.46
N GLY M 152 -0.56 11.25 65.40
CA GLY M 152 -1.82 10.92 66.04
C GLY M 152 -3.02 11.52 65.34
N VAL M 153 -3.76 10.68 64.61
CA VAL M 153 -4.86 11.13 63.76
C VAL M 153 -6.15 11.11 64.57
N GLU M 154 -7.07 11.99 64.19
CA GLU M 154 -8.36 12.12 64.87
C GLU M 154 -9.37 11.20 64.17
N ASN M 155 -9.95 10.28 64.93
CA ASN M 155 -10.97 9.37 64.42
C ASN M 155 -12.25 9.56 65.21
N ASN M 156 -13.38 9.42 64.52
CA ASN M 156 -14.68 9.76 65.08
C ASN M 156 -15.45 8.50 65.45
N GLY M 157 -16.05 8.52 66.64
CA GLY M 157 -16.88 7.43 67.11
C GLY M 157 -16.22 6.49 68.08
N GLN M 158 -14.90 6.54 68.22
CA GLN M 158 -14.20 5.65 69.15
C GLN M 158 -14.55 6.01 70.59
N TYR M 159 -14.78 4.98 71.40
CA TYR M 159 -15.13 5.16 72.81
C TYR M 159 -14.48 4.04 73.61
N ALA M 160 -13.69 4.41 74.62
CA ALA M 160 -12.99 3.44 75.44
C ALA M 160 -13.90 2.91 76.54
N ALA M 161 -13.87 1.60 76.75
CA ALA M 161 -14.77 0.96 77.68
C ALA M 161 -13.97 0.25 78.76
N PHE M 162 -14.33 0.51 80.02
CA PHE M 162 -13.86 -0.28 81.14
C PHE M 162 -15.04 -0.56 82.06
N VAL M 163 -15.09 -1.77 82.59
CA VAL M 163 -16.19 -2.21 83.44
C VAL M 163 -15.83 -1.91 84.88
N LYS M 164 -16.61 -1.02 85.52
CA LYS M 164 -16.40 -0.65 86.91
C LYS M 164 -17.32 -1.40 87.86
N ASP M 165 -18.62 -1.42 87.56
CA ASP M 165 -19.62 -2.27 88.16
C ASP M 165 -20.11 -3.19 87.05
N MET M 166 -21.20 -3.90 87.29
CA MET M 166 -21.84 -4.61 86.18
C MET M 166 -22.16 -3.67 85.02
N GLN M 167 -22.02 -2.35 85.22
CA GLN M 167 -22.23 -1.34 84.20
C GLN M 167 -20.93 -1.07 83.43
N VAL M 168 -21.09 -0.73 82.15
CA VAL M 168 -19.98 -0.38 81.28
C VAL M 168 -19.81 1.14 81.26
N TYR M 169 -18.59 1.59 81.00
CA TYR M 169 -18.25 3.01 81.11
C TYR M 169 -17.54 3.44 79.84
N LEU M 170 -18.12 4.41 79.12
CA LEU M 170 -17.61 4.81 77.81
C LEU M 170 -16.93 6.17 77.90
N VAL M 171 -15.71 6.24 77.40
CA VAL M 171 -14.93 7.48 77.33
C VAL M 171 -14.42 7.64 75.91
N PRO M 172 -14.58 8.81 75.28
CA PRO M 172 -14.11 8.99 73.91
C PRO M 172 -12.60 8.99 73.78
N ILE M 173 -12.12 8.57 72.62
CA ILE M 173 -10.71 8.65 72.27
C ILE M 173 -10.52 9.86 71.37
N GLU M 174 -9.75 10.84 71.84
CA GLU M 174 -9.54 12.04 71.04
C GLU M 174 -8.81 11.72 69.75
N ARG M 175 -7.68 11.03 69.85
CA ARG M 175 -6.88 10.70 68.68
C ARG M 175 -6.23 9.33 68.87
N VAL M 176 -5.84 8.72 67.76
CA VAL M 176 -5.16 7.42 67.76
C VAL M 176 -3.88 7.57 66.95
N ALA M 177 -2.76 7.10 67.52
CA ALA M 177 -1.45 7.19 66.88
C ALA M 177 -0.89 5.79 66.65
N GLN M 178 -0.27 5.59 65.49
CA GLN M 178 0.34 4.32 65.12
C GLN M 178 1.86 4.50 65.11
N LEU M 179 2.53 3.92 66.11
CA LEU M 179 3.94 4.18 66.36
C LEU M 179 4.80 3.19 65.62
N LYS M 180 5.78 3.71 64.86
CA LYS M 180 6.68 2.94 64.03
C LYS M 180 8.11 3.31 64.33
N PRO M 181 9.07 2.40 64.12
CA PRO M 181 10.44 2.65 64.56
C PRO M 181 11.03 3.90 63.92
N PHE M 182 11.81 4.63 64.73
CA PHE M 182 12.41 5.90 64.31
C PHE M 182 13.92 5.80 64.49
N PHE M 183 14.65 5.96 63.40
CA PHE M 183 16.11 5.87 63.41
C PHE M 183 16.68 7.27 63.22
N LYS M 184 16.88 7.98 64.34
CA LYS M 184 17.48 9.31 64.28
C LYS M 184 18.97 9.26 64.04
N TYR M 185 19.63 8.19 64.49
CA TYR M 185 21.09 8.15 64.44
C TYR M 185 21.61 8.05 63.02
N ILE M 186 20.91 7.30 62.17
CA ILE M 186 21.31 7.24 60.76
C ILE M 186 21.20 8.63 60.13
N ASP M 187 20.07 9.30 60.34
CA ASP M 187 19.88 10.62 59.76
C ASP M 187 20.94 11.60 60.25
N ASP M 188 21.28 11.52 61.54
CA ASP M 188 22.38 12.32 62.06
C ASP M 188 23.68 11.99 61.34
N ALA M 189 23.89 10.71 61.02
CA ALA M 189 25.10 10.34 60.28
C ALA M 189 25.14 11.03 58.92
N ASN M 190 24.01 11.07 58.21
CA ASN M 190 24.02 11.82 56.95
C ASN M 190 24.27 13.32 57.19
N VAL M 191 23.60 13.90 58.18
CA VAL M 191 23.71 15.34 58.39
C VAL M 191 25.12 15.72 58.84
N THR M 192 25.90 14.77 59.32
CA THR M 192 27.30 15.04 59.65
C THR M 192 28.28 14.62 58.56
N ARG M 193 27.90 13.71 57.67
CA ARG M 193 28.81 13.18 56.66
C ARG M 193 28.66 13.83 55.30
N LYS M 194 27.43 13.99 54.81
CA LYS M 194 27.22 14.55 53.49
C LYS M 194 27.73 15.98 53.39
N GLN M 195 27.76 16.69 54.53
CA GLN M 195 28.33 18.04 54.54
C GLN M 195 29.83 18.02 54.23
N GLU M 196 30.50 16.91 54.49
CA GLU M 196 31.95 16.82 54.30
C GLU M 196 32.27 15.97 53.07
N ASN M 225 6.67 32.34 46.62
CA ASN M 225 7.13 31.51 47.73
C ASN M 225 6.11 31.52 48.86
N ARG M 226 5.20 30.55 48.84
CA ARG M 226 4.11 30.50 49.80
C ARG M 226 4.03 29.19 50.56
N LEU M 227 4.47 28.07 49.97
CA LEU M 227 4.60 26.78 50.63
C LEU M 227 3.25 26.30 51.20
N THR M 228 2.35 25.99 50.27
CA THR M 228 1.04 25.47 50.62
C THR M 228 1.02 23.94 50.60
N GLY M 229 0.25 23.37 51.52
CA GLY M 229 0.02 21.93 51.53
C GLY M 229 0.74 21.18 52.63
N SER M 230 1.23 19.98 52.31
CA SER M 230 1.94 19.16 53.29
C SER M 230 3.35 19.66 53.55
N LEU M 231 3.92 20.44 52.62
CA LEU M 231 5.22 21.04 52.88
C LEU M 231 5.15 22.01 54.06
N LEU M 232 4.08 22.81 54.12
CA LEU M 232 3.90 23.69 55.28
C LEU M 232 3.73 22.88 56.55
N ALA M 233 3.00 21.77 56.49
CA ALA M 233 2.84 20.93 57.67
C ALA M 233 4.17 20.34 58.11
N HIS M 234 4.98 19.88 57.15
CA HIS M 234 6.29 19.34 57.50
C HIS M 234 7.18 20.40 58.12
N LYS M 235 7.16 21.61 57.56
CA LYS M 235 7.98 22.70 58.10
C LYS M 235 7.53 23.07 59.51
N VAL M 236 6.23 23.18 59.74
CA VAL M 236 5.75 23.46 61.10
C VAL M 236 6.21 22.36 62.04
N ALA M 237 6.04 21.10 61.65
CA ALA M 237 6.35 19.98 62.53
C ALA M 237 7.83 19.94 62.87
N ASP M 238 8.70 20.19 61.90
CA ASP M 238 10.13 20.11 62.17
C ASP M 238 10.72 21.40 62.71
N GLU M 239 9.98 22.51 62.68
CA GLU M 239 10.47 23.78 63.23
C GLU M 239 9.99 24.00 64.65
N GLU M 240 8.67 24.12 64.85
CA GLU M 240 8.13 24.29 66.19
C GLU M 240 7.96 22.89 66.78
N ALA M 241 8.78 22.56 67.76
CA ALA M 241 9.02 21.15 68.06
C ALA M 241 9.23 20.93 69.55
N ASN M 242 9.15 19.66 69.92
CA ASN M 242 9.77 19.09 71.12
C ASN M 242 9.25 19.76 72.40
N ILE M 243 7.96 19.57 72.65
CA ILE M 243 7.52 19.63 74.04
C ILE M 243 8.04 18.40 74.76
N GLU M 244 8.17 18.51 76.08
CA GLU M 244 8.77 17.45 76.86
C GLU M 244 7.78 16.92 77.90
N LEU M 245 7.86 15.61 78.15
CA LEU M 245 6.85 14.90 78.90
C LEU M 245 7.49 14.12 80.03
N THR M 246 6.65 13.69 80.97
CA THR M 246 7.05 12.79 82.03
C THR M 246 6.07 11.63 82.09
N TRP M 247 6.61 10.41 82.21
CA TRP M 247 5.75 9.25 82.27
C TRP M 247 5.09 9.12 83.63
N ALA M 248 3.97 8.42 83.65
CA ALA M 248 3.23 8.12 84.87
C ALA M 248 2.75 6.67 84.73
N GLU M 249 3.59 5.73 85.19
CA GLU M 249 3.38 4.33 84.86
C GLU M 249 2.12 3.76 85.53
N GLY M 250 1.93 4.05 86.80
CA GLY M 250 0.83 3.40 87.51
C GLY M 250 0.06 4.30 88.45
N THR M 251 -0.02 5.58 88.15
CA THR M 251 -0.71 6.54 89.01
C THR M 251 -2.19 6.66 88.68
N PHE M 252 -2.79 5.60 88.15
CA PHE M 252 -4.22 5.64 87.84
C PHE M 252 -5.00 5.66 89.14
N GLU M 253 -4.96 6.80 89.84
CA GLU M 253 -5.78 6.92 91.09
C GLU M 253 -6.47 8.30 91.11
N GLN M 254 -6.75 8.87 89.93
CA GLN M 254 -7.36 10.23 89.88
C GLN M 254 -8.22 10.40 88.63
N PHE M 255 -8.61 9.30 87.98
CA PHE M 255 -9.38 9.40 86.72
C PHE M 255 -10.69 8.62 86.85
N LYS M 256 -10.63 7.40 87.38
CA LYS M 256 -11.85 6.54 87.49
C LYS M 256 -12.91 7.27 88.33
N ASP M 257 -12.53 7.80 89.49
CA ASP M 257 -13.48 8.55 90.36
C ASP M 257 -14.25 9.54 89.49
N THR M 258 -13.55 10.43 88.80
CA THR M 258 -14.18 11.39 87.91
C THR M 258 -15.05 10.69 86.88
N ILE M 259 -14.55 9.58 86.31
CA ILE M 259 -15.36 8.85 85.33
C ILE M 259 -16.61 8.29 85.97
N VAL M 260 -16.48 7.66 87.14
CA VAL M 260 -17.68 7.15 87.81
C VAL M 260 -18.55 8.28 88.34
N LYS M 261 -18.01 9.50 88.45
CA LYS M 261 -18.84 10.63 88.85
C LYS M 261 -19.43 11.35 87.63
N GLU M 262 -18.61 11.60 86.61
CA GLU M 262 -19.09 12.27 85.40
C GLU M 262 -20.08 11.42 84.62
N ALA M 263 -20.20 10.13 84.95
CA ALA M 263 -21.23 9.29 84.35
C ALA M 263 -22.47 9.20 85.22
N GLU M 264 -22.32 9.34 86.53
CA GLU M 264 -23.46 9.43 87.45
C GLU M 264 -23.74 10.89 87.79
N ASP M 265 -24.09 11.66 86.75
CA ASP M 265 -24.44 13.05 86.92
C ASP M 265 -25.68 13.48 86.14
N LYS M 266 -26.15 12.68 85.19
CA LYS M 266 -27.27 13.04 84.35
C LYS M 266 -28.12 11.80 84.07
N THR M 267 -29.39 12.03 83.77
CA THR M 267 -30.32 11.00 83.37
C THR M 267 -31.24 11.60 82.31
N LEU M 268 -31.14 11.12 81.08
CA LEU M 268 -31.79 11.77 79.95
C LEU M 268 -32.88 10.89 79.35
N VAL M 269 -33.63 11.49 78.44
CA VAL M 269 -34.69 10.82 77.68
C VAL M 269 -34.58 11.23 76.23
N ALA M 270 -34.76 10.27 75.33
CA ALA M 270 -34.57 10.49 73.90
C ALA M 270 -35.83 11.04 73.25
N LEU M 271 -35.64 11.78 72.16
CA LEU M 271 -36.74 12.34 71.40
C LEU M 271 -36.78 11.87 69.95
N GLU M 272 -35.80 11.08 69.51
CA GLU M 272 -35.78 10.61 68.13
C GLU M 272 -36.45 9.25 68.02
N LYS M 273 -37.26 9.09 66.98
CA LYS M 273 -38.01 7.87 66.74
C LYS M 273 -37.16 6.88 65.94
N GLN M 274 -37.75 5.70 65.69
CA GLN M 274 -37.04 4.68 64.93
C GLN M 274 -36.93 5.06 63.46
N GLU M 275 -38.02 5.55 62.88
CA GLU M 275 -37.95 6.10 61.53
C GLU M 275 -37.11 7.37 61.50
N ASP M 276 -37.20 8.17 62.57
CA ASP M 276 -36.45 9.43 62.61
C ASP M 276 -34.95 9.20 62.55
N TYR M 277 -34.47 8.17 63.26
CA TYR M 277 -33.03 7.88 63.24
C TYR M 277 -32.55 7.55 61.84
N ILE M 278 -33.39 6.92 61.02
CA ILE M 278 -33.00 6.61 59.65
C ILE M 278 -32.73 7.88 58.86
N ASP M 279 -33.52 8.94 59.12
CA ASP M 279 -33.22 10.24 58.56
C ASP M 279 -31.93 10.81 59.14
N ASN M 280 -31.70 10.64 60.45
CA ASN M 280 -30.49 11.15 61.07
C ASN M 280 -29.26 10.44 60.52
N LEU M 281 -29.32 9.12 60.38
CA LEU M 281 -28.19 8.33 59.91
C LEU M 281 -28.59 7.44 58.74
N UNK N 184 0.17 -23.09 57.95
CA UNK N 184 0.72 -24.41 57.63
C UNK N 184 2.18 -24.51 58.03
N UNK N 185 3.02 -24.93 57.08
CA UNK N 185 4.44 -25.15 57.34
C UNK N 185 5.14 -23.88 57.77
N UNK N 186 6.39 -24.02 58.21
CA UNK N 186 7.14 -22.88 58.72
C UNK N 186 8.63 -23.09 58.54
N UNK N 187 9.22 -22.29 57.66
CA UNK N 187 10.65 -22.38 57.39
C UNK N 187 11.44 -21.93 58.61
N UNK N 188 12.37 -22.78 59.05
CA UNK N 188 13.19 -22.50 60.23
C UNK N 188 13.99 -21.21 60.07
N ARG N 195 13.53 -14.19 78.80
CA ARG N 195 13.87 -13.08 77.92
C ARG N 195 14.49 -13.59 76.62
N ILE N 196 14.78 -14.88 76.59
CA ILE N 196 15.33 -15.50 75.38
C ILE N 196 14.27 -15.57 74.29
N GLU N 197 13.06 -15.99 74.64
CA GLU N 197 12.04 -16.28 73.64
C GLU N 197 11.44 -15.00 73.06
N GLN N 198 11.58 -13.87 73.75
CA GLN N 198 11.07 -12.61 73.24
C GLN N 198 12.02 -11.93 72.28
N LEU N 199 13.22 -12.49 72.07
CA LEU N 199 14.23 -11.89 71.21
C LEU N 199 14.72 -12.82 70.11
N PHE N 200 14.03 -13.93 69.87
CA PHE N 200 14.38 -14.79 68.76
C PHE N 200 13.98 -14.12 67.44
N PRO N 201 14.66 -14.44 66.34
CA PRO N 201 14.32 -13.80 65.05
C PRO N 201 12.87 -14.03 64.69
N VAL N 202 12.29 -13.04 64.01
CA VAL N 202 10.88 -13.04 63.64
C VAL N 202 10.72 -13.71 62.29
N ARG N 203 9.80 -14.68 62.21
CA ARG N 203 9.50 -15.36 60.98
C ARG N 203 8.06 -15.05 60.53
N PRO N 204 7.82 -14.93 59.24
CA PRO N 204 6.44 -14.68 58.77
C PRO N 204 5.60 -15.94 58.83
N VAL N 205 4.30 -15.76 58.66
CA VAL N 205 3.38 -16.89 58.57
C VAL N 205 3.36 -17.38 57.13
N ARG N 206 3.66 -18.65 56.93
CA ARG N 206 3.81 -19.21 55.59
C ARG N 206 2.84 -20.37 55.40
N VAL N 207 1.63 -20.05 54.97
CA VAL N 207 0.60 -21.06 54.71
C VAL N 207 0.53 -21.30 53.21
N ARG N 208 0.18 -22.53 52.84
CA ARG N 208 0.12 -22.92 51.43
C ARG N 208 -1.01 -22.19 50.73
N HIS N 209 -0.83 -21.98 49.42
CA HIS N 209 -1.83 -21.24 48.67
C HIS N 209 -3.18 -21.94 48.66
N GLU N 210 -3.17 -23.27 48.58
CA GLU N 210 -4.43 -24.01 48.53
C GLU N 210 -5.13 -24.00 49.89
N ASP N 211 -4.39 -23.75 50.96
CA ASP N 211 -4.94 -23.87 52.30
C ASP N 211 -5.39 -22.54 52.89
N VAL N 212 -4.93 -21.41 52.34
CA VAL N 212 -5.08 -20.13 53.02
C VAL N 212 -6.55 -19.80 53.26
N GLU N 213 -7.41 -20.15 52.31
CA GLU N 213 -8.84 -19.91 52.51
C GLU N 213 -9.37 -20.69 53.72
N THR N 214 -8.95 -21.94 53.85
CA THR N 214 -9.47 -22.80 54.92
C THR N 214 -8.95 -22.36 56.30
N VAL N 215 -7.64 -22.13 56.40
CA VAL N 215 -7.06 -21.74 57.68
C VAL N 215 -7.49 -20.33 58.08
N LYS N 216 -7.87 -19.49 57.11
CA LYS N 216 -8.32 -18.13 57.43
C LYS N 216 -9.49 -18.13 58.38
N ARG N 217 -10.29 -19.20 58.39
CA ARG N 217 -11.34 -19.34 59.39
C ARG N 217 -10.81 -19.92 60.69
N GLU N 218 -9.51 -20.23 60.74
CA GLU N 218 -8.89 -20.63 62.01
C GLU N 218 -7.97 -19.54 62.56
N ILE N 219 -7.41 -18.71 61.68
CA ILE N 219 -6.50 -17.66 62.15
C ILE N 219 -7.23 -16.66 63.01
N GLN N 220 -8.49 -16.38 62.68
CA GLN N 220 -9.27 -15.42 63.47
C GLN N 220 -9.42 -15.88 64.92
N GLU N 221 -9.67 -17.16 65.12
CA GLU N 221 -9.82 -17.75 66.45
C GLU N 221 -8.48 -18.12 67.08
N ALA N 222 -7.38 -17.92 66.36
CA ALA N 222 -6.04 -18.11 66.92
C ALA N 222 -5.33 -16.81 67.25
N LEU N 223 -5.86 -15.67 66.81
CA LEU N 223 -5.27 -14.38 67.15
C LEU N 223 -5.71 -13.89 68.52
N SER N 224 -6.77 -14.46 69.10
CA SER N 224 -7.19 -14.03 70.42
C SER N 224 -6.40 -14.76 71.51
N GLU N 225 -6.54 -16.08 71.58
CA GLU N 225 -5.81 -16.92 72.54
C GLU N 225 -5.83 -16.34 73.94
N LYS N 226 -6.99 -15.82 74.34
CA LYS N 226 -7.11 -15.16 75.64
C LYS N 226 -6.86 -16.17 76.75
N PRO N 227 -6.23 -15.76 77.85
CA PRO N 227 -5.95 -16.67 78.99
C PRO N 227 -7.20 -16.95 79.82
N LYS N 274 -23.41 -19.96 49.86
CA LYS N 274 -23.63 -20.31 51.26
C LYS N 274 -22.90 -19.34 52.17
N GLU N 275 -22.95 -18.06 51.84
CA GLU N 275 -22.27 -17.02 52.58
C GLU N 275 -23.13 -16.41 53.68
N ALA N 276 -24.37 -16.86 53.83
CA ALA N 276 -25.25 -16.32 54.86
C ALA N 276 -25.24 -17.15 56.14
N ALA N 277 -25.25 -18.48 56.00
CA ALA N 277 -25.14 -19.33 57.19
C ALA N 277 -23.82 -19.11 57.90
N ALA N 278 -22.73 -18.98 57.14
CA ALA N 278 -21.43 -18.75 57.75
C ALA N 278 -21.42 -17.45 58.54
N GLU N 279 -22.02 -16.39 57.98
CA GLU N 279 -22.00 -15.11 58.68
C GLU N 279 -22.92 -15.12 59.90
N LEU N 280 -24.04 -15.85 59.82
CA LEU N 280 -24.88 -16.00 61.00
C LEU N 280 -24.14 -16.75 62.12
N GLU N 281 -23.39 -17.80 61.75
CA GLU N 281 -22.63 -18.53 62.75
C GLU N 281 -21.51 -17.69 63.33
N LEU N 282 -20.84 -16.89 62.49
CA LEU N 282 -19.83 -15.98 63.00
C LEU N 282 -20.43 -14.97 63.96
N LEU N 283 -21.62 -14.47 63.64
CA LEU N 283 -22.29 -13.52 64.51
C LEU N 283 -22.60 -14.15 65.86
N ASN N 284 -23.12 -15.38 65.85
CA ASN N 284 -23.42 -16.07 67.10
C ASN N 284 -22.16 -16.32 67.93
N ALA N 285 -21.09 -16.79 67.27
CA ALA N 285 -19.84 -17.04 67.98
C ALA N 285 -19.26 -15.76 68.56
N ASP N 286 -19.31 -14.66 67.81
CA ASP N 286 -18.82 -13.39 68.31
C ASP N 286 -19.67 -12.91 69.47
N HIS N 287 -20.98 -13.16 69.42
CA HIS N 287 -21.84 -12.78 70.55
C HIS N 287 -21.42 -13.50 71.81
N GLN N 288 -21.28 -14.83 71.74
CA GLN N 288 -20.92 -15.56 72.96
C GLN N 288 -19.52 -15.18 73.42
N HIS N 289 -18.61 -14.94 72.48
CA HIS N 289 -17.26 -14.49 72.83
C HIS N 289 -17.29 -13.17 73.60
N ILE N 290 -18.02 -12.17 73.07
CA ILE N 290 -18.01 -10.86 73.71
C ILE N 290 -18.76 -10.90 75.03
N LEU N 291 -19.77 -11.75 75.16
CA LEU N 291 -20.40 -11.95 76.46
C LEU N 291 -19.39 -12.51 77.47
N ARG N 292 -18.60 -13.49 77.04
CA ARG N 292 -17.59 -14.06 77.93
C ARG N 292 -16.57 -13.00 78.33
N LYS N 293 -16.17 -12.13 77.39
CA LYS N 293 -15.22 -11.08 77.73
C LYS N 293 -15.82 -10.07 78.70
N LEU N 294 -17.10 -9.74 78.53
CA LEU N 294 -17.77 -8.84 79.45
C LEU N 294 -17.80 -9.44 80.85
N LYS N 295 -18.06 -10.75 80.95
CA LYS N 295 -17.98 -11.39 82.27
C LYS N 295 -16.56 -11.42 82.80
N LYS N 296 -15.57 -11.66 81.92
CA LYS N 296 -14.19 -11.81 82.35
C LYS N 296 -13.65 -10.51 82.94
N MET N 297 -13.91 -9.39 82.30
CA MET N 297 -13.40 -8.12 82.81
C MET N 297 -14.36 -7.53 83.86
N ASN N 298 -14.61 -8.28 84.93
CA ASN N 298 -15.52 -7.78 85.96
C ASN N 298 -14.91 -6.57 86.67
N ASN N 299 -13.68 -6.70 87.15
CA ASN N 299 -12.99 -5.58 87.79
C ASN N 299 -11.49 -5.82 87.71
N LYS N 300 -10.84 -5.16 86.75
CA LYS N 300 -9.40 -5.31 86.56
C LYS N 300 -8.81 -3.96 86.16
N PRO N 301 -7.73 -3.52 86.82
CA PRO N 301 -7.21 -2.17 86.55
C PRO N 301 -6.69 -1.96 85.15
N GLU N 302 -5.93 -2.91 84.61
CA GLU N 302 -5.17 -2.69 83.37
C GLU N 302 -5.92 -3.08 82.11
N ARG N 303 -7.19 -3.46 82.20
CA ARG N 303 -7.97 -3.90 81.05
C ARG N 303 -8.85 -2.78 80.54
N PHE N 304 -8.82 -2.55 79.23
CA PHE N 304 -9.63 -1.54 78.56
C PHE N 304 -10.16 -2.12 77.25
N MET N 305 -11.31 -1.61 76.83
CA MET N 305 -11.92 -2.00 75.57
C MET N 305 -12.29 -0.76 74.79
N VAL N 306 -12.35 -0.91 73.46
CA VAL N 306 -12.68 0.16 72.56
C VAL N 306 -13.99 -0.17 71.85
N PHE N 307 -14.94 0.76 71.90
CA PHE N 307 -16.22 0.63 71.22
C PHE N 307 -16.25 1.61 70.06
N GLN N 308 -16.61 1.14 68.87
CA GLN N 308 -16.88 2.00 67.74
C GLN N 308 -18.39 2.20 67.66
N LEU N 309 -18.82 3.44 67.80
CA LEU N 309 -20.23 3.79 67.80
C LEU N 309 -20.56 4.59 66.55
N PRO N 310 -21.83 4.66 66.17
CA PRO N 310 -22.21 5.57 65.08
C PRO N 310 -22.02 7.01 65.50
N THR N 311 -21.36 7.78 64.64
CA THR N 311 -21.22 9.20 64.87
C THR N 311 -22.60 9.86 64.83
N ARG N 312 -22.80 10.84 65.71
CA ARG N 312 -24.11 11.50 65.89
C ARG N 312 -25.18 10.49 66.32
N LEU N 313 -24.94 9.91 67.50
CA LEU N 313 -25.93 9.06 68.14
C LEU N 313 -27.11 9.93 68.62
N PRO N 314 -28.30 9.32 68.83
CA PRO N 314 -29.50 10.12 69.12
C PRO N 314 -29.29 11.12 70.24
N ALA N 315 -29.37 12.41 69.92
CA ALA N 315 -29.21 13.43 70.96
C ALA N 315 -30.41 13.42 71.88
N PHE N 316 -30.15 13.47 73.19
CA PHE N 316 -31.19 13.39 74.19
C PHE N 316 -31.63 14.78 74.63
N GLU N 317 -32.65 14.81 75.48
CA GLU N 317 -33.18 16.05 76.03
C GLU N 317 -32.44 16.40 77.32
N ARG N 318 -32.08 17.66 77.46
CA ARG N 318 -31.39 18.12 78.66
C ARG N 318 -32.35 18.13 79.85
N PRO N 319 -32.09 17.36 80.92
CA PRO N 319 -32.95 17.32 82.10
C PRO N 319 -32.56 18.36 83.14
N LEU N 356 -22.13 13.44 75.28
CA LEU N 356 -23.06 13.81 76.33
C LEU N 356 -22.49 13.46 77.69
N ALA N 357 -23.34 13.58 78.72
CA ALA N 357 -23.00 13.14 80.06
C ALA N 357 -24.18 12.40 80.63
N GLY N 358 -23.91 11.36 81.41
CA GLY N 358 -24.96 10.57 82.01
C GLY N 358 -25.08 9.16 81.47
N LYS N 359 -26.29 8.61 81.47
CA LYS N 359 -26.51 7.22 81.07
C LYS N 359 -27.24 7.18 79.74
N VAL N 360 -26.72 6.39 78.80
CA VAL N 360 -27.27 6.25 77.46
C VAL N 360 -27.71 4.82 77.27
N GLY N 361 -28.94 4.50 77.65
CA GLY N 361 -29.48 3.18 77.43
C GLY N 361 -28.71 2.09 78.15
N SER N 362 -28.66 0.91 77.53
CA SER N 362 -28.06 -0.25 78.15
C SER N 362 -27.62 -1.24 77.09
N ILE N 363 -26.56 -1.98 77.39
CA ILE N 363 -26.15 -3.14 76.61
C ILE N 363 -26.69 -4.38 77.32
N ARG N 364 -27.78 -4.92 76.82
CA ARG N 364 -28.52 -5.98 77.49
C ARG N 364 -28.34 -7.29 76.76
N VAL N 365 -28.21 -8.37 77.51
CA VAL N 365 -28.18 -9.70 76.91
C VAL N 365 -29.61 -10.09 76.53
N HIS N 366 -29.78 -10.55 75.30
CA HIS N 366 -31.09 -10.89 74.80
C HIS N 366 -31.49 -12.28 75.29
N LYS N 367 -32.58 -12.81 74.75
CA LYS N 367 -33.03 -14.14 75.10
C LYS N 367 -32.52 -15.16 74.08
N SER N 368 -32.52 -16.43 74.51
CA SER N 368 -32.08 -17.54 73.66
C SER N 368 -30.66 -17.30 73.12
N GLY N 369 -29.76 -16.89 74.02
CA GLY N 369 -28.35 -16.73 73.67
C GLY N 369 -28.05 -15.67 72.66
N LYS N 370 -28.63 -14.47 72.81
CA LYS N 370 -28.41 -13.37 71.89
C LYS N 370 -28.00 -12.13 72.70
N LEU N 371 -27.37 -11.18 72.03
CA LEU N 371 -26.89 -9.96 72.66
C LEU N 371 -27.29 -8.76 71.82
N SER N 372 -27.65 -7.66 72.48
CA SER N 372 -28.04 -6.45 71.77
C SER N 372 -27.75 -5.24 72.65
N VAL N 373 -27.69 -4.08 72.01
CA VAL N 373 -27.40 -2.82 72.70
C VAL N 373 -28.57 -1.87 72.44
N LYS N 374 -29.02 -1.21 73.49
CA LYS N 374 -30.12 -0.25 73.42
C LYS N 374 -29.59 1.13 73.77
N ILE N 375 -29.86 2.11 72.92
CA ILE N 375 -29.46 3.48 73.19
C ILE N 375 -30.57 4.26 73.91
N GLY N 376 -31.81 3.80 73.82
CA GLY N 376 -32.91 4.43 74.52
C GLY N 376 -34.15 4.47 73.68
N ASN N 377 -33.97 4.60 72.36
CA ASN N 377 -35.09 4.50 71.45
C ASN N 377 -34.76 3.57 70.28
N VAL N 378 -33.48 3.50 69.92
CA VAL N 378 -33.01 2.72 68.78
C VAL N 378 -32.24 1.52 69.29
N VAL N 379 -32.49 0.35 68.69
CA VAL N 379 -31.76 -0.86 69.00
C VAL N 379 -30.81 -1.13 67.85
N MET N 380 -29.65 -1.69 68.16
CA MET N 380 -28.61 -1.93 67.19
C MET N 380 -28.10 -3.35 67.29
N ASP N 381 -27.19 -3.70 66.38
CA ASP N 381 -26.48 -4.96 66.43
C ASP N 381 -25.05 -4.69 66.92
N ILE N 382 -24.65 -5.40 67.97
CA ILE N 382 -23.32 -5.27 68.53
C ILE N 382 -22.51 -6.50 68.14
N GLY N 383 -21.38 -6.28 67.50
CA GLY N 383 -20.51 -7.37 67.10
C GLY N 383 -19.08 -7.14 67.49
N LYS N 384 -18.17 -7.99 67.00
CA LYS N 384 -16.75 -7.83 67.23
C LYS N 384 -16.09 -7.23 65.99
N GLY N 385 -15.01 -6.50 66.21
CA GLY N 385 -14.27 -5.86 65.14
C GLY N 385 -13.25 -6.78 64.54
N ALA N 386 -12.24 -6.18 63.91
CA ALA N 386 -11.11 -6.94 63.41
C ALA N 386 -10.13 -7.25 64.54
N GLU N 387 -9.34 -8.30 64.34
CA GLU N 387 -8.40 -8.77 65.36
C GLU N 387 -7.07 -8.06 65.15
N THR N 388 -6.53 -7.50 66.23
CA THR N 388 -5.32 -6.71 66.16
C THR N 388 -4.16 -7.46 66.82
N THR N 389 -3.10 -7.67 66.05
CA THR N 389 -1.89 -8.32 66.57
C THR N 389 -0.84 -7.29 66.97
N PHE N 390 -1.19 -6.42 67.90
CA PHE N 390 -0.18 -5.60 68.57
C PHE N 390 -0.69 -5.20 69.94
N LEU N 391 0.16 -4.46 70.65
CA LEU N 391 -0.22 -3.85 71.91
C LEU N 391 -0.93 -2.53 71.66
N GLN N 392 -1.82 -2.17 72.58
CA GLN N 392 -2.53 -0.91 72.52
C GLN N 392 -2.64 -0.33 73.92
N ASP N 393 -2.37 0.97 74.05
CA ASP N 393 -2.33 1.63 75.34
C ASP N 393 -3.15 2.91 75.28
N VAL N 394 -3.77 3.28 76.40
CA VAL N 394 -4.59 4.48 76.50
C VAL N 394 -3.88 5.47 77.43
N ILE N 395 -3.81 6.72 77.00
CA ILE N 395 -2.95 7.73 77.60
C ILE N 395 -3.67 9.07 77.67
N ALA N 396 -3.60 9.71 78.83
CA ALA N 396 -4.08 11.08 78.98
C ALA N 396 -2.94 12.06 78.74
N LEU N 397 -3.27 13.20 78.11
CA LEU N 397 -2.25 14.17 77.73
C LEU N 397 -2.67 15.58 78.12
N SER N 398 -1.68 16.38 78.51
CA SER N 398 -1.87 17.77 78.90
C SER N 398 -0.87 18.66 78.15
N ILE N 399 -1.35 19.82 77.70
CA ILE N 399 -0.54 20.74 76.90
C ILE N 399 0.22 21.75 77.74
N ALA N 400 0.01 21.77 79.06
CA ALA N 400 0.57 22.82 79.90
C ALA N 400 2.08 22.84 79.83
N ASP N 401 2.64 24.05 79.78
CA ASP N 401 4.09 24.24 79.71
C ASP N 401 4.79 24.03 81.05
N ASP N 402 4.09 24.23 82.17
CA ASP N 402 4.70 23.97 83.47
C ASP N 402 5.01 22.49 83.64
N ALA N 403 4.11 21.62 83.17
CA ALA N 403 4.36 20.18 83.19
C ALA N 403 3.49 19.52 82.13
N SER N 404 4.11 18.65 81.32
CA SER N 404 3.39 17.80 80.39
C SER N 404 3.53 16.36 80.85
N SER N 405 2.39 15.67 80.98
CA SER N 405 2.37 14.31 81.50
C SER N 405 1.77 13.35 80.47
N ALA N 406 2.15 12.08 80.60
CA ALA N 406 1.59 10.99 79.79
C ALA N 406 1.19 9.88 80.77
N GLU N 407 0.00 9.99 81.34
CA GLU N 407 -0.44 9.05 82.34
C GLU N 407 -0.85 7.73 81.69
N LEU N 408 -0.33 6.62 82.21
CA LEU N 408 -0.65 5.30 81.69
C LEU N 408 -1.82 4.72 82.47
N LEU N 409 -2.79 4.14 81.77
CA LEU N 409 -3.98 3.60 82.40
C LEU N 409 -4.09 2.09 82.26
N GLY N 410 -4.06 1.58 81.03
CA GLY N 410 -4.21 0.14 80.85
C GLY N 410 -3.90 -0.25 79.41
N ARG N 411 -4.17 -1.51 79.10
CA ARG N 411 -3.94 -2.05 77.77
C ARG N 411 -5.27 -2.47 77.15
N VAL N 412 -5.42 -2.17 75.86
CA VAL N 412 -6.70 -2.36 75.18
C VAL N 412 -6.92 -3.85 74.91
N ASP N 413 -8.08 -4.35 75.30
CA ASP N 413 -8.40 -5.76 75.13
C ASP N 413 -8.82 -6.08 73.69
N GLY N 414 -9.94 -5.49 73.24
CA GLY N 414 -10.45 -5.78 71.92
C GLY N 414 -11.39 -4.70 71.44
N LYS N 415 -11.83 -4.85 70.19
CA LYS N 415 -12.62 -3.84 69.50
C LYS N 415 -14.05 -4.32 69.30
N ILE N 416 -15.01 -3.47 69.62
CA ILE N 416 -16.43 -3.75 69.45
C ILE N 416 -17.01 -2.74 68.48
N VAL N 417 -17.64 -3.24 67.42
CA VAL N 417 -18.25 -2.40 66.40
C VAL N 417 -19.76 -2.49 66.54
N VAL N 418 -20.42 -1.35 66.63
CA VAL N 418 -21.86 -1.26 66.82
C VAL N 418 -22.48 -0.70 65.55
N THR N 419 -23.56 -1.33 65.10
CA THR N 419 -24.22 -1.00 63.85
C THR N 419 -25.72 -0.89 64.08
N PRO N 420 -26.35 0.20 63.64
CA PRO N 420 -27.80 0.33 63.84
C PRO N 420 -28.59 -0.71 63.07
N GLN N 421 -29.73 -1.09 63.64
CA GLN N 421 -30.60 -2.04 62.98
C GLN N 421 -32.05 -1.66 63.28
N ILE N 422 -32.93 -2.00 62.34
CA ILE N 422 -34.36 -1.68 62.43
C ILE N 422 -35.05 -2.54 63.48
N LEU O 25 23.49 43.34 -14.94
CA LEU O 25 23.67 41.96 -14.47
C LEU O 25 24.33 41.11 -15.54
N VAL O 26 24.93 40.00 -15.10
CA VAL O 26 25.55 39.02 -15.99
C VAL O 26 24.73 37.75 -15.90
N THR O 27 24.25 37.28 -17.05
CA THR O 27 23.41 36.10 -17.09
C THR O 27 24.26 34.84 -16.89
N PRO O 28 23.63 33.74 -16.45
CA PRO O 28 24.38 32.49 -16.30
C PRO O 28 25.06 32.02 -17.57
N GLU O 29 24.49 32.28 -18.74
CA GLU O 29 25.15 31.92 -19.98
C GLU O 29 26.47 32.67 -20.15
N ASP O 30 26.47 33.97 -19.85
CA ASP O 30 27.71 34.74 -19.91
C ASP O 30 28.70 34.32 -18.83
N VAL O 31 28.21 33.76 -17.73
CA VAL O 31 29.10 33.27 -16.68
C VAL O 31 29.93 32.11 -17.18
N MET O 32 29.32 31.17 -17.90
CA MET O 32 30.04 29.98 -18.33
C MET O 32 31.13 30.30 -19.33
N THR O 33 31.08 31.47 -19.96
CA THR O 33 32.11 31.81 -20.94
C THR O 33 33.22 32.64 -20.31
N ILE O 34 32.87 33.64 -19.52
CA ILE O 34 33.88 34.54 -18.96
C ILE O 34 34.52 33.92 -17.73
N SER O 35 33.72 33.63 -16.71
CA SER O 35 34.25 33.07 -15.48
C SER O 35 34.59 31.59 -15.67
N SER O 36 35.55 31.12 -14.88
CA SER O 36 36.00 29.73 -14.98
C SER O 36 35.31 28.86 -13.94
N LEU O 37 33.97 28.82 -14.01
CA LEU O 37 33.20 27.86 -13.21
C LEU O 37 33.19 26.47 -13.82
N GLU O 38 33.41 26.37 -15.14
CA GLU O 38 33.52 25.05 -15.75
C GLU O 38 34.78 24.32 -15.29
N GLN O 39 35.87 25.06 -15.07
CA GLN O 39 37.13 24.47 -14.64
C GLN O 39 37.28 24.40 -13.12
N ARG O 40 36.38 25.02 -12.37
CA ARG O 40 36.45 24.95 -10.91
C ARG O 40 36.05 23.59 -10.37
N THR O 41 35.53 22.69 -11.20
CA THR O 41 35.13 21.37 -10.75
C THR O 41 36.24 20.34 -10.92
N LEU O 42 37.10 20.53 -11.92
CA LEU O 42 38.14 19.56 -12.22
C LEU O 42 39.12 19.40 -11.06
N ASN O 43 39.59 18.16 -10.87
CA ASN O 43 40.55 17.87 -9.81
C ASN O 43 41.90 18.49 -10.13
N PRO O 44 42.57 19.12 -9.16
CA PRO O 44 43.84 19.80 -9.47
C PRO O 44 44.93 18.90 -10.01
N ASP O 45 45.02 17.67 -9.50
CA ASP O 45 46.05 16.74 -9.98
C ASP O 45 45.75 16.29 -11.41
N LEU O 46 44.51 15.89 -11.67
CA LEU O 46 44.14 15.45 -13.00
C LEU O 46 44.25 16.59 -14.00
N PHE O 47 43.80 17.78 -13.60
CA PHE O 47 43.81 18.94 -14.49
C PHE O 47 45.24 19.28 -14.92
N LEU O 48 46.16 19.37 -13.97
CA LEU O 48 47.51 19.85 -14.27
C LEU O 48 48.30 18.83 -15.09
N TYR O 49 48.26 17.56 -14.68
CA TYR O 49 48.97 16.53 -15.44
C TYR O 49 48.40 16.39 -16.83
N LYS O 50 47.06 16.37 -16.95
CA LYS O 50 46.45 16.23 -18.25
C LYS O 50 46.79 17.41 -19.15
N GLU O 51 46.76 18.63 -18.61
CA GLU O 51 47.11 19.79 -19.41
C GLU O 51 48.57 19.75 -19.85
N LEU O 52 49.47 19.33 -18.96
CA LEU O 52 50.89 19.27 -19.31
C LEU O 52 51.13 18.27 -20.43
N VAL O 53 50.58 17.06 -20.30
CA VAL O 53 50.83 16.06 -21.33
C VAL O 53 50.09 16.40 -22.61
N LYS O 54 48.97 17.11 -22.53
CA LYS O 54 48.30 17.56 -23.74
C LYS O 54 49.09 18.65 -24.44
N ALA O 55 49.77 19.50 -23.67
CA ALA O 55 50.57 20.55 -24.27
C ALA O 55 51.82 19.98 -24.94
N HIS O 56 52.44 18.98 -24.32
CA HIS O 56 53.74 18.52 -24.82
C HIS O 56 53.67 17.30 -25.71
N LEU O 57 52.68 16.43 -25.54
CA LEU O 57 52.53 15.23 -26.35
C LEU O 57 51.27 15.24 -27.19
N GLY O 58 50.10 15.34 -26.59
CA GLY O 58 48.93 15.46 -27.43
C GLY O 58 47.70 14.86 -26.76
N GLU O 59 46.75 14.46 -27.61
CA GLU O 59 45.44 14.03 -27.14
C GLU O 59 45.40 12.57 -26.69
N ARG O 60 46.12 11.68 -27.38
CA ARG O 60 46.17 10.30 -26.95
C ARG O 60 46.93 10.15 -25.64
N ALA O 61 48.07 10.82 -25.54
CA ALA O 61 48.83 10.77 -24.29
C ALA O 61 48.01 11.34 -23.15
N ALA O 62 47.31 12.44 -23.40
CA ALA O 62 46.43 13.02 -22.39
C ALA O 62 45.33 12.05 -22.01
N SER O 63 44.76 11.34 -22.98
CA SER O 63 43.70 10.38 -22.67
C SER O 63 44.21 9.28 -21.76
N VAL O 64 45.35 8.69 -22.12
CA VAL O 64 45.89 7.59 -21.32
C VAL O 64 46.30 8.08 -19.93
N ILE O 65 46.97 9.23 -19.86
CA ILE O 65 47.41 9.75 -18.57
C ILE O 65 46.21 10.09 -17.70
N GLY O 66 45.19 10.70 -18.28
CA GLY O 66 43.98 11.00 -17.51
C GLY O 66 43.33 9.75 -16.98
N MET O 67 43.27 8.69 -17.80
CA MET O 67 42.67 7.45 -17.33
C MET O 67 43.50 6.83 -16.20
N LEU O 68 44.83 6.86 -16.33
CA LEU O 68 45.67 6.33 -15.26
C LEU O 68 45.50 7.11 -13.96
N VAL O 69 45.47 8.45 -14.05
CA VAL O 69 45.36 9.27 -12.87
C VAL O 69 43.98 9.13 -12.23
N ALA O 70 42.94 9.01 -13.06
CA ALA O 70 41.58 8.93 -12.54
C ALA O 70 41.29 7.57 -11.91
N LEU O 71 41.78 6.49 -12.52
CA LEU O 71 41.46 5.16 -12.02
C LEU O 71 42.61 4.51 -11.25
N GLY O 72 43.85 4.78 -11.63
CA GLY O 72 44.97 4.17 -10.96
C GLY O 72 45.72 3.20 -11.84
N ARG O 73 46.15 2.09 -11.27
CA ARG O 73 46.92 1.10 -12.01
C ARG O 73 46.03 0.31 -12.96
N LEU O 74 46.47 0.18 -14.22
CA LEU O 74 45.68 -0.47 -15.24
C LEU O 74 46.58 -1.29 -16.16
N SER O 75 45.97 -2.23 -16.86
CA SER O 75 46.63 -3.02 -17.90
C SER O 75 46.21 -2.53 -19.28
N VAL O 76 46.87 -3.05 -20.31
CA VAL O 76 46.61 -2.58 -21.67
C VAL O 76 45.19 -2.93 -22.09
N ARG O 77 44.73 -4.13 -21.79
CA ARG O 77 43.35 -4.50 -22.15
C ARG O 77 42.35 -3.65 -21.39
N GLU O 78 42.63 -3.34 -20.12
CA GLU O 78 41.76 -2.44 -19.38
C GLU O 78 41.79 -1.03 -19.94
N LEU O 79 42.96 -0.58 -20.40
CA LEU O 79 43.05 0.73 -21.04
C LEU O 79 42.22 0.78 -22.32
N VAL O 80 42.27 -0.29 -23.11
CA VAL O 80 41.45 -0.37 -24.33
C VAL O 80 39.97 -0.37 -23.96
N GLU O 81 39.59 -1.12 -22.94
CA GLU O 81 38.19 -1.18 -22.54
C GLU O 81 37.70 0.16 -22.00
N LYS O 82 38.57 0.93 -21.36
CA LYS O 82 38.16 2.18 -20.74
C LYS O 82 38.13 3.34 -21.73
N ILE O 83 39.28 3.63 -22.35
CA ILE O 83 39.37 4.76 -23.33
C ILE O 83 38.56 4.38 -24.57
N ASP O 84 37.87 5.36 -25.18
CA ASP O 84 37.04 5.10 -26.38
C ASP O 84 37.90 4.43 -27.45
N GLY O 85 39.15 4.87 -27.61
CA GLY O 85 40.07 4.24 -28.57
C GLY O 85 40.27 2.76 -28.24
N MET O 86 39.73 1.88 -29.08
CA MET O 86 39.82 0.41 -28.82
C MET O 86 40.96 -0.17 -29.67
N ASP O 87 41.76 0.70 -30.30
CA ASP O 87 42.89 0.24 -31.14
C ASP O 87 44.09 -0.05 -30.22
N VAL O 88 44.25 -1.31 -29.81
CA VAL O 88 45.39 -1.70 -28.94
C VAL O 88 46.66 -1.01 -29.48
N ASP O 89 46.85 -1.00 -30.80
CA ASP O 89 48.04 -0.41 -31.38
C ASP O 89 48.23 1.03 -30.92
N SER O 90 47.16 1.83 -30.93
CA SER O 90 47.27 3.20 -30.48
C SER O 90 47.69 3.27 -29.02
N VAL O 91 47.13 2.39 -28.19
CA VAL O 91 47.50 2.34 -26.78
C VAL O 91 48.97 1.96 -26.64
N LYS O 92 49.45 0.98 -27.41
CA LYS O 92 50.85 0.57 -27.30
C LYS O 92 51.79 1.69 -27.72
N THR O 93 51.45 2.41 -28.79
CA THR O 93 52.28 3.53 -29.21
C THR O 93 52.27 4.64 -28.15
N THR O 94 51.11 4.93 -27.59
CA THR O 94 51.04 5.94 -26.55
C THR O 94 51.87 5.53 -25.34
N LEU O 95 51.83 4.25 -24.99
CA LEU O 95 52.56 3.78 -23.83
C LEU O 95 54.06 3.80 -24.06
N VAL O 96 54.52 3.45 -25.28
CA VAL O 96 55.96 3.52 -25.54
C VAL O 96 56.42 4.97 -25.50
N SER O 97 55.63 5.90 -26.06
CA SER O 97 56.03 7.31 -26.00
C SER O 97 56.07 7.80 -24.55
N LEU O 98 55.04 7.45 -23.77
CA LEU O 98 54.99 7.87 -22.38
C LEU O 98 56.11 7.26 -21.56
N THR O 99 56.56 6.05 -21.91
CA THR O 99 57.66 5.44 -21.20
C THR O 99 58.98 6.09 -21.58
N GLN O 100 59.15 6.42 -22.86
CA GLN O 100 60.37 7.10 -23.28
C GLN O 100 60.50 8.44 -22.58
N LEU O 101 59.38 9.14 -22.39
CA LEU O 101 59.41 10.34 -21.59
C LEU O 101 59.34 10.05 -20.09
N ARG O 102 59.36 8.77 -19.72
CA ARG O 102 59.23 8.28 -18.35
C ARG O 102 58.19 9.06 -17.54
N CYS O 103 57.02 9.24 -18.16
CA CYS O 103 55.85 9.71 -17.44
C CYS O 103 55.04 8.57 -16.85
N VAL O 104 55.44 7.31 -17.12
CA VAL O 104 54.74 6.13 -16.64
C VAL O 104 55.75 5.18 -16.00
N LYS O 105 55.23 4.33 -15.12
CA LYS O 105 55.96 3.20 -14.57
C LYS O 105 55.28 1.92 -15.00
N TYR O 106 55.99 0.80 -14.88
CA TYR O 106 55.39 -0.50 -15.15
C TYR O 106 55.80 -1.49 -14.07
N LEU O 107 54.94 -2.48 -13.85
CA LEU O 107 55.21 -3.56 -12.91
C LEU O 107 54.69 -4.84 -13.56
N GLN O 108 55.60 -5.62 -14.12
CA GLN O 108 55.25 -6.88 -14.77
C GLN O 108 55.24 -7.97 -13.70
N GLU O 109 54.04 -8.34 -13.25
CA GLU O 109 53.89 -9.32 -12.19
C GLU O 109 53.29 -10.60 -12.76
N THR O 110 53.59 -11.72 -12.10
CA THR O 110 53.13 -13.03 -12.53
C THR O 110 52.19 -13.62 -11.48
N ALA O 111 51.05 -14.11 -11.94
CA ALA O 111 50.12 -14.79 -11.06
C ALA O 111 50.53 -16.26 -10.91
N ILE O 112 50.45 -16.75 -9.67
CA ILE O 112 50.83 -18.14 -9.41
C ILE O 112 49.89 -19.10 -10.13
N SER O 113 48.61 -18.73 -10.26
CA SER O 113 47.63 -19.59 -10.89
C SER O 113 47.82 -19.71 -12.40
N GLY O 114 48.70 -18.89 -12.99
CA GLY O 114 48.88 -18.96 -14.44
C GLY O 114 49.72 -17.86 -15.05
N LYS O 115 49.18 -17.22 -16.09
CA LYS O 115 49.93 -16.27 -16.90
C LYS O 115 50.26 -15.02 -16.08
N LYS O 116 51.02 -14.12 -16.72
CA LYS O 116 51.50 -12.90 -16.10
C LYS O 116 50.88 -11.69 -16.79
N THR O 117 50.40 -10.73 -16.00
CA THR O 117 49.78 -9.50 -16.49
C THR O 117 50.59 -8.31 -16.02
N THR O 118 51.10 -7.52 -16.96
CA THR O 118 51.80 -6.28 -16.63
C THR O 118 50.81 -5.19 -16.23
N TYR O 119 51.34 -4.14 -15.62
CA TYR O 119 50.52 -3.05 -15.13
C TYR O 119 51.27 -1.73 -15.28
N TYR O 120 50.53 -0.63 -15.31
CA TYR O 120 51.10 0.67 -15.61
C TYR O 120 50.66 1.71 -14.59
N TYR O 121 51.55 2.67 -14.34
CA TYR O 121 51.35 3.73 -13.37
C TYR O 121 51.63 5.08 -14.01
N TYR O 122 51.28 6.14 -13.30
CA TYR O 122 51.65 7.49 -13.71
C TYR O 122 52.80 7.98 -12.84
N ASN O 123 53.83 8.50 -13.49
CA ASN O 123 55.05 8.93 -12.83
C ASN O 123 54.91 10.39 -12.44
N GLU O 124 54.87 10.66 -11.12
CA GLU O 124 54.85 12.04 -10.67
C GLU O 124 56.11 12.77 -11.10
N GLU O 125 57.27 12.14 -10.89
CA GLU O 125 58.54 12.80 -11.18
C GLU O 125 58.80 12.94 -12.68
N GLY O 126 58.17 12.10 -13.51
CA GLY O 126 58.35 12.24 -14.94
C GLY O 126 57.66 13.46 -15.51
N ILE O 127 56.43 13.73 -15.07
CA ILE O 127 55.69 14.90 -15.54
C ILE O 127 56.33 16.18 -15.01
N HIS O 128 56.88 16.13 -13.80
CA HIS O 128 57.48 17.31 -13.20
C HIS O 128 58.70 17.80 -13.99
N ILE O 129 59.26 16.97 -14.86
CA ILE O 129 60.31 17.45 -15.74
C ILE O 129 59.74 18.37 -16.81
N LEU O 130 58.57 18.03 -17.35
CA LEU O 130 57.87 18.95 -18.25
C LEU O 130 57.44 20.20 -17.50
N LEU O 131 56.98 20.04 -16.26
CA LEU O 131 56.57 21.19 -15.46
C LEU O 131 57.75 22.09 -15.08
N TYR O 132 58.98 21.59 -15.13
CA TYR O 132 60.14 22.33 -14.66
C TYR O 132 61.21 22.53 -15.72
N SER O 133 60.89 22.30 -16.99
CA SER O 133 61.94 22.18 -18.01
C SER O 133 62.80 23.44 -18.12
N GLY O 134 62.16 24.60 -18.26
CA GLY O 134 62.91 25.83 -18.39
C GLY O 134 63.79 26.11 -17.19
N LEU O 135 63.26 25.87 -15.99
CA LEU O 135 64.06 26.03 -14.79
C LEU O 135 65.24 25.06 -14.77
N ILE O 136 65.03 23.83 -15.25
CA ILE O 136 66.10 22.85 -15.27
C ILE O 136 67.23 23.32 -16.17
N ILE O 137 66.87 23.77 -17.39
CA ILE O 137 67.90 24.26 -18.31
C ILE O 137 68.61 25.47 -17.71
N ASP O 138 67.86 26.35 -17.05
CA ASP O 138 68.46 27.51 -16.41
C ASP O 138 69.51 27.08 -15.40
N GLU O 139 69.17 26.13 -14.54
CA GLU O 139 70.11 25.69 -13.51
C GLU O 139 71.34 25.06 -14.12
N ILE O 140 71.17 24.22 -15.14
CA ILE O 140 72.35 23.56 -15.72
C ILE O 140 73.23 24.58 -16.43
N ILE O 141 72.65 25.60 -17.06
CA ILE O 141 73.46 26.64 -17.70
C ILE O 141 74.25 27.40 -16.63
N THR O 142 73.59 27.78 -15.54
CA THR O 142 74.23 28.67 -14.58
C THR O 142 75.26 27.96 -13.72
N GLN O 143 75.06 26.67 -13.41
CA GLN O 143 75.94 26.00 -12.47
C GLN O 143 77.25 25.54 -13.09
N MET O 144 77.30 25.34 -14.40
CA MET O 144 78.54 24.96 -15.05
C MET O 144 79.56 26.09 -15.08
N ARG O 145 79.14 27.31 -14.71
CA ARG O 145 80.01 28.50 -14.72
C ARG O 145 80.69 28.66 -16.07
N VAL O 146 79.90 28.52 -17.13
CA VAL O 146 80.36 28.73 -18.49
C VAL O 146 80.00 30.13 -18.99
N ASN O 147 79.74 31.07 -18.07
CA ASN O 147 79.49 32.44 -18.48
C ASN O 147 80.69 33.07 -19.18
N ASP O 148 81.88 32.52 -18.96
CA ASP O 148 83.07 33.05 -19.62
C ASP O 148 83.05 32.77 -21.12
N GLU O 149 82.76 31.52 -21.50
CA GLU O 149 82.85 31.07 -22.88
C GLU O 149 81.45 30.96 -23.48
N GLU O 150 81.26 31.58 -24.65
CA GLU O 150 79.94 31.60 -25.26
C GLU O 150 79.56 30.22 -25.79
N GLU O 151 80.48 29.57 -26.51
CA GLU O 151 80.16 28.29 -27.13
C GLU O 151 79.87 27.22 -26.09
N HIS O 152 80.49 27.32 -24.92
CA HIS O 152 80.19 26.38 -23.86
C HIS O 152 78.72 26.47 -23.45
N LYS O 153 78.18 27.69 -23.37
CA LYS O 153 76.77 27.87 -23.03
C LYS O 153 75.86 27.18 -24.04
N GLN O 154 76.10 27.43 -25.33
CA GLN O 154 75.30 26.78 -26.36
C GLN O 154 75.42 25.27 -26.27
N LEU O 155 76.61 24.77 -25.98
CA LEU O 155 76.83 23.33 -25.95
C LEU O 155 76.05 22.68 -24.81
N VAL O 156 76.15 23.23 -23.60
CA VAL O 156 75.43 22.64 -22.48
C VAL O 156 73.92 22.82 -22.65
N ALA O 157 73.50 23.96 -23.19
CA ALA O 157 72.08 24.16 -23.46
C ALA O 157 71.56 23.10 -24.42
N GLU O 158 72.31 22.83 -25.50
CA GLU O 158 71.88 21.83 -26.46
C GLU O 158 71.87 20.44 -25.84
N ILE O 159 72.88 20.12 -25.02
CA ILE O 159 72.93 18.81 -24.38
C ILE O 159 71.69 18.59 -23.53
N VAL O 160 71.40 19.55 -22.64
CA VAL O 160 70.30 19.37 -21.70
C VAL O 160 68.96 19.40 -22.43
N GLN O 161 68.83 20.28 -23.43
CA GLN O 161 67.61 20.34 -24.21
C GLN O 161 67.34 19.02 -24.91
N ASN O 162 68.35 18.46 -25.56
CA ASN O 162 68.15 17.20 -26.28
C ASN O 162 67.86 16.06 -25.31
N VAL O 163 68.52 16.03 -24.16
CA VAL O 163 68.26 14.97 -23.19
C VAL O 163 66.81 15.03 -22.71
N ILE O 164 66.35 16.22 -22.33
CA ILE O 164 65.00 16.34 -21.80
C ILE O 164 63.96 16.06 -22.90
N SER O 165 64.23 16.53 -24.12
CA SER O 165 63.31 16.36 -25.23
C SER O 165 63.33 14.95 -25.81
N LEU O 166 64.32 14.13 -25.46
CA LEU O 166 64.38 12.78 -25.97
C LEU O 166 64.14 11.71 -24.92
N GLY O 167 64.13 12.08 -23.64
CA GLY O 167 63.87 11.10 -22.59
C GLY O 167 65.14 10.49 -22.03
N SER O 168 65.89 9.78 -22.86
CA SER O 168 67.17 9.21 -22.46
C SER O 168 68.10 9.26 -23.66
N LEU O 169 69.40 9.32 -23.38
CA LEU O 169 70.39 9.58 -24.43
C LEU O 169 71.67 8.80 -24.12
N THR O 170 72.49 8.65 -25.16
CA THR O 170 73.82 8.07 -25.02
C THR O 170 74.86 9.00 -25.63
N VAL O 171 76.08 8.92 -25.11
CA VAL O 171 77.17 9.72 -25.66
C VAL O 171 77.45 9.33 -27.10
N GLU O 172 77.30 8.03 -27.42
CA GLU O 172 77.46 7.59 -28.80
C GLU O 172 76.42 8.25 -29.71
N ASP O 173 75.17 8.28 -29.28
CA ASP O 173 74.12 8.90 -30.07
C ASP O 173 74.39 10.39 -30.26
N TYR O 174 74.80 11.08 -29.19
CA TYR O 174 75.09 12.51 -29.30
C TYR O 174 76.28 12.77 -30.21
N LEU O 175 77.32 11.93 -30.13
CA LEU O 175 78.50 12.13 -30.96
C LEU O 175 78.24 11.82 -32.42
N SER O 176 77.37 10.83 -32.70
CA SER O 176 76.98 10.58 -34.08
C SER O 176 75.94 11.56 -34.59
N SER O 177 75.30 12.32 -33.69
CA SER O 177 74.40 13.39 -34.07
C SER O 177 75.12 14.71 -34.34
N VAL O 178 76.42 14.66 -34.61
CA VAL O 178 77.22 15.83 -34.93
C VAL O 178 78.05 15.52 -36.18
N THR O 179 78.49 16.59 -36.83
CA THR O 179 79.36 16.44 -38.00
C THR O 179 80.68 15.82 -37.59
N SER O 180 81.19 14.91 -38.43
CA SER O 180 82.39 14.18 -38.10
C SER O 180 83.63 15.03 -38.34
N ASP O 181 84.79 14.46 -38.05
CA ASP O 181 86.09 15.13 -38.21
C ASP O 181 86.18 16.40 -37.38
N SER O 182 85.39 16.50 -36.32
CA SER O 182 85.39 17.67 -35.46
C SER O 182 86.04 17.31 -34.11
N MET O 183 86.01 18.27 -33.18
CA MET O 183 86.61 18.09 -31.86
C MET O 183 85.56 17.50 -30.93
N LYS O 184 85.43 16.17 -30.98
CA LYS O 184 84.46 15.48 -30.12
C LYS O 184 84.74 15.76 -28.65
N TYR O 185 85.99 16.04 -28.30
CA TYR O 185 86.33 16.35 -26.91
C TYR O 185 85.57 17.57 -26.42
N THR O 186 85.49 18.60 -27.27
CA THR O 186 84.78 19.81 -26.88
C THR O 186 83.32 19.55 -26.55
N ILE O 187 82.71 18.56 -27.19
CA ILE O 187 81.31 18.21 -26.94
C ILE O 187 81.18 16.97 -26.06
N SER O 188 82.28 16.48 -25.50
CA SER O 188 82.24 15.29 -24.65
C SER O 188 82.92 15.54 -23.32
N SER O 189 83.86 16.49 -23.28
CA SER O 189 84.54 16.79 -22.02
C SER O 189 83.59 17.43 -21.02
N LEU O 190 82.66 18.25 -21.50
CA LEU O 190 81.66 18.82 -20.59
C LEU O 190 80.61 17.79 -20.21
N PHE O 191 80.39 16.79 -21.06
CA PHE O 191 79.43 15.74 -20.74
C PHE O 191 79.84 14.98 -19.48
N VAL O 192 81.13 14.63 -19.40
CA VAL O 192 81.63 14.03 -18.16
C VAL O 192 81.59 15.04 -17.03
N GLN O 193 81.84 16.31 -17.34
CA GLN O 193 81.69 17.36 -16.33
C GLN O 193 80.25 17.45 -15.84
N LEU O 194 79.29 17.24 -16.74
CA LEU O 194 77.89 17.18 -16.34
C LEU O 194 77.65 15.98 -15.43
N CYS O 195 78.20 14.82 -15.78
CA CYS O 195 77.96 13.62 -15.00
C CYS O 195 78.61 13.69 -13.62
N GLU O 196 79.71 14.44 -13.50
CA GLU O 196 80.44 14.53 -12.24
C GLU O 196 79.77 15.45 -11.23
N MET O 197 78.88 16.33 -11.67
CA MET O 197 78.20 17.25 -10.77
C MET O 197 76.82 16.78 -10.35
N GLY O 198 76.40 15.59 -10.78
CA GLY O 198 75.11 15.05 -10.38
C GLY O 198 73.92 15.50 -11.21
N TYR O 199 74.15 16.29 -12.26
CA TYR O 199 73.08 16.71 -13.16
C TYR O 199 72.81 15.70 -14.25
N LEU O 200 73.25 14.47 -14.07
CA LEU O 200 73.10 13.43 -15.10
C LEU O 200 73.41 12.09 -14.48
N ILE O 201 72.48 11.14 -14.57
CA ILE O 201 72.66 9.80 -14.03
C ILE O 201 72.24 8.80 -15.09
N GLN O 202 72.67 7.55 -14.92
CA GLN O 202 72.19 6.49 -15.77
C GLN O 202 70.82 6.02 -15.30
N ILE O 203 70.05 5.47 -16.24
CA ILE O 203 68.67 5.08 -16.00
C ILE O 203 68.59 3.57 -15.87
N SER O 204 67.81 3.09 -14.89
CA SER O 204 67.66 1.67 -14.67
C SER O 204 66.21 1.35 -14.35
N LYS O 205 65.94 0.07 -14.12
CA LYS O 205 64.58 -0.39 -13.89
C LYS O 205 63.99 0.13 -12.61
N LEU O 206 64.81 0.60 -11.67
CA LEU O 206 64.26 1.14 -10.44
C LEU O 206 63.54 2.46 -10.69
N HIS O 207 63.89 3.17 -11.75
CA HIS O 207 63.19 4.40 -12.08
C HIS O 207 61.78 4.13 -12.58
N TYR O 208 61.57 3.00 -13.24
CA TYR O 208 60.26 2.64 -13.78
C TYR O 208 59.49 1.69 -12.86
N THR O 209 59.95 1.50 -11.63
CA THR O 209 59.36 0.54 -10.71
C THR O 209 58.78 1.28 -9.52
N PRO O 210 57.52 1.00 -9.15
CA PRO O 210 56.94 1.66 -7.97
C PRO O 210 57.75 1.38 -6.70
N ILE O 211 57.90 2.44 -5.89
CA ILE O 211 58.71 2.34 -4.68
C ILE O 211 58.05 1.46 -3.64
N GLU O 212 56.74 1.60 -3.44
CA GLU O 212 56.08 0.77 -2.46
C GLU O 212 56.02 -0.69 -2.90
N ASP O 213 55.89 -0.94 -4.20
CA ASP O 213 55.93 -2.31 -4.69
C ASP O 213 57.32 -2.92 -4.52
N LEU O 214 58.36 -2.12 -4.76
CA LEU O 214 59.72 -2.59 -4.50
C LEU O 214 59.92 -2.89 -3.03
N TRP O 215 59.39 -2.05 -2.14
CA TRP O 215 59.51 -2.32 -0.72
C TRP O 215 58.72 -3.57 -0.32
N GLN O 216 57.58 -3.82 -0.96
CA GLN O 216 56.83 -5.03 -0.68
C GLN O 216 57.59 -6.27 -1.15
N PHE O 217 58.26 -6.17 -2.30
CA PHE O 217 59.08 -7.28 -2.78
C PHE O 217 60.26 -7.55 -1.85
N LEU O 218 60.89 -6.48 -1.34
CA LEU O 218 62.06 -6.65 -0.48
C LEU O 218 61.71 -7.06 0.94
N TYR O 219 60.55 -6.62 1.44
CA TYR O 219 60.15 -7.02 2.79
C TYR O 219 59.91 -8.53 2.86
N GLU O 220 59.25 -9.09 1.86
CA GLU O 220 59.26 -10.53 1.68
C GLU O 220 60.64 -10.96 1.19
N LYS O 221 60.86 -12.27 1.18
CA LYS O 221 62.15 -12.87 0.84
C LYS O 221 63.12 -12.63 2.00
N HIS O 222 62.69 -11.82 2.97
CA HIS O 222 63.35 -11.71 4.26
C HIS O 222 62.46 -12.17 5.40
N TYR O 223 61.15 -12.15 5.19
CA TYR O 223 60.19 -12.81 6.07
C TYR O 223 59.85 -14.22 5.62
N LYS O 224 60.44 -14.68 4.51
CA LYS O 224 60.20 -16.02 3.98
C LYS O 224 61.37 -16.97 4.22
N ASN O 225 62.61 -16.50 4.09
CA ASN O 225 63.75 -17.36 4.37
C ASN O 225 63.98 -17.57 5.86
N ILE O 226 63.07 -17.11 6.70
CA ILE O 226 63.20 -17.32 8.15
C ILE O 226 62.99 -18.80 8.45
N PRO O 227 63.75 -19.40 9.38
CA PRO O 227 63.53 -20.80 9.73
C PRO O 227 62.13 -21.05 10.26
N ARG O 228 61.58 -22.21 9.92
CA ARG O 228 60.25 -22.58 10.38
C ARG O 228 60.26 -22.79 11.89
N ASN O 229 59.27 -22.21 12.57
CA ASN O 229 59.13 -22.31 14.02
C ASN O 229 60.42 -21.89 14.73
N SER O 230 61.02 -20.83 14.22
CA SER O 230 62.26 -20.32 14.78
C SER O 230 62.03 -19.81 16.21
N PRO O 231 63.08 -19.81 17.04
CA PRO O 231 62.92 -19.24 18.39
C PRO O 231 62.48 -17.79 18.40
N LEU O 232 62.79 -17.03 17.35
CA LEU O 232 62.35 -15.64 17.27
C LEU O 232 60.84 -15.57 17.10
N SER O 233 60.21 -14.62 17.79
CA SER O 233 58.76 -14.50 17.80
C SER O 233 58.27 -13.78 16.54
N ASP O 234 56.95 -13.81 16.35
CA ASP O 234 56.36 -13.24 15.15
C ASP O 234 56.64 -11.75 15.05
N LEU O 235 56.47 -11.01 16.15
CA LEU O 235 56.90 -9.62 16.19
C LEU O 235 58.39 -9.51 15.91
N LYS O 236 59.19 -10.39 16.52
CA LYS O 236 60.63 -10.37 16.28
C LYS O 236 60.94 -10.72 14.83
N LYS O 237 60.19 -11.65 14.24
CA LYS O 237 60.40 -11.99 12.84
C LYS O 237 60.10 -10.80 11.93
N ARG O 238 58.98 -10.11 12.18
CA ARG O 238 58.63 -8.96 11.36
C ARG O 238 59.67 -7.85 11.50
N SER O 239 60.12 -7.58 12.72
CA SER O 239 61.16 -6.56 12.90
C SER O 239 62.45 -6.96 12.21
N GLN O 240 62.82 -8.24 12.32
CA GLN O 240 64.03 -8.72 11.66
C GLN O 240 63.92 -8.54 10.15
N ALA O 241 62.77 -8.87 9.57
CA ALA O 241 62.59 -8.66 8.14
C ALA O 241 62.67 -7.18 7.78
N LYS O 242 62.10 -6.31 8.61
CA LYS O 242 62.15 -4.88 8.34
C LYS O 242 63.58 -4.37 8.28
N MET O 243 64.36 -4.63 9.33
CA MET O 243 65.72 -4.11 9.31
C MET O 243 66.68 -4.92 8.45
N ASN O 244 66.28 -6.07 7.94
CA ASN O 244 67.12 -6.77 6.98
C ASN O 244 66.77 -6.44 5.54
N ALA O 245 65.59 -5.89 5.28
CA ALA O 245 65.25 -5.37 3.97
C ALA O 245 65.58 -3.90 3.82
N LYS O 246 65.66 -3.15 4.92
CA LYS O 246 66.03 -1.74 4.83
C LYS O 246 67.42 -1.57 4.22
N THR O 247 68.35 -2.46 4.58
CA THR O 247 69.71 -2.36 4.06
C THR O 247 69.76 -2.61 2.56
N ASP O 248 69.04 -3.63 2.08
CA ASP O 248 68.99 -3.88 0.65
C ASP O 248 68.30 -2.73 -0.08
N PHE O 249 67.22 -2.20 0.48
CA PHE O 249 66.55 -1.04 -0.12
C PHE O 249 67.50 0.13 -0.24
N ALA O 250 68.26 0.41 0.82
CA ALA O 250 69.19 1.53 0.80
C ALA O 250 70.28 1.31 -0.25
N LYS O 251 70.80 0.08 -0.35
CA LYS O 251 71.80 -0.20 -1.37
C LYS O 251 71.27 0.03 -2.77
N ILE O 252 70.08 -0.51 -3.05
CA ILE O 252 69.51 -0.41 -4.39
C ILE O 252 69.18 1.04 -4.73
N ILE O 253 68.69 1.79 -3.74
CA ILE O 253 68.35 3.19 -3.98
C ILE O 253 69.61 4.02 -4.24
N ASN O 254 70.65 3.82 -3.42
CA ASN O 254 71.83 4.67 -3.52
C ASN O 254 72.71 4.27 -4.71
N LYS O 255 72.54 3.06 -5.27
CA LYS O 255 73.37 2.65 -6.39
C LYS O 255 73.35 3.63 -7.56
N PRO O 256 72.19 3.92 -8.20
CA PRO O 256 72.24 4.77 -9.39
C PRO O 256 72.47 6.24 -9.08
N ASN O 257 72.13 6.68 -7.87
CA ASN O 257 72.25 8.09 -7.53
C ASN O 257 73.71 8.54 -7.51
N GLU O 258 74.57 7.81 -6.79
CA GLU O 258 75.97 8.20 -6.65
C GLU O 258 76.84 6.95 -6.79
N LEU O 259 77.19 6.63 -8.04
CA LEU O 259 78.17 5.60 -8.34
C LEU O 259 78.85 6.02 -9.64
N SER O 260 79.99 6.70 -9.50
CA SER O 260 80.66 7.34 -10.62
C SER O 260 81.54 6.38 -11.41
N GLN O 261 81.31 5.07 -11.28
CA GLN O 261 82.14 4.10 -11.98
C GLN O 261 82.00 4.22 -13.49
N ILE O 262 80.85 4.69 -13.97
CA ILE O 262 80.67 4.86 -15.41
C ILE O 262 81.61 5.94 -15.93
N LEU O 263 81.75 7.04 -15.21
CA LEU O 263 82.65 8.10 -15.60
C LEU O 263 84.08 7.87 -15.11
N THR O 264 84.29 6.91 -14.21
CA THR O 264 85.63 6.66 -13.69
C THR O 264 86.50 5.92 -14.69
N VAL O 265 85.89 5.12 -15.58
CA VAL O 265 86.66 4.40 -16.58
C VAL O 265 87.41 5.39 -17.47
N ASP O 266 88.48 4.90 -18.08
CA ASP O 266 89.30 5.76 -18.93
C ASP O 266 89.98 4.93 -20.02
N PRO O 267 89.53 5.06 -21.27
CA PRO O 267 90.25 4.39 -22.36
C PRO O 267 91.66 4.94 -22.51
N LYS O 268 92.53 4.10 -23.06
CA LYS O 268 93.95 4.45 -23.16
C LYS O 268 94.14 5.70 -24.00
N THR O 269 95.24 6.42 -23.73
CA THR O 269 95.62 7.70 -24.33
C THR O 269 94.42 8.64 -24.50
N SER O 270 93.49 8.60 -23.54
CA SER O 270 92.30 9.42 -23.60
C SER O 270 92.07 10.07 -22.24
N LEU O 271 91.09 10.95 -22.19
CA LEU O 271 90.71 11.65 -20.96
C LEU O 271 89.66 10.82 -20.21
N ARG O 272 89.21 11.33 -19.08
CA ARG O 272 88.16 10.67 -18.31
C ARG O 272 86.87 10.72 -19.11
N ILE O 273 86.46 9.59 -19.68
CA ILE O 273 85.32 9.51 -20.59
C ILE O 273 84.33 8.48 -20.09
N VAL O 274 83.05 8.84 -20.13
CA VAL O 274 81.99 7.95 -19.65
C VAL O 274 81.85 6.75 -20.57
N LYS O 275 81.23 5.69 -20.04
CA LYS O 275 81.04 4.46 -20.80
C LYS O 275 80.05 4.68 -21.93
N PRO O 276 80.36 4.28 -23.16
CA PRO O 276 79.44 4.52 -24.29
C PRO O 276 78.08 3.87 -24.13
N THR O 277 78.03 2.66 -23.58
CA THR O 277 76.77 1.90 -23.60
C THR O 277 75.72 2.47 -22.66
N VAL O 278 76.16 3.03 -21.53
CA VAL O 278 75.20 3.48 -20.53
C VAL O 278 74.37 4.63 -21.07
N SER O 279 73.08 4.61 -20.73
CA SER O 279 72.12 5.61 -21.18
C SER O 279 71.82 6.54 -20.02
N LEU O 280 71.86 7.85 -20.29
CA LEU O 280 71.78 8.86 -19.24
C LEU O 280 70.43 9.55 -19.26
N THR O 281 70.04 10.05 -18.09
CA THR O 281 68.81 10.83 -17.91
C THR O 281 69.08 11.95 -16.93
N ILE O 282 68.10 12.84 -16.78
CA ILE O 282 68.24 13.92 -15.81
C ILE O 282 68.03 13.37 -14.41
N ASN O 283 68.67 14.02 -13.44
CA ASN O 283 68.57 13.66 -12.03
C ASN O 283 67.71 14.72 -11.34
N LEU O 284 66.42 14.42 -11.19
CA LEU O 284 65.50 15.41 -10.62
C LEU O 284 65.86 15.75 -9.19
N ASP O 285 66.41 14.79 -8.44
CA ASP O 285 66.69 15.01 -7.03
C ASP O 285 67.74 16.11 -6.84
N ARG O 286 68.78 16.10 -7.68
CA ARG O 286 69.81 17.14 -7.59
C ARG O 286 69.23 18.51 -7.87
N PHE O 287 68.36 18.62 -8.88
CA PHE O 287 67.71 19.88 -9.18
C PHE O 287 66.81 20.34 -8.04
N MET O 288 66.09 19.41 -7.41
CA MET O 288 65.26 19.77 -6.26
C MET O 288 66.11 20.27 -5.11
N LYS O 289 67.25 19.64 -4.87
CA LYS O 289 68.15 20.13 -3.82
C LYS O 289 68.67 21.52 -4.14
N GLY O 290 69.00 21.77 -5.42
CA GLY O 290 69.37 23.12 -5.81
C GLY O 290 68.28 24.13 -5.57
N ARG O 291 67.03 23.75 -5.84
CA ARG O 291 65.90 24.63 -5.58
C ARG O 291 65.77 24.93 -4.09
N ARG O 292 65.96 23.93 -3.24
CA ARG O 292 65.92 24.16 -1.80
C ARG O 292 67.04 25.12 -1.38
N SER O 293 68.22 24.97 -1.98
CA SER O 293 69.30 25.92 -1.69
C SER O 293 68.91 27.34 -2.07
N LYS O 294 68.29 27.50 -3.24
CA LYS O 294 67.86 28.83 -3.68
C LYS O 294 66.83 29.42 -2.71
N GLN O 295 65.85 28.61 -2.29
CA GLN O 295 64.85 29.09 -1.34
C GLN O 295 65.49 29.50 -0.03
N LEU O 296 66.46 28.72 0.45
CA LEU O 296 67.14 29.06 1.70
C LEU O 296 67.90 30.37 1.58
N ILE O 297 68.58 30.59 0.45
CA ILE O 297 69.29 31.85 0.26
C ILE O 297 68.32 33.02 0.26
N ASN O 298 67.21 32.87 -0.47
CA ASN O 298 66.26 33.97 -0.59
C ASN O 298 65.57 34.28 0.73
N LEU O 299 65.34 33.26 1.56
CA LEU O 299 64.78 33.50 2.88
C LEU O 299 65.81 34.08 3.84
N ALA O 300 67.08 33.71 3.68
CA ALA O 300 68.14 34.24 4.53
C ALA O 300 68.38 35.72 4.25
N LYS O 301 68.18 36.14 3.00
CA LYS O 301 68.39 37.53 2.62
C LYS O 301 67.44 38.47 3.36
N THR O 302 66.50 37.92 4.12
CA THR O 302 65.49 38.71 4.81
C THR O 302 65.69 38.75 6.32
N ARG O 303 66.83 38.29 6.82
CA ARG O 303 67.09 38.37 8.26
C ARG O 303 68.50 38.84 8.60
N VAL O 304 69.41 38.93 7.63
CA VAL O 304 70.78 39.35 7.86
C VAL O 304 71.21 40.23 6.69
N GLY O 305 72.45 40.68 6.74
CA GLY O 305 72.96 41.56 5.69
C GLY O 305 73.27 40.81 4.41
N SER O 306 73.39 41.59 3.32
CA SER O 306 73.75 41.00 2.04
C SER O 306 75.15 40.40 2.07
N VAL O 307 76.04 40.96 2.88
CA VAL O 307 77.39 40.40 3.01
C VAL O 307 77.32 39.04 3.70
N THR O 308 76.55 38.93 4.78
CA THR O 308 76.42 37.67 5.47
C THR O 308 75.77 36.62 4.58
N ALA O 309 74.69 37.00 3.89
CA ALA O 309 74.02 36.09 2.97
C ALA O 309 74.88 35.77 1.75
N GLN O 310 75.83 36.63 1.40
CA GLN O 310 76.72 36.32 0.29
C GLN O 310 77.58 35.10 0.61
N VAL O 311 78.03 34.98 1.85
CA VAL O 311 78.76 33.78 2.26
C VAL O 311 77.84 32.58 2.32
N TYR O 312 76.62 32.77 2.83
CA TYR O 312 75.63 31.68 2.84
C TYR O 312 75.35 31.18 1.42
N LYS O 313 75.46 32.05 0.42
CA LYS O 313 75.23 31.64 -0.96
C LYS O 313 76.24 30.60 -1.41
N ILE O 314 77.50 30.73 -0.97
CA ILE O 314 78.50 29.73 -1.34
C ILE O 314 78.59 28.58 -0.35
N ALA O 315 78.17 28.79 0.90
CA ALA O 315 78.12 27.68 1.85
C ALA O 315 77.10 26.63 1.41
N LEU O 316 75.95 27.08 0.91
CA LEU O 316 74.91 26.15 0.48
C LEU O 316 75.30 25.45 -0.82
N ARG O 317 76.01 26.14 -1.71
CA ARG O 317 76.40 25.54 -2.98
C ARG O 317 77.50 24.50 -2.80
N LEU O 318 78.30 24.61 -1.73
CA LEU O 318 79.37 23.64 -1.51
C LEU O 318 78.81 22.30 -1.03
N THR O 319 77.85 22.33 -0.11
CA THR O 319 77.26 21.11 0.44
C THR O 319 76.10 20.61 -0.40
N GLU O 320 75.81 21.26 -1.52
CA GLU O 320 74.64 20.92 -2.34
C GLU O 320 74.78 19.54 -2.97
N GLN O 321 75.98 19.22 -3.45
CA GLN O 321 76.19 17.96 -4.17
C GLN O 321 75.95 16.75 -3.27
N LYS O 322 76.34 16.85 -2.01
CA LYS O 322 76.18 15.77 -1.04
C LYS O 322 74.99 15.97 -0.11
N SER O 323 74.12 16.92 -0.42
CA SER O 323 73.00 17.20 0.46
C SER O 323 72.03 16.03 0.51
N PRO O 324 71.33 15.85 1.63
CA PRO O 324 70.36 14.75 1.72
C PRO O 324 69.21 14.93 0.74
N LYS O 325 68.54 13.82 0.45
CA LYS O 325 67.37 13.85 -0.42
C LYS O 325 66.29 14.75 0.19
N ILE O 326 65.54 15.40 -0.68
CA ILE O 326 64.75 16.57 -0.31
C ILE O 326 63.30 16.21 -0.01
N ARG O 327 62.61 15.60 -0.98
CA ARG O 327 61.19 15.30 -0.78
C ARG O 327 61.00 14.18 0.22
N ASP O 328 61.83 13.16 0.14
CA ASP O 328 61.72 11.99 1.00
C ASP O 328 62.91 11.07 0.72
N PRO O 329 63.33 10.26 1.68
CA PRO O 329 64.35 9.24 1.38
C PRO O 329 63.76 8.07 0.61
N LEU O 330 62.55 8.27 0.09
CA LEU O 330 61.75 7.27 -0.62
C LEU O 330 61.18 6.24 0.33
N THR O 331 61.36 6.40 1.64
CA THR O 331 60.94 5.41 2.61
C THR O 331 59.59 5.72 3.24
N GLN O 332 59.09 6.95 3.12
CA GLN O 332 57.72 7.21 3.56
C GLN O 332 56.71 6.68 2.56
N THR O 333 57.02 6.80 1.27
CA THR O 333 56.16 6.23 0.23
C THR O 333 56.22 4.71 0.22
N GLY O 334 57.23 4.12 0.84
CA GLY O 334 57.46 2.69 0.68
C GLY O 334 56.55 1.80 1.47
N LEU O 335 55.89 2.31 2.50
CA LEU O 335 55.20 1.42 3.42
C LEU O 335 54.23 2.22 4.26
N LEU O 336 53.60 1.54 5.22
CA LEU O 336 52.99 2.21 6.35
C LEU O 336 54.08 3.00 7.07
N GLN O 337 53.71 4.17 7.60
CA GLN O 337 54.72 4.99 8.26
C GLN O 337 55.40 4.18 9.34
N ASP O 338 54.65 3.85 10.39
CA ASP O 338 55.06 2.90 11.42
C ASP O 338 53.92 2.81 12.42
N LEU O 339 54.05 1.98 13.45
CA LEU O 339 53.08 2.02 14.53
C LEU O 339 53.13 3.36 15.26
N GLU O 340 54.32 3.74 15.71
CA GLU O 340 54.57 5.09 16.20
C GLU O 340 55.98 5.55 15.87
N GLU O 341 56.70 4.85 15.00
CA GLU O 341 58.16 4.92 14.92
C GLU O 341 58.65 5.59 13.65
N ALA O 342 58.01 6.70 13.26
CA ALA O 342 58.66 7.65 12.38
C ALA O 342 59.82 8.36 13.06
N LYS O 343 59.93 8.22 14.39
CA LYS O 343 61.12 8.69 15.10
C LYS O 343 62.37 8.01 14.57
N SER O 344 62.25 6.77 14.10
CA SER O 344 63.36 6.06 13.49
C SER O 344 63.74 6.65 12.13
N PHE O 345 62.90 7.51 11.56
CA PHE O 345 63.29 8.27 10.38
C PHE O 345 63.82 9.64 10.75
N GLN O 346 63.18 10.28 11.73
CA GLN O 346 63.64 11.59 12.18
C GLN O 346 65.06 11.53 12.73
N ASP O 347 65.33 10.54 13.57
CA ASP O 347 66.66 10.40 14.16
C ASP O 347 67.71 10.12 13.09
N GLU O 348 67.37 9.27 12.11
CA GLU O 348 68.31 9.00 11.03
C GLU O 348 68.54 10.23 10.17
N ALA O 349 67.50 11.05 9.98
CA ALA O 349 67.68 12.29 9.23
C ALA O 349 68.65 13.22 9.94
N GLU O 350 68.48 13.39 11.26
CA GLU O 350 69.43 14.19 12.02
C GLU O 350 70.83 13.60 11.94
N LEU O 351 70.94 12.28 12.10
CA LEU O 351 72.24 11.62 12.09
C LEU O 351 72.96 11.86 10.78
N VAL O 352 72.26 11.68 9.65
CA VAL O 352 72.90 11.91 8.36
C VAL O 352 73.28 13.37 8.21
N GLU O 353 72.33 14.28 8.46
CA GLU O 353 72.55 15.70 8.20
C GLU O 353 73.69 16.25 9.01
N GLU O 354 73.99 15.65 10.16
CA GLU O 354 75.16 16.08 10.91
C GLU O 354 76.41 15.25 10.57
N LYS O 355 76.37 13.95 10.80
CA LYS O 355 77.52 13.08 10.69
C LYS O 355 77.99 12.86 9.25
N THR O 356 77.44 13.54 8.26
CA THR O 356 78.05 13.44 6.94
C THR O 356 79.36 14.22 6.90
N PRO O 357 80.48 13.57 6.59
CA PRO O 357 81.78 14.28 6.59
C PRO O 357 81.87 15.42 5.60
N GLY O 358 81.23 15.29 4.42
CA GLY O 358 81.17 16.43 3.52
C GLY O 358 80.32 17.55 4.08
N LEU O 359 79.21 17.20 4.72
CA LEU O 359 78.28 18.22 5.22
C LEU O 359 78.92 19.05 6.32
N THR O 360 79.69 18.43 7.21
CA THR O 360 80.42 19.19 8.21
C THR O 360 81.52 20.03 7.55
N PHE O 361 81.61 21.29 7.95
CA PHE O 361 82.61 22.20 7.39
C PHE O 361 83.02 23.22 8.43
N ASN O 362 84.15 23.87 8.18
CA ASN O 362 84.73 24.86 9.09
C ASN O 362 84.88 26.19 8.36
N ALA O 363 85.27 27.21 9.12
CA ALA O 363 85.44 28.54 8.56
C ALA O 363 86.64 28.62 7.61
N ILE O 364 87.56 27.65 7.67
CA ILE O 364 88.69 27.64 6.76
C ILE O 364 88.27 27.29 5.34
N ASP O 365 87.33 26.34 5.20
CA ASP O 365 86.95 25.88 3.87
C ASP O 365 86.38 27.01 3.03
N LEU O 366 85.56 27.87 3.63
CA LEU O 366 84.85 28.90 2.89
C LEU O 366 85.78 29.94 2.30
N ALA O 367 87.04 30.01 2.76
CA ALA O 367 87.95 31.03 2.28
C ALA O 367 88.27 30.85 0.79
N ARG O 368 88.51 29.61 0.36
CA ARG O 368 89.00 29.38 -0.99
C ARG O 368 87.94 29.68 -2.04
N HIS O 369 86.71 29.21 -1.81
CA HIS O 369 85.63 29.36 -2.77
C HIS O 369 84.91 30.69 -2.65
N LEU O 370 85.37 31.59 -1.79
CA LEU O 370 84.75 32.88 -1.63
C LEU O 370 84.80 33.66 -2.95
N PRO O 371 83.76 34.43 -3.26
CA PRO O 371 83.79 35.22 -4.50
C PRO O 371 84.93 36.22 -4.51
N ALA O 372 85.48 36.45 -5.70
CA ALA O 372 86.55 37.43 -5.85
C ALA O 372 86.03 38.85 -5.64
N GLU O 373 84.80 39.12 -6.04
CA GLU O 373 84.26 40.47 -5.93
C GLU O 373 84.08 40.88 -4.47
N LEU O 374 83.69 39.94 -3.61
CA LEU O 374 83.44 40.26 -2.20
C LEU O 374 84.71 40.77 -1.52
N ASP O 375 84.52 41.70 -0.60
CA ASP O 375 85.63 42.31 0.13
C ASP O 375 85.63 41.97 1.62
N LEU O 376 84.47 41.96 2.28
CA LEU O 376 84.31 41.65 3.69
C LEU O 376 84.99 42.66 4.61
N ARG O 377 85.50 43.78 4.08
CA ARG O 377 86.42 44.61 4.84
C ARG O 377 85.71 45.40 5.93
N GLY O 378 84.81 46.30 5.53
CA GLY O 378 84.07 47.13 6.45
C GLY O 378 82.68 46.65 6.80
N SER O 379 82.36 45.39 6.50
CA SER O 379 81.00 44.90 6.73
C SER O 379 80.69 44.73 8.21
N LEU O 380 81.69 44.75 9.08
CA LEU O 380 81.51 44.40 10.47
C LEU O 380 81.95 45.54 11.38
N LEU O 381 81.17 45.78 12.43
CA LEU O 381 81.51 46.72 13.48
C LEU O 381 81.69 45.94 14.78
N SER O 382 82.89 46.01 15.36
CA SER O 382 83.26 45.10 16.44
C SER O 382 82.57 45.44 17.75
N ARG O 383 82.82 46.62 18.30
CA ARG O 383 82.29 47.03 19.60
C ARG O 383 81.38 48.24 19.40
N LYS O 384 80.14 48.12 19.87
CA LYS O 384 79.17 49.19 19.72
C LYS O 384 79.05 50.00 21.01
N PRO O 447 91.48 40.77 3.70
CA PRO O 447 91.83 40.03 2.49
C PRO O 447 91.29 38.60 2.51
N HIS O 448 89.96 38.45 2.54
CA HIS O 448 89.31 37.15 2.65
C HIS O 448 89.78 36.38 3.89
N SER O 449 90.07 37.11 4.96
CA SER O 449 90.64 36.49 6.15
C SER O 449 89.63 35.56 6.81
N ALA O 450 90.13 34.43 7.32
CA ALA O 450 89.28 33.45 7.96
C ALA O 450 88.58 34.02 9.19
N SER O 451 89.18 35.01 9.84
CA SER O 451 88.54 35.64 10.98
C SER O 451 87.32 36.45 10.58
N LEU O 452 87.23 36.87 9.31
CA LEU O 452 86.04 37.54 8.83
C LEU O 452 84.90 36.55 8.63
N ILE O 453 85.20 35.37 8.08
CA ILE O 453 84.16 34.39 7.80
C ILE O 453 83.51 33.91 9.09
N ASN O 454 84.33 33.64 10.11
CA ASN O 454 83.80 33.13 11.37
C ASN O 454 82.81 34.09 11.98
N SER O 455 83.04 35.40 11.81
CA SER O 455 82.11 36.39 12.33
C SER O 455 80.72 36.22 11.71
N HIS O 456 80.67 36.15 10.38
CA HIS O 456 79.38 36.03 9.72
C HIS O 456 78.74 34.68 9.97
N LEU O 457 79.53 33.62 10.11
CA LEU O 457 78.93 32.32 10.42
C LEU O 457 78.37 32.30 11.85
N LYS O 458 79.03 32.99 12.78
CA LYS O 458 78.45 33.16 14.10
C LYS O 458 77.17 33.99 14.04
N ILE O 459 77.14 34.98 13.14
CA ILE O 459 75.91 35.75 12.92
C ILE O 459 74.79 34.84 12.45
N LEU O 460 75.11 33.96 11.48
CA LEU O 460 74.13 33.02 10.96
C LEU O 460 73.62 32.11 12.06
N ALA O 461 74.51 31.60 12.90
CA ALA O 461 74.09 30.74 14.01
C ALA O 461 73.29 31.52 15.04
N SER O 462 73.59 32.80 15.23
CA SER O 462 72.88 33.59 16.23
C SER O 462 71.49 33.99 15.75
N SER O 463 71.27 34.01 14.44
CA SER O 463 69.96 34.39 13.93
C SER O 463 68.87 33.49 14.47
N ASN O 464 67.65 34.03 14.56
CA ASN O 464 66.53 33.26 15.09
C ASN O 464 66.22 32.05 14.23
N PHE O 465 66.45 32.16 12.92
CA PHE O 465 66.25 31.01 12.05
C PHE O 465 67.50 30.14 12.05
N PRO O 466 67.39 28.86 12.38
CA PRO O 466 68.60 28.03 12.46
C PRO O 466 69.25 27.85 11.10
N PHE O 467 69.81 28.93 10.56
CA PHE O 467 70.49 28.85 9.28
C PHE O 467 71.65 27.88 9.32
N LEU O 468 72.45 27.96 10.38
CA LEU O 468 73.58 27.06 10.59
C LEU O 468 73.61 26.62 12.04
N ASN O 469 74.25 25.48 12.28
CA ASN O 469 74.47 24.99 13.63
C ASN O 469 75.89 24.47 13.72
N GLU O 470 76.46 24.53 14.92
CA GLU O 470 77.86 24.19 15.15
C GLU O 470 77.96 22.82 15.82
N THR O 471 78.72 21.91 15.21
CA THR O 471 79.05 20.67 15.88
C THR O 471 79.98 20.94 17.06
N LYS O 472 81.15 21.50 16.77
CA LYS O 472 82.13 21.95 17.73
C LYS O 472 82.51 23.37 17.37
N PRO O 473 83.01 24.16 18.34
CA PRO O 473 83.43 25.53 18.01
C PRO O 473 84.39 25.57 16.84
N GLY O 474 83.96 26.17 15.74
CA GLY O 474 84.69 26.15 14.49
C GLY O 474 84.13 25.21 13.45
N VAL O 475 83.22 24.32 13.82
CA VAL O 475 82.60 23.37 12.91
C VAL O 475 81.18 23.85 12.62
N TYR O 476 80.70 23.58 11.42
CA TYR O 476 79.43 24.13 10.96
C TYR O 476 78.67 23.12 10.12
N TYR O 477 77.34 23.22 10.16
CA TYR O 477 76.47 22.40 9.33
C TYR O 477 75.08 23.02 9.32
N VAL O 478 74.31 22.66 8.31
CA VAL O 478 72.97 23.21 8.08
C VAL O 478 71.95 22.21 8.61
N PRO O 479 71.14 22.56 9.60
CA PRO O 479 70.14 21.65 10.17
C PRO O 479 68.81 21.64 9.40
N TYR O 480 68.79 20.86 8.30
CA TYR O 480 67.59 20.82 7.47
C TYR O 480 66.37 20.35 8.26
N SER O 481 66.57 19.44 9.21
CA SER O 481 65.46 18.89 9.97
C SER O 481 64.75 19.95 10.79
N LYS O 482 65.38 21.10 11.04
CA LYS O 482 64.75 22.19 11.78
C LYS O 482 64.56 23.45 10.95
N LEU O 483 65.17 23.56 9.78
CA LEU O 483 65.07 24.75 8.95
C LEU O 483 63.92 24.68 7.96
N MET O 484 63.56 23.48 7.50
CA MET O 484 62.43 23.34 6.59
C MET O 484 61.09 23.76 7.20
N PRO O 485 60.73 23.35 8.43
CA PRO O 485 59.48 23.87 8.99
C PRO O 485 59.42 25.38 9.08
N VAL O 486 60.52 26.04 9.43
CA VAL O 486 60.49 27.49 9.53
C VAL O 486 60.40 28.12 8.15
N LEU O 487 61.07 27.52 7.16
CA LEU O 487 60.94 28.04 5.80
C LEU O 487 59.49 27.94 5.32
N LYS O 488 58.87 26.79 5.56
CA LYS O 488 57.48 26.61 5.16
C LYS O 488 56.57 27.61 5.85
N SER O 489 56.71 27.75 7.17
CA SER O 489 55.82 28.64 7.91
C SER O 489 56.02 30.10 7.48
N SER O 490 57.25 30.51 7.21
CA SER O 490 57.51 31.88 6.80
C SER O 490 56.93 32.17 5.41
N VAL O 491 57.16 31.26 4.47
CA VAL O 491 56.58 31.45 3.13
C VAL O 491 55.06 31.48 3.21
N TYR O 492 54.48 30.61 4.05
CA TYR O 492 53.04 30.55 4.18
C TYR O 492 52.48 31.86 4.73
N GLU O 493 53.06 32.35 5.83
CA GLU O 493 52.58 33.58 6.42
C GLU O 493 52.79 34.78 5.51
N TYR O 494 53.83 34.76 4.68
CA TYR O 494 54.01 35.89 3.77
C TYR O 494 53.07 35.82 2.57
N VAL O 495 52.71 34.62 2.11
CA VAL O 495 51.63 34.52 1.14
C VAL O 495 50.34 35.07 1.74
N ILE O 496 50.05 34.72 2.98
CA ILE O 496 48.86 35.26 3.67
C ILE O 496 48.93 36.78 3.71
N ALA O 497 50.10 37.33 4.05
CA ALA O 497 50.24 38.78 4.12
C ALA O 497 49.99 39.42 2.77
N SER O 498 50.51 38.81 1.70
CA SER O 498 50.41 39.42 0.39
C SER O 498 49.01 39.32 -0.19
N THR O 499 48.24 38.31 0.22
CA THR O 499 46.88 38.17 -0.30
C THR O 499 45.83 38.78 0.63
N LEU O 500 45.70 38.26 1.85
CA LEU O 500 44.77 38.80 2.82
C LEU O 500 45.44 39.96 3.54
N GLY O 501 44.86 40.41 4.64
CA GLY O 501 45.36 41.57 5.34
C GLY O 501 46.59 41.32 6.18
N PRO O 502 47.37 42.39 6.41
CA PRO O 502 48.38 42.32 7.47
C PRO O 502 47.77 42.04 8.83
N SER O 503 46.55 42.51 9.06
CA SER O 503 45.82 42.09 10.24
C SER O 503 45.61 40.59 10.24
N ALA O 504 45.35 40.00 9.07
CA ALA O 504 45.21 38.55 8.99
C ALA O 504 46.53 37.86 9.32
N MET O 505 47.66 38.38 8.82
CA MET O 505 48.95 37.80 9.16
C MET O 505 49.20 37.86 10.66
N ARG O 506 48.93 39.01 11.27
CA ARG O 506 49.13 39.16 12.71
C ARG O 506 48.25 38.20 13.49
N LEU O 507 46.98 38.07 13.09
CA LEU O 507 46.08 37.16 13.78
C LEU O 507 46.49 35.71 13.60
N SER O 508 46.94 35.33 12.40
CA SER O 508 47.38 33.96 12.17
C SER O 508 48.60 33.63 13.01
N ARG O 509 49.58 34.53 13.05
CA ARG O 509 50.76 34.29 13.89
C ARG O 509 50.39 34.28 15.37
N CYS O 510 49.44 35.13 15.78
CA CYS O 510 49.02 35.14 17.17
C CYS O 510 48.39 33.81 17.57
N ILE O 511 47.47 33.31 16.74
CA ILE O 511 46.78 32.06 17.08
C ILE O 511 47.74 30.89 16.97
N ARG O 512 48.71 30.94 16.05
CA ARG O 512 49.67 29.86 15.91
C ARG O 512 50.64 29.81 17.10
N ASP O 513 51.18 30.97 17.48
CA ASP O 513 52.07 31.04 18.64
C ASP O 513 51.32 30.62 19.90
N ASN O 514 50.12 31.15 20.09
CA ASN O 514 49.28 30.69 21.17
C ASN O 514 48.72 29.32 20.82
N LYS O 515 47.98 28.72 21.75
CA LYS O 515 47.31 27.46 21.53
C LYS O 515 45.88 27.59 22.01
N LEU O 516 44.93 27.22 21.15
CA LEU O 516 43.52 27.14 21.51
C LEU O 516 43.04 28.44 22.17
N VAL O 517 43.22 29.55 21.45
CA VAL O 517 42.98 30.86 22.01
C VAL O 517 41.53 31.27 21.77
N SER O 518 40.87 31.74 22.82
CA SER O 518 39.49 32.24 22.73
C SER O 518 39.49 33.69 22.23
N GLU O 519 38.30 34.19 21.92
CA GLU O 519 38.19 35.50 21.29
C GLU O 519 38.56 36.64 22.25
N LYS O 520 38.13 36.54 23.51
CA LYS O 520 38.51 37.54 24.49
C LYS O 520 40.03 37.61 24.63
N ILE O 521 40.69 36.44 24.69
CA ILE O 521 42.14 36.43 24.79
C ILE O 521 42.77 36.95 23.52
N ILE O 522 42.16 36.70 22.36
CA ILE O 522 42.67 37.25 21.11
C ILE O 522 42.69 38.76 21.19
N ASN O 523 41.59 39.34 21.69
CA ASN O 523 41.53 40.79 21.91
C ASN O 523 42.62 41.24 22.88
N SER O 524 42.85 40.45 23.94
CA SER O 524 43.82 40.83 24.95
C SER O 524 45.24 40.85 24.40
N THR O 525 45.65 39.82 23.66
CA THR O 525 47.04 39.70 23.23
C THR O 525 47.26 40.10 21.78
N ALA O 526 46.26 40.71 21.14
CA ALA O 526 46.43 41.19 19.78
C ALA O 526 46.15 42.67 19.62
N LEU O 527 45.37 43.28 20.52
CA LEU O 527 45.12 44.71 20.53
C LEU O 527 44.60 45.19 19.18
N MET O 528 43.44 44.63 18.81
CA MET O 528 42.73 45.03 17.61
C MET O 528 41.23 44.94 17.89
N LYS O 529 40.46 45.80 17.23
CA LYS O 529 39.03 45.85 17.48
C LYS O 529 38.37 44.51 17.15
N GLU O 530 37.40 44.12 17.98
CA GLU O 530 36.80 42.79 17.84
C GLU O 530 36.07 42.64 16.51
N LYS O 531 35.44 43.70 16.01
CA LYS O 531 34.75 43.62 14.73
C LYS O 531 35.72 43.31 13.60
N ASP O 532 36.85 44.01 13.56
CA ASP O 532 37.86 43.75 12.55
C ASP O 532 38.47 42.36 12.71
N ILE O 533 38.70 41.97 13.96
CA ILE O 533 39.25 40.63 14.22
C ILE O 533 38.31 39.56 13.69
N ARG O 534 37.00 39.72 13.93
CA ARG O 534 36.03 38.75 13.44
C ARG O 534 35.99 38.72 11.92
N SER O 535 36.01 39.90 11.28
CA SER O 535 35.98 39.93 9.82
C SER O 535 37.17 39.18 9.23
N THR O 536 38.37 39.44 9.77
CA THR O 536 39.56 38.78 9.26
C THR O 536 39.55 37.29 9.58
N LEU O 537 39.04 36.91 10.75
CA LEU O 537 38.94 35.48 11.08
C LEU O 537 38.03 34.76 10.10
N ALA O 538 36.91 35.37 9.74
CA ALA O 538 36.03 34.78 8.73
C ALA O 538 36.73 34.69 7.38
N SER O 539 37.41 35.75 6.97
CA SER O 539 38.14 35.68 5.70
C SER O 539 39.23 34.64 5.72
N LEU O 540 39.73 34.28 6.90
CA LEU O 540 40.77 33.28 7.04
C LEU O 540 40.23 31.86 7.08
N ILE O 541 39.02 31.65 7.59
CA ILE O 541 38.45 30.31 7.65
C ILE O 541 37.99 29.81 6.29
N ARG O 542 37.82 30.70 5.31
CA ARG O 542 37.45 30.26 3.97
C ARG O 542 38.52 29.36 3.38
N TYR O 543 39.75 29.46 3.86
CA TYR O 543 40.84 28.55 3.56
C TYR O 543 41.12 27.71 4.80
N ASN O 544 41.91 26.66 4.64
CA ASN O 544 42.13 25.77 5.77
C ASN O 544 43.16 26.34 6.73
N SER O 545 42.99 27.60 7.12
CA SER O 545 43.99 28.31 7.90
C SER O 545 43.65 28.44 9.37
N VAL O 546 42.40 28.74 9.72
CA VAL O 546 41.97 28.80 11.10
C VAL O 546 40.87 27.76 11.29
N GLU O 547 41.07 26.84 12.23
CA GLU O 547 40.09 25.84 12.55
C GLU O 547 39.27 26.32 13.76
N ILE O 548 38.04 25.84 13.85
CA ILE O 548 37.16 26.15 14.97
C ILE O 548 37.03 24.92 15.85
N GLN O 549 37.21 25.10 17.15
CA GLN O 549 37.07 24.03 18.13
C GLN O 549 35.85 24.35 18.98
N GLU O 550 34.74 23.65 18.71
CA GLU O 550 33.53 23.87 19.48
C GLU O 550 33.66 23.30 20.88
N VAL O 551 33.00 23.94 21.83
CA VAL O 551 32.88 23.42 23.19
C VAL O 551 31.42 23.54 23.60
N PRO O 552 30.69 22.42 23.73
CA PRO O 552 29.28 22.50 24.07
C PRO O 552 29.02 22.43 25.56
N ARG O 553 28.02 23.18 26.00
CA ARG O 553 27.62 23.19 27.40
C ARG O 553 26.31 22.46 27.66
N THR O 554 25.63 21.99 26.62
CA THR O 554 24.42 21.20 26.75
C THR O 554 24.59 19.87 26.03
N ALA O 555 23.72 18.92 26.37
CA ALA O 555 23.80 17.59 25.77
C ALA O 555 23.58 17.65 24.27
N ASP O 556 22.62 18.47 23.83
CA ASP O 556 22.45 18.77 22.41
C ASP O 556 23.35 19.96 22.06
N ARG O 557 24.25 19.76 21.10
CA ARG O 557 25.30 20.72 20.83
C ARG O 557 24.76 21.97 20.15
N SER O 558 23.98 22.76 20.88
CA SER O 558 23.41 23.98 20.32
C SER O 558 24.51 25.02 20.07
N ALA O 559 24.30 25.85 19.05
CA ALA O 559 25.25 26.91 18.75
C ALA O 559 25.01 28.17 19.58
N SER O 560 24.01 28.16 20.47
CA SER O 560 23.78 29.29 21.35
C SER O 560 24.46 29.12 22.70
N ARG O 561 24.55 27.88 23.19
CA ARG O 561 25.11 27.59 24.50
C ARG O 561 26.55 27.12 24.44
N ALA O 562 27.17 27.16 23.26
CA ALA O 562 28.54 26.66 23.10
C ALA O 562 29.51 27.83 22.99
N VAL O 563 30.74 27.59 23.43
CA VAL O 563 31.82 28.57 23.39
C VAL O 563 32.85 28.10 22.38
N PHE O 564 33.24 28.98 21.47
CA PHE O 564 34.00 28.61 20.29
C PHE O 564 35.45 29.04 20.42
N LEU O 565 36.36 28.10 20.20
CA LEU O 565 37.80 28.33 20.26
C LEU O 565 38.38 28.33 18.85
N PHE O 566 39.70 28.42 18.75
CA PHE O 566 40.35 28.48 17.45
C PHE O 566 41.71 27.81 17.51
N ARG O 567 42.11 27.17 16.41
CA ARG O 567 43.44 26.60 16.25
C ARG O 567 44.05 27.02 14.92
N CYS O 568 45.17 26.42 14.56
CA CYS O 568 45.75 26.70 13.25
C CYS O 568 45.96 25.47 12.38
N LYS O 569 46.44 24.36 12.95
CA LYS O 569 46.52 23.07 12.26
C LYS O 569 47.36 23.17 10.98
N GLU O 570 48.66 23.36 11.19
CA GLU O 570 49.59 23.69 10.12
C GLU O 570 49.51 22.72 8.95
N THR O 571 49.21 21.44 9.21
CA THR O 571 49.18 20.46 8.12
C THR O 571 48.02 20.74 7.16
N HIS O 572 46.84 21.04 7.70
CA HIS O 572 45.69 21.36 6.85
C HIS O 572 45.96 22.59 6.00
N SER O 573 46.58 23.61 6.60
CA SER O 573 46.84 24.85 5.90
C SER O 573 47.83 24.66 4.77
N TYR O 574 48.90 23.91 5.00
CA TYR O 574 49.84 23.65 3.91
C TYR O 574 49.21 22.78 2.84
N ASN O 575 48.35 21.85 3.26
CA ASN O 575 47.68 20.98 2.30
C ASN O 575 46.80 21.80 1.35
N PHE O 576 46.04 22.74 1.90
CA PHE O 576 45.19 23.56 1.04
C PHE O 576 46.03 24.47 0.15
N MET O 577 47.14 24.99 0.66
CA MET O 577 47.92 25.97 -0.10
C MET O 577 48.52 25.36 -1.35
N ARG O 578 49.01 24.13 -1.27
CA ARG O 578 49.65 23.51 -2.43
C ARG O 578 48.63 23.16 -3.50
N GLN O 579 47.44 22.72 -3.10
CA GLN O 579 46.41 22.39 -4.07
C GLN O 579 45.94 23.63 -4.82
N ASN O 580 45.79 24.76 -4.11
CA ASN O 580 45.39 26.00 -4.75
C ASN O 580 46.40 26.42 -5.81
N LEU O 581 47.68 26.39 -5.47
CA LEU O 581 48.71 26.79 -6.43
C LEU O 581 48.77 25.82 -7.61
N GLU O 582 48.64 24.52 -7.33
CA GLU O 582 48.62 23.55 -8.43
C GLU O 582 47.46 23.81 -9.37
N TRP O 583 46.27 24.09 -8.81
CA TRP O 583 45.11 24.40 -9.65
C TRP O 583 45.38 25.63 -10.49
N ASN O 584 46.00 26.66 -9.91
CA ASN O 584 46.19 27.89 -10.65
C ASN O 584 47.22 27.72 -11.76
N MET O 585 48.26 26.90 -11.54
CA MET O 585 49.16 26.58 -12.64
C MET O 585 48.44 25.84 -13.75
N ALA O 586 47.58 24.88 -13.39
CA ALA O 586 46.79 24.19 -14.39
C ALA O 586 45.93 25.16 -15.19
N ASN O 587 45.30 26.10 -14.50
CA ASN O 587 44.45 27.08 -15.16
C ASN O 587 45.23 27.94 -16.13
N LEU O 588 46.42 28.40 -15.72
CA LEU O 588 47.23 29.22 -16.62
C LEU O 588 47.65 28.44 -17.86
N LEU O 589 48.08 27.19 -17.70
CA LEU O 589 48.47 26.42 -18.87
C LEU O 589 47.30 26.17 -19.80
N PHE O 590 46.11 25.91 -19.22
CA PHE O 590 44.91 25.72 -20.03
C PHE O 590 44.58 26.98 -20.82
N LYS O 591 44.68 28.15 -20.17
CA LYS O 591 44.41 29.40 -20.86
C LYS O 591 45.38 29.62 -22.01
N LYS O 592 46.66 29.32 -21.80
CA LYS O 592 47.64 29.46 -22.88
C LYS O 592 47.29 28.57 -24.05
N GLU O 593 46.93 27.31 -23.78
CA GLU O 593 46.57 26.40 -24.85
C GLU O 593 45.35 26.90 -25.60
N LYS O 594 44.36 27.43 -24.88
CA LYS O 594 43.17 27.98 -25.53
C LYS O 594 43.53 29.14 -26.45
N LEU O 595 44.40 30.03 -25.99
CA LEU O 595 44.81 31.16 -26.82
C LEU O 595 45.50 30.69 -28.10
N LYS O 596 46.42 29.73 -27.97
CA LYS O 596 47.09 29.21 -29.16
C LYS O 596 46.09 28.54 -30.10
N GLN O 597 45.11 27.83 -29.53
CA GLN O 597 44.08 27.21 -30.35
C GLN O 597 43.33 28.25 -31.18
N GLU O 598 42.95 29.35 -30.53
CA GLU O 598 42.20 30.39 -31.25
C GLU O 598 43.06 31.11 -32.28
N ASN O 599 44.37 31.23 -32.03
CA ASN O 599 45.19 32.09 -32.88
C ASN O 599 46.19 31.33 -33.75
N SER O 600 46.02 30.01 -33.90
CA SER O 600 46.90 29.27 -34.81
C SER O 600 46.73 29.68 -36.27
N THR O 601 45.65 30.39 -36.60
CA THR O 601 45.42 30.78 -37.99
C THR O 601 46.51 31.71 -38.51
N LEU O 602 47.18 32.44 -37.62
CA LEU O 602 48.32 33.25 -38.00
C LEU O 602 49.63 32.49 -37.93
N LEU O 603 49.74 31.53 -37.00
CA LEU O 603 50.95 30.72 -36.93
C LEU O 603 51.11 29.87 -38.18
N LYS O 604 50.00 29.53 -38.83
CA LYS O 604 50.09 28.84 -40.12
C LYS O 604 50.85 29.68 -41.14
N LYS O 605 50.45 30.95 -41.31
CA LYS O 605 51.16 31.84 -42.22
C LYS O 605 52.58 32.10 -41.74
N ALA O 606 52.79 32.12 -40.43
CA ALA O 606 54.13 32.28 -39.89
C ALA O 606 55.04 31.14 -40.33
N ASN O 607 54.54 29.91 -40.25
CA ASN O 607 55.28 28.75 -40.74
C ASN O 607 55.49 28.84 -42.25
N ARG O 608 54.50 29.36 -42.97
CA ARG O 608 54.64 29.54 -44.41
C ARG O 608 55.81 30.48 -44.73
N ASP O 609 55.90 31.62 -44.03
CA ASP O 609 56.80 32.68 -44.41
C ASP O 609 57.96 32.88 -43.42
N ASP O 610 58.37 31.81 -42.72
CA ASP O 610 59.60 31.84 -41.92
C ASP O 610 59.51 32.91 -40.84
N VAL O 611 58.63 32.64 -39.88
CA VAL O 611 58.16 33.58 -38.86
C VAL O 611 59.28 34.45 -38.29
N LYS O 612 60.45 33.88 -38.08
CA LYS O 612 61.54 34.58 -37.42
C LYS O 612 62.02 35.73 -38.30
N GLY O 613 61.61 36.95 -37.95
CA GLY O 613 62.18 38.16 -38.52
C GLY O 613 61.59 38.63 -39.83
N ARG O 614 60.79 37.81 -40.51
CA ARG O 614 60.31 38.13 -41.84
C ARG O 614 58.84 38.53 -41.89
N GLU O 615 58.09 38.32 -40.80
CA GLU O 615 56.66 38.58 -40.82
C GLU O 615 56.33 40.05 -41.08
N ASN O 616 57.26 40.97 -40.82
CA ASN O 616 57.03 42.36 -41.19
C ASN O 616 56.89 42.51 -42.70
N GLU O 617 57.70 41.78 -43.47
CA GLU O 617 57.70 41.93 -44.92
C GLU O 617 56.42 41.44 -45.56
N LEU O 618 55.61 40.65 -44.85
CA LEU O 618 54.34 40.17 -45.38
C LEU O 618 53.19 41.13 -45.16
N LEU O 619 53.48 42.40 -44.86
CA LEU O 619 52.48 43.45 -44.63
C LEU O 619 51.53 42.95 -43.53
N LEU O 620 50.23 43.15 -43.65
CA LEU O 620 49.25 42.72 -42.66
C LEU O 620 49.59 43.25 -41.26
N PRO O 621 49.62 44.57 -41.08
CA PRO O 621 49.97 45.12 -39.76
C PRO O 621 49.05 44.66 -38.65
N SER O 622 47.77 44.43 -38.97
CA SER O 622 46.87 43.84 -37.98
C SER O 622 47.34 42.46 -37.58
N GLU O 623 47.78 41.66 -38.55
CA GLU O 623 48.30 40.33 -38.23
C GLU O 623 49.54 40.42 -37.36
N LEU O 624 50.45 41.34 -37.68
CA LEU O 624 51.65 41.50 -36.86
C LEU O 624 51.31 41.95 -35.44
N ASN O 625 50.36 42.88 -35.30
CA ASN O 625 49.97 43.31 -33.95
C ASN O 625 49.33 42.17 -33.17
N GLN O 626 48.49 41.38 -33.83
CA GLN O 626 47.87 40.24 -33.15
C GLN O 626 48.92 39.23 -32.70
N LEU O 627 49.87 38.94 -33.58
CA LEU O 627 50.99 38.09 -33.20
C LEU O 627 51.74 38.67 -32.00
N LYS O 628 51.96 39.98 -32.01
CA LYS O 628 52.69 40.64 -30.92
C LYS O 628 51.98 40.45 -29.59
N MET O 629 50.68 40.75 -29.54
CA MET O 629 50.01 40.67 -28.25
C MET O 629 49.84 39.21 -27.80
N VAL O 630 49.66 38.28 -28.74
CA VAL O 630 49.55 36.89 -28.31
C VAL O 630 50.89 36.38 -27.76
N ASN O 631 52.01 36.80 -28.36
CA ASN O 631 53.32 36.41 -27.82
C ASN O 631 53.56 37.05 -26.47
N GLU O 632 53.12 38.31 -26.30
CA GLU O 632 53.25 38.95 -24.99
C GLU O 632 52.47 38.17 -23.94
N ARG O 633 51.26 37.73 -24.28
CA ARG O 633 50.47 36.92 -23.35
C ARG O 633 51.17 35.62 -23.03
N GLU O 634 51.80 34.99 -24.02
CA GLU O 634 52.53 33.74 -23.77
C GLU O 634 53.69 33.96 -22.80
N LEU O 635 54.48 35.01 -23.04
CA LEU O 635 55.62 35.28 -22.15
C LEU O 635 55.14 35.57 -20.74
N ASN O 636 54.06 36.35 -20.60
CA ASN O 636 53.52 36.62 -19.27
C ASN O 636 53.03 35.36 -18.61
N VAL O 637 52.42 34.45 -19.37
CA VAL O 637 51.95 33.19 -18.83
C VAL O 637 53.12 32.40 -18.26
N PHE O 638 54.23 32.33 -19.02
CA PHE O 638 55.38 31.58 -18.56
C PHE O 638 56.00 32.22 -17.32
N ALA O 639 56.08 33.55 -17.27
CA ALA O 639 56.66 34.23 -16.11
C ALA O 639 55.83 33.97 -14.86
N ARG O 640 54.50 34.13 -14.96
CA ARG O 640 53.66 33.86 -13.82
C ARG O 640 53.72 32.40 -13.41
N LEU O 641 53.91 31.49 -14.40
CA LEU O 641 54.06 30.09 -14.08
C LEU O 641 55.31 29.83 -13.26
N SER O 642 56.43 30.45 -13.65
CA SER O 642 57.67 30.26 -12.90
C SER O 642 57.54 30.79 -11.49
N ARG O 643 56.89 31.95 -11.34
CA ARG O 643 56.68 32.48 -9.99
C ARG O 643 55.80 31.57 -9.15
N LEU O 644 54.75 31.00 -9.76
CA LEU O 644 53.94 30.02 -9.05
C LEU O 644 54.73 28.79 -8.67
N LEU O 645 55.68 28.39 -9.52
CA LEU O 645 56.53 27.26 -9.20
C LEU O 645 57.36 27.54 -7.96
N SER O 646 57.99 28.71 -7.92
CA SER O 646 58.74 29.09 -6.73
C SER O 646 57.84 29.17 -5.50
N LEU O 647 56.58 29.53 -5.71
CA LEU O 647 55.66 29.62 -4.57
C LEU O 647 55.29 28.25 -4.02
N TRP O 648 55.00 27.28 -4.88
CA TRP O 648 54.52 25.99 -4.36
C TRP O 648 55.66 25.03 -4.06
N GLU O 649 56.90 25.36 -4.44
CA GLU O 649 58.04 24.49 -4.16
C GLU O 649 58.12 24.14 -2.69
N VAL O 650 58.04 25.14 -1.81
CA VAL O 650 58.30 24.90 -0.39
C VAL O 650 57.21 24.02 0.20
N PHE O 651 55.98 24.16 -0.30
CA PHE O 651 54.84 23.34 0.21
C PHE O 651 54.95 21.92 -0.36
N GLN O 652 55.57 21.78 -1.53
CA GLN O 652 55.76 20.43 -2.14
C GLN O 652 56.80 19.67 -1.31
N MET O 653 57.57 20.38 -0.48
CA MET O 653 58.59 19.72 0.39
C MET O 653 57.90 19.01 1.54
N ALA O 654 58.66 18.38 2.45
CA ALA O 654 58.08 17.59 3.53
C ALA O 654 58.95 17.63 4.78
N GLY P 162 43.00 47.82 31.59
CA GLY P 162 43.28 48.53 30.36
C GLY P 162 43.04 50.02 30.44
N PRO P 163 44.00 50.76 31.01
CA PRO P 163 43.89 52.23 31.04
C PRO P 163 43.91 52.88 29.67
N TRP P 164 44.31 52.15 28.62
CA TRP P 164 44.27 52.67 27.26
C TRP P 164 42.92 52.45 26.58
N PHE P 165 41.95 51.87 27.29
CA PHE P 165 40.61 51.66 26.74
C PHE P 165 39.90 52.99 26.58
N THR P 166 39.06 53.06 25.55
CA THR P 166 38.24 54.24 25.25
C THR P 166 36.78 53.81 25.23
N ASP P 167 36.03 54.17 26.27
CA ASP P 167 34.68 53.65 26.52
C ASP P 167 34.70 52.12 26.58
N GLY P 168 35.71 51.58 27.26
CA GLY P 168 35.85 50.14 27.35
C GLY P 168 36.30 49.48 26.07
N GLU P 169 36.79 50.27 25.11
CA GLU P 169 37.17 49.78 23.80
C GLU P 169 38.55 50.33 23.44
N LEU P 170 39.21 49.65 22.52
CA LEU P 170 40.49 50.12 22.01
C LEU P 170 40.29 51.33 21.11
N ASP P 171 41.39 52.06 20.88
CA ASP P 171 41.33 53.25 19.99
C ASP P 171 42.17 52.96 18.74
N ILE P 172 43.18 52.08 18.88
CA ILE P 172 44.07 51.70 17.74
C ILE P 172 44.96 52.90 17.37
N GLU P 173 44.37 54.07 17.17
CA GLU P 173 45.16 55.28 16.79
C GLU P 173 46.24 55.54 17.84
N PHE P 174 45.86 55.56 19.12
CA PHE P 174 46.83 55.80 20.22
C PHE P 174 47.74 54.57 20.35
N ILE P 175 47.16 53.37 20.26
CA ILE P 175 47.98 52.17 20.31
C ILE P 175 49.00 52.18 19.19
N ASN P 176 48.61 52.64 18.01
CA ASN P 176 49.58 52.80 16.93
C ASN P 176 50.61 53.87 17.24
N SER P 177 50.23 54.89 18.02
CA SER P 177 51.16 55.95 18.36
C SER P 177 52.33 55.45 19.20
N LEU P 178 52.05 54.54 20.14
CA LEU P 178 53.15 53.89 20.86
C LEU P 178 53.96 53.00 19.92
N LEU P 179 53.28 52.32 19.00
CA LEU P 179 53.98 51.35 18.15
C LEU P 179 54.93 52.02 17.18
N THR P 180 54.56 53.19 16.66
CA THR P 180 55.41 53.84 15.67
C THR P 180 56.70 54.37 16.29
N ILE P 181 56.71 54.61 17.59
CA ILE P 181 57.90 55.17 18.23
C ILE P 181 58.71 54.07 18.91
N VAL P 182 58.05 53.08 19.51
CA VAL P 182 58.78 51.99 20.17
C VAL P 182 59.63 51.24 19.15
N TRP P 183 59.11 51.06 17.94
CA TRP P 183 59.87 50.36 16.91
C TRP P 183 61.08 51.16 16.46
N ARG P 184 60.97 52.50 16.42
CA ARG P 184 62.06 53.32 15.90
C ARG P 184 63.29 53.23 16.79
N PHE P 185 63.09 53.25 18.11
CA PHE P 185 64.23 53.20 19.02
C PHE P 185 65.00 51.90 18.90
N ILE P 186 64.28 50.77 18.80
CA ILE P 186 64.95 49.47 18.74
C ILE P 186 65.83 49.39 17.50
N SER P 187 65.37 49.94 16.39
CA SER P 187 66.19 49.99 15.18
C SER P 187 67.42 50.87 15.37
N GLU P 188 67.25 51.99 16.06
CA GLU P 188 68.41 52.80 16.44
C GLU P 188 69.34 52.01 17.36
N ASN P 189 68.76 51.16 18.21
CA ASN P 189 69.55 50.41 19.18
C ASN P 189 70.32 49.27 18.52
N THR P 190 69.71 48.59 17.56
CA THR P 190 70.26 47.35 17.01
C THR P 190 71.03 47.57 15.71
N PHE P 191 71.28 48.81 15.31
CA PHE P 191 71.99 49.08 14.08
C PHE P 191 73.08 50.14 14.31
N PRO P 192 74.18 50.06 13.55
CA PRO P 192 75.33 50.94 13.82
C PRO P 192 75.05 52.44 13.64
N ASN P 193 74.11 52.81 12.77
CA ASN P 193 73.90 54.22 12.45
C ASN P 193 72.44 54.61 12.57
N GLY P 194 71.73 54.03 13.53
CA GLY P 194 70.30 54.29 13.64
C GLY P 194 69.59 53.78 12.40
N PHE P 195 68.94 54.70 11.69
CA PHE P 195 68.32 54.39 10.41
C PHE P 195 69.17 54.82 9.23
N LYS P 196 70.11 55.75 9.42
CA LYS P 196 70.89 56.27 8.32
C LYS P 196 71.76 55.18 7.69
N ASN P 197 72.01 54.09 8.41
CA ASN P 197 72.88 53.03 7.90
C ASN P 197 72.30 52.46 6.61
N PHE P 198 70.98 52.31 6.54
CA PHE P 198 70.32 51.71 5.39
C PHE P 198 69.97 52.74 4.32
N GLU P 199 70.60 53.91 4.33
CA GLU P 199 70.32 54.95 3.37
C GLU P 199 71.44 55.17 2.36
N ASN P 200 72.69 54.89 2.75
CA ASN P 200 73.82 55.12 1.84
C ASN P 200 73.78 54.16 0.66
N GLY P 201 73.42 52.90 0.90
CA GLY P 201 73.32 51.94 -0.17
C GLY P 201 73.21 50.51 0.32
N PRO P 202 72.66 49.63 -0.53
CA PRO P 202 72.61 48.20 -0.16
C PRO P 202 73.97 47.58 0.05
N LYS P 203 74.98 48.00 -0.72
CA LYS P 203 76.34 47.48 -0.58
C LYS P 203 77.18 48.28 0.39
N LYS P 204 76.75 49.47 0.78
CA LYS P 204 77.39 50.24 1.83
C LYS P 204 76.82 49.92 3.20
N ASN P 205 75.91 48.94 3.28
CA ASN P 205 75.36 48.52 4.56
C ASN P 205 76.47 48.01 5.47
N VAL P 206 76.36 48.33 6.76
CA VAL P 206 77.30 47.87 7.77
C VAL P 206 76.50 47.38 8.97
N PHE P 207 76.87 46.22 9.50
CA PHE P 207 76.12 45.59 10.58
C PHE P 207 77.05 45.30 11.77
N TYR P 208 76.39 45.06 12.91
CA TYR P 208 77.05 44.69 14.15
C TYR P 208 77.84 43.39 14.01
N ALA P 209 78.71 43.09 15.06
CA ALA P 209 79.50 41.88 15.22
C ALA P 209 78.86 40.95 16.26
N PRO P 210 78.91 39.63 16.05
CA PRO P 210 78.10 38.73 16.88
C PRO P 210 78.35 38.86 18.37
N ASN P 211 79.55 39.27 18.79
CA ASN P 211 79.85 39.31 20.21
C ASN P 211 79.22 40.49 20.93
N VAL P 212 79.12 41.65 20.28
CA VAL P 212 78.61 42.84 20.95
C VAL P 212 77.11 42.73 21.11
N LYS P 213 76.60 43.10 22.29
CA LYS P 213 75.13 43.09 22.52
C LYS P 213 74.51 44.26 21.74
N ASN P 214 73.44 44.00 20.98
CA ASN P 214 72.77 45.07 20.18
C ASN P 214 71.26 45.06 20.47
N TYR P 215 70.81 44.27 21.44
CA TYR P 215 69.35 44.15 21.71
C TYR P 215 68.91 45.22 22.72
N SER P 216 67.66 45.13 23.19
CA SER P 216 67.15 46.08 24.21
C SER P 216 66.29 45.33 25.23
N THR P 217 66.24 45.81 26.47
CA THR P 217 65.48 45.11 27.54
C THR P 217 64.12 45.78 27.74
N THR P 218 63.24 45.16 28.55
CA THR P 218 61.92 45.72 28.80
C THR P 218 62.00 46.98 29.66
N GLN P 219 62.91 46.98 30.65
CA GLN P 219 62.99 48.12 31.56
C GLN P 219 63.56 49.34 30.87
N GLU P 220 64.51 49.15 29.95
CA GLU P 220 65.02 50.25 29.16
C GLU P 220 63.92 50.89 28.31
N ILE P 221 63.10 50.05 27.68
CA ILE P 221 61.99 50.57 26.89
C ILE P 221 61.00 51.31 27.78
N LEU P 222 60.74 50.77 28.97
CA LEU P 222 59.82 51.44 29.90
C LEU P 222 60.33 52.82 30.28
N GLU P 223 61.62 52.92 30.65
CA GLU P 223 62.13 54.21 31.08
C GLU P 223 62.22 55.19 29.92
N PHE P 224 62.53 54.70 28.71
CA PHE P 224 62.56 55.59 27.55
C PHE P 224 61.16 56.12 27.24
N ILE P 225 60.14 55.27 27.30
CA ILE P 225 58.79 55.74 26.98
C ILE P 225 58.25 56.61 28.09
N THR P 226 58.75 56.45 29.32
CA THR P 226 58.37 57.36 30.40
C THR P 226 59.06 58.72 30.26
N ALA P 227 60.35 58.74 29.90
CA ALA P 227 61.04 59.99 29.68
C ALA P 227 60.46 60.76 28.51
N ALA P 228 60.16 60.05 27.41
CA ALA P 228 59.46 60.68 26.30
C ALA P 228 58.07 61.15 26.73
N GLN P 229 57.37 60.32 27.50
CA GLN P 229 56.08 60.65 28.08
C GLN P 229 55.06 61.00 27.00
N VAL P 230 54.92 60.10 26.02
CA VAL P 230 53.77 60.12 25.12
C VAL P 230 52.64 59.25 25.62
N ALA P 231 52.85 58.53 26.72
CA ALA P 231 51.85 57.59 27.22
C ALA P 231 50.71 58.27 27.96
N ASN P 232 50.99 59.35 28.69
CA ASN P 232 50.03 60.17 29.43
C ASN P 232 49.44 59.45 30.66
N VAL P 233 49.75 58.18 30.87
CA VAL P 233 49.28 57.45 32.05
C VAL P 233 50.43 56.63 32.61
N GLU P 234 50.15 55.83 33.63
CA GLU P 234 51.15 54.93 34.20
C GLU P 234 51.20 53.63 33.41
N LEU P 235 52.41 53.09 33.24
CA LEU P 235 52.63 51.87 32.48
C LEU P 235 53.47 50.91 33.31
N THR P 236 52.86 49.83 33.75
CA THR P 236 53.59 48.81 34.48
C THR P 236 54.45 48.00 33.51
N PRO P 237 55.50 47.33 34.03
CA PRO P 237 56.25 46.40 33.17
C PRO P 237 55.39 45.34 32.54
N SER P 238 54.34 44.88 33.21
CA SER P 238 53.42 43.93 32.56
C SER P 238 52.72 44.59 31.38
N ASN P 239 52.38 45.88 31.50
CA ASN P 239 51.78 46.61 30.39
C ASN P 239 52.74 46.72 29.21
N ILE P 240 53.99 47.10 29.48
CA ILE P 240 54.94 47.23 28.38
C ILE P 240 55.23 45.87 27.76
N ARG P 241 55.24 44.81 28.57
CA ARG P 241 55.40 43.46 28.06
C ARG P 241 54.21 43.04 27.22
N SER P 242 53.00 43.39 27.63
CA SER P 242 51.81 43.06 26.85
C SER P 242 51.84 43.75 25.49
N LEU P 243 52.24 45.02 25.47
CA LEU P 243 52.39 45.72 24.20
C LEU P 243 53.47 45.07 23.34
N CYS P 244 54.60 44.72 23.95
CA CYS P 244 55.68 44.08 23.20
C CYS P 244 55.24 42.76 22.60
N GLU P 245 54.50 41.96 23.38
CA GLU P 245 53.97 40.71 22.88
C GLU P 245 52.97 40.94 21.75
N VAL P 246 52.11 41.95 21.90
CA VAL P 246 51.15 42.27 20.84
C VAL P 246 51.87 42.58 19.54
N LEU P 247 52.95 43.35 19.62
CA LEU P 247 53.67 43.71 18.40
C LEU P 247 54.79 42.74 18.07
N VAL P 248 54.98 41.67 18.84
CA VAL P 248 56.03 40.73 18.48
C VAL P 248 55.65 39.90 17.26
N TYR P 249 54.39 39.92 16.87
CA TYR P 249 53.94 39.32 15.62
C TYR P 249 54.34 40.24 14.48
N ASP P 250 53.89 39.93 13.26
CA ASP P 250 54.20 40.72 12.07
C ASP P 250 55.70 40.87 11.86
N ASP P 251 56.47 39.90 12.38
CA ASP P 251 57.93 39.91 12.30
C ASP P 251 58.54 41.08 13.04
N LYS P 252 57.71 41.90 13.68
CA LYS P 252 58.22 43.03 14.45
C LYS P 252 58.94 42.52 15.69
N LEU P 253 60.13 43.03 15.94
CA LEU P 253 60.88 42.74 17.16
C LEU P 253 61.15 41.24 17.30
N GLU P 254 62.02 40.76 16.43
CA GLU P 254 62.59 39.43 16.59
C GLU P 254 63.06 39.23 18.02
N LYS P 255 62.43 38.29 18.72
CA LYS P 255 62.72 38.12 20.13
C LYS P 255 64.11 37.53 20.34
N VAL P 256 64.83 38.07 21.30
CA VAL P 256 66.14 37.57 21.68
C VAL P 256 66.01 37.04 23.10
N THR P 257 67.04 36.31 23.54
CA THR P 257 66.96 35.58 24.80
C THR P 257 66.76 36.53 25.97
N HIS P 258 65.83 36.16 26.85
CA HIS P 258 65.61 36.85 28.14
C HIS P 258 65.16 38.30 27.93
N ASP P 259 64.00 38.46 27.28
CA ASP P 259 63.34 39.75 27.13
C ASP P 259 64.21 40.75 26.36
N CYS P 260 64.56 40.37 25.13
CA CYS P 260 65.38 41.21 24.27
C CYS P 260 64.85 41.13 22.84
N TYR P 261 65.08 42.18 22.06
CA TYR P 261 64.45 42.30 20.75
C TYR P 261 65.40 42.95 19.75
N ARG P 262 65.17 42.67 18.48
CA ARG P 262 65.89 43.28 17.36
C ARG P 262 64.93 43.51 16.21
N VAL P 263 65.41 44.18 15.17
CA VAL P 263 64.64 44.39 13.93
C VAL P 263 65.49 43.96 12.75
N THR P 264 64.87 43.29 11.78
CA THR P 264 65.60 42.61 10.72
C THR P 264 65.22 43.05 9.32
N LEU P 265 63.94 42.99 8.95
CA LEU P 265 63.48 43.31 7.61
C LEU P 265 62.57 44.53 7.57
N GLU P 266 62.05 44.95 8.73
CA GLU P 266 61.19 46.12 8.78
C GLU P 266 61.88 47.38 8.29
N SER P 267 63.22 47.39 8.28
CA SER P 267 63.94 48.47 7.63
C SER P 267 63.53 48.58 6.17
N ILE P 268 63.58 47.46 5.44
CA ILE P 268 63.19 47.49 4.04
C ILE P 268 61.68 47.59 3.89
N LEU P 269 60.94 47.12 4.89
CA LEU P 269 59.48 47.27 4.88
C LEU P 269 59.08 48.73 4.88
N GLN P 270 59.70 49.53 5.76
CA GLN P 270 59.45 50.97 5.79
C GLN P 270 60.02 51.65 4.56
N MET P 271 61.27 51.36 4.23
CA MET P 271 61.93 51.96 3.08
C MET P 271 61.26 51.46 1.81
N PHE P 291 61.51 36.25 -8.31
CA PHE P 291 60.48 36.89 -7.46
C PHE P 291 60.53 36.26 -6.06
N SER P 292 60.47 37.09 -5.01
CA SER P 292 60.43 36.57 -3.62
C SER P 292 59.12 36.98 -2.95
N ILE P 293 58.42 36.03 -2.33
CA ILE P 293 57.16 36.35 -1.60
C ILE P 293 57.51 37.29 -0.43
N PHE P 294 58.79 37.38 -0.11
CA PHE P 294 59.25 38.25 1.02
C PHE P 294 59.27 39.71 0.56
N ASN P 295 60.02 40.03 -0.51
CA ASN P 295 60.08 41.44 -0.90
C ASN P 295 58.97 41.77 -1.89
N TYR P 296 57.72 41.51 -1.45
CA TYR P 296 56.55 41.77 -2.32
C TYR P 296 56.15 43.26 -2.20
N PHE P 297 56.82 43.99 -1.30
CA PHE P 297 56.52 45.43 -1.14
C PHE P 297 56.76 46.14 -2.48
N LYS P 298 57.85 45.77 -3.16
CA LYS P 298 58.19 46.40 -4.46
C LYS P 298 57.57 45.59 -5.61
N MET P 299 56.31 45.18 -5.45
CA MET P 299 55.61 44.43 -6.53
C MET P 299 54.50 45.30 -7.12
N PHE P 300 54.72 45.87 -8.31
CA PHE P 300 53.65 46.65 -8.97
C PHE P 300 52.49 45.70 -9.24
N PRO P 301 51.22 46.17 -9.38
CA PRO P 301 50.05 45.30 -9.55
C PRO P 301 49.72 45.04 -11.01
N ALA P 302 48.59 44.39 -11.27
CA ALA P 302 48.21 44.09 -12.65
C ALA P 302 48.04 45.37 -13.45
N SER P 303 47.25 46.30 -12.95
CA SER P 303 47.06 47.62 -13.56
C SER P 303 46.66 47.50 -15.03
N LYS P 304 45.89 46.45 -15.35
CA LYS P 304 45.40 46.22 -16.69
C LYS P 304 44.03 45.58 -16.61
N HIS P 305 43.30 45.63 -17.72
CA HIS P 305 42.06 44.88 -17.86
C HIS P 305 42.25 43.58 -18.63
N ASP P 306 43.42 42.95 -18.46
CA ASP P 306 43.76 41.73 -19.18
C ASP P 306 43.35 40.50 -18.39
N LYS P 307 43.49 39.35 -19.05
CA LYS P 307 43.20 38.06 -18.45
C LYS P 307 44.49 37.49 -17.89
N GLU P 308 44.46 36.21 -17.50
CA GLU P 308 45.59 35.43 -17.01
C GLU P 308 46.12 35.92 -15.67
N VAL P 309 45.60 37.03 -15.14
CA VAL P 309 46.02 37.45 -13.81
C VAL P 309 45.52 36.44 -12.79
N VAL P 310 46.42 35.97 -11.95
CA VAL P 310 46.14 34.87 -11.03
C VAL P 310 45.63 35.45 -9.71
N TYR P 311 44.53 34.92 -9.22
CA TYR P 311 43.97 35.34 -7.94
C TYR P 311 44.15 34.26 -6.89
N PHE P 312 43.83 34.63 -5.66
CA PHE P 312 43.96 33.74 -4.52
C PHE P 312 42.63 33.10 -4.11
N ASP P 313 41.50 33.71 -4.46
CA ASP P 313 40.20 33.14 -4.14
C ASP P 313 39.51 32.55 -5.36
N GLU P 314 40.21 32.47 -6.50
CA GLU P 314 39.56 32.05 -7.74
C GLU P 314 39.05 30.62 -7.66
N TRP P 315 39.84 29.72 -7.07
CA TRP P 315 39.51 28.30 -7.10
C TRP P 315 38.38 27.97 -6.13
N THR P 316 38.37 28.60 -4.96
CA THR P 316 37.40 28.25 -3.93
C THR P 316 36.21 29.21 -3.92
N ASN Q 14 7.99 34.49 11.90
CA ASN Q 14 7.71 34.83 10.52
C ASN Q 14 8.97 34.69 9.65
N TYR Q 15 10.05 34.26 10.31
CA TYR Q 15 11.34 33.96 9.69
C TYR Q 15 12.06 35.23 9.24
N MET Q 16 11.37 36.36 9.31
CA MET Q 16 11.98 37.66 9.05
C MET Q 16 12.15 38.48 10.32
N SER Q 17 11.78 37.92 11.47
CA SER Q 17 11.98 38.62 12.74
C SER Q 17 13.43 38.61 13.18
N ASN Q 18 14.18 37.57 12.82
CA ASN Q 18 15.56 37.44 13.28
C ASN Q 18 16.44 38.49 12.61
N LEU Q 19 17.40 39.02 13.38
CA LEU Q 19 18.33 40.02 12.87
C LEU Q 19 19.53 40.13 13.81
N PRO Q 20 20.75 40.04 13.29
CA PRO Q 20 21.93 40.21 14.15
C PRO Q 20 22.11 41.65 14.55
N PHE Q 21 23.03 41.86 15.50
CA PHE Q 21 23.29 43.21 15.97
C PHE Q 21 23.99 44.05 14.91
N GLY Q 22 25.05 43.52 14.30
CA GLY Q 22 25.81 44.26 13.32
C GLY Q 22 25.11 44.45 11.99
N LEU Q 23 23.90 43.91 11.84
CA LEU Q 23 23.15 43.95 10.59
C LEU Q 23 21.85 44.72 10.78
N GLY Q 24 21.55 45.61 9.85
CA GLY Q 24 20.27 46.27 9.76
C GLY Q 24 19.42 45.63 8.67
N TYR Q 25 18.15 46.05 8.64
CA TYR Q 25 17.25 45.53 7.61
C TYR Q 25 17.66 45.98 6.21
N GLY Q 26 18.35 47.12 6.11
CA GLY Q 26 18.77 47.59 4.80
C GLY Q 26 19.83 46.71 4.16
N ASP Q 27 20.76 46.20 4.97
CA ASP Q 27 21.87 45.42 4.42
C ASP Q 27 21.42 44.03 3.99
N VAL Q 28 20.58 43.39 4.79
CA VAL Q 28 20.12 42.03 4.51
C VAL Q 28 18.97 42.04 3.52
N GLY Q 29 18.59 40.86 3.02
CA GLY Q 29 17.50 40.74 2.09
C GLY Q 29 17.89 40.72 0.63
N LYS Q 30 19.17 40.56 0.32
CA LYS Q 30 19.62 40.53 -1.07
C LYS Q 30 20.85 39.65 -1.08
N ASN Q 31 20.75 38.50 -1.73
CA ASN Q 31 21.87 37.58 -1.86
C ASN Q 31 22.73 37.98 -3.05
N HIS Q 32 23.98 38.35 -2.79
CA HIS Q 32 24.87 38.79 -3.86
C HIS Q 32 26.27 38.24 -3.57
N ILE Q 33 26.63 37.18 -4.29
CA ILE Q 33 27.98 36.61 -4.23
C ILE Q 33 28.63 36.87 -5.57
N THR Q 34 29.80 37.53 -5.55
CA THR Q 34 30.38 38.08 -6.76
C THR Q 34 30.63 37.00 -7.81
N GLU Q 35 31.15 35.84 -7.39
CA GLU Q 35 31.45 34.69 -8.22
C GLU Q 35 32.60 35.00 -9.18
N PHE Q 36 33.07 36.24 -9.23
CA PHE Q 36 34.29 36.63 -9.92
C PHE Q 36 35.39 36.90 -8.90
N PRO Q 37 36.62 36.46 -9.16
CA PRO Q 37 37.70 36.63 -8.19
C PRO Q 37 38.06 38.09 -7.99
N SER Q 38 38.56 38.41 -6.79
CA SER Q 38 38.89 39.79 -6.46
C SER Q 38 40.20 39.98 -5.69
N ILE Q 39 40.84 38.93 -5.20
CA ILE Q 39 42.06 39.06 -4.40
C ILE Q 39 43.24 38.50 -5.18
N PRO Q 40 44.00 39.32 -5.89
CA PRO Q 40 45.03 38.78 -6.79
C PRO Q 40 46.24 38.22 -6.07
N LEU Q 41 47.25 37.84 -6.84
CA LEU Q 41 48.52 37.36 -6.31
C LEU Q 41 49.64 38.27 -6.78
N PRO Q 42 50.67 38.50 -5.95
CA PRO Q 42 51.74 39.43 -6.34
C PRO Q 42 52.58 38.96 -7.51
N ILE Q 43 52.29 37.79 -8.08
CA ILE Q 43 53.13 37.23 -9.14
C ILE Q 43 52.78 37.78 -10.52
N ASN Q 44 51.80 38.66 -10.63
CA ASN Q 44 51.36 39.18 -11.92
C ASN Q 44 51.77 40.63 -12.10
N GLY Q 45 52.98 40.97 -11.68
CA GLY Q 45 53.52 42.28 -11.94
C GLY Q 45 54.10 42.37 -13.34
N PRO Q 46 54.96 43.36 -13.57
CA PRO Q 46 55.68 43.42 -14.85
C PRO Q 46 56.67 42.28 -15.01
N ILE Q 47 57.28 42.18 -16.19
CA ILE Q 47 58.22 41.12 -16.47
C ILE Q 47 59.64 41.59 -16.14
N THR Q 48 60.55 40.63 -16.05
CA THR Q 48 61.97 40.85 -15.81
C THR Q 48 62.74 40.20 -16.97
N ASN Q 49 63.95 40.68 -17.24
CA ASN Q 49 64.72 40.14 -18.35
C ASN Q 49 65.05 38.66 -18.15
N LYS Q 50 65.36 38.27 -16.91
CA LYS Q 50 65.64 36.87 -16.63
C LYS Q 50 64.42 36.01 -16.91
N GLU Q 51 63.24 36.43 -16.44
CA GLU Q 51 62.03 35.69 -16.73
C GLU Q 51 61.70 35.71 -18.22
N ARG Q 52 62.08 36.77 -18.92
CA ARG Q 52 61.88 36.83 -20.36
C ARG Q 52 62.67 35.74 -21.06
N SER Q 53 63.97 35.64 -20.75
CA SER Q 53 64.79 34.60 -21.37
C SER Q 53 64.32 33.21 -20.96
N LEU Q 54 63.86 33.06 -19.71
CA LEU Q 54 63.31 31.80 -19.27
C LEU Q 54 62.09 31.42 -20.09
N ALA Q 55 61.23 32.39 -20.39
CA ALA Q 55 60.08 32.13 -21.25
C ALA Q 55 60.51 31.74 -22.65
N VAL Q 56 61.58 32.37 -23.17
CA VAL Q 56 62.07 32.00 -24.50
C VAL Q 56 62.48 30.53 -24.53
N LYS Q 57 63.24 30.10 -23.53
CA LYS Q 57 63.66 28.70 -23.54
C LYS Q 57 62.49 27.76 -23.29
N TYR Q 58 61.50 28.20 -22.50
CA TYR Q 58 60.27 27.43 -22.34
C TYR Q 58 59.54 27.29 -23.66
N ILE Q 59 59.59 28.32 -24.50
CA ILE Q 59 58.93 28.29 -25.80
C ILE Q 59 59.66 27.33 -26.73
N ASN Q 60 60.99 27.36 -26.71
CA ASN Q 60 61.76 26.41 -27.52
C ASN Q 60 61.47 24.97 -27.09
N PHE Q 61 61.43 24.73 -25.78
CA PHE Q 61 60.87 23.49 -25.27
C PHE Q 61 59.35 23.51 -25.47
N GLY Q 62 58.73 22.34 -25.39
CA GLY Q 62 57.31 22.26 -25.64
C GLY Q 62 56.99 22.37 -27.11
N LYS Q 63 57.90 23.00 -27.85
CA LYS Q 63 57.87 23.05 -29.30
C LYS Q 63 58.78 22.00 -29.92
N THR Q 64 60.01 21.86 -29.40
CA THR Q 64 60.93 20.86 -29.95
C THR Q 64 60.37 19.46 -29.76
N VAL Q 65 59.74 19.18 -28.61
CA VAL Q 65 59.20 17.86 -28.36
C VAL Q 65 58.00 17.59 -29.28
N LYS Q 66 57.14 18.59 -29.48
CA LYS Q 66 55.98 18.40 -30.34
C LYS Q 66 56.40 18.17 -31.78
N ASP Q 67 57.43 18.88 -32.25
CA ASP Q 67 57.96 18.59 -33.58
C ASP Q 67 58.85 17.36 -33.59
N GLY Q 68 59.14 16.76 -32.44
CA GLY Q 68 59.93 15.55 -32.37
C GLY Q 68 59.12 14.32 -32.72
N PRO Q 69 59.73 13.14 -32.53
CA PRO Q 69 59.03 11.91 -32.95
C PRO Q 69 57.90 11.50 -32.03
N PHE Q 70 58.10 11.57 -30.72
CA PHE Q 70 57.10 11.13 -29.74
C PHE Q 70 56.00 12.17 -29.67
N TYR Q 71 54.98 12.01 -30.50
CA TYR Q 71 53.86 12.92 -30.52
C TYR Q 71 52.57 12.26 -30.04
N THR Q 72 52.12 11.20 -30.71
CA THR Q 72 50.86 10.52 -30.39
C THR Q 72 49.75 11.52 -30.10
N GLY Q 73 49.58 12.48 -31.01
CA GLY Q 73 48.66 13.57 -30.79
C GLY Q 73 47.33 13.44 -31.49
N SER Q 74 47.34 13.09 -32.77
CA SER Q 74 46.10 12.98 -33.53
C SER Q 74 45.25 11.83 -32.98
N MET Q 75 43.98 12.11 -32.73
CA MET Q 75 43.07 11.10 -32.19
C MET Q 75 42.04 10.70 -33.23
N THR Q 101 43.50 17.53 -51.07
CA THR Q 101 42.53 17.06 -50.08
C THR Q 101 42.54 15.53 -49.98
N ASN Q 102 43.64 14.93 -50.40
CA ASN Q 102 43.81 13.47 -50.42
C ASN Q 102 42.70 12.80 -51.23
N ASP Q 103 42.29 13.45 -52.31
CA ASP Q 103 41.28 12.90 -53.21
C ASP Q 103 41.88 11.83 -54.11
N GLY Q 104 41.00 11.04 -54.73
CA GLY Q 104 41.41 9.92 -55.55
C GLY Q 104 41.67 10.22 -57.00
N ILE Q 105 41.31 11.41 -57.47
CA ILE Q 105 41.57 11.79 -58.86
C ILE Q 105 43.07 12.01 -59.04
N GLU Q 106 43.61 11.54 -60.16
CA GLU Q 106 45.04 11.58 -60.44
C GLU Q 106 45.31 12.40 -61.70
N ARG Q 107 46.15 13.42 -61.57
CA ARG Q 107 46.59 14.22 -62.71
C ARG Q 107 48.09 14.50 -62.54
N TYR Q 108 48.61 15.43 -63.34
CA TYR Q 108 50.02 15.81 -63.23
C TYR Q 108 50.31 16.71 -62.03
N SER Q 109 49.29 17.35 -61.46
CA SER Q 109 49.53 18.13 -60.25
C SER Q 109 50.03 17.27 -59.11
N ASP Q 110 49.48 16.07 -58.96
CA ASP Q 110 49.99 15.13 -57.97
C ASP Q 110 51.42 14.72 -58.30
N LYS Q 111 51.72 14.51 -59.57
CA LYS Q 111 53.08 14.25 -60.00
C LYS Q 111 53.95 15.46 -59.71
N TYR Q 112 55.24 15.20 -59.47
CA TYR Q 112 56.26 16.22 -59.18
C TYR Q 112 55.79 17.23 -58.13
N LEU Q 113 54.81 16.85 -57.30
CA LEU Q 113 54.33 17.72 -56.25
C LEU Q 113 55.30 17.66 -55.07
N LYS Q 114 55.67 18.81 -54.55
CA LYS Q 114 56.56 18.85 -53.40
C LYS Q 114 55.87 18.21 -52.21
N LYS Q 115 56.45 17.12 -51.70
CA LYS Q 115 55.91 16.47 -50.53
C LYS Q 115 56.02 17.40 -49.33
N ARG Q 116 54.95 17.47 -48.55
CA ARG Q 116 54.91 18.42 -47.43
C ARG Q 116 55.95 18.08 -46.37
N LYS Q 117 56.07 16.80 -46.02
CA LYS Q 117 56.95 16.43 -44.92
C LYS Q 117 57.58 15.07 -45.19
N ILE Q 118 58.72 14.85 -44.54
CA ILE Q 118 59.35 13.54 -44.46
C ILE Q 118 59.03 12.94 -43.10
N GLY Q 119 58.22 11.89 -43.08
CA GLY Q 119 57.67 11.40 -41.84
C GLY Q 119 58.70 10.70 -40.97
N ILE Q 120 58.30 10.49 -39.72
CA ILE Q 120 59.08 9.71 -38.76
C ILE Q 120 58.13 8.73 -38.07
N SER Q 121 58.71 7.69 -37.50
CA SER Q 121 57.95 6.64 -36.85
C SER Q 121 58.59 6.29 -35.51
N ILE Q 122 57.84 5.53 -34.72
CA ILE Q 122 58.35 5.01 -33.45
C ILE Q 122 59.56 4.11 -33.69
N ASP Q 123 59.62 3.48 -34.87
CA ASP Q 123 60.69 2.55 -35.18
C ASP Q 123 62.05 3.23 -35.28
N ASP Q 124 62.08 4.52 -35.62
CA ASP Q 124 63.34 5.16 -35.96
C ASP Q 124 64.24 5.34 -34.74
N HIS Q 125 63.69 5.85 -33.64
CA HIS Q 125 64.51 6.24 -32.50
C HIS Q 125 65.12 4.99 -31.84
N PRO Q 126 66.36 5.08 -31.36
CA PRO Q 126 67.01 3.94 -30.71
C PRO Q 126 66.48 3.74 -29.30
N TYR Q 127 65.96 2.54 -29.03
CA TYR Q 127 65.35 2.21 -27.75
C TYR Q 127 66.22 1.21 -27.00
N ASN Q 128 66.42 1.45 -25.71
CA ASN Q 128 67.08 0.49 -24.86
C ASN Q 128 66.06 -0.54 -24.41
N LEU Q 129 66.28 -1.80 -24.80
CA LEU Q 129 65.23 -2.81 -24.68
C LEU Q 129 64.93 -3.17 -23.23
N ASN Q 130 65.91 -3.01 -22.33
CA ASN Q 130 65.66 -3.35 -20.94
C ASN Q 130 64.61 -2.44 -20.32
N LEU Q 131 64.62 -1.17 -20.69
CA LEU Q 131 63.71 -0.20 -20.10
C LEU Q 131 62.26 -0.40 -20.50
N PHE Q 132 61.99 -1.24 -21.49
CA PHE Q 132 60.63 -1.40 -21.98
C PHE Q 132 60.14 -2.82 -21.72
N PRO Q 133 58.88 -2.99 -21.33
CA PRO Q 133 58.35 -4.33 -21.10
C PRO Q 133 58.22 -5.10 -22.41
N ASN Q 134 58.13 -6.43 -22.27
CA ASN Q 134 58.08 -7.30 -23.44
C ASN Q 134 56.83 -7.05 -24.27
N GLU Q 135 55.73 -6.65 -23.64
CA GLU Q 135 54.46 -6.55 -24.34
C GLU Q 135 54.53 -5.56 -25.50
N LEU Q 136 55.34 -4.52 -25.39
CA LEU Q 136 55.34 -3.43 -26.34
C LEU Q 136 56.31 -3.63 -27.50
N TYR Q 137 57.00 -4.77 -27.57
CA TYR Q 137 58.06 -4.91 -28.58
C TYR Q 137 57.50 -4.95 -29.99
N ASN Q 138 56.25 -5.39 -30.16
CA ASN Q 138 55.69 -5.54 -31.49
C ASN Q 138 55.55 -4.21 -32.21
N VAL Q 139 55.09 -3.17 -31.51
CA VAL Q 139 54.83 -1.90 -32.17
C VAL Q 139 56.13 -1.22 -32.57
N MET Q 140 57.16 -1.30 -31.73
CA MET Q 140 58.46 -0.78 -32.12
C MET Q 140 59.09 -1.69 -33.16
N GLY Q 141 59.86 -1.09 -34.06
CA GLY Q 141 60.62 -1.88 -35.02
C GLY Q 141 61.75 -2.61 -34.33
N ILE Q 142 61.62 -3.93 -34.22
CA ILE Q 142 62.60 -4.77 -33.54
C ILE Q 142 64.00 -4.57 -34.08
N SER U 610 -76.84 -4.10 -21.43
CA SER U 610 -77.73 -5.04 -22.10
C SER U 610 -77.83 -4.71 -23.58
N ARG U 611 -77.85 -3.41 -23.90
CA ARG U 611 -77.96 -2.99 -25.28
C ARG U 611 -76.69 -3.35 -26.04
N ASP U 612 -76.85 -3.94 -27.22
CA ASP U 612 -75.72 -4.27 -28.08
C ASP U 612 -75.38 -3.04 -28.94
N THR U 613 -74.78 -2.05 -28.28
CA THR U 613 -74.49 -0.79 -28.93
C THR U 613 -73.47 -0.92 -30.05
N TRP U 614 -72.76 -2.05 -30.12
CA TRP U 614 -71.67 -2.18 -31.08
C TRP U 614 -72.19 -2.34 -32.50
N ASN U 615 -73.33 -2.98 -32.69
CA ASN U 615 -73.86 -3.18 -34.05
C ASN U 615 -74.40 -1.89 -34.64
N THR U 616 -74.85 -0.96 -33.80
CA THR U 616 -75.41 0.30 -34.29
C THR U 616 -74.33 1.35 -34.50
N LYS U 617 -73.59 1.67 -33.45
CA LYS U 617 -72.65 2.79 -33.46
C LYS U 617 -71.40 2.45 -34.27
N ASN U 618 -70.86 3.48 -34.93
CA ASN U 618 -69.56 3.34 -35.59
C ASN U 618 -68.44 3.54 -34.58
N MET U 619 -67.39 2.74 -34.70
CA MET U 619 -66.26 2.75 -33.78
C MET U 619 -65.08 3.43 -34.45
N ARG U 620 -64.86 4.70 -34.12
CA ARG U 620 -63.67 5.41 -34.58
C ARG U 620 -62.45 5.12 -33.73
N SER U 621 -62.63 4.72 -32.47
CA SER U 621 -61.49 4.48 -31.58
C SER U 621 -60.67 3.30 -32.07
N LEU U 622 -61.32 2.20 -32.45
CA LEU U 622 -60.62 1.03 -32.92
C LEU U 622 -59.98 1.24 -34.29
N GLU U 623 -60.30 2.32 -34.98
CA GLU U 623 -59.65 2.63 -36.24
C GLU U 623 -58.19 2.94 -35.99
N PRO U 624 -57.25 2.24 -36.62
CA PRO U 624 -55.83 2.45 -36.31
C PRO U 624 -55.32 3.74 -36.94
N PRO U 625 -54.51 4.52 -36.21
CA PRO U 625 -53.92 5.77 -36.71
C PRO U 625 -52.78 5.54 -37.69
N UNK V 1 -8.86 19.96 -5.07
CA UNK V 1 -9.37 20.02 -6.47
C UNK V 1 -8.30 20.65 -7.37
N UNK V 2 -7.24 21.21 -6.78
CA UNK V 2 -6.16 21.85 -7.57
C UNK V 2 -6.79 22.80 -8.60
N UNK V 3 -6.40 22.66 -9.86
CA UNK V 3 -6.99 23.50 -10.93
C UNK V 3 -7.51 22.59 -12.06
N UNK V 4 -8.81 22.68 -12.38
CA UNK V 4 -9.39 21.86 -13.45
C UNK V 4 -9.11 22.53 -14.81
N UNK V 5 -7.85 22.50 -15.25
CA UNK V 5 -7.48 23.17 -16.52
C UNK V 5 -7.82 22.26 -17.70
N UNK V 6 -8.88 22.60 -18.45
CA UNK V 6 -9.25 21.81 -19.64
C UNK V 6 -8.42 22.30 -20.84
N UNK V 7 -7.16 21.86 -20.93
CA UNK V 7 -6.27 22.32 -22.02
C UNK V 7 -6.58 21.56 -23.31
N UNK V 8 -7.63 21.97 -24.03
CA UNK V 8 -8.00 21.30 -25.30
C UNK V 8 -8.28 22.36 -26.37
N UNK V 9 -7.64 22.24 -27.55
CA UNK V 9 -7.88 23.20 -28.65
C UNK V 9 -8.95 22.65 -29.59
N UNK V 10 -9.91 23.50 -29.98
CA UNK V 10 -11.02 23.05 -30.85
C UNK V 10 -11.22 24.03 -32.00
N UNK V 11 -11.53 23.53 -33.20
CA UNK V 11 -11.76 24.40 -34.38
C UNK V 11 -13.25 24.36 -34.75
ZN ZN W . 9.37 28.58 -21.45
ZN ZN X . 46.96 11.11 6.50
MG MG Y . -22.62 -6.35 -3.77
C1 4QM Z . 17.69 -18.41 11.35
C2 4QM Z . 17.66 -19.61 12.32
C3 4QM Z . 17.24 -17.96 14.27
C4 4QM Z . 17.40 -17.66 15.77
C5 4QM Z . 17.03 -18.89 16.60
C6 4QM Z . 17.97 -20.03 16.17
C7 4QM Z . 17.76 -21.11 17.21
C8 4QM Z . 17.53 -20.34 18.51
C9 4QM Z . 17.30 -18.85 18.13
C10 4QM Z . 15.55 -19.23 16.35
C11 4QM Z . 16.25 -20.22 12.28
C12 4QM Z . 19.08 -17.84 11.09
C13 4QM Z . 20.03 -18.91 10.58
C14 4QM Z . 20.09 -20.05 11.57
C15 4QM Z . 18.70 -20.66 11.86
C16 4QM Z . 18.82 -21.85 12.85
C17 4QM Z . 18.89 -21.50 14.33
C18 4QM Z . 17.87 -20.41 14.71
C19 4QM Z . 18.02 -19.19 13.78
C20 4QM Z . 16.27 -18.17 19.07
C21 4QM Z . 16.58 -16.70 19.31
C22 4QM Z . 16.20 -18.95 20.39
C23 4QM Z . 14.94 -18.69 21.21
C24 4QM Z . 14.59 -19.85 22.11
O2 4QM Z . 21.35 -18.34 10.40
O3 4QM Z . 20.21 -21.05 14.70
O4 4QM Z . 18.77 -17.27 16.01
ZN ZN AA . 22.74 18.28 -23.87
MG MG BA . -23.51 -8.18 -1.42
ZN ZN CA . 17.21 -4.07 63.58
ZN ZN DA . -13.04 -37.93 0.75
ZN ZN EA . -56.60 -3.02 -5.69
ZN ZN FA . -44.30 41.29 8.01
#